data_4W61
#
_entry.id   4W61
#
_cell.length_a   72.050
_cell.length_b   105.987
_cell.length_c   201.142
_cell.angle_alpha   89.97
_cell.angle_beta   89.98
_cell.angle_gamma   89.93
#
_symmetry.space_group_name_H-M   'P 1'
#
loop_
_entity.id
_entity.type
_entity.pdbx_description
1 polymer 'Beta-ketothiolase BktB'
2 water water
#
_entity_poly.entity_id   1
_entity_poly.type   'polypeptide(L)'
_entity_poly.pdbx_seq_one_letter_code
;MGSSHHHHHHSSGLVPRGSHMTREVVVVSGVRTAIGTFGGSLKDVAPAELGALVVREALARAQVSGDDVGHVVFGNVIQT
EPRDMYLGRVAAVNGGVTINAPALTVNRLCGSGLQAIVSAAQTILLGDTDVAIGGGAESMSRAPYLAPAARWGARMGDAG
LVDMMLGALHDPFHRIHMGVTAENVAKEYDISRAQQDEAALESHRRASAAIKAGYFKDQIVPVVSKGRKGDVTFDTDEHV
RHDATIDDMTKLRPVFVKENGTVTAGNASGLNDAAAAVVMMERAEAERRGLKPLARLVSYGHAGVDPKAMGIGPVPATKI
ALERAGLQVSDLDVIEANEAFAAQACAVTKALGLDPAKVNPNGSGISLGHPIGATGALITVKALHELNRVQGRYALVTMC
IGGGQGIAAIFERI
;
_entity_poly.pdbx_strand_id   A,B,C,D,E,F,G,H,I,J,K,L,M,N,O,P
#
# COMPACT_ATOMS: atom_id res chain seq x y z
N MET A 21 32.07 -6.34 63.68
CA MET A 21 32.76 -7.47 63.00
C MET A 21 33.62 -6.94 61.85
N THR A 22 34.81 -7.50 61.69
CA THR A 22 35.76 -7.04 60.68
C THR A 22 35.73 -7.95 59.47
N ARG A 23 35.51 -7.39 58.29
CA ARG A 23 35.25 -8.20 57.11
C ARG A 23 36.54 -8.63 56.40
N GLU A 24 36.49 -9.80 55.78
CA GLU A 24 37.68 -10.41 55.19
C GLU A 24 37.35 -10.91 53.80
N VAL A 25 38.29 -10.74 52.87
CA VAL A 25 38.05 -11.14 51.50
C VAL A 25 38.78 -12.47 51.23
N VAL A 26 38.05 -13.41 50.67
CA VAL A 26 38.62 -14.68 50.29
C VAL A 26 38.42 -14.96 48.79
N VAL A 27 39.44 -15.52 48.17
CA VAL A 27 39.38 -15.93 46.77
C VAL A 27 38.94 -17.39 46.64
N VAL A 28 37.83 -17.61 45.95
CA VAL A 28 37.20 -18.91 45.88
C VAL A 28 37.50 -19.64 44.57
N SER A 29 37.84 -18.90 43.53
CA SER A 29 38.33 -19.51 42.30
C SER A 29 39.23 -18.55 41.52
N GLY A 30 40.09 -19.12 40.69
CA GLY A 30 40.92 -18.31 39.79
C GLY A 30 41.27 -19.05 38.52
N VAL A 31 40.94 -18.45 37.38
CA VAL A 31 41.28 -19.06 36.07
C VAL A 31 41.86 -18.03 35.12
N ARG A 32 42.61 -18.53 34.14
CA ARG A 32 43.14 -17.70 33.07
C ARG A 32 43.05 -18.44 31.75
N THR A 33 43.07 -17.69 30.65
CA THR A 33 43.45 -18.25 29.37
C THR A 33 44.94 -18.61 29.37
N ALA A 34 45.32 -19.52 28.49
CA ALA A 34 46.68 -19.55 27.99
C ALA A 34 47.06 -18.19 27.40
N ILE A 35 48.34 -17.86 27.48
CA ILE A 35 48.81 -16.59 26.97
C ILE A 35 49.25 -16.71 25.51
N GLY A 36 48.51 -16.04 24.63
CA GLY A 36 48.84 -16.01 23.21
C GLY A 36 49.98 -15.05 22.90
N THR A 37 50.67 -15.30 21.80
CA THR A 37 51.71 -14.39 21.34
C THR A 37 51.11 -13.36 20.37
N PHE A 38 51.75 -12.20 20.31
CA PHE A 38 51.37 -11.12 19.41
C PHE A 38 51.28 -11.64 17.97
N GLY A 39 50.11 -11.49 17.37
CA GLY A 39 49.85 -12.02 16.04
C GLY A 39 49.61 -13.52 16.02
N GLY A 40 49.35 -14.10 17.19
CA GLY A 40 49.37 -15.55 17.35
C GLY A 40 47.98 -16.12 17.50
N SER A 41 47.83 -17.07 18.43
CA SER A 41 46.67 -17.95 18.46
C SER A 41 45.39 -17.23 18.85
N LEU A 42 45.54 -16.09 19.53
CA LEU A 42 44.39 -15.36 20.02
C LEU A 42 44.18 -14.07 19.23
N LYS A 43 44.80 -13.98 18.07
CA LYS A 43 44.76 -12.77 17.27
C LYS A 43 43.33 -12.36 16.92
N ASP A 44 42.46 -13.36 16.79
CA ASP A 44 41.11 -13.13 16.27
C ASP A 44 40.07 -13.16 17.38
N VAL A 45 40.50 -13.10 18.63
CA VAL A 45 39.57 -13.10 19.76
C VAL A 45 39.66 -11.78 20.54
N ALA A 46 38.56 -11.03 20.55
CA ALA A 46 38.54 -9.72 21.17
C ALA A 46 38.59 -9.83 22.70
N PRO A 47 39.12 -8.80 23.37
CA PRO A 47 39.17 -8.75 24.82
C PRO A 47 37.83 -9.09 25.49
N ALA A 48 36.75 -8.53 24.96
CA ALA A 48 35.41 -8.80 25.47
C ALA A 48 35.09 -10.29 25.57
N GLU A 49 35.52 -11.05 24.56
CA GLU A 49 35.24 -12.48 24.51
C GLU A 49 36.21 -13.25 25.39
N LEU A 50 37.45 -12.78 25.46
CA LEU A 50 38.42 -13.37 26.38
C LEU A 50 37.97 -13.18 27.82
N GLY A 51 37.44 -12.00 28.12
CA GLY A 51 36.95 -11.68 29.44
C GLY A 51 35.71 -12.49 29.83
N ALA A 52 34.78 -12.64 28.90
CA ALA A 52 33.54 -13.34 29.17
C ALA A 52 33.85 -14.81 29.46
N LEU A 53 34.84 -15.33 28.75
CA LEU A 53 35.22 -16.73 28.91
C LEU A 53 35.74 -17.02 30.31
N VAL A 54 36.68 -16.20 30.79
CA VAL A 54 37.25 -16.42 32.11
C VAL A 54 36.27 -16.10 33.23
N VAL A 55 35.34 -15.21 32.99
CA VAL A 55 34.28 -14.93 33.96
C VAL A 55 33.37 -16.13 34.12
N ARG A 56 32.89 -16.67 33.00
CA ARG A 56 31.99 -17.81 33.02
C ARG A 56 32.67 -18.99 33.73
N GLU A 57 33.92 -19.26 33.36
CA GLU A 57 34.60 -20.46 33.84
C GLU A 57 35.04 -20.31 35.29
N ALA A 58 35.40 -19.09 35.69
CA ALA A 58 35.71 -18.82 37.08
C ALA A 58 34.48 -19.07 37.98
N LEU A 59 33.31 -18.63 37.50
CA LEU A 59 32.08 -18.78 38.28
C LEU A 59 31.73 -20.25 38.41
N ALA A 60 31.88 -20.98 37.32
CA ALA A 60 31.64 -22.42 37.32
C ALA A 60 32.57 -23.14 38.31
N ARG A 61 33.86 -22.81 38.25
CA ARG A 61 34.84 -23.43 39.15
C ARG A 61 34.55 -23.10 40.61
N ALA A 62 33.97 -21.93 40.86
CA ALA A 62 33.64 -21.51 42.21
C ALA A 62 32.32 -22.12 42.68
N GLN A 63 31.59 -22.71 41.74
CA GLN A 63 30.21 -23.12 41.98
C GLN A 63 29.39 -21.93 42.48
N VAL A 64 29.51 -20.81 41.79
CA VAL A 64 28.73 -19.63 42.12
C VAL A 64 27.91 -19.19 40.91
N SER A 65 26.64 -18.88 41.15
CA SER A 65 25.78 -18.38 40.08
C SER A 65 26.13 -16.94 39.75
N GLY A 66 26.07 -16.61 38.46
CA GLY A 66 26.23 -15.23 38.01
C GLY A 66 25.18 -14.31 38.60
N ASP A 67 24.06 -14.89 39.04
CA ASP A 67 22.99 -14.12 39.65
C ASP A 67 23.35 -13.60 41.04
N ASP A 68 24.42 -14.16 41.62
CA ASP A 68 24.80 -13.81 43.00
C ASP A 68 26.01 -12.88 43.06
N VAL A 69 26.55 -12.49 41.89
CA VAL A 69 27.69 -11.57 41.85
C VAL A 69 27.21 -10.14 42.05
N GLY A 70 27.87 -9.41 42.94
CA GLY A 70 27.46 -8.06 43.29
C GLY A 70 28.28 -6.98 42.62
N HIS A 71 29.49 -7.33 42.20
CA HIS A 71 30.36 -6.38 41.51
C HIS A 71 31.36 -7.07 40.61
N VAL A 72 31.66 -6.42 39.49
CA VAL A 72 32.70 -6.87 38.58
C VAL A 72 33.62 -5.72 38.20
N VAL A 73 34.93 -5.94 38.39
CA VAL A 73 35.95 -4.99 37.94
C VAL A 73 36.95 -5.67 37.02
N PHE A 74 37.18 -5.08 35.86
CA PHE A 74 38.18 -5.60 34.91
C PHE A 74 39.28 -4.58 34.60
N GLY A 75 40.50 -5.08 34.48
CA GLY A 75 41.63 -4.27 34.05
C GLY A 75 41.89 -4.36 32.55
N ASN A 76 42.22 -3.22 31.97
CA ASN A 76 42.47 -3.14 30.52
C ASN A 76 43.08 -1.79 30.18
N VAL A 77 44.11 -1.82 29.34
CA VAL A 77 44.86 -0.61 29.03
C VAL A 77 44.54 -0.13 27.61
N ILE A 78 44.52 -1.06 26.66
CA ILE A 78 44.34 -0.70 25.25
C ILE A 78 42.91 -0.97 24.81
N GLN A 79 42.19 0.10 24.46
CA GLN A 79 40.89 -0.02 23.82
C GLN A 79 41.04 -0.40 22.35
N THR A 80 40.55 -1.59 21.99
CA THR A 80 40.73 -2.12 20.63
C THR A 80 39.50 -1.83 19.79
N GLU A 81 38.35 -1.67 20.45
CA GLU A 81 37.09 -1.36 19.79
C GLU A 81 36.18 -0.64 20.79
N PRO A 82 35.06 -0.08 20.31
CA PRO A 82 34.12 0.62 21.17
C PRO A 82 33.63 -0.18 22.38
N ARG A 83 33.49 -1.49 22.22
CA ARG A 83 32.99 -2.33 23.31
C ARG A 83 33.98 -2.35 24.47
N ASP A 84 35.25 -2.08 24.18
CA ASP A 84 36.27 -2.11 25.21
C ASP A 84 36.12 -0.96 26.21
N MET A 85 35.30 0.04 25.85
CA MET A 85 34.97 1.10 26.78
C MET A 85 33.94 0.60 27.79
N TYR A 86 33.44 -0.60 27.55
CA TYR A 86 32.41 -1.21 28.39
C TYR A 86 32.91 -2.54 28.93
N LEU A 87 34.22 -2.76 28.86
CA LEU A 87 34.76 -4.11 28.93
C LEU A 87 34.23 -4.89 30.14
N GLY A 88 34.32 -4.26 31.31
CA GLY A 88 33.91 -4.91 32.57
C GLY A 88 32.47 -5.36 32.52
N ARG A 89 31.62 -4.51 31.96
CA ARG A 89 30.20 -4.80 31.80
C ARG A 89 29.97 -5.90 30.77
N VAL A 90 30.71 -5.86 29.66
CA VAL A 90 30.52 -6.85 28.61
C VAL A 90 31.04 -8.23 29.01
N ALA A 91 32.21 -8.26 29.63
CA ALA A 91 32.77 -9.51 30.14
C ALA A 91 31.87 -10.10 31.23
N ALA A 92 31.24 -9.24 32.02
CA ALA A 92 30.38 -9.69 33.12
C ALA A 92 29.14 -10.33 32.54
N VAL A 93 28.40 -9.54 31.76
CA VAL A 93 27.08 -9.95 31.32
C VAL A 93 27.17 -11.13 30.35
N ASN A 94 28.14 -11.08 29.43
CA ASN A 94 28.31 -12.16 28.47
C ASN A 94 28.94 -13.41 29.10
N GLY A 95 29.49 -13.24 30.31
CA GLY A 95 29.99 -14.35 31.08
C GLY A 95 28.94 -14.94 31.99
N GLY A 96 27.76 -14.32 32.01
CA GLY A 96 26.62 -14.86 32.72
C GLY A 96 26.34 -14.18 34.05
N VAL A 97 27.09 -13.11 34.34
CA VAL A 97 26.76 -12.25 35.47
C VAL A 97 25.47 -11.49 35.21
N THR A 98 24.62 -11.38 36.24
CA THR A 98 23.36 -10.70 36.14
C THR A 98 23.56 -9.25 35.70
N ILE A 99 22.61 -8.77 34.92
CA ILE A 99 22.59 -7.36 34.52
C ILE A 99 22.43 -6.43 35.71
N ASN A 100 22.05 -6.97 36.87
CA ASN A 100 21.84 -6.16 38.06
C ASN A 100 23.15 -5.79 38.75
N ALA A 101 24.25 -6.40 38.32
CA ALA A 101 25.54 -6.18 38.96
C ALA A 101 26.22 -4.99 38.31
N PRO A 102 26.68 -4.03 39.13
CA PRO A 102 27.62 -3.02 38.65
C PRO A 102 28.89 -3.64 38.03
N ALA A 103 29.48 -2.95 37.06
CA ALA A 103 30.68 -3.43 36.36
C ALA A 103 31.62 -2.29 35.95
N LEU A 104 32.91 -2.42 36.30
CA LEU A 104 33.87 -1.33 36.21
C LEU A 104 35.06 -1.78 35.35
N THR A 105 35.63 -0.84 34.61
CA THR A 105 36.92 -1.08 33.96
C THR A 105 37.95 -0.15 34.55
N VAL A 106 39.12 -0.68 34.89
CA VAL A 106 40.18 0.12 35.48
C VAL A 106 41.47 0.07 34.68
N ASN A 107 42.26 1.12 34.80
CA ASN A 107 43.54 1.23 34.08
C ASN A 107 44.67 1.78 34.96
N ARG A 108 45.49 0.88 35.48
CA ARG A 108 46.74 1.28 36.10
C ARG A 108 47.89 0.65 35.31
N LEU A 109 47.74 0.72 34.00
CA LEU A 109 48.69 0.15 33.05
C LEU A 109 49.05 -1.29 33.36
N CYS A 110 50.34 -1.58 33.43
CA CYS A 110 50.81 -2.93 33.69
C CYS A 110 50.24 -3.54 34.98
N GLY A 111 49.75 -2.69 35.88
CA GLY A 111 49.19 -3.16 37.15
C GLY A 111 47.70 -3.40 37.12
N SER A 112 47.06 -3.12 35.98
CA SER A 112 45.62 -2.99 35.92
C SER A 112 44.96 -4.24 36.50
N GLY A 113 45.49 -5.41 36.15
CA GLY A 113 44.83 -6.68 36.43
C GLY A 113 44.81 -7.00 37.91
N LEU A 114 45.86 -6.60 38.63
CA LEU A 114 45.86 -6.69 40.09
C LEU A 114 45.04 -5.57 40.70
N GLN A 115 45.06 -4.39 40.11
CA GLN A 115 44.21 -3.31 40.59
C GLN A 115 42.73 -3.70 40.54
N ALA A 116 42.32 -4.36 39.48
CA ALA A 116 40.93 -4.81 39.36
C ALA A 116 40.55 -5.70 40.54
N ILE A 117 41.47 -6.59 40.91
CA ILE A 117 41.25 -7.50 42.02
C ILE A 117 41.21 -6.76 43.35
N VAL A 118 42.05 -5.73 43.47
CA VAL A 118 42.05 -4.88 44.67
C VAL A 118 40.77 -4.07 44.76
N SER A 119 40.34 -3.49 43.65
CA SER A 119 39.14 -2.65 43.64
C SER A 119 37.91 -3.50 43.96
N ALA A 120 37.90 -4.73 43.46
CA ALA A 120 36.77 -5.63 43.66
C ALA A 120 36.73 -6.07 45.13
N ALA A 121 37.89 -6.38 45.67
CA ALA A 121 38.02 -6.71 47.08
C ALA A 121 37.57 -5.56 47.98
N GLN A 122 37.87 -4.33 47.58
CA GLN A 122 37.48 -3.15 48.34
C GLN A 122 35.97 -3.02 48.48
N THR A 123 35.24 -3.41 47.44
CA THR A 123 33.77 -3.32 47.49
C THR A 123 33.22 -4.33 48.51
N ILE A 124 33.95 -5.43 48.69
CA ILE A 124 33.57 -6.43 49.70
C ILE A 124 33.95 -5.97 51.11
N LEU A 125 35.16 -5.43 51.24
CA LEU A 125 35.67 -4.99 52.52
C LEU A 125 34.81 -3.89 53.11
N LEU A 126 34.27 -3.03 52.26
CA LEU A 126 33.51 -1.88 52.73
C LEU A 126 32.02 -2.21 52.82
N GLY A 127 31.67 -3.45 52.51
CA GLY A 127 30.32 -3.96 52.76
C GLY A 127 29.34 -3.59 51.65
N ASP A 128 29.87 -3.21 50.49
CA ASP A 128 29.03 -2.88 49.35
C ASP A 128 28.41 -4.15 48.78
N THR A 129 29.13 -5.26 48.93
CA THR A 129 28.64 -6.54 48.46
C THR A 129 29.40 -7.66 49.15
N ASP A 130 28.95 -8.90 48.93
CA ASP A 130 29.54 -10.08 49.56
C ASP A 130 30.24 -10.94 48.52
N VAL A 131 29.94 -10.71 47.25
CA VAL A 131 30.53 -11.49 46.16
C VAL A 131 30.97 -10.56 45.00
N ALA A 132 32.22 -10.70 44.55
CA ALA A 132 32.71 -9.85 43.47
C ALA A 132 33.72 -10.57 42.60
N ILE A 133 33.88 -10.10 41.37
CA ILE A 133 34.84 -10.65 40.44
C ILE A 133 35.87 -9.59 40.04
N GLY A 134 37.15 -9.93 40.22
CA GLY A 134 38.23 -9.15 39.64
C GLY A 134 38.88 -9.90 38.50
N GLY A 135 39.17 -9.20 37.41
CA GLY A 135 39.91 -9.80 36.31
C GLY A 135 40.66 -8.79 35.46
N GLY A 136 41.27 -9.28 34.40
CA GLY A 136 41.82 -8.43 33.37
C GLY A 136 41.77 -9.10 32.02
N ALA A 137 41.74 -8.30 30.96
CA ALA A 137 41.80 -8.81 29.60
C ALA A 137 42.58 -7.82 28.75
N GLU A 138 43.50 -8.34 27.94
CA GLU A 138 44.26 -7.51 27.01
C GLU A 138 44.52 -8.25 25.71
N SER A 139 44.29 -7.56 24.59
CA SER A 139 44.68 -8.08 23.26
C SER A 139 45.62 -7.10 22.56
N MET A 140 46.91 -7.33 22.69
CA MET A 140 47.90 -6.47 22.07
C MET A 140 47.98 -6.75 20.55
N SER A 141 47.52 -7.93 20.15
CA SER A 141 47.35 -8.26 18.73
C SER A 141 46.37 -7.32 18.06
N ARG A 142 45.32 -6.97 18.78
CA ARG A 142 44.21 -6.22 18.19
C ARG A 142 44.27 -4.74 18.57
N ALA A 143 45.38 -4.33 19.16
CA ALA A 143 45.60 -2.91 19.44
C ALA A 143 45.42 -2.11 18.14
N PRO A 144 44.76 -0.95 18.24
CA PRO A 144 44.41 -0.15 17.06
C PRO A 144 45.52 0.81 16.65
N TYR A 145 45.42 1.34 15.44
CA TYR A 145 46.00 2.62 15.10
C TYR A 145 44.96 3.74 15.23
N LEU A 146 45.38 4.87 15.79
CA LEU A 146 44.54 6.06 15.85
C LEU A 146 44.84 6.97 14.68
N ALA A 147 43.84 7.75 14.27
CA ALA A 147 44.04 8.85 13.34
C ALA A 147 43.55 10.16 13.95
N PRO A 148 44.46 10.89 14.61
CA PRO A 148 44.04 12.03 15.43
C PRO A 148 43.66 13.26 14.61
N ALA A 149 43.97 13.25 13.32
CA ALA A 149 43.67 14.38 12.46
C ALA A 149 42.37 14.16 11.69
N ALA A 150 41.80 12.97 11.84
CA ALA A 150 40.68 12.58 10.98
C ALA A 150 39.43 13.42 11.26
N ARG A 151 39.22 13.79 12.51
CA ARG A 151 37.95 14.40 12.89
C ARG A 151 37.84 15.82 12.35
N TRP A 152 38.89 16.61 12.56
CA TRP A 152 38.84 18.02 12.25
C TRP A 152 39.77 18.37 11.10
N GLY A 153 40.58 17.41 10.66
CA GLY A 153 41.32 17.54 9.41
C GLY A 153 42.78 17.85 9.66
N ALA A 154 43.65 17.38 8.75
CA ALA A 154 45.06 17.73 8.77
C ALA A 154 45.34 19.01 7.98
N ARG A 155 44.49 19.31 7.02
CA ARG A 155 44.60 20.50 6.20
C ARG A 155 45.74 20.42 5.19
N MET A 156 46.98 20.42 5.69
CA MET A 156 48.15 20.36 4.83
C MET A 156 49.32 19.73 5.57
N GLY A 157 50.04 18.83 4.91
CA GLY A 157 51.19 18.16 5.50
C GLY A 157 50.85 16.74 5.91
N ASP A 158 51.86 15.87 5.92
CA ASP A 158 51.65 14.46 6.25
C ASP A 158 51.10 14.32 7.67
N ALA A 159 50.23 13.34 7.85
CA ALA A 159 49.58 13.10 9.14
C ALA A 159 49.91 11.70 9.65
N GLY A 160 49.48 11.38 10.86
CA GLY A 160 49.95 10.22 11.58
C GLY A 160 48.88 9.18 11.79
N LEU A 161 49.25 7.91 11.65
CA LEU A 161 48.49 6.81 12.24
C LEU A 161 49.23 6.28 13.45
N VAL A 162 48.63 6.47 14.63
CA VAL A 162 49.36 6.31 15.88
C VAL A 162 49.17 4.90 16.41
N ASP A 163 50.28 4.19 16.60
CA ASP A 163 50.25 2.81 17.06
C ASP A 163 50.01 2.78 18.56
N MET A 164 48.78 2.43 18.96
CA MET A 164 48.37 2.60 20.34
C MET A 164 48.96 1.55 21.27
N MET A 165 49.39 0.42 20.72
CA MET A 165 50.16 -0.55 21.49
C MET A 165 51.49 0.05 21.98
N LEU A 166 52.24 0.61 21.03
CA LEU A 166 53.50 1.26 21.37
C LEU A 166 53.22 2.44 22.30
N GLY A 167 52.06 3.08 22.09
CA GLY A 167 51.64 4.17 22.97
C GLY A 167 51.60 3.73 24.41
N ALA A 168 51.10 2.52 24.63
CA ALA A 168 51.01 1.97 25.98
C ALA A 168 52.41 1.74 26.57
N LEU A 169 53.40 1.57 25.68
CA LEU A 169 54.73 1.12 26.09
C LEU A 169 55.73 2.28 26.10
N HIS A 170 55.21 3.50 26.04
CA HIS A 170 56.04 4.68 26.17
C HIS A 170 55.61 5.52 27.36
N ASP A 171 56.61 6.05 28.08
CA ASP A 171 56.35 6.93 29.21
C ASP A 171 55.78 8.24 28.72
N PRO A 172 54.71 8.72 29.39
CA PRO A 172 53.92 9.84 28.89
C PRO A 172 54.57 11.20 29.15
N PHE A 173 55.60 11.22 29.99
CA PHE A 173 56.31 12.45 30.31
C PHE A 173 57.52 12.63 29.40
N HIS A 174 58.22 11.54 29.12
CA HIS A 174 59.52 11.60 28.46
C HIS A 174 59.52 10.89 27.11
N ARG A 175 58.40 10.25 26.78
CA ARG A 175 58.22 9.58 25.49
C ARG A 175 59.35 8.60 25.20
N ILE A 176 59.83 7.93 26.24
CA ILE A 176 60.80 6.85 26.08
C ILE A 176 60.14 5.49 26.29
N HIS A 177 60.59 4.50 25.54
CA HIS A 177 60.11 3.14 25.70
C HIS A 177 60.36 2.66 27.14
N MET A 178 59.46 1.82 27.65
CA MET A 178 59.67 1.17 28.94
C MET A 178 61.07 0.54 29.02
N GLY A 179 61.57 0.09 27.89
CA GLY A 179 62.84 -0.64 27.83
C GLY A 179 64.04 0.22 28.17
N VAL A 180 63.97 1.51 27.87
CA VAL A 180 65.07 2.41 28.20
C VAL A 180 65.00 2.73 29.68
N THR A 181 63.80 2.67 30.23
CA THR A 181 63.61 2.78 31.66
C THR A 181 64.26 1.60 32.39
N ALA A 182 64.22 0.43 31.75
CA ALA A 182 64.86 -0.77 32.29
C ALA A 182 66.38 -0.65 32.25
N GLU A 183 66.91 0.03 31.24
CA GLU A 183 68.34 0.30 31.15
C GLU A 183 68.80 1.18 32.31
N ASN A 184 67.97 2.15 32.67
CA ASN A 184 68.26 3.03 33.79
C ASN A 184 68.36 2.23 35.09
N VAL A 185 67.44 1.28 35.25
CA VAL A 185 67.38 0.52 36.48
C VAL A 185 68.48 -0.58 36.54
N ALA A 186 68.82 -1.16 35.39
CA ALA A 186 70.01 -2.03 35.27
C ALA A 186 71.28 -1.27 35.67
N LYS A 187 71.37 -0.02 35.24
CA LYS A 187 72.53 0.81 35.53
C LYS A 187 72.61 1.10 37.02
N GLU A 188 71.48 1.50 37.61
CA GLU A 188 71.49 1.99 38.98
C GLU A 188 71.70 0.86 39.97
N TYR A 189 71.20 -0.32 39.62
CA TYR A 189 71.25 -1.46 40.53
C TYR A 189 72.29 -2.49 40.08
N ASP A 190 73.06 -2.15 39.05
CA ASP A 190 74.23 -2.92 38.67
C ASP A 190 73.83 -4.33 38.25
N ILE A 191 72.87 -4.41 37.32
CA ILE A 191 72.50 -5.70 36.76
C ILE A 191 73.06 -5.86 35.36
N SER A 192 73.99 -6.79 35.21
CA SER A 192 74.81 -6.87 34.02
C SER A 192 74.03 -7.57 32.92
N ARG A 193 74.48 -7.38 31.68
CA ARG A 193 73.94 -8.11 30.54
C ARG A 193 73.92 -9.61 30.84
N ALA A 194 75.02 -10.13 31.39
CA ALA A 194 75.15 -11.55 31.64
C ALA A 194 74.08 -12.01 32.63
N GLN A 195 73.86 -11.21 33.66
CA GLN A 195 72.83 -11.51 34.65
C GLN A 195 71.44 -11.53 34.01
N GLN A 196 71.15 -10.56 33.15
CA GLN A 196 69.83 -10.47 32.55
C GLN A 196 69.57 -11.66 31.64
N ASP A 197 70.58 -12.10 30.91
CA ASP A 197 70.41 -13.16 29.92
C ASP A 197 70.25 -14.51 30.61
N GLU A 198 70.94 -14.69 31.73
CA GLU A 198 70.80 -15.90 32.53
C GLU A 198 69.42 -15.97 33.16
N ALA A 199 68.93 -14.83 33.63
CA ALA A 199 67.59 -14.74 34.21
C ALA A 199 66.54 -15.04 33.16
N ALA A 200 66.77 -14.58 31.94
CA ALA A 200 65.84 -14.79 30.84
C ALA A 200 65.79 -16.27 30.44
N LEU A 201 66.97 -16.88 30.35
CA LEU A 201 67.06 -18.30 30.03
C LEU A 201 66.33 -19.13 31.08
N GLU A 202 66.52 -18.75 32.34
CA GLU A 202 65.97 -19.50 33.46
C GLU A 202 64.46 -19.40 33.49
N SER A 203 63.93 -18.24 33.09
CA SER A 203 62.50 -18.03 33.05
C SER A 203 61.85 -18.96 32.02
N HIS A 204 62.50 -19.12 30.88
CA HIS A 204 62.05 -20.06 29.86
C HIS A 204 62.13 -21.50 30.34
N ARG A 205 63.25 -21.85 30.96
CA ARG A 205 63.43 -23.19 31.48
C ARG A 205 62.36 -23.51 32.51
N ARG A 206 62.12 -22.59 33.43
CA ARG A 206 61.11 -22.80 34.47
C ARG A 206 59.70 -22.93 33.88
N ALA A 207 59.40 -22.09 32.89
CA ALA A 207 58.09 -22.12 32.25
C ALA A 207 57.89 -23.45 31.52
N SER A 208 58.93 -23.89 30.82
CA SER A 208 58.87 -25.14 30.05
C SER A 208 58.65 -26.32 30.96
N ALA A 209 59.42 -26.36 32.05
CA ALA A 209 59.29 -27.43 33.04
C ALA A 209 57.87 -27.45 33.60
N ALA A 210 57.31 -26.27 33.84
CA ALA A 210 56.00 -26.14 34.48
C ALA A 210 54.90 -26.62 33.54
N ILE A 211 55.04 -26.29 32.26
CA ILE A 211 54.06 -26.71 31.26
C ILE A 211 54.07 -28.22 31.14
N LYS A 212 55.26 -28.81 31.09
CA LYS A 212 55.40 -30.24 30.84
C LYS A 212 54.94 -31.04 32.05
N ALA A 213 55.20 -30.52 33.24
CA ALA A 213 54.79 -31.19 34.48
C ALA A 213 53.30 -30.97 34.74
N GLY A 214 52.68 -30.10 33.95
CA GLY A 214 51.23 -29.97 33.96
C GLY A 214 50.75 -29.06 35.05
N TYR A 215 51.63 -28.17 35.51
CA TYR A 215 51.31 -27.28 36.63
C TYR A 215 50.17 -26.33 36.29
N PHE A 216 50.05 -25.96 35.02
CA PHE A 216 49.10 -24.93 34.60
C PHE A 216 47.78 -25.53 34.16
N LYS A 217 47.72 -26.86 34.06
CA LYS A 217 46.60 -27.53 33.44
C LYS A 217 45.28 -27.08 34.06
N ASP A 218 45.24 -27.01 35.38
CA ASP A 218 43.97 -26.80 36.10
C ASP A 218 43.47 -25.38 35.90
N GLN A 219 44.40 -24.43 35.86
CA GLN A 219 44.04 -23.03 35.94
C GLN A 219 43.68 -22.47 34.58
N ILE A 220 44.10 -23.16 33.51
CA ILE A 220 43.88 -22.68 32.15
C ILE A 220 42.52 -23.11 31.61
N VAL A 221 41.70 -22.14 31.21
CA VAL A 221 40.54 -22.40 30.37
C VAL A 221 40.90 -22.41 28.90
N PRO A 222 40.54 -23.48 28.18
CA PRO A 222 40.75 -23.50 26.73
C PRO A 222 39.96 -22.40 26.02
N VAL A 223 40.59 -21.76 25.04
CA VAL A 223 39.86 -21.02 24.02
C VAL A 223 39.71 -21.84 22.75
N VAL A 224 38.46 -22.14 22.38
CA VAL A 224 38.19 -22.89 21.18
C VAL A 224 37.48 -22.01 20.15
N SER A 225 38.11 -21.88 19.00
CA SER A 225 37.50 -21.16 17.90
C SER A 225 36.91 -22.17 16.92
N LYS A 226 35.61 -21.95 16.67
CA LYS A 226 34.89 -22.73 15.69
C LYS A 226 34.85 -21.90 14.42
N GLY A 227 35.11 -22.56 13.29
CA GLY A 227 35.09 -21.90 12.00
C GLY A 227 34.92 -22.92 10.89
N ARG A 228 35.10 -22.47 9.65
CA ARG A 228 34.73 -23.27 8.49
C ARG A 228 35.71 -24.43 8.34
N LYS A 229 36.49 -24.64 9.39
CA LYS A 229 37.58 -25.58 9.39
C LYS A 229 37.44 -26.50 10.59
N GLY A 230 36.28 -26.40 11.25
CA GLY A 230 36.02 -27.17 12.46
C GLY A 230 36.58 -26.43 13.65
N ASP A 231 37.05 -27.18 14.64
CA ASP A 231 37.37 -26.54 15.88
C ASP A 231 38.87 -26.49 16.19
N VAL A 232 39.34 -25.30 16.56
CA VAL A 232 40.70 -25.13 17.06
C VAL A 232 40.66 -24.78 18.54
N THR A 233 41.45 -25.49 19.35
CA THR A 233 41.51 -25.23 20.79
C THR A 233 42.91 -24.78 21.19
N PHE A 234 42.98 -23.61 21.85
CA PHE A 234 44.24 -23.07 22.34
C PHE A 234 44.29 -23.14 23.87
N ASP A 235 45.25 -23.88 24.41
CA ASP A 235 45.30 -24.13 25.85
C ASP A 235 46.73 -24.25 26.39
N THR A 236 47.71 -23.83 25.60
CA THR A 236 49.10 -23.92 26.01
C THR A 236 49.83 -22.61 25.77
N ASP A 237 50.59 -22.16 26.77
CA ASP A 237 51.25 -20.87 26.71
C ASP A 237 52.33 -20.85 25.64
N GLU A 238 52.06 -20.16 24.53
CA GLU A 238 52.79 -20.39 23.29
C GLU A 238 54.01 -19.48 23.13
N HIS A 239 54.25 -18.61 24.11
CA HIS A 239 55.40 -17.71 24.04
C HIS A 239 56.68 -18.42 24.46
N VAL A 240 56.54 -19.49 25.24
CA VAL A 240 57.70 -20.11 25.88
C VAL A 240 58.56 -20.83 24.84
N ARG A 241 59.87 -20.70 24.99
CA ARG A 241 60.81 -21.42 24.13
C ARG A 241 61.41 -22.62 24.86
N HIS A 242 60.99 -23.82 24.44
CA HIS A 242 61.28 -25.04 25.18
C HIS A 242 62.71 -25.52 24.92
N ASP A 243 63.36 -24.96 23.91
CA ASP A 243 64.68 -25.42 23.50
C ASP A 243 65.72 -24.30 23.58
N ALA A 244 65.45 -23.31 24.42
CA ALA A 244 66.26 -22.10 24.48
C ALA A 244 67.66 -22.43 25.01
N THR A 245 68.68 -21.77 24.45
CA THR A 245 70.03 -21.87 24.97
C THR A 245 70.57 -20.49 25.31
N ILE A 246 71.67 -20.46 26.07
CA ILE A 246 72.22 -19.19 26.52
C ILE A 246 72.78 -18.39 25.36
N ASP A 247 73.22 -19.08 24.31
CA ASP A 247 73.81 -18.41 23.15
C ASP A 247 72.72 -17.84 22.22
N ASP A 248 71.48 -18.29 22.42
CA ASP A 248 70.31 -17.60 21.87
C ASP A 248 70.15 -16.19 22.46
N MET A 249 70.37 -16.07 23.77
CA MET A 249 70.32 -14.76 24.42
C MET A 249 71.51 -13.89 24.02
N THR A 250 72.71 -14.43 24.12
CA THR A 250 73.92 -13.62 24.08
C THR A 250 74.23 -13.07 22.69
N LYS A 251 73.65 -13.68 21.66
CA LYS A 251 73.88 -13.25 20.30
C LYS A 251 73.01 -12.05 19.95
N LEU A 252 72.02 -11.77 20.79
CA LEU A 252 71.07 -10.71 20.51
C LEU A 252 71.70 -9.35 20.78
N ARG A 253 71.21 -8.33 20.08
CA ARG A 253 71.73 -6.98 20.24
C ARG A 253 70.73 -6.15 21.04
N PRO A 254 71.23 -5.19 21.82
CA PRO A 254 70.37 -4.24 22.52
C PRO A 254 69.45 -3.49 21.58
N VAL A 255 68.20 -3.29 21.99
CA VAL A 255 67.15 -2.84 21.09
C VAL A 255 66.70 -1.43 21.44
N PHE A 256 66.94 -1.01 22.69
CA PHE A 256 66.26 0.17 23.22
C PHE A 256 67.15 1.39 23.32
N VAL A 257 68.45 1.17 23.33
CA VAL A 257 69.42 2.27 23.40
C VAL A 257 70.58 1.97 22.46
N LYS A 258 71.27 3.02 22.01
CA LYS A 258 72.28 2.87 20.94
C LYS A 258 73.73 2.96 21.45
N GLU A 259 73.89 3.14 22.76
CA GLU A 259 75.17 2.90 23.42
C GLU A 259 75.01 2.23 24.77
N ASN A 260 75.91 1.30 25.07
CA ASN A 260 76.04 0.76 26.41
C ASN A 260 74.77 0.00 26.86
N GLY A 261 74.10 -0.63 25.91
CA GLY A 261 72.80 -1.25 26.17
C GLY A 261 72.91 -2.69 26.62
N THR A 262 71.92 -3.15 27.37
CA THR A 262 71.92 -4.51 27.92
C THR A 262 70.59 -5.21 27.63
N VAL A 263 69.54 -4.42 27.38
CA VAL A 263 68.18 -4.96 27.26
C VAL A 263 67.89 -5.33 25.81
N THR A 264 67.57 -6.62 25.59
CA THR A 264 67.34 -7.13 24.25
C THR A 264 65.91 -7.67 24.15
N ALA A 265 65.54 -8.13 22.96
CA ALA A 265 64.24 -8.76 22.76
C ALA A 265 64.15 -10.07 23.54
N GLY A 266 65.31 -10.66 23.82
CA GLY A 266 65.38 -11.96 24.46
C GLY A 266 65.19 -11.90 25.97
N ASN A 267 65.66 -10.81 26.56
CA ASN A 267 65.54 -10.64 28.02
C ASN A 267 64.56 -9.53 28.39
N ALA A 268 63.68 -9.18 27.45
CA ALA A 268 62.51 -8.37 27.75
C ALA A 268 61.24 -9.18 27.57
N SER A 269 60.18 -8.78 28.27
CA SER A 269 58.90 -9.47 28.18
C SER A 269 58.36 -9.42 26.75
N GLY A 270 57.45 -10.33 26.42
CA GLY A 270 56.85 -10.37 25.08
C GLY A 270 55.67 -9.41 24.96
N LEU A 271 55.13 -9.31 23.75
CA LEU A 271 53.80 -8.73 23.54
C LEU A 271 52.79 -9.83 23.32
N ASN A 272 51.65 -9.73 24.00
CA ASN A 272 50.85 -10.91 24.31
C ASN A 272 49.36 -10.62 24.48
N ASP A 273 48.55 -11.66 24.26
CA ASP A 273 47.11 -11.61 24.49
C ASP A 273 46.72 -12.59 25.60
N ALA A 274 45.79 -12.19 26.46
CA ALA A 274 45.26 -13.09 27.49
C ALA A 274 44.12 -12.47 28.27
N ALA A 275 43.44 -13.29 29.06
CA ALA A 275 42.61 -12.79 30.15
C ALA A 275 42.69 -13.70 31.36
N ALA A 276 42.19 -13.21 32.49
CA ALA A 276 42.06 -14.02 33.70
C ALA A 276 41.00 -13.39 34.60
N ALA A 277 40.49 -14.18 35.54
CA ALA A 277 39.51 -13.68 36.51
C ALA A 277 39.52 -14.52 37.78
N VAL A 278 39.26 -13.86 38.90
CA VAL A 278 39.05 -14.55 40.17
C VAL A 278 37.70 -14.18 40.75
N VAL A 279 37.08 -15.15 41.41
CA VAL A 279 35.86 -14.90 42.16
C VAL A 279 36.18 -14.78 43.64
N MET A 280 35.84 -13.63 44.22
CA MET A 280 36.11 -13.38 45.63
C MET A 280 34.77 -13.27 46.35
N MET A 281 34.80 -13.50 47.65
CA MET A 281 33.65 -13.22 48.51
C MET A 281 34.07 -13.02 49.96
N GLU A 282 33.18 -12.43 50.75
CA GLU A 282 33.42 -12.27 52.18
C GLU A 282 33.59 -13.63 52.85
N ARG A 283 34.55 -13.70 53.77
CA ARG A 283 34.94 -14.95 54.42
C ARG A 283 33.71 -15.75 54.86
N ALA A 284 32.77 -15.08 55.50
CA ALA A 284 31.59 -15.74 56.08
C ALA A 284 30.61 -16.19 55.01
N GLU A 285 30.74 -15.63 53.82
CA GLU A 285 29.88 -15.98 52.70
C GLU A 285 30.37 -17.24 51.95
N ALA A 286 31.68 -17.45 51.99
CA ALA A 286 32.29 -18.72 51.58
C ALA A 286 31.95 -19.87 52.55
N GLU A 287 32.06 -19.61 53.84
CA GLU A 287 31.72 -20.59 54.87
C GLU A 287 30.26 -21.01 54.73
N ARG A 288 29.37 -20.03 54.71
CA ARG A 288 27.95 -20.27 54.42
C ARG A 288 27.76 -21.22 53.25
N ARG A 289 28.50 -21.00 52.16
CA ARG A 289 28.30 -21.78 50.94
C ARG A 289 29.06 -23.11 51.02
N GLY A 290 29.85 -23.28 52.08
CA GLY A 290 30.71 -24.45 52.20
C GLY A 290 31.79 -24.53 51.13
N LEU A 291 32.29 -23.37 50.69
CA LEU A 291 33.39 -23.34 49.74
C LEU A 291 34.72 -23.25 50.45
N LYS A 292 35.65 -24.09 50.04
CA LYS A 292 37.04 -23.96 50.47
C LYS A 292 37.79 -22.94 49.59
N PRO A 293 38.21 -21.82 50.19
CA PRO A 293 38.93 -20.78 49.45
C PRO A 293 40.29 -21.27 48.98
N LEU A 294 40.82 -20.66 47.92
CA LEU A 294 42.22 -20.81 47.57
C LEU A 294 43.12 -20.08 48.56
N ALA A 295 42.66 -18.91 48.99
CA ALA A 295 43.46 -18.06 49.87
C ALA A 295 42.62 -16.90 50.36
N ARG A 296 43.11 -16.21 51.38
CA ARG A 296 42.54 -14.93 51.76
C ARG A 296 43.50 -13.79 51.40
N LEU A 297 42.92 -12.62 51.14
CA LEU A 297 43.69 -11.40 50.97
C LEU A 297 44.14 -10.86 52.32
N VAL A 298 45.44 -10.68 52.46
CA VAL A 298 46.01 -10.21 53.72
C VAL A 298 46.24 -8.70 53.69
N SER A 299 46.86 -8.21 52.61
CA SER A 299 47.16 -6.79 52.49
C SER A 299 47.47 -6.44 51.03
N TYR A 300 47.45 -5.15 50.73
CA TYR A 300 47.98 -4.66 49.47
C TYR A 300 48.71 -3.35 49.67
N GLY A 301 49.49 -2.95 48.67
CA GLY A 301 50.26 -1.73 48.73
C GLY A 301 50.48 -1.09 47.37
N HIS A 302 50.46 0.23 47.32
CA HIS A 302 50.68 0.98 46.09
C HIS A 302 51.82 1.98 46.32
N ALA A 303 52.67 2.18 45.31
CA ALA A 303 53.74 3.16 45.39
C ALA A 303 53.89 3.90 44.07
N GLY A 304 54.32 5.16 44.17
CA GLY A 304 54.83 5.88 43.00
C GLY A 304 56.33 6.05 43.06
N VAL A 305 56.97 5.96 41.90
CA VAL A 305 58.41 6.15 41.81
C VAL A 305 58.73 7.02 40.61
N ASP A 306 60.01 7.31 40.43
CA ASP A 306 60.48 8.05 39.26
C ASP A 306 60.05 7.32 37.99
N PRO A 307 59.38 8.03 37.07
CA PRO A 307 58.99 7.44 35.80
C PRO A 307 60.14 6.81 35.04
N LYS A 308 61.33 7.37 35.18
CA LYS A 308 62.51 6.89 34.49
C LYS A 308 63.02 5.56 35.06
N ALA A 309 62.62 5.26 36.29
CA ALA A 309 63.02 4.03 36.96
C ALA A 309 61.80 3.19 37.36
N MET A 310 60.82 3.16 36.50
CA MET A 310 59.56 2.56 36.89
C MET A 310 59.68 1.11 37.29
N GLY A 311 60.70 0.44 36.78
CA GLY A 311 60.86 -0.99 36.98
C GLY A 311 61.02 -1.42 38.44
N ILE A 312 61.41 -0.51 39.32
CA ILE A 312 61.61 -0.85 40.72
C ILE A 312 60.40 -0.48 41.58
N GLY A 313 59.31 -0.13 40.92
CA GLY A 313 58.05 0.16 41.60
C GLY A 313 57.64 -0.89 42.62
N PRO A 314 57.90 -2.17 42.32
CA PRO A 314 57.53 -3.24 43.24
C PRO A 314 58.19 -3.13 44.62
N VAL A 315 59.35 -2.49 44.70
CA VAL A 315 60.13 -2.49 45.93
C VAL A 315 59.42 -1.73 47.05
N PRO A 316 59.01 -0.48 46.79
CA PRO A 316 58.26 0.24 47.81
C PRO A 316 56.84 -0.31 48.02
N ALA A 317 56.19 -0.75 46.94
CA ALA A 317 54.85 -1.29 47.05
C ALA A 317 54.86 -2.53 47.95
N THR A 318 55.84 -3.39 47.74
CA THR A 318 55.93 -4.66 48.46
C THR A 318 56.23 -4.42 49.93
N LYS A 319 57.06 -3.40 50.19
CA LYS A 319 57.38 -3.02 51.57
C LYS A 319 56.14 -2.51 52.31
N ILE A 320 55.33 -1.73 51.62
CA ILE A 320 54.06 -1.28 52.19
C ILE A 320 53.14 -2.46 52.52
N ALA A 321 52.99 -3.38 51.58
CA ALA A 321 52.14 -4.55 51.79
C ALA A 321 52.64 -5.40 52.95
N LEU A 322 53.95 -5.61 53.02
CA LEU A 322 54.54 -6.41 54.10
C LEU A 322 54.32 -5.76 55.46
N GLU A 323 54.56 -4.46 55.52
CA GLU A 323 54.31 -3.67 56.73
C GLU A 323 52.87 -3.83 57.19
N ARG A 324 51.94 -3.64 56.26
CA ARG A 324 50.52 -3.65 56.59
C ARG A 324 50.09 -5.04 57.04
N ALA A 325 50.80 -6.06 56.57
CA ALA A 325 50.48 -7.44 56.90
C ALA A 325 51.18 -7.88 58.18
N GLY A 326 52.09 -7.06 58.67
CA GLY A 326 52.99 -7.47 59.74
C GLY A 326 53.85 -8.66 59.36
N LEU A 327 54.35 -8.65 58.14
CA LEU A 327 55.18 -9.75 57.66
C LEU A 327 56.56 -9.26 57.23
N GLN A 328 57.48 -10.20 57.03
CA GLN A 328 58.77 -9.89 56.37
C GLN A 328 59.02 -10.83 55.18
N VAL A 329 60.06 -10.51 54.41
CA VAL A 329 60.36 -11.25 53.17
C VAL A 329 60.47 -12.75 53.40
N SER A 330 61.01 -13.15 54.54
CA SER A 330 61.26 -14.57 54.82
C SER A 330 59.96 -15.35 54.99
N ASP A 331 58.87 -14.63 55.25
CA ASP A 331 57.57 -15.26 55.43
C ASP A 331 56.98 -15.76 54.11
N LEU A 332 57.50 -15.26 53.00
CA LEU A 332 56.88 -15.50 51.69
C LEU A 332 57.35 -16.82 51.10
N ASP A 333 56.39 -17.66 50.72
CA ASP A 333 56.71 -18.96 50.17
C ASP A 333 56.70 -18.93 48.63
N VAL A 334 55.80 -18.15 48.06
CA VAL A 334 55.71 -18.00 46.62
C VAL A 334 55.61 -16.53 46.23
N ILE A 335 56.38 -16.13 45.22
CA ILE A 335 56.40 -14.75 44.77
C ILE A 335 56.20 -14.70 43.25
N GLU A 336 55.10 -14.08 42.83
CA GLU A 336 54.93 -13.65 41.45
C GLU A 336 55.33 -12.18 41.38
N ALA A 337 56.45 -11.89 40.73
CA ALA A 337 56.90 -10.52 40.50
C ALA A 337 57.17 -10.30 39.02
N ASN A 338 56.23 -9.68 38.33
CA ASN A 338 56.20 -9.77 36.88
C ASN A 338 57.56 -9.41 36.29
N GLU A 339 58.08 -10.28 35.43
CA GLU A 339 59.25 -9.96 34.59
C GLU A 339 58.82 -9.12 33.41
N ALA A 340 58.74 -7.81 33.61
CA ALA A 340 58.64 -6.89 32.48
C ALA A 340 59.95 -6.89 31.69
N PHE A 341 61.06 -6.72 32.40
CA PHE A 341 62.40 -6.92 31.84
C PHE A 341 63.26 -7.61 32.89
N ALA A 342 64.15 -8.51 32.46
CA ALA A 342 65.09 -9.14 33.38
C ALA A 342 65.87 -8.08 34.14
N ALA A 343 66.09 -6.93 33.51
CA ALA A 343 66.85 -5.84 34.11
C ALA A 343 66.22 -5.39 35.42
N GLN A 344 64.91 -5.13 35.38
CA GLN A 344 64.23 -4.62 36.57
C GLN A 344 63.81 -5.75 37.50
N ALA A 345 63.56 -6.92 36.94
CA ALA A 345 63.17 -8.08 37.73
C ALA A 345 64.31 -8.54 38.63
N CYS A 346 65.51 -8.53 38.09
CA CYS A 346 66.71 -8.82 38.88
C CYS A 346 66.95 -7.74 39.94
N ALA A 347 66.63 -6.50 39.61
CA ALA A 347 66.86 -5.39 40.51
C ALA A 347 65.90 -5.48 41.69
N VAL A 348 64.67 -5.88 41.40
CA VAL A 348 63.64 -5.97 42.42
C VAL A 348 63.96 -7.04 43.45
N THR A 349 64.43 -8.19 42.99
CA THR A 349 64.73 -9.30 43.90
C THR A 349 65.96 -8.98 44.73
N LYS A 350 66.92 -8.29 44.12
CA LYS A 350 68.15 -7.89 44.81
C LYS A 350 67.85 -6.85 45.90
N ALA A 351 67.04 -5.87 45.54
CA ALA A 351 66.75 -4.76 46.45
C ALA A 351 65.89 -5.19 47.63
N LEU A 352 65.02 -6.16 47.40
CA LEU A 352 64.15 -6.68 48.46
C LEU A 352 64.83 -7.83 49.21
N GLY A 353 65.89 -8.35 48.62
CA GLY A 353 66.59 -9.50 49.19
C GLY A 353 65.75 -10.75 49.10
N LEU A 354 65.11 -10.94 47.96
CA LEU A 354 64.31 -12.12 47.72
C LEU A 354 65.20 -13.28 47.28
N ASP A 355 64.73 -14.50 47.55
CA ASP A 355 65.44 -15.70 47.13
C ASP A 355 64.96 -16.10 45.73
N PRO A 356 65.87 -16.09 44.75
CA PRO A 356 65.49 -16.22 43.34
C PRO A 356 64.76 -17.53 43.05
N ALA A 357 64.95 -18.52 43.92
CA ALA A 357 64.31 -19.81 43.74
C ALA A 357 62.81 -19.71 43.98
N LYS A 358 62.40 -18.72 44.77
CA LYS A 358 61.01 -18.58 45.16
C LYS A 358 60.28 -17.57 44.28
N VAL A 359 61.05 -16.78 43.53
CA VAL A 359 60.50 -15.72 42.69
C VAL A 359 60.26 -16.25 41.28
N ASN A 360 59.00 -16.18 40.83
CA ASN A 360 58.62 -16.67 39.52
C ASN A 360 59.15 -18.08 39.25
N PRO A 361 58.78 -19.03 40.13
CA PRO A 361 59.28 -20.40 40.07
C PRO A 361 58.85 -21.15 38.81
N ASN A 362 57.78 -20.68 38.17
CA ASN A 362 57.31 -21.28 36.93
C ASN A 362 57.33 -20.33 35.73
N GLY A 363 58.27 -19.39 35.74
CA GLY A 363 58.42 -18.43 34.65
C GLY A 363 57.56 -17.19 34.86
N SER A 364 57.70 -16.22 33.96
CA SER A 364 56.94 -14.98 34.05
C SER A 364 56.95 -14.28 32.69
N GLY A 365 56.92 -12.94 32.73
CA GLY A 365 56.64 -12.15 31.52
C GLY A 365 57.59 -12.40 30.36
N ILE A 366 58.83 -12.74 30.66
CA ILE A 366 59.84 -12.97 29.62
C ILE A 366 59.52 -14.25 28.84
N SER A 367 59.06 -15.27 29.56
CA SER A 367 58.86 -16.59 28.97
C SER A 367 57.41 -16.82 28.61
N LEU A 368 56.52 -16.54 29.56
CA LEU A 368 55.10 -16.78 29.38
C LEU A 368 54.42 -15.62 28.64
N GLY A 369 54.92 -14.41 28.86
CA GLY A 369 54.40 -13.25 28.15
C GLY A 369 53.84 -12.19 29.08
N HIS A 370 53.60 -11.01 28.54
CA HIS A 370 53.14 -9.87 29.33
C HIS A 370 51.99 -9.16 28.65
N PRO A 371 50.78 -9.72 28.78
CA PRO A 371 49.56 -9.11 28.26
C PRO A 371 49.00 -8.01 29.16
N ILE A 372 49.36 -6.76 28.85
CA ILE A 372 49.58 -5.74 29.87
C ILE A 372 48.49 -5.74 30.94
N GLY A 373 47.26 -5.47 30.53
CA GLY A 373 46.16 -5.23 31.48
C GLY A 373 45.65 -6.49 32.16
N ALA A 374 45.96 -7.64 31.57
CA ALA A 374 45.55 -8.91 32.14
C ALA A 374 46.61 -9.44 33.13
N THR A 375 47.85 -9.02 32.94
CA THR A 375 48.99 -9.68 33.56
C THR A 375 48.83 -9.79 35.08
N GLY A 376 48.43 -8.68 35.72
CA GLY A 376 48.28 -8.66 37.18
C GLY A 376 47.24 -9.63 37.70
N ALA A 377 46.22 -9.90 36.91
CA ALA A 377 45.19 -10.85 37.29
C ALA A 377 45.70 -12.27 37.07
N LEU A 378 46.42 -12.48 35.98
CA LEU A 378 46.81 -13.82 35.59
C LEU A 378 47.98 -14.34 36.42
N ILE A 379 48.83 -13.45 36.91
CA ILE A 379 49.90 -13.89 37.81
C ILE A 379 49.42 -14.02 39.27
N THR A 380 48.25 -13.44 39.55
CA THR A 380 47.59 -13.72 40.82
C THR A 380 47.01 -15.12 40.79
N VAL A 381 46.45 -15.48 39.63
CA VAL A 381 45.96 -16.84 39.40
C VAL A 381 47.07 -17.87 39.50
N LYS A 382 48.22 -17.57 38.89
CA LYS A 382 49.39 -18.43 39.00
C LYS A 382 49.87 -18.57 40.44
N ALA A 383 49.92 -17.46 41.15
CA ALA A 383 50.47 -17.44 42.51
C ALA A 383 49.63 -18.31 43.46
N LEU A 384 48.31 -18.26 43.31
CA LEU A 384 47.42 -18.90 44.27
C LEU A 384 47.36 -20.40 44.02
N HIS A 385 47.49 -20.79 42.77
CA HIS A 385 47.51 -22.20 42.42
C HIS A 385 48.84 -22.83 42.80
N GLU A 386 49.91 -22.06 42.66
CA GLU A 386 51.23 -22.51 43.05
C GLU A 386 51.33 -22.60 44.57
N LEU A 387 50.70 -21.65 45.26
CA LEU A 387 50.68 -21.65 46.71
C LEU A 387 50.02 -22.92 47.23
N ASN A 388 48.93 -23.33 46.59
CA ASN A 388 48.21 -24.53 46.98
C ASN A 388 49.00 -25.78 46.63
N ARG A 389 49.67 -25.75 45.48
CA ARG A 389 50.43 -26.90 45.03
C ARG A 389 51.55 -27.26 46.01
N VAL A 390 52.24 -26.25 46.52
CA VAL A 390 53.38 -26.48 47.42
C VAL A 390 52.96 -26.41 48.88
N GLN A 391 51.66 -26.22 49.13
CA GLN A 391 51.15 -26.12 50.48
C GLN A 391 51.89 -25.05 51.27
N GLY A 392 52.19 -23.93 50.62
CA GLY A 392 52.79 -22.79 51.30
C GLY A 392 51.77 -22.01 52.10
N ARG A 393 52.25 -20.99 52.81
CA ARG A 393 51.36 -20.11 53.56
C ARG A 393 51.09 -18.78 52.86
N TYR A 394 52.15 -18.06 52.51
CA TYR A 394 52.00 -16.69 52.04
C TYR A 394 52.45 -16.53 50.60
N ALA A 395 51.65 -15.81 49.80
CA ALA A 395 52.03 -15.45 48.44
C ALA A 395 52.09 -13.94 48.27
N LEU A 396 53.13 -13.49 47.56
CA LEU A 396 53.22 -12.09 47.13
C LEU A 396 53.04 -11.99 45.61
N VAL A 397 52.16 -11.08 45.21
CA VAL A 397 52.01 -10.74 43.81
C VAL A 397 52.35 -9.25 43.66
N THR A 398 53.26 -8.94 42.75
CA THR A 398 53.68 -7.56 42.56
C THR A 398 54.24 -7.32 41.16
N MET A 399 54.11 -6.10 40.67
CA MET A 399 54.59 -5.75 39.35
C MET A 399 54.83 -4.26 39.22
N CYS A 400 55.77 -3.91 38.35
CA CYS A 400 56.05 -2.53 38.04
C CYS A 400 55.05 -2.00 37.04
N ILE A 401 54.86 -0.68 37.06
CA ILE A 401 53.82 -0.03 36.29
C ILE A 401 54.38 1.15 35.51
N GLY A 402 54.06 1.22 34.22
CA GLY A 402 54.52 2.30 33.38
C GLY A 402 54.12 3.65 33.92
N GLY A 403 55.03 4.62 33.85
CA GLY A 403 54.78 5.96 34.36
C GLY A 403 55.27 6.12 35.78
N GLY A 404 55.77 5.02 36.35
CA GLY A 404 56.46 5.06 37.63
C GLY A 404 55.55 4.70 38.79
N GLN A 405 55.09 3.45 38.81
CA GLN A 405 54.33 2.96 39.95
C GLN A 405 54.67 1.50 40.26
N GLY A 406 54.29 1.08 41.45
CA GLY A 406 54.22 -0.33 41.76
C GLY A 406 52.93 -0.70 42.47
N ILE A 407 52.58 -1.98 42.37
CA ILE A 407 51.46 -2.51 43.12
C ILE A 407 51.81 -3.89 43.63
N ALA A 408 51.35 -4.19 44.85
CA ALA A 408 51.65 -5.47 45.48
C ALA A 408 50.46 -5.90 46.35
N ALA A 409 50.24 -7.20 46.42
CA ALA A 409 49.23 -7.77 47.30
C ALA A 409 49.76 -9.06 47.92
N ILE A 410 49.33 -9.34 49.14
CA ILE A 410 49.74 -10.56 49.82
C ILE A 410 48.55 -11.43 50.19
N PHE A 411 48.68 -12.72 49.95
CA PHE A 411 47.59 -13.67 50.13
C PHE A 411 48.06 -14.75 51.09
N GLU A 412 47.11 -15.33 51.83
CA GLU A 412 47.43 -16.41 52.76
C GLU A 412 46.52 -17.60 52.49
N ARG A 413 47.10 -18.79 52.44
CA ARG A 413 46.34 -20.01 52.17
C ARG A 413 45.68 -20.56 53.45
N THR B 22 36.04 4.01 62.66
CA THR B 22 35.06 4.68 61.75
C THR B 22 35.68 5.92 61.13
N ARG B 23 36.49 5.70 60.10
CA ARG B 23 37.11 6.79 59.38
C ARG B 23 36.07 7.44 58.48
N GLU B 24 36.25 8.74 58.26
CA GLU B 24 35.27 9.53 57.52
C GLU B 24 35.97 10.33 56.43
N VAL B 25 35.36 10.42 55.26
CA VAL B 25 35.95 11.17 54.16
C VAL B 25 35.28 12.54 54.03
N VAL B 26 36.11 13.58 53.99
CA VAL B 26 35.63 14.92 53.82
C VAL B 26 36.23 15.57 52.56
N VAL B 27 35.42 16.35 51.86
CA VAL B 27 35.86 17.08 50.66
C VAL B 27 36.25 18.50 51.03
N VAL B 28 37.50 18.86 50.72
CA VAL B 28 38.08 20.10 51.20
C VAL B 28 38.14 21.15 50.10
N SER B 29 38.11 20.71 48.84
CA SER B 29 37.96 21.64 47.73
C SER B 29 37.36 20.94 46.52
N GLY B 30 36.73 21.72 45.66
CA GLY B 30 36.22 21.21 44.39
C GLY B 30 36.25 22.28 43.33
N VAL B 31 36.79 21.93 42.17
CA VAL B 31 36.88 22.87 41.07
C VAL B 31 36.66 22.17 39.75
N ARG B 32 36.17 22.92 38.77
CA ARG B 32 35.99 22.41 37.42
C ARG B 32 36.45 23.44 36.40
N THR B 33 36.69 23.00 35.17
CA THR B 33 36.67 23.90 34.02
C THR B 33 35.24 24.29 33.69
N ALA B 34 35.08 25.43 33.02
CA ALA B 34 33.91 25.63 32.18
C ALA B 34 33.77 24.49 31.17
N ILE B 35 32.53 24.19 30.81
CA ILE B 35 32.25 23.11 29.87
C ILE B 35 32.25 23.62 28.44
N GLY B 36 33.24 23.18 27.66
CA GLY B 36 33.30 23.51 26.24
C GLY B 36 32.33 22.70 25.40
N THR B 37 31.94 23.28 24.27
CA THR B 37 31.11 22.56 23.30
C THR B 37 31.98 21.79 22.30
N PHE B 38 31.43 20.72 21.76
CA PHE B 38 32.09 19.89 20.77
C PHE B 38 32.56 20.73 19.60
N GLY B 39 33.85 20.69 19.33
CA GLY B 39 34.46 21.54 18.30
C GLY B 39 34.63 22.99 18.74
N GLY B 40 34.55 23.24 20.04
CA GLY B 40 34.43 24.61 20.55
C GLY B 40 35.69 25.07 21.25
N SER B 41 35.54 25.73 22.38
CA SER B 41 36.61 26.54 22.96
C SER B 41 37.75 25.69 23.49
N LEU B 42 37.47 24.42 23.78
CA LEU B 42 38.49 23.54 24.36
C LEU B 42 38.97 22.50 23.35
N LYS B 43 38.68 22.74 22.07
CA LYS B 43 38.94 21.75 21.02
C LYS B 43 40.44 21.46 20.90
N ASP B 44 41.28 22.39 21.37
CA ASP B 44 42.73 22.24 21.22
C ASP B 44 43.45 21.94 22.54
N VAL B 45 42.69 21.54 23.56
CA VAL B 45 43.27 21.25 24.87
C VAL B 45 43.02 19.78 25.28
N ALA B 46 44.11 19.02 25.41
CA ALA B 46 43.99 17.59 25.61
C ALA B 46 43.52 17.30 27.05
N PRO B 47 42.90 16.14 27.25
CA PRO B 47 42.41 15.71 28.57
C PRO B 47 43.49 15.81 29.65
N ALA B 48 44.69 15.36 29.33
CA ALA B 48 45.84 15.46 30.24
C ALA B 48 46.06 16.87 30.79
N GLU B 49 45.94 17.87 29.92
CA GLU B 49 46.14 19.26 30.32
C GLU B 49 44.94 19.80 31.08
N LEU B 50 43.73 19.43 30.66
CA LEU B 50 42.53 19.78 31.39
C LEU B 50 42.61 19.20 32.81
N GLY B 51 43.07 17.96 32.93
CA GLY B 51 43.16 17.28 34.22
C GLY B 51 44.21 17.89 35.14
N ALA B 52 45.37 18.21 34.57
CA ALA B 52 46.43 18.81 35.34
C ALA B 52 45.98 20.16 35.90
N LEU B 53 45.22 20.90 35.10
CA LEU B 53 44.79 22.23 35.49
C LEU B 53 43.89 22.16 36.73
N VAL B 54 42.89 21.28 36.70
CA VAL B 54 41.96 21.20 37.82
C VAL B 54 42.61 20.59 39.05
N VAL B 55 43.60 19.74 38.84
CA VAL B 55 44.34 19.16 39.96
C VAL B 55 45.12 20.26 40.67
N ARG B 56 45.85 21.06 39.90
CA ARG B 56 46.68 22.12 40.46
C ARG B 56 45.81 23.12 41.22
N GLU B 57 44.69 23.50 40.62
CA GLU B 57 43.87 24.55 41.19
C GLU B 57 43.07 24.04 42.39
N ALA B 58 42.67 22.77 42.35
CA ALA B 58 41.96 22.17 43.48
C ALA B 58 42.87 22.08 44.70
N LEU B 59 44.14 21.77 44.48
CA LEU B 59 45.11 21.69 45.56
C LEU B 59 45.37 23.07 46.16
N ALA B 60 45.51 24.07 45.30
CA ALA B 60 45.69 25.44 45.74
C ALA B 60 44.50 25.92 46.57
N ARG B 61 43.29 25.65 46.09
CA ARG B 61 42.08 26.05 46.78
C ARG B 61 41.99 25.38 48.14
N ALA B 62 42.49 24.16 48.23
CA ALA B 62 42.43 23.39 49.47
C ALA B 62 43.55 23.81 50.42
N GLN B 63 44.50 24.59 49.91
CA GLN B 63 45.73 24.87 50.63
C GLN B 63 46.44 23.57 51.02
N VAL B 64 46.56 22.68 50.06
CA VAL B 64 47.24 21.40 50.28
C VAL B 64 48.38 21.25 49.27
N SER B 65 49.54 20.86 49.77
CA SER B 65 50.68 20.59 48.91
C SER B 65 50.49 19.29 48.12
N GLY B 66 50.90 19.30 46.86
CA GLY B 66 50.92 18.10 46.04
C GLY B 66 51.79 17.02 46.64
N ASP B 67 52.75 17.42 47.49
CA ASP B 67 53.62 16.46 48.15
C ASP B 67 52.87 15.61 49.18
N ASP B 68 51.68 16.06 49.59
CA ASP B 68 50.95 15.41 50.67
C ASP B 68 49.79 14.54 50.15
N VAL B 69 49.63 14.46 48.83
CA VAL B 69 48.58 13.65 48.24
C VAL B 69 49.03 12.19 48.16
N GLY B 70 48.16 11.28 48.63
CA GLY B 70 48.53 9.88 48.74
C GLY B 70 47.95 9.04 47.62
N HIS B 71 46.89 9.52 46.97
CA HIS B 71 46.29 8.81 45.86
C HIS B 71 45.57 9.76 44.93
N VAL B 72 45.58 9.41 43.64
CA VAL B 72 44.82 10.14 42.63
C VAL B 72 44.08 9.15 41.75
N VAL B 73 42.79 9.39 41.56
CA VAL B 73 41.98 8.62 40.63
C VAL B 73 41.24 9.54 39.68
N PHE B 74 41.30 9.22 38.39
CA PHE B 74 40.64 10.02 37.39
C PHE B 74 39.74 9.18 36.51
N GLY B 75 38.58 9.75 36.19
CA GLY B 75 37.65 9.12 35.28
C GLY B 75 37.92 9.58 33.85
N ASN B 76 37.83 8.65 32.92
CA ASN B 76 37.88 8.96 31.51
C ASN B 76 37.38 7.77 30.68
N VAL B 77 36.64 8.06 29.61
CA VAL B 77 36.07 7.00 28.77
C VAL B 77 36.78 6.89 27.42
N ILE B 78 37.01 8.03 26.77
CA ILE B 78 37.60 8.03 25.43
C ILE B 78 39.09 8.36 25.46
N GLN B 79 39.92 7.38 25.11
CA GLN B 79 41.34 7.62 24.91
C GLN B 79 41.57 8.39 23.59
N THR B 80 42.12 9.59 23.70
CA THR B 80 42.32 10.47 22.55
C THR B 80 43.75 10.39 22.04
N GLU B 81 44.66 10.05 22.93
CA GLU B 81 46.06 9.84 22.59
C GLU B 81 46.67 8.84 23.56
N PRO B 82 47.92 8.41 23.30
CA PRO B 82 48.59 7.44 24.17
C PRO B 82 48.72 7.88 25.63
N ARG B 83 48.85 9.18 25.87
CA ARG B 83 48.98 9.70 27.23
C ARG B 83 47.70 9.46 28.03
N ASP B 84 46.57 9.32 27.36
CA ASP B 84 45.31 9.13 28.03
C ASP B 84 45.22 7.75 28.69
N MET B 85 46.12 6.85 28.31
CA MET B 85 46.22 5.56 29.00
C MET B 85 46.90 5.75 30.37
N TYR B 86 47.42 6.94 30.59
CA TYR B 86 48.16 7.25 31.80
C TYR B 86 47.48 8.41 32.54
N LEU B 87 46.24 8.70 32.17
CA LEU B 87 45.65 10.02 32.42
C LEU B 87 45.78 10.44 33.88
N GLY B 88 45.37 9.55 34.78
CA GLY B 88 45.43 9.83 36.20
C GLY B 88 46.82 10.23 36.63
N ARG B 89 47.82 9.50 36.15
CA ARG B 89 49.21 9.76 36.48
C ARG B 89 49.68 11.09 35.88
N VAL B 90 49.24 11.40 34.67
CA VAL B 90 49.71 12.59 34.00
C VAL B 90 49.06 13.84 34.58
N ALA B 91 47.77 13.74 34.87
CA ALA B 91 47.04 14.84 35.47
C ALA B 91 47.56 15.11 36.88
N ALA B 92 47.93 14.04 37.57
CA ALA B 92 48.48 14.16 38.92
C ALA B 92 49.82 14.90 38.85
N VAL B 93 50.78 14.29 38.18
CA VAL B 93 52.16 14.75 38.24
C VAL B 93 52.30 16.14 37.62
N ASN B 94 51.62 16.37 36.49
CA ASN B 94 51.68 17.67 35.83
C ASN B 94 50.87 18.72 36.58
N GLY B 95 50.00 18.27 37.48
CA GLY B 95 49.26 19.18 38.35
C GLY B 95 49.99 19.45 39.63
N GLY B 96 51.15 18.82 39.81
CA GLY B 96 52.03 19.13 40.93
C GLY B 96 51.95 18.11 42.07
N VAL B 97 51.21 17.03 41.85
CA VAL B 97 51.23 15.91 42.77
C VAL B 97 52.58 15.19 42.69
N THR B 98 53.09 14.80 43.85
CA THR B 98 54.36 14.09 43.92
C THR B 98 54.35 12.83 43.08
N ILE B 99 55.48 12.50 42.48
CA ILE B 99 55.66 11.24 41.76
C ILE B 99 55.50 10.04 42.67
N ASN B 100 55.57 10.25 43.97
CA ASN B 100 55.45 9.15 44.93
C ASN B 100 54.01 8.69 45.13
N ALA B 101 53.05 9.47 44.63
CA ALA B 101 51.64 9.13 44.76
C ALA B 101 51.21 8.16 43.67
N PRO B 102 50.55 7.06 44.06
CA PRO B 102 49.83 6.23 43.10
C PRO B 102 48.73 7.00 42.35
N ALA B 103 48.44 6.57 41.13
CA ALA B 103 47.52 7.27 40.25
C ALA B 103 46.78 6.29 39.35
N LEU B 104 45.44 6.40 39.33
CA LEU B 104 44.58 5.42 38.68
C LEU B 104 43.67 6.13 37.68
N THR B 105 43.44 5.50 36.54
CA THR B 105 42.34 5.89 35.67
C THR B 105 41.20 4.87 35.70
N VAL B 106 39.98 5.34 35.84
CA VAL B 106 38.82 4.45 35.87
C VAL B 106 37.81 4.77 34.75
N ASN B 107 37.10 3.74 34.32
CA ASN B 107 36.05 3.88 33.32
C ASN B 107 34.75 3.15 33.72
N ARG B 108 33.77 3.91 34.21
CA ARG B 108 32.40 3.41 34.32
C ARG B 108 31.49 4.24 33.43
N LEU B 109 32.01 4.56 32.25
CA LEU B 109 31.29 5.33 31.26
C LEU B 109 30.82 6.67 31.82
N CYS B 110 29.54 6.98 31.62
CA CYS B 110 28.98 8.26 32.06
C CYS B 110 29.16 8.49 33.56
N GLY B 111 29.48 7.43 34.30
CA GLY B 111 29.58 7.53 35.75
C GLY B 111 31.01 7.71 36.21
N SER B 112 31.94 7.73 35.26
CA SER B 112 33.36 7.55 35.56
C SER B 112 33.80 8.59 36.57
N GLY B 113 33.33 9.83 36.40
CA GLY B 113 33.81 10.94 37.21
C GLY B 113 33.46 10.76 38.67
N LEU B 114 32.26 10.27 38.93
CA LEU B 114 31.82 10.05 40.31
C LEU B 114 32.44 8.77 40.84
N GLN B 115 32.67 7.80 39.95
CA GLN B 115 33.40 6.61 40.35
C GLN B 115 34.81 6.95 40.81
N ALA B 116 35.46 7.89 40.14
CA ALA B 116 36.82 8.28 40.52
C ALA B 116 36.83 8.84 41.94
N ILE B 117 35.81 9.61 42.26
CA ILE B 117 35.68 10.21 43.58
C ILE B 117 35.35 9.14 44.63
N VAL B 118 34.55 8.15 44.25
CA VAL B 118 34.26 7.02 45.12
C VAL B 118 35.48 6.11 45.36
N SER B 119 36.23 5.82 44.30
CA SER B 119 37.43 4.99 44.43
C SER B 119 38.50 5.69 45.25
N ALA B 120 38.64 7.00 45.07
CA ALA B 120 39.57 7.78 45.86
C ALA B 120 39.19 7.79 47.33
N ALA B 121 37.90 8.00 47.60
CA ALA B 121 37.37 8.00 48.96
C ALA B 121 37.58 6.65 49.64
N GLN B 122 37.50 5.59 48.86
CA GLN B 122 37.69 4.23 49.37
C GLN B 122 39.09 4.02 49.90
N THR B 123 40.08 4.63 49.25
CA THR B 123 41.46 4.47 49.68
C THR B 123 41.67 5.18 51.01
N ILE B 124 40.88 6.21 51.26
CA ILE B 124 40.92 6.91 52.54
C ILE B 124 40.17 6.10 53.61
N LEU B 125 39.00 5.60 53.25
CA LEU B 125 38.15 4.88 54.21
C LEU B 125 38.86 3.63 54.72
N LEU B 126 39.66 3.00 53.87
CA LEU B 126 40.31 1.74 54.22
C LEU B 126 41.71 1.97 54.77
N GLY B 127 42.08 3.23 54.90
CA GLY B 127 43.27 3.61 55.66
C GLY B 127 44.53 3.50 54.83
N ASP B 128 44.37 3.42 53.52
CA ASP B 128 45.51 3.38 52.61
C ASP B 128 46.21 4.74 52.58
N THR B 129 45.44 5.80 52.79
CA THR B 129 45.99 7.14 52.82
C THR B 129 45.04 8.08 53.54
N ASP B 130 45.49 9.29 53.82
CA ASP B 130 44.66 10.29 54.47
C ASP B 130 44.26 11.42 53.53
N VAL B 131 44.90 11.50 52.37
CA VAL B 131 44.64 12.57 51.40
C VAL B 131 44.59 11.98 49.99
N ALA B 132 43.52 12.29 49.26
CA ALA B 132 43.38 11.77 47.90
C ALA B 132 42.65 12.76 47.01
N ILE B 133 42.82 12.58 45.70
CA ILE B 133 42.14 13.40 44.71
C ILE B 133 41.30 12.52 43.80
N GLY B 134 40.04 12.89 43.65
CA GLY B 134 39.16 12.29 42.64
C GLY B 134 38.74 13.30 41.61
N GLY B 135 38.82 12.92 40.34
CA GLY B 135 38.45 13.82 39.28
C GLY B 135 38.02 13.09 38.03
N GLY B 136 37.70 13.86 36.99
CA GLY B 136 37.49 13.32 35.65
C GLY B 136 37.90 14.32 34.59
N ALA B 137 38.29 13.82 33.42
CA ALA B 137 38.57 14.65 32.27
C ALA B 137 38.11 13.94 31.00
N GLU B 138 37.42 14.69 30.14
CA GLU B 138 36.99 14.15 28.86
C GLU B 138 37.06 15.22 27.77
N SER B 139 37.58 14.83 26.61
CA SER B 139 37.57 15.68 25.43
C SER B 139 36.91 14.96 24.27
N MET B 140 35.61 15.20 24.10
CA MET B 140 34.88 14.57 23.02
C MET B 140 35.22 15.24 21.68
N SER B 141 35.69 16.48 21.73
CA SER B 141 36.24 17.15 20.55
C SER B 141 37.41 16.36 19.96
N ARG B 142 38.25 15.82 20.84
CA ARG B 142 39.49 15.20 20.41
C ARG B 142 39.38 13.68 20.42
N ALA B 143 38.16 13.17 20.51
CA ALA B 143 37.93 11.74 20.30
C ALA B 143 38.47 11.31 18.95
N PRO B 144 39.15 10.15 18.91
CA PRO B 144 39.84 9.72 17.71
C PRO B 144 38.92 8.97 16.75
N TYR B 145 39.39 8.79 15.53
CA TYR B 145 38.96 7.69 14.68
C TYR B 145 39.97 6.56 14.76
N LEU B 146 39.46 5.33 14.81
CA LEU B 146 40.30 4.14 14.79
C LEU B 146 40.37 3.59 13.38
N ALA B 147 41.48 2.95 13.06
CA ALA B 147 41.61 2.21 11.81
C ALA B 147 41.96 0.76 12.10
N PRO B 148 40.94 -0.10 12.27
CA PRO B 148 41.16 -1.42 12.83
C PRO B 148 41.81 -2.37 11.83
N ALA B 149 41.91 -1.96 10.58
CA ALA B 149 42.55 -2.78 9.55
C ALA B 149 44.02 -2.36 9.31
N ALA B 150 44.47 -1.33 10.00
CA ALA B 150 45.77 -0.72 9.69
C ALA B 150 46.94 -1.61 10.12
N ARG B 151 46.76 -2.35 11.21
CA ARG B 151 47.86 -3.13 11.75
C ARG B 151 48.17 -4.34 10.87
N TRP B 152 47.14 -5.10 10.56
CA TRP B 152 47.34 -6.36 9.86
C TRP B 152 46.88 -6.32 8.40
N GLY B 153 46.25 -5.22 8.02
CA GLY B 153 45.91 -4.99 6.60
C GLY B 153 44.46 -5.30 6.27
N ALA B 154 43.90 -4.54 5.32
CA ALA B 154 42.56 -4.82 4.80
C ALA B 154 42.59 -5.77 3.60
N ARG B 155 43.73 -5.78 2.90
CA ARG B 155 43.93 -6.66 1.74
C ARG B 155 43.16 -6.18 0.49
N MET B 156 41.84 -6.26 0.55
CA MET B 156 41.01 -5.88 -0.59
C MET B 156 39.63 -5.46 -0.10
N GLY B 157 39.11 -4.37 -0.65
CA GLY B 157 37.80 -3.85 -0.24
C GLY B 157 37.92 -2.66 0.69
N ASP B 158 36.92 -1.79 0.65
CA ASP B 158 36.94 -0.57 1.45
C ASP B 158 36.97 -0.89 2.95
N ALA B 159 37.70 -0.08 3.71
CA ALA B 159 37.87 -0.33 5.13
C ALA B 159 37.32 0.86 5.92
N GLY B 160 37.31 0.73 7.24
CA GLY B 160 36.55 1.64 8.09
C GLY B 160 37.47 2.55 8.88
N LEU B 161 37.08 3.81 9.03
CA LEU B 161 37.56 4.63 10.13
C LEU B 161 36.47 4.78 11.19
N VAL B 162 36.72 4.22 12.37
CA VAL B 162 35.69 4.08 13.39
C VAL B 162 35.66 5.30 14.30
N ASP B 163 34.51 5.94 14.39
CA ASP B 163 34.34 7.10 15.25
C ASP B 163 34.19 6.65 16.71
N MET B 164 35.21 6.89 17.52
CA MET B 164 35.24 6.32 18.88
C MET B 164 34.36 7.09 19.85
N MET B 165 34.04 8.34 19.52
CA MET B 165 33.07 9.10 20.30
C MET B 165 31.69 8.46 20.21
N LEU B 166 31.23 8.23 18.99
CA LEU B 166 29.98 7.51 18.78
C LEU B 166 30.04 6.13 19.40
N GLY B 167 31.22 5.52 19.35
CA GLY B 167 31.44 4.23 20.00
C GLY B 167 31.08 4.26 21.46
N ALA B 168 31.42 5.36 22.13
CA ALA B 168 31.12 5.53 23.55
C ALA B 168 29.61 5.66 23.77
N LEU B 169 28.91 6.10 22.73
CA LEU B 169 27.50 6.46 22.87
C LEU B 169 26.58 5.36 22.35
N HIS B 170 27.15 4.20 22.02
CA HIS B 170 26.36 3.04 21.63
C HIS B 170 26.48 1.89 22.62
N ASP B 171 25.36 1.25 22.89
CA ASP B 171 25.34 0.11 23.79
C ASP B 171 26.10 -1.06 23.16
N PRO B 172 26.92 -1.74 23.97
CA PRO B 172 27.87 -2.74 23.45
C PRO B 172 27.22 -4.09 23.19
N PHE B 173 26.01 -4.29 23.71
CA PHE B 173 25.26 -5.53 23.44
C PHE B 173 24.39 -5.41 22.19
N HIS B 174 23.77 -4.25 22.01
CA HIS B 174 22.69 -4.11 21.05
C HIS B 174 23.02 -3.07 19.98
N ARG B 175 24.16 -2.46 20.14
CA ARG B 175 24.64 -1.42 19.28
C ARG B 175 23.58 -0.43 18.85
N ILE B 176 22.84 0.02 19.83
CA ILE B 176 21.90 1.13 19.68
C ILE B 176 22.42 2.37 20.42
N HIS B 177 22.16 3.53 19.85
CA HIS B 177 22.52 4.79 20.49
C HIS B 177 21.86 4.89 21.86
N MET B 178 22.54 5.55 22.80
CA MET B 178 21.96 5.83 24.11
C MET B 178 20.57 6.47 23.98
N GLY B 179 20.39 7.23 22.89
CA GLY B 179 19.15 7.97 22.69
C GLY B 179 17.93 7.11 22.43
N VAL B 180 18.14 5.94 21.84
CA VAL B 180 17.04 5.01 21.63
C VAL B 180 16.69 4.31 22.93
N THR B 181 17.70 4.17 23.78
CA THR B 181 17.48 3.71 25.15
C THR B 181 16.62 4.69 25.93
N ALA B 182 16.78 5.98 25.65
CA ALA B 182 15.97 7.01 26.29
C ALA B 182 14.53 6.95 25.80
N GLU B 183 14.33 6.58 24.53
CA GLU B 183 12.99 6.40 23.99
C GLU B 183 12.26 5.27 24.69
N ASN B 184 13.00 4.20 25.00
CA ASN B 184 12.44 3.09 25.76
C ASN B 184 11.97 3.54 27.13
N VAL B 185 12.73 4.42 27.76
CA VAL B 185 12.44 4.87 29.11
C VAL B 185 11.27 5.84 29.09
N ALA B 186 11.28 6.76 28.14
CA ALA B 186 10.15 7.66 27.92
C ALA B 186 8.85 6.87 27.75
N LYS B 187 8.94 5.76 27.03
CA LYS B 187 7.78 4.93 26.76
C LYS B 187 7.31 4.26 28.05
N GLU B 188 8.25 3.69 28.80
CA GLU B 188 7.90 2.85 29.95
C GLU B 188 7.38 3.70 31.10
N TYR B 189 7.88 4.93 31.21
CA TYR B 189 7.54 5.79 32.33
C TYR B 189 6.62 6.94 31.88
N ASP B 190 6.17 6.88 30.64
CA ASP B 190 5.11 7.78 30.16
C ASP B 190 5.56 9.23 30.23
N ILE B 191 6.71 9.53 29.65
CA ILE B 191 7.18 10.91 29.57
C ILE B 191 7.02 11.43 28.14
N SER B 192 6.14 12.42 27.99
CA SER B 192 5.70 12.84 26.67
C SER B 192 6.76 13.73 26.04
N ARG B 193 6.65 13.92 24.73
CA ARG B 193 7.46 14.89 24.01
C ARG B 193 7.34 16.27 24.67
N ALA B 194 6.12 16.66 25.02
CA ALA B 194 5.86 17.98 25.59
C ALA B 194 6.58 18.13 26.92
N GLN B 195 6.55 17.08 27.72
CA GLN B 195 7.25 17.06 29.00
C GLN B 195 8.77 17.21 28.80
N GLN B 196 9.31 16.49 27.82
CA GLN B 196 10.75 16.49 27.63
C GLN B 196 11.24 17.85 27.16
N ASP B 197 10.44 18.51 26.32
CA ASP B 197 10.83 19.79 25.75
C ASP B 197 10.74 20.91 26.79
N GLU B 198 9.76 20.80 27.67
CA GLU B 198 9.61 21.77 28.76
C GLU B 198 10.76 21.63 29.76
N ALA B 199 11.15 20.40 30.03
CA ALA B 199 12.27 20.12 30.91
C ALA B 199 13.57 20.63 30.31
N ALA B 200 13.70 20.50 28.99
CA ALA B 200 14.88 20.98 28.28
C ALA B 200 14.97 22.50 28.31
N LEU B 201 13.86 23.15 28.02
CA LEU B 201 13.80 24.61 28.08
C LEU B 201 14.19 25.10 29.47
N GLU B 202 13.66 24.45 30.49
CA GLU B 202 13.86 24.87 31.87
C GLU B 202 15.32 24.72 32.28
N SER B 203 15.96 23.66 31.79
CA SER B 203 17.37 23.43 32.08
C SER B 203 18.23 24.57 31.55
N HIS B 204 17.92 25.03 30.34
CA HIS B 204 18.61 26.17 29.75
C HIS B 204 18.33 27.46 30.53
N ARG B 205 17.08 27.66 30.91
CA ARG B 205 16.71 28.83 31.68
C ARG B 205 17.45 28.85 33.02
N ARG B 206 17.48 27.71 33.70
CA ARG B 206 18.13 27.61 35.00
C ARG B 206 19.64 27.86 34.86
N ALA B 207 20.23 27.29 33.82
CA ALA B 207 21.66 27.43 33.61
C ALA B 207 22.01 28.88 33.32
N SER B 208 21.18 29.53 32.50
CA SER B 208 21.41 30.92 32.11
C SER B 208 21.30 31.84 33.32
N ALA B 209 20.27 31.64 34.12
CA ALA B 209 20.11 32.39 35.36
C ALA B 209 21.32 32.22 36.27
N ALA B 210 21.84 31.00 36.34
CA ALA B 210 22.91 30.66 37.27
C ALA B 210 24.22 31.31 36.82
N ILE B 211 24.47 31.30 35.51
CA ILE B 211 25.64 31.96 34.96
C ILE B 211 25.61 33.48 35.21
N LYS B 212 24.45 34.08 34.98
CA LYS B 212 24.31 35.53 35.10
C LYS B 212 24.41 35.99 36.55
N ALA B 213 23.86 35.17 37.46
CA ALA B 213 23.88 35.50 38.87
C ALA B 213 25.24 35.16 39.47
N GLY B 214 26.09 34.52 38.69
CA GLY B 214 27.49 34.33 39.06
C GLY B 214 27.69 33.12 39.95
N TYR B 215 26.78 32.17 39.90
CA TYR B 215 26.77 31.04 40.83
C TYR B 215 28.00 30.16 40.60
N PHE B 216 28.46 30.11 39.35
CA PHE B 216 29.55 29.21 38.97
C PHE B 216 30.92 29.87 39.09
N LYS B 217 30.95 31.17 39.34
CA LYS B 217 32.19 31.95 39.26
C LYS B 217 33.30 31.31 40.08
N ASP B 218 32.97 30.95 41.31
CA ASP B 218 33.97 30.50 42.27
C ASP B 218 34.57 29.15 41.88
N GLN B 219 33.74 28.26 41.35
CA GLN B 219 34.14 26.88 41.17
C GLN B 219 34.89 26.67 39.86
N ILE B 220 34.80 27.65 38.95
CA ILE B 220 35.35 27.50 37.61
C ILE B 220 36.78 28.01 37.56
N VAL B 221 37.70 27.14 37.10
CA VAL B 221 39.07 27.55 36.80
C VAL B 221 39.17 27.93 35.32
N PRO B 222 39.63 29.15 35.03
CA PRO B 222 39.82 29.54 33.64
C PRO B 222 40.82 28.65 32.93
N VAL B 223 40.51 28.29 31.69
CA VAL B 223 41.52 27.79 30.77
C VAL B 223 41.98 28.90 29.85
N VAL B 224 43.27 29.22 29.92
CA VAL B 224 43.85 30.24 29.05
C VAL B 224 44.81 29.58 28.08
N SER B 225 44.47 29.66 26.79
CA SER B 225 45.34 29.15 25.73
C SER B 225 45.91 30.29 24.88
N LYS B 226 46.62 29.92 23.82
CA LYS B 226 47.44 30.86 23.09
C LYS B 226 46.97 30.96 21.64
N LYS B 229 47.37 35.30 18.02
CA LYS B 229 47.09 36.71 18.23
C LYS B 229 46.84 37.02 19.71
N GLY B 230 47.57 36.31 20.57
CA GLY B 230 47.58 36.56 22.02
C GLY B 230 46.69 35.60 22.78
N ASP B 231 46.57 35.83 24.09
CA ASP B 231 46.05 34.83 25.01
C ASP B 231 44.52 34.81 25.00
N VAL B 232 43.94 33.61 24.97
CA VAL B 232 42.50 33.45 25.06
C VAL B 232 42.13 32.78 26.39
N THR B 233 41.13 33.32 27.10
CA THR B 233 40.70 32.74 28.38
C THR B 233 39.24 32.27 28.31
N PHE B 234 39.02 30.99 28.62
CA PHE B 234 37.69 30.39 28.55
C PHE B 234 37.20 30.05 29.94
N ASP B 235 36.09 30.65 30.36
CA ASP B 235 35.65 30.55 31.74
C ASP B 235 34.13 30.59 31.88
N THR B 236 33.42 30.41 30.78
CA THR B 236 31.96 30.44 30.81
C THR B 236 31.39 29.26 30.04
N ASP B 237 30.39 28.60 30.64
CA ASP B 237 29.82 27.39 30.07
C ASP B 237 29.09 27.69 28.76
N GLU B 238 29.68 27.29 27.64
CA GLU B 238 29.33 27.86 26.35
C GLU B 238 28.24 27.06 25.62
N HIS B 239 27.79 25.97 26.21
CA HIS B 239 26.71 25.18 25.62
C HIS B 239 25.33 25.82 25.81
N VAL B 240 25.20 26.64 26.85
CA VAL B 240 23.89 27.10 27.30
C VAL B 240 23.32 28.08 26.28
N ARG B 241 22.01 28.00 26.07
CA ARG B 241 21.34 28.92 25.15
C ARG B 241 20.51 29.92 25.95
N HIS B 242 21.00 31.15 26.01
CA HIS B 242 20.45 32.16 26.91
C HIS B 242 19.14 32.75 26.40
N ASP B 243 18.80 32.45 25.14
CA ASP B 243 17.65 33.06 24.49
C ASP B 243 16.67 32.00 24.03
N ALA B 244 16.74 30.82 24.63
CA ALA B 244 15.97 29.67 24.17
C ALA B 244 14.47 29.90 24.38
N THR B 245 13.67 29.42 23.43
CA THR B 245 12.22 29.44 23.57
C THR B 245 11.65 28.04 23.38
N ILE B 246 10.40 27.86 23.74
CA ILE B 246 9.77 26.54 23.68
C ILE B 246 9.58 26.09 22.23
N ASP B 247 9.44 27.05 21.33
CA ASP B 247 9.22 26.74 19.92
C ASP B 247 10.55 26.38 19.21
N ASP B 248 11.67 26.70 19.85
CA ASP B 248 12.97 26.13 19.50
C ASP B 248 13.01 24.62 19.71
N MET B 249 12.42 24.17 20.81
CA MET B 249 12.36 22.74 21.10
C MET B 249 11.37 22.05 20.17
N THR B 250 10.16 22.60 20.06
CA THR B 250 9.03 21.84 19.51
C THR B 250 9.12 21.71 17.98
N LYS B 251 9.97 22.53 17.37
CA LYS B 251 10.14 22.48 15.91
C LYS B 251 11.13 21.39 15.51
N LEU B 252 11.85 20.86 16.49
CA LEU B 252 12.91 19.88 16.21
C LEU B 252 12.28 18.51 15.94
N ARG B 253 12.98 17.71 15.15
CA ARG B 253 12.51 16.37 14.82
C ARG B 253 13.28 15.33 15.62
N PRO B 254 12.62 14.21 15.96
CA PRO B 254 13.28 13.08 16.60
C PRO B 254 14.47 12.56 15.79
N VAL B 255 15.55 12.24 16.47
CA VAL B 255 16.83 11.99 15.81
C VAL B 255 17.23 10.53 15.91
N PHE B 256 16.69 9.83 16.90
CA PHE B 256 17.22 8.52 17.28
C PHE B 256 16.39 7.35 16.79
N VAL B 257 15.13 7.59 16.53
CA VAL B 257 14.23 6.56 16.06
C VAL B 257 13.38 6.96 14.84
N LYS B 258 13.01 5.98 14.03
CA LYS B 258 12.21 6.23 12.84
C LYS B 258 10.78 6.64 13.07
N GLU B 259 10.01 5.88 13.80
CA GLU B 259 8.63 6.25 14.08
C GLU B 259 8.42 6.58 15.55
N ASN B 260 7.43 7.43 15.91
CA ASN B 260 6.99 7.48 17.30
C ASN B 260 8.03 8.03 18.27
N GLY B 261 8.91 8.87 17.77
CA GLY B 261 10.06 9.35 18.53
C GLY B 261 9.76 10.63 19.29
N THR B 262 10.48 10.84 20.39
CA THR B 262 10.27 12.01 21.24
C THR B 262 11.60 12.71 21.55
N VAL B 263 12.70 11.98 21.38
CA VAL B 263 14.02 12.48 21.78
C VAL B 263 14.70 13.22 20.62
N THR B 264 15.00 14.49 20.84
CA THR B 264 15.59 15.33 19.79
C THR B 264 16.97 15.81 20.23
N ALA B 265 17.64 16.54 19.35
CA ALA B 265 18.91 17.17 19.70
C ALA B 265 18.71 18.24 20.78
N GLY B 266 17.50 18.78 20.86
CA GLY B 266 17.21 19.88 21.78
C GLY B 266 16.94 19.42 23.21
N ASN B 267 16.39 18.23 23.35
CA ASN B 267 16.11 17.68 24.68
C ASN B 267 16.98 16.47 25.00
N ALA B 268 18.12 16.36 24.31
CA ALA B 268 19.18 15.45 24.70
C ALA B 268 20.41 16.25 25.12
N SER B 269 21.29 15.62 25.90
CA SER B 269 22.50 16.29 26.37
C SER B 269 23.43 16.57 25.19
N GLY B 270 24.32 17.53 25.35
CA GLY B 270 25.29 17.88 24.31
C GLY B 270 26.50 16.96 24.30
N LEU B 271 27.36 17.16 23.32
CA LEU B 271 28.71 16.59 23.33
C LEU B 271 29.70 17.68 23.69
N ASN B 272 30.64 17.37 24.58
CA ASN B 272 31.26 18.38 25.41
C ASN B 272 32.65 18.01 25.91
N ASP B 273 33.42 19.03 26.25
CA ASP B 273 34.76 18.87 26.81
C ASP B 273 34.79 19.52 28.20
N ALA B 274 35.48 18.89 29.14
CA ALA B 274 35.65 19.47 30.47
C ALA B 274 36.55 18.60 31.35
N ALA B 275 36.97 19.18 32.47
CA ALA B 275 37.48 18.39 33.58
C ALA B 275 37.04 18.96 34.91
N ALA B 276 37.26 18.20 35.97
CA ALA B 276 36.98 18.64 37.34
C ALA B 276 37.78 17.78 38.31
N ALA B 277 37.97 18.29 39.52
CA ALA B 277 38.65 17.52 40.55
C ALA B 277 38.24 17.99 41.94
N VAL B 278 38.23 17.06 42.88
CA VAL B 278 38.04 17.40 44.28
C VAL B 278 39.17 16.83 45.13
N VAL B 279 39.55 17.57 46.16
CA VAL B 279 40.55 17.10 47.12
C VAL B 279 39.81 16.62 48.36
N MET B 280 40.02 15.36 48.70
CA MET B 280 39.39 14.75 49.87
C MET B 280 40.47 14.38 50.87
N MET B 281 40.10 14.36 52.16
CA MET B 281 40.96 13.78 53.17
C MET B 281 40.15 13.24 54.34
N GLU B 282 40.80 12.42 55.16
CA GLU B 282 40.14 11.90 56.37
C GLU B 282 39.73 13.07 57.26
N ARG B 283 38.55 12.95 57.86
CA ARG B 283 38.00 14.00 58.71
C ARG B 283 39.06 14.61 59.64
N ALA B 284 39.82 13.75 60.30
CA ALA B 284 40.72 14.19 61.37
C ALA B 284 41.96 14.85 60.77
N GLU B 285 42.24 14.57 59.50
CA GLU B 285 43.30 15.29 58.79
C GLU B 285 42.91 16.73 58.55
N ALA B 286 41.67 16.93 58.11
CA ALA B 286 41.17 18.27 57.83
C ALA B 286 41.18 19.11 59.10
N GLU B 287 40.74 18.51 60.21
CA GLU B 287 40.74 19.17 61.50
C GLU B 287 42.15 19.58 61.90
N ARG B 288 43.07 18.61 61.83
N ARG B 288 43.07 18.60 61.81
CA ARG B 288 44.49 18.85 62.05
CA ARG B 288 44.49 18.85 62.10
C ARG B 288 44.98 20.07 61.27
C ARG B 288 45.09 19.98 61.23
N ARG B 289 44.60 20.14 60.00
CA ARG B 289 45.07 21.22 59.11
C ARG B 289 44.28 22.51 59.32
N GLY B 290 43.20 22.43 60.10
CA GLY B 290 42.30 23.56 60.30
C GLY B 290 41.54 23.94 59.04
N LEU B 291 41.23 22.97 58.19
CA LEU B 291 40.46 23.22 56.98
C LEU B 291 38.98 23.00 57.22
N LYS B 292 38.16 23.96 56.80
CA LYS B 292 36.70 23.79 56.79
C LYS B 292 36.25 23.07 55.51
N PRO B 293 35.78 21.82 55.66
CA PRO B 293 35.34 21.04 54.51
C PRO B 293 34.14 21.68 53.82
N LEU B 294 33.97 21.40 52.53
CA LEU B 294 32.71 21.69 51.86
C LEU B 294 31.61 20.76 52.35
N ALA B 295 31.96 19.50 52.56
CA ALA B 295 30.98 18.48 52.94
C ALA B 295 31.70 17.20 53.34
N ARG B 296 30.98 16.31 53.98
CA ARG B 296 31.46 14.94 54.13
C ARG B 296 30.69 13.98 53.22
N LEU B 297 31.37 12.92 52.80
CA LEU B 297 30.72 11.80 52.16
C LEU B 297 29.92 10.98 53.17
N VAL B 298 28.64 10.78 52.89
CA VAL B 298 27.77 10.01 53.77
C VAL B 298 27.64 8.58 53.29
N SER B 299 27.33 8.39 52.01
CA SER B 299 27.14 7.07 51.44
C SER B 299 27.28 7.11 49.92
N TYR B 300 27.45 5.94 49.31
CA TYR B 300 27.27 5.80 47.88
C TYR B 300 26.56 4.50 47.52
N GLY B 301 26.11 4.39 46.27
CA GLY B 301 25.39 3.22 45.81
C GLY B 301 25.59 2.98 44.33
N HIS B 302 25.68 1.71 43.96
CA HIS B 302 25.83 1.30 42.56
C HIS B 302 24.68 0.34 42.23
N ALA B 303 24.15 0.45 41.01
CA ALA B 303 23.16 -0.51 40.52
C ALA B 303 23.42 -0.89 39.06
N GLY B 304 23.07 -2.11 38.70
CA GLY B 304 22.92 -2.50 37.30
C GLY B 304 21.45 -2.61 36.90
N VAL B 305 21.17 -2.24 35.66
CA VAL B 305 19.81 -2.33 35.13
C VAL B 305 19.87 -2.89 33.71
N ASP B 306 18.70 -3.07 33.11
CA ASP B 306 18.59 -3.45 31.71
C ASP B 306 19.33 -2.42 30.84
N PRO B 307 20.24 -2.90 29.97
CA PRO B 307 20.95 -2.02 29.06
C PRO B 307 20.01 -1.15 28.22
N LYS B 308 18.85 -1.70 27.87
CA LYS B 308 17.91 -1.00 27.01
C LYS B 308 17.19 0.13 27.75
N ALA B 309 17.23 0.09 29.08
CA ALA B 309 16.63 1.12 29.92
C ALA B 309 17.67 1.77 30.83
N MET B 310 18.88 1.97 30.35
CA MET B 310 19.95 2.45 31.21
C MET B 310 19.65 3.76 31.86
N GLY B 311 18.76 4.54 31.30
CA GLY B 311 18.50 5.89 31.80
C GLY B 311 17.93 5.94 33.22
N ILE B 312 17.33 4.85 33.69
CA ILE B 312 16.75 4.84 35.04
C ILE B 312 17.68 4.22 36.06
N GLY B 313 18.93 3.98 35.66
CA GLY B 313 19.96 3.49 36.57
C GLY B 313 20.01 4.21 37.89
N PRO B 314 19.79 5.54 37.88
CA PRO B 314 19.87 6.33 39.11
C PRO B 314 18.86 5.89 40.18
N VAL B 315 17.74 5.34 39.74
CA VAL B 315 16.66 5.04 40.67
C VAL B 315 17.11 4.00 41.72
N PRO B 316 17.55 2.81 41.28
CA PRO B 316 18.04 1.84 42.25
C PRO B 316 19.33 2.27 42.98
N ALA B 317 20.21 2.98 42.28
CA ALA B 317 21.48 3.42 42.88
C ALA B 317 21.22 4.41 44.00
N THR B 318 20.27 5.31 43.76
CA THR B 318 19.93 6.34 44.74
C THR B 318 19.23 5.73 45.96
N LYS B 319 18.42 4.71 45.72
CA LYS B 319 17.72 4.02 46.80
C LYS B 319 18.72 3.29 47.70
N ILE B 320 19.75 2.72 47.09
CA ILE B 320 20.80 2.07 47.84
C ILE B 320 21.53 3.09 48.71
N ALA B 321 21.86 4.23 48.12
CA ALA B 321 22.62 5.26 48.84
C ALA B 321 21.79 5.81 50.01
N LEU B 322 20.52 6.07 49.75
CA LEU B 322 19.62 6.55 50.79
C LEU B 322 19.49 5.56 51.93
N GLU B 323 19.32 4.29 51.59
CA GLU B 323 19.24 3.22 52.58
C GLU B 323 20.49 3.21 53.45
N ARG B 324 21.65 3.20 52.80
CA ARG B 324 22.92 3.11 53.50
C ARG B 324 23.17 4.32 54.38
N ALA B 325 22.58 5.45 54.01
CA ALA B 325 22.72 6.68 54.77
C ALA B 325 21.67 6.79 55.89
N GLY B 326 20.68 5.91 55.87
CA GLY B 326 19.49 6.05 56.71
C GLY B 326 18.68 7.30 56.43
N LEU B 327 18.56 7.64 55.15
CA LEU B 327 17.89 8.88 54.77
C LEU B 327 16.72 8.58 53.85
N GLN B 328 15.92 9.60 53.58
CA GLN B 328 14.84 9.49 52.63
C GLN B 328 14.89 10.68 51.69
N VAL B 329 14.13 10.60 50.60
CA VAL B 329 14.12 11.64 49.58
C VAL B 329 13.93 13.04 50.16
N SER B 330 13.04 13.16 51.16
CA SER B 330 12.66 14.47 51.68
C SER B 330 13.83 15.14 52.38
N ASP B 331 14.82 14.34 52.75
CA ASP B 331 16.00 14.87 53.45
C ASP B 331 16.91 15.67 52.51
N LEU B 332 16.76 15.47 51.21
CA LEU B 332 17.69 16.03 50.23
C LEU B 332 17.36 17.48 49.88
N ASP B 333 18.34 18.36 50.03
CA ASP B 333 18.15 19.77 49.76
C ASP B 333 18.59 20.14 48.34
N VAL B 334 19.65 19.48 47.86
CA VAL B 334 20.13 19.70 46.51
C VAL B 334 20.39 18.38 45.79
N ILE B 335 19.93 18.26 44.56
CA ILE B 335 20.10 17.04 43.78
C ILE B 335 20.70 17.34 42.41
N GLU B 336 21.86 16.75 42.14
CA GLU B 336 22.46 16.78 40.80
C GLU B 336 22.30 15.42 40.16
N ALA B 337 21.31 15.33 39.27
CA ALA B 337 20.98 14.06 38.60
C ALA B 337 21.12 14.26 37.11
N ASN B 338 22.24 13.78 36.55
CA ASN B 338 22.66 14.23 35.23
C ASN B 338 21.52 14.08 34.23
N GLU B 339 21.20 15.16 33.54
CA GLU B 339 20.36 15.10 32.36
C GLU B 339 21.14 14.57 31.16
N ALA B 340 21.19 13.26 31.01
CA ALA B 340 21.64 12.67 29.75
C ALA B 340 20.60 12.90 28.65
N PHE B 341 19.35 12.60 28.97
CA PHE B 341 18.21 12.99 28.14
C PHE B 341 17.06 13.41 29.05
N ALA B 342 16.29 14.40 28.63
CA ALA B 342 15.12 14.83 29.38
C ALA B 342 14.18 13.64 29.60
N ALA B 343 14.20 12.70 28.65
CA ALA B 343 13.35 11.52 28.72
C ALA B 343 13.62 10.71 29.98
N GLN B 344 14.89 10.41 30.25
CA GLN B 344 15.25 9.60 31.41
C GLN B 344 15.37 10.43 32.69
N ALA B 345 15.72 11.70 32.53
CA ALA B 345 15.81 12.61 33.67
C ALA B 345 14.44 12.84 34.30
N CYS B 346 13.42 13.03 33.46
CA CYS B 346 12.04 13.17 33.95
C CYS B 346 11.55 11.87 34.59
N ALA B 347 11.96 10.74 34.01
CA ALA B 347 11.57 9.43 34.53
C ALA B 347 12.17 9.19 35.92
N VAL B 348 13.42 9.60 36.08
CA VAL B 348 14.13 9.40 37.34
C VAL B 348 13.46 10.17 38.48
N THR B 349 13.15 11.44 38.23
CA THR B 349 12.56 12.28 39.25
C THR B 349 11.14 11.79 39.61
N LYS B 350 10.42 11.33 38.60
CA LYS B 350 9.06 10.82 38.80
C LYS B 350 9.08 9.53 39.61
N ALA B 351 9.95 8.60 39.21
CA ALA B 351 10.06 7.32 39.89
C ALA B 351 10.52 7.45 41.36
N LEU B 352 11.43 8.37 41.62
CA LEU B 352 11.94 8.58 42.98
C LEU B 352 11.04 9.52 43.76
N GLY B 353 10.12 10.18 43.07
CA GLY B 353 9.28 11.18 43.69
C GLY B 353 10.07 12.39 44.17
N LEU B 354 11.01 12.84 43.33
CA LEU B 354 11.78 14.02 43.63
C LEU B 354 10.98 15.28 43.29
N ASP B 355 11.28 16.36 44.01
CA ASP B 355 10.71 17.65 43.68
C ASP B 355 11.56 18.35 42.61
N PRO B 356 10.94 18.65 41.46
CA PRO B 356 11.71 19.14 40.30
C PRO B 356 12.43 20.45 40.59
N ALA B 357 11.98 21.18 41.61
CA ALA B 357 12.59 22.45 41.95
C ALA B 357 13.97 22.25 42.56
N LYS B 358 14.19 21.08 43.14
CA LYS B 358 15.43 20.79 43.86
C LYS B 358 16.40 20.02 42.97
N VAL B 359 15.89 19.48 41.87
CA VAL B 359 16.69 18.65 40.97
C VAL B 359 17.30 19.52 39.86
N ASN B 360 18.63 19.55 39.81
CA ASN B 360 19.36 20.33 38.80
C ASN B 360 18.89 21.78 38.76
N PRO B 361 18.93 22.45 39.92
CA PRO B 361 18.41 23.81 40.07
C PRO B 361 19.14 24.82 39.19
N ASN B 362 20.35 24.49 38.75
CA ASN B 362 21.14 25.38 37.93
C ASN B 362 21.49 24.78 36.56
N GLY B 363 20.63 23.89 36.10
CA GLY B 363 20.84 23.25 34.79
C GLY B 363 21.64 21.96 34.91
N SER B 364 21.78 21.26 33.80
CA SER B 364 22.53 20.01 33.76
C SER B 364 22.88 19.68 32.31
N GLY B 365 22.96 18.39 32.00
CA GLY B 365 23.63 17.92 30.78
C GLY B 365 23.04 18.48 29.50
N ILE B 366 21.73 18.72 29.51
CA ILE B 366 21.06 19.30 28.35
C ILE B 366 21.57 20.72 28.04
N SER B 367 21.78 21.51 29.09
CA SER B 367 22.05 22.93 28.93
C SER B 367 23.55 23.20 29.07
N LEU B 368 24.15 22.65 30.12
CA LEU B 368 25.54 22.90 30.42
C LEU B 368 26.44 21.95 29.63
N GLY B 369 25.94 20.74 29.39
CA GLY B 369 26.68 19.77 28.57
C GLY B 369 26.98 18.48 29.32
N HIS B 370 27.46 17.49 28.59
CA HIS B 370 27.70 16.16 29.15
C HIS B 370 29.03 15.61 28.66
N PRO B 371 30.13 16.09 29.25
CA PRO B 371 31.46 15.58 28.95
C PRO B 371 31.74 14.26 29.67
N ILE B 372 31.52 13.16 28.96
CA ILE B 372 31.11 11.91 29.58
C ILE B 372 31.88 11.61 30.87
N GLY B 373 33.18 11.37 30.75
CA GLY B 373 33.97 10.87 31.86
C GLY B 373 34.26 11.90 32.95
N ALA B 374 34.06 13.18 32.62
CA ALA B 374 34.23 14.25 33.60
C ALA B 374 32.93 14.55 34.35
N THR B 375 31.81 14.19 33.75
CA THR B 375 30.52 14.73 34.18
C THR B 375 30.26 14.46 35.65
N GLY B 376 30.57 13.24 36.10
CA GLY B 376 30.24 12.82 37.47
C GLY B 376 31.07 13.58 38.50
N ALA B 377 32.27 13.97 38.11
CA ALA B 377 33.09 14.79 38.98
C ALA B 377 32.58 16.23 39.00
N LEU B 378 32.17 16.73 37.84
CA LEU B 378 31.89 18.16 37.72
C LEU B 378 30.51 18.49 38.28
N ILE B 379 29.59 17.53 38.28
CA ILE B 379 28.31 17.76 38.94
C ILE B 379 28.37 17.50 40.44
N THR B 380 29.43 16.83 40.88
CA THR B 380 29.69 16.75 42.31
C THR B 380 30.18 18.10 42.78
N VAL B 381 31.05 18.71 41.98
CA VAL B 381 31.55 20.06 42.26
C VAL B 381 30.41 21.07 42.30
N LYS B 382 29.52 21.00 41.32
CA LYS B 382 28.32 21.84 41.33
C LYS B 382 27.50 21.63 42.60
N ALA B 383 27.27 20.36 42.95
CA ALA B 383 26.33 20.02 44.03
C ALA B 383 26.81 20.56 45.36
N LEU B 384 28.14 20.47 45.58
CA LEU B 384 28.71 20.86 46.86
C LEU B 384 28.75 22.38 47.03
N HIS B 385 29.05 23.09 45.93
CA HIS B 385 29.05 24.54 45.96
C HIS B 385 27.63 25.09 46.10
N GLU B 386 26.68 24.46 45.43
CA GLU B 386 25.28 24.82 45.60
C GLU B 386 24.79 24.55 47.02
N LEU B 387 25.27 23.45 47.60
CA LEU B 387 24.82 23.03 48.93
C LEU B 387 25.26 24.08 49.94
N ASN B 388 26.47 24.59 49.75
CA ASN B 388 27.00 25.65 50.59
C ASN B 388 26.30 26.99 50.35
N ARG B 389 25.96 27.26 49.09
CA ARG B 389 25.30 28.52 48.74
C ARG B 389 23.94 28.66 49.43
N VAL B 390 23.18 27.58 49.46
CA VAL B 390 21.84 27.61 50.04
C VAL B 390 21.83 27.14 51.49
N GLN B 391 23.01 26.85 52.02
CA GLN B 391 23.13 26.42 53.41
C GLN B 391 22.26 25.19 53.68
N GLY B 392 22.20 24.28 52.71
CA GLY B 392 21.47 23.04 52.88
C GLY B 392 22.26 22.03 53.68
N ARG B 393 21.66 20.86 53.92
CA ARG B 393 22.32 19.80 54.68
C ARG B 393 22.81 18.69 53.77
N TYR B 394 21.92 18.12 52.97
CA TYR B 394 22.23 16.91 52.22
C TYR B 394 22.21 17.16 50.71
N ALA B 395 23.22 16.64 50.02
CA ALA B 395 23.24 16.64 48.56
C ALA B 395 23.26 15.22 48.02
N LEU B 396 22.48 14.98 46.98
CA LEU B 396 22.60 13.77 46.16
C LEU B 396 23.24 14.09 44.81
N VAL B 397 24.18 13.24 44.42
CA VAL B 397 24.72 13.25 43.07
C VAL B 397 24.52 11.87 42.44
N THR B 398 23.91 11.83 41.27
CA THR B 398 23.60 10.56 40.65
C THR B 398 23.43 10.71 39.13
N MET B 399 23.71 9.64 38.42
CA MET B 399 23.66 9.67 36.96
C MET B 399 23.49 8.27 36.42
N CYS B 400 22.90 8.19 35.23
CA CYS B 400 22.76 6.93 34.52
C CYS B 400 24.04 6.64 33.75
N ILE B 401 24.23 5.37 33.43
CA ILE B 401 25.48 4.89 32.86
C ILE B 401 25.20 3.97 31.68
N GLY B 402 25.90 4.20 30.58
CA GLY B 402 25.71 3.43 29.36
C GLY B 402 26.02 1.97 29.60
N GLY B 403 25.21 1.09 29.02
CA GLY B 403 25.34 -0.35 29.23
C GLY B 403 24.42 -0.86 30.33
N GLY B 404 23.76 0.07 31.01
CA GLY B 404 22.78 -0.27 32.05
C GLY B 404 23.38 -0.26 33.45
N GLN B 405 23.70 0.93 33.95
CA GLN B 405 24.08 1.09 35.35
C GLN B 405 23.62 2.41 35.91
N GLY B 406 23.69 2.52 37.23
CA GLY B 406 23.59 3.81 37.91
C GLY B 406 24.64 3.94 38.98
N ILE B 407 24.94 5.18 39.35
CA ILE B 407 25.78 5.47 40.49
C ILE B 407 25.28 6.71 41.22
N ALA B 408 25.38 6.68 42.54
CA ALA B 408 24.81 7.73 43.39
C ALA B 408 25.65 7.88 44.65
N ALA B 409 25.81 9.12 45.09
CA ALA B 409 26.52 9.41 46.32
C ALA B 409 25.81 10.52 47.06
N ILE B 410 25.88 10.47 48.39
CA ILE B 410 25.25 11.49 49.21
C ILE B 410 26.26 12.18 50.09
N PHE B 411 26.16 13.50 50.15
CA PHE B 411 27.11 14.32 50.89
C PHE B 411 26.35 15.15 51.92
N GLU B 412 27.02 15.45 53.03
CA GLU B 412 26.44 16.29 54.07
C GLU B 412 27.35 17.48 54.33
N ARG B 413 26.76 18.68 54.33
CA ARG B 413 27.48 19.87 54.72
C ARG B 413 27.55 19.90 56.23
N ILE B 414 28.74 19.61 56.76
CA ILE B 414 29.06 19.93 58.14
C ILE B 414 30.12 21.04 58.15
N THR C 22 55.82 11.16 -45.64
CA THR C 22 55.25 9.91 -45.07
C THR C 22 56.26 9.26 -44.13
N ARG C 23 56.33 9.80 -42.92
CA ARG C 23 57.19 9.23 -41.88
C ARG C 23 56.56 7.96 -41.34
N GLU C 24 57.41 7.02 -40.93
CA GLU C 24 56.96 5.71 -40.50
C GLU C 24 57.59 5.37 -39.15
N VAL C 25 56.81 4.77 -38.27
CA VAL C 25 57.31 4.40 -36.97
C VAL C 25 57.67 2.91 -36.92
N VAL C 26 58.87 2.62 -36.46
CA VAL C 26 59.32 1.24 -36.34
C VAL C 26 59.71 0.93 -34.90
N VAL C 27 59.37 -0.28 -34.45
CA VAL C 27 59.73 -0.75 -33.11
C VAL C 27 61.03 -1.54 -33.16
N VAL C 28 62.02 -1.09 -32.40
CA VAL C 28 63.37 -1.62 -32.49
C VAL C 28 63.68 -2.57 -31.34
N SER C 29 62.95 -2.43 -30.23
CA SER C 29 63.06 -3.39 -29.14
C SER C 29 61.80 -3.39 -28.29
N GLY C 30 61.54 -4.52 -27.64
CA GLY C 30 60.43 -4.62 -26.70
C GLY C 30 60.73 -5.60 -25.57
N VAL C 31 60.47 -5.17 -24.35
CA VAL C 31 60.77 -5.98 -23.20
C VAL C 31 59.73 -5.77 -22.10
N ARG C 32 59.53 -6.80 -21.29
CA ARG C 32 58.62 -6.72 -20.15
C ARG C 32 59.21 -7.41 -18.94
N THR C 33 58.68 -7.09 -17.77
CA THR C 33 58.88 -7.93 -16.61
C THR C 33 58.02 -9.16 -16.78
N ALA C 34 58.36 -10.22 -16.06
CA ALA C 34 57.39 -11.24 -15.69
C ALA C 34 56.24 -10.59 -14.92
N ILE C 35 55.04 -11.16 -15.08
CA ILE C 35 53.86 -10.64 -14.42
C ILE C 35 53.74 -11.26 -13.03
N GLY C 36 53.82 -10.41 -12.01
CA GLY C 36 53.60 -10.83 -10.62
C GLY C 36 52.14 -10.91 -10.25
N THR C 37 51.83 -11.75 -9.27
CA THR C 37 50.46 -11.86 -8.75
C THR C 37 50.27 -10.88 -7.61
N PHE C 38 49.02 -10.46 -7.43
CA PHE C 38 48.63 -9.55 -6.36
C PHE C 38 49.07 -10.09 -5.00
N GLY C 39 49.89 -9.30 -4.30
CA GLY C 39 50.48 -9.73 -3.05
C GLY C 39 51.65 -10.70 -3.24
N GLY C 40 52.17 -10.77 -4.46
CA GLY C 40 53.14 -11.80 -4.82
C GLY C 40 54.56 -11.27 -4.95
N SER C 41 55.25 -11.70 -6.01
CA SER C 41 56.70 -11.60 -6.07
C SER C 41 57.18 -10.16 -6.27
N LEU C 42 56.28 -9.30 -6.75
CA LEU C 42 56.64 -7.92 -7.04
C LEU C 42 56.01 -6.95 -6.04
N LYS C 43 55.55 -7.49 -4.92
CA LYS C 43 54.75 -6.71 -3.98
C LYS C 43 55.54 -5.52 -3.48
N ASP C 44 56.86 -5.71 -3.38
CA ASP C 44 57.72 -4.72 -2.76
C ASP C 44 58.47 -3.86 -3.77
N VAL C 45 58.07 -3.91 -5.03
CA VAL C 45 58.73 -3.11 -6.08
C VAL C 45 57.78 -2.08 -6.68
N ALA C 46 58.10 -0.81 -6.48
CA ALA C 46 57.21 0.27 -6.91
C ALA C 46 57.18 0.41 -8.43
N PRO C 47 56.08 0.94 -8.97
CA PRO C 47 55.94 1.17 -10.41
C PRO C 47 57.11 1.92 -11.02
N ALA C 48 57.59 2.94 -10.32
CA ALA C 48 58.73 3.74 -10.77
C ALA C 48 59.96 2.87 -11.05
N GLU C 49 60.20 1.89 -10.19
CA GLU C 49 61.34 1.00 -10.33
C GLU C 49 61.10 -0.05 -11.40
N LEU C 50 59.85 -0.53 -11.50
CA LEU C 50 59.51 -1.47 -12.56
C LEU C 50 59.68 -0.79 -13.91
N GLY C 51 59.30 0.49 -13.99
CA GLY C 51 59.37 1.23 -15.23
C GLY C 51 60.79 1.55 -15.64
N ALA C 52 61.63 1.87 -14.66
CA ALA C 52 63.02 2.23 -14.94
C ALA C 52 63.75 0.99 -15.44
N LEU C 53 63.38 -0.17 -14.90
CA LEU C 53 64.02 -1.42 -15.28
C LEU C 53 63.77 -1.77 -16.75
N VAL C 54 62.52 -1.66 -17.18
CA VAL C 54 62.19 -2.02 -18.56
C VAL C 54 62.70 -0.97 -19.54
N VAL C 55 62.77 0.28 -19.10
CA VAL C 55 63.33 1.34 -19.94
C VAL C 55 64.81 1.12 -20.20
N ARG C 56 65.55 0.83 -19.13
N ARG C 56 65.55 0.83 -19.13
CA ARG C 56 66.98 0.57 -19.25
CA ARG C 56 66.98 0.57 -19.25
C ARG C 56 67.25 -0.63 -20.15
C ARG C 56 67.25 -0.62 -20.15
N GLU C 57 66.53 -1.71 -19.91
CA GLU C 57 66.77 -2.94 -20.63
C GLU C 57 66.30 -2.85 -22.08
N ALA C 58 65.23 -2.12 -22.33
CA ALA C 58 64.74 -1.94 -23.69
C ALA C 58 65.78 -1.15 -24.53
N LEU C 59 66.39 -0.15 -23.90
CA LEU C 59 67.37 0.69 -24.58
C LEU C 59 68.64 -0.11 -24.88
N ALA C 60 69.05 -0.94 -23.92
CA ALA C 60 70.19 -1.83 -24.11
C ALA C 60 69.94 -2.82 -25.25
N ARG C 61 68.77 -3.45 -25.24
CA ARG C 61 68.39 -4.39 -26.29
C ARG C 61 68.39 -3.72 -27.66
N ALA C 62 67.98 -2.46 -27.71
CA ALA C 62 67.89 -1.73 -28.98
C ALA C 62 69.26 -1.24 -29.43
N GLN C 63 70.23 -1.32 -28.53
CA GLN C 63 71.53 -0.67 -28.72
C GLN C 63 71.33 0.82 -28.98
N VAL C 64 70.50 1.46 -28.15
CA VAL C 64 70.28 2.90 -28.26
C VAL C 64 70.62 3.58 -26.94
N SER C 65 71.34 4.70 -27.03
CA SER C 65 71.72 5.46 -25.85
C SER C 65 70.53 6.26 -25.33
N GLY C 66 70.38 6.29 -24.01
CA GLY C 66 69.36 7.12 -23.39
C GLY C 66 69.50 8.58 -23.75
N ASP C 67 70.71 8.97 -24.19
CA ASP C 67 70.96 10.35 -24.58
C ASP C 67 70.25 10.70 -25.88
N ASP C 68 69.81 9.69 -26.62
CA ASP C 68 69.27 9.90 -27.96
C ASP C 68 67.75 9.83 -27.97
N VAL C 69 67.14 9.58 -26.82
CA VAL C 69 65.68 9.45 -26.73
C VAL C 69 65.06 10.83 -26.67
N GLY C 70 64.07 11.06 -27.52
CA GLY C 70 63.47 12.39 -27.65
C GLY C 70 62.11 12.53 -26.99
N HIS C 71 61.47 11.40 -26.67
CA HIS C 71 60.24 11.41 -25.88
C HIS C 71 59.98 10.10 -25.17
N VAL C 72 59.34 10.18 -24.00
CA VAL C 72 58.94 9.02 -23.23
C VAL C 72 57.51 9.18 -22.73
N VAL C 73 56.70 8.18 -23.00
CA VAL C 73 55.33 8.15 -22.54
C VAL C 73 55.12 6.83 -21.79
N PHE C 74 54.50 6.93 -20.63
CA PHE C 74 54.18 5.75 -19.84
C PHE C 74 52.71 5.71 -19.42
N GLY C 75 52.16 4.53 -19.48
CA GLY C 75 50.77 4.30 -19.04
C GLY C 75 50.76 3.91 -17.58
N ASN C 76 49.72 4.34 -16.88
CA ASN C 76 49.51 3.98 -15.50
C ASN C 76 48.14 4.47 -15.06
N VAL C 77 47.46 3.65 -14.29
CA VAL C 77 46.12 4.00 -13.81
C VAL C 77 46.11 4.33 -12.32
N ILE C 78 46.78 3.53 -11.52
CA ILE C 78 46.71 3.68 -10.05
C ILE C 78 47.97 4.35 -9.51
N GLN C 79 47.80 5.55 -8.98
CA GLN C 79 48.89 6.23 -8.26
C GLN C 79 49.09 5.61 -6.88
N THR C 80 50.26 5.01 -6.67
CA THR C 80 50.55 4.29 -5.44
C THR C 80 51.36 5.14 -4.46
N GLU C 81 52.05 6.14 -5.00
CA GLU C 81 52.76 7.12 -4.20
C GLU C 81 52.90 8.42 -5.01
N PRO C 82 53.37 9.49 -4.37
CA PRO C 82 53.58 10.76 -5.05
C PRO C 82 54.41 10.68 -6.33
N ARG C 83 55.44 9.84 -6.34
CA ARG C 83 56.30 9.71 -7.52
C ARG C 83 55.53 9.22 -8.73
N ASP C 84 54.41 8.54 -8.51
CA ASP C 84 53.64 7.99 -9.61
C ASP C 84 52.92 9.07 -10.39
N MET C 85 52.86 10.27 -9.83
CA MET C 85 52.39 11.43 -10.58
C MET C 85 53.44 11.89 -11.60
N TYR C 86 54.66 11.37 -11.43
CA TYR C 86 55.78 11.73 -12.30
C TYR C 86 56.29 10.50 -13.04
N LEU C 87 55.47 9.46 -13.15
CA LEU C 87 55.96 8.11 -13.45
C LEU C 87 56.80 8.08 -14.74
N GLY C 88 56.24 8.61 -15.81
CA GLY C 88 56.96 8.68 -17.09
C GLY C 88 58.35 9.27 -16.92
N ARG C 89 58.42 10.40 -16.22
CA ARG C 89 59.67 11.12 -16.02
C ARG C 89 60.65 10.32 -15.14
N VAL C 90 60.11 9.64 -14.12
CA VAL C 90 60.95 8.88 -13.21
C VAL C 90 61.45 7.60 -13.84
N ALA C 91 60.59 6.93 -14.60
CA ALA C 91 60.97 5.71 -15.30
C ALA C 91 61.98 6.03 -16.40
N ALA C 92 61.80 7.18 -17.04
CA ALA C 92 62.74 7.63 -18.07
C ALA C 92 64.12 7.88 -17.46
N VAL C 93 64.20 8.86 -16.57
CA VAL C 93 65.47 9.35 -16.08
C VAL C 93 66.23 8.29 -15.29
N ASN C 94 65.50 7.49 -14.50
CA ASN C 94 66.13 6.45 -13.69
C ASN C 94 66.47 5.23 -14.54
N GLY C 95 65.87 5.15 -15.72
CA GLY C 95 66.22 4.13 -16.69
C GLY C 95 67.33 4.57 -17.62
N GLY C 96 67.83 5.79 -17.43
CA GLY C 96 69.03 6.25 -18.14
C GLY C 96 68.73 7.11 -19.37
N VAL C 97 67.46 7.45 -19.56
CA VAL C 97 67.08 8.52 -20.48
C VAL C 97 67.57 9.90 -20.01
N THR C 98 68.03 10.71 -20.95
CA THR C 98 68.55 12.05 -20.66
C THR C 98 67.47 12.95 -20.08
N ILE C 99 67.88 13.80 -19.14
CA ILE C 99 66.95 14.75 -18.51
C ILE C 99 66.38 15.70 -19.56
N ASN C 100 66.98 15.72 -20.76
CA ASN C 100 66.58 16.67 -21.80
C ASN C 100 65.34 16.16 -22.53
N ALA C 101 65.01 14.89 -22.34
CA ALA C 101 63.82 14.31 -22.95
C ALA C 101 62.54 14.65 -22.19
N PRO C 102 61.50 15.07 -22.93
CA PRO C 102 60.15 15.16 -22.34
C PRO C 102 59.59 13.80 -21.96
N ALA C 103 58.76 13.78 -20.92
CA ALA C 103 58.24 12.52 -20.37
C ALA C 103 56.79 12.69 -19.89
N LEU C 104 55.93 11.80 -20.37
CA LEU C 104 54.47 11.93 -20.18
C LEU C 104 53.91 10.69 -19.51
N THR C 105 52.94 10.86 -18.62
CA THR C 105 52.16 9.75 -18.15
C THR C 105 50.74 9.84 -18.71
N VAL C 106 50.23 8.74 -19.23
CA VAL C 106 48.86 8.70 -19.71
C VAL C 106 47.97 7.68 -18.99
N ASN C 107 46.67 7.92 -19.03
CA ASN C 107 45.69 7.05 -18.39
C ASN C 107 44.45 6.84 -19.27
N ARG C 108 44.41 5.73 -19.99
CA ARG C 108 43.18 5.29 -20.63
C ARG C 108 42.81 3.94 -20.03
N LEU C 109 42.92 3.87 -18.71
CA LEU C 109 42.60 2.68 -17.94
C LEU C 109 43.29 1.44 -18.46
N CYS C 110 42.51 0.39 -18.71
CA CYS C 110 43.05 -0.87 -19.19
C CYS C 110 43.84 -0.72 -20.51
N GLY C 111 43.66 0.41 -21.19
CA GLY C 111 44.28 0.59 -22.50
C GLY C 111 45.54 1.43 -22.40
N SER C 112 45.90 1.84 -21.18
CA SER C 112 46.89 2.90 -20.99
C SER C 112 48.22 2.52 -21.65
N GLY C 113 48.59 1.24 -21.52
CA GLY C 113 49.89 0.79 -21.99
C GLY C 113 50.03 0.86 -23.50
N LEU C 114 48.99 0.48 -24.23
CA LEU C 114 48.99 0.67 -25.67
C LEU C 114 48.83 2.15 -26.06
N GLN C 115 48.08 2.92 -25.27
CA GLN C 115 47.95 4.33 -25.54
C GLN C 115 49.32 5.03 -25.43
N ALA C 116 50.14 4.59 -24.48
CA ALA C 116 51.45 5.20 -24.30
C ALA C 116 52.27 4.99 -25.58
N ILE C 117 52.17 3.79 -26.14
CA ILE C 117 52.91 3.45 -27.34
C ILE C 117 52.37 4.24 -28.54
N VAL C 118 51.07 4.47 -28.56
CA VAL C 118 50.45 5.26 -29.63
C VAL C 118 50.81 6.74 -29.52
N SER C 119 50.79 7.28 -28.31
CA SER C 119 51.15 8.67 -28.10
C SER C 119 52.62 8.90 -28.43
N ALA C 120 53.47 7.92 -28.09
CA ALA C 120 54.91 8.06 -28.36
C ALA C 120 55.18 7.99 -29.85
N ALA C 121 54.45 7.12 -30.53
CA ALA C 121 54.57 6.98 -31.98
C ALA C 121 54.12 8.25 -32.68
N GLN C 122 53.10 8.89 -32.10
CA GLN C 122 52.55 10.13 -32.67
C GLN C 122 53.59 11.26 -32.68
N THR C 123 54.42 11.31 -31.64
CA THR C 123 55.46 12.34 -31.60
C THR C 123 56.50 12.12 -32.69
N ILE C 124 56.69 10.86 -33.08
CA ILE C 124 57.57 10.53 -34.19
C ILE C 124 56.91 10.87 -35.53
N LEU C 125 55.66 10.45 -35.68
CA LEU C 125 54.93 10.61 -36.93
C LEU C 125 54.77 12.07 -37.28
N LEU C 126 54.61 12.92 -36.28
CA LEU C 126 54.45 14.36 -36.51
C LEU C 126 55.78 15.11 -36.56
N GLY C 127 56.88 14.38 -36.43
CA GLY C 127 58.20 14.97 -36.63
C GLY C 127 58.72 15.73 -35.41
N ASP C 128 58.15 15.45 -34.25
CA ASP C 128 58.60 16.08 -33.01
C ASP C 128 59.92 15.46 -32.57
N THR C 129 60.13 14.21 -32.92
CA THR C 129 61.38 13.52 -32.61
C THR C 129 61.54 12.32 -33.52
N ASP C 130 62.72 11.70 -33.48
CA ASP C 130 62.97 10.50 -34.27
C ASP C 130 63.04 9.25 -33.42
N VAL C 131 63.16 9.42 -32.10
CA VAL C 131 63.33 8.29 -31.18
C VAL C 131 62.44 8.51 -29.97
N ALA C 132 61.57 7.55 -29.69
CA ALA C 132 60.72 7.63 -28.49
C ALA C 132 60.52 6.29 -27.80
N ILE C 133 60.11 6.33 -26.52
CA ILE C 133 59.81 5.13 -25.75
C ILE C 133 58.35 5.15 -25.29
N GLY C 134 57.63 4.09 -25.60
CA GLY C 134 56.33 3.85 -25.00
C GLY C 134 56.40 2.69 -24.04
N GLY C 135 55.74 2.84 -22.90
CA GLY C 135 55.63 1.73 -21.97
C GLY C 135 54.48 1.87 -21.01
N GLY C 136 54.39 0.93 -20.08
CA GLY C 136 53.43 1.01 -18.99
C GLY C 136 53.99 0.35 -17.77
N ALA C 137 53.49 0.77 -16.60
CA ALA C 137 53.83 0.13 -15.34
C ALA C 137 52.62 0.19 -14.43
N GLU C 138 52.34 -0.91 -13.75
CA GLU C 138 51.26 -0.94 -12.77
C GLU C 138 51.61 -1.88 -11.61
N SER C 139 51.35 -1.41 -10.39
CA SER C 139 51.46 -2.27 -9.21
C SER C 139 50.15 -2.29 -8.43
N MET C 140 49.32 -3.29 -8.71
CA MET C 140 48.04 -3.42 -8.04
C MET C 140 48.22 -3.92 -6.60
N SER C 141 49.35 -4.58 -6.35
CA SER C 141 49.76 -4.91 -4.99
C SER C 141 49.90 -3.68 -4.11
N ARG C 142 50.43 -2.60 -4.69
CA ARG C 142 50.76 -1.41 -3.92
C ARG C 142 49.73 -0.30 -4.11
N ALA C 143 48.61 -0.63 -4.72
CA ALA C 143 47.46 0.28 -4.76
C ALA C 143 47.08 0.75 -3.36
N PRO C 144 46.83 2.05 -3.22
CA PRO C 144 46.64 2.64 -1.90
C PRO C 144 45.21 2.50 -1.43
N TYR C 145 45.00 2.77 -0.15
CA TYR C 145 43.73 3.26 0.35
C TYR C 145 43.76 4.78 0.47
N LEU C 146 42.64 5.42 0.11
CA LEU C 146 42.49 6.86 0.27
C LEU C 146 41.70 7.13 1.54
N ALA C 147 41.99 8.25 2.17
CA ALA C 147 41.16 8.76 3.26
C ALA C 147 40.62 10.16 2.89
N PRO C 148 39.42 10.21 2.29
CA PRO C 148 38.95 11.45 1.67
C PRO C 148 38.47 12.46 2.69
N ALA C 149 38.35 12.04 3.95
CA ALA C 149 37.89 12.91 5.03
C ALA C 149 39.06 13.45 5.84
N ALA C 150 40.28 13.01 5.50
CA ALA C 150 41.44 13.34 6.32
C ALA C 150 41.81 14.81 6.24
N ARG C 151 41.59 15.46 5.10
CA ARG C 151 42.09 16.82 4.91
C ARG C 151 41.26 17.82 5.69
N TRP C 152 39.94 17.73 5.53
CA TRP C 152 39.02 18.71 6.09
C TRP C 152 38.19 18.14 7.23
N GLY C 153 38.33 16.85 7.49
CA GLY C 153 37.78 16.24 8.70
C GLY C 153 36.47 15.54 8.43
N ALA C 154 36.19 14.48 9.18
CA ALA C 154 34.90 13.81 9.12
C ALA C 154 33.92 14.41 10.12
N ARG C 155 34.46 14.98 11.21
CA ARG C 155 33.66 15.67 12.22
C ARG C 155 32.93 14.69 13.13
N MET C 156 31.98 13.96 12.56
CA MET C 156 31.18 13.02 13.35
C MET C 156 30.64 11.92 12.44
N GLY C 157 30.72 10.68 12.88
CA GLY C 157 30.29 9.54 12.07
C GLY C 157 31.44 8.80 11.42
N ASP C 158 31.25 7.50 11.19
CA ASP C 158 32.30 6.65 10.67
C ASP C 158 32.68 7.11 9.27
N ALA C 159 33.97 7.02 8.95
CA ALA C 159 34.48 7.50 7.68
C ALA C 159 35.11 6.34 6.92
N GLY C 160 35.51 6.60 5.68
CA GLY C 160 35.92 5.54 4.76
C GLY C 160 37.41 5.54 4.49
N LEU C 161 37.98 4.35 4.36
CA LEU C 161 39.23 4.16 3.65
C LEU C 161 38.96 3.49 2.32
N VAL C 162 39.21 4.23 1.24
CA VAL C 162 38.72 3.85 -0.09
C VAL C 162 39.79 3.03 -0.79
N ASP C 163 39.42 1.82 -1.17
CA ASP C 163 40.34 0.94 -1.89
C ASP C 163 40.45 1.37 -3.36
N MET C 164 41.59 1.95 -3.73
CA MET C 164 41.73 2.60 -5.02
C MET C 164 41.95 1.60 -6.14
N MET C 165 42.40 0.39 -5.80
CA MET C 165 42.43 -0.69 -6.77
C MET C 165 41.04 -1.04 -7.24
N LEU C 166 40.15 -1.31 -6.30
CA LEU C 166 38.76 -1.59 -6.62
C LEU C 166 38.14 -0.39 -7.33
N GLY C 167 38.58 0.80 -6.94
CA GLY C 167 38.15 2.03 -7.61
C GLY C 167 38.42 1.96 -9.10
N ALA C 168 39.57 1.42 -9.47
CA ALA C 168 39.95 1.32 -10.87
C ALA C 168 39.03 0.34 -11.59
N LEU C 169 38.43 -0.57 -10.84
CA LEU C 169 37.74 -1.72 -11.41
C LEU C 169 36.23 -1.51 -11.38
N HIS C 170 35.82 -0.29 -11.06
CA HIS C 170 34.40 0.03 -11.04
C HIS C 170 34.13 1.12 -12.05
N ASP C 171 33.08 0.93 -12.82
CA ASP C 171 32.61 1.95 -13.72
C ASP C 171 32.22 3.23 -12.98
N PRO C 172 32.65 4.39 -13.51
CA PRO C 172 32.54 5.66 -12.79
C PRO C 172 31.17 6.29 -12.90
N PHE C 173 30.33 5.75 -13.79
CA PHE C 173 28.97 6.26 -13.95
C PHE C 173 27.99 5.46 -13.09
N HIS C 174 28.18 4.14 -13.05
CA HIS C 174 27.17 3.24 -12.50
C HIS C 174 27.69 2.53 -11.25
N ARG C 175 28.97 2.73 -10.95
CA ARG C 175 29.58 2.12 -9.77
C ARG C 175 29.44 0.60 -9.73
N ILE C 176 29.47 -0.05 -10.89
CA ILE C 176 29.43 -1.50 -10.96
C ILE C 176 30.81 -2.03 -11.33
N HIS C 177 31.14 -3.20 -10.79
CA HIS C 177 32.40 -3.86 -11.11
C HIS C 177 32.47 -4.18 -12.59
N MET C 178 33.67 -4.09 -13.16
CA MET C 178 33.90 -4.48 -14.56
C MET C 178 33.28 -5.84 -14.83
N GLY C 179 33.21 -6.69 -13.80
CA GLY C 179 32.76 -8.06 -13.95
C GLY C 179 31.26 -8.18 -14.23
N VAL C 180 30.48 -7.27 -13.69
CA VAL C 180 29.05 -7.22 -14.02
C VAL C 180 28.83 -6.71 -15.44
N THR C 181 29.76 -5.88 -15.90
CA THR C 181 29.77 -5.46 -17.30
C THR C 181 30.03 -6.64 -18.22
N ALA C 182 30.88 -7.57 -17.77
CA ALA C 182 31.16 -8.78 -18.51
C ALA C 182 29.94 -9.73 -18.55
N GLU C 183 29.15 -9.74 -17.48
CA GLU C 183 27.90 -10.48 -17.47
C GLU C 183 26.93 -9.95 -18.52
N ASN C 184 26.88 -8.64 -18.66
CA ASN C 184 26.04 -8.01 -19.68
C ASN C 184 26.45 -8.47 -21.07
N VAL C 185 27.75 -8.54 -21.30
CA VAL C 185 28.29 -8.91 -22.61
C VAL C 185 28.05 -10.39 -22.89
N ALA C 186 28.29 -11.22 -21.89
CA ALA C 186 28.01 -12.66 -21.99
C ALA C 186 26.54 -12.90 -22.33
N LYS C 187 25.67 -12.12 -21.71
CA LYS C 187 24.24 -12.17 -22.01
C LYS C 187 23.92 -11.76 -23.44
N GLU C 188 24.47 -10.63 -23.87
CA GLU C 188 24.12 -10.05 -25.17
C GLU C 188 24.67 -10.87 -26.33
N TYR C 189 25.83 -11.49 -26.13
CA TYR C 189 26.51 -12.21 -27.19
C TYR C 189 26.45 -13.72 -26.97
N ASP C 190 25.68 -14.13 -25.97
CA ASP C 190 25.31 -15.54 -25.81
C ASP C 190 26.53 -16.41 -25.54
N ILE C 191 27.34 -15.99 -24.57
CA ILE C 191 28.52 -16.77 -24.19
C ILE C 191 28.25 -17.48 -22.87
N SER C 192 28.18 -18.80 -22.93
CA SER C 192 27.69 -19.59 -21.79
C SER C 192 28.76 -19.72 -20.73
N ARG C 193 28.35 -20.09 -19.53
CA ARG C 193 29.29 -20.44 -18.47
C ARG C 193 30.29 -21.50 -18.93
N ALA C 194 29.78 -22.50 -19.64
CA ALA C 194 30.62 -23.59 -20.13
C ALA C 194 31.66 -23.08 -21.12
N GLN C 195 31.26 -22.16 -21.99
CA GLN C 195 32.23 -21.55 -22.90
C GLN C 195 33.33 -20.91 -22.11
N GLN C 196 32.91 -20.08 -21.15
CA GLN C 196 33.84 -19.15 -20.50
C GLN C 196 34.87 -19.93 -19.74
N ASP C 197 34.43 -21.06 -19.17
CA ASP C 197 35.30 -21.90 -18.37
C ASP C 197 36.27 -22.70 -19.24
N GLU C 198 35.80 -23.13 -20.41
CA GLU C 198 36.68 -23.78 -21.37
C GLU C 198 37.75 -22.82 -21.91
N ALA C 199 37.34 -21.59 -22.20
CA ALA C 199 38.27 -20.56 -22.66
C ALA C 199 39.29 -20.23 -21.59
N ALA C 200 38.85 -20.20 -20.34
CA ALA C 200 39.75 -19.94 -19.22
C ALA C 200 40.78 -21.07 -19.06
N LEU C 201 40.31 -22.31 -19.13
CA LEU C 201 41.19 -23.48 -19.00
C LEU C 201 42.23 -23.47 -20.12
N GLU C 202 41.78 -23.15 -21.34
CA GLU C 202 42.66 -23.11 -22.50
C GLU C 202 43.73 -22.03 -22.37
N SER C 203 43.37 -20.88 -21.82
CA SER C 203 44.32 -19.78 -21.63
C SER C 203 45.46 -20.21 -20.72
N HIS C 204 45.11 -20.89 -19.63
CA HIS C 204 46.11 -21.45 -18.74
C HIS C 204 46.99 -22.50 -19.42
N ARG C 205 46.37 -23.34 -20.25
CA ARG C 205 47.10 -24.41 -20.93
C ARG C 205 48.07 -23.81 -21.93
N ARG C 206 47.60 -22.83 -22.69
CA ARG C 206 48.46 -22.14 -23.65
C ARG C 206 49.63 -21.43 -22.95
N ALA C 207 49.35 -20.80 -21.81
CA ALA C 207 50.36 -20.01 -21.13
C ALA C 207 51.42 -20.95 -20.59
N SER C 208 50.97 -22.06 -20.02
CA SER C 208 51.86 -23.05 -19.44
C SER C 208 52.78 -23.63 -20.53
N ALA C 209 52.19 -24.05 -21.63
CA ALA C 209 52.96 -24.55 -22.77
C ALA C 209 54.01 -23.54 -23.20
N ALA C 210 53.63 -22.26 -23.26
CA ALA C 210 54.52 -21.21 -23.75
C ALA C 210 55.69 -20.98 -22.81
N ILE C 211 55.41 -21.02 -21.51
CA ILE C 211 56.46 -20.86 -20.51
C ILE C 211 57.46 -22.00 -20.61
N LYS C 212 56.95 -23.22 -20.72
CA LYS C 212 57.81 -24.41 -20.71
C LYS C 212 58.64 -24.50 -21.98
N ALA C 213 58.07 -24.10 -23.09
CA ALA C 213 58.78 -24.12 -24.37
C ALA C 213 59.74 -22.94 -24.47
N GLY C 214 59.68 -22.03 -23.50
CA GLY C 214 60.65 -20.96 -23.38
C GLY C 214 60.36 -19.78 -24.29
N TYR C 215 59.10 -19.62 -24.69
CA TYR C 215 58.70 -18.60 -25.64
C TYR C 215 58.94 -17.19 -25.08
N PHE C 216 58.83 -17.05 -23.77
CA PHE C 216 58.87 -15.73 -23.14
C PHE C 216 60.28 -15.38 -22.68
N LYS C 217 61.19 -16.33 -22.75
CA LYS C 217 62.52 -16.19 -22.16
C LYS C 217 63.17 -14.88 -22.60
N ASP C 218 63.19 -14.64 -23.90
CA ASP C 218 63.92 -13.50 -24.47
C ASP C 218 63.36 -12.15 -24.01
N GLN C 219 62.04 -12.06 -23.97
CA GLN C 219 61.37 -10.77 -23.82
C GLN C 219 61.30 -10.34 -22.36
N ILE C 220 61.50 -11.28 -21.44
CA ILE C 220 61.40 -11.00 -20.02
C ILE C 220 62.72 -10.49 -19.43
N VAL C 221 62.67 -9.35 -18.77
CA VAL C 221 63.78 -8.87 -17.94
C VAL C 221 63.58 -9.32 -16.50
N PRO C 222 64.58 -9.98 -15.92
CA PRO C 222 64.49 -10.39 -14.53
C PRO C 222 64.40 -9.20 -13.58
N VAL C 223 63.56 -9.33 -12.56
CA VAL C 223 63.63 -8.44 -11.41
C VAL C 223 64.32 -9.17 -10.25
N VAL C 224 65.50 -8.68 -9.85
CA VAL C 224 66.20 -9.25 -8.67
C VAL C 224 65.99 -8.34 -7.47
N SER C 225 65.48 -8.90 -6.38
CA SER C 225 65.52 -8.24 -5.07
C SER C 225 66.47 -8.95 -4.12
N GLY C 230 69.54 -15.28 -0.37
CA GLY C 230 70.30 -14.07 -0.70
C GLY C 230 69.47 -13.08 -1.50
N ASP C 231 69.64 -13.12 -2.82
CA ASP C 231 68.69 -12.52 -3.77
C ASP C 231 67.54 -13.47 -4.08
N VAL C 232 66.37 -12.88 -4.33
CA VAL C 232 65.33 -13.56 -5.09
C VAL C 232 65.18 -12.92 -6.49
N THR C 233 65.22 -13.75 -7.52
CA THR C 233 65.15 -13.25 -8.89
C THR C 233 63.90 -13.75 -9.57
N PHE C 234 63.05 -12.79 -9.96
CA PHE C 234 61.73 -13.13 -10.47
C PHE C 234 61.70 -12.95 -11.99
N ASP C 235 61.46 -14.04 -12.71
CA ASP C 235 61.53 -14.01 -14.16
C ASP C 235 60.51 -14.95 -14.81
N THR C 236 59.55 -15.45 -14.05
CA THR C 236 58.55 -16.36 -14.59
C THR C 236 57.13 -15.91 -14.21
N ASP C 237 56.22 -15.96 -15.16
CA ASP C 237 54.87 -15.43 -14.97
C ASP C 237 54.08 -16.30 -14.00
N GLU C 238 53.86 -15.79 -12.79
CA GLU C 238 53.55 -16.64 -11.66
C GLU C 238 52.04 -16.81 -11.45
N HIS C 239 51.24 -16.16 -12.29
CA HIS C 239 49.79 -16.28 -12.18
C HIS C 239 49.28 -17.58 -12.79
N VAL C 240 50.04 -18.15 -13.70
CA VAL C 240 49.61 -19.27 -14.48
C VAL C 240 49.42 -20.50 -13.62
N ARG C 241 48.39 -21.27 -13.90
CA ARG C 241 48.20 -22.54 -13.21
C ARG C 241 48.53 -23.71 -14.15
N HIS C 242 49.65 -24.36 -13.88
CA HIS C 242 50.20 -25.36 -14.80
C HIS C 242 49.46 -26.69 -14.71
N ASP C 243 48.64 -26.84 -13.68
CA ASP C 243 47.99 -28.12 -13.41
C ASP C 243 46.48 -27.98 -13.45
N ALA C 244 45.99 -26.93 -14.11
CA ALA C 244 44.57 -26.58 -14.05
C ALA C 244 43.72 -27.66 -14.72
N THR C 245 42.55 -27.91 -14.16
CA THR C 245 41.57 -28.79 -14.79
C THR C 245 40.24 -28.08 -14.97
N ILE C 246 39.36 -28.66 -15.77
CA ILE C 246 38.07 -28.05 -16.05
C ILE C 246 37.17 -28.02 -14.79
N ASP C 247 37.34 -28.98 -13.90
CA ASP C 247 36.53 -29.03 -12.69
C ASP C 247 36.96 -27.93 -11.72
N ASP C 248 38.21 -27.51 -11.81
CA ASP C 248 38.67 -26.33 -11.08
C ASP C 248 37.79 -25.12 -11.44
N MET C 249 37.49 -24.98 -12.72
CA MET C 249 36.65 -23.87 -13.18
C MET C 249 35.21 -24.07 -12.71
N THR C 250 34.67 -25.26 -12.96
CA THR C 250 33.21 -25.45 -12.93
C THR C 250 32.69 -25.49 -11.49
N LYS C 251 33.58 -25.70 -10.53
CA LYS C 251 33.18 -25.74 -9.13
C LYS C 251 33.07 -24.34 -8.54
N LEU C 252 33.61 -23.35 -9.25
CA LEU C 252 33.63 -21.98 -8.75
C LEU C 252 32.26 -21.33 -8.90
N ARG C 253 31.96 -20.40 -7.99
CA ARG C 253 30.68 -19.72 -7.97
C ARG C 253 30.84 -18.33 -8.57
N PRO C 254 29.78 -17.82 -9.22
CA PRO C 254 29.76 -16.46 -9.75
C PRO C 254 29.97 -15.42 -8.64
N VAL C 255 30.80 -14.42 -8.93
CA VAL C 255 31.31 -13.54 -7.89
C VAL C 255 30.68 -12.16 -8.00
N PHE C 256 30.20 -11.82 -9.20
CA PHE C 256 29.89 -10.41 -9.52
C PHE C 256 28.41 -10.08 -9.47
N VAL C 257 27.57 -11.10 -9.61
CA VAL C 257 26.13 -10.89 -9.58
C VAL C 257 25.49 -11.99 -8.75
N LYS C 258 24.40 -11.66 -8.08
CA LYS C 258 23.78 -12.61 -7.13
C LYS C 258 23.15 -13.76 -7.89
N GLU C 259 22.47 -13.42 -8.98
CA GLU C 259 21.55 -14.33 -9.64
C GLU C 259 21.97 -14.52 -11.11
N ASN C 260 21.87 -15.75 -11.61
CA ASN C 260 22.04 -16.03 -13.03
C ASN C 260 23.41 -15.58 -13.57
N GLY C 261 24.43 -15.74 -12.74
CA GLY C 261 25.80 -15.30 -13.06
C GLY C 261 26.64 -16.37 -13.74
N THR C 262 27.65 -15.95 -14.48
CA THR C 262 28.54 -16.86 -15.20
C THR C 262 30.01 -16.54 -14.90
N VAL C 263 30.28 -15.32 -14.51
CA VAL C 263 31.65 -14.83 -14.37
C VAL C 263 32.19 -15.14 -12.98
N THR C 264 33.29 -15.89 -12.93
CA THR C 264 33.88 -16.31 -11.67
C THR C 264 35.29 -15.75 -11.54
N ALA C 265 35.94 -16.03 -10.41
CA ALA C 265 37.34 -15.70 -10.22
C ALA C 265 38.23 -16.50 -11.17
N GLY C 266 37.74 -17.67 -11.60
CA GLY C 266 38.53 -18.56 -12.44
C GLY C 266 38.54 -18.17 -13.92
N ASN C 267 37.43 -17.60 -14.39
CA ASN C 267 37.35 -17.15 -15.79
C ASN C 267 37.31 -15.62 -15.92
N ALA C 268 37.79 -14.93 -14.89
CA ALA C 268 38.13 -13.52 -14.99
C ALA C 268 39.64 -13.32 -14.87
N SER C 269 40.13 -12.17 -15.33
CA SER C 269 41.56 -11.88 -15.31
C SER C 269 41.99 -11.69 -13.86
N GLY C 270 43.28 -11.88 -13.60
CA GLY C 270 43.82 -11.69 -12.27
C GLY C 270 44.08 -10.24 -11.92
N LEU C 271 44.47 -10.00 -10.68
CA LEU C 271 45.08 -8.75 -10.27
C LEU C 271 46.58 -8.92 -10.13
N ASN C 272 47.34 -7.97 -10.68
CA ASN C 272 48.70 -8.25 -11.12
C ASN C 272 49.61 -7.03 -11.13
N ASP C 273 50.92 -7.31 -11.10
CA ASP C 273 51.95 -6.27 -11.14
C ASP C 273 52.84 -6.55 -12.33
N ALA C 274 53.25 -5.50 -13.04
CA ALA C 274 54.18 -5.64 -14.15
C ALA C 274 54.56 -4.31 -14.77
N ALA C 275 55.59 -4.34 -15.60
CA ALA C 275 55.85 -3.24 -16.53
C ALA C 275 56.35 -3.77 -17.86
N ALA C 276 56.34 -2.90 -18.86
CA ALA C 276 56.92 -3.20 -20.17
C ALA C 276 57.24 -1.90 -20.92
N ALA C 277 58.08 -2.00 -21.93
CA ALA C 277 58.50 -0.83 -22.70
C ALA C 277 59.01 -1.24 -24.07
N VAL C 278 58.73 -0.40 -25.05
CA VAL C 278 59.30 -0.56 -26.37
C VAL C 278 60.02 0.70 -26.81
N VAL C 279 61.09 0.51 -27.59
CA VAL C 279 61.82 1.63 -28.15
C VAL C 279 61.46 1.73 -29.62
N MET C 280 60.95 2.89 -30.01
CA MET C 280 60.51 3.13 -31.37
C MET C 280 61.37 4.22 -31.97
N MET C 281 61.48 4.22 -33.29
CA MET C 281 62.11 5.33 -33.99
C MET C 281 61.61 5.42 -35.42
N GLU C 282 61.85 6.56 -36.06
CA GLU C 282 61.48 6.74 -37.46
C GLU C 282 62.23 5.73 -38.33
N ARG C 283 61.52 5.16 -39.29
CA ARG C 283 62.07 4.12 -40.16
C ARG C 283 63.50 4.43 -40.59
N ALA C 284 63.73 5.66 -41.03
CA ALA C 284 65.01 6.04 -41.64
C ALA C 284 66.09 6.21 -40.58
N GLU C 285 65.67 6.43 -39.33
CA GLU C 285 66.61 6.43 -38.20
C GLU C 285 67.18 5.03 -37.98
N ALA C 286 66.28 4.05 -37.97
CA ALA C 286 66.66 2.67 -37.73
C ALA C 286 67.63 2.20 -38.82
N GLU C 287 67.31 2.52 -40.06
CA GLU C 287 68.19 2.22 -41.19
C GLU C 287 69.57 2.85 -40.99
N ARG C 288 69.57 4.15 -40.71
CA ARG C 288 70.80 4.86 -40.41
C ARG C 288 71.64 4.11 -39.38
N ARG C 289 70.99 3.60 -38.35
CA ARG C 289 71.69 2.98 -37.24
C ARG C 289 72.01 1.53 -37.56
N GLY C 290 71.49 1.04 -38.68
CA GLY C 290 71.62 -0.36 -39.05
C GLY C 290 70.91 -1.31 -38.10
N LEU C 291 69.78 -0.86 -37.55
CA LEU C 291 68.98 -1.72 -36.65
C LEU C 291 67.89 -2.42 -37.43
N LYS C 292 67.76 -3.71 -37.17
CA LYS C 292 66.65 -4.46 -37.64
C LYS C 292 65.45 -4.30 -36.73
N PRO C 293 64.37 -3.71 -37.24
CA PRO C 293 63.16 -3.57 -36.42
C PRO C 293 62.50 -4.90 -36.13
N LEU C 294 61.74 -4.96 -35.04
CA LEU C 294 60.82 -6.07 -34.84
C LEU C 294 59.65 -5.96 -35.81
N ALA C 295 59.17 -4.73 -36.02
CA ALA C 295 57.96 -4.50 -36.80
C ALA C 295 57.81 -3.02 -37.05
N ARG C 296 56.92 -2.67 -37.96
CA ARG C 296 56.48 -1.30 -38.10
C ARG C 296 55.03 -1.16 -37.64
N LEU C 297 54.70 0.02 -37.16
CA LEU C 297 53.32 0.38 -36.88
C LEU C 297 52.59 0.68 -38.18
N VAL C 298 51.49 -0.02 -38.42
CA VAL C 298 50.69 0.16 -39.61
C VAL C 298 49.57 1.15 -39.35
N SER C 299 48.78 0.91 -38.30
CA SER C 299 47.62 1.73 -37.99
C SER C 299 47.23 1.57 -36.52
N TYR C 300 46.35 2.44 -36.06
CA TYR C 300 45.69 2.25 -34.77
C TYR C 300 44.27 2.76 -34.84
N GLY C 301 43.47 2.38 -33.85
CA GLY C 301 42.07 2.78 -33.78
C GLY C 301 41.58 2.89 -32.36
N HIS C 302 40.76 3.90 -32.10
CA HIS C 302 40.10 4.07 -30.81
C HIS C 302 38.58 4.02 -31.02
N ALA C 303 37.86 3.47 -30.06
CA ALA C 303 36.40 3.54 -30.05
C ALA C 303 35.85 3.81 -28.65
N GLY C 304 34.70 4.48 -28.58
CA GLY C 304 33.86 4.44 -27.40
C GLY C 304 32.66 3.50 -27.56
N VAL C 305 32.24 2.91 -26.45
CA VAL C 305 31.03 2.08 -26.44
C VAL C 305 30.23 2.35 -25.17
N ASP C 306 29.07 1.73 -25.07
CA ASP C 306 28.33 1.72 -23.82
C ASP C 306 29.23 1.28 -22.65
N PRO C 307 29.25 2.07 -21.57
CA PRO C 307 29.98 1.68 -20.37
C PRO C 307 29.59 0.31 -19.84
N LYS C 308 28.30 -0.03 -19.96
CA LYS C 308 27.78 -1.28 -19.40
C LYS C 308 28.25 -2.48 -20.21
N ALA C 309 28.71 -2.24 -21.45
CA ALA C 309 29.19 -3.30 -22.32
C ALA C 309 30.64 -3.06 -22.73
N MET C 310 31.44 -2.52 -21.83
CA MET C 310 32.80 -2.12 -22.16
C MET C 310 33.62 -3.20 -22.80
N GLY C 311 33.30 -4.43 -22.47
CA GLY C 311 34.11 -5.56 -22.91
C GLY C 311 34.23 -5.76 -24.41
N ILE C 312 33.28 -5.22 -25.18
CA ILE C 312 33.32 -5.37 -26.64
C ILE C 312 33.93 -4.16 -27.33
N GLY C 313 34.56 -3.30 -26.54
CA GLY C 313 35.27 -2.13 -27.08
C GLY C 313 36.23 -2.46 -28.21
N PRO C 314 36.88 -3.64 -28.13
CA PRO C 314 37.86 -4.02 -29.14
C PRO C 314 37.24 -4.16 -30.54
N VAL C 315 35.95 -4.46 -30.60
CA VAL C 315 35.33 -4.75 -31.88
C VAL C 315 35.34 -3.53 -32.81
N PRO C 316 34.80 -2.39 -32.35
CA PRO C 316 34.86 -1.20 -33.20
C PRO C 316 36.26 -0.62 -33.38
N ALA C 317 37.08 -0.71 -32.34
CA ALA C 317 38.45 -0.20 -32.42
C ALA C 317 39.23 -0.97 -33.47
N THR C 318 39.07 -2.28 -33.47
CA THR C 318 39.81 -3.14 -34.38
C THR C 318 39.36 -2.92 -35.82
N LYS C 319 38.07 -2.68 -36.00
CA LYS C 319 37.51 -2.40 -37.32
C LYS C 319 38.04 -1.09 -37.88
N ILE C 320 38.20 -0.10 -37.01
CA ILE C 320 38.81 1.16 -37.42
C ILE C 320 40.26 0.97 -37.85
N ALA C 321 41.02 0.23 -37.04
CA ALA C 321 42.43 -0.03 -37.35
C ALA C 321 42.58 -0.81 -38.66
N LEU C 322 41.72 -1.81 -38.86
CA LEU C 322 41.77 -2.61 -40.08
C LEU C 322 41.47 -1.75 -41.29
N GLU C 323 40.40 -0.96 -41.20
CA GLU C 323 40.02 -0.01 -42.25
C GLU C 323 41.18 0.91 -42.62
N ARG C 324 41.77 1.53 -41.59
CA ARG C 324 42.85 2.48 -41.82
C ARG C 324 44.09 1.80 -42.44
N ALA C 325 44.23 0.51 -42.21
CA ALA C 325 45.39 -0.23 -42.70
C ALA C 325 45.11 -0.80 -44.09
N GLY C 326 43.86 -0.72 -44.52
CA GLY C 326 43.40 -1.44 -45.70
C GLY C 326 43.51 -2.95 -45.57
N LEU C 327 43.22 -3.48 -44.40
CA LEU C 327 43.38 -4.90 -44.15
C LEU C 327 42.04 -5.52 -43.76
N GLN C 328 42.03 -6.85 -43.68
CA GLN C 328 40.87 -7.57 -43.16
C GLN C 328 41.33 -8.59 -42.13
N VAL C 329 40.38 -9.13 -41.38
CA VAL C 329 40.67 -10.11 -40.35
C VAL C 329 41.60 -11.23 -40.80
N SER C 330 41.39 -11.72 -42.02
CA SER C 330 42.12 -12.90 -42.50
C SER C 330 43.60 -12.59 -42.68
N ASP C 331 43.93 -11.30 -42.77
CA ASP C 331 45.33 -10.89 -42.94
C ASP C 331 46.15 -11.09 -41.66
N LEU C 332 45.47 -11.23 -40.52
CA LEU C 332 46.13 -11.22 -39.23
C LEU C 332 46.70 -12.60 -38.89
N ASP C 333 47.98 -12.64 -38.56
CA ASP C 333 48.65 -13.90 -38.21
C ASP C 333 48.69 -14.11 -36.70
N VAL C 334 48.84 -13.02 -35.96
CA VAL C 334 48.88 -13.09 -34.50
C VAL C 334 48.00 -12.01 -33.89
N ILE C 335 47.21 -12.40 -32.90
CA ILE C 335 46.28 -11.47 -32.25
C ILE C 335 46.45 -11.54 -30.75
N GLU C 336 46.83 -10.41 -30.15
CA GLU C 336 46.78 -10.24 -28.70
C GLU C 336 45.56 -9.39 -28.34
N ALA C 337 44.51 -10.04 -27.85
CA ALA C 337 43.28 -9.38 -27.46
C ALA C 337 42.99 -9.64 -25.99
N ASN C 338 43.25 -8.67 -25.13
CA ASN C 338 43.41 -8.96 -23.71
C ASN C 338 42.16 -9.68 -23.20
N GLU C 339 42.38 -10.81 -22.53
CA GLU C 339 41.33 -11.47 -21.76
C GLU C 339 41.11 -10.77 -20.42
N ALA C 340 40.27 -9.76 -20.41
CA ALA C 340 39.84 -9.17 -19.15
C ALA C 340 38.88 -10.13 -18.46
N PHE C 341 37.92 -10.65 -19.22
CA PHE C 341 37.08 -11.76 -18.80
C PHE C 341 36.83 -12.65 -20.00
N ALA C 342 36.80 -13.97 -19.77
CA ALA C 342 36.47 -14.91 -20.83
C ALA C 342 35.15 -14.52 -21.49
N ALA C 343 34.24 -13.95 -20.70
CA ALA C 343 32.94 -13.54 -21.19
C ALA C 343 33.06 -12.57 -22.37
N GLN C 344 33.85 -11.51 -22.20
CA GLN C 344 33.99 -10.50 -23.26
C GLN C 344 35.01 -10.93 -24.31
N ALA C 345 36.01 -11.70 -23.90
CA ALA C 345 37.03 -12.17 -24.84
C ALA C 345 36.42 -13.10 -25.88
N CYS C 346 35.52 -13.98 -25.44
CA CYS C 346 34.82 -14.88 -26.34
C CYS C 346 33.87 -14.10 -27.24
N ALA C 347 33.28 -13.04 -26.70
CA ALA C 347 32.37 -12.21 -27.46
C ALA C 347 33.12 -11.45 -28.56
N VAL C 348 34.31 -10.97 -28.23
CA VAL C 348 35.12 -10.19 -29.18
C VAL C 348 35.51 -11.02 -30.38
N THR C 349 35.98 -12.25 -30.13
CA THR C 349 36.46 -13.11 -31.21
C THR C 349 35.31 -13.59 -32.08
N LYS C 350 34.16 -13.87 -31.43
CA LYS C 350 32.94 -14.21 -32.15
C LYS C 350 32.47 -13.06 -33.05
N ALA C 351 32.39 -11.85 -32.49
CA ALA C 351 31.83 -10.71 -33.19
C ALA C 351 32.72 -10.28 -34.39
N LEU C 352 34.04 -10.39 -34.21
CA LEU C 352 34.98 -10.04 -35.27
C LEU C 352 35.19 -11.21 -36.23
N GLY C 353 34.73 -12.39 -35.83
CA GLY C 353 34.97 -13.60 -36.61
C GLY C 353 36.45 -13.95 -36.65
N LEU C 354 37.11 -13.86 -35.50
CA LEU C 354 38.50 -14.26 -35.38
C LEU C 354 38.59 -15.77 -35.21
N ASP C 355 39.74 -16.32 -35.61
CA ASP C 355 40.02 -17.74 -35.40
C ASP C 355 40.70 -17.94 -34.05
N PRO C 356 40.05 -18.69 -33.15
CA PRO C 356 40.49 -18.77 -31.76
C PRO C 356 41.90 -19.30 -31.62
N ALA C 357 42.38 -20.00 -32.64
CA ALA C 357 43.72 -20.56 -32.60
C ALA C 357 44.78 -19.46 -32.70
N LYS C 358 44.40 -18.33 -33.31
CA LYS C 358 45.35 -17.24 -33.56
C LYS C 358 45.23 -16.15 -32.50
N VAL C 359 44.18 -16.21 -31.70
CA VAL C 359 43.93 -15.23 -30.67
C VAL C 359 44.53 -15.68 -29.33
N ASN C 360 45.45 -14.88 -28.80
CA ASN C 360 46.10 -15.19 -27.53
C ASN C 360 46.69 -16.60 -27.49
N PRO C 361 47.51 -16.92 -28.49
CA PRO C 361 48.04 -18.28 -28.67
C PRO C 361 48.89 -18.74 -27.49
N ASN C 362 49.36 -17.79 -26.68
CA ASN C 362 50.21 -18.12 -25.54
C ASN C 362 49.61 -17.62 -24.24
N GLY C 363 48.28 -17.56 -24.18
CA GLY C 363 47.59 -17.12 -22.97
C GLY C 363 47.41 -15.61 -22.92
N SER C 364 46.71 -15.13 -21.89
CA SER C 364 46.43 -13.71 -21.75
C SER C 364 46.00 -13.41 -20.32
N GLY C 365 45.12 -12.43 -20.15
CA GLY C 365 44.86 -11.85 -18.83
C GLY C 365 44.39 -12.85 -17.80
N ILE C 366 43.64 -13.86 -18.22
CA ILE C 366 43.08 -14.84 -17.32
C ILE C 366 44.19 -15.72 -16.71
N SER C 367 45.20 -16.01 -17.52
CA SER C 367 46.25 -16.95 -17.13
C SER C 367 47.51 -16.21 -16.71
N LEU C 368 47.97 -15.30 -17.56
CA LEU C 368 49.19 -14.55 -17.29
C LEU C 368 48.94 -13.41 -16.32
N GLY C 369 47.75 -12.81 -16.40
CA GLY C 369 47.40 -11.71 -15.52
C GLY C 369 47.04 -10.43 -16.27
N HIS C 370 46.56 -9.44 -15.52
CA HIS C 370 46.10 -8.20 -16.11
C HIS C 370 46.52 -7.01 -15.24
N PRO C 371 47.80 -6.64 -15.31
CA PRO C 371 48.30 -5.45 -14.64
C PRO C 371 47.93 -4.16 -15.37
N ILE C 372 46.85 -3.53 -14.91
CA ILE C 372 45.97 -2.74 -15.76
C ILE C 372 46.74 -1.84 -16.72
N GLY C 373 47.49 -0.88 -16.18
CA GLY C 373 48.12 0.15 -17.00
C GLY C 373 49.29 -0.33 -17.83
N ALA C 374 49.87 -1.47 -17.43
CA ALA C 374 51.01 -2.04 -18.14
C ALA C 374 50.54 -2.98 -19.26
N THR C 375 49.32 -3.48 -19.14
CA THR C 375 48.89 -4.63 -19.93
C THR C 375 49.05 -4.36 -21.43
N GLY C 376 48.69 -3.15 -21.86
CA GLY C 376 48.65 -2.85 -23.29
C GLY C 376 50.05 -2.79 -23.87
N ALA C 377 51.02 -2.47 -23.02
CA ALA C 377 52.41 -2.39 -23.47
C ALA C 377 53.00 -3.78 -23.47
N LEU C 378 52.59 -4.61 -22.51
CA LEU C 378 53.19 -5.92 -22.36
C LEU C 378 52.64 -6.94 -23.34
N ILE C 379 51.38 -6.80 -23.73
CA ILE C 379 50.84 -7.65 -24.79
C ILE C 379 51.26 -7.19 -26.19
N THR C 380 51.69 -5.94 -26.31
CA THR C 380 52.35 -5.51 -27.55
C THR C 380 53.71 -6.17 -27.66
N VAL C 381 54.42 -6.25 -26.54
CA VAL C 381 55.70 -6.94 -26.48
C VAL C 381 55.51 -8.40 -26.86
N LYS C 382 54.48 -9.04 -26.29
CA LYS C 382 54.21 -10.45 -26.58
C LYS C 382 53.92 -10.64 -28.06
N ALA C 383 53.11 -9.73 -28.61
CA ALA C 383 52.61 -9.88 -29.97
C ALA C 383 53.76 -9.81 -30.96
N LEU C 384 54.68 -8.88 -30.73
CA LEU C 384 55.76 -8.65 -31.67
C LEU C 384 56.80 -9.77 -31.65
N HIS C 385 57.04 -10.33 -30.46
CA HIS C 385 58.01 -11.43 -30.32
C HIS C 385 57.41 -12.70 -30.89
N GLU C 386 56.11 -12.89 -30.68
CA GLU C 386 55.40 -14.01 -31.28
C GLU C 386 55.33 -13.89 -32.79
N LEU C 387 55.13 -12.68 -33.30
CA LEU C 387 55.08 -12.43 -34.74
C LEU C 387 56.40 -12.83 -35.39
N ASN C 388 57.51 -12.45 -34.75
CA ASN C 388 58.83 -12.84 -35.22
C ASN C 388 59.07 -14.35 -35.11
N ARG C 389 58.59 -14.95 -34.03
CA ARG C 389 58.80 -16.38 -33.80
C ARG C 389 58.19 -17.22 -34.91
N VAL C 390 56.98 -16.85 -35.33
CA VAL C 390 56.25 -17.63 -36.33
C VAL C 390 56.44 -17.05 -37.74
N GLN C 391 57.27 -16.01 -37.84
CA GLN C 391 57.57 -15.39 -39.12
C GLN C 391 56.29 -14.94 -39.82
N GLY C 392 55.33 -14.45 -39.04
CA GLY C 392 54.09 -13.92 -39.60
C GLY C 392 54.29 -12.55 -40.20
N ARG C 393 53.22 -11.99 -40.76
CA ARG C 393 53.27 -10.65 -41.33
C ARG C 393 52.61 -9.60 -40.43
N TYR C 394 51.36 -9.84 -40.06
CA TYR C 394 50.57 -8.80 -39.37
C TYR C 394 50.20 -9.22 -37.95
N ALA C 395 50.34 -8.30 -37.02
CA ALA C 395 49.87 -8.51 -35.64
C ALA C 395 48.83 -7.48 -35.26
N LEU C 396 47.77 -7.93 -34.59
CA LEU C 396 46.81 -7.04 -33.94
C LEU C 396 46.98 -7.08 -32.43
N VAL C 397 47.07 -5.91 -31.82
CA VAL C 397 46.95 -5.77 -30.38
C VAL C 397 45.71 -4.94 -30.07
N THR C 398 44.87 -5.45 -29.16
CA THR C 398 43.65 -4.75 -28.82
C THR C 398 43.12 -5.18 -27.45
N MET C 399 42.39 -4.28 -26.80
CA MET C 399 41.87 -4.55 -25.47
C MET C 399 40.68 -3.65 -25.18
N CYS C 400 39.81 -4.13 -24.31
CA CYS C 400 38.70 -3.35 -23.82
C CYS C 400 39.15 -2.44 -22.70
N ILE C 401 38.39 -1.37 -22.49
CA ILE C 401 38.77 -0.32 -21.55
C ILE C 401 37.58 0.01 -20.66
N GLY C 402 37.83 0.03 -19.35
CA GLY C 402 36.82 0.43 -18.39
C GLY C 402 36.21 1.79 -18.69
N GLY C 403 34.90 1.87 -18.54
CA GLY C 403 34.16 3.10 -18.82
C GLY C 403 33.60 3.13 -20.24
N GLY C 404 33.96 2.11 -21.01
CA GLY C 404 33.37 1.89 -22.32
C GLY C 404 34.23 2.40 -23.45
N GLN C 405 35.42 1.82 -23.61
CA GLN C 405 36.26 2.11 -24.76
C GLN C 405 36.96 0.89 -25.29
N GLY C 406 37.54 1.05 -26.48
CA GLY C 406 38.47 0.07 -27.03
C GLY C 406 39.63 0.74 -27.73
N ILE C 407 40.75 0.04 -27.78
CA ILE C 407 41.93 0.52 -28.47
C ILE C 407 42.63 -0.64 -29.18
N ALA C 408 43.11 -0.36 -30.38
CA ALA C 408 43.67 -1.40 -31.23
C ALA C 408 44.80 -0.80 -32.05
N ALA C 409 45.84 -1.60 -32.26
CA ALA C 409 46.92 -1.21 -33.17
C ALA C 409 47.34 -2.41 -34.00
N ILE C 410 47.81 -2.13 -35.21
CA ILE C 410 48.27 -3.19 -36.09
C ILE C 410 49.72 -2.97 -36.50
N PHE C 411 50.51 -4.05 -36.42
CA PHE C 411 51.94 -3.98 -36.70
C PHE C 411 52.27 -4.94 -37.84
N GLU C 412 53.32 -4.60 -38.60
CA GLU C 412 53.78 -5.46 -39.69
C GLU C 412 55.27 -5.77 -39.53
N ARG C 413 55.62 -7.03 -39.73
CA ARG C 413 57.00 -7.45 -39.51
C ARG C 413 57.97 -7.06 -40.61
N ILE C 414 58.92 -6.26 -40.14
CA ILE C 414 60.18 -6.00 -40.85
C ILE C 414 59.98 -4.87 -41.82
N THR D 22 47.35 18.57 -46.21
CA THR D 22 47.96 19.33 -45.08
C THR D 22 46.89 19.86 -44.10
N ARG D 23 46.62 19.10 -43.05
CA ARG D 23 45.51 19.41 -42.16
C ARG D 23 45.92 20.46 -41.12
N GLU D 24 44.94 21.26 -40.69
CA GLU D 24 45.20 22.36 -39.78
C GLU D 24 44.19 22.31 -38.62
N VAL D 25 44.67 22.59 -37.41
CA VAL D 25 43.80 22.59 -36.24
C VAL D 25 43.39 24.01 -35.89
N VAL D 26 42.09 24.21 -35.72
CA VAL D 26 41.59 25.49 -35.29
C VAL D 26 40.82 25.33 -33.97
N VAL D 27 40.96 26.31 -33.09
CA VAL D 27 40.16 26.42 -31.88
C VAL D 27 38.89 27.24 -32.08
N VAL D 28 37.74 26.65 -31.79
CA VAL D 28 36.45 27.26 -32.09
C VAL D 28 35.78 27.81 -30.85
N SER D 29 36.15 27.31 -29.68
CA SER D 29 35.69 27.90 -28.42
C SER D 29 36.64 27.58 -27.30
N GLY D 30 36.64 28.43 -26.28
CA GLY D 30 37.45 28.21 -25.08
C GLY D 30 36.84 28.83 -23.84
N VAL D 31 36.69 28.02 -22.81
CA VAL D 31 36.02 28.47 -21.61
C VAL D 31 36.74 27.92 -20.39
N ARG D 32 36.62 28.63 -19.27
CA ARG D 32 37.16 28.16 -18.01
C ARG D 32 36.22 28.50 -16.87
N THR D 33 36.39 27.82 -15.74
CA THR D 33 35.83 28.29 -14.49
C THR D 33 36.65 29.45 -13.99
N ALA D 34 36.07 30.23 -13.10
CA ALA D 34 36.85 31.10 -12.21
C ALA D 34 37.73 30.21 -11.35
N ILE D 35 38.87 30.75 -10.94
CA ILE D 35 39.87 29.97 -10.22
C ILE D 35 39.63 30.12 -8.72
N GLY D 36 39.22 29.03 -8.09
CA GLY D 36 38.98 29.02 -6.66
C GLY D 36 40.26 28.89 -5.87
N THR D 37 40.26 29.43 -4.65
CA THR D 37 41.39 29.29 -3.74
C THR D 37 41.27 28.00 -2.92
N PHE D 38 42.43 27.46 -2.55
CA PHE D 38 42.50 26.26 -1.73
C PHE D 38 41.66 26.39 -0.48
N GLY D 39 40.73 25.45 -0.29
CA GLY D 39 39.76 25.53 0.79
C GLY D 39 38.68 26.58 0.57
N GLY D 40 38.54 27.04 -0.68
CA GLY D 40 37.70 28.18 -0.98
C GLY D 40 36.42 27.77 -1.71
N SER D 41 36.04 28.56 -2.72
CA SER D 41 34.67 28.56 -3.21
C SER D 41 34.33 27.27 -3.93
N LEU D 42 35.36 26.54 -4.37
CA LEU D 42 35.15 25.33 -5.16
C LEU D 42 35.52 24.09 -4.38
N LYS D 43 35.63 24.24 -3.07
CA LYS D 43 36.09 23.16 -2.21
C LYS D 43 35.21 21.93 -2.33
N ASP D 44 33.93 22.15 -2.61
CA ASP D 44 32.95 21.08 -2.58
C ASP D 44 32.55 20.61 -3.98
N VAL D 45 33.33 20.98 -4.98
CA VAL D 45 33.05 20.56 -6.36
C VAL D 45 34.17 19.71 -6.95
N ALA D 46 33.86 18.45 -7.26
CA ALA D 46 34.88 17.49 -7.66
C ALA D 46 35.36 17.79 -9.08
N PRO D 47 36.59 17.39 -9.40
CA PRO D 47 37.17 17.60 -10.73
C PRO D 47 36.27 17.13 -11.86
N ALA D 48 35.62 15.98 -11.66
CA ALA D 48 34.71 15.41 -12.64
C ALA D 48 33.58 16.39 -13.00
N GLU D 49 33.07 17.08 -11.99
CA GLU D 49 31.97 18.01 -12.20
C GLU D 49 32.46 19.33 -12.77
N LEU D 50 33.65 19.75 -12.35
CA LEU D 50 34.28 20.95 -12.93
C LEU D 50 34.58 20.71 -14.42
N GLY D 51 34.94 19.48 -14.76
CA GLY D 51 35.31 19.15 -16.13
C GLY D 51 34.11 19.01 -17.02
N ALA D 52 33.03 18.42 -16.49
CA ALA D 52 31.80 18.28 -17.23
C ALA D 52 31.18 19.65 -17.53
N LEU D 53 31.27 20.55 -16.55
CA LEU D 53 30.77 21.91 -16.73
C LEU D 53 31.42 22.63 -17.91
N VAL D 54 32.76 22.67 -17.94
CA VAL D 54 33.47 23.40 -18.99
C VAL D 54 33.35 22.71 -20.34
N VAL D 55 33.20 21.38 -20.34
CA VAL D 55 32.95 20.67 -21.58
C VAL D 55 31.60 21.07 -22.16
N ARG D 56 30.56 21.04 -21.33
CA ARG D 56 29.21 21.36 -21.78
C ARG D 56 29.15 22.79 -22.32
N GLU D 57 29.75 23.71 -21.57
CA GLU D 57 29.67 25.12 -21.92
C GLU D 57 30.54 25.45 -23.13
N ALA D 58 31.67 24.78 -23.25
CA ALA D 58 32.55 24.98 -24.42
C ALA D 58 31.86 24.53 -25.70
N LEU D 59 31.15 23.40 -25.61
CA LEU D 59 30.42 22.89 -26.76
C LEU D 59 29.28 23.83 -27.15
N ALA D 60 28.56 24.33 -26.16
CA ALA D 60 27.48 25.28 -26.39
C ALA D 60 28.01 26.55 -27.05
N ARG D 61 29.10 27.08 -26.53
CA ARG D 61 29.73 28.28 -27.09
C ARG D 61 30.17 28.06 -28.52
N ALA D 62 30.61 26.85 -28.82
CA ALA D 62 31.10 26.52 -30.16
C ALA D 62 29.93 26.24 -31.11
N GLN D 63 28.73 26.10 -30.54
CA GLN D 63 27.58 25.61 -31.29
C GLN D 63 27.88 24.25 -31.91
N VAL D 64 28.47 23.37 -31.12
CA VAL D 64 28.77 22.02 -31.59
C VAL D 64 28.06 21.00 -30.70
N SER D 65 27.45 20.00 -31.33
CA SER D 65 26.79 18.93 -30.59
C SER D 65 27.84 17.98 -30.01
N GLY D 66 27.57 17.50 -28.80
CA GLY D 66 28.42 16.47 -28.17
C GLY D 66 28.43 15.18 -28.97
N ASP D 67 27.44 15.01 -29.84
CA ASP D 67 27.38 13.83 -30.70
C ASP D 67 28.43 13.87 -31.81
N ASP D 68 29.00 15.04 -32.05
CA ASP D 68 29.95 15.23 -33.15
C ASP D 68 31.41 15.27 -32.70
N VAL D 69 31.64 15.09 -31.40
CA VAL D 69 33.00 15.11 -30.87
C VAL D 69 33.66 13.74 -31.03
N GLY D 70 34.86 13.74 -31.63
CA GLY D 70 35.51 12.48 -31.95
C GLY D 70 36.56 12.05 -30.93
N HIS D 71 37.03 13.00 -30.14
CA HIS D 71 38.05 12.69 -29.13
C HIS D 71 38.07 13.71 -28.03
N VAL D 72 38.30 13.25 -26.80
CA VAL D 72 38.42 14.11 -25.65
C VAL D 72 39.68 13.72 -24.89
N VAL D 73 40.50 14.73 -24.57
CA VAL D 73 41.65 14.57 -23.70
C VAL D 73 41.61 15.58 -22.57
N PHE D 74 41.74 15.09 -21.33
CA PHE D 74 41.81 15.97 -20.18
C PHE D 74 43.16 15.83 -19.47
N GLY D 75 43.62 16.95 -18.91
CA GLY D 75 44.77 16.97 -18.02
C GLY D 75 44.36 16.93 -16.56
N ASN D 76 45.10 16.16 -15.77
CA ASN D 76 44.90 16.11 -14.32
C ASN D 76 46.10 15.42 -13.65
N VAL D 77 46.49 15.93 -12.49
CA VAL D 77 47.66 15.41 -11.80
C VAL D 77 47.25 14.65 -10.54
N ILE D 78 46.34 15.22 -9.75
CA ILE D 78 45.98 14.63 -8.46
C ILE D 78 44.64 13.89 -8.54
N GLN D 79 44.69 12.57 -8.41
CA GLN D 79 43.48 11.77 -8.26
C GLN D 79 42.85 11.95 -6.89
N THR D 80 41.64 12.52 -6.85
CA THR D 80 40.97 12.83 -5.59
C THR D 80 40.00 11.73 -5.20
N GLU D 81 39.53 10.99 -6.20
CA GLU D 81 38.61 9.87 -5.98
C GLU D 81 38.77 8.89 -7.14
N PRO D 82 38.12 7.72 -7.05
CA PRO D 82 38.20 6.70 -8.10
C PRO D 82 37.75 7.16 -9.48
N ARG D 83 36.75 8.04 -9.52
CA ARG D 83 36.30 8.59 -10.80
C ARG D 83 37.41 9.34 -11.54
N ASP D 84 38.35 9.89 -10.79
CA ASP D 84 39.39 10.70 -11.41
C ASP D 84 40.31 9.88 -12.29
N MET D 85 40.27 8.55 -12.10
CA MET D 85 41.03 7.65 -12.96
C MET D 85 40.36 7.55 -14.32
N TYR D 86 39.15 8.12 -14.41
CA TYR D 86 38.34 8.08 -15.62
C TYR D 86 38.06 9.50 -16.12
N LEU D 87 38.82 10.48 -15.64
CA LEU D 87 38.36 11.87 -15.61
C LEU D 87 37.93 12.33 -17.00
N GLY D 88 38.81 12.13 -17.98
CA GLY D 88 38.51 12.48 -19.36
C GLY D 88 37.19 11.93 -19.84
N ARG D 89 36.96 10.64 -19.57
CA ARG D 89 35.70 9.99 -19.93
C ARG D 89 34.51 10.57 -19.18
N VAL D 90 34.68 10.84 -17.89
CA VAL D 90 33.56 11.32 -17.08
C VAL D 90 33.20 12.75 -17.44
N ALA D 91 34.20 13.58 -17.66
CA ALA D 91 33.99 14.97 -18.02
C ALA D 91 33.34 15.04 -19.39
N ALA D 92 33.76 14.12 -20.27
CA ALA D 92 33.22 14.06 -21.62
C ALA D 92 31.73 13.70 -21.60
N VAL D 93 31.45 12.53 -21.05
CA VAL D 93 30.10 11.95 -21.11
C VAL D 93 29.10 12.76 -20.29
N ASN D 94 29.52 13.24 -19.12
CA ASN D 94 28.63 14.04 -18.27
C ASN D 94 28.49 15.46 -18.78
N GLY D 95 29.43 15.88 -19.64
CA GLY D 95 29.32 17.15 -20.32
C GLY D 95 28.55 17.06 -21.62
N GLY D 96 28.09 15.87 -21.97
CA GLY D 96 27.17 15.68 -23.09
C GLY D 96 27.84 15.16 -24.34
N VAL D 97 29.12 14.83 -24.23
CA VAL D 97 29.82 14.14 -25.33
C VAL D 97 29.32 12.71 -25.45
N THR D 98 29.19 12.23 -26.69
CA THR D 98 28.63 10.92 -26.97
C THR D 98 29.52 9.83 -26.38
N ILE D 99 28.90 8.75 -25.94
CA ILE D 99 29.64 7.61 -25.40
C ILE D 99 30.51 6.96 -26.47
N ASN D 100 30.28 7.32 -27.72
CA ASN D 100 31.03 6.76 -28.84
C ASN D 100 32.38 7.43 -29.04
N ALA D 101 32.61 8.55 -28.35
CA ALA D 101 33.90 9.22 -28.39
C ALA D 101 34.92 8.61 -27.43
N PRO D 102 36.14 8.36 -27.93
CA PRO D 102 37.28 8.05 -27.04
C PRO D 102 37.65 9.20 -26.12
N ALA D 103 38.12 8.87 -24.91
CA ALA D 103 38.41 9.87 -23.89
C ALA D 103 39.67 9.50 -23.10
N LEU D 104 40.61 10.44 -23.01
CA LEU D 104 41.93 10.20 -22.41
C LEU D 104 42.16 11.14 -21.24
N THR D 105 42.94 10.69 -20.26
CA THR D 105 43.46 11.56 -19.23
C THR D 105 44.98 11.57 -19.29
N VAL D 106 45.57 12.75 -19.24
CA VAL D 106 47.00 12.87 -19.36
C VAL D 106 47.60 13.59 -18.16
N ASN D 107 48.88 13.32 -17.91
CA ASN D 107 49.57 13.90 -16.78
C ASN D 107 50.99 14.27 -17.19
N ARG D 108 51.19 15.55 -17.48
CA ARG D 108 52.53 16.13 -17.55
C ARG D 108 52.63 17.21 -16.50
N LEU D 109 52.15 16.87 -15.29
CA LEU D 109 52.18 17.76 -14.14
C LEU D 109 51.66 19.14 -14.50
N CYS D 110 52.41 20.18 -14.14
CA CYS D 110 51.97 21.55 -14.35
C CYS D 110 51.59 21.84 -15.82
N GLY D 111 52.10 21.01 -16.73
CA GLY D 111 51.85 21.21 -18.16
C GLY D 111 50.62 20.47 -18.69
N SER D 112 49.91 19.75 -17.81
CA SER D 112 48.99 18.70 -18.24
C SER D 112 47.90 19.31 -19.09
N GLY D 113 47.45 20.50 -18.71
CA GLY D 113 46.34 21.15 -19.37
C GLY D 113 46.65 21.53 -20.83
N LEU D 114 47.85 22.03 -21.08
CA LEU D 114 48.28 22.31 -22.44
C LEU D 114 48.64 21.03 -23.19
N GLN D 115 49.18 20.04 -22.50
CA GLN D 115 49.38 18.74 -23.11
C GLN D 115 48.08 18.14 -23.63
N ALA D 116 47.01 18.26 -22.85
CA ALA D 116 45.72 17.73 -23.28
C ALA D 116 45.28 18.35 -24.61
N ILE D 117 45.54 19.64 -24.75
CA ILE D 117 45.15 20.38 -25.94
C ILE D 117 46.04 19.99 -27.11
N VAL D 118 47.31 19.70 -26.83
CA VAL D 118 48.24 19.21 -27.84
C VAL D 118 47.93 17.79 -28.29
N SER D 119 47.63 16.92 -27.32
CA SER D 119 47.26 15.54 -27.67
C SER D 119 45.97 15.50 -28.49
N ALA D 120 45.01 16.36 -28.14
CA ALA D 120 43.72 16.39 -28.84
C ALA D 120 43.90 16.92 -30.25
N ALA D 121 44.74 17.93 -30.39
CA ALA D 121 45.08 18.48 -31.69
C ALA D 121 45.76 17.45 -32.58
N GLN D 122 46.61 16.62 -31.96
CA GLN D 122 47.33 15.60 -32.69
C GLN D 122 46.39 14.59 -33.34
N THR D 123 45.30 14.26 -32.66
CA THR D 123 44.33 13.33 -33.22
C THR D 123 43.67 13.92 -34.46
N ILE D 124 43.54 15.24 -34.48
CA ILE D 124 42.97 15.92 -35.64
C ILE D 124 43.99 16.01 -36.76
N LEU D 125 45.23 16.35 -36.41
CA LEU D 125 46.28 16.51 -37.39
C LEU D 125 46.55 15.22 -38.16
N LEU D 126 46.40 14.08 -37.46
CA LEU D 126 46.76 12.80 -38.05
C LEU D 126 45.52 12.14 -38.66
N GLY D 127 44.38 12.82 -38.58
CA GLY D 127 43.21 12.45 -39.36
C GLY D 127 42.35 11.43 -38.63
N ASP D 128 42.63 11.24 -37.35
CA ASP D 128 41.87 10.31 -36.54
C ASP D 128 40.45 10.83 -36.35
N THR D 129 40.31 12.15 -36.34
CA THR D 129 39.00 12.78 -36.20
C THR D 129 39.06 14.22 -36.67
N ASP D 130 37.91 14.86 -36.79
CA ASP D 130 37.84 16.24 -37.24
C ASP D 130 37.51 17.18 -36.10
N VAL D 131 36.99 16.63 -35.01
CA VAL D 131 36.51 17.42 -33.89
C VAL D 131 37.03 16.81 -32.59
N ALA D 132 37.66 17.61 -31.75
CA ALA D 132 38.16 17.11 -30.48
C ALA D 132 38.12 18.18 -29.39
N ILE D 133 38.12 17.72 -28.16
CA ILE D 133 38.16 18.61 -26.98
C ILE D 133 39.43 18.38 -26.16
N GLY D 134 40.17 19.44 -25.93
CA GLY D 134 41.22 19.44 -24.91
C GLY D 134 40.82 20.26 -23.70
N GLY D 135 41.06 19.72 -22.52
CA GLY D 135 40.89 20.50 -21.30
C GLY D 135 41.71 20.01 -20.13
N GLY D 136 41.49 20.63 -18.98
CA GLY D 136 42.10 20.20 -17.74
C GLY D 136 41.21 20.53 -16.56
N ALA D 137 41.32 19.72 -15.51
CA ALA D 137 40.59 19.95 -14.27
C ALA D 137 41.47 19.54 -13.10
N GLU D 138 41.53 20.40 -12.09
CA GLU D 138 42.27 20.09 -10.87
C GLU D 138 41.57 20.65 -9.63
N SER D 139 41.42 19.82 -8.61
CA SER D 139 40.94 20.28 -7.30
C SER D 139 41.96 20.00 -6.22
N MET D 140 42.76 21.01 -5.90
CA MET D 140 43.80 20.86 -4.90
C MET D 140 43.18 20.92 -3.50
N SER D 141 41.99 21.50 -3.41
CA SER D 141 41.19 21.46 -2.18
C SER D 141 40.84 20.01 -1.81
N ARG D 142 40.52 19.20 -2.81
CA ARG D 142 40.04 17.86 -2.57
C ARG D 142 41.13 16.80 -2.72
N ALA D 143 42.38 17.24 -2.81
CA ALA D 143 43.50 16.31 -2.87
C ALA D 143 43.42 15.38 -1.63
N PRO D 144 43.68 14.09 -1.83
CA PRO D 144 43.52 13.10 -0.76
C PRO D 144 44.75 12.99 0.12
N TYR D 145 44.57 12.32 1.26
CA TYR D 145 45.65 11.65 1.95
C TYR D 145 45.64 10.16 1.61
N LEU D 146 46.82 9.61 1.37
CA LEU D 146 46.97 8.17 1.14
C LEU D 146 47.33 7.48 2.46
N ALA D 147 46.95 6.20 2.56
CA ALA D 147 47.43 5.34 3.65
C ALA D 147 48.10 4.10 3.10
N PRO D 148 49.44 4.17 2.91
CA PRO D 148 50.11 3.14 2.11
C PRO D 148 50.31 1.83 2.87
N ALA D 149 50.03 1.85 4.17
CA ALA D 149 50.17 0.65 5.00
C ALA D 149 48.84 -0.07 5.19
N ALA D 150 47.76 0.55 4.72
CA ALA D 150 46.42 0.06 5.00
C ALA D 150 46.13 -1.30 4.36
N ARG D 151 46.67 -1.54 3.17
CA ARG D 151 46.33 -2.77 2.44
C ARG D 151 46.93 -4.00 3.10
N TRP D 152 48.23 -3.95 3.40
CA TRP D 152 48.95 -5.13 3.82
C TRP D 152 49.38 -5.01 5.27
N GLY D 153 49.17 -3.84 5.86
CA GLY D 153 49.29 -3.68 7.31
C GLY D 153 50.63 -3.06 7.71
N ALA D 154 50.61 -2.27 8.78
CA ALA D 154 51.82 -1.69 9.31
C ALA D 154 52.48 -2.64 10.30
N ARG D 155 51.69 -3.51 10.91
CA ARG D 155 52.18 -4.52 11.83
C ARG D 155 52.59 -3.93 13.17
N MET D 156 53.62 -3.09 13.16
CA MET D 156 54.13 -2.48 14.39
C MET D 156 54.85 -1.16 14.06
N GLY D 157 54.53 -0.11 14.81
CA GLY D 157 55.15 1.20 14.59
C GLY D 157 54.19 2.19 13.94
N ASP D 158 54.37 3.46 14.24
CA ASP D 158 53.53 4.50 13.67
C ASP D 158 53.56 4.46 12.15
N ALA D 159 52.43 4.78 11.53
CA ALA D 159 52.32 4.76 10.09
C ALA D 159 51.88 6.12 9.56
N GLY D 160 51.85 6.26 8.24
CA GLY D 160 51.76 7.57 7.60
C GLY D 160 50.44 7.77 6.90
N LEU D 161 49.90 8.99 7.00
CA LEU D 161 48.93 9.49 6.03
C LEU D 161 49.59 10.52 5.11
N VAL D 162 49.74 10.15 3.84
CA VAL D 162 50.55 10.91 2.91
C VAL D 162 49.70 11.99 2.22
N ASP D 163 50.14 13.25 2.33
CA ASP D 163 49.48 14.36 1.67
C ASP D 163 49.83 14.41 0.17
N MET D 164 48.87 14.08 -0.68
CA MET D 164 49.16 13.84 -2.09
C MET D 164 49.24 15.15 -2.89
N MET D 165 48.68 16.23 -2.33
CA MET D 165 48.88 17.56 -2.90
C MET D 165 50.34 18.00 -2.82
N LEU D 166 50.90 17.91 -1.61
CA LEU D 166 52.32 18.19 -1.41
C LEU D 166 53.18 17.24 -2.21
N GLY D 167 52.71 15.99 -2.34
CA GLY D 167 53.36 15.03 -3.22
C GLY D 167 53.55 15.56 -4.63
N ALA D 168 52.52 16.21 -5.17
CA ALA D 168 52.57 16.77 -6.51
C ALA D 168 53.60 17.90 -6.60
N LEU D 169 53.85 18.56 -5.47
CA LEU D 169 54.67 19.75 -5.44
C LEU D 169 56.13 19.48 -5.05
N HIS D 170 56.48 18.21 -4.94
CA HIS D 170 57.86 17.83 -4.64
C HIS D 170 58.47 17.08 -5.81
N ASP D 171 59.73 17.40 -6.11
CA ASP D 171 60.47 16.72 -7.14
C ASP D 171 60.71 15.27 -6.74
N PRO D 172 60.49 14.35 -7.67
CA PRO D 172 60.46 12.92 -7.37
C PRO D 172 61.84 12.31 -7.24
N PHE D 173 62.86 13.04 -7.69
CA PHE D 173 64.25 12.57 -7.60
C PHE D 173 64.91 13.04 -6.31
N HIS D 174 64.65 14.29 -5.93
CA HIS D 174 65.39 14.94 -4.86
C HIS D 174 64.51 15.29 -3.67
N ARG D 175 63.20 15.03 -3.80
CA ARG D 175 62.24 15.29 -2.73
C ARG D 175 62.35 16.72 -2.18
N ILE D 176 62.59 17.68 -3.06
CA ILE D 176 62.54 19.07 -2.68
C ILE D 176 61.27 19.72 -3.24
N HIS D 177 60.75 20.71 -2.53
CA HIS D 177 59.61 21.48 -3.00
C HIS D 177 59.97 22.22 -4.28
N MET D 178 58.98 22.40 -5.16
CA MET D 178 59.15 23.19 -6.37
C MET D 178 59.72 24.55 -6.07
N GLY D 179 59.45 25.05 -4.86
CA GLY D 179 59.89 26.38 -4.45
C GLY D 179 61.40 26.51 -4.26
N VAL D 180 62.04 25.42 -3.86
CA VAL D 180 63.50 25.44 -3.69
C VAL D 180 64.16 25.34 -5.07
N THR D 181 63.44 24.73 -6.00
CA THR D 181 63.86 24.72 -7.39
C THR D 181 63.81 26.14 -7.99
N ALA D 182 62.84 26.92 -7.54
CA ALA D 182 62.76 28.33 -7.95
C ALA D 182 63.91 29.16 -7.37
N GLU D 183 64.35 28.82 -6.16
CA GLU D 183 65.50 29.48 -5.56
C GLU D 183 66.76 29.24 -6.38
N ASN D 184 66.92 28.02 -6.86
CA ASN D 184 68.02 27.68 -7.75
C ASN D 184 68.02 28.54 -9.01
N VAL D 185 66.83 28.78 -9.55
CA VAL D 185 66.70 29.51 -10.81
C VAL D 185 66.91 31.00 -10.59
N ALA D 186 66.40 31.51 -9.47
CA ALA D 186 66.65 32.88 -9.07
C ALA D 186 68.14 33.13 -8.91
N LYS D 187 68.85 32.13 -8.37
CA LYS D 187 70.28 32.23 -8.15
C LYS D 187 71.01 32.23 -9.48
N GLU D 188 70.66 31.29 -10.36
CA GLU D 188 71.41 31.10 -11.60
C GLU D 188 71.19 32.24 -12.59
N TYR D 189 70.00 32.83 -12.56
CA TYR D 189 69.64 33.88 -13.52
C TYR D 189 69.63 35.26 -12.86
N ASP D 190 70.07 35.32 -11.61
CA ASP D 190 70.26 36.60 -10.92
C ASP D 190 68.96 37.38 -10.84
N ILE D 191 67.92 36.76 -10.29
CA ILE D 191 66.68 37.47 -10.01
C ILE D 191 66.54 37.74 -8.53
N SER D 192 66.55 39.03 -8.18
CA SER D 192 66.64 39.43 -6.78
C SER D 192 65.29 39.28 -6.11
N ARG D 193 65.29 39.26 -4.78
CA ARG D 193 64.07 39.38 -4.00
C ARG D 193 63.23 40.57 -4.45
N ALA D 194 63.88 41.72 -4.63
CA ALA D 194 63.17 42.95 -4.97
C ALA D 194 62.47 42.80 -6.32
N GLN D 195 63.17 42.19 -7.28
CA GLN D 195 62.57 41.94 -8.59
C GLN D 195 61.38 40.98 -8.50
N GLN D 196 61.48 39.94 -7.68
CA GLN D 196 60.40 38.97 -7.55
C GLN D 196 59.16 39.61 -6.94
N ASP D 197 59.36 40.47 -5.95
CA ASP D 197 58.24 41.06 -5.21
C ASP D 197 57.52 42.11 -6.06
N GLU D 198 58.29 42.82 -6.88
CA GLU D 198 57.71 43.79 -7.80
C GLU D 198 56.90 43.10 -8.88
N ALA D 199 57.42 41.97 -9.37
CA ALA D 199 56.71 41.16 -10.35
C ALA D 199 55.41 40.61 -9.77
N ALA D 200 55.46 40.23 -8.48
CA ALA D 200 54.29 39.65 -7.82
C ALA D 200 53.22 40.71 -7.61
N LEU D 201 53.64 41.89 -7.18
CA LEU D 201 52.72 43.01 -7.00
C LEU D 201 52.04 43.36 -8.32
N GLU D 202 52.83 43.41 -9.39
CA GLU D 202 52.33 43.77 -10.71
C GLU D 202 51.33 42.74 -11.22
N SER D 203 51.59 41.46 -10.96
CA SER D 203 50.67 40.41 -11.38
C SER D 203 49.29 40.61 -10.75
N HIS D 204 49.27 40.96 -9.46
CA HIS D 204 48.02 41.24 -8.77
C HIS D 204 47.34 42.50 -9.33
N ARG D 205 48.13 43.52 -9.62
CA ARG D 205 47.58 44.76 -10.18
C ARG D 205 46.97 44.51 -11.54
N ARG D 206 47.68 43.74 -12.37
CA ARG D 206 47.19 43.43 -13.71
C ARG D 206 45.94 42.56 -13.67
N ALA D 207 45.92 41.58 -12.78
CA ALA D 207 44.75 40.74 -12.61
C ALA D 207 43.55 41.57 -12.16
N SER D 208 43.76 42.41 -11.15
CA SER D 208 42.67 43.24 -10.60
C SER D 208 42.09 44.16 -11.67
N ALA D 209 42.97 44.82 -12.41
CA ALA D 209 42.54 45.69 -13.51
C ALA D 209 41.71 44.92 -14.52
N ALA D 210 42.13 43.68 -14.80
CA ALA D 210 41.49 42.87 -15.82
C ALA D 210 40.11 42.40 -15.38
N ILE D 211 39.98 42.08 -14.10
CA ILE D 211 38.69 41.66 -13.56
C ILE D 211 37.72 42.84 -13.59
N LYS D 212 38.16 44.00 -13.15
CA LYS D 212 37.31 45.18 -13.07
C LYS D 212 36.88 45.68 -14.45
N ALA D 213 37.80 45.62 -15.42
CA ALA D 213 37.50 46.03 -16.78
C ALA D 213 36.68 44.98 -17.53
N GLY D 214 36.51 43.81 -16.89
CA GLY D 214 35.58 42.82 -17.38
C GLY D 214 36.16 41.96 -18.47
N TYR D 215 37.49 41.87 -18.50
CA TYR D 215 38.18 41.14 -19.56
C TYR D 215 37.87 39.64 -19.52
N PHE D 216 37.61 39.11 -18.34
CA PHE D 216 37.42 37.67 -18.15
C PHE D 216 35.96 37.26 -18.25
N LYS D 217 35.06 38.24 -18.35
CA LYS D 217 33.62 37.98 -18.21
C LYS D 217 33.16 36.91 -19.18
N ASP D 218 33.59 37.03 -20.44
CA ASP D 218 33.09 36.18 -21.51
C ASP D 218 33.55 34.74 -21.35
N GLN D 219 34.80 34.56 -20.94
CA GLN D 219 35.43 33.25 -20.95
C GLN D 219 35.07 32.40 -19.73
N ILE D 220 34.61 33.05 -18.67
CA ILE D 220 34.30 32.35 -17.41
C ILE D 220 32.89 31.77 -17.41
N VAL D 221 32.79 30.46 -17.17
CA VAL D 221 31.52 29.82 -16.86
C VAL D 221 31.26 29.83 -15.35
N PRO D 222 30.11 30.36 -14.93
CA PRO D 222 29.77 30.33 -13.51
C PRO D 222 29.63 28.91 -12.97
N VAL D 223 30.12 28.69 -11.75
CA VAL D 223 29.74 27.52 -10.97
C VAL D 223 28.73 27.93 -9.88
N VAL D 224 27.54 27.37 -9.93
CA VAL D 224 26.51 27.75 -8.96
C VAL D 224 26.18 26.59 -8.02
N SER D 225 26.29 26.85 -6.72
CA SER D 225 25.93 25.87 -5.69
C SER D 225 24.71 26.34 -4.90
N LYS D 226 24.30 25.57 -3.90
CA LYS D 226 22.95 25.71 -3.33
C LYS D 226 22.89 25.41 -1.83
N LYS D 229 21.17 31.04 2.50
CA LYS D 229 19.81 31.33 2.08
C LYS D 229 19.53 30.59 0.79
N GLY D 230 20.14 31.06 -0.30
CA GLY D 230 19.79 30.62 -1.64
C GLY D 230 20.97 30.14 -2.47
N ASP D 231 20.91 30.38 -3.78
CA ASP D 231 21.93 29.92 -4.72
C ASP D 231 23.17 30.79 -4.65
N VAL D 232 24.34 30.16 -4.64
CA VAL D 232 25.61 30.88 -4.68
C VAL D 232 26.30 30.65 -6.03
N THR D 233 26.71 31.73 -6.67
CA THR D 233 27.34 31.64 -7.98
C THR D 233 28.77 32.16 -7.93
N PHE D 234 29.72 31.29 -8.28
CA PHE D 234 31.12 31.63 -8.20
C PHE D 234 31.63 31.89 -9.61
N ASP D 235 32.00 33.13 -9.87
CA ASP D 235 32.35 33.54 -11.22
C ASP D 235 33.49 34.55 -11.26
N THR D 236 34.13 34.77 -10.12
CA THR D 236 35.21 35.74 -10.05
C THR D 236 36.45 35.13 -9.43
N ASP D 237 37.59 35.36 -10.06
CA ASP D 237 38.86 34.76 -9.64
C ASP D 237 39.28 35.27 -8.25
N GLU D 238 39.20 34.41 -7.24
CA GLU D 238 39.10 34.87 -5.86
C GLU D 238 40.47 34.91 -5.19
N HIS D 239 41.51 34.50 -5.93
CA HIS D 239 42.85 34.51 -5.37
C HIS D 239 43.45 35.92 -5.39
N VAL D 240 42.94 36.77 -6.28
CA VAL D 240 43.58 38.05 -6.57
C VAL D 240 43.39 39.01 -5.38
N ARG D 241 44.43 39.78 -5.09
CA ARG D 241 44.37 40.76 -4.01
C ARG D 241 44.28 42.16 -4.59
N HIS D 242 43.10 42.76 -4.48
CA HIS D 242 42.79 43.99 -5.20
C HIS D 242 43.41 45.21 -4.54
N ASP D 243 43.92 45.01 -3.32
CA ASP D 243 44.39 46.13 -2.50
C ASP D 243 45.86 45.94 -2.14
N ALA D 244 46.56 45.12 -2.93
CA ALA D 244 47.91 44.70 -2.57
C ALA D 244 48.86 45.89 -2.62
N THR D 245 49.83 45.92 -1.71
CA THR D 245 50.90 46.91 -1.74
C THR D 245 52.25 46.22 -1.73
N ILE D 246 53.30 46.97 -2.04
CA ILE D 246 54.65 46.40 -2.11
C ILE D 246 55.12 45.95 -0.73
N ASP D 247 54.63 46.62 0.31
CA ASP D 247 55.06 46.29 1.66
C ASP D 247 54.44 44.98 2.10
N ASP D 248 53.29 44.64 1.52
CA ASP D 248 52.69 43.34 1.73
C ASP D 248 53.65 42.23 1.29
N MET D 249 54.33 42.46 0.18
CA MET D 249 55.34 41.51 -0.30
C MET D 249 56.56 41.52 0.60
N THR D 250 57.11 42.70 0.87
CA THR D 250 58.47 42.81 1.38
C THR D 250 58.55 42.43 2.86
N LYS D 251 57.40 42.38 3.53
CA LYS D 251 57.38 41.99 4.93
C LYS D 251 57.39 40.48 5.10
N LEU D 252 57.12 39.76 4.02
CA LEU D 252 57.04 38.30 4.07
C LEU D 252 58.42 37.68 4.20
N ARG D 253 58.47 36.50 4.80
CA ARG D 253 59.72 35.77 4.97
C ARG D 253 59.80 34.62 3.98
N PRO D 254 61.02 34.31 3.50
CA PRO D 254 61.22 33.12 2.67
C PRO D 254 60.69 31.85 3.33
N VAL D 255 60.07 30.99 2.53
CA VAL D 255 59.32 29.86 3.06
C VAL D 255 60.01 28.53 2.75
N PHE D 256 60.85 28.52 1.72
CA PHE D 256 61.30 27.25 1.11
C PHE D 256 62.71 26.87 1.47
N VAL D 257 63.51 27.85 1.86
CA VAL D 257 64.93 27.65 2.11
C VAL D 257 65.33 28.45 3.36
N LYS D 258 66.37 28.01 4.04
CA LYS D 258 66.69 28.56 5.35
C LYS D 258 67.63 29.77 5.30
N GLU D 259 68.34 29.95 4.19
CA GLU D 259 69.36 30.99 4.11
C GLU D 259 69.45 31.57 2.71
N ASN D 260 69.58 32.89 2.62
CA ASN D 260 69.65 33.59 1.35
C ASN D 260 68.43 33.27 0.48
N GLY D 261 67.28 33.10 1.12
CA GLY D 261 66.04 32.78 0.42
C GLY D 261 65.40 34.03 -0.14
N THR D 262 64.63 33.87 -1.21
CA THR D 262 63.98 35.00 -1.86
C THR D 262 62.51 34.68 -2.16
N VAL D 263 62.18 33.39 -2.20
CA VAL D 263 60.83 32.95 -2.56
C VAL D 263 59.90 32.90 -1.34
N THR D 264 58.80 33.63 -1.41
CA THR D 264 57.86 33.73 -0.31
C THR D 264 56.50 33.21 -0.76
N ALA D 265 55.55 33.21 0.16
CA ALA D 265 54.16 32.89 -0.18
C ALA D 265 53.56 33.96 -1.07
N GLY D 266 54.08 35.18 -0.96
CA GLY D 266 53.55 36.30 -1.70
C GLY D 266 53.98 36.33 -3.17
N ASN D 267 55.19 35.85 -3.45
CA ASN D 267 55.70 35.85 -4.81
C ASN D 267 55.82 34.44 -5.39
N ALA D 268 55.08 33.50 -4.78
CA ALA D 268 54.87 32.19 -5.37
C ALA D 268 53.40 32.01 -5.74
N SER D 269 53.14 31.11 -6.68
CA SER D 269 51.78 30.85 -7.12
C SER D 269 50.96 30.25 -5.98
N GLY D 270 49.65 30.34 -6.08
CA GLY D 270 48.77 29.81 -5.04
C GLY D 270 48.50 28.33 -5.23
N LEU D 271 47.76 27.75 -4.28
CA LEU D 271 47.11 26.45 -4.47
C LEU D 271 45.61 26.64 -4.71
N ASN D 272 45.10 25.96 -5.74
CA ASN D 272 43.92 26.43 -6.45
C ASN D 272 43.10 25.32 -7.10
N ASP D 273 41.82 25.61 -7.31
CA ASP D 273 40.91 24.72 -7.99
C ASP D 273 40.42 25.40 -9.27
N ALA D 274 40.26 24.63 -10.33
CA ALA D 274 39.67 25.14 -11.57
C ALA D 274 39.52 24.05 -12.63
N ALA D 275 38.78 24.38 -13.69
CA ALA D 275 38.87 23.62 -14.93
C ALA D 275 38.75 24.55 -16.14
N ALA D 276 39.07 24.00 -17.30
CA ALA D 276 38.90 24.72 -18.56
C ALA D 276 38.84 23.73 -19.70
N ALA D 277 38.33 24.17 -20.84
CA ALA D 277 38.26 23.31 -22.02
C ALA D 277 38.19 24.14 -23.29
N VAL D 278 38.78 23.63 -24.36
CA VAL D 278 38.59 24.20 -25.68
C VAL D 278 38.07 23.16 -26.65
N VAL D 279 37.24 23.61 -27.57
CA VAL D 279 36.81 22.77 -28.67
C VAL D 279 37.63 23.10 -29.91
N MET D 280 38.28 22.09 -30.47
CA MET D 280 39.07 22.26 -31.68
C MET D 280 38.45 21.45 -32.81
N MET D 281 38.74 21.84 -34.04
CA MET D 281 38.38 21.03 -35.19
C MET D 281 39.28 21.35 -36.37
N GLU D 282 39.25 20.48 -37.38
CA GLU D 282 40.02 20.70 -38.59
C GLU D 282 39.51 21.95 -39.30
N ARG D 283 40.45 22.77 -39.76
CA ARG D 283 40.13 24.04 -40.42
C ARG D 283 38.89 23.94 -41.32
N ALA D 284 38.85 22.92 -42.17
CA ALA D 284 37.81 22.81 -43.19
C ALA D 284 36.48 22.40 -42.57
N GLU D 285 36.53 21.78 -41.39
CA GLU D 285 35.30 21.50 -40.64
C GLU D 285 34.66 22.78 -40.15
N ALA D 286 35.47 23.67 -39.59
CA ALA D 286 34.98 24.93 -39.07
C ALA D 286 34.35 25.77 -40.20
N GLU D 287 35.03 25.80 -41.34
CA GLU D 287 34.52 26.51 -42.51
C GLU D 287 33.17 25.93 -42.94
N ARG D 288 33.13 24.61 -43.08
CA ARG D 288 31.88 23.90 -43.35
C ARG D 288 30.76 24.37 -42.43
N ARG D 289 31.06 24.48 -41.14
CA ARG D 289 30.04 24.76 -40.14
C ARG D 289 29.79 26.26 -40.08
N GLY D 290 30.62 27.04 -40.75
CA GLY D 290 30.52 28.50 -40.73
C GLY D 290 30.87 29.07 -39.37
N LEU D 291 31.81 28.41 -38.69
CA LEU D 291 32.29 28.91 -37.41
C LEU D 291 33.54 29.76 -37.60
N LYS D 292 33.54 30.94 -37.00
CA LYS D 292 34.75 31.74 -36.91
C LYS D 292 35.61 31.26 -35.75
N PRO D 293 36.83 30.77 -36.06
CA PRO D 293 37.73 30.28 -35.02
C PRO D 293 38.26 31.42 -34.17
N LEU D 294 38.67 31.11 -32.95
CA LEU D 294 39.41 32.06 -32.15
C LEU D 294 40.83 32.18 -32.68
N ALA D 295 41.38 31.06 -33.11
CA ALA D 295 42.77 31.02 -33.58
C ALA D 295 43.06 29.67 -34.21
N ARG D 296 44.18 29.59 -34.93
CA ARG D 296 44.70 28.29 -35.34
C ARG D 296 45.96 27.95 -34.56
N LEU D 297 46.18 26.64 -34.36
CA LEU D 297 47.43 26.15 -33.81
C LEU D 297 48.53 26.21 -34.86
N VAL D 298 49.62 26.90 -34.55
CA VAL D 298 50.75 27.04 -35.46
C VAL D 298 51.80 25.96 -35.19
N SER D 299 52.25 25.88 -33.94
CA SER D 299 53.28 24.93 -33.56
C SER D 299 53.24 24.66 -32.06
N TYR D 300 53.99 23.64 -31.65
CA TYR D 300 54.20 23.40 -30.23
C TYR D 300 55.62 22.88 -30.03
N GLY D 301 56.04 22.85 -28.76
CA GLY D 301 57.37 22.36 -28.41
C GLY D 301 57.41 21.80 -27.01
N HIS D 302 58.23 20.76 -26.83
CA HIS D 302 58.48 20.17 -25.52
C HIS D 302 59.97 20.12 -25.24
N ALA D 303 60.34 20.33 -23.97
CA ALA D 303 61.73 20.24 -23.58
C ALA D 303 61.86 19.57 -22.20
N GLY D 304 62.94 18.84 -22.01
CA GLY D 304 63.40 18.48 -20.67
C GLY D 304 64.55 19.34 -20.20
N VAL D 305 64.57 19.62 -18.91
CA VAL D 305 65.68 20.33 -18.29
C VAL D 305 66.05 19.69 -16.94
N ASP D 306 67.09 20.22 -16.30
CA ASP D 306 67.49 19.77 -14.98
C ASP D 306 66.32 19.89 -14.02
N PRO D 307 65.98 18.80 -13.32
CA PRO D 307 64.90 18.83 -12.34
C PRO D 307 65.07 19.97 -11.34
N LYS D 308 66.31 20.23 -10.96
CA LYS D 308 66.59 21.26 -9.96
C LYS D 308 66.31 22.66 -10.47
N ALA D 309 66.24 22.82 -11.79
CA ALA D 309 66.00 24.12 -12.41
C ALA D 309 64.77 24.06 -13.31
N MET D 310 63.75 23.33 -12.87
CA MET D 310 62.60 23.11 -13.70
C MET D 310 61.92 24.38 -14.17
N GLY D 311 62.07 25.44 -13.43
CA GLY D 311 61.39 26.70 -13.72
C GLY D 311 61.73 27.35 -15.07
N ILE D 312 62.87 27.00 -15.66
CA ILE D 312 63.26 27.58 -16.94
C ILE D 312 62.93 26.66 -18.12
N GLY D 313 62.19 25.59 -17.84
CA GLY D 313 61.68 24.72 -18.88
C GLY D 313 61.09 25.42 -20.08
N PRO D 314 60.38 26.55 -19.86
CA PRO D 314 59.75 27.27 -20.96
C PRO D 314 60.74 27.77 -22.01
N VAL D 315 61.97 28.01 -21.59
CA VAL D 315 62.94 28.65 -22.49
C VAL D 315 63.29 27.78 -23.70
N PRO D 316 63.68 26.51 -23.46
CA PRO D 316 63.93 25.62 -24.60
C PRO D 316 62.68 25.20 -25.34
N ALA D 317 61.57 25.01 -24.61
CA ALA D 317 60.31 24.62 -25.23
C ALA D 317 59.84 25.71 -26.19
N THR D 318 59.88 26.95 -25.72
CA THR D 318 59.44 28.08 -26.54
C THR D 318 60.31 28.26 -27.78
N LYS D 319 61.62 28.02 -27.63
CA LYS D 319 62.54 28.13 -28.76
C LYS D 319 62.23 27.08 -29.81
N ILE D 320 61.82 25.90 -29.35
CA ILE D 320 61.47 24.82 -30.28
C ILE D 320 60.19 25.19 -31.04
N ALA D 321 59.23 25.77 -30.33
CA ALA D 321 57.96 26.14 -30.92
C ALA D 321 58.14 27.29 -31.92
N LEU D 322 58.96 28.27 -31.55
CA LEU D 322 59.28 29.37 -32.45
C LEU D 322 59.97 28.88 -33.72
N GLU D 323 60.99 28.05 -33.55
CA GLU D 323 61.69 27.45 -34.69
C GLU D 323 60.71 26.75 -35.62
N ARG D 324 59.87 25.89 -35.05
CA ARG D 324 58.96 25.09 -35.85
C ARG D 324 57.94 25.96 -36.58
N ALA D 325 57.64 27.13 -35.99
CA ALA D 325 56.69 28.05 -36.59
C ALA D 325 57.35 28.99 -37.59
N GLY D 326 58.68 28.97 -37.64
CA GLY D 326 59.44 29.98 -38.38
C GLY D 326 59.22 31.39 -37.85
N LEU D 327 59.14 31.54 -36.53
CA LEU D 327 58.86 32.83 -35.94
C LEU D 327 59.99 33.23 -35.00
N GLN D 328 59.92 34.46 -34.51
CA GLN D 328 60.85 34.94 -33.50
C GLN D 328 60.06 35.61 -32.39
N VAL D 329 60.76 35.94 -31.31
CA VAL D 329 60.12 36.55 -30.14
C VAL D 329 59.32 37.81 -30.51
N SER D 330 59.86 38.63 -31.39
CA SER D 330 59.25 39.93 -31.69
C SER D 330 57.91 39.75 -32.39
N ASP D 331 57.66 38.57 -32.91
CA ASP D 331 56.41 38.28 -33.62
C ASP D 331 55.24 38.12 -32.65
N LEU D 332 55.54 37.91 -31.37
CA LEU D 332 54.52 37.54 -30.39
C LEU D 332 53.82 38.77 -29.83
N ASP D 333 52.50 38.79 -29.91
CA ASP D 333 51.70 39.91 -29.41
C ASP D 333 51.21 39.66 -27.99
N VAL D 334 50.88 38.41 -27.69
CA VAL D 334 50.41 38.06 -26.36
C VAL D 334 51.12 36.80 -25.87
N ILE D 335 51.59 36.84 -24.63
CA ILE D 335 52.29 35.72 -24.05
C ILE D 335 51.66 35.35 -22.71
N GLU D 336 51.26 34.09 -22.59
CA GLU D 336 50.84 33.51 -21.33
C GLU D 336 51.92 32.51 -20.88
N ALA D 337 52.76 32.96 -19.94
CA ALA D 337 53.86 32.15 -19.43
C ALA D 337 53.70 31.95 -17.94
N ASN D 338 53.15 30.80 -17.55
CA ASN D 338 52.62 30.64 -16.21
C ASN D 338 53.61 31.14 -15.17
N GLU D 339 53.14 31.98 -14.24
CA GLU D 339 53.89 32.34 -13.04
C GLU D 339 53.75 31.28 -11.97
N ALA D 340 54.58 30.25 -12.03
CA ALA D 340 54.65 29.30 -10.92
C ALA D 340 55.32 29.99 -9.74
N PHE D 341 56.41 30.69 -10.02
CA PHE D 341 57.07 31.56 -9.04
C PHE D 341 57.66 32.76 -9.78
N ALA D 342 57.57 33.93 -9.18
CA ALA D 342 58.13 35.14 -9.79
C ALA D 342 59.61 34.93 -10.11
N ALA D 343 60.26 34.09 -9.31
CA ALA D 343 61.67 33.75 -9.50
C ALA D 343 61.94 33.18 -10.90
N GLN D 344 61.17 32.16 -11.29
CA GLN D 344 61.40 31.52 -12.57
C GLN D 344 60.72 32.28 -13.71
N ALA D 345 59.60 32.94 -13.40
CA ALA D 345 58.87 33.71 -14.40
C ALA D 345 59.73 34.88 -14.90
N CYS D 346 60.42 35.55 -13.98
CA CYS D 346 61.33 36.63 -14.34
C CYS D 346 62.52 36.09 -15.12
N ALA D 347 62.98 34.90 -14.75
CA ALA D 347 64.12 34.29 -15.41
C ALA D 347 63.76 33.95 -16.86
N VAL D 348 62.56 33.41 -17.04
CA VAL D 348 62.10 33.02 -18.36
C VAL D 348 62.05 34.21 -19.33
N THR D 349 61.48 35.32 -18.87
CA THR D 349 61.28 36.49 -19.74
C THR D 349 62.63 37.13 -20.05
N LYS D 350 63.53 37.11 -19.07
CA LYS D 350 64.89 37.61 -19.25
C LYS D 350 65.67 36.78 -20.26
N ALA D 351 65.61 35.46 -20.09
CA ALA D 351 66.40 34.55 -20.93
C ALA D 351 65.92 34.53 -22.38
N LEU D 352 64.61 34.67 -22.57
CA LEU D 352 64.04 34.71 -23.92
C LEU D 352 64.07 36.12 -24.50
N GLY D 353 64.33 37.11 -23.64
CA GLY D 353 64.28 38.52 -24.04
C GLY D 353 62.88 38.96 -24.40
N LEU D 354 61.91 38.54 -23.58
CA LEU D 354 60.53 38.94 -23.77
C LEU D 354 60.31 40.35 -23.19
N ASP D 355 59.34 41.07 -23.76
CA ASP D 355 58.93 42.35 -23.22
C ASP D 355 57.86 42.16 -22.13
N PRO D 356 58.18 42.61 -20.91
CA PRO D 356 57.35 42.27 -19.75
C PRO D 356 55.93 42.79 -19.88
N ALA D 357 55.73 43.78 -20.74
CA ALA D 357 54.42 44.38 -20.93
C ALA D 357 53.49 43.42 -21.67
N LYS D 358 54.09 42.52 -22.46
CA LYS D 358 53.32 41.58 -23.26
C LYS D 358 53.16 40.21 -22.58
N VAL D 359 53.93 39.99 -21.53
CA VAL D 359 53.91 38.72 -20.81
C VAL D 359 52.92 38.79 -19.64
N ASN D 360 51.93 37.90 -19.66
CA ASN D 360 50.93 37.85 -18.60
C ASN D 360 50.35 39.23 -18.33
N PRO D 361 49.77 39.85 -19.37
CA PRO D 361 49.26 41.23 -19.29
C PRO D 361 48.08 41.35 -18.32
N ASN D 362 47.43 40.24 -17.99
CA ASN D 362 46.28 40.26 -17.11
C ASN D 362 46.48 39.41 -15.86
N GLY D 363 47.74 39.21 -15.49
CA GLY D 363 48.07 38.40 -14.31
C GLY D 363 48.33 36.96 -14.68
N SER D 364 48.72 36.17 -13.68
CA SER D 364 48.97 34.74 -13.88
C SER D 364 49.01 34.05 -12.52
N GLY D 365 49.78 32.96 -12.44
CA GLY D 365 49.65 32.01 -11.32
C GLY D 365 49.73 32.66 -9.95
N ILE D 366 50.53 33.71 -9.83
CA ILE D 366 50.77 34.35 -8.53
C ILE D 366 49.50 35.04 -8.06
N SER D 367 48.77 35.64 -8.99
CA SER D 367 47.61 36.48 -8.67
C SER D 367 46.29 35.72 -8.88
N LEU D 368 46.21 35.02 -10.01
CA LEU D 368 44.98 34.32 -10.36
C LEU D 368 44.96 32.90 -9.82
N GLY D 369 46.15 32.29 -9.71
CA GLY D 369 46.29 30.99 -9.07
C GLY D 369 46.89 29.97 -10.01
N HIS D 370 47.21 28.80 -9.46
CA HIS D 370 47.86 27.75 -10.22
C HIS D 370 47.23 26.41 -9.88
N PRO D 371 46.10 26.10 -10.54
CA PRO D 371 45.44 24.81 -10.37
C PRO D 371 46.04 23.74 -11.28
N ILE D 372 46.98 22.97 -10.73
CA ILE D 372 48.10 22.43 -11.49
C ILE D 372 47.66 21.91 -12.87
N GLY D 373 46.83 20.88 -12.89
CA GLY D 373 46.52 20.14 -14.13
C GLY D 373 45.58 20.88 -15.07
N ALA D 374 44.85 21.84 -14.54
CA ALA D 374 44.00 22.71 -15.35
C ALA D 374 44.74 23.92 -15.93
N THR D 375 45.83 24.33 -15.29
CA THR D 375 46.46 25.62 -15.59
C THR D 375 46.76 25.81 -17.07
N GLY D 376 47.36 24.81 -17.68
CA GLY D 376 47.79 24.92 -19.09
C GLY D 376 46.61 25.09 -20.05
N ALA D 377 45.44 24.61 -19.65
CA ALA D 377 44.26 24.72 -20.49
C ALA D 377 43.63 26.09 -20.26
N LEU D 378 43.64 26.52 -19.00
CA LEU D 378 43.00 27.78 -18.67
C LEU D 378 43.78 29.02 -19.11
N ILE D 379 45.11 28.93 -19.15
CA ILE D 379 45.90 30.05 -19.69
C ILE D 379 45.96 30.06 -21.23
N THR D 380 45.66 28.93 -21.85
CA THR D 380 45.39 28.92 -23.27
C THR D 380 44.08 29.64 -23.59
N VAL D 381 43.07 29.43 -22.74
CA VAL D 381 41.80 30.12 -22.85
C VAL D 381 41.96 31.62 -22.67
N LYS D 382 42.74 32.02 -21.66
CA LYS D 382 43.08 33.42 -21.46
C LYS D 382 43.80 34.02 -22.68
N ALA D 383 44.79 33.30 -23.19
CA ALA D 383 45.66 33.82 -24.25
C ALA D 383 44.85 34.11 -25.52
N LEU D 384 43.93 33.22 -25.85
CA LEU D 384 43.19 33.31 -27.10
C LEU D 384 42.13 34.41 -27.05
N HIS D 385 41.54 34.61 -25.88
CA HIS D 385 40.55 35.67 -25.70
C HIS D 385 41.23 37.03 -25.64
N GLU D 386 42.43 37.07 -25.09
CA GLU D 386 43.21 38.28 -25.06
C GLU D 386 43.72 38.63 -26.46
N LEU D 387 44.14 37.61 -27.19
CA LEU D 387 44.60 37.80 -28.57
C LEU D 387 43.52 38.44 -29.41
N ASN D 388 42.28 37.95 -29.26
CA ASN D 388 41.16 38.52 -29.97
C ASN D 388 40.85 39.94 -29.50
N ARG D 389 41.01 40.19 -28.21
CA ARG D 389 40.61 41.48 -27.63
C ARG D 389 41.50 42.59 -28.17
N VAL D 390 42.78 42.30 -28.34
CA VAL D 390 43.73 43.30 -28.81
C VAL D 390 43.96 43.20 -30.31
N GLN D 391 43.27 42.26 -30.96
CA GLN D 391 43.41 42.07 -32.39
C GLN D 391 44.87 41.83 -32.75
N GLY D 392 45.57 41.08 -31.92
CA GLY D 392 46.92 40.65 -32.24
C GLY D 392 46.97 39.53 -33.26
N ARG D 393 48.18 39.08 -33.59
CA ARG D 393 48.35 37.98 -34.53
C ARG D 393 48.75 36.69 -33.82
N TYR D 394 49.83 36.74 -33.06
CA TYR D 394 50.43 35.51 -32.53
C TYR D 394 50.36 35.47 -31.00
N ALA D 395 49.95 34.31 -30.46
CA ALA D 395 50.00 34.07 -29.04
C ALA D 395 50.95 32.93 -28.70
N LEU D 396 51.70 33.11 -27.63
CA LEU D 396 52.47 32.02 -27.04
C LEU D 396 51.90 31.61 -25.69
N VAL D 397 51.72 30.31 -25.51
CA VAL D 397 51.36 29.75 -24.21
C VAL D 397 52.45 28.77 -23.78
N THR D 398 52.96 28.95 -22.58
CA THR D 398 54.08 28.14 -22.13
C THR D 398 54.17 28.13 -20.62
N MET D 399 54.65 27.00 -20.08
CA MET D 399 54.78 26.86 -18.64
C MET D 399 55.85 25.85 -18.28
N CYS D 400 56.42 26.02 -17.10
CA CYS D 400 57.39 25.08 -16.57
C CYS D 400 56.65 23.90 -15.94
N ILE D 401 57.37 22.79 -15.78
CA ILE D 401 56.78 21.52 -15.40
C ILE D 401 57.65 20.85 -14.35
N GLY D 402 57.04 20.50 -13.22
CA GLY D 402 57.73 19.76 -12.17
C GLY D 402 58.45 18.51 -12.65
N GLY D 403 59.67 18.33 -12.16
CA GLY D 403 60.51 17.21 -12.58
C GLY D 403 61.47 17.60 -13.68
N GLY D 404 61.33 18.83 -14.17
CA GLY D 404 62.24 19.39 -15.16
C GLY D 404 61.76 19.26 -16.59
N GLN D 405 60.71 20.00 -16.93
CA GLN D 405 60.24 20.05 -18.31
C GLN D 405 59.63 21.40 -18.64
N GLY D 406 59.48 21.65 -19.94
CA GLY D 406 58.71 22.77 -20.42
C GLY D 406 57.85 22.39 -21.60
N ILE D 407 56.75 23.13 -21.75
CA ILE D 407 55.88 22.95 -22.87
C ILE D 407 55.49 24.32 -23.39
N ALA D 408 55.28 24.41 -24.70
CA ALA D 408 54.92 25.67 -25.33
C ALA D 408 54.12 25.42 -26.59
N ALA D 409 53.16 26.30 -26.86
CA ALA D 409 52.41 26.24 -28.09
C ALA D 409 52.20 27.65 -28.62
N ILE D 410 52.09 27.78 -29.93
CA ILE D 410 51.88 29.06 -30.55
C ILE D 410 50.61 29.03 -31.38
N PHE D 411 49.80 30.08 -31.24
CA PHE D 411 48.52 30.18 -31.92
C PHE D 411 48.52 31.44 -32.79
N GLU D 412 47.73 31.42 -33.87
CA GLU D 412 47.58 32.58 -34.74
C GLU D 412 46.10 32.91 -34.88
N ARG D 413 45.72 34.17 -34.62
CA ARG D 413 44.35 34.56 -34.95
C ARG D 413 44.19 34.85 -36.44
N THR E 22 -66.98 -23.50 31.22
CA THR E 22 -65.54 -23.64 31.62
C THR E 22 -64.75 -24.27 30.47
N ARG E 23 -64.42 -23.46 29.49
CA ARG E 23 -63.60 -23.90 28.38
C ARG E 23 -62.16 -24.06 28.83
N GLU E 24 -61.44 -24.97 28.17
CA GLU E 24 -60.10 -25.33 28.59
C GLU E 24 -59.19 -25.38 27.37
N VAL E 25 -57.96 -24.89 27.52
CA VAL E 25 -57.02 -24.86 26.40
C VAL E 25 -56.03 -26.00 26.52
N VAL E 26 -55.84 -26.73 25.43
CA VAL E 26 -54.90 -27.83 25.40
C VAL E 26 -53.90 -27.64 24.25
N VAL E 27 -52.64 -27.95 24.53
CA VAL E 27 -51.58 -27.92 23.52
C VAL E 27 -51.42 -29.27 22.84
N VAL E 28 -51.51 -29.28 21.51
CA VAL E 28 -51.61 -30.52 20.77
C VAL E 28 -50.30 -30.81 20.02
N SER E 29 -49.53 -29.76 19.77
CA SER E 29 -48.18 -29.95 19.24
C SER E 29 -47.29 -28.77 19.59
N GLY E 30 -45.99 -29.01 19.59
CA GLY E 30 -45.00 -27.96 19.83
C GLY E 30 -43.71 -28.28 19.09
N VAL E 31 -43.25 -27.36 18.25
CA VAL E 31 -41.96 -27.54 17.59
C VAL E 31 -41.14 -26.22 17.58
N ARG E 32 -39.82 -26.38 17.53
CA ARG E 32 -38.92 -25.24 17.42
C ARG E 32 -37.85 -25.52 16.39
N THR E 33 -37.21 -24.47 15.90
CA THR E 33 -35.93 -24.60 15.25
C THR E 33 -34.86 -24.89 16.29
N ALA E 34 -33.75 -25.48 15.87
CA ALA E 34 -32.49 -25.33 16.59
C ALA E 34 -32.15 -23.86 16.73
N ILE E 35 -31.43 -23.52 17.79
CA ILE E 35 -31.12 -22.14 18.09
C ILE E 35 -29.77 -21.77 17.49
N GLY E 36 -29.79 -20.87 16.52
CA GLY E 36 -28.57 -20.42 15.85
C GLY E 36 -27.87 -19.34 16.64
N THR E 37 -26.55 -19.25 16.46
CA THR E 37 -25.76 -18.23 17.12
C THR E 37 -25.72 -16.97 16.25
N PHE E 38 -25.57 -15.83 16.90
CA PHE E 38 -25.45 -14.54 16.24
C PHE E 38 -24.36 -14.55 15.17
N GLY E 39 -24.74 -14.28 13.92
CA GLY E 39 -23.83 -14.40 12.79
C GLY E 39 -23.57 -15.83 12.37
N GLY E 40 -24.42 -16.75 12.83
CA GLY E 40 -24.18 -18.18 12.65
C GLY E 40 -25.08 -18.81 11.60
N SER E 41 -25.58 -20.00 11.90
CA SER E 41 -26.12 -20.89 10.87
C SER E 41 -27.41 -20.35 10.27
N LEU E 42 -28.09 -19.47 11.01
CA LEU E 42 -29.39 -18.96 10.58
C LEU E 42 -29.30 -17.50 10.14
N LYS E 43 -28.07 -17.04 9.93
CA LYS E 43 -27.81 -15.62 9.65
C LYS E 43 -28.53 -15.17 8.36
N ASP E 44 -28.82 -16.11 7.46
CA ASP E 44 -29.41 -15.78 6.17
C ASP E 44 -30.88 -16.16 6.06
N VAL E 45 -31.52 -16.46 7.19
CA VAL E 45 -32.94 -16.85 7.19
C VAL E 45 -33.79 -15.88 8.00
N ALA E 46 -34.72 -15.21 7.32
CA ALA E 46 -35.46 -14.12 7.92
C ALA E 46 -36.50 -14.67 8.89
N PRO E 47 -36.89 -13.89 9.90
CA PRO E 47 -37.90 -14.28 10.88
C PRO E 47 -39.17 -14.82 10.24
N ALA E 48 -39.64 -14.17 9.18
CA ALA E 48 -40.83 -14.62 8.44
C ALA E 48 -40.71 -16.08 7.98
N GLU E 49 -39.53 -16.46 7.51
CA GLU E 49 -39.30 -17.81 7.01
C GLU E 49 -39.13 -18.80 8.16
N LEU E 50 -38.45 -18.36 9.22
CA LEU E 50 -38.33 -19.18 10.43
C LEU E 50 -39.70 -19.44 11.04
N GLY E 51 -40.57 -18.43 11.02
CA GLY E 51 -41.91 -18.55 11.56
C GLY E 51 -42.81 -19.44 10.74
N ALA E 52 -42.73 -19.32 9.41
CA ALA E 52 -43.55 -20.13 8.52
C ALA E 52 -43.16 -21.59 8.65
N LEU E 53 -41.88 -21.85 8.87
CA LEU E 53 -41.38 -23.22 8.99
C LEU E 53 -41.97 -23.91 10.22
N VAL E 54 -41.91 -23.25 11.37
CA VAL E 54 -42.41 -23.87 12.60
C VAL E 54 -43.94 -23.95 12.61
N VAL E 55 -44.61 -23.03 11.93
CA VAL E 55 -46.06 -23.09 11.80
C VAL E 55 -46.47 -24.31 10.99
N ARG E 56 -45.83 -24.49 9.83
CA ARG E 56 -46.14 -25.61 8.96
C ARG E 56 -45.90 -26.93 9.68
N GLU E 57 -44.77 -27.04 10.37
CA GLU E 57 -44.36 -28.31 10.95
C GLU E 57 -45.16 -28.60 12.21
N ALA E 58 -45.52 -27.56 12.96
CA ALA E 58 -46.38 -27.72 14.12
C ALA E 58 -47.78 -28.23 13.74
N LEU E 59 -48.30 -27.72 12.64
CA LEU E 59 -49.61 -28.15 12.14
C LEU E 59 -49.56 -29.59 11.68
N ALA E 60 -48.52 -29.94 10.94
CA ALA E 60 -48.31 -31.33 10.50
C ALA E 60 -48.22 -32.27 11.69
N ARG E 61 -47.43 -31.91 12.68
CA ARG E 61 -47.26 -32.75 13.87
C ARG E 61 -48.58 -32.93 14.60
N ALA E 62 -49.42 -31.90 14.58
CA ALA E 62 -50.71 -31.94 15.28
C ALA E 62 -51.75 -32.69 14.47
N GLN E 63 -51.41 -32.97 13.20
CA GLN E 63 -52.39 -33.47 12.24
C GLN E 63 -53.58 -32.54 12.15
N VAL E 64 -53.30 -31.25 12.05
CA VAL E 64 -54.35 -30.24 11.89
C VAL E 64 -54.13 -29.45 10.59
N SER E 65 -55.22 -29.26 9.84
CA SER E 65 -55.16 -28.49 8.61
C SER E 65 -55.06 -27.01 8.92
N GLY E 66 -54.25 -26.30 8.13
CA GLY E 66 -54.17 -24.84 8.23
C GLY E 66 -55.50 -24.18 7.98
N ASP E 67 -56.40 -24.88 7.31
CA ASP E 67 -57.73 -24.36 7.03
C ASP E 67 -58.58 -24.26 8.30
N ASP E 68 -58.17 -24.96 9.35
CA ASP E 68 -58.98 -25.08 10.57
C ASP E 68 -58.47 -24.18 11.69
N VAL E 69 -57.37 -23.47 11.45
CA VAL E 69 -56.84 -22.53 12.43
C VAL E 69 -57.64 -21.23 12.46
N GLY E 70 -58.02 -20.80 13.67
CA GLY E 70 -58.90 -19.66 13.82
C GLY E 70 -58.17 -18.39 14.23
N HIS E 71 -56.98 -18.56 14.80
CA HIS E 71 -56.17 -17.42 15.21
C HIS E 71 -54.70 -17.76 15.29
N VAL E 72 -53.86 -16.79 14.93
CA VAL E 72 -52.43 -16.93 15.06
C VAL E 72 -51.87 -15.68 15.74
N VAL E 73 -51.06 -15.91 16.77
CA VAL E 73 -50.30 -14.86 17.42
C VAL E 73 -48.82 -15.19 17.46
N PHE E 74 -47.97 -14.25 17.03
CA PHE E 74 -46.54 -14.43 17.08
C PHE E 74 -45.87 -13.35 17.91
N GLY E 75 -44.86 -13.75 18.66
CA GLY E 75 -43.99 -12.81 19.37
C GLY E 75 -42.79 -12.40 18.53
N ASN E 76 -42.41 -11.13 18.64
CA ASN E 76 -41.21 -10.62 17.99
C ASN E 76 -40.90 -9.23 18.51
N VAL E 77 -39.61 -8.96 18.70
CA VAL E 77 -39.19 -7.69 19.29
C VAL E 77 -38.52 -6.81 18.23
N ILE E 78 -37.64 -7.40 17.44
CA ILE E 78 -36.82 -6.62 16.51
C ILE E 78 -37.31 -6.75 15.08
N GLN E 79 -37.84 -5.67 14.54
CA GLN E 79 -38.24 -5.63 13.13
C GLN E 79 -37.00 -5.54 12.24
N THR E 80 -36.77 -6.58 11.46
CA THR E 80 -35.57 -6.66 10.60
C THR E 80 -35.84 -6.18 9.19
N GLU E 81 -37.11 -6.23 8.79
CA GLU E 81 -37.54 -5.76 7.49
C GLU E 81 -39.02 -5.39 7.58
N PRO E 82 -39.57 -4.79 6.50
CA PRO E 82 -40.97 -4.38 6.50
C PRO E 82 -41.96 -5.53 6.75
N ARG E 83 -41.62 -6.72 6.26
CA ARG E 83 -42.51 -7.88 6.46
C ARG E 83 -42.67 -8.21 7.94
N ASP E 84 -41.72 -7.81 8.76
CA ASP E 84 -41.76 -8.15 10.16
C ASP E 84 -42.85 -7.38 10.89
N MET E 85 -43.32 -6.30 10.30
CA MET E 85 -44.50 -5.62 10.80
C MET E 85 -45.77 -6.46 10.60
N TYR E 86 -45.64 -7.54 9.84
CA TYR E 86 -46.77 -8.39 9.47
C TYR E 86 -46.53 -9.80 9.95
N LEU E 87 -45.57 -9.98 10.86
CA LEU E 87 -44.89 -11.26 11.02
C LEU E 87 -45.88 -12.38 11.26
N GLY E 88 -46.79 -12.16 12.21
CA GLY E 88 -47.81 -13.15 12.53
C GLY E 88 -48.56 -13.59 11.28
N ARG E 89 -48.97 -12.62 10.48
CA ARG E 89 -49.73 -12.89 9.26
C ARG E 89 -48.89 -13.62 8.22
N VAL E 90 -47.62 -13.24 8.10
CA VAL E 90 -46.76 -13.86 7.11
C VAL E 90 -46.37 -15.28 7.49
N ALA E 91 -46.06 -15.47 8.77
CA ALA E 91 -45.71 -16.80 9.27
C ALA E 91 -46.91 -17.73 9.18
N ALA E 92 -48.10 -17.19 9.43
CA ALA E 92 -49.33 -17.94 9.33
C ALA E 92 -49.57 -18.40 7.89
N VAL E 93 -49.69 -17.44 6.99
CA VAL E 93 -50.16 -17.73 5.63
C VAL E 93 -49.11 -18.52 4.84
N ASN E 94 -47.85 -18.20 5.04
CA ASN E 94 -46.76 -18.93 4.36
C ASN E 94 -46.52 -20.28 5.00
N GLY E 95 -47.00 -20.45 6.22
CA GLY E 95 -46.96 -21.75 6.86
C GLY E 95 -48.18 -22.61 6.57
N GLY E 96 -49.11 -22.07 5.79
CA GLY E 96 -50.22 -22.85 5.27
C GLY E 96 -51.53 -22.63 6.03
N VAL E 97 -51.51 -21.67 6.95
CA VAL E 97 -52.74 -21.22 7.59
C VAL E 97 -53.60 -20.45 6.59
N THR E 98 -54.91 -20.67 6.66
CA THR E 98 -55.85 -20.02 5.74
C THR E 98 -55.78 -18.52 5.88
N ILE E 99 -55.94 -17.83 4.76
CA ILE E 99 -56.04 -16.36 4.77
C ILE E 99 -57.21 -15.86 5.58
N ASN E 100 -58.15 -16.75 5.91
CA ASN E 100 -59.35 -16.36 6.66
C ASN E 100 -59.07 -16.20 8.15
N ALA E 101 -57.92 -16.67 8.59
CA ALA E 101 -57.55 -16.58 10.01
C ALA E 101 -56.95 -15.20 10.33
N PRO E 102 -57.44 -14.58 11.42
CA PRO E 102 -56.75 -13.42 12.01
C PRO E 102 -55.35 -13.75 12.52
N ALA E 103 -54.43 -12.79 12.42
CA ALA E 103 -53.03 -13.00 12.76
C ALA E 103 -52.45 -11.76 13.44
N LEU E 104 -51.85 -11.97 14.61
CA LEU E 104 -51.36 -10.88 15.45
C LEU E 104 -49.84 -11.02 15.67
N THR E 105 -49.18 -9.88 15.84
CA THR E 105 -47.82 -9.87 16.36
C THR E 105 -47.80 -9.14 17.69
N VAL E 106 -47.13 -9.73 18.68
CA VAL E 106 -47.05 -9.11 20.00
C VAL E 106 -45.61 -8.89 20.44
N ASN E 107 -45.44 -7.88 21.29
CA ASN E 107 -44.13 -7.53 21.82
C ASN E 107 -44.20 -7.27 23.32
N ARG E 108 -43.79 -8.26 24.11
CA ARG E 108 -43.48 -8.02 25.52
C ARG E 108 -42.02 -8.38 25.75
N LEU E 109 -41.18 -7.89 24.84
CA LEU E 109 -39.75 -8.11 24.87
C LEU E 109 -39.39 -9.57 25.07
N CYS E 110 -38.57 -9.84 26.09
CA CYS E 110 -38.07 -11.20 26.31
C CYS E 110 -39.20 -12.19 26.58
N GLY E 111 -40.37 -11.66 26.96
CA GLY E 111 -41.52 -12.51 27.23
C GLY E 111 -42.43 -12.76 26.03
N SER E 112 -42.09 -12.21 24.88
CA SER E 112 -43.02 -12.08 23.77
C SER E 112 -43.54 -13.44 23.37
N GLY E 113 -42.66 -14.43 23.36
CA GLY E 113 -42.98 -15.75 22.85
C GLY E 113 -43.99 -16.47 23.70
N LEU E 114 -43.91 -16.31 25.02
CA LEU E 114 -44.91 -16.88 25.93
C LEU E 114 -46.17 -16.03 25.95
N GLN E 115 -46.03 -14.71 25.81
CA GLN E 115 -47.19 -13.86 25.61
C GLN E 115 -48.03 -14.29 24.41
N ALA E 116 -47.36 -14.64 23.30
CA ALA E 116 -48.08 -15.02 22.09
C ALA E 116 -48.95 -16.24 22.37
N ILE E 117 -48.40 -17.17 23.15
CA ILE E 117 -49.10 -18.38 23.51
C ILE E 117 -50.25 -18.11 24.47
N VAL E 118 -50.04 -17.17 25.38
CA VAL E 118 -51.11 -16.70 26.26
C VAL E 118 -52.23 -15.98 25.49
N SER E 119 -51.86 -15.05 24.61
CA SER E 119 -52.86 -14.31 23.85
C SER E 119 -53.68 -15.24 22.95
N ALA E 120 -53.01 -16.24 22.35
CA ALA E 120 -53.68 -17.21 21.50
C ALA E 120 -54.64 -18.07 22.33
N ALA E 121 -54.20 -18.47 23.51
CA ALA E 121 -55.03 -19.26 24.41
C ALA E 121 -56.25 -18.47 24.86
N GLN E 122 -56.07 -17.17 25.07
CA GLN E 122 -57.17 -16.30 25.47
C GLN E 122 -58.29 -16.27 24.44
N THR E 123 -57.95 -16.29 23.16
CA THR E 123 -58.97 -16.30 22.12
C THR E 123 -59.78 -17.59 22.17
N ILE E 124 -59.15 -18.67 22.60
CA ILE E 124 -59.85 -19.94 22.77
C ILE E 124 -60.73 -19.92 24.03
N LEU E 125 -60.18 -19.39 25.12
CA LEU E 125 -60.86 -19.39 26.40
C LEU E 125 -62.13 -18.55 26.33
N LEU E 126 -62.10 -17.50 25.53
CA LEU E 126 -63.23 -16.57 25.46
C LEU E 126 -64.17 -16.94 24.33
N GLY E 127 -63.87 -18.03 23.65
CA GLY E 127 -64.80 -18.63 22.70
C GLY E 127 -64.74 -18.00 21.33
N ASP E 128 -63.67 -17.24 21.06
CA ASP E 128 -63.50 -16.59 19.76
C ASP E 128 -63.17 -17.63 18.71
N THR E 129 -62.54 -18.72 19.14
CA THR E 129 -62.19 -19.80 18.23
C THR E 129 -61.88 -21.05 19.04
N ASP E 130 -61.75 -22.18 18.34
CA ASP E 130 -61.46 -23.45 19.00
C ASP E 130 -60.03 -23.90 18.73
N VAL E 131 -59.39 -23.30 17.73
CA VAL E 131 -58.05 -23.70 17.31
C VAL E 131 -57.19 -22.45 17.10
N ALA E 132 -56.02 -22.41 17.71
CA ALA E 132 -55.13 -21.27 17.55
C ALA E 132 -53.66 -21.66 17.64
N ILE E 133 -52.81 -20.81 17.08
CA ILE E 133 -51.37 -21.03 17.10
C ILE E 133 -50.70 -19.87 17.85
N GLY E 134 -49.90 -20.22 18.85
CA GLY E 134 -48.96 -19.28 19.43
C GLY E 134 -47.54 -19.62 19.06
N GLY E 135 -46.75 -18.62 18.71
CA GLY E 135 -45.33 -18.82 18.46
C GLY E 135 -44.51 -17.55 18.59
N GLY E 136 -43.22 -17.68 18.33
CA GLY E 136 -42.32 -16.54 18.29
C GLY E 136 -41.22 -16.76 17.29
N ALA E 137 -40.68 -15.67 16.76
CA ALA E 137 -39.54 -15.74 15.85
C ALA E 137 -38.68 -14.51 16.08
N GLU E 138 -37.37 -14.73 16.14
CA GLU E 138 -36.42 -13.64 16.30
C GLU E 138 -35.14 -13.94 15.56
N SER E 139 -34.67 -12.95 14.80
CA SER E 139 -33.36 -13.04 14.17
C SER E 139 -32.48 -11.86 14.60
N MET E 140 -31.66 -12.09 15.62
CA MET E 140 -30.80 -11.04 16.13
C MET E 140 -29.59 -10.84 15.19
N SER E 141 -29.27 -11.87 14.40
CA SER E 141 -28.32 -11.73 13.30
C SER E 141 -28.74 -10.64 12.32
N ARG E 142 -30.03 -10.56 12.04
CA ARG E 142 -30.52 -9.71 10.96
C ARG E 142 -31.12 -8.43 11.50
N ALA E 143 -30.94 -8.19 12.79
CA ALA E 143 -31.32 -6.92 13.37
C ALA E 143 -30.72 -5.77 12.57
N PRO E 144 -31.51 -4.71 12.33
CA PRO E 144 -31.09 -3.63 11.47
C PRO E 144 -30.30 -2.55 12.20
N TYR E 145 -29.65 -1.70 11.44
CA TYR E 145 -29.32 -0.36 11.89
C TYR E 145 -30.39 0.62 11.39
N LEU E 146 -30.73 1.57 12.24
CA LEU E 146 -31.65 2.65 11.85
C LEU E 146 -30.84 3.90 11.50
N ALA E 147 -31.41 4.73 10.64
CA ALA E 147 -30.85 6.06 10.37
C ALA E 147 -31.92 7.12 10.61
N PRO E 148 -31.96 7.65 11.84
CA PRO E 148 -33.10 8.48 12.24
C PRO E 148 -33.06 9.88 11.66
N ALA E 149 -31.93 10.25 11.05
CA ALA E 149 -31.78 11.58 10.47
C ALA E 149 -32.04 11.56 8.97
N ALA E 150 -32.18 10.37 8.42
CA ALA E 150 -32.28 10.20 6.97
C ALA E 150 -33.51 10.89 6.37
N ARG E 151 -34.64 10.84 7.07
CA ARG E 151 -35.89 11.32 6.52
C ARG E 151 -35.89 12.84 6.34
N TRP E 152 -35.52 13.55 7.40
CA TRP E 152 -35.67 14.99 7.42
C TRP E 152 -34.32 15.69 7.36
N GLY E 153 -33.25 14.92 7.52
CA GLY E 153 -31.90 15.42 7.29
C GLY E 153 -31.17 15.76 8.57
N ALA E 154 -29.86 15.57 8.57
CA ALA E 154 -29.03 15.92 9.72
C ALA E 154 -28.57 17.37 9.62
N ARG E 155 -28.53 17.89 8.38
CA ARG E 155 -28.14 19.27 8.12
C ARG E 155 -26.63 19.49 8.28
N MET E 156 -26.13 19.39 9.51
CA MET E 156 -24.72 19.61 9.79
C MET E 156 -24.31 18.86 11.06
N GLY E 157 -23.19 18.15 10.99
CA GLY E 157 -22.71 17.37 12.13
C GLY E 157 -22.89 15.88 11.90
N ASP E 158 -22.05 15.08 12.54
CA ASP E 158 -22.08 13.64 12.36
C ASP E 158 -23.43 13.10 12.84
N ALA E 159 -23.92 12.08 12.17
CA ALA E 159 -25.21 11.48 12.51
C ALA E 159 -25.03 10.01 12.85
N GLY E 160 -26.10 9.37 13.28
CA GLY E 160 -26.02 8.04 13.90
C GLY E 160 -26.61 6.97 13.01
N LEU E 161 -25.96 5.80 12.98
CA LEU E 161 -26.63 4.56 12.63
C LEU E 161 -26.88 3.72 13.87
N VAL E 162 -28.15 3.59 14.24
CA VAL E 162 -28.53 3.05 15.54
C VAL E 162 -28.66 1.53 15.46
N ASP E 163 -27.90 0.83 16.30
CA ASP E 163 -27.94 -0.62 16.36
C ASP E 163 -29.19 -1.09 17.14
N MET E 164 -30.17 -1.62 16.43
CA MET E 164 -31.48 -1.86 17.02
C MET E 164 -31.49 -3.13 17.88
N MET E 165 -30.53 -4.01 17.67
CA MET E 165 -30.36 -5.16 18.55
C MET E 165 -29.96 -4.72 19.95
N LEU E 166 -28.92 -3.89 20.03
CA LEU E 166 -28.52 -3.31 21.29
C LEU E 166 -29.65 -2.46 21.89
N GLY E 167 -30.42 -1.83 21.00
CA GLY E 167 -31.60 -1.08 21.43
C GLY E 167 -32.55 -1.93 22.23
N ALA E 168 -32.75 -3.18 21.78
CA ALA E 168 -33.62 -4.11 22.48
C ALA E 168 -33.07 -4.49 23.85
N LEU E 169 -31.75 -4.41 23.98
CA LEU E 169 -31.06 -4.88 25.18
C LEU E 169 -30.75 -3.77 26.18
N HIS E 170 -31.27 -2.57 25.93
CA HIS E 170 -31.13 -1.48 26.87
C HIS E 170 -32.48 -1.08 27.46
N ASP E 171 -32.48 -0.78 28.74
CA ASP E 171 -33.67 -0.29 29.41
C ASP E 171 -34.03 1.10 28.90
N PRO E 172 -35.33 1.34 28.66
CA PRO E 172 -35.77 2.53 27.94
C PRO E 172 -35.89 3.75 28.85
N PHE E 173 -35.85 3.53 30.16
CA PHE E 173 -35.91 4.62 31.13
C PHE E 173 -34.51 5.11 31.50
N HIS E 174 -33.57 4.18 31.64
CA HIS E 174 -32.27 4.48 32.23
C HIS E 174 -31.11 4.26 31.24
N ARG E 175 -31.43 3.70 30.08
CA ARG E 175 -30.45 3.45 29.01
C ARG E 175 -29.26 2.66 29.53
N ILE E 176 -29.54 1.68 30.39
CA ILE E 176 -28.50 0.74 30.82
C ILE E 176 -28.75 -0.63 30.21
N HIS E 177 -27.67 -1.33 29.89
CA HIS E 177 -27.76 -2.69 29.38
C HIS E 177 -28.48 -3.59 30.39
N MET E 178 -29.24 -4.57 29.88
CA MET E 178 -29.86 -5.58 30.72
C MET E 178 -28.86 -6.18 31.71
N GLY E 179 -27.59 -6.23 31.29
CA GLY E 179 -26.54 -6.87 32.08
C GLY E 179 -26.19 -6.12 33.36
N VAL E 180 -26.39 -4.82 33.33
CA VAL E 180 -26.21 -4.00 34.48
C VAL E 180 -27.30 -4.31 35.47
N THR E 181 -28.48 -4.48 34.92
CA THR E 181 -29.66 -4.78 35.72
C THR E 181 -29.46 -6.11 36.44
N ALA E 182 -28.73 -7.02 35.80
CA ALA E 182 -28.41 -8.31 36.40
C ALA E 182 -27.42 -8.14 37.56
N GLU E 183 -26.52 -7.17 37.43
CA GLU E 183 -25.58 -6.85 38.51
C GLU E 183 -26.33 -6.36 39.74
N ASN E 184 -27.36 -5.54 39.52
CA ASN E 184 -28.21 -5.07 40.61
C ASN E 184 -28.86 -6.22 41.34
N VAL E 185 -29.31 -7.22 40.59
CA VAL E 185 -30.01 -8.36 41.16
C VAL E 185 -29.04 -9.27 41.91
N ALA E 186 -27.88 -9.51 41.30
CA ALA E 186 -26.82 -10.28 41.95
C ALA E 186 -26.46 -9.65 43.29
N LYS E 187 -26.38 -8.31 43.31
CA LYS E 187 -26.10 -7.58 44.53
C LYS E 187 -27.20 -7.78 45.57
N GLU E 188 -28.45 -7.60 45.16
CA GLU E 188 -29.56 -7.54 46.10
C GLU E 188 -29.86 -8.93 46.67
N TYR E 189 -29.61 -9.97 45.88
CA TYR E 189 -29.94 -11.33 46.29
C TYR E 189 -28.68 -12.14 46.59
N ASP E 190 -27.54 -11.47 46.62
CA ASP E 190 -26.30 -12.06 47.13
C ASP E 190 -25.93 -13.29 46.30
N ILE E 191 -25.84 -13.15 45.00
CA ILE E 191 -25.32 -14.22 44.16
C ILE E 191 -23.95 -13.90 43.65
N SER E 192 -22.97 -14.67 44.07
CA SER E 192 -21.57 -14.36 43.91
C SER E 192 -21.14 -14.65 42.48
N ARG E 193 -19.99 -14.13 42.09
CA ARG E 193 -19.36 -14.49 40.84
C ARG E 193 -19.19 -16.00 40.73
N ALA E 194 -18.70 -16.63 41.80
CA ALA E 194 -18.47 -18.07 41.81
C ALA E 194 -19.77 -18.84 41.56
N GLN E 195 -20.85 -18.39 42.19
CA GLN E 195 -22.16 -19.00 41.98
C GLN E 195 -22.62 -18.87 40.53
N GLN E 196 -22.43 -17.70 39.95
CA GLN E 196 -22.91 -17.45 38.58
C GLN E 196 -22.14 -18.29 37.58
N ASP E 197 -20.84 -18.45 37.81
CA ASP E 197 -19.99 -19.20 36.88
C ASP E 197 -20.25 -20.70 36.96
N GLU E 198 -20.53 -21.19 38.17
CA GLU E 198 -20.89 -22.60 38.36
C GLU E 198 -22.24 -22.91 37.70
N ALA E 199 -23.19 -21.99 37.85
CA ALA E 199 -24.49 -22.13 37.19
C ALA E 199 -24.33 -22.12 35.67
N ALA E 200 -23.41 -21.30 35.17
CA ALA E 200 -23.20 -21.18 33.72
C ALA E 200 -22.58 -22.46 33.17
N LEU E 201 -21.59 -22.98 33.89
CA LEU E 201 -20.93 -24.22 33.50
C LEU E 201 -21.92 -25.38 33.49
N GLU E 202 -22.77 -25.42 34.50
CA GLU E 202 -23.78 -26.47 34.62
C GLU E 202 -24.81 -26.40 33.48
N SER E 203 -25.18 -25.20 33.07
CA SER E 203 -26.15 -25.03 31.99
C SER E 203 -25.62 -25.62 30.70
N HIS E 204 -24.33 -25.39 30.45
CA HIS E 204 -23.67 -25.98 29.28
C HIS E 204 -23.60 -27.50 29.39
N ARG E 205 -23.25 -27.99 30.57
CA ARG E 205 -23.14 -29.43 30.79
C ARG E 205 -24.50 -30.09 30.56
N ARG E 206 -25.55 -29.50 31.13
CA ARG E 206 -26.89 -30.04 30.98
C ARG E 206 -27.35 -30.02 29.52
N ALA E 207 -27.06 -28.93 28.83
CA ALA E 207 -27.44 -28.81 27.43
C ALA E 207 -26.72 -29.85 26.59
N SER E 208 -25.43 -30.00 26.84
CA SER E 208 -24.61 -30.95 26.08
C SER E 208 -25.10 -32.38 26.29
N ALA E 209 -25.40 -32.72 27.53
CA ALA E 209 -25.91 -34.04 27.87
C ALA E 209 -27.24 -34.29 27.17
N ALA E 210 -28.09 -33.28 27.15
CA ALA E 210 -29.40 -33.37 26.52
C ALA E 210 -29.30 -33.56 25.01
N ILE E 211 -28.40 -32.84 24.36
CA ILE E 211 -28.22 -32.96 22.92
C ILE E 211 -27.73 -34.36 22.57
N LYS E 212 -26.75 -34.85 23.31
CA LYS E 212 -26.14 -36.15 23.03
C LYS E 212 -27.11 -37.31 23.29
N ALA E 213 -27.93 -37.17 24.33
CA ALA E 213 -28.91 -38.20 24.66
C ALA E 213 -30.12 -38.11 23.74
N GLY E 214 -30.17 -37.07 22.93
CA GLY E 214 -31.15 -36.97 21.86
C GLY E 214 -32.49 -36.46 22.36
N TYR E 215 -32.47 -35.74 23.47
CA TYR E 215 -33.70 -35.24 24.09
C TYR E 215 -34.45 -34.27 23.17
N PHE E 216 -33.70 -33.51 22.36
CA PHE E 216 -34.28 -32.42 21.58
C PHE E 216 -34.67 -32.89 20.19
N LYS E 217 -34.29 -34.12 19.84
CA LYS E 217 -34.43 -34.61 18.46
C LYS E 217 -35.85 -34.41 17.94
N ASP E 218 -36.83 -34.78 18.75
CA ASP E 218 -38.22 -34.83 18.31
C ASP E 218 -38.79 -33.43 18.06
N GLN E 219 -38.40 -32.48 18.90
CA GLN E 219 -39.04 -31.18 18.93
C GLN E 219 -38.43 -30.23 17.89
N ILE E 220 -37.26 -30.57 17.38
CA ILE E 220 -36.52 -29.67 16.49
C ILE E 220 -36.91 -29.93 15.04
N VAL E 221 -37.38 -28.89 14.34
CA VAL E 221 -37.51 -28.92 12.89
C VAL E 221 -36.23 -28.45 12.23
N PRO E 222 -35.68 -29.27 11.32
CA PRO E 222 -34.49 -28.86 10.57
C PRO E 222 -34.76 -27.62 9.71
N VAL E 223 -33.81 -26.70 9.68
CA VAL E 223 -33.73 -25.69 8.62
C VAL E 223 -32.68 -26.10 7.58
N VAL E 224 -33.13 -26.28 6.34
CA VAL E 224 -32.21 -26.69 5.28
C VAL E 224 -32.06 -25.58 4.25
N SER E 225 -30.81 -25.19 4.02
CA SER E 225 -30.51 -24.16 3.03
C SER E 225 -29.78 -24.78 1.85
N ASP E 231 -26.38 -28.49 -0.24
CA ASP E 231 -27.45 -28.76 0.74
C ASP E 231 -26.95 -28.80 2.17
N VAL E 232 -27.38 -27.82 2.97
CA VAL E 232 -27.01 -27.74 4.37
C VAL E 232 -28.24 -27.80 5.27
N THR E 233 -28.19 -28.69 6.24
CA THR E 233 -29.24 -28.87 7.23
C THR E 233 -28.81 -28.43 8.63
N PHE E 234 -29.52 -27.50 9.24
CA PHE E 234 -29.18 -27.05 10.59
C PHE E 234 -30.22 -27.56 11.56
N ASP E 235 -29.80 -28.38 12.51
CA ASP E 235 -30.74 -29.07 13.40
C ASP E 235 -30.18 -29.30 14.80
N THR E 236 -29.05 -28.65 15.11
CA THR E 236 -28.43 -28.82 16.40
C THR E 236 -28.08 -27.49 17.04
N ASP E 237 -28.44 -27.34 18.30
CA ASP E 237 -28.29 -26.07 19.01
C ASP E 237 -26.81 -25.68 19.16
N GLU E 238 -26.38 -24.67 18.40
CA GLU E 238 -24.95 -24.51 18.10
C GLU E 238 -24.27 -23.58 19.11
N HIS E 239 -25.03 -23.04 20.04
CA HIS E 239 -24.47 -22.13 21.03
C HIS E 239 -23.74 -22.90 22.14
N VAL E 240 -24.12 -24.16 22.33
CA VAL E 240 -23.66 -24.92 23.48
C VAL E 240 -22.18 -25.26 23.35
N ARG E 241 -21.46 -25.21 24.47
CA ARG E 241 -20.05 -25.55 24.50
C ARG E 241 -19.84 -26.90 25.18
N HIS E 242 -19.53 -27.91 24.39
CA HIS E 242 -19.57 -29.30 24.86
C HIS E 242 -18.33 -29.64 25.68
N ASP E 243 -17.34 -28.75 25.65
CA ASP E 243 -16.04 -29.02 26.26
C ASP E 243 -15.72 -27.97 27.32
N ALA E 244 -16.75 -27.31 27.82
CA ALA E 244 -16.57 -26.16 28.72
C ALA E 244 -15.97 -26.59 30.04
N THR E 245 -15.10 -25.76 30.60
CA THR E 245 -14.56 -25.99 31.93
C THR E 245 -14.79 -24.77 32.81
N ILE E 246 -14.60 -24.92 34.11
CA ILE E 246 -14.88 -23.85 35.06
C ILE E 246 -13.87 -22.71 34.90
N ASP E 247 -12.67 -23.04 34.45
CA ASP E 247 -11.64 -22.03 34.26
C ASP E 247 -11.88 -21.20 32.99
N ASP E 248 -12.68 -21.74 32.07
CA ASP E 248 -13.22 -20.96 30.96
C ASP E 248 -14.07 -19.81 31.47
N MET E 249 -14.89 -20.08 32.48
CA MET E 249 -15.71 -19.04 33.09
C MET E 249 -14.86 -18.05 33.87
N THR E 250 -14.03 -18.58 34.74
CA THR E 250 -13.37 -17.78 35.73
C THR E 250 -12.41 -16.78 35.20
N LYS E 251 -11.84 -17.10 34.08
CA LYS E 251 -10.83 -16.25 33.46
C LYS E 251 -11.44 -15.03 32.78
N LEU E 252 -12.76 -15.05 32.60
CA LEU E 252 -13.44 -13.97 31.90
C LEU E 252 -13.57 -12.75 32.78
N ARG E 253 -13.62 -11.57 32.15
CA ARG E 253 -13.74 -10.31 32.88
C ARG E 253 -15.17 -9.79 32.77
N PRO E 254 -15.63 -9.09 33.82
CA PRO E 254 -16.95 -8.44 33.80
C PRO E 254 -17.06 -7.46 32.64
N VAL E 255 -18.21 -7.46 31.98
CA VAL E 255 -18.37 -6.78 30.70
C VAL E 255 -19.27 -5.55 30.84
N PHE E 256 -20.12 -5.54 31.86
CA PHE E 256 -21.22 -4.58 31.93
C PHE E 256 -20.94 -3.47 32.92
N GLU E 259 -16.30 -0.62 37.90
CA GLU E 259 -15.97 -0.94 39.29
C GLU E 259 -16.68 -2.23 39.63
N ASN E 260 -15.94 -3.17 40.21
CA ASN E 260 -16.49 -4.46 40.59
C ASN E 260 -17.01 -5.20 39.36
N GLY E 261 -18.05 -6.00 39.57
CA GLY E 261 -18.76 -6.65 38.48
C GLY E 261 -18.62 -8.16 38.57
N THR E 262 -19.68 -8.87 38.21
CA THR E 262 -19.73 -10.31 38.31
C THR E 262 -20.24 -10.94 37.01
N VAL E 263 -20.94 -10.14 36.20
CA VAL E 263 -21.57 -10.64 34.99
C VAL E 263 -20.62 -10.57 33.80
N THR E 264 -20.37 -11.73 33.19
CA THR E 264 -19.44 -11.82 32.06
C THR E 264 -20.18 -12.32 30.83
N ALA E 265 -19.46 -12.42 29.72
CA ALA E 265 -20.00 -13.01 28.50
C ALA E 265 -20.27 -14.50 28.71
N GLY E 266 -19.55 -15.11 29.63
CA GLY E 266 -19.64 -16.54 29.86
C GLY E 266 -20.84 -16.95 30.70
N ASN E 267 -21.25 -16.09 31.62
CA ASN E 267 -22.41 -16.38 32.46
C ASN E 267 -23.61 -15.47 32.14
N ALA E 268 -23.59 -14.86 30.96
CA ALA E 268 -24.77 -14.21 30.41
C ALA E 268 -25.28 -14.98 29.20
N SER E 269 -26.56 -14.79 28.87
CA SER E 269 -27.16 -15.49 27.74
C SER E 269 -26.54 -15.00 26.44
N GLY E 270 -26.66 -15.79 25.39
CA GLY E 270 -26.10 -15.44 24.09
C GLY E 270 -27.03 -14.54 23.29
N LEU E 271 -26.55 -14.07 22.13
CA LEU E 271 -27.40 -13.47 21.11
C LEU E 271 -27.63 -14.47 20.00
N ASN E 272 -28.89 -14.63 19.60
CA ASN E 272 -29.34 -15.87 18.98
C ASN E 272 -30.51 -15.69 18.01
N ASP E 273 -30.64 -16.66 17.11
CA ASP E 273 -31.74 -16.70 16.15
C ASP E 273 -32.53 -17.98 16.37
N ALA E 274 -33.85 -17.90 16.25
CA ALA E 274 -34.70 -19.08 16.35
C ALA E 274 -36.16 -18.76 16.09
N ALA E 275 -36.97 -19.80 15.94
CA ALA E 275 -38.41 -19.67 16.09
C ALA E 275 -38.99 -20.92 16.74
N ALA E 276 -40.26 -20.81 17.14
CA ALA E 276 -41.00 -21.95 17.68
C ALA E 276 -42.49 -21.67 17.58
N ALA E 277 -43.29 -22.73 17.63
CA ALA E 277 -44.74 -22.58 17.58
C ALA E 277 -45.42 -23.77 18.25
N VAL E 278 -46.57 -23.49 18.86
CA VAL E 278 -47.44 -24.55 19.36
C VAL E 278 -48.82 -24.42 18.76
N VAL E 279 -49.46 -25.55 18.51
CA VAL E 279 -50.86 -25.58 18.15
C VAL E 279 -51.72 -25.92 19.36
N MET E 280 -52.65 -25.01 19.68
CA MET E 280 -53.56 -25.22 20.80
C MET E 280 -54.99 -25.37 20.29
N MET E 281 -55.83 -26.03 21.07
CA MET E 281 -57.27 -26.02 20.79
C MET E 281 -58.07 -26.30 22.06
N GLU E 282 -59.36 -26.02 22.00
CA GLU E 282 -60.25 -26.27 23.13
C GLU E 282 -60.29 -27.76 23.43
N ARG E 283 -60.27 -28.09 24.73
CA ARG E 283 -60.18 -29.47 25.18
C ARG E 283 -61.09 -30.40 24.37
N ALA E 284 -62.33 -29.98 24.17
CA ALA E 284 -63.34 -30.82 23.55
C ALA E 284 -63.10 -30.95 22.04
N GLU E 285 -62.38 -29.99 21.46
CA GLU E 285 -61.96 -30.09 20.05
C GLU E 285 -60.96 -31.21 19.87
N ALA E 286 -59.98 -31.25 20.76
CA ALA E 286 -58.94 -32.26 20.70
C ALA E 286 -59.53 -33.66 20.85
N GLU E 287 -60.44 -33.80 21.81
CA GLU E 287 -61.17 -35.05 22.02
C GLU E 287 -61.90 -35.46 20.74
N ARG E 288 -62.70 -34.53 20.21
CA ARG E 288 -63.38 -34.73 18.94
C ARG E 288 -62.44 -35.29 17.87
N ARG E 289 -61.24 -34.72 17.80
CA ARG E 289 -60.29 -35.07 16.74
C ARG E 289 -59.50 -36.31 17.12
N GLY E 290 -59.68 -36.78 18.35
CA GLY E 290 -58.93 -37.92 18.86
C GLY E 290 -57.45 -37.64 19.01
N LEU E 291 -57.11 -36.39 19.32
CA LEU E 291 -55.71 -36.01 19.52
C LEU E 291 -55.37 -36.11 20.99
N LYS E 292 -54.25 -36.77 21.29
CA LYS E 292 -53.69 -36.73 22.63
C LYS E 292 -52.86 -35.46 22.81
N PRO E 293 -53.29 -34.59 23.72
CA PRO E 293 -52.56 -33.35 23.99
C PRO E 293 -51.22 -33.62 24.64
N LEU E 294 -50.27 -32.70 24.47
CA LEU E 294 -49.06 -32.71 25.27
C LEU E 294 -49.35 -32.28 26.70
N ALA E 295 -50.28 -31.34 26.85
CA ALA E 295 -50.60 -30.78 28.17
C ALA E 295 -51.80 -29.85 28.05
N ARG E 296 -52.39 -29.49 29.19
CA ARG E 296 -53.34 -28.39 29.23
C ARG E 296 -52.75 -27.18 29.94
N LEU E 297 -53.25 -26.01 29.57
CA LEU E 297 -52.90 -24.77 30.25
C LEU E 297 -53.71 -24.69 31.53
N VAL E 298 -53.02 -24.50 32.64
CA VAL E 298 -53.66 -24.42 33.95
C VAL E 298 -53.87 -22.96 34.34
N SER E 299 -52.81 -22.17 34.30
CA SER E 299 -52.88 -20.77 34.68
C SER E 299 -51.73 -19.98 34.04
N TYR E 300 -51.83 -18.66 34.12
CA TYR E 300 -50.72 -17.79 33.78
C TYR E 300 -50.71 -16.57 34.69
N GLY E 301 -49.59 -15.87 34.73
CA GLY E 301 -49.44 -14.69 35.57
C GLY E 301 -48.47 -13.67 34.98
N HIS E 302 -48.80 -12.40 35.19
CA HIS E 302 -47.96 -11.29 34.72
C HIS E 302 -47.63 -10.41 35.92
N ALA E 303 -46.40 -9.89 35.94
CA ALA E 303 -46.02 -8.92 36.97
C ALA E 303 -45.17 -7.80 36.38
N GLY E 304 -45.29 -6.62 36.97
CA GLY E 304 -44.28 -5.57 36.79
C GLY E 304 -43.37 -5.43 37.99
N VAL E 305 -42.11 -5.14 37.73
CA VAL E 305 -41.14 -4.86 38.79
C VAL E 305 -40.27 -3.65 38.42
N ASP E 306 -39.39 -3.27 39.34
CA ASP E 306 -38.43 -2.19 39.10
C ASP E 306 -37.60 -2.48 37.85
N PRO E 307 -37.57 -1.55 36.90
CA PRO E 307 -36.79 -1.75 35.68
C PRO E 307 -35.34 -2.09 35.97
N LYS E 308 -34.80 -1.56 37.06
CA LYS E 308 -33.40 -1.78 37.42
C LYS E 308 -33.16 -3.20 37.93
N ALA E 309 -34.24 -3.88 38.30
CA ALA E 309 -34.14 -5.25 38.82
C ALA E 309 -34.99 -6.21 38.00
N MET E 310 -34.96 -6.04 36.68
CA MET E 310 -35.91 -6.69 35.79
C MET E 310 -35.79 -8.20 35.88
N GLY E 311 -34.61 -8.65 36.31
CA GLY E 311 -34.29 -10.08 36.33
C GLY E 311 -35.09 -10.94 37.30
N ILE E 312 -35.68 -10.33 38.33
CA ILE E 312 -36.51 -11.10 39.27
C ILE E 312 -38.00 -11.05 38.95
N GLY E 313 -38.34 -10.50 37.78
CA GLY E 313 -39.71 -10.48 37.32
C GLY E 313 -40.45 -11.81 37.50
N PRO E 314 -39.75 -12.93 37.26
CA PRO E 314 -40.39 -14.24 37.34
C PRO E 314 -40.97 -14.54 38.72
N VAL E 315 -40.48 -13.88 39.76
CA VAL E 315 -40.81 -14.28 41.13
C VAL E 315 -42.26 -13.92 41.45
N PRO E 316 -42.66 -12.67 41.19
CA PRO E 316 -44.06 -12.32 41.39
C PRO E 316 -44.99 -12.94 40.34
N ALA E 317 -44.55 -13.04 39.10
CA ALA E 317 -45.35 -13.65 38.05
C ALA E 317 -45.67 -15.10 38.38
N THR E 318 -44.66 -15.83 38.83
CA THR E 318 -44.81 -17.25 39.14
C THR E 318 -45.73 -17.46 40.34
N LYS E 319 -45.63 -16.57 41.32
CA LYS E 319 -46.50 -16.62 42.49
C LYS E 319 -47.96 -16.41 42.11
N ILE E 320 -48.19 -15.48 41.18
CA ILE E 320 -49.53 -15.24 40.68
C ILE E 320 -50.08 -16.50 39.98
N ALA E 321 -49.24 -17.13 39.16
CA ALA E 321 -49.67 -18.30 38.40
C ALA E 321 -49.95 -19.46 39.33
N LEU E 322 -49.11 -19.64 40.34
CA LEU E 322 -49.29 -20.70 41.33
C LEU E 322 -50.59 -20.49 42.11
N GLU E 323 -50.80 -19.27 42.60
CA GLU E 323 -52.02 -18.89 43.28
C GLU E 323 -53.25 -19.23 42.44
N ARG E 324 -53.24 -18.80 41.19
CA ARG E 324 -54.40 -18.95 40.33
C ARG E 324 -54.64 -20.41 40.01
N ALA E 325 -53.60 -21.22 40.09
CA ALA E 325 -53.70 -22.65 39.82
C ALA E 325 -54.05 -23.45 41.07
N GLY E 326 -54.02 -22.78 42.22
CA GLY E 326 -54.09 -23.46 43.51
C GLY E 326 -52.95 -24.44 43.74
N LEU E 327 -51.75 -24.07 43.32
CA LEU E 327 -50.60 -24.95 43.43
C LEU E 327 -49.51 -24.32 44.29
N GLN E 328 -48.51 -25.12 44.67
CA GLN E 328 -47.28 -24.60 45.26
C GLN E 328 -46.06 -25.03 44.50
N VAL E 329 -44.89 -24.54 44.93
CA VAL E 329 -43.63 -24.85 44.27
C VAL E 329 -43.34 -26.36 44.22
N SER E 330 -43.67 -27.07 45.29
CA SER E 330 -43.36 -28.51 45.35
C SER E 330 -44.10 -29.28 44.27
N ASP E 331 -45.22 -28.74 43.81
CA ASP E 331 -46.06 -29.45 42.84
C ASP E 331 -45.37 -29.53 41.48
N LEU E 332 -44.36 -28.70 41.26
CA LEU E 332 -43.77 -28.55 39.93
C LEU E 332 -42.73 -29.62 39.68
N ASP E 333 -42.86 -30.32 38.56
CA ASP E 333 -41.93 -31.37 38.20
C ASP E 333 -40.86 -30.87 37.23
N VAL E 334 -41.25 -29.96 36.34
CA VAL E 334 -40.30 -29.39 35.38
C VAL E 334 -40.46 -27.87 35.33
N ILE E 335 -39.34 -27.16 35.35
CA ILE E 335 -39.34 -25.71 35.34
C ILE E 335 -38.41 -25.18 34.25
N GLU E 336 -38.98 -24.47 33.28
CA GLU E 336 -38.20 -23.66 32.35
C GLU E 336 -38.25 -22.22 32.85
N ALA E 337 -37.13 -21.73 33.36
CA ALA E 337 -37.03 -20.35 33.81
C ALA E 337 -35.83 -19.65 33.14
N ASN E 338 -36.11 -18.86 32.11
CA ASN E 338 -35.06 -18.52 31.15
C ASN E 338 -33.85 -17.96 31.87
N GLU E 339 -32.69 -18.54 31.60
CA GLU E 339 -31.42 -17.93 31.98
C GLU E 339 -31.08 -16.76 31.05
N ALA E 340 -31.54 -15.56 31.39
CA ALA E 340 -31.04 -14.36 30.75
C ALA E 340 -29.62 -14.05 31.24
N PHE E 341 -29.45 -14.11 32.57
CA PHE E 341 -28.12 -14.10 33.19
C PHE E 341 -28.14 -15.01 34.39
N ALA E 342 -27.03 -15.72 34.62
CA ALA E 342 -26.92 -16.58 35.78
C ALA E 342 -27.20 -15.80 37.05
N ALA E 343 -26.85 -14.52 37.03
CA ALA E 343 -27.12 -13.63 38.16
C ALA E 343 -28.58 -13.62 38.58
N GLN E 344 -29.48 -13.41 37.62
CA GLN E 344 -30.90 -13.29 37.95
C GLN E 344 -31.55 -14.67 38.01
N ALA E 345 -31.02 -15.62 37.26
CA ALA E 345 -31.56 -16.98 37.24
C ALA E 345 -31.34 -17.65 38.60
N CYS E 346 -30.16 -17.45 39.18
CA CYS E 346 -29.87 -17.95 40.51
C CYS E 346 -30.76 -17.25 41.54
N ALA E 347 -31.02 -15.97 41.33
CA ALA E 347 -31.80 -15.18 42.27
C ALA E 347 -33.24 -15.66 42.27
N VAL E 348 -33.74 -15.98 41.08
CA VAL E 348 -35.12 -16.41 40.93
C VAL E 348 -35.36 -17.74 41.65
N THR E 349 -34.47 -18.69 41.45
CA THR E 349 -34.62 -20.00 42.07
C THR E 349 -34.56 -19.86 43.59
N LYS E 350 -33.60 -19.07 44.05
CA LYS E 350 -33.39 -18.86 45.49
C LYS E 350 -34.63 -18.23 46.13
N ALA E 351 -35.15 -17.19 45.49
CA ALA E 351 -36.26 -16.43 46.04
C ALA E 351 -37.56 -17.24 46.07
N LEU E 352 -37.74 -18.09 45.06
CA LEU E 352 -38.93 -18.94 44.99
C LEU E 352 -38.73 -20.25 45.76
N GLY E 353 -37.49 -20.53 46.13
CA GLY E 353 -37.15 -21.77 46.79
C GLY E 353 -37.33 -22.97 45.87
N LEU E 354 -36.90 -22.81 44.62
CA LEU E 354 -36.95 -23.89 43.65
C LEU E 354 -35.78 -24.84 43.87
N ASP E 355 -35.97 -26.10 43.46
CA ASP E 355 -34.90 -27.08 43.49
C ASP E 355 -34.10 -27.04 42.18
N PRO E 356 -32.81 -26.72 42.25
CA PRO E 356 -32.02 -26.42 41.06
C PRO E 356 -31.97 -27.59 40.10
N ALA E 357 -32.23 -28.79 40.60
CA ALA E 357 -32.19 -29.99 39.77
C ALA E 357 -33.37 -30.02 38.81
N LYS E 358 -34.45 -29.34 39.17
CA LYS E 358 -35.67 -29.34 38.37
C LYS E 358 -35.77 -28.11 37.46
N VAL E 359 -34.92 -27.12 37.72
CA VAL E 359 -34.94 -25.88 36.96
C VAL E 359 -33.97 -25.97 35.79
N ASN E 360 -34.48 -25.79 34.57
CA ASN E 360 -33.66 -25.85 33.38
C ASN E 360 -32.78 -27.09 33.37
N PRO E 361 -33.40 -28.28 33.45
CA PRO E 361 -32.68 -29.54 33.55
C PRO E 361 -31.87 -29.85 32.30
N ASN E 362 -32.21 -29.22 31.18
CA ASN E 362 -31.50 -29.45 29.93
C ASN E 362 -30.85 -28.19 29.36
N GLY E 363 -30.55 -27.24 30.25
CA GLY E 363 -29.87 -26.01 29.83
C GLY E 363 -30.88 -24.93 29.55
N SER E 364 -30.39 -23.72 29.29
CA SER E 364 -31.25 -22.59 28.98
C SER E 364 -30.46 -21.49 28.28
N GLY E 365 -30.83 -20.23 28.51
CA GLY E 365 -30.36 -19.13 27.68
C GLY E 365 -28.85 -18.99 27.61
N ILE E 366 -28.17 -19.32 28.69
CA ILE E 366 -26.72 -19.23 28.74
C ILE E 366 -26.07 -20.20 27.76
N SER E 367 -26.61 -21.41 27.68
CA SER E 367 -25.99 -22.49 26.94
C SER E 367 -26.63 -22.65 25.57
N LEU E 368 -27.96 -22.66 25.54
CA LEU E 368 -28.71 -22.89 24.31
C LEU E 368 -28.91 -21.59 23.55
N GLY E 369 -29.07 -20.50 24.28
CA GLY E 369 -29.16 -19.18 23.65
C GLY E 369 -30.47 -18.48 23.99
N HIS E 370 -30.54 -17.19 23.69
CA HIS E 370 -31.68 -16.37 24.07
C HIS E 370 -32.13 -15.52 22.90
N PRO E 371 -32.91 -16.13 21.98
CA PRO E 371 -33.44 -15.41 20.82
C PRO E 371 -34.71 -14.65 21.16
N ILE E 372 -34.57 -13.37 21.48
CA ILE E 372 -35.42 -12.70 22.46
C ILE E 372 -36.89 -13.08 22.30
N GLY E 373 -37.47 -12.75 21.14
CA GLY E 373 -38.93 -12.81 20.98
C GLY E 373 -39.44 -14.23 20.76
N ALA E 374 -38.53 -15.12 20.40
CA ALA E 374 -38.87 -16.54 20.25
C ALA E 374 -38.73 -17.32 21.57
N THR E 375 -37.87 -16.83 22.46
CA THR E 375 -37.45 -17.61 23.61
C THR E 375 -38.63 -18.19 24.42
N GLY E 376 -39.63 -17.37 24.70
CA GLY E 376 -40.75 -17.80 25.55
C GLY E 376 -41.57 -18.90 24.92
N ALA E 377 -41.63 -18.91 23.59
CA ALA E 377 -42.30 -19.99 22.89
C ALA E 377 -41.45 -21.25 22.90
N LEU E 378 -40.14 -21.08 22.71
CA LEU E 378 -39.29 -22.24 22.49
C LEU E 378 -39.01 -22.96 23.81
N ILE E 379 -39.05 -22.24 24.93
CA ILE E 379 -38.85 -22.91 26.23
C ILE E 379 -40.16 -23.49 26.76
N THR E 380 -41.29 -23.03 26.21
CA THR E 380 -42.54 -23.74 26.41
C THR E 380 -42.53 -25.08 25.67
N VAL E 381 -42.00 -25.08 24.46
CA VAL E 381 -41.82 -26.31 23.69
C VAL E 381 -40.91 -27.29 24.42
N LYS E 382 -39.79 -26.79 24.94
CA LYS E 382 -38.88 -27.61 25.73
C LYS E 382 -39.58 -28.19 26.96
N ALA E 383 -40.29 -27.34 27.68
CA ALA E 383 -40.91 -27.73 28.95
C ALA E 383 -41.91 -28.86 28.75
N LEU E 384 -42.71 -28.78 27.69
CA LEU E 384 -43.79 -29.73 27.49
C LEU E 384 -43.26 -31.08 27.03
N HIS E 385 -42.21 -31.07 26.21
CA HIS E 385 -41.60 -32.30 25.76
C HIS E 385 -40.85 -32.97 26.89
N GLU E 386 -40.27 -32.16 27.77
CA GLU E 386 -39.55 -32.69 28.92
C GLU E 386 -40.54 -33.23 29.94
N LEU E 387 -41.66 -32.54 30.09
CA LEU E 387 -42.73 -33.01 30.98
C LEU E 387 -43.23 -34.40 30.56
N ASN E 388 -43.40 -34.60 29.26
CA ASN E 388 -43.82 -35.89 28.73
C ASN E 388 -42.74 -36.95 28.88
N ARG E 389 -41.48 -36.54 28.68
CA ARG E 389 -40.37 -37.48 28.76
C ARG E 389 -40.26 -38.10 30.15
N VAL E 390 -40.43 -37.28 31.18
CA VAL E 390 -40.28 -37.75 32.55
C VAL E 390 -41.62 -38.12 33.18
N GLN E 391 -42.67 -38.07 32.38
CA GLN E 391 -44.01 -38.45 32.84
C GLN E 391 -44.36 -37.65 34.12
N GLY E 392 -44.01 -36.37 34.11
CA GLY E 392 -44.37 -35.49 35.23
C GLY E 392 -45.81 -35.00 35.11
N ARG E 393 -46.25 -34.23 36.10
CA ARG E 393 -47.59 -33.66 36.08
C ARG E 393 -47.60 -32.17 35.69
N TYR E 394 -46.84 -31.36 36.41
CA TYR E 394 -46.92 -29.91 36.24
C TYR E 394 -45.63 -29.31 35.69
N ALA E 395 -45.77 -28.40 34.74
CA ALA E 395 -44.64 -27.62 34.23
C ALA E 395 -44.85 -26.14 34.46
N LEU E 396 -43.79 -25.45 34.88
CA LEU E 396 -43.77 -24.00 34.91
C LEU E 396 -42.86 -23.45 33.81
N VAL E 397 -43.35 -22.46 33.09
CA VAL E 397 -42.52 -21.70 32.16
C VAL E 397 -42.57 -20.23 32.57
N THR E 398 -41.40 -19.65 32.78
CA THR E 398 -41.34 -18.27 33.22
C THR E 398 -40.04 -17.59 32.78
N MET E 399 -40.09 -16.29 32.59
CA MET E 399 -38.91 -15.55 32.21
C MET E 399 -39.02 -14.08 32.61
N CYS E 400 -37.88 -13.44 32.78
CA CYS E 400 -37.83 -12.01 33.08
C CYS E 400 -37.93 -11.23 31.78
N ILE E 401 -38.29 -9.96 31.90
CA ILE E 401 -38.63 -9.14 30.74
C ILE E 401 -38.01 -7.77 30.89
N GLY E 402 -37.29 -7.34 29.87
CA GLY E 402 -36.67 -6.01 29.87
C GLY E 402 -37.67 -4.91 30.12
N GLY E 403 -37.25 -3.92 30.90
CA GLY E 403 -38.13 -2.82 31.31
C GLY E 403 -38.85 -3.10 32.62
N GLY E 404 -38.65 -4.31 33.15
CA GLY E 404 -39.14 -4.66 34.49
C GLY E 404 -40.47 -5.38 34.49
N GLN E 405 -40.47 -6.61 33.97
CA GLN E 405 -41.66 -7.43 34.00
C GLN E 405 -41.31 -8.90 34.15
N GLY E 406 -42.33 -9.69 34.50
CA GLY E 406 -42.23 -11.13 34.43
C GLY E 406 -43.49 -11.75 33.88
N ILE E 407 -43.34 -12.94 33.29
CA ILE E 407 -44.46 -13.69 32.80
C ILE E 407 -44.24 -15.17 33.11
N ALA E 408 -45.34 -15.84 33.44
CA ALA E 408 -45.28 -17.23 33.87
C ALA E 408 -46.56 -17.94 33.46
N ALA E 409 -46.41 -19.20 33.08
CA ALA E 409 -47.57 -20.03 32.79
C ALA E 409 -47.33 -21.43 33.36
N ILE E 410 -48.42 -22.11 33.73
CA ILE E 410 -48.33 -23.46 34.26
C ILE E 410 -49.15 -24.42 33.41
N PHE E 411 -48.56 -25.55 33.08
CA PHE E 411 -49.18 -26.55 32.25
C PHE E 411 -49.31 -27.87 33.03
N GLU E 412 -50.31 -28.65 32.68
CA GLU E 412 -50.49 -29.97 33.29
C GLU E 412 -50.57 -31.04 32.19
N ARG E 413 -49.78 -32.09 32.35
CA ARG E 413 -49.85 -33.22 31.44
C ARG E 413 -51.04 -34.07 31.79
N ILE E 414 -52.04 -34.00 30.92
CA ILE E 414 -53.13 -34.96 30.89
C ILE E 414 -52.84 -36.03 29.86
N THR F 22 -70.21 -13.63 35.24
CA THR F 22 -70.24 -12.96 33.90
C THR F 22 -69.70 -11.53 33.98
N ARG F 23 -68.40 -11.37 33.70
CA ARG F 23 -67.77 -10.06 33.83
C ARG F 23 -68.20 -9.16 32.70
N GLU F 24 -68.11 -7.86 32.92
CA GLU F 24 -68.40 -6.89 31.87
C GLU F 24 -67.38 -5.77 31.88
N VAL F 25 -66.96 -5.34 30.69
CA VAL F 25 -65.96 -4.29 30.58
C VAL F 25 -66.62 -2.96 30.25
N VAL F 26 -66.33 -1.96 31.05
CA VAL F 26 -66.84 -0.62 30.81
C VAL F 26 -65.70 0.38 30.59
N VAL F 27 -65.90 1.30 29.64
CA VAL F 27 -64.96 2.37 29.39
C VAL F 27 -65.32 3.62 30.21
N VAL F 28 -64.37 4.07 31.01
CA VAL F 28 -64.62 5.14 31.96
C VAL F 28 -64.03 6.47 31.52
N SER F 29 -63.05 6.43 30.64
CA SER F 29 -62.57 7.66 29.97
C SER F 29 -61.93 7.35 28.63
N GLY F 30 -61.91 8.34 27.76
CA GLY F 30 -61.23 8.23 26.48
C GLY F 30 -60.70 9.57 26.03
N VAL F 31 -59.43 9.59 25.61
CA VAL F 31 -58.81 10.83 25.19
C VAL F 31 -57.81 10.57 24.07
N ARG F 32 -57.65 11.56 23.19
CA ARG F 32 -56.67 11.48 22.11
C ARG F 32 -55.91 12.80 22.01
N THR F 33 -54.74 12.75 21.39
CA THR F 33 -54.17 13.95 20.80
C THR F 33 -54.98 14.40 19.60
N ALA F 34 -54.83 15.67 19.24
CA ALA F 34 -55.06 16.11 17.87
C ALA F 34 -54.15 15.32 16.93
N ILE F 35 -54.62 15.12 15.70
CA ILE F 35 -53.88 14.36 14.71
C ILE F 35 -52.98 15.28 13.91
N GLY F 36 -51.67 15.13 14.08
CA GLY F 36 -50.69 15.87 13.29
C GLY F 36 -50.54 15.34 11.87
N THR F 37 -50.14 16.22 10.96
CA THR F 37 -49.78 15.80 9.61
C THR F 37 -48.31 15.41 9.50
N PHE F 38 -48.02 14.54 8.53
CA PHE F 38 -46.68 14.05 8.28
C PHE F 38 -45.72 15.21 8.04
N GLY F 39 -44.68 15.30 8.87
CA GLY F 39 -43.77 16.44 8.84
C GLY F 39 -44.33 17.69 9.48
N GLY F 40 -45.39 17.53 10.27
CA GLY F 40 -46.15 18.67 10.79
C GLY F 40 -45.90 18.93 12.26
N SER F 41 -46.99 19.21 12.99
CA SER F 41 -46.90 19.83 14.31
C SER F 41 -46.34 18.88 15.35
N LEU F 42 -46.41 17.57 15.09
CA LEU F 42 -45.96 16.58 16.07
C LEU F 42 -44.68 15.91 15.61
N LYS F 43 -44.00 16.51 14.63
CA LYS F 43 -42.83 15.90 14.02
C LYS F 43 -41.74 15.62 15.05
N ASP F 44 -41.71 16.41 16.11
CA ASP F 44 -40.62 16.37 17.08
C ASP F 44 -41.04 15.72 18.38
N VAL F 45 -42.19 15.06 18.38
CA VAL F 45 -42.66 14.35 19.57
C VAL F 45 -42.73 12.84 19.33
N ALA F 46 -41.94 12.09 20.09
CA ALA F 46 -41.82 10.65 19.89
C ALA F 46 -43.08 9.94 20.37
N PRO F 47 -43.36 8.75 19.81
CA PRO F 47 -44.50 7.94 20.20
C PRO F 47 -44.60 7.71 21.71
N ALA F 48 -43.45 7.46 22.34
CA ALA F 48 -43.39 7.26 23.80
C ALA F 48 -43.99 8.44 24.58
N GLU F 49 -43.69 9.66 24.13
CA GLU F 49 -44.19 10.85 24.79
C GLU F 49 -45.66 11.11 24.45
N LEU F 50 -46.05 10.80 23.22
CA LEU F 50 -47.45 10.93 22.83
C LEU F 50 -48.30 9.94 23.64
N GLY F 51 -47.75 8.76 23.86
CA GLY F 51 -48.45 7.73 24.62
C GLY F 51 -48.55 8.02 26.10
N ALA F 52 -47.47 8.53 26.68
CA ALA F 52 -47.49 8.91 28.07
C ALA F 52 -48.50 10.03 28.33
N LEU F 53 -48.62 10.94 27.38
CA LEU F 53 -49.51 12.10 27.53
C LEU F 53 -50.96 11.65 27.62
N VAL F 54 -51.36 10.76 26.72
CA VAL F 54 -52.76 10.33 26.68
C VAL F 54 -53.08 9.38 27.83
N VAL F 55 -52.07 8.64 28.29
CA VAL F 55 -52.26 7.78 29.46
C VAL F 55 -52.50 8.62 30.71
N ARG F 56 -51.67 9.63 30.92
CA ARG F 56 -51.80 10.51 32.08
C ARG F 56 -53.17 11.19 32.07
N GLU F 57 -53.53 11.75 30.92
CA GLU F 57 -54.74 12.55 30.85
C GLU F 57 -56.00 11.68 30.91
N ALA F 58 -55.92 10.47 30.37
CA ALA F 58 -57.05 9.55 30.42
C ALA F 58 -57.32 9.12 31.87
N LEU F 59 -56.25 8.92 32.63
CA LEU F 59 -56.37 8.53 34.03
C LEU F 59 -56.96 9.67 34.85
N ALA F 60 -56.49 10.88 34.59
CA ALA F 60 -57.03 12.07 35.26
C ALA F 60 -58.51 12.24 34.96
N ARG F 61 -58.88 12.14 33.70
CA ARG F 61 -60.28 12.27 33.28
C ARG F 61 -61.15 11.21 33.93
N ALA F 62 -60.59 10.02 34.17
CA ALA F 62 -61.34 8.92 34.76
C ALA F 62 -61.41 9.05 36.27
N GLN F 63 -60.61 9.97 36.81
CA GLN F 63 -60.38 10.05 38.25
C GLN F 63 -59.88 8.71 38.79
N VAL F 64 -58.91 8.12 38.09
CA VAL F 64 -58.30 6.87 38.54
C VAL F 64 -56.81 7.07 38.75
N SER F 65 -56.31 6.58 39.88
CA SER F 65 -54.87 6.60 40.14
C SER F 65 -54.13 5.59 39.25
N GLY F 66 -52.96 6.00 38.75
CA GLY F 66 -52.06 5.08 38.07
C GLY F 66 -51.69 3.87 38.92
N ASP F 67 -51.78 4.03 40.23
CA ASP F 67 -51.42 2.94 41.14
C ASP F 67 -52.43 1.81 41.08
N ASP F 68 -53.60 2.07 40.48
CA ASP F 68 -54.69 1.12 40.50
C ASP F 68 -54.86 0.42 39.16
N VAL F 69 -54.03 0.76 38.19
CA VAL F 69 -54.07 0.12 36.87
C VAL F 69 -53.37 -1.24 36.91
N GLY F 70 -54.03 -2.25 36.34
CA GLY F 70 -53.55 -3.63 36.45
C GLY F 70 -52.94 -4.12 35.15
N HIS F 71 -53.28 -3.48 34.05
CA HIS F 71 -52.69 -3.81 32.77
C HIS F 71 -52.72 -2.65 31.80
N VAL F 72 -51.68 -2.57 30.96
CA VAL F 72 -51.63 -1.61 29.87
C VAL F 72 -51.24 -2.31 28.57
N VAL F 73 -52.01 -2.04 27.52
CA VAL F 73 -51.68 -2.51 26.18
C VAL F 73 -51.70 -1.34 25.21
N PHE F 74 -50.66 -1.24 24.39
CA PHE F 74 -50.57 -0.19 23.39
C PHE F 74 -50.33 -0.75 22.00
N GLY F 75 -50.97 -0.14 21.02
CA GLY F 75 -50.79 -0.49 19.63
C GLY F 75 -49.72 0.37 19.02
N ASN F 76 -48.93 -0.21 18.14
CA ASN F 76 -47.92 0.51 17.37
C ASN F 76 -47.36 -0.38 16.27
N VAL F 77 -47.13 0.20 15.10
CA VAL F 77 -46.68 -0.56 13.96
C VAL F 77 -45.22 -0.23 13.65
N ILE F 78 -44.89 1.05 13.61
CA ILE F 78 -43.54 1.48 13.20
C ILE F 78 -42.66 1.83 14.39
N GLN F 79 -41.62 1.02 14.61
CA GLN F 79 -40.61 1.33 15.61
C GLN F 79 -39.69 2.46 15.11
N THR F 80 -39.75 3.61 15.79
CA THR F 80 -38.98 4.78 15.39
C THR F 80 -37.66 4.89 16.13
N GLU F 81 -37.61 4.32 17.32
CA GLU F 81 -36.38 4.24 18.12
C GLU F 81 -36.44 3.01 19.01
N PRO F 82 -35.33 2.71 19.72
CA PRO F 82 -35.29 1.55 20.60
C PRO F 82 -36.39 1.52 21.67
N ARG F 83 -36.75 2.69 22.19
CA ARG F 83 -37.78 2.76 23.22
C ARG F 83 -39.13 2.27 22.72
N ASP F 84 -39.33 2.30 21.41
CA ASP F 84 -40.60 1.88 20.84
C ASP F 84 -40.78 0.37 20.93
N MET F 85 -39.71 -0.35 21.22
CA MET F 85 -39.80 -1.78 21.52
C MET F 85 -40.34 -2.01 22.93
N TYR F 86 -40.45 -0.92 23.68
CA TYR F 86 -40.96 -0.96 25.04
C TYR F 86 -42.20 -0.08 25.21
N LEU F 87 -42.84 0.25 24.09
CA LEU F 87 -43.73 1.42 24.05
C LEU F 87 -44.80 1.36 25.14
N GLY F 88 -45.47 0.22 25.26
CA GLY F 88 -46.56 0.07 26.21
C GLY F 88 -46.06 0.35 27.62
N ARG F 89 -44.89 -0.17 27.94
CA ARG F 89 -44.28 0.01 29.24
C ARG F 89 -43.85 1.47 29.46
N VAL F 90 -43.35 2.12 28.42
CA VAL F 90 -42.85 3.48 28.56
C VAL F 90 -43.98 4.50 28.63
N ALA F 91 -45.03 4.26 27.85
CA ALA F 91 -46.21 5.10 27.89
C ALA F 91 -46.96 4.93 29.21
N ALA F 92 -46.96 3.70 29.74
CA ALA F 92 -47.58 3.43 31.02
C ALA F 92 -46.85 4.16 32.15
N VAL F 93 -45.56 3.86 32.31
CA VAL F 93 -44.82 4.28 33.48
C VAL F 93 -44.62 5.79 33.47
N ASN F 94 -44.33 6.35 32.29
CA ASN F 94 -44.13 7.79 32.17
C ASN F 94 -45.45 8.55 32.21
N GLY F 95 -46.55 7.84 32.00
CA GLY F 95 -47.88 8.41 32.16
C GLY F 95 -48.42 8.25 33.56
N GLY F 96 -47.61 7.66 34.45
CA GLY F 96 -47.92 7.64 35.89
C GLY F 96 -48.55 6.33 36.35
N VAL F 97 -48.62 5.35 35.46
CA VAL F 97 -48.98 3.99 35.85
C VAL F 97 -47.88 3.36 36.69
N THR F 98 -48.27 2.60 37.71
CA THR F 98 -47.32 1.96 38.61
C THR F 98 -46.43 0.97 37.87
N ILE F 99 -45.18 0.90 38.30
CA ILE F 99 -44.22 -0.07 37.71
C ILE F 99 -44.69 -1.50 37.96
N ASN F 100 -45.65 -1.68 38.85
CA ASN F 100 -46.15 -3.01 39.18
C ASN F 100 -47.12 -3.55 38.12
N ALA F 101 -47.54 -2.69 37.20
CA ALA F 101 -48.50 -3.09 36.16
C ALA F 101 -47.77 -3.68 34.97
N PRO F 102 -48.24 -4.85 34.49
CA PRO F 102 -47.78 -5.37 33.20
C PRO F 102 -48.14 -4.46 32.03
N ALA F 103 -47.31 -4.46 31.00
CA ALA F 103 -47.47 -3.54 29.86
C ALA F 103 -47.06 -4.20 28.56
N LEU F 104 -47.93 -4.11 27.57
CA LEU F 104 -47.81 -4.90 26.33
C LEU F 104 -47.87 -3.96 25.13
N THR F 105 -47.14 -4.31 24.08
CA THR F 105 -47.29 -3.61 22.81
C THR F 105 -47.77 -4.61 21.79
N VAL F 106 -48.83 -4.24 21.07
CA VAL F 106 -49.35 -5.11 20.03
C VAL F 106 -49.28 -4.48 18.63
N ASN F 107 -49.22 -5.36 17.62
CA ASN F 107 -49.19 -4.93 16.22
C ASN F 107 -50.14 -5.76 15.35
N ARG F 108 -51.32 -5.22 15.06
CA ARG F 108 -52.17 -5.74 14.00
C ARG F 108 -52.33 -4.69 12.91
N LEU F 109 -51.20 -4.05 12.59
CA LEU F 109 -51.15 -2.98 11.61
C LEU F 109 -52.20 -1.92 11.85
N CYS F 110 -52.96 -1.59 10.81
CA CYS F 110 -53.95 -0.53 10.89
C CYS F 110 -54.98 -0.75 12.00
N GLY F 111 -55.07 -1.99 12.48
CA GLY F 111 -56.04 -2.33 13.54
C GLY F 111 -55.45 -2.33 14.94
N SER F 112 -54.16 -2.01 15.04
CA SER F 112 -53.43 -2.18 16.29
C SER F 112 -54.11 -1.47 17.45
N GLY F 113 -54.59 -0.26 17.21
CA GLY F 113 -55.13 0.59 18.28
C GLY F 113 -56.40 0.01 18.89
N LEU F 114 -57.25 -0.58 18.06
CA LEU F 114 -58.45 -1.24 18.55
C LEU F 114 -58.10 -2.61 19.14
N GLN F 115 -57.06 -3.24 18.60
CA GLN F 115 -56.60 -4.51 19.15
C GLN F 115 -56.07 -4.32 20.57
N ALA F 116 -55.42 -3.19 20.81
CA ALA F 116 -54.90 -2.91 22.14
C ALA F 116 -56.05 -2.84 23.13
N ILE F 117 -57.14 -2.21 22.71
CA ILE F 117 -58.30 -2.02 23.56
C ILE F 117 -59.02 -3.35 23.79
N VAL F 118 -59.03 -4.20 22.77
CA VAL F 118 -59.57 -5.55 22.89
C VAL F 118 -58.72 -6.44 23.81
N SER F 119 -57.40 -6.39 23.64
CA SER F 119 -56.51 -7.20 24.46
C SER F 119 -56.57 -6.76 25.92
N ALA F 120 -56.65 -5.46 26.15
CA ALA F 120 -56.79 -4.94 27.50
C ALA F 120 -58.13 -5.38 28.14
N ALA F 121 -59.20 -5.29 27.38
CA ALA F 121 -60.52 -5.71 27.84
C ALA F 121 -60.51 -7.19 28.19
N GLN F 122 -59.75 -7.98 27.43
CA GLN F 122 -59.70 -9.42 27.63
C GLN F 122 -59.10 -9.77 28.98
N THR F 123 -58.13 -8.98 29.42
CA THR F 123 -57.52 -9.21 30.74
C THR F 123 -58.52 -8.94 31.85
N ILE F 124 -59.46 -8.04 31.61
CA ILE F 124 -60.53 -7.77 32.56
C ILE F 124 -61.59 -8.86 32.53
N LEU F 125 -62.00 -9.24 31.31
CA LEU F 125 -63.03 -10.25 31.14
C LEU F 125 -62.64 -11.58 31.78
N LEU F 126 -61.35 -11.92 31.70
CA LEU F 126 -60.87 -13.21 32.19
C LEU F 126 -60.43 -13.13 33.65
N GLY F 127 -60.59 -11.95 34.24
CA GLY F 127 -60.44 -11.79 35.69
C GLY F 127 -58.99 -11.61 36.10
N ASP F 128 -58.13 -11.31 35.13
CA ASP F 128 -56.73 -11.04 35.42
C ASP F 128 -56.58 -9.72 36.18
N THR F 129 -57.49 -8.78 35.92
CA THR F 129 -57.47 -7.50 36.60
C THR F 129 -58.83 -6.84 36.50
N ASP F 130 -59.03 -5.76 37.23
CA ASP F 130 -60.29 -5.02 37.21
C ASP F 130 -60.15 -3.69 36.50
N VAL F 131 -58.91 -3.24 36.30
CA VAL F 131 -58.64 -1.95 35.69
C VAL F 131 -57.52 -2.05 34.66
N ALA F 132 -57.77 -1.57 33.45
CA ALA F 132 -56.77 -1.67 32.39
C ALA F 132 -56.84 -0.48 31.45
N ILE F 133 -55.74 -0.23 30.75
CA ILE F 133 -55.68 0.82 29.74
C ILE F 133 -55.36 0.23 28.36
N GLY F 134 -56.19 0.57 27.38
CA GLY F 134 -55.85 0.32 25.99
C GLY F 134 -55.58 1.63 25.28
N GLY F 135 -54.55 1.64 24.44
CA GLY F 135 -54.27 2.79 23.61
C GLY F 135 -53.44 2.47 22.39
N GLY F 136 -53.12 3.51 21.64
CA GLY F 136 -52.19 3.39 20.53
C GLY F 136 -51.41 4.68 20.37
N ALA F 137 -50.22 4.55 19.79
CA ALA F 137 -49.42 5.72 19.44
C ALA F 137 -48.65 5.42 18.15
N GLU F 138 -48.66 6.38 17.22
CA GLU F 138 -47.89 6.26 15.99
C GLU F 138 -47.32 7.60 15.56
N SER F 139 -46.02 7.62 15.24
CA SER F 139 -45.42 8.77 14.59
C SER F 139 -44.86 8.38 13.23
N MET F 140 -45.64 8.63 12.19
CA MET F 140 -45.18 8.37 10.82
C MET F 140 -44.17 9.42 10.35
N SER F 141 -44.18 10.59 10.98
CA SER F 141 -43.13 11.60 10.77
C SER F 141 -41.76 11.04 11.13
N ARG F 142 -41.71 10.26 12.20
CA ARG F 142 -40.44 9.86 12.78
C ARG F 142 -40.12 8.41 12.41
N ALA F 143 -40.89 7.85 11.48
CA ALA F 143 -40.56 6.56 10.90
C ALA F 143 -39.14 6.56 10.36
N PRO F 144 -38.41 5.47 10.61
CA PRO F 144 -36.98 5.44 10.29
C PRO F 144 -36.72 4.97 8.87
N TYR F 145 -35.51 5.20 8.39
CA TYR F 145 -34.94 4.39 7.34
C TYR F 145 -34.09 3.29 7.94
N LEU F 146 -34.19 2.09 7.38
CA LEU F 146 -33.32 0.99 7.77
C LEU F 146 -32.14 0.90 6.81
N ALA F 147 -31.01 0.42 7.33
CA ALA F 147 -29.88 0.06 6.49
C ALA F 147 -29.52 -1.41 6.70
N PRO F 148 -30.11 -2.30 5.89
CA PRO F 148 -30.04 -3.74 6.19
C PRO F 148 -28.69 -4.35 5.86
N ALA F 149 -27.83 -3.57 5.21
CA ALA F 149 -26.50 -4.05 4.85
C ALA F 149 -25.45 -3.54 5.82
N ALA F 150 -25.87 -2.70 6.77
CA ALA F 150 -24.91 -2.03 7.66
C ALA F 150 -24.21 -3.00 8.61
N ARG F 151 -24.93 -4.02 9.08
CA ARG F 151 -24.39 -4.88 10.14
C ARG F 151 -23.29 -5.78 9.59
N TRP F 152 -23.55 -6.44 8.47
CA TRP F 152 -22.66 -7.46 7.96
C TRP F 152 -21.98 -7.01 6.67
N GLY F 153 -22.40 -5.85 6.14
CA GLY F 153 -21.68 -5.20 5.02
C GLY F 153 -22.36 -5.44 3.68
N ALA F 154 -22.24 -4.46 2.79
CA ALA F 154 -22.70 -4.61 1.41
C ALA F 154 -21.61 -5.16 0.49
N ARG F 155 -20.36 -4.94 0.88
CA ARG F 155 -19.20 -5.46 0.16
C ARG F 155 -18.92 -4.70 -1.12
N MET F 156 -19.82 -4.82 -2.10
CA MET F 156 -19.64 -4.16 -3.38
C MET F 156 -21.01 -3.93 -4.03
N GLY F 157 -21.23 -2.73 -4.54
CA GLY F 157 -22.50 -2.38 -5.17
C GLY F 157 -23.37 -1.52 -4.28
N ASP F 158 -24.15 -0.64 -4.90
CA ASP F 158 -25.01 0.28 -4.17
C ASP F 158 -25.98 -0.48 -3.26
N ALA F 159 -26.26 0.10 -2.11
CA ALA F 159 -27.11 -0.55 -1.10
C ALA F 159 -28.32 0.33 -0.80
N GLY F 160 -29.23 -0.18 0.01
CA GLY F 160 -30.54 0.44 0.20
C GLY F 160 -30.69 1.10 1.56
N LEU F 161 -31.36 2.24 1.59
CA LEU F 161 -31.98 2.75 2.81
C LEU F 161 -33.48 2.58 2.72
N VAL F 162 -34.01 1.70 3.56
CA VAL F 162 -35.38 1.23 3.41
C VAL F 162 -36.33 2.10 4.20
N ASP F 163 -37.29 2.69 3.50
CA ASP F 163 -38.25 3.58 4.14
C ASP F 163 -39.31 2.74 4.87
N MET F 164 -39.22 2.71 6.19
CA MET F 164 -40.03 1.76 6.98
C MET F 164 -41.48 2.19 7.08
N MET F 165 -41.75 3.47 6.85
CA MET F 165 -43.13 3.94 6.75
C MET F 165 -43.81 3.34 5.55
N LEU F 166 -43.16 3.42 4.39
CA LEU F 166 -43.68 2.79 3.18
C LEU F 166 -43.74 1.29 3.37
N GLY F 167 -42.78 0.74 4.10
CA GLY F 167 -42.78 -0.67 4.46
C GLY F 167 -44.10 -1.07 5.11
N ALA F 168 -44.62 -0.21 5.98
CA ALA F 168 -45.86 -0.50 6.70
C ALA F 168 -47.04 -0.48 5.72
N LEU F 169 -46.86 0.19 4.60
CA LEU F 169 -47.97 0.49 3.69
C LEU F 169 -47.93 -0.44 2.48
N HIS F 170 -47.04 -1.43 2.51
CA HIS F 170 -46.97 -2.40 1.43
C HIS F 170 -47.34 -3.78 1.95
N ASP F 171 -48.10 -4.51 1.14
CA ASP F 171 -48.46 -5.89 1.46
C ASP F 171 -47.22 -6.77 1.43
N PRO F 172 -47.08 -7.64 2.46
CA PRO F 172 -45.84 -8.38 2.66
C PRO F 172 -45.71 -9.60 1.76
N PHE F 173 -46.81 -9.98 1.11
CA PHE F 173 -46.81 -11.12 0.19
C PHE F 173 -46.52 -10.66 -1.23
N HIS F 174 -47.12 -9.54 -1.63
CA HIS F 174 -47.14 -9.13 -3.03
C HIS F 174 -46.41 -7.82 -3.25
N ARG F 175 -46.05 -7.22 -2.15
CA ARG F 175 -45.23 -6.07 -2.20
C ARG F 175 -45.89 -4.95 -3.00
N ILE F 176 -47.20 -4.82 -2.89
CA ILE F 176 -47.96 -3.74 -3.51
C ILE F 176 -48.45 -2.78 -2.45
N HIS F 177 -48.52 -1.51 -2.80
CA HIS F 177 -49.04 -0.49 -1.89
C HIS F 177 -50.49 -0.80 -1.53
N MET F 178 -50.87 -0.48 -0.29
CA MET F 178 -52.27 -0.61 0.15
C MET F 178 -53.21 0.01 -0.88
N GLY F 179 -52.72 1.04 -1.57
CA GLY F 179 -53.55 1.81 -2.49
C GLY F 179 -53.96 1.02 -3.73
N VAL F 180 -53.12 0.10 -4.16
CA VAL F 180 -53.46 -0.74 -5.30
C VAL F 180 -54.45 -1.82 -4.87
N THR F 181 -54.38 -2.18 -3.60
CA THR F 181 -55.38 -3.04 -2.98
C THR F 181 -56.75 -2.36 -2.95
N ALA F 182 -56.75 -1.05 -2.77
CA ALA F 182 -57.98 -0.26 -2.80
C ALA F 182 -58.56 -0.18 -4.22
N GLU F 183 -57.68 -0.14 -5.22
CA GLU F 183 -58.12 -0.19 -6.62
C GLU F 183 -58.83 -1.50 -6.91
N ASN F 184 -58.31 -2.60 -6.38
CA ASN F 184 -58.93 -3.91 -6.54
C ASN F 184 -60.34 -3.92 -5.94
N VAL F 185 -60.50 -3.28 -4.80
CA VAL F 185 -61.78 -3.24 -4.11
C VAL F 185 -62.76 -2.33 -4.86
N ALA F 186 -62.29 -1.17 -5.29
CA ALA F 186 -63.10 -0.25 -6.09
C ALA F 186 -63.62 -0.95 -7.33
N LYS F 187 -62.76 -1.76 -7.95
CA LYS F 187 -63.14 -2.54 -9.11
C LYS F 187 -64.22 -3.56 -8.76
N GLU F 188 -63.99 -4.32 -7.70
CA GLU F 188 -64.84 -5.47 -7.40
C GLU F 188 -66.21 -5.03 -6.91
N TYR F 189 -66.27 -3.88 -6.27
CA TYR F 189 -67.51 -3.40 -5.65
C TYR F 189 -68.07 -2.20 -6.41
N ASP F 190 -67.45 -1.87 -7.53
CA ASP F 190 -68.00 -0.91 -8.47
C ASP F 190 -68.11 0.48 -7.83
N ILE F 191 -67.02 0.95 -7.27
CA ILE F 191 -66.97 2.30 -6.72
C ILE F 191 -66.18 3.22 -7.64
N SER F 192 -66.87 4.20 -8.23
CA SER F 192 -66.31 4.98 -9.31
C SER F 192 -65.40 6.06 -8.75
N ARG F 193 -64.57 6.62 -9.62
CA ARG F 193 -63.75 7.78 -9.27
C ARG F 193 -64.62 8.92 -8.73
N ALA F 194 -65.77 9.14 -9.35
CA ALA F 194 -66.66 10.21 -8.94
C ALA F 194 -67.18 9.95 -7.52
N GLN F 195 -67.54 8.70 -7.24
CA GLN F 195 -68.01 8.32 -5.91
C GLN F 195 -66.93 8.54 -4.86
N GLN F 196 -65.69 8.17 -5.18
CA GLN F 196 -64.60 8.27 -4.21
C GLN F 196 -64.29 9.72 -3.89
N ASP F 197 -64.34 10.58 -4.91
CA ASP F 197 -63.99 11.98 -4.74
C ASP F 197 -65.06 12.73 -3.97
N GLU F 198 -66.33 12.36 -4.19
CA GLU F 198 -67.42 12.94 -3.44
C GLU F 198 -67.34 12.54 -1.97
N ALA F 199 -67.01 11.29 -1.72
CA ALA F 199 -66.87 10.78 -0.36
C ALA F 199 -65.71 11.47 0.34
N ALA F 200 -64.64 11.75 -0.41
CA ALA F 200 -63.47 12.43 0.14
C ALA F 200 -63.80 13.88 0.51
N LEU F 201 -64.52 14.56 -0.39
CA LEU F 201 -64.92 15.95 -0.16
C LEU F 201 -65.81 16.04 1.07
N GLU F 202 -66.73 15.08 1.19
CA GLU F 202 -67.68 15.06 2.29
C GLU F 202 -66.97 14.82 3.63
N SER F 203 -65.95 13.96 3.63
CA SER F 203 -65.20 13.68 4.84
C SER F 203 -64.52 14.94 5.38
N HIS F 204 -63.96 15.73 4.47
CA HIS F 204 -63.39 17.02 4.84
C HIS F 204 -64.44 18.01 5.33
N ARG F 205 -65.58 18.05 4.66
CA ARG F 205 -66.67 18.94 5.08
C ARG F 205 -67.17 18.57 6.49
N ARG F 206 -67.33 17.27 6.72
CA ARG F 206 -67.83 16.80 8.02
C ARG F 206 -66.82 17.10 9.12
N ALA F 207 -65.54 16.93 8.80
CA ALA F 207 -64.49 17.12 9.80
C ALA F 207 -64.41 18.60 10.14
N SER F 208 -64.48 19.44 9.13
CA SER F 208 -64.42 20.89 9.32
C SER F 208 -65.58 21.37 10.17
N ALA F 209 -66.79 20.91 9.85
CA ALA F 209 -67.98 21.28 10.61
C ALA F 209 -67.80 20.87 12.07
N ALA F 210 -67.22 19.69 12.29
CA ALA F 210 -67.10 19.12 13.63
C ALA F 210 -66.09 19.91 14.46
N ILE F 211 -64.99 20.29 13.83
CA ILE F 211 -63.98 21.11 14.50
C ILE F 211 -64.55 22.46 14.90
N LYS F 212 -65.28 23.10 13.99
CA LYS F 212 -65.79 24.44 14.23
C LYS F 212 -66.89 24.43 15.29
N ALA F 213 -67.72 23.40 15.28
CA ALA F 213 -68.79 23.28 16.25
C ALA F 213 -68.25 22.83 17.60
N GLY F 214 -66.98 22.46 17.63
CA GLY F 214 -66.29 22.18 18.89
C GLY F 214 -66.52 20.78 19.39
N TYR F 215 -66.89 19.87 18.50
CA TYR F 215 -67.24 18.51 18.87
C TYR F 215 -66.06 17.77 19.50
N PHE F 216 -64.85 18.12 19.07
CA PHE F 216 -63.66 17.37 19.46
C PHE F 216 -63.00 17.98 20.69
N LYS F 217 -63.47 19.17 21.10
CA LYS F 217 -62.79 19.95 22.13
C LYS F 217 -62.51 19.11 23.37
N ASP F 218 -63.50 18.37 23.82
CA ASP F 218 -63.48 17.68 25.11
C ASP F 218 -62.47 16.51 25.10
N GLN F 219 -62.38 15.83 23.96
CA GLN F 219 -61.66 14.56 23.89
C GLN F 219 -60.18 14.78 23.59
N ILE F 220 -59.84 15.97 23.10
CA ILE F 220 -58.47 16.25 22.69
C ILE F 220 -57.64 16.77 23.88
N VAL F 221 -56.54 16.10 24.16
CA VAL F 221 -55.52 16.61 25.04
C VAL F 221 -54.46 17.44 24.26
N PRO F 222 -54.24 18.69 24.64
CA PRO F 222 -53.22 19.51 23.99
C PRO F 222 -51.83 18.91 24.13
N VAL F 223 -51.05 18.98 23.05
CA VAL F 223 -49.60 18.79 23.13
C VAL F 223 -48.89 20.14 23.08
N VAL F 224 -48.17 20.48 24.14
CA VAL F 224 -47.49 21.75 24.21
C VAL F 224 -45.97 21.54 24.21
N SER F 225 -45.31 22.13 23.22
CA SER F 225 -43.85 22.06 23.10
C SER F 225 -43.24 23.43 23.38
N LYS F 226 -41.92 23.52 23.27
CA LYS F 226 -41.20 24.75 23.59
C LYS F 226 -40.49 25.27 22.36
N ASP F 231 -43.30 28.58 23.27
CA ASP F 231 -44.33 27.70 23.87
C ASP F 231 -45.49 27.56 22.95
N VAL F 232 -45.55 26.38 22.36
CA VAL F 232 -46.47 26.09 21.26
C VAL F 232 -47.45 24.99 21.69
N THR F 233 -48.74 25.22 21.50
CA THR F 233 -49.75 24.24 21.88
C THR F 233 -50.50 23.75 20.65
N PHE F 234 -50.47 22.44 20.43
CA PHE F 234 -51.17 21.83 19.29
C PHE F 234 -52.41 21.07 19.78
N ASP F 235 -53.57 21.49 19.31
CA ASP F 235 -54.83 20.95 19.81
C ASP F 235 -55.93 20.89 18.75
N THR F 236 -55.55 21.05 17.49
CA THR F 236 -56.52 21.04 16.41
C THR F 236 -56.06 20.14 15.27
N ASP F 237 -56.98 19.32 14.77
CA ASP F 237 -56.64 18.32 13.77
C ASP F 237 -56.25 18.98 12.42
N GLU F 238 -54.97 18.95 12.09
CA GLU F 238 -54.41 19.90 11.13
C GLU F 238 -54.43 19.34 9.71
N HIS F 239 -54.88 18.11 9.54
CA HIS F 239 -54.93 17.49 8.22
C HIS F 239 -56.13 17.99 7.42
N VAL F 240 -57.15 18.47 8.11
CA VAL F 240 -58.44 18.75 7.48
C VAL F 240 -58.32 19.99 6.59
N ARG F 241 -58.95 19.94 5.43
CA ARG F 241 -58.97 21.08 4.53
C ARG F 241 -60.33 21.78 4.60
N HIS F 242 -60.35 22.95 5.23
CA HIS F 242 -61.60 23.64 5.54
C HIS F 242 -62.22 24.32 4.32
N ASP F 243 -61.46 24.40 3.23
CA ASP F 243 -61.87 25.16 2.06
C ASP F 243 -61.92 24.26 0.83
N ALA F 244 -62.03 22.96 1.05
CA ALA F 244 -61.90 21.99 -0.03
C ALA F 244 -63.07 22.13 -1.01
N THR F 245 -62.78 21.93 -2.30
CA THR F 245 -63.83 21.88 -3.31
C THR F 245 -63.71 20.59 -4.12
N ILE F 246 -64.76 20.27 -4.87
CA ILE F 246 -64.80 19.02 -5.63
C ILE F 246 -63.75 19.02 -6.75
N ASP F 247 -63.41 20.20 -7.24
CA ASP F 247 -62.43 20.32 -8.33
C ASP F 247 -61.03 20.09 -7.81
N ASP F 248 -60.84 20.32 -6.52
CA ASP F 248 -59.59 19.94 -5.87
C ASP F 248 -59.36 18.45 -5.99
N MET F 249 -60.43 17.67 -5.84
CA MET F 249 -60.35 16.22 -5.97
C MET F 249 -60.14 15.83 -7.42
N THR F 250 -60.96 16.37 -8.31
CA THR F 250 -61.11 15.78 -9.64
C THR F 250 -59.91 16.11 -10.54
N LYS F 251 -59.13 17.11 -10.14
CA LYS F 251 -57.95 17.49 -10.93
C LYS F 251 -56.76 16.59 -10.61
N LEU F 252 -56.87 15.82 -9.53
CA LEU F 252 -55.77 14.97 -9.09
C LEU F 252 -55.67 13.72 -9.96
N ARG F 253 -54.45 13.21 -10.11
CA ARG F 253 -54.19 12.03 -10.93
C ARG F 253 -54.00 10.80 -10.05
N PRO F 254 -54.42 9.63 -10.54
CA PRO F 254 -54.20 8.36 -9.83
C PRO F 254 -52.73 8.13 -9.53
N VAL F 255 -52.43 7.67 -8.32
CA VAL F 255 -51.07 7.66 -7.82
C VAL F 255 -50.53 6.23 -7.73
N PHE F 256 -51.43 5.25 -7.65
CA PHE F 256 -51.04 3.90 -7.26
C PHE F 256 -50.97 2.91 -8.41
N VAL F 257 -51.61 3.26 -9.52
CA VAL F 257 -51.46 2.53 -10.75
C VAL F 257 -51.10 3.49 -11.89
N LYS F 258 -50.39 2.94 -12.88
CA LYS F 258 -50.10 3.68 -14.10
C LYS F 258 -51.27 3.59 -15.07
N GLU F 259 -52.02 2.49 -14.97
CA GLU F 259 -52.99 2.14 -15.99
C GLU F 259 -54.38 2.13 -15.38
N ASN F 260 -55.32 2.83 -16.02
CA ASN F 260 -56.57 3.21 -15.38
C ASN F 260 -56.28 3.95 -14.07
N GLY F 261 -57.13 3.74 -13.09
CA GLY F 261 -56.84 4.14 -11.72
C GLY F 261 -57.84 5.17 -11.23
N THR F 262 -58.19 5.08 -9.96
CA THR F 262 -59.24 5.92 -9.39
C THR F 262 -58.76 6.51 -8.05
N VAL F 263 -57.74 5.90 -7.47
CA VAL F 263 -57.30 6.28 -6.13
C VAL F 263 -56.20 7.34 -6.21
N THR F 264 -56.46 8.49 -5.60
CA THR F 264 -55.54 9.61 -5.66
C THR F 264 -55.08 9.97 -4.25
N ALA F 265 -54.18 10.94 -4.15
CA ALA F 265 -53.75 11.46 -2.86
C ALA F 265 -54.92 12.15 -2.14
N GLY F 266 -55.90 12.60 -2.91
CA GLY F 266 -57.00 13.38 -2.35
C GLY F 266 -58.11 12.52 -1.75
N ASN F 267 -58.30 11.33 -2.31
CA ASN F 267 -59.30 10.40 -1.78
C ASN F 267 -58.67 9.17 -1.13
N ALA F 268 -57.41 9.29 -0.73
CA ALA F 268 -56.78 8.33 0.17
C ALA F 268 -56.48 9.00 1.51
N SER F 269 -56.36 8.19 2.56
CA SER F 269 -56.04 8.69 3.88
C SER F 269 -54.67 9.36 3.89
N GLY F 270 -54.47 10.26 4.84
CA GLY F 270 -53.17 10.91 5.01
C GLY F 270 -52.15 10.08 5.77
N LEU F 271 -50.93 10.58 5.81
CA LEU F 271 -49.91 10.07 6.72
C LEU F 271 -49.77 11.02 7.90
N ASN F 272 -49.76 10.45 9.10
CA ASN F 272 -50.18 11.20 10.28
C ASN F 272 -49.54 10.73 11.58
N ASP F 273 -49.55 11.60 12.57
CA ASP F 273 -49.01 11.32 13.90
C ASP F 273 -50.12 11.53 14.92
N ALA F 274 -50.19 10.65 15.92
CA ALA F 274 -51.19 10.80 16.99
C ALA F 274 -51.05 9.72 18.06
N ALA F 275 -51.73 9.94 19.18
CA ALA F 275 -51.97 8.86 20.12
C ALA F 275 -53.36 8.98 20.73
N ALA F 276 -53.79 7.93 21.38
CA ALA F 276 -55.04 7.95 22.14
C ALA F 276 -55.00 6.85 23.20
N ALA F 277 -55.90 6.95 24.18
CA ALA F 277 -55.98 5.93 25.22
C ALA F 277 -57.35 5.96 25.88
N VAL F 278 -57.81 4.78 26.29
CA VAL F 278 -59.03 4.68 27.10
C VAL F 278 -58.74 3.92 28.38
N VAL F 279 -59.43 4.31 29.45
CA VAL F 279 -59.34 3.58 30.71
C VAL F 279 -60.60 2.73 30.85
N MET F 280 -60.40 1.42 30.97
CA MET F 280 -61.50 0.50 31.14
C MET F 280 -61.44 -0.12 32.53
N MET F 281 -62.59 -0.59 33.01
CA MET F 281 -62.62 -1.41 34.22
C MET F 281 -63.86 -2.28 34.25
N GLU F 282 -63.83 -3.30 35.11
CA GLU F 282 -64.99 -4.17 35.29
C GLU F 282 -66.18 -3.37 35.76
N ARG F 283 -67.34 -3.73 35.27
CA ARG F 283 -68.55 -2.94 35.50
C ARG F 283 -68.78 -2.66 36.98
N ALA F 284 -68.52 -3.62 37.83
CA ALA F 284 -68.77 -3.48 39.26
C ALA F 284 -67.70 -2.63 39.94
N GLU F 285 -66.52 -2.53 39.32
CA GLU F 285 -65.50 -1.60 39.81
C GLU F 285 -65.95 -0.17 39.64
N ALA F 286 -66.48 0.13 38.45
CA ALA F 286 -66.90 1.48 38.13
C ALA F 286 -68.02 1.91 39.08
N GLU F 287 -68.97 1.01 39.30
CA GLU F 287 -70.05 1.26 40.26
C GLU F 287 -69.50 1.54 41.65
N ARG F 288 -68.63 0.66 42.12
CA ARG F 288 -67.92 0.85 43.37
C ARG F 288 -67.34 2.26 43.48
N ARG F 289 -66.71 2.72 42.41
CA ARG F 289 -66.01 4.00 42.42
C ARG F 289 -66.97 5.16 42.17
N GLY F 290 -68.22 4.82 41.84
CA GLY F 290 -69.22 5.83 41.48
C GLY F 290 -68.89 6.57 40.20
N LEU F 291 -68.25 5.87 39.27
CA LEU F 291 -67.96 6.45 37.96
C LEU F 291 -69.06 6.13 36.97
N LYS F 292 -69.54 7.15 36.28
CA LYS F 292 -70.41 6.94 35.12
C LYS F 292 -69.57 6.62 33.88
N PRO F 293 -69.73 5.39 33.34
CA PRO F 293 -69.00 5.00 32.13
C PRO F 293 -69.45 5.80 30.91
N LEU F 294 -68.57 5.90 29.92
CA LEU F 294 -68.98 6.36 28.59
C LEU F 294 -69.82 5.30 27.90
N ALA F 295 -69.44 4.04 28.06
CA ALA F 295 -70.10 2.93 27.38
C ALA F 295 -69.60 1.61 27.94
N ARG F 296 -70.31 0.53 27.62
CA ARG F 296 -69.80 -0.80 27.84
C ARG F 296 -69.42 -1.47 26.54
N LEU F 297 -68.43 -2.36 26.59
CA LEU F 297 -68.09 -3.22 25.47
C LEU F 297 -69.14 -4.31 25.36
N VAL F 298 -69.73 -4.42 24.19
CA VAL F 298 -70.73 -5.45 23.93
C VAL F 298 -70.09 -6.69 23.30
N SER F 299 -69.37 -6.48 22.20
CA SER F 299 -68.76 -7.58 21.47
C SER F 299 -67.58 -7.08 20.65
N TYR F 300 -66.81 -8.02 20.10
CA TYR F 300 -65.81 -7.70 19.08
C TYR F 300 -65.70 -8.85 18.08
N GLY F 301 -65.10 -8.56 16.94
CA GLY F 301 -64.93 -9.57 15.89
C GLY F 301 -63.66 -9.34 15.07
N HIS F 302 -63.03 -10.44 14.69
CA HIS F 302 -61.84 -10.41 13.84
C HIS F 302 -62.10 -11.24 12.59
N ALA F 303 -61.61 -10.79 11.44
CA ALA F 303 -61.68 -11.58 10.22
C ALA F 303 -60.38 -11.49 9.44
N GLY F 304 -60.07 -12.56 8.70
CA GLY F 304 -59.07 -12.51 7.63
C GLY F 304 -59.71 -12.51 6.26
N VAL F 305 -59.10 -11.78 5.34
CA VAL F 305 -59.58 -11.76 3.96
C VAL F 305 -58.39 -11.85 3.01
N ASP F 306 -58.66 -11.93 1.72
CA ASP F 306 -57.63 -11.84 0.71
C ASP F 306 -56.77 -10.58 0.93
N PRO F 307 -55.45 -10.76 0.98
CA PRO F 307 -54.54 -9.61 1.08
C PRO F 307 -54.78 -8.56 0.01
N LYS F 308 -55.15 -9.00 -1.20
CA LYS F 308 -55.31 -8.10 -2.33
C LYS F 308 -56.57 -7.25 -2.19
N ALA F 309 -57.48 -7.69 -1.33
CA ALA F 309 -58.73 -6.98 -1.09
C ALA F 309 -58.86 -6.63 0.39
N MET F 310 -57.79 -6.34 1.06
CA MET F 310 -57.81 -6.02 2.46
C MET F 310 -58.82 -4.99 2.89
N GLY F 311 -59.12 -4.05 2.02
CA GLY F 311 -60.02 -2.95 2.37
C GLY F 311 -61.43 -3.32 2.80
N ILE F 312 -61.88 -4.53 2.47
CA ILE F 312 -63.23 -4.96 2.87
C ILE F 312 -63.21 -5.85 4.11
N GLY F 313 -62.05 -5.92 4.76
CA GLY F 313 -61.92 -6.64 6.01
C GLY F 313 -63.04 -6.35 7.01
N PRO F 314 -63.47 -5.08 7.10
CA PRO F 314 -64.48 -4.70 8.07
C PRO F 314 -65.80 -5.47 7.90
N VAL F 315 -66.06 -5.96 6.69
CA VAL F 315 -67.40 -6.49 6.41
C VAL F 315 -67.66 -7.82 7.12
N PRO F 316 -66.71 -8.77 7.04
CA PRO F 316 -66.84 -9.97 7.86
C PRO F 316 -66.62 -9.74 9.36
N ALA F 317 -65.68 -8.88 9.72
CA ALA F 317 -65.42 -8.59 11.12
C ALA F 317 -66.67 -8.02 11.78
N THR F 318 -67.31 -7.07 11.12
CA THR F 318 -68.47 -6.40 11.65
C THR F 318 -69.65 -7.37 11.80
N LYS F 319 -69.78 -8.27 10.83
CA LYS F 319 -70.83 -9.28 10.87
C LYS F 319 -70.64 -10.22 12.05
N ILE F 320 -69.40 -10.59 12.32
CA ILE F 320 -69.09 -11.40 13.50
C ILE F 320 -69.48 -10.67 14.79
N ALA F 321 -69.09 -9.39 14.88
CA ALA F 321 -69.38 -8.61 16.07
C ALA F 321 -70.89 -8.44 16.28
N LEU F 322 -71.61 -8.19 15.19
CA LEU F 322 -73.07 -8.04 15.27
C LEU F 322 -73.73 -9.34 15.72
N GLU F 323 -73.31 -10.45 15.12
CA GLU F 323 -73.80 -11.77 15.49
C GLU F 323 -73.60 -12.04 16.98
N ARG F 324 -72.38 -11.80 17.44
CA ARG F 324 -72.04 -12.07 18.83
C ARG F 324 -72.82 -11.18 19.79
N ALA F 325 -73.22 -10.00 19.31
CA ALA F 325 -73.95 -9.05 20.13
C ALA F 325 -75.46 -9.28 20.05
N GLY F 326 -75.87 -10.15 19.13
CA GLY F 326 -77.28 -10.31 18.80
C GLY F 326 -77.90 -9.04 18.25
N LEU F 327 -77.15 -8.33 17.43
CA LEU F 327 -77.61 -7.06 16.88
C LEU F 327 -77.66 -7.11 15.36
N GLN F 328 -78.20 -6.06 14.77
CA GLN F 328 -78.20 -5.90 13.34
C GLN F 328 -77.75 -4.49 12.99
N VAL F 329 -77.50 -4.24 11.71
CA VAL F 329 -77.02 -2.94 11.25
C VAL F 329 -77.91 -1.79 11.73
N SER F 330 -79.22 -1.99 11.72
CA SER F 330 -80.16 -0.90 11.98
C SER F 330 -80.08 -0.47 13.43
N ASP F 331 -79.50 -1.32 14.28
CA ASP F 331 -79.35 -1.00 15.69
C ASP F 331 -78.28 0.06 15.95
N LEU F 332 -77.41 0.28 14.97
CA LEU F 332 -76.23 1.12 15.16
C LEU F 332 -76.55 2.60 14.95
N ASP F 333 -76.22 3.42 15.95
CA ASP F 333 -76.50 4.85 15.89
C ASP F 333 -75.28 5.60 15.37
N VAL F 334 -74.09 5.13 15.74
CA VAL F 334 -72.84 5.80 15.34
C VAL F 334 -71.82 4.77 14.86
N ILE F 335 -71.23 5.02 13.71
CA ILE F 335 -70.26 4.10 13.13
C ILE F 335 -68.97 4.84 12.79
N GLU F 336 -67.88 4.39 13.41
CA GLU F 336 -66.53 4.80 13.01
C GLU F 336 -65.85 3.69 12.22
N ALA F 337 -65.82 3.86 10.90
CA ALA F 337 -65.27 2.85 10.00
C ALA F 337 -64.14 3.50 9.21
N ASN F 338 -62.90 3.22 9.60
CA ASN F 338 -61.79 4.07 9.19
C ASN F 338 -61.75 4.20 7.66
N GLU F 339 -61.72 5.44 7.18
CA GLU F 339 -61.43 5.72 5.78
C GLU F 339 -59.94 5.59 5.50
N ALA F 340 -59.49 4.39 5.19
CA ALA F 340 -58.14 4.20 4.69
C ALA F 340 -58.07 4.72 3.26
N PHE F 341 -59.06 4.34 2.46
CA PHE F 341 -59.30 4.94 1.14
C PHE F 341 -60.79 5.03 0.90
N ALA F 342 -61.23 6.10 0.26
CA ALA F 342 -62.64 6.24 -0.10
C ALA F 342 -63.11 5.01 -0.88
N ALA F 343 -62.20 4.42 -1.65
CA ALA F 343 -62.51 3.25 -2.46
C ALA F 343 -63.05 2.10 -1.60
N GLN F 344 -62.33 1.75 -0.55
CA GLN F 344 -62.75 0.64 0.32
C GLN F 344 -63.81 1.07 1.33
N ALA F 345 -63.76 2.33 1.75
CA ALA F 345 -64.75 2.86 2.71
C ALA F 345 -66.15 2.85 2.11
N CYS F 346 -66.25 3.26 0.84
CA CYS F 346 -67.52 3.22 0.13
C CYS F 346 -67.98 1.79 -0.09
N ALA F 347 -67.03 0.88 -0.34
CA ALA F 347 -67.34 -0.53 -0.54
C ALA F 347 -67.89 -1.15 0.74
N VAL F 348 -67.29 -0.78 1.87
CA VAL F 348 -67.68 -1.35 3.16
C VAL F 348 -69.12 -0.97 3.52
N THR F 349 -69.46 0.30 3.37
CA THR F 349 -70.79 0.79 3.72
C THR F 349 -71.85 0.21 2.77
N LYS F 350 -71.49 0.07 1.50
CA LYS F 350 -72.37 -0.54 0.50
C LYS F 350 -72.64 -2.01 0.83
N ALA F 351 -71.57 -2.75 1.11
CA ALA F 351 -71.67 -4.19 1.32
C ALA F 351 -72.44 -4.52 2.60
N LEU F 352 -72.24 -3.70 3.64
CA LEU F 352 -72.94 -3.91 4.91
C LEU F 352 -74.33 -3.26 4.89
N GLY F 353 -74.58 -2.43 3.89
CA GLY F 353 -75.84 -1.68 3.81
C GLY F 353 -75.95 -0.67 4.94
N LEU F 354 -74.85 0.02 5.21
CA LEU F 354 -74.86 1.09 6.20
C LEU F 354 -75.42 2.38 5.61
N ASP F 355 -75.98 3.21 6.48
CA ASP F 355 -76.46 4.53 6.07
C ASP F 355 -75.34 5.56 6.17
N PRO F 356 -74.97 6.17 5.03
CA PRO F 356 -73.76 6.97 4.96
C PRO F 356 -73.79 8.16 5.91
N ALA F 357 -74.99 8.55 6.34
CA ALA F 357 -75.15 9.67 7.24
C ALA F 357 -74.63 9.31 8.63
N LYS F 358 -74.64 8.02 8.96
CA LYS F 358 -74.27 7.56 10.29
C LYS F 358 -72.82 7.08 10.34
N VAL F 359 -72.22 6.90 9.17
CA VAL F 359 -70.85 6.41 9.06
C VAL F 359 -69.87 7.58 8.99
N ASN F 360 -68.94 7.63 9.93
CA ASN F 360 -67.97 8.72 10.00
C ASN F 360 -68.63 10.09 9.88
N PRO F 361 -69.58 10.38 10.78
CA PRO F 361 -70.36 11.62 10.73
C PRO F 361 -69.50 12.88 10.91
N ASN F 362 -68.31 12.72 11.50
CA ASN F 362 -67.43 13.85 11.73
C ASN F 362 -66.09 13.69 11.04
N GLY F 363 -66.08 12.95 9.94
CA GLY F 363 -64.86 12.76 9.15
C GLY F 363 -64.12 11.52 9.60
N SER F 364 -63.05 11.18 8.88
CA SER F 364 -62.22 10.03 9.22
C SER F 364 -60.85 10.14 8.56
N GLY F 365 -60.27 9.01 8.16
CA GLY F 365 -58.87 8.95 7.79
C GLY F 365 -58.49 9.89 6.66
N ILE F 366 -59.41 10.13 5.73
CA ILE F 366 -59.13 10.97 4.57
C ILE F 366 -58.96 12.42 4.98
N SER F 367 -59.74 12.85 5.96
CA SER F 367 -59.78 14.25 6.35
C SER F 367 -58.97 14.49 7.61
N LEU F 368 -59.20 13.66 8.63
CA LEU F 368 -58.57 13.84 9.93
C LEU F 368 -57.19 13.20 9.94
N GLY F 369 -57.05 12.11 9.19
CA GLY F 369 -55.76 11.45 9.05
C GLY F 369 -55.80 10.01 9.52
N HIS F 370 -54.71 9.29 9.24
CA HIS F 370 -54.65 7.87 9.54
C HIS F 370 -53.30 7.51 10.14
N PRO F 371 -53.11 7.82 11.43
CA PRO F 371 -51.90 7.45 12.16
C PRO F 371 -51.89 5.99 12.60
N ILE F 372 -51.27 5.15 11.78
CA ILE F 372 -51.68 3.76 11.63
C ILE F 372 -52.04 3.10 12.96
N GLY F 373 -51.06 2.98 13.84
CA GLY F 373 -51.21 2.14 15.03
C GLY F 373 -52.08 2.79 16.10
N ALA F 374 -52.26 4.10 16.01
CA ALA F 374 -53.10 4.84 16.94
C ALA F 374 -54.55 4.87 16.48
N THR F 375 -54.78 4.66 15.19
CA THR F 375 -56.05 5.05 14.57
C THR F 375 -57.20 4.32 15.25
N GLY F 376 -57.04 3.04 15.53
CA GLY F 376 -58.11 2.22 16.08
C GLY F 376 -58.50 2.66 17.47
N ALA F 377 -57.53 3.19 18.22
CA ALA F 377 -57.80 3.71 19.55
C ALA F 377 -58.47 5.07 19.47
N LEU F 378 -58.01 5.89 18.54
CA LEU F 378 -58.51 7.26 18.45
C LEU F 378 -59.91 7.37 17.84
N ILE F 379 -60.26 6.47 16.93
CA ILE F 379 -61.63 6.44 16.41
C ILE F 379 -62.60 5.74 17.37
N THR F 380 -62.08 4.95 18.30
CA THR F 380 -62.89 4.48 19.41
C THR F 380 -63.23 5.64 20.34
N VAL F 381 -62.23 6.48 20.62
CA VAL F 381 -62.44 7.69 21.39
C VAL F 381 -63.47 8.61 20.74
N LYS F 382 -63.38 8.78 19.43
CA LYS F 382 -64.33 9.59 18.69
C LYS F 382 -65.73 9.00 18.81
N ALA F 383 -65.82 7.69 18.60
CA ALA F 383 -67.11 7.01 18.54
C ALA F 383 -67.87 7.16 19.85
N LEU F 384 -67.15 7.06 20.97
CA LEU F 384 -67.80 7.01 22.28
C LEU F 384 -68.26 8.40 22.69
N HIS F 385 -67.47 9.41 22.34
CA HIS F 385 -67.84 10.80 22.65
C HIS F 385 -69.00 11.25 21.75
N GLU F 386 -69.01 10.77 20.52
CA GLU F 386 -70.09 11.08 19.60
C GLU F 386 -71.37 10.36 20.04
N LEU F 387 -71.22 9.13 20.52
CA LEU F 387 -72.35 8.35 21.00
C LEU F 387 -73.03 9.08 22.16
N ASN F 388 -72.23 9.62 23.06
CA ASN F 388 -72.75 10.39 24.18
C ASN F 388 -73.37 11.72 23.74
N ARG F 389 -72.73 12.37 22.77
CA ARG F 389 -73.22 13.66 22.28
C ARG F 389 -74.65 13.55 21.71
N VAL F 390 -74.91 12.49 20.96
CA VAL F 390 -76.20 12.33 20.31
C VAL F 390 -77.14 11.43 21.13
N GLN F 391 -76.69 11.05 22.31
CA GLN F 391 -77.47 10.18 23.20
C GLN F 391 -77.95 8.93 22.45
N GLY F 392 -77.07 8.35 21.65
CA GLY F 392 -77.36 7.09 20.97
C GLY F 392 -77.19 5.90 21.88
N ARG F 393 -77.46 4.71 21.37
CA ARG F 393 -77.32 3.49 22.15
C ARG F 393 -76.07 2.70 21.75
N TYR F 394 -75.93 2.39 20.46
CA TYR F 394 -74.90 1.47 20.02
C TYR F 394 -73.89 2.15 19.09
N ALA F 395 -72.61 1.86 19.32
CA ALA F 395 -71.55 2.34 18.43
C ALA F 395 -70.78 1.16 17.86
N LEU F 396 -70.49 1.22 16.55
CA LEU F 396 -69.56 0.31 15.92
C LEU F 396 -68.24 1.02 15.60
N VAL F 397 -67.14 0.37 15.93
CA VAL F 397 -65.82 0.81 15.50
C VAL F 397 -65.17 -0.31 14.71
N THR F 398 -64.75 -0.01 13.49
CA THR F 398 -64.18 -1.03 12.64
C THR F 398 -63.22 -0.44 11.63
N MET F 399 -62.25 -1.24 11.19
CA MET F 399 -61.28 -0.78 10.22
C MET F 399 -60.67 -1.96 9.48
N CYS F 400 -60.21 -1.71 8.25
CA CYS F 400 -59.46 -2.68 7.49
C CYS F 400 -57.99 -2.70 7.92
N ILE F 401 -57.31 -3.79 7.60
CA ILE F 401 -55.99 -4.06 8.14
C ILE F 401 -55.09 -4.61 7.04
N GLY F 402 -53.92 -3.99 6.88
CA GLY F 402 -52.98 -4.41 5.85
C GLY F 402 -52.60 -5.86 5.97
N GLY F 403 -52.54 -6.55 4.84
CA GLY F 403 -52.23 -7.97 4.80
C GLY F 403 -53.49 -8.82 4.70
N GLY F 404 -54.63 -8.16 4.85
CA GLY F 404 -55.92 -8.80 4.65
C GLY F 404 -56.58 -9.20 5.96
N GLN F 405 -56.99 -8.21 6.75
CA GLN F 405 -57.76 -8.47 7.95
C GLN F 405 -58.76 -7.37 8.23
N GLY F 406 -59.72 -7.68 9.11
CA GLY F 406 -60.60 -6.67 9.68
C GLY F 406 -60.78 -6.85 11.17
N ILE F 407 -61.07 -5.75 11.86
CA ILE F 407 -61.40 -5.81 13.27
C ILE F 407 -62.55 -4.86 13.57
N ALA F 408 -63.43 -5.28 14.47
CA ALA F 408 -64.65 -4.54 14.76
C ALA F 408 -65.01 -4.75 16.22
N ALA F 409 -65.53 -3.70 16.84
CA ALA F 409 -66.04 -3.80 18.20
C ALA F 409 -67.31 -2.98 18.33
N ILE F 410 -68.21 -3.43 19.22
CA ILE F 410 -69.47 -2.73 19.43
C ILE F 410 -69.61 -2.31 20.89
N PHE F 411 -69.98 -1.06 21.08
CA PHE F 411 -70.12 -0.49 22.41
C PHE F 411 -71.57 -0.05 22.64
N GLU F 412 -72.00 -0.06 23.89
CA GLU F 412 -73.34 0.40 24.26
C GLU F 412 -73.25 1.47 25.33
N ARG F 413 -73.91 2.59 25.10
CA ARG F 413 -74.00 3.63 26.11
C ARG F 413 -75.08 3.24 27.13
N MET G 21 20.22 28.34 -17.55
CA MET G 21 20.07 27.61 -16.26
C MET G 21 19.03 26.50 -16.40
N THR G 22 19.49 25.31 -16.77
CA THR G 22 18.72 24.37 -17.58
C THR G 22 18.46 23.05 -16.85
N ARG G 23 17.36 22.99 -16.10
CA ARG G 23 17.31 22.16 -14.91
C ARG G 23 16.79 20.78 -15.25
N GLU G 24 17.28 19.78 -14.53
CA GLU G 24 16.96 18.38 -14.80
C GLU G 24 16.49 17.68 -13.53
N VAL G 25 15.45 16.86 -13.65
CA VAL G 25 14.93 16.12 -12.51
C VAL G 25 15.49 14.70 -12.47
N VAL G 26 16.01 14.32 -11.31
CA VAL G 26 16.49 12.96 -11.12
C VAL G 26 15.76 12.28 -9.95
N VAL G 27 15.45 11.01 -10.14
CA VAL G 27 14.86 10.19 -9.08
C VAL G 27 15.92 9.46 -8.26
N VAL G 28 15.92 9.70 -6.96
CA VAL G 28 17.00 9.24 -6.09
C VAL G 28 16.57 8.02 -5.27
N SER G 29 15.27 7.83 -5.11
CA SER G 29 14.77 6.61 -4.49
C SER G 29 13.33 6.35 -4.92
N GLY G 30 12.93 5.09 -4.85
CA GLY G 30 11.55 4.71 -5.11
C GLY G 30 11.16 3.48 -4.32
N VAL G 31 10.02 3.56 -3.65
CA VAL G 31 9.56 2.45 -2.85
C VAL G 31 8.04 2.33 -2.92
N ARG G 32 7.55 1.11 -2.74
CA ARG G 32 6.11 0.87 -2.69
C ARG G 32 5.78 -0.09 -1.56
N THR G 33 4.50 -0.14 -1.20
CA THR G 33 3.97 -1.27 -0.45
C THR G 33 3.80 -2.43 -1.41
N ALA G 34 3.72 -3.64 -0.85
CA ALA G 34 3.03 -4.74 -1.53
C ALA G 34 1.59 -4.36 -1.80
N ILE G 35 1.03 -4.92 -2.86
CA ILE G 35 -0.32 -4.58 -3.29
C ILE G 35 -1.34 -5.54 -2.67
N GLY G 36 -2.16 -5.02 -1.78
CA GLY G 36 -3.18 -5.81 -1.10
C GLY G 36 -4.37 -6.04 -2.02
N THR G 37 -5.10 -7.11 -1.76
CA THR G 37 -6.35 -7.38 -2.46
C THR G 37 -7.54 -6.77 -1.72
N PHE G 38 -8.56 -6.42 -2.49
CA PHE G 38 -9.79 -5.85 -1.96
C PHE G 38 -10.37 -6.74 -0.84
N GLY G 39 -10.51 -6.16 0.33
CA GLY G 39 -10.94 -6.91 1.52
C GLY G 39 -9.83 -7.77 2.11
N GLY G 40 -8.58 -7.48 1.74
CA GLY G 40 -7.47 -8.37 2.07
C GLY G 40 -6.57 -7.80 3.14
N SER G 41 -5.25 -7.93 2.93
CA SER G 41 -4.28 -7.75 4.01
C SER G 41 -4.17 -6.31 4.47
N LEU G 42 -4.58 -5.36 3.63
CA LEU G 42 -4.42 -3.95 3.95
C LEU G 42 -5.77 -3.30 4.24
N LYS G 43 -6.77 -4.14 4.50
CA LYS G 43 -8.15 -3.68 4.65
C LYS G 43 -8.27 -2.69 5.79
N ASP G 44 -7.40 -2.84 6.78
CA ASP G 44 -7.50 -2.05 8.00
C ASP G 44 -6.46 -0.94 8.07
N VAL G 45 -5.82 -0.62 6.96
CA VAL G 45 -4.80 0.44 6.93
C VAL G 45 -5.20 1.57 5.99
N ALA G 46 -5.44 2.74 6.59
CA ALA G 46 -5.94 3.87 5.82
C ALA G 46 -4.90 4.42 4.86
N PRO G 47 -5.35 5.07 3.78
CA PRO G 47 -4.44 5.68 2.78
C PRO G 47 -3.39 6.57 3.42
N ALA G 48 -3.81 7.39 4.39
CA ALA G 48 -2.90 8.29 5.10
C ALA G 48 -1.70 7.55 5.70
N GLU G 49 -1.96 6.38 6.29
CA GLU G 49 -0.91 5.59 6.91
C GLU G 49 -0.06 4.87 5.86
N LEU G 50 -0.70 4.34 4.83
CA LEU G 50 0.03 3.80 3.69
C LEU G 50 0.98 4.84 3.10
N GLY G 51 0.50 6.08 2.97
CA GLY G 51 1.28 7.15 2.34
C GLY G 51 2.44 7.58 3.21
N ALA G 52 2.21 7.68 4.50
CA ALA G 52 3.25 8.10 5.44
C ALA G 52 4.36 7.07 5.48
N LEU G 53 3.98 5.80 5.39
CA LEU G 53 4.96 4.73 5.38
C LEU G 53 5.92 4.84 4.20
N VAL G 54 5.39 4.98 2.99
CA VAL G 54 6.24 5.00 1.80
C VAL G 54 7.05 6.30 1.72
N VAL G 55 6.52 7.36 2.29
CA VAL G 55 7.24 8.63 2.34
C VAL G 55 8.46 8.50 3.25
N ARG G 56 8.25 8.02 4.45
CA ARG G 56 9.31 7.75 5.38
C ARG G 56 10.37 6.84 4.79
N GLU G 57 9.94 5.73 4.23
CA GLU G 57 10.87 4.75 3.76
C GLU G 57 11.64 5.21 2.53
N ALA G 58 10.98 5.94 1.66
CA ALA G 58 11.62 6.52 0.48
C ALA G 58 12.71 7.54 0.84
N LEU G 59 12.43 8.35 1.86
CA LEU G 59 13.39 9.34 2.33
C LEU G 59 14.62 8.65 2.93
N ALA G 60 14.38 7.61 3.72
CA ALA G 60 15.45 6.84 4.32
C ALA G 60 16.34 6.20 3.23
N ARG G 61 15.71 5.60 2.24
CA ARG G 61 16.42 4.97 1.14
C ARG G 61 17.26 5.97 0.37
N ALA G 62 16.77 7.21 0.29
CA ALA G 62 17.45 8.26 -0.47
C ALA G 62 18.56 8.89 0.36
N GLN G 63 18.55 8.58 1.66
CA GLN G 63 19.41 9.27 2.61
C GLN G 63 19.15 10.77 2.58
N VAL G 64 17.87 11.13 2.55
CA VAL G 64 17.48 12.54 2.58
C VAL G 64 16.63 12.82 3.80
N SER G 65 16.92 13.92 4.49
CA SER G 65 16.12 14.35 5.62
C SER G 65 14.78 14.93 5.15
N GLY G 66 13.72 14.60 5.88
CA GLY G 66 12.42 15.23 5.68
C GLY G 66 12.45 16.75 5.81
N ASP G 67 13.47 17.26 6.49
CA ASP G 67 13.61 18.70 6.67
C ASP G 67 14.02 19.39 5.37
N ASP G 68 14.48 18.62 4.40
CA ASP G 68 15.04 19.17 3.16
C ASP G 68 14.07 19.06 1.98
N VAL G 69 12.91 18.45 2.22
CA VAL G 69 11.91 18.30 1.17
C VAL G 69 11.12 19.61 0.98
N GLY G 70 11.06 20.06 -0.28
CA GLY G 70 10.46 21.36 -0.58
C GLY G 70 9.03 21.26 -1.06
N HIS G 71 8.66 20.08 -1.56
CA HIS G 71 7.29 19.88 -2.03
C HIS G 71 6.91 18.41 -1.97
N VAL G 72 5.62 18.17 -1.70
CA VAL G 72 5.07 16.83 -1.76
C VAL G 72 3.75 16.87 -2.54
N VAL G 73 3.63 15.97 -3.51
CA VAL G 73 2.37 15.74 -4.21
C VAL G 73 1.98 14.27 -4.12
N PHE G 74 0.71 14.02 -3.80
CA PHE G 74 0.19 12.67 -3.76
C PHE G 74 -1.07 12.49 -4.61
N GLY G 75 -1.14 11.35 -5.27
CA GLY G 75 -2.29 10.98 -6.09
C GLY G 75 -3.26 10.14 -5.30
N ASN G 76 -4.54 10.44 -5.46
CA ASN G 76 -5.61 9.69 -4.80
C ASN G 76 -6.96 10.02 -5.42
N VAL G 77 -7.76 8.99 -5.66
CA VAL G 77 -9.04 9.16 -6.33
C VAL G 77 -10.24 9.04 -5.37
N ILE G 78 -10.20 8.05 -4.50
CA ILE G 78 -11.32 7.82 -3.56
C ILE G 78 -11.04 8.32 -2.15
N GLN G 79 -11.76 9.36 -1.75
CA GLN G 79 -11.73 9.83 -0.36
C GLN G 79 -12.46 8.85 0.55
N THR G 80 -11.72 8.24 1.48
CA THR G 80 -12.26 7.22 2.37
C THR G 80 -12.67 7.83 3.71
N GLU G 81 -12.03 8.93 4.07
CA GLU G 81 -12.31 9.64 5.31
C GLU G 81 -11.90 11.10 5.13
N PRO G 82 -12.26 11.95 6.11
CA PRO G 82 -11.95 13.37 6.03
C PRO G 82 -10.46 13.68 5.84
N ARG G 83 -9.60 12.87 6.45
CA ARG G 83 -8.16 13.07 6.34
C ARG G 83 -7.68 12.94 4.89
N ASP G 84 -8.42 12.20 4.08
CA ASP G 84 -8.02 11.97 2.70
C ASP G 84 -8.16 13.22 1.85
N MET G 85 -8.86 14.22 2.38
CA MET G 85 -8.90 15.54 1.75
C MET G 85 -7.59 16.29 1.98
N TYR G 86 -6.79 15.74 2.90
CA TYR G 86 -5.50 16.34 3.26
C TYR G 86 -4.35 15.39 2.95
N LEU G 87 -4.58 14.41 2.08
CA LEU G 87 -3.74 13.21 2.04
C LEU G 87 -2.27 13.55 1.86
N GLY G 88 -1.98 14.40 0.89
CA GLY G 88 -0.60 14.79 0.59
C GLY G 88 0.07 15.35 1.83
N ARG G 89 -0.63 16.24 2.50
CA ARG G 89 -0.13 16.86 3.72
C ARG G 89 0.05 15.86 4.87
N VAL G 90 -0.89 14.93 5.00
CA VAL G 90 -0.83 13.97 6.09
C VAL G 90 0.28 12.94 5.85
N ALA G 91 0.37 12.45 4.62
CA ALA G 91 1.40 11.49 4.26
C ALA G 91 2.78 12.12 4.37
N ALA G 92 2.86 13.40 4.06
CA ALA G 92 4.13 14.13 4.16
C ALA G 92 4.54 14.22 5.62
N VAL G 93 3.71 14.88 6.42
CA VAL G 93 4.08 15.27 7.77
C VAL G 93 4.25 14.05 8.67
N ASN G 94 3.35 13.08 8.52
CA ASN G 94 3.44 11.85 9.30
C ASN G 94 4.56 10.93 8.81
N GLY G 95 5.06 11.21 7.61
CA GLY G 95 6.20 10.48 7.07
C GLY G 95 7.51 11.18 7.38
N GLY G 96 7.42 12.30 8.09
CA GLY G 96 8.61 12.96 8.62
C GLY G 96 9.08 14.13 7.77
N VAL G 97 8.30 14.49 6.77
CA VAL G 97 8.52 15.74 6.05
C VAL G 97 8.20 16.92 6.96
N THR G 98 9.05 17.93 6.91
CA THR G 98 8.82 19.17 7.64
C THR G 98 7.45 19.79 7.36
N ILE G 99 6.86 20.38 8.40
CA ILE G 99 5.61 21.13 8.27
C ILE G 99 5.77 22.35 7.36
N ASN G 100 7.01 22.72 7.07
CA ASN G 100 7.28 23.89 6.24
C ASN G 100 7.09 23.59 4.74
N ALA G 101 6.98 22.31 4.40
CA ALA G 101 6.84 21.91 3.00
C ALA G 101 5.39 21.99 2.57
N PRO G 102 5.13 22.62 1.41
CA PRO G 102 3.84 22.51 0.76
C PRO G 102 3.49 21.07 0.37
N ALA G 103 2.20 20.76 0.33
CA ALA G 103 1.74 19.40 0.08
C ALA G 103 0.42 19.41 -0.67
N LEU G 104 0.38 18.65 -1.76
CA LEU G 104 -0.72 18.70 -2.69
C LEU G 104 -1.31 17.30 -2.86
N THR G 105 -2.62 17.21 -2.98
CA THR G 105 -3.24 16.00 -3.51
C THR G 105 -3.80 16.21 -4.91
N VAL G 106 -3.53 15.26 -5.82
CA VAL G 106 -4.03 15.36 -7.18
C VAL G 106 -4.90 14.17 -7.57
N ASN G 107 -5.84 14.42 -8.48
CA ASN G 107 -6.68 13.37 -9.03
C ASN G 107 -6.76 13.45 -10.56
N ARG G 108 -6.03 12.56 -11.25
CA ARG G 108 -6.31 12.25 -12.65
C ARG G 108 -6.69 10.78 -12.79
N LEU G 109 -7.65 10.37 -11.95
CA LEU G 109 -8.08 8.99 -11.85
C LEU G 109 -6.93 7.98 -11.90
N CYS G 110 -7.05 7.01 -12.80
CA CYS G 110 -6.07 5.91 -12.87
C CYS G 110 -4.64 6.44 -13.08
N GLY G 111 -4.51 7.70 -13.47
CA GLY G 111 -3.20 8.26 -13.80
C GLY G 111 -2.62 9.05 -12.64
N SER G 112 -3.37 9.12 -11.54
CA SER G 112 -3.10 10.10 -10.49
C SER G 112 -1.68 9.94 -9.99
N GLY G 113 -1.25 8.69 -9.82
CA GLY G 113 0.04 8.42 -9.21
C GLY G 113 1.22 8.91 -10.04
N LEU G 114 1.14 8.73 -11.35
CA LEU G 114 2.15 9.29 -12.25
C LEU G 114 1.99 10.80 -12.43
N GLN G 115 0.76 11.29 -12.39
CA GLN G 115 0.56 12.74 -12.33
C GLN G 115 1.23 13.39 -11.12
N ALA G 116 1.15 12.75 -9.96
CA ALA G 116 1.76 13.30 -8.75
C ALA G 116 3.26 13.46 -8.96
N ILE G 117 3.87 12.45 -9.58
CA ILE G 117 5.30 12.48 -9.87
C ILE G 117 5.63 13.57 -10.88
N VAL G 118 4.72 13.79 -11.84
CA VAL G 118 4.94 14.81 -12.87
C VAL G 118 4.76 16.21 -12.29
N SER G 119 3.78 16.37 -11.40
CA SER G 119 3.53 17.67 -10.79
C SER G 119 4.68 18.03 -9.85
N ALA G 120 5.20 17.02 -9.13
CA ALA G 120 6.33 17.23 -8.23
C ALA G 120 7.60 17.60 -9.01
N ALA G 121 7.85 16.89 -10.08
CA ALA G 121 8.97 17.18 -10.97
C ALA G 121 8.88 18.59 -11.55
N GLN G 122 7.67 19.02 -11.90
CA GLN G 122 7.46 20.37 -12.41
C GLN G 122 7.90 21.45 -11.44
N THR G 123 7.67 21.25 -10.14
CA THR G 123 8.07 22.24 -9.15
C THR G 123 9.59 22.35 -9.06
N ILE G 124 10.28 21.25 -9.38
CA ILE G 124 11.73 21.26 -9.50
C ILE G 124 12.18 21.94 -10.79
N LEU G 125 11.55 21.58 -11.90
CA LEU G 125 11.95 22.07 -13.22
C LEU G 125 11.81 23.59 -13.30
N LEU G 126 10.86 24.15 -12.56
CA LEU G 126 10.54 25.58 -12.65
C LEU G 126 11.21 26.33 -11.51
N GLY G 127 11.96 25.60 -10.69
CA GLY G 127 12.93 26.22 -9.78
C GLY G 127 12.26 26.58 -8.47
N ASP G 128 11.06 26.06 -8.27
CA ASP G 128 10.33 26.31 -7.03
C ASP G 128 11.04 25.63 -5.86
N THR G 129 11.70 24.51 -6.14
CA THR G 129 12.44 23.79 -5.12
C THR G 129 13.44 22.86 -5.79
N ASP G 130 14.35 22.31 -4.99
CA ASP G 130 15.35 21.37 -5.49
C ASP G 130 15.07 19.93 -5.08
N VAL G 131 14.17 19.73 -4.13
CA VAL G 131 13.84 18.40 -3.63
C VAL G 131 12.32 18.23 -3.45
N ALA G 132 11.76 17.21 -4.06
CA ALA G 132 10.33 16.97 -3.97
C ALA G 132 9.99 15.49 -3.93
N ILE G 133 8.81 15.18 -3.40
CA ILE G 133 8.31 13.81 -3.36
C ILE G 133 7.01 13.68 -4.15
N GLY G 134 6.98 12.69 -5.04
CA GLY G 134 5.76 12.30 -5.73
C GLY G 134 5.35 10.90 -5.34
N GLY G 135 4.07 10.74 -5.00
CA GLY G 135 3.57 9.42 -4.67
C GLY G 135 2.10 9.26 -4.95
N GLY G 136 1.58 8.11 -4.58
CA GLY G 136 0.14 7.87 -4.59
C GLY G 136 -0.23 6.89 -3.50
N ALA G 137 -1.47 6.99 -3.04
CA ALA G 137 -2.03 6.03 -2.10
C ALA G 137 -3.50 5.82 -2.41
N GLU G 138 -3.92 4.57 -2.42
CA GLU G 138 -5.33 4.24 -2.61
C GLU G 138 -5.71 3.04 -1.74
N SER G 139 -6.85 3.14 -1.07
CA SER G 139 -7.48 1.99 -0.41
C SER G 139 -8.89 1.74 -0.92
N MET G 140 -9.01 0.84 -1.90
CA MET G 140 -10.30 0.51 -2.45
C MET G 140 -11.12 -0.35 -1.46
N SER G 141 -10.41 -1.02 -0.54
CA SER G 141 -11.07 -1.76 0.55
C SER G 141 -11.88 -0.81 1.40
N ARG G 142 -11.36 0.39 1.62
CA ARG G 142 -11.94 1.33 2.56
C ARG G 142 -12.72 2.43 1.85
N ALA G 143 -13.02 2.20 0.57
CA ALA G 143 -13.87 3.13 -0.17
C ALA G 143 -15.23 3.20 0.52
N PRO G 144 -15.79 4.41 0.62
CA PRO G 144 -16.98 4.62 1.41
C PRO G 144 -18.23 4.33 0.62
N TYR G 145 -19.34 4.15 1.31
CA TYR G 145 -20.64 4.44 0.77
C TYR G 145 -21.07 5.86 1.13
N LEU G 146 -21.72 6.54 0.19
CA LEU G 146 -22.24 7.88 0.43
C LEU G 146 -23.71 7.75 0.70
N ALA G 147 -24.23 8.66 1.51
CA ALA G 147 -25.67 8.79 1.69
C ALA G 147 -26.12 10.20 1.32
N PRO G 148 -26.43 10.41 0.03
CA PRO G 148 -26.62 11.76 -0.48
C PRO G 148 -27.90 12.42 0.00
N ALA G 149 -28.77 11.64 0.64
CA ALA G 149 -30.05 12.16 1.14
C ALA G 149 -29.97 12.50 2.62
N ALA G 150 -28.83 12.22 3.24
CA ALA G 150 -28.71 12.28 4.70
C ALA G 150 -28.71 13.73 5.20
N ARG G 151 -28.13 14.64 4.42
CA ARG G 151 -28.01 16.02 4.87
C ARG G 151 -29.38 16.71 4.90
N TRP G 152 -30.10 16.64 3.78
CA TRP G 152 -31.30 17.44 3.61
C TRP G 152 -32.57 16.59 3.65
N GLY G 153 -32.39 15.26 3.68
CA GLY G 153 -33.51 14.34 3.95
C GLY G 153 -34.05 13.71 2.70
N ALA G 154 -34.50 12.45 2.81
CA ALA G 154 -35.16 11.77 1.71
C ALA G 154 -36.67 12.03 1.70
N ARG G 155 -37.22 12.34 2.88
CA ARG G 155 -38.64 12.66 3.03
C ARG G 155 -39.53 11.44 2.91
N MET G 156 -39.61 10.88 1.70
CA MET G 156 -40.46 9.72 1.45
C MET G 156 -39.90 8.92 0.29
N GLY G 157 -39.88 7.59 0.42
CA GLY G 157 -39.37 6.73 -0.63
C GLY G 157 -37.96 6.23 -0.33
N ASP G 158 -37.63 5.05 -0.83
CA ASP G 158 -36.35 4.41 -0.53
C ASP G 158 -35.20 5.29 -1.04
N ALA G 159 -34.10 5.31 -0.29
CA ALA G 159 -32.95 6.14 -0.63
C ALA G 159 -31.73 5.28 -0.83
N GLY G 160 -30.63 5.91 -1.28
CA GLY G 160 -29.49 5.17 -1.80
C GLY G 160 -28.31 5.27 -0.86
N LEU G 161 -27.58 4.17 -0.72
CA LEU G 161 -26.19 4.22 -0.31
C LEU G 161 -25.28 3.98 -1.51
N VAL G 162 -24.51 5.00 -1.88
CA VAL G 162 -23.79 5.00 -3.14
C VAL G 162 -22.39 4.45 -2.94
N ASP G 163 -22.07 3.40 -3.68
CA ASP G 163 -20.75 2.78 -3.61
C ASP G 163 -19.72 3.61 -4.38
N MET G 164 -18.86 4.32 -3.65
CA MET G 164 -17.97 5.31 -4.27
C MET G 164 -16.78 4.68 -4.99
N MET G 165 -16.45 3.44 -4.64
CA MET G 165 -15.51 2.67 -5.44
C MET G 165 -16.01 2.44 -6.86
N LEU G 166 -17.20 1.88 -6.97
CA LEU G 166 -17.83 1.68 -8.27
C LEU G 166 -17.99 3.00 -8.99
N GLY G 167 -18.29 4.05 -8.22
CA GLY G 167 -18.32 5.40 -8.74
C GLY G 167 -17.07 5.76 -9.51
N ALA G 168 -15.92 5.37 -8.97
CA ALA G 168 -14.64 5.68 -9.59
C ALA G 168 -14.47 4.90 -10.89
N LEU G 169 -15.22 3.81 -11.02
CA LEU G 169 -15.01 2.86 -12.10
C LEU G 169 -16.04 3.03 -13.21
N HIS G 170 -16.87 4.05 -13.09
CA HIS G 170 -17.87 4.34 -14.11
C HIS G 170 -17.59 5.68 -14.77
N ASP G 171 -17.73 5.70 -16.09
CA ASP G 171 -17.54 6.92 -16.85
C ASP G 171 -18.62 7.94 -16.51
N PRO G 172 -18.22 9.20 -16.33
CA PRO G 172 -19.08 10.22 -15.75
C PRO G 172 -20.03 10.84 -16.78
N PHE G 173 -19.81 10.53 -18.05
CA PHE G 173 -20.66 11.02 -19.13
C PHE G 173 -21.74 10.00 -19.48
N HIS G 174 -21.37 8.72 -19.46
CA HIS G 174 -22.21 7.67 -20.02
C HIS G 174 -22.60 6.62 -18.97
N ARG G 175 -22.04 6.76 -17.77
CA ARG G 175 -22.36 5.88 -16.65
C ARG G 175 -22.17 4.41 -16.99
N ILE G 176 -21.16 4.11 -17.79
CA ILE G 176 -20.81 2.73 -18.09
C ILE G 176 -19.53 2.35 -17.37
N HIS G 177 -19.44 1.09 -16.94
CA HIS G 177 -18.23 0.59 -16.30
C HIS G 177 -17.04 0.71 -17.25
N MET G 178 -15.86 0.96 -16.69
CA MET G 178 -14.62 0.97 -17.46
C MET G 178 -14.50 -0.29 -18.32
N GLY G 179 -15.09 -1.38 -17.85
CA GLY G 179 -14.98 -2.67 -18.53
C GLY G 179 -15.72 -2.74 -19.85
N VAL G 180 -16.81 -2.00 -19.98
CA VAL G 180 -17.53 -1.93 -21.24
C VAL G 180 -16.76 -1.06 -22.23
N THR G 181 -16.03 -0.09 -21.69
CA THR G 181 -15.11 0.70 -22.49
C THR G 181 -13.99 -0.17 -23.07
N ALA G 182 -13.57 -1.18 -22.31
CA ALA G 182 -12.57 -2.12 -22.76
C ALA G 182 -13.12 -3.02 -23.86
N GLU G 183 -14.41 -3.34 -23.79
CA GLU G 183 -15.05 -4.11 -24.85
C GLU G 183 -15.03 -3.34 -26.15
N ASN G 184 -15.24 -2.03 -26.07
CA ASN G 184 -15.22 -1.16 -27.25
C ASN G 184 -13.85 -1.20 -27.89
N VAL G 185 -12.81 -1.21 -27.06
CA VAL G 185 -11.45 -1.18 -27.54
C VAL G 185 -11.05 -2.53 -28.13
N ALA G 186 -11.41 -3.60 -27.44
CA ALA G 186 -11.24 -4.96 -27.97
C ALA G 186 -11.87 -5.09 -29.36
N LYS G 187 -13.07 -4.52 -29.51
CA LYS G 187 -13.78 -4.57 -30.77
C LYS G 187 -13.05 -3.78 -31.85
N GLU G 188 -12.65 -2.56 -31.52
CA GLU G 188 -12.08 -1.66 -32.52
C GLU G 188 -10.71 -2.13 -32.98
N TYR G 189 -9.94 -2.73 -32.06
CA TYR G 189 -8.57 -3.12 -32.35
C TYR G 189 -8.43 -4.63 -32.51
N ASP G 190 -9.57 -5.32 -32.55
CA ASP G 190 -9.61 -6.73 -32.91
C ASP G 190 -8.78 -7.59 -31.96
N ILE G 191 -9.06 -7.45 -30.66
CA ILE G 191 -8.41 -8.29 -29.67
C ILE G 191 -9.39 -9.34 -29.15
N SER G 192 -9.10 -10.59 -29.45
CA SER G 192 -10.05 -11.68 -29.25
C SER G 192 -10.08 -12.06 -27.77
N ARG G 193 -11.11 -12.81 -27.40
CA ARG G 193 -11.18 -13.40 -26.06
C ARG G 193 -9.95 -14.25 -25.80
N ALA G 194 -9.55 -15.04 -26.78
CA ALA G 194 -8.40 -15.94 -26.64
C ALA G 194 -7.13 -15.15 -26.38
N GLN G 195 -6.95 -14.05 -27.12
CA GLN G 195 -5.82 -13.16 -26.90
C GLN G 195 -5.81 -12.59 -25.48
N GLN G 196 -6.98 -12.16 -25.00
CA GLN G 196 -7.05 -11.47 -23.71
C GLN G 196 -6.74 -12.45 -22.59
N ASP G 197 -7.20 -13.68 -22.74
CA ASP G 197 -7.01 -14.68 -21.70
C ASP G 197 -5.56 -15.15 -21.64
N GLU G 198 -4.93 -15.26 -22.79
CA GLU G 198 -3.52 -15.63 -22.86
C GLU G 198 -2.64 -14.54 -22.25
N ALA G 199 -3.00 -13.28 -22.50
CA ALA G 199 -2.29 -12.16 -21.93
C ALA G 199 -2.47 -12.12 -20.43
N ALA G 200 -3.67 -12.49 -19.96
CA ALA G 200 -3.95 -12.51 -18.53
C ALA G 200 -3.16 -13.60 -17.83
N LEU G 201 -3.13 -14.79 -18.43
CA LEU G 201 -2.38 -15.92 -17.90
C LEU G 201 -0.88 -15.59 -17.82
N GLU G 202 -0.37 -14.95 -18.86
CA GLU G 202 1.03 -14.57 -18.92
C GLU G 202 1.40 -13.54 -17.85
N SER G 203 0.51 -12.59 -17.60
CA SER G 203 0.73 -11.57 -16.58
C SER G 203 0.91 -12.21 -15.21
N HIS G 204 0.06 -13.20 -14.90
CA HIS G 204 0.18 -13.94 -13.66
C HIS G 204 1.48 -14.75 -13.61
N ARG G 205 1.83 -15.39 -14.72
CA ARG G 205 3.06 -16.18 -14.78
C ARG G 205 4.27 -15.29 -14.56
N ARG G 206 4.28 -14.14 -15.22
CA ARG G 206 5.40 -13.20 -15.08
C ARG G 206 5.51 -12.66 -13.66
N ALA G 207 4.36 -12.32 -13.07
CA ALA G 207 4.34 -11.80 -11.71
C ALA G 207 4.85 -12.85 -10.73
N SER G 208 4.40 -14.09 -10.90
CA SER G 208 4.78 -15.18 -10.01
C SER G 208 6.27 -15.45 -10.09
N ALA G 209 6.79 -15.55 -11.32
CA ALA G 209 8.23 -15.68 -11.53
C ALA G 209 8.99 -14.57 -10.82
N ALA G 210 8.50 -13.34 -10.93
CA ALA G 210 9.20 -12.17 -10.43
C ALA G 210 9.24 -12.17 -8.91
N ILE G 211 8.14 -12.62 -8.30
CA ILE G 211 8.06 -12.68 -6.85
C ILE G 211 9.04 -13.74 -6.33
N LYS G 212 9.06 -14.89 -6.99
CA LYS G 212 9.87 -16.02 -6.53
C LYS G 212 11.36 -15.73 -6.71
N ALA G 213 11.70 -15.06 -7.82
CA ALA G 213 13.09 -14.71 -8.08
C ALA G 213 13.53 -13.52 -7.23
N GLY G 214 12.58 -12.91 -6.54
CA GLY G 214 12.90 -11.89 -5.54
C GLY G 214 13.07 -10.50 -6.13
N TYR G 215 12.50 -10.28 -7.31
CA TYR G 215 12.73 -9.04 -8.06
C TYR G 215 12.17 -7.85 -7.30
N PHE G 216 11.10 -8.07 -6.55
CA PHE G 216 10.40 -6.98 -5.88
C PHE G 216 10.91 -6.73 -4.47
N LYS G 217 11.79 -7.61 -3.98
CA LYS G 217 12.19 -7.60 -2.57
C LYS G 217 12.66 -6.22 -2.14
N ASP G 218 13.51 -5.59 -2.95
CA ASP G 218 14.20 -4.37 -2.58
C ASP G 218 13.26 -3.18 -2.52
N GLN G 219 12.30 -3.14 -3.43
CA GLN G 219 11.45 -1.97 -3.60
C GLN G 219 10.28 -1.96 -2.61
N ILE G 220 9.95 -3.11 -2.05
CA ILE G 220 8.76 -3.25 -1.19
C ILE G 220 9.08 -2.92 0.25
N VAL G 221 8.38 -1.95 0.81
CA VAL G 221 8.37 -1.72 2.25
C VAL G 221 7.30 -2.57 2.91
N PRO G 222 7.69 -3.37 3.92
CA PRO G 222 6.69 -4.12 4.69
C PRO G 222 5.69 -3.21 5.39
N VAL G 223 4.42 -3.56 5.34
CA VAL G 223 3.45 -3.09 6.31
C VAL G 223 3.28 -4.08 7.46
N VAL G 224 3.58 -3.63 8.67
CA VAL G 224 3.39 -4.46 9.87
C VAL G 224 2.32 -3.87 10.78
N SER G 225 1.29 -4.65 11.04
CA SER G 225 0.24 -4.27 11.98
C SER G 225 0.33 -5.10 13.26
N LYS G 226 -0.54 -4.79 14.23
CA LYS G 226 -0.48 -5.48 15.52
C LYS G 226 -1.59 -6.51 15.68
N ASP G 231 2.43 -9.50 16.00
CA ASP G 231 2.64 -8.61 14.87
C ASP G 231 2.40 -9.35 13.55
N VAL G 232 1.67 -8.70 12.65
CA VAL G 232 1.49 -9.22 11.30
C VAL G 232 2.23 -8.35 10.28
N THR G 233 2.99 -9.01 9.42
CA THR G 233 3.75 -8.30 8.38
C THR G 233 3.34 -8.66 6.99
N PHE G 234 3.02 -7.66 6.19
CA PHE G 234 2.55 -7.90 4.81
C PHE G 234 3.55 -7.33 3.81
N ASP G 235 4.11 -8.18 2.97
CA ASP G 235 5.24 -7.77 2.12
C ASP G 235 5.26 -8.50 0.78
N THR G 236 4.17 -9.17 0.45
CA THR G 236 4.12 -9.94 -0.79
C THR G 236 2.83 -9.68 -1.54
N ASP G 237 2.95 -9.44 -2.85
CA ASP G 237 1.82 -9.02 -3.65
C ASP G 237 0.78 -10.13 -3.78
N GLU G 238 -0.33 -9.97 -3.08
CA GLU G 238 -1.18 -11.11 -2.74
C GLU G 238 -2.27 -11.36 -3.77
N HIS G 239 -2.36 -10.50 -4.79
CA HIS G 239 -3.32 -10.70 -5.85
C HIS G 239 -2.93 -11.81 -6.84
N VAL G 240 -1.64 -12.10 -6.91
CA VAL G 240 -1.11 -12.94 -7.99
C VAL G 240 -1.53 -14.38 -7.76
N ARG G 241 -1.86 -15.08 -8.84
CA ARG G 241 -2.22 -16.49 -8.76
C ARG G 241 -1.10 -17.36 -9.28
N HIS G 242 -0.42 -18.04 -8.38
CA HIS G 242 0.84 -18.71 -8.71
C HIS G 242 0.60 -20.03 -9.43
N ASP G 243 -0.65 -20.47 -9.46
CA ASP G 243 -0.98 -21.79 -9.98
C ASP G 243 -1.99 -21.67 -11.11
N ALA G 244 -2.06 -20.50 -11.72
CA ALA G 244 -3.07 -20.21 -12.72
C ALA G 244 -2.88 -21.07 -13.98
N THR G 245 -3.99 -21.52 -14.56
CA THR G 245 -3.95 -22.20 -15.85
C THR G 245 -4.87 -21.49 -16.85
N ILE G 246 -4.73 -21.84 -18.12
CA ILE G 246 -5.49 -21.19 -19.18
C ILE G 246 -6.98 -21.53 -19.07
N ASP G 247 -7.29 -22.70 -18.53
CA ASP G 247 -8.69 -23.12 -18.39
C ASP G 247 -9.37 -22.39 -17.22
N ASP G 248 -8.57 -21.84 -16.31
CA ASP G 248 -9.08 -20.91 -15.30
C ASP G 248 -9.67 -19.67 -15.96
N MET G 249 -8.98 -19.19 -16.99
CA MET G 249 -9.44 -18.02 -17.73
C MET G 249 -10.66 -18.36 -18.57
N THR G 250 -10.58 -19.45 -19.34
CA THR G 250 -11.50 -19.68 -20.43
C THR G 250 -12.87 -20.14 -19.94
N LYS G 251 -12.94 -20.57 -18.68
CA LYS G 251 -14.21 -21.02 -18.10
C LYS G 251 -15.02 -19.83 -17.58
N LEU G 252 -14.38 -18.67 -17.46
CA LEU G 252 -15.03 -17.49 -16.91
C LEU G 252 -15.98 -16.86 -17.91
N ARG G 253 -17.03 -16.23 -17.41
CA ARG G 253 -18.02 -15.60 -18.26
C ARG G 253 -17.80 -14.10 -18.30
N PRO G 254 -18.13 -13.45 -19.42
CA PRO G 254 -18.07 -11.99 -19.53
C PRO G 254 -18.95 -11.32 -18.48
N VAL G 255 -18.45 -10.24 -17.90
CA VAL G 255 -19.05 -9.66 -16.70
C VAL G 255 -19.66 -8.30 -16.98
N PHE G 256 -19.21 -7.65 -18.05
CA PHE G 256 -19.51 -6.23 -18.26
C PHE G 256 -20.59 -5.98 -19.29
N VAL G 257 -20.74 -6.91 -20.24
CA VAL G 257 -21.68 -6.74 -21.35
C VAL G 257 -22.48 -8.03 -21.51
N LYS G 258 -23.70 -7.90 -22.02
CA LYS G 258 -24.51 -9.04 -22.40
C LYS G 258 -24.54 -9.20 -23.93
N GLU G 259 -24.11 -10.37 -24.37
CA GLU G 259 -23.89 -10.64 -25.79
C GLU G 259 -22.48 -10.27 -26.24
N ASN G 260 -21.76 -11.25 -26.80
CA ASN G 260 -20.53 -10.97 -27.55
C ASN G 260 -19.43 -10.33 -26.71
N GLY G 261 -19.47 -10.60 -25.40
CA GLY G 261 -18.51 -10.05 -24.45
C GLY G 261 -17.23 -10.87 -24.40
N THR G 262 -16.13 -10.22 -24.04
CA THR G 262 -14.82 -10.87 -23.99
C THR G 262 -14.10 -10.58 -22.68
N VAL G 263 -14.54 -9.54 -21.98
CA VAL G 263 -13.88 -9.09 -20.76
C VAL G 263 -14.46 -9.79 -19.53
N THR G 264 -13.61 -10.51 -18.80
CA THR G 264 -14.03 -11.24 -17.61
C THR G 264 -13.32 -10.71 -16.38
N ALA G 265 -13.68 -11.26 -15.23
CA ALA G 265 -12.96 -10.97 -13.98
C ALA G 265 -11.51 -11.44 -14.06
N GLY G 266 -11.25 -12.44 -14.89
CA GLY G 266 -9.94 -13.06 -14.95
C GLY G 266 -8.95 -12.29 -15.81
N ASN G 267 -9.45 -11.60 -16.83
CA ASN G 267 -8.60 -10.81 -17.72
C ASN G 267 -8.86 -9.32 -17.57
N ALA G 268 -9.43 -8.92 -16.42
CA ALA G 268 -9.49 -7.53 -16.03
C ALA G 268 -8.63 -7.33 -14.78
N SER G 269 -8.19 -6.10 -14.56
CA SER G 269 -7.41 -5.80 -13.38
C SER G 269 -8.22 -6.08 -12.11
N GLY G 270 -7.52 -6.27 -11.00
CA GLY G 270 -8.19 -6.40 -9.70
C GLY G 270 -8.59 -5.08 -9.05
N LEU G 271 -9.23 -5.19 -7.90
CA LEU G 271 -9.43 -4.05 -7.00
C LEU G 271 -8.51 -4.23 -5.81
N ASN G 272 -7.82 -3.15 -5.44
CA ASN G 272 -6.56 -3.28 -4.72
C ASN G 272 -6.22 -2.08 -3.84
N ASP G 273 -5.36 -2.33 -2.86
CA ASP G 273 -4.88 -1.31 -1.95
C ASP G 273 -3.37 -1.24 -2.09
N ALA G 274 -2.83 -0.02 -2.04
CA ALA G 274 -1.38 0.16 -2.04
C ALA G 274 -0.97 1.63 -1.91
N ALA G 275 0.30 1.85 -1.66
CA ALA G 275 0.89 3.16 -1.88
C ALA G 275 2.31 3.03 -2.44
N ALA G 276 2.86 4.17 -2.84
CA ALA G 276 4.23 4.23 -3.36
C ALA G 276 4.69 5.68 -3.37
N ALA G 277 6.00 5.88 -3.36
CA ALA G 277 6.54 7.21 -3.38
C ALA G 277 7.95 7.20 -3.98
N VAL G 278 8.30 8.29 -4.64
CA VAL G 278 9.67 8.50 -5.08
C VAL G 278 10.16 9.83 -4.55
N VAL G 279 11.45 9.87 -4.20
CA VAL G 279 12.12 11.12 -3.93
C VAL G 279 12.87 11.60 -5.17
N MET G 280 12.57 12.82 -5.59
CA MET G 280 13.25 13.44 -6.74
C MET G 280 14.00 14.67 -6.29
N MET G 281 15.03 15.04 -7.05
CA MET G 281 15.71 16.31 -6.83
C MET G 281 16.41 16.77 -8.11
N GLU G 282 16.72 18.05 -8.16
CA GLU G 282 17.48 18.60 -9.28
C GLU G 282 18.82 17.89 -9.43
N ARG G 283 19.22 17.63 -10.68
CA ARG G 283 20.41 16.86 -10.99
C ARG G 283 21.59 17.32 -10.13
N ALA G 284 21.78 18.63 -10.03
CA ALA G 284 22.98 19.18 -9.39
C ALA G 284 22.87 19.07 -7.86
N GLU G 285 21.65 18.88 -7.35
CA GLU G 285 21.46 18.62 -5.93
C GLU G 285 21.94 17.21 -5.58
N ALA G 286 21.56 16.25 -6.41
CA ALA G 286 21.98 14.87 -6.21
C ALA G 286 23.50 14.76 -6.25
N GLU G 287 24.14 15.47 -7.20
CA GLU G 287 25.59 15.48 -7.33
C GLU G 287 26.25 16.08 -6.09
N ARG G 288 25.75 17.23 -5.68
CA ARG G 288 26.15 17.85 -4.42
C ARG G 288 26.10 16.88 -3.24
N ARG G 289 25.03 16.08 -3.17
CA ARG G 289 24.85 15.16 -2.04
C ARG G 289 25.63 13.87 -2.24
N GLY G 290 26.19 13.69 -3.44
CA GLY G 290 26.85 12.45 -3.81
C GLY G 290 25.91 11.25 -3.91
N LEU G 291 24.66 11.50 -4.32
CA LEU G 291 23.69 10.42 -4.50
C LEU G 291 23.68 9.92 -5.94
N LYS G 292 23.72 8.60 -6.11
CA LYS G 292 23.55 7.98 -7.43
C LYS G 292 22.07 7.79 -7.73
N PRO G 293 21.55 8.55 -8.72
CA PRO G 293 20.12 8.45 -9.07
C PRO G 293 19.77 7.08 -9.62
N LEU G 294 18.50 6.69 -9.50
CA LEU G 294 17.99 5.54 -10.23
C LEU G 294 17.88 5.87 -11.72
N ALA G 295 17.45 7.10 -12.01
CA ALA G 295 17.19 7.52 -13.38
C ALA G 295 16.92 9.02 -13.42
N ARG G 296 16.87 9.59 -14.59
CA ARG G 296 16.42 10.92 -14.75
C ARG G 296 15.18 10.95 -15.56
N LEU G 297 14.35 11.94 -15.35
CA LEU G 297 13.15 12.17 -16.14
C LEU G 297 13.52 12.80 -17.48
N VAL G 298 13.11 12.17 -18.57
CA VAL G 298 13.45 12.63 -19.90
C VAL G 298 12.31 13.47 -20.48
N SER G 299 11.09 12.95 -20.38
CA SER G 299 9.92 13.63 -20.93
C SER G 299 8.64 13.04 -20.36
N TYR G 300 7.55 13.79 -20.48
CA TYR G 300 6.23 13.24 -20.24
C TYR G 300 5.24 13.71 -21.29
N GLY G 301 4.06 13.08 -21.30
CA GLY G 301 3.02 13.41 -22.28
C GLY G 301 1.63 13.09 -21.74
N HIS G 302 0.69 13.97 -22.06
CA HIS G 302 -0.71 13.80 -21.68
C HIS G 302 -1.59 13.83 -22.94
N ALA G 303 -2.62 12.99 -22.98
CA ALA G 303 -3.57 13.01 -24.09
C ALA G 303 -4.99 12.85 -23.57
N GLY G 304 -5.93 13.45 -24.28
CA GLY G 304 -7.34 13.08 -24.15
C GLY G 304 -7.84 12.26 -25.33
N VAL G 305 -8.75 11.33 -25.04
CA VAL G 305 -9.34 10.49 -26.07
C VAL G 305 -10.83 10.36 -25.80
N ASP G 306 -11.52 9.65 -26.69
CA ASP G 306 -12.93 9.34 -26.50
C ASP G 306 -13.12 8.60 -25.17
N PRO G 307 -14.03 9.10 -24.32
CA PRO G 307 -14.34 8.41 -23.07
C PRO G 307 -14.72 6.94 -23.26
N LYS G 308 -15.35 6.61 -24.38
CA LYS G 308 -15.82 5.26 -24.64
C LYS G 308 -14.67 4.33 -25.00
N ALA G 309 -13.53 4.92 -25.37
CA ALA G 309 -12.35 4.15 -25.74
C ALA G 309 -11.15 4.53 -24.87
N MET G 310 -11.40 4.76 -23.60
CA MET G 310 -10.39 5.33 -22.76
C MET G 310 -9.16 4.48 -22.73
N GLY G 311 -9.28 3.20 -23.00
CA GLY G 311 -8.21 2.22 -22.78
C GLY G 311 -7.01 2.40 -23.71
N ILE G 312 -7.19 3.16 -24.80
CA ILE G 312 -6.08 3.42 -25.70
C ILE G 312 -5.45 4.79 -25.49
N GLY G 313 -5.80 5.43 -24.37
CA GLY G 313 -5.19 6.70 -23.97
C GLY G 313 -3.68 6.71 -24.02
N PRO G 314 -3.04 5.58 -23.65
CA PRO G 314 -1.59 5.51 -23.64
C PRO G 314 -0.95 5.74 -25.01
N VAL G 315 -1.69 5.46 -26.08
CA VAL G 315 -1.10 5.50 -27.42
C VAL G 315 -0.69 6.92 -27.80
N PRO G 316 -1.63 7.89 -27.72
CA PRO G 316 -1.23 9.27 -28.03
C PRO G 316 -0.30 9.87 -26.98
N ALA G 317 -0.50 9.53 -25.71
CA ALA G 317 0.32 10.08 -24.64
C ALA G 317 1.76 9.65 -24.84
N THR G 318 1.96 8.37 -25.18
CA THR G 318 3.29 7.80 -25.33
C THR G 318 3.98 8.39 -26.56
N LYS G 319 3.21 8.66 -27.60
CA LYS G 319 3.75 9.26 -28.82
C LYS G 319 4.22 10.69 -28.53
N ILE G 320 3.49 11.39 -27.69
CA ILE G 320 3.88 12.74 -27.29
C ILE G 320 5.18 12.71 -26.48
N ALA G 321 5.26 11.78 -25.55
CA ALA G 321 6.45 11.64 -24.72
C ALA G 321 7.68 11.25 -25.57
N LEU G 322 7.50 10.31 -26.48
CA LEU G 322 8.57 9.89 -27.37
C LEU G 322 9.06 11.05 -28.24
N GLU G 323 8.13 11.77 -28.81
CA GLU G 323 8.40 12.96 -29.56
C GLU G 323 9.27 13.91 -28.80
N ARG G 324 8.80 14.25 -27.63
CA ARG G 324 9.44 15.28 -26.81
C ARG G 324 10.83 14.84 -26.36
N ALA G 325 11.01 13.53 -26.28
CA ALA G 325 12.30 12.96 -25.90
C ALA G 325 13.24 12.78 -27.10
N GLY G 326 12.68 12.86 -28.31
CA GLY G 326 13.42 12.55 -29.53
C GLY G 326 13.73 11.07 -29.63
N LEU G 327 12.81 10.25 -29.19
CA LEU G 327 13.05 8.81 -29.13
C LEU G 327 12.03 8.08 -29.97
N GLN G 328 12.27 6.79 -30.16
CA GLN G 328 11.31 5.94 -30.84
C GLN G 328 11.09 4.68 -29.99
N VAL G 329 10.07 3.91 -30.36
CA VAL G 329 9.71 2.71 -29.62
C VAL G 329 10.88 1.76 -29.39
N SER G 330 11.72 1.60 -30.40
CA SER G 330 12.81 0.64 -30.33
C SER G 330 13.82 1.01 -29.26
N ASP G 331 13.82 2.28 -28.85
CA ASP G 331 14.78 2.76 -27.85
C ASP G 331 14.43 2.25 -26.45
N LEU G 332 13.21 1.78 -26.27
CA LEU G 332 12.70 1.46 -24.94
C LEU G 332 13.11 0.05 -24.51
N ASP G 333 13.74 -0.06 -23.35
CA ASP G 333 14.20 -1.34 -22.84
C ASP G 333 13.19 -1.94 -21.88
N VAL G 334 12.52 -1.08 -21.10
CA VAL G 334 11.51 -1.55 -20.17
C VAL G 334 10.25 -0.68 -20.28
N ILE G 335 9.10 -1.34 -20.35
CA ILE G 335 7.82 -0.64 -20.46
C ILE G 335 6.82 -1.11 -19.40
N GLU G 336 6.38 -0.18 -18.56
CA GLU G 336 5.29 -0.42 -17.63
C GLU G 336 4.04 0.28 -18.17
N ALA G 337 3.17 -0.51 -18.78
CA ALA G 337 1.94 0.01 -19.36
C ALA G 337 0.75 -0.67 -18.68
N ASN G 338 0.14 0.04 -17.73
CA ASN G 338 -0.77 -0.60 -16.79
C ASN G 338 -1.80 -1.47 -17.52
N GLU G 339 -1.90 -2.73 -17.11
CA GLU G 339 -2.99 -3.61 -17.54
C GLU G 339 -4.24 -3.29 -16.73
N ALA G 340 -5.03 -2.33 -17.19
CA ALA G 340 -6.37 -2.14 -16.66
C ALA G 340 -7.29 -3.27 -17.10
N PHE G 341 -7.25 -3.57 -18.40
CA PHE G 341 -7.83 -4.78 -18.95
C PHE G 341 -6.93 -5.32 -20.04
N ALA G 342 -6.87 -6.65 -20.18
CA ALA G 342 -6.07 -7.26 -21.22
C ALA G 342 -6.53 -6.76 -22.58
N ALA G 343 -7.82 -6.41 -22.65
CA ALA G 343 -8.41 -5.92 -23.89
C ALA G 343 -7.71 -4.66 -24.39
N GLN G 344 -7.59 -3.66 -23.53
CA GLN G 344 -6.92 -2.42 -23.90
C GLN G 344 -5.39 -2.51 -23.85
N ALA G 345 -4.86 -3.37 -22.99
CA ALA G 345 -3.41 -3.54 -22.87
C ALA G 345 -2.83 -4.17 -24.14
N CYS G 346 -3.53 -5.15 -24.67
CA CYS G 346 -3.15 -5.75 -25.94
C CYS G 346 -3.29 -4.76 -27.08
N ALA G 347 -4.32 -3.92 -27.02
CA ALA G 347 -4.56 -2.93 -28.06
C ALA G 347 -3.45 -1.89 -28.08
N VAL G 348 -3.01 -1.49 -26.89
CA VAL G 348 -1.98 -0.46 -26.75
C VAL G 348 -0.65 -0.93 -27.34
N THR G 349 -0.26 -2.17 -27.04
CA THR G 349 1.02 -2.69 -27.51
C THR G 349 0.99 -2.92 -29.01
N LYS G 350 -0.16 -3.36 -29.53
CA LYS G 350 -0.35 -3.55 -30.96
C LYS G 350 -0.26 -2.22 -31.69
N ALA G 351 -0.97 -1.22 -31.18
CA ALA G 351 -1.08 0.06 -31.88
C ALA G 351 0.26 0.80 -31.88
N LEU G 352 1.03 0.65 -30.80
CA LEU G 352 2.33 1.31 -30.69
C LEU G 352 3.43 0.42 -31.29
N GLY G 353 3.11 -0.84 -31.55
CA GLY G 353 4.06 -1.77 -32.12
C GLY G 353 5.13 -2.15 -31.11
N LEU G 354 4.71 -2.31 -29.85
CA LEU G 354 5.61 -2.67 -28.79
C LEU G 354 5.89 -4.16 -28.85
N ASP G 355 7.05 -4.56 -28.37
CA ASP G 355 7.38 -5.96 -28.22
C ASP G 355 6.86 -6.48 -26.87
N PRO G 356 5.96 -7.48 -26.90
CA PRO G 356 5.28 -7.92 -25.69
C PRO G 356 6.23 -8.42 -24.62
N ALA G 357 7.44 -8.82 -25.02
CA ALA G 357 8.42 -9.34 -24.09
C ALA G 357 8.98 -8.23 -23.19
N LYS G 358 8.90 -7.00 -23.68
CA LYS G 358 9.47 -5.85 -22.97
C LYS G 358 8.37 -5.12 -22.18
N VAL G 359 7.10 -5.43 -22.46
CA VAL G 359 5.96 -4.75 -21.85
C VAL G 359 5.44 -5.52 -20.63
N ASN G 360 5.50 -4.88 -19.46
CA ASN G 360 5.10 -5.53 -18.22
C ASN G 360 5.77 -6.88 -18.02
N PRO G 361 7.12 -6.91 -18.03
CA PRO G 361 7.89 -8.14 -17.97
C PRO G 361 7.72 -8.88 -16.65
N ASN G 362 7.25 -8.17 -15.63
CA ASN G 362 7.01 -8.79 -14.33
C ASN G 362 5.57 -8.72 -13.87
N GLY G 363 4.65 -8.65 -14.83
CA GLY G 363 3.22 -8.58 -14.51
C GLY G 363 2.73 -7.15 -14.41
N SER G 364 1.42 -6.98 -14.24
CA SER G 364 0.83 -5.66 -14.08
C SER G 364 -0.56 -5.79 -13.46
N GLY G 365 -1.46 -4.89 -13.83
CA GLY G 365 -2.71 -4.69 -13.09
C GLY G 365 -3.58 -5.93 -12.98
N ILE G 366 -3.51 -6.81 -13.97
CA ILE G 366 -4.29 -8.04 -13.96
C ILE G 366 -3.82 -8.99 -12.85
N SER G 367 -2.51 -9.08 -12.69
CA SER G 367 -1.90 -10.07 -11.80
C SER G 367 -1.57 -9.44 -10.44
N LEU G 368 -0.89 -8.30 -10.49
CA LEU G 368 -0.42 -7.65 -9.27
C LEU G 368 -1.51 -6.80 -8.66
N GLY G 369 -2.40 -6.28 -9.50
CA GLY G 369 -3.49 -5.44 -9.03
C GLY G 369 -3.46 -4.00 -9.53
N HIS G 370 -4.58 -3.31 -9.35
CA HIS G 370 -4.72 -1.93 -9.84
C HIS G 370 -5.32 -1.04 -8.77
N PRO G 371 -4.48 -0.57 -7.81
CA PRO G 371 -4.91 0.38 -6.80
C PRO G 371 -4.92 1.82 -7.29
N ILE G 372 -6.10 2.28 -7.70
CA ILE G 372 -6.24 3.25 -8.79
C ILE G 372 -5.24 4.40 -8.68
N GLY G 373 -5.32 5.15 -7.58
CA GLY G 373 -4.58 6.40 -7.47
C GLY G 373 -3.10 6.20 -7.15
N ALA G 374 -2.77 5.01 -6.66
CA ALA G 374 -1.38 4.67 -6.37
C ALA G 374 -0.68 4.07 -7.60
N THR G 375 -1.46 3.53 -8.53
CA THR G 375 -0.90 2.62 -9.55
C THR G 375 0.23 3.31 -10.33
N GLY G 376 0.04 4.57 -10.69
CA GLY G 376 0.97 5.26 -11.57
C GLY G 376 2.29 5.51 -10.89
N ALA G 377 2.25 5.67 -9.57
CA ALA G 377 3.45 5.82 -8.79
C ALA G 377 4.15 4.48 -8.63
N LEU G 378 3.38 3.41 -8.45
CA LEU G 378 3.96 2.13 -8.07
C LEU G 378 4.52 1.40 -9.27
N ILE G 379 3.99 1.68 -10.46
CA ILE G 379 4.57 1.10 -11.66
C ILE G 379 5.73 1.93 -12.18
N THR G 380 5.84 3.17 -11.73
CA THR G 380 7.07 3.93 -11.92
C THR G 380 8.18 3.31 -11.08
N VAL G 381 7.87 3.03 -9.82
CA VAL G 381 8.80 2.35 -8.95
C VAL G 381 9.27 1.02 -9.54
N LYS G 382 8.34 0.21 -10.02
CA LYS G 382 8.68 -1.03 -10.68
C LYS G 382 9.61 -0.79 -11.87
N ALA G 383 9.28 0.20 -12.67
CA ALA G 383 9.95 0.40 -13.96
C ALA G 383 11.41 0.77 -13.73
N LEU G 384 11.66 1.59 -12.72
CA LEU G 384 12.98 2.11 -12.46
C LEU G 384 13.89 1.05 -11.84
N HIS G 385 13.31 0.18 -11.01
CA HIS G 385 14.08 -0.89 -10.38
C HIS G 385 14.37 -1.99 -11.38
N GLU G 386 13.42 -2.24 -12.27
CA GLU G 386 13.62 -3.18 -13.37
C GLU G 386 14.66 -2.65 -14.36
N LEU G 387 14.62 -1.35 -14.61
CA LEU G 387 15.58 -0.72 -15.53
C LEU G 387 17.01 -0.88 -15.02
N ASN G 388 17.18 -0.71 -13.72
CA ASN G 388 18.47 -0.91 -13.09
C ASN G 388 18.87 -2.39 -13.08
N ARG G 389 17.90 -3.28 -12.85
CA ARG G 389 18.20 -4.71 -12.78
C ARG G 389 18.77 -5.23 -14.10
N VAL G 390 18.20 -4.81 -15.21
CA VAL G 390 18.63 -5.28 -16.52
C VAL G 390 19.64 -4.35 -17.17
N GLN G 391 20.06 -3.32 -16.44
CA GLN G 391 21.02 -2.36 -16.93
C GLN G 391 20.59 -1.76 -18.27
N GLY G 392 19.30 -1.49 -18.40
CA GLY G 392 18.77 -0.86 -19.60
C GLY G 392 19.00 0.63 -19.59
N ARG G 393 18.61 1.30 -20.67
CA ARG G 393 18.76 2.74 -20.77
C ARG G 393 17.45 3.47 -20.52
N TYR G 394 16.42 3.12 -21.28
CA TYR G 394 15.18 3.91 -21.28
C TYR G 394 14.01 3.11 -20.74
N ALA G 395 13.22 3.76 -19.87
CA ALA G 395 11.97 3.18 -19.41
C ALA G 395 10.79 4.07 -19.80
N LEU G 396 9.70 3.42 -20.23
CA LEU G 396 8.42 4.09 -20.41
C LEU G 396 7.43 3.64 -19.33
N VAL G 397 6.79 4.60 -18.69
CA VAL G 397 5.64 4.34 -17.84
C VAL G 397 4.40 5.03 -18.41
N THR G 398 3.32 4.27 -18.58
CA THR G 398 2.11 4.83 -19.18
C THR G 398 0.88 4.04 -18.76
N MET G 399 -0.26 4.72 -18.72
CA MET G 399 -1.51 4.07 -18.34
C MET G 399 -2.69 4.83 -18.90
N CYS G 400 -3.79 4.10 -19.09
CA CYS G 400 -5.04 4.71 -19.51
C CYS G 400 -5.77 5.27 -18.31
N ILE G 401 -6.66 6.22 -18.57
CA ILE G 401 -7.29 7.00 -17.52
C ILE G 401 -8.79 7.08 -17.77
N GLY G 402 -9.58 6.78 -16.74
CA GLY G 402 -11.03 6.82 -16.85
C GLY G 402 -11.50 8.18 -17.28
N GLY G 403 -12.50 8.21 -18.17
CA GLY G 403 -13.05 9.46 -18.68
C GLY G 403 -12.37 9.87 -19.98
N GLY G 404 -11.42 9.05 -20.41
CA GLY G 404 -10.77 9.22 -21.70
C GLY G 404 -9.53 10.09 -21.60
N GLN G 405 -8.47 9.54 -21.00
CA GLN G 405 -7.16 10.17 -21.05
C GLN G 405 -6.02 9.16 -21.04
N GLY G 406 -4.83 9.64 -21.34
CA GLY G 406 -3.61 8.87 -21.14
C GLY G 406 -2.49 9.73 -20.61
N ILE G 407 -1.56 9.09 -19.93
CA ILE G 407 -0.40 9.78 -19.39
C ILE G 407 0.81 8.86 -19.52
N ALA G 408 1.94 9.46 -19.88
CA ALA G 408 3.14 8.70 -20.15
C ALA G 408 4.36 9.52 -19.74
N ALA G 409 5.37 8.83 -19.23
CA ALA G 409 6.63 9.48 -18.88
C ALA G 409 7.79 8.57 -19.27
N ILE G 410 8.91 9.17 -19.62
CA ILE G 410 10.08 8.40 -20.02
C ILE G 410 11.27 8.75 -19.13
N PHE G 411 11.99 7.71 -18.71
CA PHE G 411 13.09 7.87 -17.77
C PHE G 411 14.35 7.26 -18.38
N GLU G 412 15.50 7.80 -18.01
CA GLU G 412 16.78 7.29 -18.51
C GLU G 412 17.70 6.97 -17.34
N ARG G 413 18.31 5.78 -17.37
CA ARG G 413 19.26 5.36 -16.34
C ARG G 413 20.72 5.77 -16.63
N THR H 22 11.95 32.21 -23.36
CA THR H 22 11.39 32.60 -22.04
C THR H 22 9.88 32.81 -22.10
N ARG H 23 9.11 31.78 -21.73
CA ARG H 23 7.67 31.80 -21.95
C ARG H 23 6.95 32.48 -20.79
N GLU H 24 5.82 33.11 -21.12
CA GLU H 24 5.07 33.93 -20.17
C GLU H 24 3.60 33.54 -20.21
N VAL H 25 2.95 33.53 -19.05
CA VAL H 25 1.54 33.17 -19.00
C VAL H 25 0.69 34.43 -18.83
N VAL H 26 -0.34 34.54 -19.66
CA VAL H 26 -1.25 35.67 -19.60
C VAL H 26 -2.69 35.18 -19.45
N VAL H 27 -3.45 35.88 -18.61
CA VAL H 27 -4.86 35.59 -18.39
C VAL H 27 -5.75 36.43 -19.31
N VAL H 28 -6.54 35.75 -20.13
CA VAL H 28 -7.27 36.40 -21.21
C VAL H 28 -8.75 36.56 -20.86
N SER H 29 -9.25 35.76 -19.93
CA SER H 29 -10.59 35.97 -19.39
C SER H 29 -10.71 35.38 -17.99
N GLY H 30 -11.61 35.93 -17.19
CA GLY H 30 -11.97 35.37 -15.90
C GLY H 30 -13.43 35.57 -15.57
N VAL H 31 -14.08 34.52 -15.11
CA VAL H 31 -15.49 34.60 -14.76
C VAL H 31 -15.80 33.72 -13.56
N ARG H 32 -16.81 34.10 -12.80
CA ARG H 32 -17.29 33.30 -11.68
C ARG H 32 -18.81 33.27 -11.66
N THR H 33 -19.37 32.28 -10.97
CA THR H 33 -20.74 32.38 -10.47
C THR H 33 -20.82 33.36 -9.32
N ALA H 34 -22.00 33.96 -9.12
CA ALA H 34 -22.36 34.46 -7.82
C ALA H 34 -22.15 33.36 -6.76
N ILE H 35 -21.87 33.79 -5.54
CA ILE H 35 -21.62 32.85 -4.45
C ILE H 35 -22.92 32.57 -3.70
N GLY H 36 -23.40 31.33 -3.79
CA GLY H 36 -24.59 30.91 -3.05
C GLY H 36 -24.29 30.61 -1.59
N THR H 37 -25.31 30.73 -0.75
CA THR H 37 -25.19 30.37 0.65
C THR H 37 -25.54 28.90 0.86
N PHE H 38 -24.95 28.30 1.89
CA PHE H 38 -25.22 26.92 2.28
C PHE H 38 -26.72 26.68 2.44
N GLY H 39 -27.24 25.71 1.70
CA GLY H 39 -28.68 25.47 1.65
C GLY H 39 -29.46 26.52 0.87
N GLY H 40 -28.76 27.30 0.05
CA GLY H 40 -29.36 28.46 -0.60
C GLY H 40 -29.59 28.25 -2.09
N SER H 41 -29.26 29.27 -2.89
CA SER H 41 -29.79 29.37 -4.25
C SER H 41 -29.17 28.33 -5.18
N LEU H 42 -28.02 27.79 -4.79
CA LEU H 42 -27.30 26.86 -5.65
C LEU H 42 -27.36 25.46 -5.07
N LYS H 43 -28.27 25.24 -4.11
CA LYS H 43 -28.34 23.98 -3.37
C LYS H 43 -28.62 22.79 -4.31
N ASP H 44 -29.21 23.08 -5.48
CA ASP H 44 -29.62 22.01 -6.39
C ASP H 44 -28.74 21.92 -7.65
N VAL H 45 -27.59 22.60 -7.62
CA VAL H 45 -26.69 22.61 -8.77
C VAL H 45 -25.34 21.97 -8.41
N ALA H 46 -25.02 20.87 -9.08
CA ALA H 46 -23.86 20.09 -8.72
C ALA H 46 -22.58 20.80 -9.21
N PRO H 47 -21.46 20.57 -8.51
CA PRO H 47 -20.16 21.13 -8.90
C PRO H 47 -19.84 20.98 -10.38
N ALA H 48 -20.08 19.78 -10.92
CA ALA H 48 -19.89 19.52 -12.35
C ALA H 48 -20.58 20.55 -13.25
N GLU H 49 -21.80 20.93 -12.88
CA GLU H 49 -22.58 21.85 -13.71
C GLU H 49 -22.14 23.29 -13.45
N LEU H 50 -21.74 23.59 -12.22
CA LEU H 50 -21.20 24.90 -11.91
C LEU H 50 -19.88 25.12 -12.65
N GLY H 51 -19.10 24.04 -12.78
CA GLY H 51 -17.82 24.11 -13.45
C GLY H 51 -17.95 24.21 -14.95
N ALA H 52 -18.90 23.49 -15.52
CA ALA H 52 -19.12 23.53 -16.97
C ALA H 52 -19.61 24.92 -17.38
N LEU H 53 -20.40 25.54 -16.52
CA LEU H 53 -20.95 26.86 -16.81
C LEU H 53 -19.85 27.91 -16.91
N VAL H 54 -18.95 27.94 -15.93
CA VAL H 54 -17.88 28.95 -15.93
C VAL H 54 -16.83 28.66 -16.99
N VAL H 55 -16.65 27.40 -17.34
CA VAL H 55 -15.74 27.05 -18.43
C VAL H 55 -16.28 27.57 -19.76
N ARG H 56 -17.54 27.29 -20.04
CA ARG H 56 -18.16 27.72 -21.29
C ARG H 56 -18.12 29.24 -21.42
N GLU H 57 -18.46 29.94 -20.33
CA GLU H 57 -18.60 31.38 -20.37
C GLU H 57 -17.22 32.07 -20.41
N ALA H 58 -16.23 31.46 -19.75
CA ALA H 58 -14.88 31.99 -19.78
C ALA H 58 -14.30 31.91 -21.18
N LEU H 59 -14.56 30.80 -21.86
CA LEU H 59 -14.09 30.62 -23.22
C LEU H 59 -14.74 31.64 -24.15
N ALA H 60 -16.04 31.85 -23.98
CA ALA H 60 -16.79 32.79 -24.81
C ALA H 60 -16.26 34.20 -24.61
N ARG H 61 -16.02 34.57 -23.35
CA ARG H 61 -15.49 35.88 -23.02
C ARG H 61 -14.10 36.09 -23.60
N ALA H 62 -13.33 35.01 -23.69
CA ALA H 62 -11.97 35.07 -24.20
C ALA H 62 -11.96 35.05 -25.73
N GLN H 63 -13.12 34.74 -26.32
CA GLN H 63 -13.21 34.47 -27.75
C GLN H 63 -12.26 33.35 -28.14
N VAL H 64 -12.29 32.27 -27.37
CA VAL H 64 -11.44 31.11 -27.64
C VAL H 64 -12.30 29.87 -27.78
N SER H 65 -12.05 29.11 -28.84
CA SER H 65 -12.76 27.86 -29.05
C SER H 65 -12.30 26.81 -28.04
N GLY H 66 -13.25 26.00 -27.56
CA GLY H 66 -12.93 24.84 -26.72
C GLY H 66 -12.05 23.84 -27.43
N ASP H 67 -12.03 23.89 -28.75
CA ASP H 67 -11.18 23.00 -29.55
C ASP H 67 -9.70 23.35 -29.40
N ASP H 68 -9.40 24.56 -28.93
CA ASP H 68 -8.03 25.04 -28.88
C ASP H 68 -7.42 24.95 -27.48
N VAL H 69 -8.19 24.46 -26.51
CA VAL H 69 -7.70 24.33 -25.14
C VAL H 69 -6.86 23.08 -24.99
N GLY H 70 -5.69 23.21 -24.36
CA GLY H 70 -4.71 22.13 -24.33
C GLY H 70 -4.67 21.47 -22.98
N HIS H 71 -5.16 22.16 -21.95
CA HIS H 71 -5.20 21.60 -20.61
C HIS H 71 -6.24 22.27 -19.74
N VAL H 72 -6.85 21.47 -18.87
CA VAL H 72 -7.81 21.99 -17.89
C VAL H 72 -7.51 21.42 -16.52
N VAL H 73 -7.37 22.32 -15.54
CA VAL H 73 -7.21 21.94 -14.14
C VAL H 73 -8.28 22.60 -13.28
N PHE H 74 -8.99 21.79 -12.48
CA PHE H 74 -9.97 22.30 -11.55
C PHE H 74 -9.67 21.96 -10.10
N GLY H 75 -9.85 22.94 -9.22
CA GLY H 75 -9.81 22.72 -7.79
C GLY H 75 -11.13 22.26 -7.20
N ASN H 76 -11.05 21.38 -6.23
CA ASN H 76 -12.22 20.88 -5.52
C ASN H 76 -11.80 20.03 -4.33
N VAL H 77 -12.49 20.22 -3.21
CA VAL H 77 -12.11 19.54 -1.98
C VAL H 77 -13.12 18.45 -1.62
N ILE H 78 -14.41 18.75 -1.71
CA ILE H 78 -15.45 17.81 -1.29
C ILE H 78 -16.10 17.11 -2.47
N GLN H 79 -15.88 15.80 -2.56
CA GLN H 79 -16.56 14.96 -3.54
C GLN H 79 -18.02 14.71 -3.13
N THR H 80 -18.96 15.25 -3.91
CA THR H 80 -20.38 15.19 -3.57
C THR H 80 -21.03 13.99 -4.24
N GLU H 81 -20.46 13.57 -5.36
CA GLU H 81 -20.97 12.43 -6.12
C GLU H 81 -19.80 11.82 -6.90
N PRO H 82 -20.02 10.64 -7.50
CA PRO H 82 -18.98 9.98 -8.30
C PRO H 82 -18.37 10.83 -9.41
N ARG H 83 -19.19 11.66 -10.05
CA ARG H 83 -18.69 12.51 -11.13
C ARG H 83 -17.63 13.50 -10.63
N ASP H 84 -17.66 13.82 -9.34
CA ASP H 84 -16.71 14.78 -8.80
C ASP H 84 -15.29 14.24 -8.79
N MET H 85 -15.16 12.92 -8.94
CA MET H 85 -13.85 12.31 -9.07
C MET H 85 -13.28 12.58 -10.46
N TYR H 86 -14.13 13.14 -11.31
CA TYR H 86 -13.78 13.41 -12.70
C TYR H 86 -13.93 14.90 -13.00
N LEU H 87 -13.99 15.72 -11.95
CA LEU H 87 -14.60 17.04 -12.05
C LEU H 87 -13.98 17.84 -13.19
N GLY H 88 -12.65 17.90 -13.20
CA GLY H 88 -11.92 18.67 -14.20
C GLY H 88 -12.32 18.25 -15.60
N ARG H 89 -12.40 16.94 -15.81
CA ARG H 89 -12.78 16.39 -17.10
C ARG H 89 -14.24 16.72 -17.44
N VAL H 90 -15.12 16.66 -16.45
CA VAL H 90 -16.53 16.84 -16.71
C VAL H 90 -16.86 18.31 -16.94
N ALA H 91 -16.25 19.18 -16.15
CA ALA H 91 -16.40 20.62 -16.33
C ALA H 91 -15.81 21.07 -17.67
N ALA H 92 -14.73 20.42 -18.08
CA ALA H 92 -14.09 20.74 -19.36
C ALA H 92 -15.03 20.37 -20.50
N VAL H 93 -15.33 19.08 -20.60
CA VAL H 93 -16.00 18.53 -21.77
C VAL H 93 -17.42 19.05 -21.88
N ASN H 94 -18.13 19.17 -20.75
CA ASN H 94 -19.49 19.69 -20.74
C ASN H 94 -19.52 21.21 -20.91
N GLY H 95 -18.38 21.85 -20.70
CA GLY H 95 -18.23 23.27 -20.99
C GLY H 95 -17.80 23.55 -22.42
N GLY H 96 -17.59 22.49 -23.19
CA GLY H 96 -17.29 22.61 -24.61
C GLY H 96 -15.83 22.50 -24.97
N VAL H 97 -14.99 22.17 -23.98
CA VAL H 97 -13.60 21.82 -24.25
C VAL H 97 -13.52 20.47 -24.97
N THR H 98 -12.62 20.39 -25.96
CA THR H 98 -12.46 19.18 -26.76
C THR H 98 -12.09 17.99 -25.88
N ILE H 99 -12.61 16.82 -26.25
CA ILE H 99 -12.26 15.57 -25.56
C ILE H 99 -10.76 15.27 -25.67
N ASN H 100 -10.07 15.95 -26.59
CA ASN H 100 -8.66 15.72 -26.79
C ASN H 100 -7.78 16.37 -25.71
N ALA H 101 -8.37 17.28 -24.94
CA ALA H 101 -7.64 17.98 -23.90
C ALA H 101 -7.53 17.14 -22.64
N PRO H 102 -6.33 17.03 -22.09
CA PRO H 102 -6.17 16.53 -20.71
C PRO H 102 -6.90 17.39 -19.67
N ALA H 103 -7.32 16.76 -18.57
CA ALA H 103 -8.12 17.43 -17.54
C ALA H 103 -7.87 16.87 -16.14
N LEU H 104 -7.55 17.77 -15.19
CA LEU H 104 -7.01 17.38 -13.89
C LEU H 104 -7.91 17.97 -12.80
N THR H 105 -8.01 17.28 -11.69
CA THR H 105 -8.60 17.85 -10.49
C THR H 105 -7.53 17.92 -9.42
N VAL H 106 -7.45 19.05 -8.72
CA VAL H 106 -6.48 19.20 -7.66
C VAL H 106 -7.12 19.59 -6.34
N ASN H 107 -6.44 19.21 -5.26
CA ASN H 107 -6.92 19.50 -3.92
C ASN H 107 -5.80 19.99 -3.01
N ARG H 108 -5.73 21.31 -2.82
CA ARG H 108 -4.93 21.89 -1.76
C ARG H 108 -5.85 22.62 -0.80
N LEU H 109 -6.97 21.97 -0.50
CA LEU H 109 -7.98 22.51 0.38
C LEU H 109 -8.35 23.94 0.00
N CYS H 110 -8.41 24.82 0.98
CA CYS H 110 -8.83 26.21 0.76
C CYS H 110 -8.07 26.89 -0.39
N GLY H 111 -6.92 26.32 -0.78
CA GLY H 111 -6.08 26.94 -1.79
C GLY H 111 -6.30 26.34 -3.17
N SER H 112 -7.20 25.37 -3.24
CA SER H 112 -7.30 24.51 -4.41
C SER H 112 -7.52 25.32 -5.68
N GLY H 113 -8.33 26.37 -5.57
CA GLY H 113 -8.75 27.14 -6.74
C GLY H 113 -7.63 27.97 -7.36
N LEU H 114 -6.74 28.50 -6.51
CA LEU H 114 -5.53 29.13 -6.99
C LEU H 114 -4.50 28.11 -7.45
N GLN H 115 -4.41 26.99 -6.75
CA GLN H 115 -3.51 25.93 -7.19
C GLN H 115 -3.85 25.50 -8.61
N ALA H 116 -5.14 25.35 -8.90
CA ALA H 116 -5.56 24.91 -10.23
C ALA H 116 -5.00 25.88 -11.28
N ILE H 117 -5.05 27.17 -10.96
CA ILE H 117 -4.58 28.20 -11.89
C ILE H 117 -3.07 28.18 -12.03
N VAL H 118 -2.39 27.90 -10.92
CA VAL H 118 -0.94 27.69 -10.94
C VAL H 118 -0.54 26.44 -11.74
N SER H 119 -1.21 25.31 -11.49
CA SER H 119 -0.88 24.08 -12.20
C SER H 119 -1.11 24.24 -13.69
N ALA H 120 -2.18 24.93 -14.06
CA ALA H 120 -2.52 25.14 -15.46
C ALA H 120 -1.47 26.04 -16.12
N ALA H 121 -1.09 27.09 -15.41
CA ALA H 121 -0.04 27.99 -15.88
C ALA H 121 1.28 27.25 -16.07
N GLN H 122 1.55 26.27 -15.21
CA GLN H 122 2.80 25.52 -15.27
C GLN H 122 2.89 24.69 -16.55
N THR H 123 1.75 24.20 -17.04
CA THR H 123 1.74 23.44 -18.28
C THR H 123 2.03 24.33 -19.48
N ILE H 124 1.68 25.60 -19.37
CA ILE H 124 2.04 26.59 -20.39
C ILE H 124 3.52 26.98 -20.29
N LEU H 125 3.99 27.26 -19.07
CA LEU H 125 5.36 27.71 -18.84
C LEU H 125 6.37 26.67 -19.31
N LEU H 126 6.05 25.39 -19.14
CA LEU H 126 6.96 24.32 -19.51
C LEU H 126 6.77 23.86 -20.96
N GLY H 127 5.84 24.50 -21.66
CA GLY H 127 5.71 24.30 -23.10
C GLY H 127 4.86 23.10 -23.48
N ASP H 128 4.08 22.61 -22.51
CA ASP H 128 3.22 21.45 -22.74
C ASP H 128 2.02 21.87 -23.58
N THR H 129 1.65 23.13 -23.47
CA THR H 129 0.57 23.67 -24.29
C THR H 129 0.66 25.19 -24.29
N ASP H 130 -0.16 25.82 -25.14
CA ASP H 130 -0.17 27.28 -25.25
C ASP H 130 -1.45 27.87 -24.66
N VAL H 131 -2.45 27.02 -24.46
CA VAL H 131 -3.75 27.46 -23.96
C VAL H 131 -4.25 26.51 -22.86
N ALA H 132 -4.63 27.06 -21.72
CA ALA H 132 -5.11 26.23 -20.61
C ALA H 132 -6.15 26.95 -19.79
N ILE H 133 -6.96 26.16 -19.09
CA ILE H 133 -7.97 26.70 -18.18
C ILE H 133 -7.69 26.27 -16.75
N GLY H 134 -7.62 27.24 -15.85
CA GLY H 134 -7.67 26.95 -14.43
C GLY H 134 -9.00 27.40 -13.82
N GLY H 135 -9.60 26.54 -13.00
CA GLY H 135 -10.75 26.95 -12.23
C GLY H 135 -10.93 26.21 -10.92
N GLY H 136 -12.04 26.48 -10.26
CA GLY H 136 -12.47 25.69 -9.11
C GLY H 136 -13.98 25.65 -9.00
N ALA H 137 -14.49 24.58 -8.40
CA ALA H 137 -15.91 24.46 -8.13
C ALA H 137 -16.09 23.74 -6.79
N GLU H 138 -17.01 24.27 -5.97
CA GLU H 138 -17.34 23.65 -4.69
C GLU H 138 -18.82 23.83 -4.33
N SER H 139 -19.44 22.74 -3.88
CA SER H 139 -20.82 22.79 -3.40
C SER H 139 -20.90 22.23 -1.99
N MET H 140 -20.81 23.12 -1.01
CA MET H 140 -20.84 22.70 0.38
C MET H 140 -22.27 22.35 0.79
N SER H 141 -23.25 22.85 0.03
CA SER H 141 -24.64 22.45 0.20
C SER H 141 -24.79 20.95 -0.03
N ARG H 142 -24.04 20.42 -1.01
CA ARG H 142 -24.29 19.08 -1.49
C ARG H 142 -23.24 18.13 -0.94
N ALA H 143 -22.46 18.61 0.03
CA ALA H 143 -21.46 17.76 0.67
C ALA H 143 -22.16 16.56 1.27
N PRO H 144 -21.56 15.36 1.12
CA PRO H 144 -22.21 14.12 1.50
C PRO H 144 -22.01 13.79 2.97
N TYR H 145 -22.78 12.82 3.44
CA TYR H 145 -22.40 12.01 4.58
C TYR H 145 -21.83 10.67 4.13
N LEU H 146 -20.73 10.25 4.77
CA LEU H 146 -20.13 8.95 4.49
C LEU H 146 -20.63 7.92 5.50
N ALA H 147 -20.68 6.66 5.06
CA ALA H 147 -20.95 5.55 5.96
C ALA H 147 -19.81 4.53 5.91
N PRO H 148 -18.81 4.70 6.79
CA PRO H 148 -17.56 3.96 6.63
C PRO H 148 -17.68 2.50 7.05
N ALA H 149 -18.79 2.14 7.68
CA ALA H 149 -19.01 0.76 8.13
C ALA H 149 -19.88 -0.01 7.14
N ALA H 150 -20.38 0.68 6.13
CA ALA H 150 -21.37 0.09 5.23
C ALA H 150 -20.80 -1.06 4.41
N ARG H 151 -19.54 -0.94 4.00
CA ARG H 151 -18.98 -1.91 3.06
C ARG H 151 -18.81 -3.26 3.72
N TRP H 152 -18.18 -3.26 4.89
CA TRP H 152 -17.72 -4.51 5.50
C TRP H 152 -18.50 -4.79 6.77
N GLY H 153 -19.32 -3.84 7.19
CA GLY H 153 -20.29 -4.06 8.28
C GLY H 153 -19.82 -3.54 9.63
N ALA H 154 -20.75 -3.03 10.42
CA ALA H 154 -20.44 -2.58 11.78
C ALA H 154 -20.47 -3.74 12.78
N ARG H 155 -21.24 -4.77 12.45
CA ARG H 155 -21.34 -5.98 13.28
C ARG H 155 -22.15 -5.77 14.55
N MET H 156 -21.63 -4.93 15.45
CA MET H 156 -22.32 -4.65 16.71
C MET H 156 -21.92 -3.28 17.23
N GLY H 157 -22.90 -2.50 17.68
CA GLY H 157 -22.64 -1.16 18.20
C GLY H 157 -23.06 -0.08 17.21
N ASP H 158 -23.41 1.09 17.73
CA ASP H 158 -23.85 2.20 16.88
C ASP H 158 -22.74 2.63 15.93
N ALA H 159 -23.13 3.01 14.71
CA ALA H 159 -22.16 3.39 13.69
C ALA H 159 -22.42 4.81 13.23
N GLY H 160 -21.51 5.32 12.40
CA GLY H 160 -21.43 6.75 12.14
C GLY H 160 -21.84 7.08 10.73
N LEU H 161 -22.57 8.20 10.58
CA LEU H 161 -22.63 8.90 9.32
C LEU H 161 -21.79 10.16 9.38
N VAL H 162 -20.70 10.16 8.63
CA VAL H 162 -19.66 11.19 8.76
C VAL H 162 -19.99 12.38 7.86
N ASP H 163 -20.08 13.56 8.47
CA ASP H 163 -20.33 14.79 7.73
C ASP H 163 -19.04 15.26 7.04
N MET H 164 -18.98 15.13 5.72
CA MET H 164 -17.73 15.35 5.00
C MET H 164 -17.42 16.82 4.79
N MET H 165 -18.44 17.68 4.84
CA MET H 165 -18.20 19.12 4.91
C MET H 165 -17.40 19.51 6.14
N LEU H 166 -17.89 19.13 7.31
CA LEU H 166 -17.16 19.37 8.55
C LEU H 166 -15.78 18.72 8.49
N GLY H 167 -15.72 17.55 7.85
CA GLY H 167 -14.45 16.86 7.66
C GLY H 167 -13.44 17.76 7.00
N ALA H 168 -13.88 18.53 6.02
CA ALA H 168 -13.00 19.45 5.30
C ALA H 168 -12.52 20.57 6.21
N LEU H 169 -13.29 20.83 7.28
CA LEU H 169 -13.07 22.01 8.10
C LEU H 169 -12.37 21.65 9.41
N HIS H 170 -11.94 20.40 9.52
CA HIS H 170 -11.14 19.99 10.67
C HIS H 170 -9.72 19.63 10.26
N ASP H 171 -8.77 20.02 11.10
CA ASP H 171 -7.38 19.65 10.90
C ASP H 171 -7.18 18.15 11.07
N PRO H 172 -6.47 17.53 10.14
CA PRO H 172 -6.38 16.08 10.06
C PRO H 172 -5.43 15.48 11.10
N PHE H 173 -4.63 16.31 11.75
CA PHE H 173 -3.68 15.86 12.75
C PHE H 173 -4.27 15.95 14.15
N HIS H 174 -5.02 17.02 14.39
CA HIS H 174 -5.45 17.37 15.75
C HIS H 174 -6.96 17.38 15.87
N ARG H 175 -7.65 17.15 14.75
CA ARG H 175 -9.11 17.05 14.73
C ARG H 175 -9.77 18.25 15.40
N ILE H 176 -9.18 19.43 15.21
CA ILE H 176 -9.80 20.67 15.67
C ILE H 176 -10.35 21.46 14.48
N HIS H 177 -11.46 22.15 14.70
CA HIS H 177 -12.03 23.01 13.68
C HIS H 177 -11.02 24.09 13.27
N MET H 178 -11.08 24.50 12.01
CA MET H 178 -10.27 25.62 11.51
C MET H 178 -10.42 26.83 12.44
N GLY H 179 -11.59 26.97 13.05
CA GLY H 179 -11.91 28.13 13.84
C GLY H 179 -11.10 28.23 15.13
N VAL H 180 -10.71 27.08 15.67
CA VAL H 180 -9.90 27.07 16.89
C VAL H 180 -8.46 27.39 16.52
N THR H 181 -8.08 27.02 15.30
CA THR H 181 -6.83 27.45 14.73
C THR H 181 -6.76 28.98 14.57
N ALA H 182 -7.90 29.60 14.26
CA ALA H 182 -8.00 31.04 14.17
C ALA H 182 -7.88 31.72 15.54
N GLU H 183 -8.39 31.07 16.57
CA GLU H 183 -8.21 31.54 17.94
C GLU H 183 -6.74 31.57 18.33
N ASN H 184 -6.00 30.54 17.92
CA ASN H 184 -4.57 30.48 18.18
C ASN H 184 -3.87 31.68 17.54
N VAL H 185 -4.28 32.02 16.33
CA VAL H 185 -3.64 33.09 15.58
C VAL H 185 -4.00 34.44 16.17
N ALA H 186 -5.26 34.60 16.56
CA ALA H 186 -5.73 35.83 17.20
C ALA H 186 -4.94 36.06 18.47
N LYS H 187 -4.65 34.97 19.19
CA LYS H 187 -3.88 35.03 20.42
C LYS H 187 -2.45 35.46 20.12
N GLU H 188 -1.83 34.81 19.15
CA GLU H 188 -0.40 34.98 18.92
C GLU H 188 -0.10 36.36 18.34
N TYR H 189 -1.03 36.89 17.55
CA TYR H 189 -0.81 38.15 16.85
C TYR H 189 -1.63 39.28 17.47
N ASP H 190 -2.30 38.99 18.58
CA ASP H 190 -2.94 40.02 19.39
C ASP H 190 -4.04 40.72 18.61
N ILE H 191 -4.96 39.94 18.06
CA ILE H 191 -6.11 40.50 17.38
C ILE H 191 -7.36 40.34 18.22
N SER H 192 -7.89 41.47 18.69
CA SER H 192 -8.93 41.45 19.73
C SER H 192 -10.27 41.11 19.10
N ARG H 193 -11.22 40.72 19.95
CA ARG H 193 -12.59 40.54 19.52
C ARG H 193 -13.10 41.79 18.80
N ALA H 194 -12.79 42.96 19.36
CA ALA H 194 -13.30 44.22 18.82
C ALA H 194 -12.75 44.44 17.41
N GLN H 195 -11.47 44.11 17.22
CA GLN H 195 -10.82 44.22 15.93
C GLN H 195 -11.49 43.29 14.92
N GLN H 196 -11.75 42.05 15.33
CA GLN H 196 -12.31 41.06 14.41
C GLN H 196 -13.71 41.44 13.97
N ASP H 197 -14.48 42.00 14.89
CA ASP H 197 -15.88 42.35 14.61
C ASP H 197 -15.95 43.58 13.69
N GLU H 198 -15.01 44.51 13.87
CA GLU H 198 -14.95 45.70 13.03
C GLU H 198 -14.54 45.33 11.62
N ALA H 199 -13.59 44.39 11.51
CA ALA H 199 -13.15 43.89 10.22
C ALA H 199 -14.28 43.15 9.51
N ALA H 200 -15.08 42.40 10.28
CA ALA H 200 -16.21 41.68 9.73
C ALA H 200 -17.28 42.63 9.21
N LEU H 201 -17.57 43.66 9.99
CA LEU H 201 -18.59 44.65 9.62
C LEU H 201 -18.15 45.37 8.34
N GLU H 202 -16.87 45.68 8.25
CA GLU H 202 -16.31 46.41 7.12
C GLU H 202 -16.35 45.57 5.86
N SER H 203 -16.09 44.27 5.99
CA SER H 203 -16.16 43.37 4.86
C SER H 203 -17.56 43.36 4.23
N HIS H 204 -18.58 43.33 5.09
CA HIS H 204 -19.96 43.37 4.62
C HIS H 204 -20.27 44.71 3.96
N ARG H 205 -19.80 45.80 4.58
CA ARG H 205 -20.03 47.13 4.03
C ARG H 205 -19.38 47.28 2.66
N ARG H 206 -18.14 46.79 2.54
CA ARG H 206 -17.43 46.86 1.28
C ARG H 206 -18.10 46.00 0.21
N ALA H 207 -18.50 44.79 0.58
CA ALA H 207 -19.19 43.91 -0.36
C ALA H 207 -20.50 44.55 -0.85
N SER H 208 -21.26 45.11 0.08
CA SER H 208 -22.56 45.70 -0.24
C SER H 208 -22.39 46.87 -1.19
N ALA H 209 -21.42 47.74 -0.89
CA ALA H 209 -21.11 48.87 -1.74
C ALA H 209 -20.74 48.40 -3.15
N ALA H 210 -19.99 47.30 -3.22
CA ALA H 210 -19.45 46.81 -4.49
C ALA H 210 -20.58 46.23 -5.34
N ILE H 211 -21.52 45.54 -4.69
CA ILE H 211 -22.65 44.96 -5.39
C ILE H 211 -23.54 46.06 -5.97
N LYS H 212 -23.79 47.09 -5.15
CA LYS H 212 -24.69 48.16 -5.55
C LYS H 212 -24.09 49.03 -6.65
N ALA H 213 -22.79 49.26 -6.58
CA ALA H 213 -22.08 50.05 -7.60
C ALA H 213 -21.85 49.24 -8.86
N GLY H 214 -22.14 47.94 -8.80
CA GLY H 214 -22.15 47.11 -9.98
C GLY H 214 -20.77 46.62 -10.36
N TYR H 215 -19.87 46.57 -9.40
CA TYR H 215 -18.49 46.17 -9.64
C TYR H 215 -18.38 44.72 -10.13
N PHE H 216 -19.30 43.87 -9.69
CA PHE H 216 -19.21 42.44 -9.96
C PHE H 216 -19.99 42.04 -11.21
N LYS H 217 -20.74 43.00 -11.77
CA LYS H 217 -21.70 42.70 -12.83
C LYS H 217 -21.05 41.94 -13.98
N ASP H 218 -19.87 42.40 -14.38
CA ASP H 218 -19.22 41.91 -15.58
C ASP H 218 -18.69 40.48 -15.39
N GLN H 219 -18.19 40.21 -14.19
CA GLN H 219 -17.44 38.98 -13.95
C GLN H 219 -18.36 37.82 -13.59
N ILE H 220 -19.60 38.12 -13.22
CA ILE H 220 -20.55 37.10 -12.78
C ILE H 220 -21.34 36.51 -13.96
N VAL H 221 -21.25 35.20 -14.13
CA VAL H 221 -22.17 34.46 -15.01
C VAL H 221 -23.42 34.04 -14.23
N PRO H 222 -24.59 34.38 -14.77
CA PRO H 222 -25.84 33.93 -14.14
C PRO H 222 -25.94 32.42 -14.15
N VAL H 223 -26.47 31.86 -13.06
CA VAL H 223 -26.99 30.50 -13.07
C VAL H 223 -28.51 30.54 -13.15
N VAL H 224 -29.04 29.99 -14.24
CA VAL H 224 -30.47 29.92 -14.43
C VAL H 224 -30.96 28.47 -14.38
N SER H 225 -31.86 28.19 -13.45
CA SER H 225 -32.47 26.87 -13.36
C SER H 225 -33.88 26.91 -13.93
N LYS H 226 -34.23 25.84 -14.63
CA LYS H 226 -35.42 25.81 -15.49
C LYS H 226 -36.27 24.59 -15.15
N GLY H 227 -37.52 24.82 -14.76
CA GLY H 227 -38.38 23.74 -14.28
C GLY H 227 -39.85 24.15 -14.17
N LYS H 229 -42.61 27.86 -11.43
CA LYS H 229 -42.93 28.79 -12.52
C LYS H 229 -41.65 29.15 -13.27
N GLY H 230 -41.30 28.32 -14.24
CA GLY H 230 -40.41 28.77 -15.30
C GLY H 230 -39.04 29.03 -14.73
N ASP H 231 -38.32 29.96 -15.34
CA ASP H 231 -36.88 30.02 -15.20
C ASP H 231 -36.45 30.91 -14.03
N VAL H 232 -35.57 30.39 -13.18
CA VAL H 232 -35.03 31.15 -12.06
C VAL H 232 -33.57 31.48 -12.32
N THR H 233 -33.20 32.76 -12.17
CA THR H 233 -31.83 33.18 -12.40
C THR H 233 -31.16 33.68 -11.10
N PHE H 234 -29.99 33.13 -10.77
CA PHE H 234 -29.19 33.60 -9.63
C PHE H 234 -27.91 34.30 -10.10
N ASP H 235 -27.73 35.56 -9.68
CA ASP H 235 -26.61 36.36 -10.20
C ASP H 235 -26.10 37.39 -9.19
N THR H 236 -26.51 37.25 -7.93
CA THR H 236 -26.10 38.20 -6.91
C THR H 236 -25.60 37.48 -5.66
N ASP H 237 -24.46 37.92 -5.15
CA ASP H 237 -23.81 37.24 -4.03
C ASP H 237 -24.65 37.35 -2.76
N GLU H 238 -25.28 36.23 -2.38
CA GLU H 238 -26.43 36.29 -1.47
C GLU H 238 -26.02 36.17 0.00
N HIS H 239 -24.72 36.02 0.26
CA HIS H 239 -24.25 35.88 1.64
C HIS H 239 -24.17 37.22 2.33
N VAL H 240 -24.03 38.28 1.53
CA VAL H 240 -23.72 39.60 2.07
C VAL H 240 -24.91 40.17 2.84
N ARG H 241 -24.62 40.80 3.98
CA ARG H 241 -25.66 41.46 4.76
C ARG H 241 -25.60 42.97 4.56
N HIS H 242 -26.58 43.50 3.83
CA HIS H 242 -26.55 44.89 3.37
C HIS H 242 -26.92 45.87 4.48
N ASP H 243 -27.44 45.34 5.60
CA ASP H 243 -27.97 46.19 6.67
C ASP H 243 -27.24 45.91 7.98
N ALA H 244 -26.03 45.37 7.89
CA ALA H 244 -25.31 44.89 9.06
C ALA H 244 -24.91 46.06 9.95
N THR H 245 -24.98 45.85 11.26
CA THR H 245 -24.48 46.82 12.23
C THR H 245 -23.46 46.18 13.15
N ILE H 246 -22.72 47.00 13.87
CA ILE H 246 -21.69 46.51 14.75
C ILE H 246 -22.27 45.67 15.88
N ASP H 247 -23.47 46.03 16.32
CA ASP H 247 -24.09 45.35 17.45
C ASP H 247 -24.60 43.97 17.03
N ASP H 248 -24.77 43.78 15.72
CA ASP H 248 -25.01 42.45 15.17
C ASP H 248 -23.82 41.53 15.44
N MET H 249 -22.63 42.09 15.33
CA MET H 249 -21.41 41.33 15.58
C MET H 249 -21.24 41.08 17.07
N THR H 250 -21.33 42.13 17.89
CA THR H 250 -20.92 42.06 19.30
C THR H 250 -21.83 41.28 20.16
N LYS H 251 -23.02 41.09 19.71
CA LYS H 251 -23.97 40.31 20.50
C LYS H 251 -23.75 38.80 20.33
N LEU H 252 -22.97 38.42 19.33
CA LEU H 252 -22.73 37.01 19.04
C LEU H 252 -21.76 36.40 20.05
N ARG H 253 -21.90 35.10 20.27
CA ARG H 253 -21.05 34.38 21.22
C ARG H 253 -20.01 33.56 20.45
N PRO H 254 -18.82 33.40 21.05
CA PRO H 254 -17.79 32.53 20.48
C PRO H 254 -18.28 31.09 20.28
N VAL H 255 -17.91 30.48 19.16
CA VAL H 255 -18.57 29.26 18.71
C VAL H 255 -17.58 28.11 18.76
N PHE H 256 -16.30 28.43 18.58
CA PHE H 256 -15.27 27.43 18.52
C PHE H 256 -14.69 27.46 19.93
N VAL H 257 -14.89 26.38 20.69
CA VAL H 257 -14.33 26.27 22.04
C VAL H 257 -14.94 27.20 23.09
N LYS H 258 -14.92 26.75 24.34
CA LYS H 258 -15.33 27.56 25.46
C LYS H 258 -14.10 28.11 26.18
N GLU H 259 -14.26 29.29 26.75
CA GLU H 259 -13.23 29.86 27.53
C GLU H 259 -12.90 31.33 27.23
N ASN H 260 -11.98 31.56 26.31
CA ASN H 260 -11.36 32.87 26.10
C ASN H 260 -11.59 33.30 24.66
N GLY H 261 -12.78 33.03 24.12
CA GLY H 261 -12.97 32.95 22.67
C GLY H 261 -13.29 34.29 22.05
N THR H 262 -12.96 34.45 20.76
CA THR H 262 -13.17 35.70 20.05
C THR H 262 -13.85 35.45 18.70
N VAL H 263 -13.76 34.21 18.22
CA VAL H 263 -14.22 33.89 16.87
C VAL H 263 -15.69 33.45 16.91
N THR H 264 -16.53 34.17 16.17
CA THR H 264 -17.96 33.90 16.16
C THR H 264 -18.40 33.53 14.75
N ALA H 265 -19.70 33.22 14.60
CA ALA H 265 -20.28 32.99 13.28
C ALA H 265 -20.28 34.27 12.45
N GLY H 266 -20.25 35.42 13.12
CA GLY H 266 -20.34 36.70 12.44
C GLY H 266 -19.02 37.16 11.86
N ASN H 267 -17.92 36.82 12.53
CA ASN H 267 -16.59 37.21 12.04
C ASN H 267 -15.77 36.01 11.56
N ALA H 268 -16.47 34.92 11.24
CA ALA H 268 -15.89 33.84 10.45
C ALA H 268 -16.53 33.77 9.07
N SER H 269 -15.82 33.17 8.12
CA SER H 269 -16.34 33.04 6.75
C SER H 269 -17.57 32.14 6.75
N GLY H 270 -18.36 32.23 5.69
CA GLY H 270 -19.58 31.42 5.58
C GLY H 270 -19.29 30.06 4.98
N LEU H 271 -20.33 29.22 4.90
CA LEU H 271 -20.31 28.01 4.08
C LEU H 271 -21.13 28.24 2.83
N ASN H 272 -20.57 27.86 1.68
CA ASN H 272 -20.94 28.49 0.41
C ASN H 272 -20.77 27.57 -0.79
N ASP H 273 -21.49 27.90 -1.85
CA ASP H 273 -21.37 27.22 -3.14
C ASP H 273 -20.94 28.21 -4.20
N ALA H 274 -20.04 27.77 -5.10
CA ALA H 274 -19.64 28.61 -6.25
C ALA H 274 -18.72 27.88 -7.21
N ALA H 275 -18.53 28.46 -8.38
CA ALA H 275 -17.40 28.11 -9.24
C ALA H 275 -16.81 29.33 -9.92
N ALA H 276 -15.62 29.16 -10.50
CA ALA H 276 -14.97 30.19 -11.29
C ALA H 276 -13.96 29.55 -12.23
N ALA H 277 -13.58 30.28 -13.27
CA ALA H 277 -12.58 29.79 -14.20
C ALA H 277 -11.89 30.94 -14.91
N VAL H 278 -10.61 30.75 -15.24
CA VAL H 278 -9.88 31.69 -16.09
C VAL H 278 -9.31 30.95 -17.27
N VAL H 279 -9.27 31.62 -18.42
CA VAL H 279 -8.56 31.14 -19.57
C VAL H 279 -7.19 31.82 -19.66
N MET H 280 -6.15 31.01 -19.68
CA MET H 280 -4.79 31.52 -19.81
C MET H 280 -4.23 31.09 -21.15
N MET H 281 -3.20 31.79 -21.62
CA MET H 281 -2.39 31.32 -22.73
C MET H 281 -1.01 31.98 -22.74
N GLU H 282 -0.10 31.42 -23.54
CA GLU H 282 1.25 31.96 -23.66
C GLU H 282 1.17 33.35 -24.28
N ARG H 283 1.96 34.27 -23.73
CA ARG H 283 1.93 35.68 -24.14
C ARG H 283 1.83 35.85 -25.65
N ALA H 284 2.63 35.08 -26.39
CA ALA H 284 2.73 35.24 -27.83
C ALA H 284 1.52 34.63 -28.54
N GLU H 285 0.81 33.74 -27.87
CA GLU H 285 -0.46 33.23 -28.39
C GLU H 285 -1.53 34.31 -28.36
N ALA H 286 -1.63 35.00 -27.24
CA ALA H 286 -2.59 36.09 -27.09
C ALA H 286 -2.35 37.17 -28.12
N GLU H 287 -1.09 37.53 -28.32
CA GLU H 287 -0.72 38.52 -29.34
C GLU H 287 -1.16 38.03 -30.72
N ARG H 288 -0.87 36.78 -31.02
CA ARG H 288 -1.22 36.18 -32.28
C ARG H 288 -2.71 36.31 -32.50
N ARG H 289 -3.50 36.12 -31.46
CA ARG H 289 -4.95 36.13 -31.57
C ARG H 289 -5.49 37.55 -31.48
N GLY H 290 -4.60 38.51 -31.21
CA GLY H 290 -5.02 39.89 -30.97
C GLY H 290 -5.92 40.06 -29.76
N LEU H 291 -5.66 39.27 -28.71
CA LEU H 291 -6.41 39.40 -27.46
C LEU H 291 -5.66 40.30 -26.49
N LYS H 292 -6.35 41.28 -25.90
CA LYS H 292 -5.79 42.04 -24.79
C LYS H 292 -6.01 41.33 -23.45
N PRO H 293 -4.93 40.85 -22.83
CA PRO H 293 -5.01 40.14 -21.56
C PRO H 293 -5.57 41.01 -20.45
N LEU H 294 -6.16 40.38 -19.44
CA LEU H 294 -6.43 41.07 -18.18
C LEU H 294 -5.12 41.36 -17.44
N ALA H 295 -4.20 40.42 -17.46
CA ALA H 295 -2.96 40.52 -16.69
C ALA H 295 -2.01 39.40 -17.07
N ARG H 296 -0.75 39.52 -16.65
CA ARG H 296 0.19 38.42 -16.76
C ARG H 296 0.53 37.90 -15.37
N LEU H 297 0.89 36.61 -15.33
CA LEU H 297 1.36 36.00 -14.10
C LEU H 297 2.81 36.35 -13.89
N VAL H 298 3.11 36.96 -12.75
CA VAL H 298 4.47 37.40 -12.45
C VAL H 298 5.21 36.33 -11.65
N SER H 299 4.60 35.91 -10.54
CA SER H 299 5.22 34.91 -9.68
C SER H 299 4.17 34.23 -8.80
N TYR H 300 4.54 33.10 -8.23
CA TYR H 300 3.73 32.47 -7.21
C TYR H 300 4.62 31.92 -6.09
N GLY H 301 4.01 31.63 -4.96
CA GLY H 301 4.73 31.09 -3.80
C GLY H 301 3.86 30.21 -2.92
N HIS H 302 4.47 29.14 -2.42
CA HIS H 302 3.79 28.17 -1.55
C HIS H 302 4.57 28.05 -0.26
N ALA H 303 3.86 27.90 0.86
CA ALA H 303 4.52 27.74 2.16
C ALA H 303 3.77 26.70 2.98
N GLY H 304 4.50 25.98 3.82
CA GLY H 304 3.90 25.26 4.93
C GLY H 304 4.10 25.99 6.25
N VAL H 305 3.12 25.85 7.14
CA VAL H 305 3.24 26.40 8.49
C VAL H 305 2.64 25.42 9.49
N ASP H 306 2.74 25.76 10.77
CA ASP H 306 2.15 24.95 11.84
C ASP H 306 0.66 24.78 11.57
N PRO H 307 0.19 23.52 11.55
CA PRO H 307 -1.25 23.26 11.37
C PRO H 307 -2.12 24.05 12.33
N LYS H 308 -1.63 24.29 13.54
CA LYS H 308 -2.41 24.94 14.59
C LYS H 308 -2.53 26.44 14.32
N ALA H 309 -1.67 26.96 13.46
CA ALA H 309 -1.69 28.38 13.10
C ALA H 309 -1.86 28.56 11.59
N MET H 310 -2.68 27.73 10.98
CA MET H 310 -2.76 27.69 9.55
C MET H 310 -3.11 29.03 8.93
N GLY H 311 -3.73 29.90 9.72
CA GLY H 311 -4.32 31.13 9.21
C GLY H 311 -3.28 32.13 8.73
N ILE H 312 -2.05 31.99 9.18
CA ILE H 312 -0.99 32.92 8.75
C ILE H 312 -0.15 32.37 7.60
N GLY H 313 -0.63 31.28 6.99
CA GLY H 313 0.03 30.70 5.83
C GLY H 313 0.36 31.70 4.74
N PRO H 314 -0.51 32.70 4.54
CA PRO H 314 -0.29 33.69 3.49
C PRO H 314 0.99 34.50 3.68
N VAL H 315 1.45 34.63 4.92
CA VAL H 315 2.57 35.51 5.20
C VAL H 315 3.86 35.02 4.55
N PRO H 316 4.26 33.76 4.80
CA PRO H 316 5.44 33.25 4.13
C PRO H 316 5.25 33.03 2.62
N ALA H 317 4.06 32.60 2.22
CA ALA H 317 3.78 32.38 0.80
C ALA H 317 3.93 33.69 0.03
N THR H 318 3.43 34.78 0.62
CA THR H 318 3.39 36.07 -0.07
C THR H 318 4.78 36.66 -0.14
N LYS H 319 5.57 36.41 0.89
CA LYS H 319 6.97 36.82 0.90
C LYS H 319 7.76 36.11 -0.19
N ILE H 320 7.50 34.82 -0.38
CA ILE H 320 8.17 34.07 -1.44
C ILE H 320 7.81 34.61 -2.82
N ALA H 321 6.52 34.85 -3.03
CA ALA H 321 6.05 35.42 -4.29
C ALA H 321 6.64 36.81 -4.57
N LEU H 322 6.66 37.66 -3.55
CA LEU H 322 7.26 38.99 -3.68
C LEU H 322 8.75 38.89 -4.05
N GLU H 323 9.49 38.09 -3.33
CA GLU H 323 10.88 37.82 -3.54
C GLU H 323 11.14 37.37 -4.97
N ARG H 324 10.37 36.41 -5.44
CA ARG H 324 10.55 35.86 -6.78
C ARG H 324 10.21 36.89 -7.85
N ALA H 325 9.34 37.83 -7.51
CA ALA H 325 8.91 38.86 -8.46
C ALA H 325 9.84 40.06 -8.43
N GLY H 326 10.73 40.09 -7.45
CA GLY H 326 11.51 41.30 -7.17
C GLY H 326 10.63 42.48 -6.80
N LEU H 327 9.60 42.23 -6.01
CA LEU H 327 8.70 43.29 -5.60
C LEU H 327 8.65 43.43 -4.08
N GLN H 328 8.01 44.46 -3.58
CA GLN H 328 7.75 44.59 -2.16
C GLN H 328 6.31 45.00 -1.95
N VAL H 329 5.86 45.06 -0.71
CA VAL H 329 4.44 45.24 -0.37
C VAL H 329 3.89 46.54 -0.97
N SER H 330 4.71 47.58 -1.03
CA SER H 330 4.24 48.89 -1.46
C SER H 330 3.92 48.90 -2.96
N ASP H 331 4.43 47.91 -3.67
CA ASP H 331 4.20 47.82 -5.11
C ASP H 331 2.76 47.37 -5.42
N LEU H 332 2.08 46.80 -4.43
CA LEU H 332 0.80 46.14 -4.65
C LEU H 332 -0.34 47.14 -4.61
N ASP H 333 -1.16 47.14 -5.66
CA ASP H 333 -2.27 48.06 -5.76
C ASP H 333 -3.57 47.41 -5.28
N VAL H 334 -3.73 46.13 -5.59
CA VAL H 334 -4.92 45.38 -5.14
C VAL H 334 -4.52 44.06 -4.51
N ILE H 335 -5.12 43.75 -3.37
CA ILE H 335 -4.84 42.50 -2.66
C ILE H 335 -6.14 41.75 -2.34
N GLU H 336 -6.26 40.56 -2.90
CA GLU H 336 -7.26 39.59 -2.44
C GLU H 336 -6.60 38.58 -1.51
N ALA H 337 -6.86 38.74 -0.21
CA ALA H 337 -6.35 37.82 0.80
C ALA H 337 -7.52 37.20 1.57
N ASN H 338 -7.86 35.95 1.26
CA ASN H 338 -9.17 35.40 1.64
C ASN H 338 -9.40 35.57 3.15
N GLU H 339 -10.55 36.15 3.50
CA GLU H 339 -11.00 36.18 4.89
C GLU H 339 -11.63 34.84 5.26
N ALA H 340 -10.81 33.89 5.67
CA ALA H 340 -11.34 32.68 6.27
C ALA H 340 -11.93 33.00 7.66
N PHE H 341 -11.15 33.73 8.45
CA PHE H 341 -11.65 34.34 9.68
C PHE H 341 -11.02 35.72 9.82
N ALA H 342 -11.79 36.68 10.35
CA ALA H 342 -11.24 38.00 10.63
C ALA H 342 -10.00 37.90 11.50
N ALA H 343 -9.97 36.89 12.37
CA ALA H 343 -8.84 36.67 13.26
C ALA H 343 -7.53 36.53 12.50
N GLN H 344 -7.50 35.65 11.51
CA GLN H 344 -6.27 35.41 10.75
C GLN H 344 -6.07 36.43 9.64
N ALA H 345 -7.17 36.96 9.11
CA ALA H 345 -7.10 37.99 8.07
C ALA H 345 -6.44 39.26 8.60
N CYS H 346 -6.83 39.65 9.81
CA CYS H 346 -6.23 40.81 10.46
C CYS H 346 -4.76 40.54 10.78
N ALA H 347 -4.45 39.31 11.15
CA ALA H 347 -3.09 38.93 11.50
C ALA H 347 -2.20 39.01 10.26
N VAL H 348 -2.74 38.59 9.12
CA VAL H 348 -1.97 38.52 7.89
C VAL H 348 -1.59 39.92 7.41
N THR H 349 -2.53 40.86 7.48
CA THR H 349 -2.29 42.21 7.01
C THR H 349 -1.35 42.96 7.95
N LYS H 350 -1.49 42.69 9.25
CA LYS H 350 -0.58 43.24 10.25
C LYS H 350 0.86 42.74 10.02
N ALA H 351 1.00 41.43 9.84
CA ALA H 351 2.33 40.81 9.81
C ALA H 351 3.06 41.19 8.54
N LEU H 352 2.32 41.37 7.45
CA LEU H 352 2.91 41.75 6.18
C LEU H 352 3.02 43.27 6.07
N GLY H 353 2.33 43.98 6.95
CA GLY H 353 2.29 45.44 6.92
C GLY H 353 1.53 45.95 5.71
N LEU H 354 0.42 45.28 5.41
CA LEU H 354 -0.44 45.70 4.32
C LEU H 354 -1.30 46.87 4.75
N ASP H 355 -1.71 47.68 3.79
CA ASP H 355 -2.66 48.75 4.05
C ASP H 355 -4.10 48.24 3.89
N PRO H 356 -4.89 48.31 4.98
CA PRO H 356 -6.20 47.65 5.01
C PRO H 356 -7.14 48.17 3.93
N ALA H 357 -6.86 49.37 3.42
CA ALA H 357 -7.70 49.96 2.39
C ALA H 357 -7.56 49.19 1.08
N LYS H 358 -6.39 48.57 0.88
CA LYS H 358 -6.09 47.91 -0.38
C LYS H 358 -6.39 46.41 -0.31
N VAL H 359 -6.59 45.91 0.89
CA VAL H 359 -6.84 44.50 1.11
C VAL H 359 -8.33 44.20 1.11
N ASN H 360 -8.77 43.32 0.21
CA ASN H 360 -10.18 42.95 0.09
C ASN H 360 -11.06 44.20 0.05
N PRO H 361 -10.81 45.09 -0.92
CA PRO H 361 -11.52 46.36 -1.03
C PRO H 361 -13.01 46.19 -1.30
N ASN H 362 -13.41 45.02 -1.80
CA ASN H 362 -14.82 44.77 -2.12
C ASN H 362 -15.39 43.58 -1.34
N GLY H 363 -14.82 43.32 -0.16
CA GLY H 363 -15.28 42.23 0.69
C GLY H 363 -14.52 40.94 0.41
N SER H 364 -14.80 39.92 1.20
CA SER H 364 -14.16 38.62 1.03
C SER H 364 -14.97 37.54 1.76
N GLY H 365 -14.29 36.52 2.30
CA GLY H 365 -14.93 35.28 2.71
C GLY H 365 -15.99 35.45 3.80
N ILE H 366 -15.80 36.46 4.64
CA ILE H 366 -16.77 36.76 5.70
C ILE H 366 -18.10 37.25 5.15
N SER H 367 -18.03 38.08 4.11
CA SER H 367 -19.22 38.75 3.57
C SER H 367 -19.73 38.03 2.33
N LEU H 368 -18.83 37.76 1.39
CA LEU H 368 -19.21 37.17 0.12
C LEU H 368 -19.31 35.65 0.23
N GLY H 369 -18.49 35.06 1.09
CA GLY H 369 -18.55 33.62 1.36
C GLY H 369 -17.26 32.91 1.02
N HIS H 370 -17.15 31.66 1.45
CA HIS H 370 -15.92 30.90 1.28
C HIS H 370 -16.23 29.49 0.78
N PRO H 371 -16.46 29.36 -0.53
CA PRO H 371 -16.72 28.07 -1.16
C PRO H 371 -15.43 27.30 -1.48
N ILE H 372 -15.05 26.41 -0.58
CA ILE H 372 -13.64 26.17 -0.28
C ILE H 372 -12.79 26.06 -1.56
N GLY H 373 -13.08 25.07 -2.39
CA GLY H 373 -12.22 24.71 -3.50
C GLY H 373 -12.28 25.69 -4.65
N ALA H 374 -13.37 26.47 -4.70
CA ALA H 374 -13.53 27.47 -5.73
C ALA H 374 -12.92 28.80 -5.34
N THR H 375 -12.76 29.03 -4.04
CA THR H 375 -12.46 30.35 -3.53
C THR H 375 -11.21 30.96 -4.18
N GLY H 376 -10.14 30.17 -4.30
CA GLY H 376 -8.87 30.69 -4.82
C GLY H 376 -8.98 31.12 -6.28
N ALA H 377 -9.84 30.45 -7.02
CA ALA H 377 -10.09 30.84 -8.40
C ALA H 377 -10.94 32.09 -8.47
N LEU H 378 -11.95 32.16 -7.61
CA LEU H 378 -12.93 33.23 -7.70
C LEU H 378 -12.41 34.55 -7.15
N ILE H 379 -11.46 34.50 -6.21
CA ILE H 379 -10.83 35.74 -5.75
C ILE H 379 -9.69 36.18 -6.67
N THR H 380 -9.23 35.27 -7.52
CA THR H 380 -8.31 35.65 -8.60
C THR H 380 -9.10 36.41 -9.65
N VAL H 381 -10.30 35.92 -9.97
CA VAL H 381 -11.22 36.62 -10.85
C VAL H 381 -11.56 38.02 -10.33
N LYS H 382 -11.90 38.11 -9.04
CA LYS H 382 -12.13 39.41 -8.42
C LYS H 382 -10.93 40.35 -8.53
N ALA H 383 -9.73 39.81 -8.26
CA ALA H 383 -8.53 40.62 -8.17
C ALA H 383 -8.19 41.25 -9.51
N LEU H 384 -8.38 40.47 -10.58
CA LEU H 384 -7.95 40.90 -11.91
C LEU H 384 -8.92 41.92 -12.47
N HIS H 385 -10.21 41.74 -12.18
CA HIS H 385 -11.21 42.70 -12.62
C HIS H 385 -11.08 44.01 -11.86
N GLU H 386 -10.79 43.91 -10.56
CA GLU H 386 -10.58 45.09 -9.74
C GLU H 386 -9.29 45.82 -10.16
N LEU H 387 -8.26 45.05 -10.51
CA LEU H 387 -7.00 45.63 -10.98
C LEU H 387 -7.24 46.48 -12.24
N ASN H 388 -8.05 45.95 -13.14
CA ASN H 388 -8.38 46.65 -14.38
C ASN H 388 -9.29 47.85 -14.12
N ARG H 389 -10.19 47.72 -13.14
CA ARG H 389 -11.12 48.79 -12.83
C ARG H 389 -10.38 50.04 -12.34
N VAL H 390 -9.39 49.84 -11.48
CA VAL H 390 -8.66 50.95 -10.88
C VAL H 390 -7.37 51.26 -11.65
N GLN H 391 -7.15 50.55 -12.75
CA GLN H 391 -5.97 50.77 -13.59
C GLN H 391 -4.69 50.63 -12.79
N GLY H 392 -4.66 49.67 -11.89
CA GLY H 392 -3.47 49.41 -11.07
C GLY H 392 -2.46 48.60 -11.85
N ARG H 393 -1.29 48.40 -11.26
CA ARG H 393 -0.25 47.58 -11.88
C ARG H 393 -0.19 46.15 -11.34
N TYR H 394 -0.07 46.01 -10.03
CA TYR H 394 0.19 44.69 -9.45
C TYR H 394 -0.96 44.22 -8.56
N ALA H 395 -1.32 42.95 -8.69
CA ALA H 395 -2.31 42.32 -7.80
C ALA H 395 -1.68 41.14 -7.07
N LEU H 396 -2.01 41.01 -5.79
CA LEU H 396 -1.69 39.82 -5.01
C LEU H 396 -2.94 39.03 -4.66
N VAL H 397 -2.90 37.74 -4.93
CA VAL H 397 -3.94 36.83 -4.48
C VAL H 397 -3.33 35.79 -3.56
N THR H 398 -3.88 35.66 -2.36
CA THR H 398 -3.32 34.76 -1.38
C THR H 398 -4.38 34.29 -0.40
N MET H 399 -4.19 33.08 0.12
CA MET H 399 -5.12 32.55 1.11
C MET H 399 -4.45 31.49 1.99
N CYS H 400 -4.97 31.35 3.20
CA CYS H 400 -4.52 30.30 4.10
C CYS H 400 -5.18 28.97 3.74
N ILE H 401 -4.55 27.89 4.15
CA ILE H 401 -4.94 26.55 3.73
C ILE H 401 -4.99 25.63 4.95
N GLY H 402 -6.12 24.96 5.13
CA GLY H 402 -6.25 23.97 6.20
C GLY H 402 -5.09 22.98 6.22
N GLY H 403 -4.59 22.68 7.42
CA GLY H 403 -3.54 21.69 7.60
C GLY H 403 -2.20 22.39 7.69
N GLY H 404 -2.24 23.70 7.49
CA GLY H 404 -1.06 24.54 7.67
C GLY H 404 -0.32 24.78 6.37
N GLN H 405 -0.94 25.55 5.48
CA GLN H 405 -0.24 26.02 4.29
C GLN H 405 -0.68 27.43 3.90
N GLY H 406 0.10 28.04 3.00
CA GLY H 406 -0.33 29.22 2.28
C GLY H 406 0.04 29.17 0.82
N ILE H 407 -0.75 29.86 0.00
CA ILE H 407 -0.45 30.00 -1.41
C ILE H 407 -0.69 31.45 -1.84
N ALA H 408 0.14 31.93 -2.75
CA ALA H 408 0.10 33.32 -3.17
C ALA H 408 0.56 33.40 -4.61
N ALA H 409 -0.07 34.29 -5.37
CA ALA H 409 0.37 34.58 -6.73
C ALA H 409 0.29 36.07 -7.00
N ILE H 410 1.17 36.56 -7.86
CA ILE H 410 1.18 37.99 -8.19
C ILE H 410 0.98 38.18 -9.69
N PHE H 411 0.11 39.12 -10.03
CA PHE H 411 -0.26 39.38 -11.41
C PHE H 411 0.07 40.83 -11.75
N GLU H 412 0.38 41.08 -13.01
CA GLU H 412 0.64 42.43 -13.48
C GLU H 412 -0.27 42.76 -14.66
N ARG H 413 -0.94 43.91 -14.58
CA ARG H 413 -1.75 44.38 -15.68
C ARG H 413 -0.83 45.02 -16.68
N ILE H 414 -0.67 44.36 -17.83
CA ILE H 414 0.14 44.92 -18.89
C ILE H 414 -0.74 45.50 -20.00
N MET I 21 -3.06 28.20 -42.48
CA MET I 21 -2.61 28.39 -41.06
C MET I 21 -2.74 27.09 -40.26
N THR I 22 -3.98 26.60 -40.14
CA THR I 22 -4.26 25.47 -39.26
C THR I 22 -4.09 24.13 -39.96
N ARG I 23 -4.16 24.13 -41.29
CA ARG I 23 -4.37 22.89 -42.02
C ARG I 23 -3.07 22.14 -42.24
N GLU I 24 -3.18 20.82 -42.30
CA GLU I 24 -2.00 19.95 -42.36
C GLU I 24 -2.19 18.93 -43.47
N VAL I 25 -1.14 18.68 -44.22
CA VAL I 25 -1.21 17.70 -45.28
C VAL I 25 -0.66 16.36 -44.79
N VAL I 26 -1.37 15.29 -45.11
CA VAL I 26 -0.91 13.95 -44.80
C VAL I 26 -0.92 13.07 -46.04
N VAL I 27 0.09 12.24 -46.17
CA VAL I 27 0.19 11.27 -47.25
C VAL I 27 -0.42 9.93 -46.83
N VAL I 28 -1.42 9.49 -47.58
CA VAL I 28 -2.19 8.31 -47.21
C VAL I 28 -1.79 7.07 -48.01
N SER I 29 -1.16 7.28 -49.17
CA SER I 29 -0.60 6.17 -49.93
C SER I 29 0.49 6.65 -50.87
N GLY I 30 1.43 5.77 -51.18
CA GLY I 30 2.46 6.04 -52.17
C GLY I 30 2.83 4.78 -52.92
N VAL I 31 2.95 4.92 -54.24
CA VAL I 31 3.28 3.79 -55.05
C VAL I 31 4.11 4.25 -56.25
N ARG I 32 4.93 3.34 -56.77
CA ARG I 32 5.72 3.61 -57.98
C ARG I 32 5.72 2.39 -58.87
N THR I 33 6.07 2.59 -60.14
CA THR I 33 6.53 1.51 -60.97
C THR I 33 7.92 1.11 -60.51
N ALA I 34 8.32 -0.11 -60.83
CA ALA I 34 9.73 -0.41 -61.04
C ALA I 34 10.34 0.54 -62.07
N ILE I 35 11.64 0.80 -61.92
CA ILE I 35 12.34 1.73 -62.80
C ILE I 35 12.97 0.98 -63.97
N GLY I 36 12.45 1.20 -65.17
CA GLY I 36 13.00 0.60 -66.38
C GLY I 36 14.30 1.26 -66.81
N THR I 37 15.12 0.52 -67.55
CA THR I 37 16.32 1.09 -68.19
C THR I 37 16.02 1.60 -69.58
N PHE I 38 16.80 2.60 -69.99
CA PHE I 38 16.68 3.20 -71.31
C PHE I 38 16.74 2.13 -72.38
N GLY I 39 15.68 2.04 -73.19
CA GLY I 39 15.57 1.00 -74.21
C GLY I 39 15.21 -0.35 -73.62
N GLY I 40 14.71 -0.34 -72.38
CA GLY I 40 14.48 -1.58 -71.65
C GLY I 40 13.01 -1.95 -71.54
N SER I 41 12.60 -2.37 -70.34
CA SER I 41 11.35 -3.13 -70.17
C SER I 41 10.13 -2.24 -70.36
N LEU I 42 10.30 -0.94 -70.20
CA LEU I 42 9.18 -0.02 -70.31
C LEU I 42 9.25 0.80 -71.60
N LYS I 43 10.18 0.47 -72.45
CA LYS I 43 10.33 1.07 -73.75
C LYS I 43 9.02 1.36 -74.51
N ASP I 44 8.03 0.48 -74.37
CA ASP I 44 6.83 0.53 -75.19
C ASP I 44 5.62 1.02 -74.40
N VAL I 45 5.87 1.59 -73.22
CA VAL I 45 4.79 2.13 -72.41
C VAL I 45 4.94 3.65 -72.26
N ALA I 46 3.96 4.37 -72.77
CA ALA I 46 3.99 5.81 -72.75
C ALA I 46 3.81 6.36 -71.33
N PRO I 47 4.30 7.59 -71.10
CA PRO I 47 4.15 8.27 -69.82
C PRO I 47 2.71 8.31 -69.33
N ALA I 48 1.78 8.58 -70.24
CA ALA I 48 0.36 8.67 -69.91
C ALA I 48 -0.14 7.38 -69.26
N GLU I 49 0.31 6.25 -69.77
CA GLU I 49 -0.11 4.96 -69.25
C GLU I 49 0.61 4.63 -67.95
N LEU I 50 1.85 5.07 -67.83
CA LEU I 50 2.63 4.84 -66.61
C LEU I 50 2.04 5.67 -65.48
N GLY I 51 1.56 6.86 -65.84
CA GLY I 51 0.93 7.75 -64.87
C GLY I 51 -0.46 7.30 -64.44
N ALA I 52 -1.22 6.78 -65.37
CA ALA I 52 -2.57 6.29 -65.04
C ALA I 52 -2.47 5.09 -64.13
N LEU I 53 -1.46 4.26 -64.35
CA LEU I 53 -1.29 3.04 -63.57
C LEU I 53 -1.01 3.37 -62.11
N VAL I 54 -0.11 4.30 -61.85
CA VAL I 54 0.26 4.64 -60.47
C VAL I 54 -0.82 5.47 -59.78
N VAL I 55 -1.57 6.24 -60.55
CA VAL I 55 -2.74 6.92 -60.01
C VAL I 55 -3.82 5.94 -59.52
N ARG I 56 -4.18 5.00 -60.39
CA ARG I 56 -5.19 4.00 -60.05
C ARG I 56 -4.79 3.21 -58.80
N GLU I 57 -3.54 2.74 -58.79
CA GLU I 57 -3.09 1.84 -57.73
C GLU I 57 -2.87 2.59 -56.44
N ALA I 58 -2.48 3.86 -56.53
CA ALA I 58 -2.33 4.68 -55.33
C ALA I 58 -3.69 4.91 -54.67
N LEU I 59 -4.71 5.14 -55.49
CA LEU I 59 -6.05 5.40 -54.97
C LEU I 59 -6.61 4.14 -54.31
N ALA I 60 -6.39 3.00 -54.95
CA ALA I 60 -6.79 1.72 -54.40
C ALA I 60 -6.12 1.48 -53.05
N ARG I 61 -4.80 1.68 -53.00
CA ARG I 61 -4.04 1.48 -51.78
C ARG I 61 -4.53 2.39 -50.66
N ALA I 62 -5.00 3.58 -51.03
CA ALA I 62 -5.44 4.56 -50.05
C ALA I 62 -6.88 4.27 -49.63
N GLN I 63 -7.53 3.39 -50.37
CA GLN I 63 -8.97 3.17 -50.23
C GLN I 63 -9.74 4.47 -50.45
N VAL I 64 -9.35 5.21 -51.48
CA VAL I 64 -10.01 6.46 -51.82
C VAL I 64 -10.57 6.34 -53.22
N SER I 65 -11.82 6.79 -53.38
CA SER I 65 -12.44 6.84 -54.70
C SER I 65 -11.84 7.98 -55.53
N GLY I 66 -11.65 7.73 -56.82
CA GLY I 66 -11.30 8.78 -57.76
C GLY I 66 -12.29 9.92 -57.80
N ASP I 67 -13.54 9.63 -57.39
CA ASP I 67 -14.58 10.65 -57.39
C ASP I 67 -14.34 11.71 -56.31
N ASP I 68 -13.47 11.39 -55.36
CA ASP I 68 -13.28 12.26 -54.21
C ASP I 68 -11.97 13.07 -54.31
N VAL I 69 -11.26 12.93 -55.42
CA VAL I 69 -10.00 13.66 -55.63
C VAL I 69 -10.29 15.06 -56.16
N GLY I 70 -9.70 16.07 -55.52
CA GLY I 70 -10.00 17.46 -55.83
C GLY I 70 -8.95 18.12 -56.71
N HIS I 71 -7.74 17.56 -56.72
CA HIS I 71 -6.68 18.07 -57.58
C HIS I 71 -5.65 17.01 -57.91
N VAL I 72 -5.09 17.10 -59.12
CA VAL I 72 -4.01 16.25 -59.54
C VAL I 72 -2.90 17.06 -60.21
N VAL I 73 -1.67 16.88 -59.72
CA VAL I 73 -0.51 17.48 -60.33
C VAL I 73 0.51 16.41 -60.69
N PHE I 74 1.02 16.46 -61.91
CA PHE I 74 2.05 15.54 -62.34
C PHE I 74 3.30 16.27 -62.85
N GLY I 75 4.46 15.75 -62.48
CA GLY I 75 5.72 16.20 -63.03
C GLY I 75 6.05 15.49 -64.31
N ASN I 76 6.76 16.21 -65.18
CA ASN I 76 7.23 15.66 -66.42
C ASN I 76 8.11 16.69 -67.15
N VAL I 77 9.17 16.23 -67.79
CA VAL I 77 10.11 17.13 -68.43
C VAL I 77 10.07 16.96 -69.94
N ILE I 78 10.12 15.71 -70.40
CA ILE I 78 10.19 15.44 -71.85
C ILE I 78 8.84 15.04 -72.44
N GLN I 79 8.30 15.89 -73.32
CA GLN I 79 7.09 15.57 -74.06
C GLN I 79 7.38 14.59 -75.19
N THR I 80 6.85 13.38 -75.07
CA THR I 80 7.14 12.31 -76.02
C THR I 80 6.09 12.26 -77.12
N GLU I 81 4.88 12.72 -76.80
CA GLU I 81 3.79 12.79 -77.76
C GLU I 81 2.86 13.93 -77.35
N PRO I 82 1.87 14.25 -78.21
CA PRO I 82 0.92 15.32 -77.91
C PRO I 82 0.17 15.15 -76.60
N ARG I 83 -0.14 13.90 -76.23
CA ARG I 83 -0.87 13.64 -74.99
C ARG I 83 -0.08 14.08 -73.76
N ASP I 84 1.24 14.13 -73.89
CA ASP I 84 2.09 14.51 -72.77
C ASP I 84 1.94 15.98 -72.41
N MET I 85 1.31 16.76 -73.30
CA MET I 85 0.98 18.15 -72.97
C MET I 85 -0.24 18.18 -72.05
N TYR I 86 -0.84 17.02 -71.86
CA TYR I 86 -2.07 16.91 -71.07
C TYR I 86 -1.84 15.94 -69.92
N LEU I 87 -0.58 15.66 -69.62
CA LEU I 87 -0.21 14.43 -68.91
C LEU I 87 -1.00 14.29 -67.61
N GLY I 88 -1.04 15.36 -66.83
CA GLY I 88 -1.68 15.35 -65.52
C GLY I 88 -3.14 14.98 -65.66
N ARG I 89 -3.78 15.52 -66.70
CA ARG I 89 -5.18 15.28 -66.96
C ARG I 89 -5.42 13.87 -67.49
N VAL I 90 -4.48 13.34 -68.27
CA VAL I 90 -4.64 12.01 -68.85
C VAL I 90 -4.35 10.91 -67.83
N ALA I 91 -3.33 11.14 -67.00
CA ALA I 91 -3.00 10.21 -65.94
C ALA I 91 -4.08 10.19 -64.88
N ALA I 92 -4.64 11.35 -64.59
CA ALA I 92 -5.77 11.45 -63.68
C ALA I 92 -6.96 10.64 -64.19
N VAL I 93 -7.50 11.06 -65.33
CA VAL I 93 -8.79 10.58 -65.79
C VAL I 93 -8.71 9.10 -66.12
N ASN I 94 -7.60 8.68 -66.74
CA ASN I 94 -7.44 7.28 -67.12
C ASN I 94 -7.07 6.42 -65.92
N GLY I 95 -6.62 7.05 -64.85
CA GLY I 95 -6.43 6.38 -63.59
C GLY I 95 -7.68 6.34 -62.70
N GLY I 96 -8.75 6.95 -63.15
CA GLY I 96 -10.07 6.79 -62.53
C GLY I 96 -10.46 7.99 -61.69
N VAL I 97 -9.64 9.03 -61.71
CA VAL I 97 -10.03 10.32 -61.15
C VAL I 97 -11.18 10.92 -61.95
N THR I 98 -12.11 11.57 -61.23
CA THR I 98 -13.27 12.19 -61.86
C THR I 98 -12.85 13.31 -62.81
N ILE I 99 -13.55 13.40 -63.93
CA ILE I 99 -13.36 14.51 -64.86
C ILE I 99 -13.57 15.87 -64.22
N ASN I 100 -14.15 15.90 -63.02
CA ASN I 100 -14.47 17.16 -62.35
C ASN I 100 -13.25 17.73 -61.63
N ALA I 101 -12.20 16.91 -61.50
CA ALA I 101 -10.99 17.33 -60.82
C ALA I 101 -10.08 18.11 -61.78
N PRO I 102 -9.59 19.27 -61.32
CA PRO I 102 -8.48 19.95 -62.02
C PRO I 102 -7.17 19.16 -62.03
N ALA I 103 -6.38 19.32 -63.11
CA ALA I 103 -5.22 18.49 -63.35
C ALA I 103 -4.11 19.30 -64.01
N LEU I 104 -2.92 19.27 -63.41
CA LEU I 104 -1.82 20.16 -63.79
C LEU I 104 -0.60 19.32 -64.14
N THR I 105 0.18 19.80 -65.10
CA THR I 105 1.52 19.26 -65.32
C THR I 105 2.56 20.31 -64.97
N VAL I 106 3.59 19.92 -64.23
CA VAL I 106 4.65 20.83 -63.87
C VAL I 106 6.02 20.36 -64.35
N ASN I 107 6.90 21.33 -64.58
CA ASN I 107 8.27 21.04 -64.97
C ASN I 107 9.28 21.88 -64.18
N ARG I 108 9.92 21.28 -63.19
CA ARG I 108 11.13 21.83 -62.58
C ARG I 108 12.26 20.85 -62.80
N LEU I 109 12.43 20.45 -64.07
CA LEU I 109 13.38 19.43 -64.46
C LEU I 109 13.47 18.28 -63.46
N CYS I 110 14.70 17.98 -63.04
CA CYS I 110 14.95 16.81 -62.20
C CYS I 110 14.11 16.84 -60.91
N GLY I 111 13.60 18.02 -60.55
CA GLY I 111 12.83 18.19 -59.32
C GLY I 111 11.33 18.04 -59.53
N SER I 112 10.92 17.84 -60.77
CA SER I 112 9.52 17.97 -61.16
C SER I 112 8.62 17.11 -60.28
N GLY I 113 9.07 15.90 -59.98
CA GLY I 113 8.24 14.92 -59.29
C GLY I 113 7.96 15.28 -57.83
N LEU I 114 8.93 15.91 -57.18
CA LEU I 114 8.71 16.44 -55.84
C LEU I 114 7.98 17.79 -55.88
N GLN I 115 8.15 18.53 -56.96
CA GLN I 115 7.41 19.77 -57.14
C GLN I 115 5.92 19.47 -57.30
N ALA I 116 5.60 18.37 -57.98
CA ALA I 116 4.20 18.01 -58.21
C ALA I 116 3.53 17.73 -56.87
N ILE I 117 4.28 17.10 -55.98
CA ILE I 117 3.78 16.76 -54.66
C ILE I 117 3.63 18.00 -53.77
N VAL I 118 4.54 18.96 -53.98
CA VAL I 118 4.49 20.22 -53.25
C VAL I 118 3.34 21.09 -53.74
N SER I 119 3.11 21.09 -55.06
CA SER I 119 2.06 21.92 -55.63
C SER I 119 0.69 21.34 -55.23
N ALA I 120 0.63 20.02 -55.11
CA ALA I 120 -0.64 19.35 -54.79
C ALA I 120 -0.97 19.56 -53.32
N ALA I 121 0.06 19.46 -52.49
CA ALA I 121 -0.06 19.78 -51.09
C ALA I 121 -0.52 21.23 -50.86
N GLN I 122 -0.06 22.14 -51.71
CA GLN I 122 -0.34 23.56 -51.54
C GLN I 122 -1.83 23.84 -51.76
N THR I 123 -2.45 23.07 -52.64
CA THR I 123 -3.87 23.23 -52.89
C THR I 123 -4.68 22.77 -51.68
N ILE I 124 -4.12 21.84 -50.91
CA ILE I 124 -4.76 21.40 -49.67
C ILE I 124 -4.53 22.44 -48.58
N LEU I 125 -3.29 22.92 -48.46
CA LEU I 125 -2.92 23.81 -47.38
C LEU I 125 -3.70 25.12 -47.47
N LEU I 126 -3.98 25.56 -48.69
CA LEU I 126 -4.69 26.81 -48.89
C LEU I 126 -6.20 26.61 -48.94
N GLY I 127 -6.66 25.38 -48.74
CA GLY I 127 -8.09 25.10 -48.57
C GLY I 127 -8.84 25.02 -49.90
N ASP I 128 -8.11 24.85 -50.99
CA ASP I 128 -8.72 24.68 -52.29
C ASP I 128 -9.38 23.30 -52.40
N THR I 129 -8.84 22.33 -51.68
CA THR I 129 -9.43 20.99 -51.64
C THR I 129 -8.93 20.25 -50.40
N ASP I 130 -9.48 19.06 -50.16
CA ASP I 130 -9.08 18.24 -49.02
C ASP I 130 -8.33 16.99 -49.47
N VAL I 131 -8.43 16.67 -50.77
CA VAL I 131 -7.83 15.45 -51.30
C VAL I 131 -7.14 15.76 -52.63
N ALA I 132 -5.87 15.40 -52.74
CA ALA I 132 -5.11 15.66 -53.97
C ALA I 132 -4.09 14.57 -54.25
N ILE I 133 -3.65 14.50 -55.50
CA ILE I 133 -2.65 13.52 -55.92
C ILE I 133 -1.45 14.24 -56.54
N GLY I 134 -0.26 13.94 -56.01
CA GLY I 134 0.98 14.38 -56.65
C GLY I 134 1.73 13.19 -57.21
N GLY I 135 2.22 13.33 -58.43
CA GLY I 135 3.03 12.28 -59.02
C GLY I 135 3.97 12.78 -60.09
N GLY I 136 4.65 11.85 -60.73
CA GLY I 136 5.52 12.14 -61.86
C GLY I 136 5.62 10.94 -62.78
N ALA I 137 5.82 11.21 -64.06
CA ALA I 137 6.02 10.17 -65.04
C ALA I 137 7.03 10.65 -66.06
N GLU I 138 7.98 9.79 -66.38
CA GLU I 138 8.96 10.08 -67.43
C GLU I 138 9.30 8.83 -68.23
N SER I 139 9.34 8.97 -69.55
CA SER I 139 9.88 7.93 -70.43
C SER I 139 11.01 8.46 -71.28
N MET I 140 12.24 8.24 -70.84
CA MET I 140 13.40 8.69 -71.57
C MET I 140 13.67 7.79 -72.77
N SER I 141 13.16 6.55 -72.71
CA SER I 141 13.17 5.65 -73.85
C SER I 141 12.41 6.25 -75.04
N ARG I 142 11.32 6.94 -74.74
CA ARG I 142 10.42 7.41 -75.78
C ARG I 142 10.61 8.91 -76.05
N ALA I 143 11.70 9.46 -75.55
CA ALA I 143 12.03 10.86 -75.81
C ALA I 143 12.21 11.05 -77.30
N PRO I 144 11.61 12.12 -77.84
CA PRO I 144 11.55 12.32 -79.28
C PRO I 144 12.84 12.94 -79.84
N TYR I 145 12.97 12.89 -81.16
CA TYR I 145 13.80 13.84 -81.90
C TYR I 145 12.94 14.93 -82.49
N LEU I 146 13.41 16.17 -82.39
CA LEU I 146 12.72 17.31 -82.99
C LEU I 146 13.33 17.60 -84.35
N ALA I 147 12.51 18.15 -85.24
CA ALA I 147 13.00 18.65 -86.52
C ALA I 147 12.61 20.13 -86.67
N PRO I 148 13.48 21.03 -86.20
CA PRO I 148 13.08 22.42 -86.03
C PRO I 148 12.98 23.17 -87.35
N ALA I 149 13.42 22.53 -88.43
CA ALA I 149 13.40 23.16 -89.74
C ALA I 149 12.21 22.66 -90.56
N ALA I 150 11.47 21.70 -90.01
CA ALA I 150 10.41 21.05 -90.76
C ALA I 150 9.26 21.99 -91.09
N ARG I 151 8.96 22.92 -90.17
CA ARG I 151 7.74 23.72 -90.32
C ARG I 151 7.90 24.73 -91.44
N TRP I 152 9.01 25.46 -91.42
CA TRP I 152 9.19 26.59 -92.32
C TRP I 152 10.28 26.31 -93.35
N GLY I 153 10.98 25.18 -93.19
CA GLY I 153 11.88 24.69 -94.23
C GLY I 153 13.33 25.02 -93.93
N ALA I 154 14.24 24.13 -94.33
CA ALA I 154 15.68 24.38 -94.20
C ALA I 154 16.22 25.13 -95.42
N ARG I 155 15.53 24.99 -96.55
CA ARG I 155 15.90 25.64 -97.80
C ARG I 155 17.16 25.02 -98.43
N MET I 156 18.29 25.18 -97.77
CA MET I 156 19.56 24.70 -98.30
C MET I 156 20.52 24.43 -97.14
N GLY I 157 21.18 23.28 -97.17
CA GLY I 157 22.19 22.96 -96.18
C GLY I 157 21.65 21.94 -95.21
N ASP I 158 22.53 21.10 -94.70
CA ASP I 158 22.12 20.00 -93.84
C ASP I 158 21.37 20.54 -92.61
N ALA I 159 20.35 19.80 -92.17
CA ALA I 159 19.54 20.24 -91.04
C ALA I 159 19.61 19.20 -89.90
N GLY I 160 18.99 19.50 -88.77
CA GLY I 160 19.22 18.75 -87.55
C GLY I 160 18.00 17.98 -87.12
N LEU I 161 18.22 16.77 -86.60
CA LEU I 161 17.25 16.12 -85.73
C LEU I 161 17.72 16.17 -84.30
N VAL I 162 17.00 16.92 -83.47
CA VAL I 162 17.49 17.30 -82.15
C VAL I 162 17.03 16.28 -81.12
N ASP I 163 17.99 15.67 -80.44
CA ASP I 163 17.70 14.68 -79.43
C ASP I 163 17.21 15.36 -78.14
N MET I 164 15.92 15.23 -77.85
CA MET I 164 15.30 16.04 -76.80
C MET I 164 15.59 15.49 -75.41
N MET I 165 15.94 14.21 -75.34
CA MET I 165 16.46 13.66 -74.10
C MET I 165 17.75 14.35 -73.69
N LEU I 166 18.70 14.43 -74.62
CA LEU I 166 19.97 15.10 -74.36
C LEU I 166 19.70 16.57 -74.10
N GLY I 167 18.66 17.10 -74.74
CA GLY I 167 18.23 18.47 -74.52
C GLY I 167 17.90 18.72 -73.06
N ALA I 168 17.29 17.73 -72.43
CA ALA I 168 16.91 17.83 -71.03
C ALA I 168 18.14 17.81 -70.14
N LEU I 169 19.22 17.23 -70.65
CA LEU I 169 20.40 16.97 -69.86
C LEU I 169 21.51 18.00 -70.14
N HIS I 170 21.18 19.08 -70.85
CA HIS I 170 22.12 20.16 -71.09
C HIS I 170 21.61 21.45 -70.46
N ASP I 171 22.52 22.16 -69.81
CA ASP I 171 22.22 23.48 -69.28
C ASP I 171 21.87 24.47 -70.40
N PRO I 172 20.80 25.26 -70.18
CA PRO I 172 20.23 26.08 -71.25
C PRO I 172 21.00 27.38 -71.48
N PHE I 173 21.86 27.73 -70.53
CA PHE I 173 22.67 28.94 -70.64
C PHE I 173 24.01 28.66 -71.34
N HIS I 174 24.61 27.53 -71.04
CA HIS I 174 25.95 27.25 -71.52
C HIS I 174 26.05 26.04 -72.34
N ARG I 175 24.99 25.32 -72.46
CA ARG I 175 24.93 24.17 -73.36
C ARG I 175 25.98 23.13 -73.00
N ILE I 176 26.21 22.97 -71.71
CA ILE I 176 27.06 21.89 -71.23
C ILE I 176 26.20 20.78 -70.61
N HIS I 177 26.68 19.55 -70.71
CA HIS I 177 26.00 18.41 -70.12
C HIS I 177 25.98 18.57 -68.60
N MET I 178 24.93 18.06 -67.95
CA MET I 178 24.85 18.06 -66.49
C MET I 178 26.13 17.47 -65.90
N GLY I 179 26.73 16.54 -66.63
CA GLY I 179 27.91 15.82 -66.15
C GLY I 179 29.14 16.68 -66.00
N VAL I 180 29.28 17.71 -66.84
CA VAL I 180 30.40 18.63 -66.71
C VAL I 180 30.15 19.56 -65.51
N THR I 181 28.88 19.78 -65.21
CA THR I 181 28.50 20.53 -64.03
C THR I 181 28.85 19.75 -62.75
N ALA I 182 28.78 18.43 -62.85
CA ALA I 182 29.21 17.56 -61.76
C ALA I 182 30.74 17.55 -61.58
N GLU I 183 31.47 17.66 -62.67
CA GLU I 183 32.91 17.85 -62.60
C GLU I 183 33.29 19.11 -61.84
N ASN I 184 32.56 20.19 -62.10
N ASN I 184 32.57 20.20 -62.09
CA ASN I 184 32.79 21.45 -61.40
CA ASN I 184 32.83 21.45 -61.38
C ASN I 184 32.61 21.28 -59.89
C ASN I 184 32.62 21.27 -59.88
N VAL I 185 31.59 20.51 -59.52
CA VAL I 185 31.25 20.34 -58.11
C VAL I 185 32.27 19.41 -57.45
N ALA I 186 32.65 18.34 -58.13
CA ALA I 186 33.71 17.45 -57.67
C ALA I 186 35.00 18.22 -57.41
N LYS I 187 35.30 19.16 -58.30
CA LYS I 187 36.46 20.01 -58.15
C LYS I 187 36.33 20.91 -56.92
N GLU I 188 35.20 21.59 -56.80
CA GLU I 188 35.06 22.61 -55.78
C GLU I 188 34.99 22.01 -54.38
N TYR I 189 34.42 20.81 -54.28
CA TYR I 189 34.19 20.19 -52.97
C TYR I 189 35.15 19.04 -52.74
N ASP I 190 36.10 18.87 -53.66
CA ASP I 190 37.22 17.94 -53.47
C ASP I 190 36.74 16.50 -53.35
N ILE I 191 35.95 16.05 -54.32
CA ILE I 191 35.50 14.67 -54.36
C ILE I 191 36.24 13.90 -55.44
N SER I 192 37.05 12.94 -55.03
CA SER I 192 38.01 12.31 -55.92
C SER I 192 37.30 11.28 -56.78
N ARG I 193 37.95 10.88 -57.87
CA ARG I 193 37.50 9.75 -58.66
C ARG I 193 37.26 8.52 -57.78
N ALA I 194 38.19 8.24 -56.89
CA ALA I 194 38.11 7.06 -56.04
C ALA I 194 36.86 7.14 -55.17
N GLN I 195 36.57 8.33 -54.65
CA GLN I 195 35.42 8.54 -53.78
C GLN I 195 34.13 8.32 -54.57
N GLN I 196 34.10 8.81 -55.80
CA GLN I 196 32.90 8.70 -56.62
C GLN I 196 32.61 7.26 -57.00
N ASP I 197 33.66 6.51 -57.32
CA ASP I 197 33.51 5.13 -57.74
C ASP I 197 33.09 4.22 -56.58
N GLU I 198 33.58 4.52 -55.38
CA GLU I 198 33.21 3.76 -54.20
C GLU I 198 31.75 4.02 -53.84
N ALA I 199 31.33 5.28 -53.97
CA ALA I 199 29.94 5.66 -53.75
C ALA I 199 29.02 4.99 -54.76
N ALA I 200 29.51 4.82 -55.99
CA ALA I 200 28.71 4.24 -57.06
C ALA I 200 28.56 2.74 -56.85
N LEU I 201 29.64 2.09 -56.45
CA LEU I 201 29.61 0.67 -56.12
C LEU I 201 28.66 0.41 -54.95
N GLU I 202 28.72 1.28 -53.94
CA GLU I 202 27.90 1.13 -52.72
C GLU I 202 26.41 1.31 -53.02
N SER I 203 26.10 2.23 -53.92
CA SER I 203 24.71 2.44 -54.33
C SER I 203 24.13 1.17 -54.95
N HIS I 204 24.91 0.53 -55.82
CA HIS I 204 24.49 -0.74 -56.42
C HIS I 204 24.35 -1.85 -55.37
N ARG I 205 25.29 -1.91 -54.43
CA ARG I 205 25.24 -2.93 -53.38
C ARG I 205 24.00 -2.72 -52.51
N ARG I 206 23.75 -1.48 -52.10
CA ARG I 206 22.58 -1.18 -51.30
C ARG I 206 21.28 -1.51 -52.04
N ALA I 207 21.23 -1.16 -53.31
CA ALA I 207 20.02 -1.40 -54.11
C ALA I 207 19.77 -2.89 -54.23
N SER I 208 20.84 -3.63 -54.51
CA SER I 208 20.74 -5.08 -54.69
C SER I 208 20.27 -5.76 -53.41
N ALA I 209 20.87 -5.38 -52.28
CA ALA I 209 20.44 -5.88 -50.98
C ALA I 209 18.96 -5.60 -50.75
N ALA I 210 18.51 -4.41 -51.11
CA ALA I 210 17.16 -3.96 -50.84
C ALA I 210 16.15 -4.74 -51.68
N ILE I 211 16.48 -4.94 -52.95
CA ILE I 211 15.66 -5.76 -53.82
C ILE I 211 15.52 -7.19 -53.31
N LYS I 212 16.63 -7.80 -52.91
CA LYS I 212 16.64 -9.20 -52.48
C LYS I 212 15.91 -9.38 -51.15
N ALA I 213 16.04 -8.40 -50.27
CA ALA I 213 15.37 -8.47 -48.96
C ALA I 213 13.89 -8.13 -49.10
N GLY I 214 13.51 -7.70 -50.30
CA GLY I 214 12.10 -7.46 -50.60
C GLY I 214 11.57 -6.13 -50.11
N TYR I 215 12.47 -5.16 -49.89
CA TYR I 215 12.10 -3.87 -49.32
C TYR I 215 11.15 -3.08 -50.22
N PHE I 216 11.28 -3.29 -51.54
CA PHE I 216 10.53 -2.51 -52.51
C PHE I 216 9.22 -3.20 -52.91
N LYS I 217 9.03 -4.45 -52.48
CA LYS I 217 7.90 -5.26 -52.93
C LYS I 217 6.56 -4.54 -52.79
N ASP I 218 6.34 -3.94 -51.63
CA ASP I 218 5.04 -3.35 -51.27
C ASP I 218 4.71 -2.10 -52.10
N GLN I 219 5.74 -1.33 -52.45
CA GLN I 219 5.54 -0.01 -53.01
C GLN I 219 5.47 -0.06 -54.55
N ILE I 220 5.93 -1.17 -55.13
CA ILE I 220 5.99 -1.31 -56.58
C ILE I 220 4.68 -1.87 -57.14
N VAL I 221 4.05 -1.13 -58.07
CA VAL I 221 2.99 -1.66 -58.92
C VAL I 221 3.54 -2.31 -60.19
N PRO I 222 3.21 -3.58 -60.42
CA PRO I 222 3.64 -4.25 -61.65
C PRO I 222 3.09 -3.57 -62.89
N VAL I 223 3.93 -3.43 -63.91
CA VAL I 223 3.46 -3.17 -65.27
C VAL I 223 3.42 -4.45 -66.07
N VAL I 224 2.23 -4.81 -66.55
CA VAL I 224 2.07 -6.03 -67.34
C VAL I 224 1.66 -5.70 -68.77
N SER I 225 2.47 -6.14 -69.72
CA SER I 225 2.19 -5.94 -71.14
C SER I 225 1.87 -7.29 -71.80
N LYS I 226 1.67 -7.26 -73.11
CA LYS I 226 1.22 -8.44 -73.83
C LYS I 226 2.25 -8.85 -74.90
N ASP I 231 1.63 -12.86 -71.43
CA ASP I 231 1.71 -11.64 -70.63
C ASP I 231 3.09 -11.49 -70.02
N VAL I 232 3.65 -10.29 -70.13
CA VAL I 232 4.93 -9.97 -69.49
C VAL I 232 4.69 -9.00 -68.34
N THR I 233 5.25 -9.29 -67.18
CA THR I 233 5.09 -8.44 -66.00
C THR I 233 6.43 -7.90 -65.52
N PHE I 234 6.55 -6.58 -65.48
CA PHE I 234 7.78 -5.92 -65.03
C PHE I 234 7.59 -5.31 -63.65
N ASP I 235 8.40 -5.75 -62.69
CA ASP I 235 8.18 -5.39 -61.29
C ASP I 235 9.47 -5.29 -60.49
N THR I 236 10.60 -5.30 -61.19
CA THR I 236 11.89 -5.29 -60.52
C THR I 236 12.79 -4.25 -61.16
N ASP I 237 13.45 -3.45 -60.32
CA ASP I 237 14.27 -2.35 -60.81
C ASP I 237 15.48 -2.87 -61.61
N GLU I 238 15.47 -2.61 -62.94
CA GLU I 238 16.26 -3.25 -64.03
C GLU I 238 17.71 -2.81 -63.96
N HIS I 239 17.86 -1.56 -63.54
CA HIS I 239 19.09 -0.83 -63.75
C HIS I 239 20.21 -1.35 -62.85
N VAL I 240 19.84 -1.99 -61.75
CA VAL I 240 20.79 -2.31 -60.70
C VAL I 240 21.70 -3.45 -61.15
N ARG I 241 22.98 -3.33 -60.85
CA ARG I 241 23.93 -4.37 -61.17
C ARG I 241 24.29 -5.18 -59.93
N HIS I 242 23.78 -6.41 -59.88
CA HIS I 242 23.83 -7.21 -58.65
C HIS I 242 25.20 -7.82 -58.44
N ASP I 243 26.05 -7.76 -59.46
CA ASP I 243 27.34 -8.43 -59.45
C ASP I 243 28.47 -7.43 -59.63
N ALA I 244 28.20 -6.17 -59.31
CA ALA I 244 29.14 -5.08 -59.60
C ALA I 244 30.39 -5.21 -58.73
N THR I 245 31.54 -4.88 -59.32
CA THR I 245 32.78 -4.82 -58.57
C THR I 245 33.44 -3.46 -58.75
N ILE I 246 34.40 -3.15 -57.89
CA ILE I 246 35.06 -1.84 -57.93
C ILE I 246 35.85 -1.66 -59.21
N ASP I 247 36.30 -2.77 -59.80
CA ASP I 247 37.14 -2.69 -60.98
C ASP I 247 36.28 -2.46 -62.22
N ASP I 248 34.99 -2.74 -62.09
CA ASP I 248 34.00 -2.32 -63.08
C ASP I 248 33.94 -0.80 -63.17
N MET I 249 33.99 -0.13 -62.03
CA MET I 249 34.01 1.32 -62.00
C MET I 249 35.34 1.86 -62.53
N THR I 250 36.45 1.34 -62.00
CA THR I 250 37.74 2.03 -62.14
C THR I 250 38.32 1.88 -63.55
N LYS I 251 37.81 0.93 -64.31
CA LYS I 251 38.28 0.72 -65.68
C LYS I 251 37.61 1.68 -66.65
N LEU I 252 36.53 2.32 -66.20
CA LEU I 252 35.76 3.22 -67.05
C LEU I 252 36.49 4.55 -67.24
N ARG I 253 36.26 5.18 -68.39
CA ARG I 253 36.91 6.43 -68.73
C ARG I 253 35.93 7.58 -68.55
N PRO I 254 36.43 8.77 -68.15
CA PRO I 254 35.59 9.97 -68.06
C PRO I 254 34.91 10.29 -69.38
N VAL I 255 33.64 10.64 -69.31
CA VAL I 255 32.80 10.73 -70.50
C VAL I 255 32.48 12.19 -70.85
N PHE I 256 32.59 13.08 -69.86
CA PHE I 256 31.99 14.41 -69.98
C PHE I 256 32.99 15.51 -70.26
N VAL I 257 34.26 15.27 -69.90
CA VAL I 257 35.31 16.25 -70.15
C VAL I 257 36.56 15.54 -70.66
N LYS I 258 37.39 16.25 -71.39
CA LYS I 258 38.57 15.63 -72.03
C LYS I 258 39.86 15.75 -71.23
N GLU I 259 39.87 16.63 -70.24
CA GLU I 259 41.02 16.83 -69.37
C GLU I 259 40.56 16.56 -67.94
N ASN I 260 41.35 15.80 -67.20
CA ASN I 260 41.26 15.80 -65.74
C ASN I 260 39.86 15.42 -65.23
N GLY I 261 39.20 14.52 -65.94
CA GLY I 261 37.83 14.12 -65.62
C GLY I 261 37.72 13.02 -64.57
N THR I 262 36.55 12.92 -63.93
CA THR I 262 36.32 11.96 -62.86
C THR I 262 34.95 11.29 -63.03
N VAL I 263 34.07 11.94 -63.77
CA VAL I 263 32.69 11.45 -63.92
C VAL I 263 32.58 10.49 -65.11
N THR I 264 32.14 9.27 -64.83
CA THR I 264 32.02 8.24 -65.85
C THR I 264 30.56 7.81 -65.99
N ALA I 265 30.29 6.91 -66.93
CA ALA I 265 28.98 6.29 -67.05
C ALA I 265 28.64 5.45 -65.80
N GLY I 266 29.67 4.99 -65.10
CA GLY I 266 29.48 4.07 -63.99
C GLY I 266 29.11 4.80 -62.70
N ASN I 267 29.60 6.01 -62.54
CA ASN I 267 29.32 6.80 -61.34
C ASN I 267 28.46 8.02 -61.65
N ALA I 268 27.75 7.94 -62.78
CA ALA I 268 26.65 8.86 -63.06
C ALA I 268 25.33 8.10 -63.08
N SER I 269 24.22 8.82 -62.90
CA SER I 269 22.91 8.20 -62.88
C SER I 269 22.59 7.66 -64.26
N GLY I 270 21.66 6.70 -64.30
CA GLY I 270 21.25 6.11 -65.58
C GLY I 270 20.20 6.94 -66.28
N LEU I 271 19.88 6.54 -67.51
CA LEU I 271 18.70 7.05 -68.20
C LEU I 271 17.61 5.99 -68.13
N ASN I 272 16.38 6.43 -67.82
CA ASN I 272 15.42 5.55 -67.18
C ASN I 272 13.97 5.94 -67.45
N ASP I 273 13.07 4.98 -67.23
CA ASP I 273 11.64 5.17 -67.39
C ASP I 273 10.95 4.77 -66.09
N ALA I 274 9.94 5.54 -65.69
CA ALA I 274 9.18 5.23 -64.48
C ALA I 274 8.02 6.18 -64.26
N ALA I 275 7.16 5.83 -63.30
CA ALA I 275 6.24 6.79 -62.72
C ALA I 275 6.02 6.48 -61.26
N ALA I 276 5.44 7.45 -60.55
CA ALA I 276 5.03 7.26 -59.16
C ALA I 276 3.95 8.27 -58.80
N ALA I 277 3.23 8.00 -57.71
CA ALA I 277 2.17 8.89 -57.27
C ALA I 277 1.90 8.68 -55.78
N VAL I 278 1.50 9.76 -55.12
CA VAL I 278 1.03 9.69 -53.75
C VAL I 278 -0.34 10.34 -53.64
N VAL I 279 -1.19 9.76 -52.81
CA VAL I 279 -2.45 10.39 -52.44
C VAL I 279 -2.30 11.13 -51.12
N MET I 280 -2.62 12.41 -51.13
CA MET I 280 -2.55 13.24 -49.94
C MET I 280 -3.94 13.74 -49.59
N MET I 281 -4.14 14.05 -48.32
CA MET I 281 -5.35 14.74 -47.90
C MET I 281 -5.12 15.51 -46.60
N GLU I 282 -6.03 16.43 -46.31
CA GLU I 282 -5.96 17.18 -45.07
C GLU I 282 -6.05 16.23 -43.88
N ARG I 283 -5.30 16.56 -42.83
CA ARG I 283 -5.16 15.67 -41.67
C ARG I 283 -6.49 15.20 -41.10
N ALA I 284 -7.46 16.12 -41.07
CA ALA I 284 -8.76 15.82 -40.49
C ALA I 284 -9.61 14.98 -41.44
N GLU I 285 -9.33 15.05 -42.74
CA GLU I 285 -10.00 14.17 -43.71
C GLU I 285 -9.60 12.72 -43.46
N ALA I 286 -8.32 12.50 -43.30
CA ALA I 286 -7.80 11.14 -43.09
C ALA I 286 -8.39 10.55 -41.83
N GLU I 287 -8.46 11.35 -40.78
CA GLU I 287 -9.04 10.92 -39.51
C GLU I 287 -10.51 10.55 -39.70
N ARG I 288 -11.25 11.45 -40.25
CA ARG I 288 -12.58 11.18 -40.68
C ARG I 288 -12.75 9.85 -41.38
N ARG I 289 -11.86 9.53 -42.31
CA ARG I 289 -11.98 8.32 -43.12
C ARG I 289 -11.41 7.11 -42.37
N GLY I 290 -10.81 7.37 -41.21
CA GLY I 290 -10.12 6.33 -40.46
C GLY I 290 -8.91 5.76 -41.18
N LEU I 291 -8.23 6.59 -41.96
CA LEU I 291 -7.01 6.15 -42.64
C LEU I 291 -5.80 6.47 -41.78
N LYS I 292 -4.92 5.49 -41.63
CA LYS I 292 -3.60 5.74 -41.07
C LYS I 292 -2.68 6.27 -42.18
N PRO I 293 -2.21 7.52 -42.00
CA PRO I 293 -1.22 8.08 -42.94
C PRO I 293 0.13 7.38 -42.89
N LEU I 294 0.88 7.48 -43.99
CA LEU I 294 2.29 7.10 -43.98
C LEU I 294 3.13 8.16 -43.27
N ALA I 295 2.75 9.42 -43.43
CA ALA I 295 3.49 10.54 -42.86
C ALA I 295 2.71 11.84 -43.06
N ARG I 296 3.05 12.86 -42.29
CA ARG I 296 2.65 14.21 -42.68
C ARG I 296 3.80 15.07 -43.23
N LEU I 297 3.44 15.98 -44.13
CA LEU I 297 4.36 16.97 -44.65
C LEU I 297 4.65 18.02 -43.57
N VAL I 298 5.94 18.21 -43.29
CA VAL I 298 6.37 19.15 -42.26
C VAL I 298 6.72 20.48 -42.91
N SER I 299 7.60 20.43 -43.90
CA SER I 299 8.09 21.64 -44.55
C SER I 299 8.63 21.30 -45.94
N TYR I 300 8.87 22.35 -46.72
CA TYR I 300 9.63 22.21 -47.96
C TYR I 300 10.48 23.44 -48.19
N GLY I 301 11.42 23.35 -49.14
CA GLY I 301 12.32 24.45 -49.45
C GLY I 301 12.78 24.41 -50.89
N HIS I 302 12.91 25.58 -51.49
CA HIS I 302 13.43 25.72 -52.85
C HIS I 302 14.64 26.67 -52.85
N ALA I 303 15.63 26.37 -53.68
CA ALA I 303 16.79 27.25 -53.81
C ALA I 303 17.21 27.36 -55.27
N GLY I 304 17.76 28.50 -55.63
CA GLY I 304 18.55 28.61 -56.86
C GLY I 304 20.03 28.73 -56.60
N VAL I 305 20.83 28.11 -57.47
CA VAL I 305 22.28 28.17 -57.37
C VAL I 305 22.87 28.48 -58.74
N ASP I 306 24.19 28.64 -58.79
CA ASP I 306 24.91 28.71 -60.05
C ASP I 306 24.56 27.52 -60.95
N PRO I 307 24.21 27.79 -62.21
CA PRO I 307 23.93 26.72 -63.15
C PRO I 307 25.10 25.76 -63.31
N LYS I 308 26.31 26.28 -63.18
CA LYS I 308 27.52 25.50 -63.41
C LYS I 308 27.78 24.54 -62.25
N ALA I 309 27.14 24.81 -61.11
CA ALA I 309 27.28 23.97 -59.93
C ALA I 309 25.94 23.43 -59.46
N MET I 310 25.07 23.07 -60.38
CA MET I 310 23.71 22.71 -60.05
C MET I 310 23.64 21.64 -58.99
N GLY I 311 24.63 20.79 -58.99
CA GLY I 311 24.59 19.57 -58.21
C GLY I 311 24.56 19.76 -56.71
N ILE I 312 24.86 20.97 -56.24
CA ILE I 312 24.77 21.26 -54.81
C ILE I 312 23.50 22.02 -54.42
N GLY I 313 22.58 22.13 -55.38
CA GLY I 313 21.27 22.72 -55.11
C GLY I 313 20.57 22.24 -53.86
N PRO I 314 20.75 20.94 -53.50
CA PRO I 314 20.10 20.39 -52.33
C PRO I 314 20.56 21.03 -51.04
N VAL I 315 21.77 21.58 -51.02
CA VAL I 315 22.34 22.09 -49.78
C VAL I 315 21.54 23.29 -49.24
N PRO I 316 21.35 24.34 -50.06
CA PRO I 316 20.54 25.47 -49.59
C PRO I 316 19.06 25.13 -49.44
N ALA I 317 18.52 24.32 -50.35
CA ALA I 317 17.12 23.92 -50.26
C ALA I 317 16.86 23.20 -48.94
N THR I 318 17.76 22.29 -48.58
CA THR I 318 17.57 21.44 -47.40
C THR I 318 17.68 22.28 -46.15
N LYS I 319 18.58 23.27 -46.18
CA LYS I 319 18.74 24.19 -45.05
C LYS I 319 17.49 25.04 -44.83
N ILE I 320 16.85 25.43 -45.93
CA ILE I 320 15.59 26.16 -45.85
C ILE I 320 14.49 25.29 -45.24
N ALA I 321 14.40 24.05 -45.70
CA ALA I 321 13.37 23.13 -45.19
C ALA I 321 13.58 22.84 -43.70
N LEU I 322 14.83 22.64 -43.31
CA LEU I 322 15.16 22.37 -41.91
C LEU I 322 14.79 23.56 -41.04
N GLU I 323 15.21 24.74 -41.45
CA GLU I 323 14.85 25.98 -40.78
C GLU I 323 13.35 26.09 -40.58
N ARG I 324 12.60 25.90 -41.66
CA ARG I 324 11.15 26.09 -41.63
C ARG I 324 10.48 25.05 -40.73
N ALA I 325 11.16 23.92 -40.56
CA ALA I 325 10.62 22.83 -39.75
C ALA I 325 11.06 22.95 -38.30
N GLY I 326 11.98 23.86 -38.03
CA GLY I 326 12.66 23.93 -36.75
C GLY I 326 13.44 22.68 -36.43
N LEU I 327 14.11 22.11 -37.43
CA LEU I 327 14.85 20.87 -37.25
C LEU I 327 16.32 21.05 -37.59
N GLN I 328 17.11 20.02 -37.31
CA GLN I 328 18.51 20.00 -37.69
C GLN I 328 18.81 18.66 -38.34
N VAL I 329 19.99 18.57 -38.95
CA VAL I 329 20.40 17.36 -39.64
C VAL I 329 20.27 16.10 -38.79
N SER I 330 20.65 16.19 -37.53
CA SER I 330 20.70 15.01 -36.65
C SER I 330 19.30 14.45 -36.41
N ASP I 331 18.27 15.26 -36.66
CA ASP I 331 16.89 14.83 -36.48
C ASP I 331 16.43 13.84 -37.55
N LEU I 332 17.16 13.79 -38.67
CA LEU I 332 16.73 13.03 -39.82
C LEU I 332 17.10 11.55 -39.67
N ASP I 333 16.12 10.68 -39.86
CA ASP I 333 16.35 9.25 -39.77
C ASP I 333 16.59 8.63 -41.14
N VAL I 334 15.89 9.16 -42.14
CA VAL I 334 16.01 8.64 -43.50
C VAL I 334 16.12 9.78 -44.51
N ILE I 335 17.08 9.67 -45.43
CA ILE I 335 17.35 10.73 -46.39
C ILE I 335 17.39 10.13 -47.79
N GLU I 336 16.47 10.56 -48.63
CA GLU I 336 16.55 10.32 -50.07
C GLU I 336 17.07 11.58 -50.76
N ALA I 337 18.34 11.54 -51.15
CA ALA I 337 18.99 12.66 -51.84
C ALA I 337 19.50 12.19 -53.20
N ASN I 338 18.74 12.49 -54.25
CA ASN I 338 18.95 11.81 -55.51
C ASN I 338 20.43 11.83 -55.91
N GLU I 339 20.97 10.65 -56.21
CA GLU I 339 22.27 10.54 -56.88
C GLU I 339 22.13 10.80 -58.39
N ALA I 340 22.16 12.07 -58.77
CA ALA I 340 22.34 12.40 -60.18
C ALA I 340 23.75 12.04 -60.66
N PHE I 341 24.74 12.41 -59.87
CA PHE I 341 26.12 11.93 -60.04
C PHE I 341 26.76 11.74 -58.66
N ALA I 342 27.60 10.73 -58.53
CA ALA I 342 28.30 10.49 -57.28
C ALA I 342 29.10 11.72 -56.88
N ALA I 343 29.57 12.45 -57.89
CA ALA I 343 30.31 13.68 -57.67
C ALA I 343 29.54 14.69 -56.82
N GLN I 344 28.31 14.99 -57.21
CA GLN I 344 27.52 15.97 -56.48
C GLN I 344 26.87 15.36 -55.24
N ALA I 345 26.57 14.06 -55.29
CA ALA I 345 25.89 13.39 -54.18
C ALA I 345 26.82 13.31 -52.98
N CYS I 346 28.10 13.03 -53.24
CA CYS I 346 29.13 13.04 -52.20
C CYS I 346 29.37 14.45 -51.67
N ALA I 347 29.28 15.43 -52.56
CA ALA I 347 29.43 16.83 -52.15
C ALA I 347 28.31 17.26 -51.22
N VAL I 348 27.09 16.85 -51.55
CA VAL I 348 25.90 17.27 -50.80
C VAL I 348 25.96 16.75 -49.37
N THR I 349 26.29 15.46 -49.22
CA THR I 349 26.32 14.84 -47.90
C THR I 349 27.46 15.41 -47.06
N LYS I 350 28.59 15.70 -47.71
CA LYS I 350 29.72 16.34 -47.04
C LYS I 350 29.36 17.73 -46.54
N ALA I 351 28.82 18.55 -47.44
CA ALA I 351 28.52 19.94 -47.13
C ALA I 351 27.48 20.06 -46.01
N LEU I 352 26.48 19.17 -46.02
CA LEU I 352 25.41 19.22 -45.05
C LEU I 352 25.81 18.47 -43.78
N GLY I 353 26.88 17.69 -43.89
CA GLY I 353 27.35 16.89 -42.76
C GLY I 353 26.38 15.76 -42.47
N LEU I 354 25.90 15.13 -43.53
CA LEU I 354 25.01 13.99 -43.39
C LEU I 354 25.81 12.73 -43.10
N ASP I 355 25.17 11.77 -42.44
CA ASP I 355 25.77 10.46 -42.21
C ASP I 355 25.47 9.53 -43.38
N PRO I 356 26.52 9.07 -44.09
CA PRO I 356 26.33 8.37 -45.36
C PRO I 356 25.50 7.11 -45.21
N ALA I 357 25.43 6.58 -43.99
CA ALA I 357 24.67 5.37 -43.72
C ALA I 357 23.18 5.64 -43.84
N LYS I 358 22.77 6.88 -43.63
CA LYS I 358 21.35 7.23 -43.59
C LYS I 358 20.90 7.82 -44.93
N VAL I 359 21.86 8.20 -45.75
CA VAL I 359 21.58 8.76 -47.06
C VAL I 359 21.48 7.68 -48.12
N ASN I 360 20.31 7.59 -48.76
CA ASN I 360 20.08 6.62 -49.83
C ASN I 360 20.45 5.20 -49.39
N PRO I 361 19.86 4.74 -48.27
CA PRO I 361 20.22 3.47 -47.66
C PRO I 361 19.90 2.28 -48.55
N ASN I 362 19.03 2.48 -49.53
CA ASN I 362 18.66 1.42 -50.45
C ASN I 362 18.96 1.77 -51.90
N GLY I 363 19.97 2.61 -52.12
CA GLY I 363 20.40 2.95 -53.47
C GLY I 363 19.68 4.20 -53.96
N SER I 364 20.11 4.70 -55.11
CA SER I 364 19.47 5.87 -55.71
C SER I 364 19.75 5.93 -57.20
N GLY I 365 19.83 7.15 -57.74
CA GLY I 365 19.89 7.34 -59.19
C GLY I 365 20.93 6.51 -59.92
N ILE I 366 22.10 6.36 -59.31
CA ILE I 366 23.21 5.65 -59.97
C ILE I 366 22.90 4.17 -60.16
N SER I 367 22.20 3.58 -59.19
CA SER I 367 21.91 2.15 -59.21
C SER I 367 20.49 1.87 -59.71
N LEU I 368 19.51 2.57 -59.13
CA LEU I 368 18.10 2.32 -59.42
C LEU I 368 17.68 3.08 -60.67
N GLY I 369 18.31 4.23 -60.92
CA GLY I 369 18.06 4.99 -62.13
C GLY I 369 17.53 6.39 -61.83
N HIS I 370 17.42 7.19 -62.87
CA HIS I 370 17.04 8.59 -62.72
C HIS I 370 16.08 9.01 -63.82
N PRO I 371 14.83 8.54 -63.73
CA PRO I 371 13.78 8.94 -64.67
C PRO I 371 13.26 10.35 -64.40
N ILE I 372 13.80 11.31 -65.13
CA ILE I 372 13.96 12.67 -64.62
C ILE I 372 12.72 13.16 -63.88
N GLY I 373 11.60 13.28 -64.59
CA GLY I 373 10.43 13.99 -64.06
C GLY I 373 9.66 13.18 -63.04
N ALA I 374 9.91 11.87 -63.01
CA ALA I 374 9.30 10.98 -62.03
C ALA I 374 10.13 10.87 -60.76
N THR I 375 11.42 11.18 -60.84
CA THR I 375 12.36 10.79 -59.81
C THR I 375 11.96 11.36 -58.44
N GLY I 376 11.55 12.63 -58.41
CA GLY I 376 11.24 13.29 -57.16
C GLY I 376 10.01 12.72 -56.48
N ALA I 377 9.10 12.18 -57.28
CA ALA I 377 7.93 11.50 -56.73
C ALA I 377 8.28 10.11 -56.24
N LEU I 378 9.10 9.41 -57.00
CA LEU I 378 9.42 8.03 -56.68
C LEU I 378 10.37 7.87 -55.49
N ILE I 379 11.25 8.84 -55.28
CA ILE I 379 12.12 8.79 -54.10
C ILE I 379 11.43 9.33 -52.86
N THR I 380 10.32 10.04 -53.06
CA THR I 380 9.43 10.34 -51.95
C THR I 380 8.73 9.06 -51.50
N VAL I 381 8.30 8.26 -52.47
CA VAL I 381 7.64 6.99 -52.20
C VAL I 381 8.59 6.04 -51.47
N LYS I 382 9.85 6.03 -51.89
CA LYS I 382 10.87 5.22 -51.24
C LYS I 382 11.09 5.69 -49.82
N ALA I 383 11.21 7.00 -49.65
CA ALA I 383 11.54 7.59 -48.35
C ALA I 383 10.49 7.26 -47.30
N LEU I 384 9.21 7.34 -47.70
CA LEU I 384 8.13 7.17 -46.75
C LEU I 384 7.95 5.71 -46.34
N HIS I 385 8.14 4.81 -47.30
CA HIS I 385 8.06 3.37 -47.01
C HIS I 385 9.25 2.92 -46.15
N GLU I 386 10.41 3.50 -46.41
CA GLU I 386 11.60 3.20 -45.62
C GLU I 386 11.47 3.78 -44.22
N LEU I 387 10.83 4.95 -44.12
CA LEU I 387 10.61 5.60 -42.82
C LEU I 387 9.74 4.72 -41.95
N ASN I 388 8.73 4.12 -42.57
CA ASN I 388 7.80 3.24 -41.88
C ASN I 388 8.44 1.89 -41.54
N ARG I 389 9.29 1.40 -42.44
CA ARG I 389 9.99 0.14 -42.20
C ARG I 389 10.90 0.20 -40.96
N VAL I 390 11.62 1.29 -40.80
CA VAL I 390 12.56 1.42 -39.68
C VAL I 390 11.93 2.16 -38.50
N GLN I 391 10.65 2.49 -38.63
CA GLN I 391 9.92 3.20 -37.56
C GLN I 391 10.67 4.47 -37.16
N GLY I 392 11.18 5.18 -38.14
CA GLY I 392 11.84 6.46 -37.88
C GLY I 392 10.83 7.57 -37.70
N ARG I 393 11.33 8.79 -37.45
CA ARG I 393 10.45 9.94 -37.26
C ARG I 393 10.44 10.86 -38.47
N TYR I 394 11.64 11.27 -38.91
CA TYR I 394 11.73 12.33 -39.93
C TYR I 394 12.43 11.84 -41.19
N ALA I 395 11.84 12.18 -42.34
CA ALA I 395 12.45 11.88 -43.64
C ALA I 395 12.73 13.17 -44.40
N LEU I 396 13.90 13.24 -45.01
CA LEU I 396 14.22 14.28 -45.97
C LEU I 396 14.24 13.71 -47.40
N VAL I 397 13.58 14.41 -48.30
CA VAL I 397 13.69 14.13 -49.72
C VAL I 397 14.24 15.39 -50.40
N THR I 398 15.30 15.23 -51.16
CA THR I 398 15.90 16.36 -51.85
C THR I 398 16.66 15.94 -53.09
N MET I 399 16.78 16.85 -54.05
CA MET I 399 17.48 16.56 -55.28
C MET I 399 17.94 17.84 -55.95
N CYS I 400 18.99 17.73 -56.73
CA CYS I 400 19.50 18.85 -57.52
C CYS I 400 18.72 18.93 -58.83
N ILE I 401 18.74 20.11 -59.42
CA ILE I 401 17.89 20.41 -60.56
C ILE I 401 18.72 21.11 -61.62
N GLY I 402 18.60 20.62 -62.85
CA GLY I 402 19.30 21.21 -63.98
C GLY I 402 18.97 22.68 -64.18
N GLY I 403 19.98 23.47 -64.51
CA GLY I 403 19.84 24.91 -64.63
C GLY I 403 20.20 25.66 -63.37
N GLY I 404 20.48 24.89 -62.31
CA GLY I 404 20.88 25.46 -61.04
C GLY I 404 19.71 25.69 -60.10
N GLN I 405 19.16 24.59 -59.57
CA GLN I 405 18.21 24.68 -58.46
C GLN I 405 18.29 23.48 -57.53
N GLY I 406 17.63 23.62 -56.38
CA GLY I 406 17.41 22.50 -55.47
C GLY I 406 16.02 22.54 -54.87
N ILE I 407 15.51 21.37 -54.56
CA ILE I 407 14.22 21.25 -53.89
C ILE I 407 14.30 20.19 -52.81
N ALA I 408 13.61 20.44 -51.70
CA ALA I 408 13.70 19.60 -50.52
C ALA I 408 12.38 19.63 -49.78
N ALA I 409 11.97 18.49 -49.26
CA ALA I 409 10.78 18.41 -48.38
C ALA I 409 11.04 17.49 -47.21
N ILE I 410 10.38 17.76 -46.09
CA ILE I 410 10.59 16.97 -44.88
C ILE I 410 9.26 16.43 -44.35
N PHE I 411 9.25 15.12 -44.11
CA PHE I 411 8.05 14.41 -43.71
C PHE I 411 8.23 13.85 -42.30
N GLU I 412 7.12 13.65 -41.61
CA GLU I 412 7.16 13.09 -40.24
C GLU I 412 6.16 11.95 -40.13
N ARG I 413 6.65 10.80 -39.71
CA ARG I 413 5.78 9.67 -39.49
C ARG I 413 5.06 9.89 -38.18
N ILE I 414 3.72 9.89 -38.22
CA ILE I 414 2.96 8.66 -38.38
C ILE I 414 2.62 8.46 -39.86
N THR J 22 -1.60 36.18 -41.96
CA THR J 22 -2.73 36.72 -42.76
C THR J 22 -2.19 37.60 -43.91
N ARG J 23 -1.84 36.93 -45.00
CA ARG J 23 -1.09 37.53 -46.11
C ARG J 23 -1.94 37.78 -47.36
N GLU J 24 -1.57 38.81 -48.12
CA GLU J 24 -2.32 39.21 -49.30
C GLU J 24 -1.37 39.42 -50.47
N VAL J 25 -1.78 38.99 -51.66
CA VAL J 25 -0.97 39.17 -52.85
C VAL J 25 -1.43 40.38 -53.66
N VAL J 26 -0.48 41.24 -54.02
CA VAL J 26 -0.79 42.40 -54.83
C VAL J 26 0.09 42.42 -56.11
N VAL J 27 -0.53 42.80 -57.22
CA VAL J 27 0.16 42.93 -58.49
C VAL J 27 0.68 44.36 -58.66
N VAL J 28 1.98 44.48 -58.88
CA VAL J 28 2.63 45.78 -58.89
C VAL J 28 2.99 46.24 -60.30
N SER J 29 3.11 45.30 -61.23
CA SER J 29 3.25 45.64 -62.64
C SER J 29 2.76 44.51 -63.52
N GLY J 30 2.43 44.86 -64.76
CA GLY J 30 1.98 43.88 -65.74
C GLY J 30 2.27 44.36 -67.13
N VAL J 31 2.89 43.50 -67.92
CA VAL J 31 3.29 43.87 -69.27
C VAL J 31 3.16 42.67 -70.19
N ARG J 32 2.97 42.96 -71.48
CA ARG J 32 2.92 41.90 -72.48
C ARG J 32 3.63 42.39 -73.75
N THR J 33 4.00 41.43 -74.60
CA THR J 33 4.26 41.74 -75.99
C THR J 33 2.94 42.00 -76.71
N ALA J 34 3.02 42.71 -77.83
CA ALA J 34 2.02 42.59 -78.87
C ALA J 34 1.91 41.13 -79.31
N ILE J 35 0.71 40.74 -79.73
CA ILE J 35 0.46 39.36 -80.14
C ILE J 35 0.73 39.20 -81.63
N GLY J 36 1.73 38.38 -81.95
CA GLY J 36 2.08 38.10 -83.34
C GLY J 36 1.23 37.00 -83.92
N THR J 37 1.05 37.04 -85.24
CA THR J 37 0.29 36.02 -85.94
C THR J 37 1.21 34.86 -86.32
N PHE J 38 0.63 33.67 -86.41
CA PHE J 38 1.34 32.47 -86.84
C PHE J 38 2.08 32.70 -88.16
N GLY J 39 3.40 32.53 -88.13
CA GLY J 39 4.25 32.81 -89.29
C GLY J 39 4.49 34.30 -89.51
N GLY J 40 4.21 35.10 -88.48
CA GLY J 40 4.19 36.55 -88.62
C GLY J 40 5.39 37.22 -87.97
N SER J 41 5.14 38.32 -87.27
CA SER J 41 6.18 39.26 -86.90
C SER J 41 7.14 38.69 -85.86
N LEU J 42 6.70 37.68 -85.13
CA LEU J 42 7.49 37.13 -84.03
C LEU J 42 7.99 35.74 -84.38
N LYS J 43 7.91 35.39 -85.66
CA LYS J 43 8.26 34.05 -86.10
C LYS J 43 9.68 33.68 -85.69
N ASP J 44 10.56 34.67 -85.62
CA ASP J 44 11.97 34.42 -85.44
C ASP J 44 12.45 34.69 -84.01
N VAL J 45 11.50 34.81 -83.09
CA VAL J 45 11.84 35.09 -81.69
C VAL J 45 11.36 33.96 -80.78
N ALA J 46 12.31 33.30 -80.13
CA ALA J 46 12.01 32.10 -79.36
C ALA J 46 11.29 32.49 -78.06
N PRO J 47 10.50 31.55 -77.51
CA PRO J 47 9.78 31.77 -76.24
C PRO J 47 10.68 32.27 -75.12
N ALA J 48 11.88 31.71 -75.02
CA ALA J 48 12.86 32.12 -74.02
C ALA J 48 13.16 33.62 -74.09
N GLU J 49 13.31 34.14 -75.30
CA GLU J 49 13.60 35.55 -75.49
C GLU J 49 12.36 36.42 -75.27
N LEU J 50 11.20 35.94 -75.71
CA LEU J 50 9.93 36.64 -75.45
C LEU J 50 9.68 36.72 -73.94
N GLY J 51 10.01 35.65 -73.23
CA GLY J 51 9.83 35.61 -71.79
C GLY J 51 10.79 36.54 -71.05
N ALA J 52 12.04 36.58 -71.50
CA ALA J 52 13.07 37.36 -70.82
C ALA J 52 12.73 38.83 -71.00
N LEU J 53 12.14 39.16 -72.15
CA LEU J 53 11.81 40.55 -72.47
C LEU J 53 10.74 41.08 -71.52
N VAL J 54 9.65 40.32 -71.36
CA VAL J 54 8.57 40.75 -70.49
C VAL J 54 8.94 40.71 -69.01
N VAL J 55 9.84 39.79 -68.64
CA VAL J 55 10.35 39.76 -67.27
C VAL J 55 11.16 41.00 -66.95
N ARG J 56 12.08 41.36 -67.85
CA ARG J 56 12.93 42.53 -67.66
C ARG J 56 12.07 43.79 -67.56
N GLU J 57 11.12 43.92 -68.49
CA GLU J 57 10.33 45.15 -68.59
C GLU J 57 9.31 45.24 -67.46
N ALA J 58 8.77 44.11 -67.04
CA ALA J 58 7.86 44.09 -65.89
C ALA J 58 8.57 44.53 -64.61
N LEU J 59 9.82 44.11 -64.44
CA LEU J 59 10.59 44.46 -63.25
C LEU J 59 10.95 45.93 -63.24
N ALA J 60 11.33 46.44 -64.41
CA ALA J 60 11.59 47.87 -64.58
C ALA J 60 10.35 48.70 -64.27
N ARG J 61 9.21 48.32 -64.82
CA ARG J 61 7.96 49.03 -64.59
C ARG J 61 7.59 49.03 -63.11
N ALA J 62 7.95 47.96 -62.40
CA ALA J 62 7.57 47.81 -61.00
C ALA J 62 8.57 48.55 -60.12
N GLN J 63 9.66 48.99 -60.74
CA GLN J 63 10.81 49.51 -59.99
C GLN J 63 11.29 48.48 -58.96
N VAL J 64 11.43 47.23 -59.40
CA VAL J 64 11.92 46.17 -58.54
C VAL J 64 13.16 45.53 -59.14
N SER J 65 14.18 45.33 -58.31
CA SER J 65 15.41 44.69 -58.75
C SER J 65 15.19 43.19 -58.93
N GLY J 66 15.79 42.64 -59.98
CA GLY J 66 15.78 41.19 -60.19
C GLY J 66 16.43 40.44 -59.04
N ASP J 67 17.27 41.13 -58.27
CA ASP J 67 17.91 40.54 -57.11
C ASP J 67 16.93 40.25 -55.96
N ASP J 68 15.75 40.86 -56.04
CA ASP J 68 14.79 40.78 -54.93
C ASP J 68 13.65 39.81 -55.22
N VAL J 69 13.65 39.22 -56.42
CA VAL J 69 12.62 38.26 -56.79
C VAL J 69 12.89 36.90 -56.14
N GLY J 70 11.88 36.34 -55.50
CA GLY J 70 12.03 35.11 -54.75
C GLY J 70 11.53 33.88 -55.47
N HIS J 71 10.68 34.09 -56.47
CA HIS J 71 10.16 32.98 -57.26
C HIS J 71 9.67 33.44 -58.62
N VAL J 72 9.90 32.59 -59.63
CA VAL J 72 9.37 32.81 -60.96
C VAL J 72 8.66 31.56 -61.45
N VAL J 73 7.42 31.74 -61.93
CA VAL J 73 6.68 30.69 -62.60
C VAL J 73 6.22 31.13 -63.99
N PHE J 74 6.46 30.28 -64.98
CA PHE J 74 6.04 30.59 -66.34
C PHE J 74 5.15 29.48 -66.88
N GLY J 75 4.07 29.90 -67.55
CA GLY J 75 3.29 28.97 -68.38
C GLY J 75 3.83 28.76 -69.79
N ASN J 76 3.74 27.51 -70.26
CA ASN J 76 4.07 27.17 -71.64
C ASN J 76 3.58 25.77 -71.95
N VAL J 77 3.06 25.58 -73.16
CA VAL J 77 2.51 24.30 -73.56
C VAL J 77 3.41 23.58 -74.58
N ILE J 78 3.91 24.33 -75.56
CA ILE J 78 4.65 23.70 -76.66
C ILE J 78 6.15 23.95 -76.53
N GLN J 79 6.90 22.88 -76.26
CA GLN J 79 8.35 22.94 -76.23
C GLN J 79 8.89 23.02 -77.66
N THR J 80 9.52 24.16 -77.98
CA THR J 80 9.99 24.43 -79.34
C THR J 80 11.45 24.03 -79.49
N GLU J 81 12.16 24.03 -78.36
CA GLU J 81 13.57 23.68 -78.32
C GLU J 81 13.90 23.19 -76.92
N PRO J 82 15.14 22.68 -76.73
CA PRO J 82 15.55 22.16 -75.43
C PRO J 82 15.48 23.19 -74.30
N ARG J 83 15.78 24.45 -74.61
CA ARG J 83 15.71 25.51 -73.60
C ARG J 83 14.30 25.68 -73.04
N ASP J 84 13.29 25.30 -73.81
CA ASP J 84 11.91 25.47 -73.35
C ASP J 84 11.54 24.53 -72.21
N MET J 85 12.39 23.52 -71.99
CA MET J 85 12.24 22.67 -70.81
C MET J 85 12.72 23.40 -69.56
N TYR J 86 13.34 24.55 -69.77
CA TYR J 86 13.93 25.34 -68.68
C TYR J 86 13.28 26.72 -68.65
N LEU J 87 12.13 26.88 -69.30
CA LEU J 87 11.70 28.19 -69.79
C LEU J 87 11.65 29.19 -68.65
N GLY J 88 10.98 28.82 -67.57
CA GLY J 88 10.86 29.68 -66.41
C GLY J 88 12.21 30.16 -65.90
N ARG J 89 13.17 29.25 -65.82
CA ARG J 89 14.53 29.59 -65.41
C ARG J 89 15.23 30.51 -66.41
N VAL J 90 15.08 30.23 -67.71
CA VAL J 90 15.76 31.01 -68.74
C VAL J 90 15.18 32.41 -68.86
N ALA J 91 13.86 32.51 -68.83
CA ALA J 91 13.18 33.79 -68.88
C ALA J 91 13.52 34.62 -67.66
N ALA J 92 13.60 33.97 -66.51
CA ALA J 92 13.98 34.63 -65.28
C ALA J 92 15.39 35.22 -65.38
N VAL J 93 16.37 34.33 -65.56
CA VAL J 93 17.77 34.71 -65.45
C VAL J 93 18.18 35.67 -66.56
N ASN J 94 17.69 35.44 -67.77
CA ASN J 94 18.01 36.30 -68.91
C ASN J 94 17.23 37.61 -68.86
N GLY J 95 16.19 37.63 -68.04
CA GLY J 95 15.44 38.86 -67.80
C GLY J 95 15.98 39.64 -66.62
N GLY J 96 17.03 39.10 -65.99
CA GLY J 96 17.75 39.82 -64.94
C GLY J 96 17.43 39.38 -63.52
N VAL J 97 16.58 38.37 -63.39
CA VAL J 97 16.31 37.77 -62.10
C VAL J 97 17.56 37.04 -61.61
N THR J 98 17.85 37.18 -60.32
CA THR J 98 19.00 36.52 -59.71
C THR J 98 18.96 35.00 -59.88
N ILE J 99 20.14 34.42 -60.07
CA ILE J 99 20.28 32.97 -60.16
C ILE J 99 19.85 32.29 -58.86
N ASN J 100 19.75 33.05 -57.79
CA ASN J 100 19.32 32.50 -56.49
C ASN J 100 17.81 32.25 -56.38
N ALA J 101 17.05 32.73 -57.35
CA ALA J 101 15.60 32.54 -57.34
C ALA J 101 15.24 31.19 -57.98
N PRO J 102 14.43 30.39 -57.28
CA PRO J 102 13.73 29.29 -57.92
C PRO J 102 12.87 29.70 -59.13
N ALA J 103 12.76 28.81 -60.11
CA ALA J 103 12.04 29.09 -61.34
C ALA J 103 11.31 27.83 -61.84
N LEU J 104 10.02 27.97 -62.14
CA LEU J 104 9.15 26.85 -62.50
C LEU J 104 8.51 27.07 -63.86
N THR J 105 8.24 25.98 -64.57
CA THR J 105 7.41 26.04 -65.77
C THR J 105 6.18 25.20 -65.51
N VAL J 106 5.01 25.74 -65.83
CA VAL J 106 3.76 25.00 -65.66
C VAL J 106 2.97 24.85 -66.97
N ASN J 107 2.17 23.79 -67.02
CA ASN J 107 1.37 23.49 -68.19
C ASN J 107 -0.04 23.07 -67.75
N ARG J 108 -0.98 24.01 -67.81
CA ARG J 108 -2.40 23.68 -67.82
C ARG J 108 -3.01 24.11 -69.13
N LEU J 109 -2.34 23.73 -70.23
CA LEU J 109 -2.74 24.09 -71.57
C LEU J 109 -3.16 25.55 -71.69
N CYS J 110 -4.35 25.79 -72.24
CA CYS J 110 -4.81 27.14 -72.53
C CYS J 110 -4.85 28.01 -71.26
N GLY J 111 -4.83 27.37 -70.10
CA GLY J 111 -4.88 28.10 -68.84
C GLY J 111 -3.52 28.41 -68.23
N SER J 112 -2.46 27.97 -68.91
CA SER J 112 -1.14 27.88 -68.28
C SER J 112 -0.72 29.23 -67.75
N GLY J 113 -1.04 30.29 -68.50
CA GLY J 113 -0.54 31.63 -68.18
C GLY J 113 -1.16 32.21 -66.93
N LEU J 114 -2.43 31.89 -66.70
CA LEU J 114 -3.08 32.27 -65.44
C LEU J 114 -2.68 31.34 -64.30
N GLN J 115 -2.44 30.06 -64.63
CA GLN J 115 -1.94 29.15 -63.63
C GLN J 115 -0.59 29.59 -63.09
N ALA J 116 0.29 30.05 -63.97
CA ALA J 116 1.60 30.55 -63.54
C ALA J 116 1.46 31.67 -62.51
N ILE J 117 0.52 32.57 -62.76
CA ILE J 117 0.25 33.67 -61.87
C ILE J 117 -0.32 33.18 -60.54
N VAL J 118 -1.19 32.19 -60.61
CA VAL J 118 -1.75 31.57 -59.40
C VAL J 118 -0.70 30.83 -58.59
N SER J 119 0.17 30.07 -59.26
CA SER J 119 1.21 29.32 -58.58
C SER J 119 2.21 30.26 -57.92
N ALA J 120 2.55 31.34 -58.63
CA ALA J 120 3.45 32.34 -58.08
C ALA J 120 2.85 33.03 -56.86
N ALA J 121 1.56 33.37 -56.96
CA ALA J 121 0.85 33.99 -55.84
C ALA J 121 0.80 33.07 -54.62
N GLN J 122 0.69 31.77 -54.88
CA GLN J 122 0.62 30.78 -53.81
C GLN J 122 1.91 30.73 -52.99
N THR J 123 3.06 30.93 -53.65
CA THR J 123 4.32 30.97 -52.94
C THR J 123 4.39 32.18 -52.01
N ILE J 124 3.70 33.26 -52.38
CA ILE J 124 3.63 34.45 -51.54
C ILE J 124 2.64 34.25 -50.39
N LEU J 125 1.49 33.66 -50.70
CA LEU J 125 0.44 33.46 -49.72
C LEU J 125 0.87 32.52 -48.61
N LEU J 126 1.72 31.55 -48.94
CA LEU J 126 2.17 30.57 -47.97
C LEU J 126 3.49 30.97 -47.31
N GLY J 127 4.01 32.13 -47.68
CA GLY J 127 5.09 32.76 -46.94
C GLY J 127 6.45 32.26 -47.42
N ASP J 128 6.47 31.63 -48.57
CA ASP J 128 7.73 31.13 -49.14
C ASP J 128 8.58 32.29 -49.64
N THR J 129 7.92 33.37 -50.03
CA THR J 129 8.62 34.57 -50.46
C THR J 129 7.68 35.76 -50.41
N ASP J 130 8.23 36.95 -50.59
CA ASP J 130 7.43 38.19 -50.58
C ASP J 130 7.31 38.79 -51.99
N VAL J 131 8.15 38.34 -52.90
CA VAL J 131 8.15 38.85 -54.27
C VAL J 131 8.22 37.70 -55.26
N ALA J 132 7.34 37.70 -56.25
CA ALA J 132 7.34 36.65 -57.27
C ALA J 132 6.87 37.17 -58.61
N ILE J 133 7.28 36.48 -59.67
CA ILE J 133 6.82 36.76 -61.01
C ILE J 133 6.00 35.59 -61.56
N GLY J 134 4.79 35.89 -62.04
CA GLY J 134 4.07 34.98 -62.92
C GLY J 134 4.06 35.48 -64.35
N GLY J 135 4.25 34.57 -65.31
CA GLY J 135 4.05 34.91 -66.71
C GLY J 135 3.73 33.72 -67.58
N GLY J 136 3.69 33.97 -68.88
CA GLY J 136 3.61 32.91 -69.87
C GLY J 136 4.33 33.33 -71.15
N ALA J 137 4.75 32.36 -71.92
CA ALA J 137 5.31 32.58 -73.25
C ALA J 137 4.96 31.42 -74.16
N GLU J 138 4.50 31.73 -75.36
CA GLU J 138 4.21 30.72 -76.34
C GLU J 138 4.60 31.20 -77.74
N SER J 139 5.27 30.34 -78.50
CA SER J 139 5.51 30.58 -79.91
C SER J 139 4.95 29.44 -80.73
N MET J 140 3.75 29.63 -81.27
CA MET J 140 3.12 28.60 -82.08
C MET J 140 3.75 28.58 -83.49
N SER J 141 4.31 29.71 -83.90
CA SER J 141 5.14 29.77 -85.12
C SER J 141 6.27 28.75 -85.07
N ARG J 142 6.89 28.60 -83.91
CA ARG J 142 8.12 27.82 -83.79
C ARG J 142 7.84 26.46 -83.17
N ALA J 143 6.57 26.07 -83.13
CA ALA J 143 6.20 24.74 -82.71
C ALA J 143 6.88 23.71 -83.61
N PRO J 144 7.42 22.64 -83.01
CA PRO J 144 8.22 21.68 -83.74
C PRO J 144 7.39 20.60 -84.42
N TYR J 145 8.03 19.85 -85.31
CA TYR J 145 7.60 18.51 -85.67
C TYR J 145 8.44 17.49 -84.91
N LEU J 146 7.78 16.45 -84.41
CA LEU J 146 8.47 15.36 -83.73
C LEU J 146 8.69 14.22 -84.71
N ALA J 147 9.74 13.45 -84.47
CA ALA J 147 9.96 12.20 -85.21
C ALA J 147 10.09 11.03 -84.23
N PRO J 148 8.97 10.38 -83.91
CA PRO J 148 8.94 9.45 -82.78
C PRO J 148 9.63 8.13 -83.10
N ALA J 149 9.94 7.90 -84.37
CA ALA J 149 10.57 6.64 -84.78
C ALA J 149 12.08 6.81 -84.92
N ALA J 150 12.56 8.04 -84.78
CA ALA J 150 13.95 8.35 -85.08
C ALA J 150 14.92 7.67 -84.12
N ARG J 151 14.53 7.52 -82.85
CA ARG J 151 15.47 7.04 -81.85
C ARG J 151 15.76 5.56 -82.05
N TRP J 152 14.70 4.76 -82.17
CA TRP J 152 14.83 3.32 -82.15
C TRP J 152 14.52 2.72 -83.52
N GLY J 153 14.06 3.54 -84.44
CA GLY J 153 13.96 3.15 -85.84
C GLY J 153 12.56 2.74 -86.24
N ALA J 154 12.22 2.99 -87.50
CA ALA J 154 10.92 2.61 -88.03
C ALA J 154 10.99 1.22 -88.65
N ARG J 155 12.19 0.81 -89.05
CA ARG J 155 12.45 -0.52 -89.58
C ARG J 155 11.94 -0.67 -91.01
N MET J 156 10.62 -0.66 -91.17
CA MET J 156 10.02 -0.81 -92.49
C MET J 156 8.64 -0.13 -92.53
N GLY J 157 8.41 0.66 -93.56
CA GLY J 157 7.15 1.38 -93.70
C GLY J 157 7.31 2.86 -93.43
N ASP J 158 6.41 3.65 -94.02
CA ASP J 158 6.45 5.10 -93.85
C ASP J 158 6.28 5.47 -92.38
N ALA J 159 6.96 6.53 -91.97
CA ALA J 159 6.88 7.01 -90.59
C ALA J 159 6.42 8.46 -90.55
N GLY J 160 6.19 8.96 -89.34
CA GLY J 160 5.44 10.20 -89.14
C GLY J 160 6.33 11.33 -88.66
N LEU J 161 6.05 12.54 -89.15
CA LEU J 161 6.52 13.76 -88.51
C LEU J 161 5.34 14.47 -87.87
N VAL J 162 5.33 14.51 -86.54
CA VAL J 162 4.12 14.85 -85.79
C VAL J 162 4.11 16.34 -85.51
N ASP J 163 3.07 17.02 -86.00
CA ASP J 163 2.91 18.45 -85.79
C ASP J 163 2.46 18.76 -84.37
N MET J 164 3.36 19.29 -83.55
CA MET J 164 3.13 19.36 -82.12
C MET J 164 2.21 20.54 -81.76
N MET J 165 2.11 21.52 -82.65
CA MET J 165 1.12 22.58 -82.49
C MET J 165 -0.30 22.02 -82.57
N LEU J 166 -0.59 21.28 -83.63
CA LEU J 166 -1.86 20.59 -83.75
C LEU J 166 -2.07 19.61 -82.60
N GLY J 167 -0.97 18.98 -82.16
CA GLY J 167 -1.02 18.13 -80.98
C GLY J 167 -1.63 18.84 -79.79
N ALA J 168 -1.25 20.10 -79.59
CA ALA J 168 -1.72 20.89 -78.47
C ALA J 168 -3.22 21.17 -78.61
N LEU J 169 -3.69 21.17 -79.86
CA LEU J 169 -5.06 21.57 -80.16
C LEU J 169 -6.02 20.38 -80.30
N HIS J 170 -5.53 19.18 -80.01
CA HIS J 170 -6.39 18.00 -80.03
C HIS J 170 -6.57 17.43 -78.63
N ASP J 171 -7.79 16.98 -78.35
CA ASP J 171 -8.09 16.33 -77.09
C ASP J 171 -7.41 14.96 -76.99
N PRO J 172 -6.83 14.65 -75.83
CA PRO J 172 -5.92 13.52 -75.70
C PRO J 172 -6.66 12.21 -75.50
N PHE J 173 -7.96 12.29 -75.21
CA PHE J 173 -8.79 11.12 -75.03
C PHE J 173 -9.45 10.70 -76.35
N HIS J 174 -9.88 11.68 -77.13
CA HIS J 174 -10.78 11.43 -78.26
C HIS J 174 -10.14 11.86 -79.57
N ARG J 175 -8.99 12.51 -79.49
CA ARG J 175 -8.23 12.93 -80.68
C ARG J 175 -9.10 13.75 -81.61
N ILE J 176 -9.94 14.60 -81.03
CA ILE J 176 -10.67 15.58 -81.82
C ILE J 176 -10.10 16.99 -81.60
N HIS J 177 -10.14 17.80 -82.64
CA HIS J 177 -9.75 19.21 -82.54
C HIS J 177 -10.61 19.92 -81.49
N MET J 178 -10.00 20.86 -80.79
CA MET J 178 -10.69 21.71 -79.89
C MET J 178 -11.98 22.27 -80.54
N GLY J 179 -11.94 22.52 -81.85
CA GLY J 179 -13.01 23.15 -82.59
C GLY J 179 -14.27 22.32 -82.66
N VAL J 180 -14.12 20.99 -82.67
CA VAL J 180 -15.28 20.11 -82.68
C VAL J 180 -15.89 20.09 -81.29
N THR J 181 -15.05 20.31 -80.28
CA THR J 181 -15.53 20.47 -78.93
C THR J 181 -16.40 21.73 -78.82
N ALA J 182 -16.06 22.74 -79.61
CA ALA J 182 -16.80 24.00 -79.60
C ALA J 182 -18.15 23.80 -80.29
N GLU J 183 -18.19 22.91 -81.29
CA GLU J 183 -19.44 22.56 -81.94
C GLU J 183 -20.39 21.88 -80.97
N ASN J 184 -19.85 21.02 -80.11
CA ASN J 184 -20.63 20.38 -79.07
C ASN J 184 -21.27 21.41 -78.15
N VAL J 185 -20.50 22.44 -77.81
CA VAL J 185 -20.95 23.44 -76.85
C VAL J 185 -21.99 24.35 -77.50
N ALA J 186 -21.72 24.77 -78.74
CA ALA J 186 -22.69 25.50 -79.52
C ALA J 186 -24.03 24.75 -79.57
N LYS J 187 -23.95 23.43 -79.73
CA LYS J 187 -25.14 22.60 -79.84
C LYS J 187 -25.87 22.57 -78.51
N GLU J 188 -25.13 22.36 -77.42
CA GLU J 188 -25.74 22.14 -76.12
C GLU J 188 -26.33 23.42 -75.56
N TYR J 189 -25.75 24.56 -75.92
CA TYR J 189 -26.16 25.84 -75.34
C TYR J 189 -26.88 26.70 -76.39
N ASP J 190 -27.12 26.12 -77.56
CA ASP J 190 -27.96 26.74 -78.57
C ASP J 190 -27.37 28.07 -79.03
N ILE J 191 -26.12 28.06 -79.45
CA ILE J 191 -25.51 29.25 -80.00
C ILE J 191 -25.38 29.09 -81.48
N SER J 192 -26.12 29.88 -82.22
CA SER J 192 -26.21 29.72 -83.67
C SER J 192 -24.95 30.20 -84.39
N ARG J 193 -24.81 29.80 -85.65
CA ARG J 193 -23.78 30.34 -86.50
C ARG J 193 -23.87 31.85 -86.52
N ALA J 194 -25.08 32.37 -86.54
CA ALA J 194 -25.30 33.79 -86.51
C ALA J 194 -25.00 34.53 -85.17
N GLN J 195 -24.99 33.80 -84.09
CA GLN J 195 -24.58 34.36 -82.83
C GLN J 195 -23.08 34.37 -82.90
N GLN J 196 -22.52 33.29 -83.40
CA GLN J 196 -21.10 33.17 -83.54
C GLN J 196 -20.48 34.18 -84.46
N ASP J 197 -21.03 34.48 -85.61
CA ASP J 197 -20.40 35.41 -86.52
C ASP J 197 -20.49 36.86 -86.12
N GLU J 198 -21.54 37.23 -85.47
CA GLU J 198 -21.72 38.56 -84.91
C GLU J 198 -20.76 38.82 -83.76
N ALA J 199 -20.57 37.82 -82.90
CA ALA J 199 -19.64 37.93 -81.79
C ALA J 199 -18.20 38.08 -82.30
N ALA J 200 -17.89 37.38 -83.38
CA ALA J 200 -16.56 37.44 -83.98
C ALA J 200 -16.29 38.81 -84.60
N LEU J 201 -17.28 39.34 -85.31
CA LEU J 201 -17.18 40.67 -85.92
C LEU J 201 -16.99 41.73 -84.86
N GLU J 202 -17.78 41.62 -83.78
CA GLU J 202 -17.69 42.55 -82.66
C GLU J 202 -16.33 42.53 -81.98
N SER J 203 -15.72 41.34 -81.86
CA SER J 203 -14.44 41.21 -81.18
C SER J 203 -13.36 41.96 -81.96
N HIS J 204 -13.43 41.86 -83.29
CA HIS J 204 -12.53 42.61 -84.16
C HIS J 204 -12.77 44.11 -84.06
N ARG J 205 -14.04 44.51 -84.03
CA ARG J 205 -14.38 45.92 -83.93
C ARG J 205 -13.85 46.48 -82.62
N ARG J 206 -14.08 45.76 -81.53
CA ARG J 206 -13.66 46.22 -80.21
C ARG J 206 -12.14 46.31 -80.13
N ALA J 207 -11.46 45.32 -80.70
CA ALA J 207 -9.99 45.31 -80.69
C ALA J 207 -9.45 46.49 -81.50
N SER J 208 -10.03 46.72 -82.66
CA SER J 208 -9.59 47.80 -83.54
C SER J 208 -9.77 49.16 -82.87
N ALA J 209 -10.93 49.35 -82.24
CA ALA J 209 -11.21 50.59 -81.53
C ALA J 209 -10.23 50.81 -80.40
N ALA J 210 -9.90 49.73 -79.70
CA ALA J 210 -8.97 49.78 -78.58
C ALA J 210 -7.56 50.16 -79.04
N ILE J 211 -7.14 49.60 -80.16
CA ILE J 211 -5.78 49.84 -80.66
C ILE J 211 -5.66 51.30 -81.09
N LYS J 212 -6.67 51.79 -81.79
CA LYS J 212 -6.67 53.15 -82.31
C LYS J 212 -6.76 54.18 -81.20
N ALA J 213 -7.57 53.90 -80.18
CA ALA J 213 -7.68 54.79 -79.03
C ALA J 213 -6.47 54.70 -78.10
N GLY J 214 -5.58 53.75 -78.38
CA GLY J 214 -4.31 53.67 -77.69
C GLY J 214 -4.38 53.00 -76.34
N TYR J 215 -5.40 52.16 -76.15
CA TYR J 215 -5.64 51.54 -74.86
C TYR J 215 -4.49 50.62 -74.46
N PHE J 216 -3.86 50.00 -75.45
CA PHE J 216 -2.87 48.96 -75.20
C PHE J 216 -1.45 49.54 -75.13
N LYS J 217 -1.32 50.82 -75.42
CA LYS J 217 0.00 51.44 -75.59
C LYS J 217 0.90 51.19 -74.39
N ASP J 218 0.35 51.42 -73.21
CA ASP J 218 1.15 51.38 -71.98
C ASP J 218 1.66 49.97 -71.67
N GLN J 219 0.81 48.97 -71.91
CA GLN J 219 1.04 47.62 -71.39
C GLN J 219 1.95 46.85 -72.32
N ILE J 220 2.10 47.33 -73.54
CA ILE J 220 2.85 46.60 -74.55
C ILE J 220 4.31 46.97 -74.47
N VAL J 221 5.18 45.96 -74.38
CA VAL J 221 6.62 46.12 -74.61
C VAL J 221 6.96 45.83 -76.07
N PRO J 222 7.64 46.76 -76.73
CA PRO J 222 8.07 46.53 -78.10
C PRO J 222 9.07 45.38 -78.21
N VAL J 223 8.91 44.56 -79.24
CA VAL J 223 9.98 43.67 -79.68
C VAL J 223 10.66 44.25 -80.93
N VAL J 224 11.95 44.52 -80.84
CA VAL J 224 12.68 45.12 -81.96
C VAL J 224 13.70 44.15 -82.54
N SER J 225 13.61 43.90 -83.85
CA SER J 225 14.58 43.09 -84.57
C SER J 225 15.37 43.94 -85.57
N LYS J 226 16.28 43.30 -86.32
CA LYS J 226 17.27 44.03 -87.12
C LYS J 226 17.40 43.44 -88.52
N GLY J 230 16.29 48.72 -91.87
CA GLY J 230 16.81 49.11 -90.56
C GLY J 230 16.26 48.26 -89.43
N ASP J 231 16.09 48.86 -88.26
CA ASP J 231 15.45 48.20 -87.12
C ASP J 231 13.96 48.09 -87.34
N VAL J 232 13.40 46.93 -87.04
CA VAL J 232 11.96 46.72 -87.07
C VAL J 232 11.44 46.56 -85.65
N THR J 233 10.41 47.33 -85.32
CA THR J 233 9.84 47.27 -83.98
C THR J 233 8.38 46.81 -84.05
N PHE J 234 8.08 45.71 -83.37
CA PHE J 234 6.75 45.14 -83.40
C PHE J 234 6.04 45.44 -82.08
N ASP J 235 4.97 46.24 -82.16
CA ASP J 235 4.32 46.75 -80.97
C ASP J 235 2.80 46.90 -81.16
N THR J 236 2.27 46.29 -82.22
CA THR J 236 0.85 46.38 -82.49
C THR J 236 0.25 45.02 -82.80
N ASP J 237 -0.88 44.72 -82.18
CA ASP J 237 -1.48 43.39 -82.25
C ASP J 237 -1.99 43.10 -83.67
N GLU J 238 -1.30 42.20 -84.38
CA GLU J 238 -1.36 42.20 -85.84
C GLU J 238 -2.42 41.24 -86.36
N HIS J 239 -3.11 40.56 -85.44
CA HIS J 239 -4.11 39.58 -85.83
C HIS J 239 -5.43 40.28 -86.17
N VAL J 240 -5.61 41.50 -85.66
CA VAL J 240 -6.89 42.16 -85.72
C VAL J 240 -7.17 42.63 -87.14
N ARG J 241 -8.42 42.48 -87.56
CA ARG J 241 -8.83 42.94 -88.88
C ARG J 241 -9.64 44.23 -88.76
N HIS J 242 -9.03 45.35 -89.14
CA HIS J 242 -9.59 46.65 -88.86
C HIS J 242 -10.73 46.99 -89.80
N ASP J 243 -10.87 46.22 -90.86
CA ASP J 243 -11.83 46.52 -91.93
C ASP J 243 -12.85 45.39 -92.09
N ALA J 244 -13.02 44.59 -91.03
CA ALA J 244 -13.83 43.39 -91.11
C ALA J 244 -15.29 43.74 -91.33
N THR J 245 -15.99 42.92 -92.11
CA THR J 245 -17.43 43.05 -92.27
C THR J 245 -18.12 41.73 -91.96
N ILE J 246 -19.44 41.77 -91.79
CA ILE J 246 -20.20 40.59 -91.41
C ILE J 246 -20.22 39.57 -92.53
N ASP J 247 -20.11 40.03 -93.77
CA ASP J 247 -20.10 39.13 -94.91
C ASP J 247 -18.78 38.38 -95.01
N ASP J 248 -17.72 38.96 -94.44
CA ASP J 248 -16.44 38.27 -94.30
C ASP J 248 -16.62 37.01 -93.48
N MET J 249 -17.44 37.10 -92.43
CA MET J 249 -17.72 35.96 -91.57
C MET J 249 -18.62 34.96 -92.28
N THR J 250 -19.69 35.47 -92.87
CA THR J 250 -20.78 34.68 -93.36
C THR J 250 -20.42 33.79 -94.47
N LYS J 251 -19.50 34.23 -95.26
CA LYS J 251 -19.10 33.53 -96.48
C LYS J 251 -18.19 32.34 -96.18
N LEU J 252 -17.67 32.29 -94.96
CA LEU J 252 -16.75 31.22 -94.58
C LEU J 252 -17.49 29.91 -94.38
N ARG J 253 -16.77 28.80 -94.59
CA ARG J 253 -17.33 27.47 -94.41
C ARG J 253 -16.83 26.86 -93.11
N PRO J 254 -17.67 26.02 -92.46
CA PRO J 254 -17.25 25.28 -91.28
C PRO J 254 -16.02 24.41 -91.54
N VAL J 255 -15.09 24.39 -90.60
CA VAL J 255 -13.76 23.83 -90.84
C VAL J 255 -13.56 22.55 -90.05
N PHE J 256 -14.25 22.45 -88.92
CA PHE J 256 -14.07 21.36 -87.99
C PHE J 256 -15.27 20.43 -88.21
N VAL J 257 -15.03 19.14 -88.36
CA VAL J 257 -16.08 18.20 -88.77
C VAL J 257 -16.79 18.56 -90.08
N LYS J 258 -17.24 17.54 -90.81
CA LYS J 258 -18.07 17.71 -91.98
C LYS J 258 -19.53 17.38 -91.65
N GLU J 259 -20.43 18.09 -92.32
CA GLU J 259 -21.86 17.90 -92.13
C GLU J 259 -22.39 18.76 -91.00
N ASN J 260 -23.36 19.60 -91.31
CA ASN J 260 -23.66 20.76 -90.47
C ASN J 260 -22.39 21.55 -90.20
N GLY J 261 -22.36 22.20 -89.04
CA GLY J 261 -21.17 22.88 -88.55
C GLY J 261 -21.39 24.39 -88.51
N THR J 262 -20.78 25.06 -87.56
CA THR J 262 -20.99 26.46 -87.32
C THR J 262 -19.69 27.16 -87.07
N VAL J 263 -18.68 26.40 -86.67
CA VAL J 263 -17.38 26.97 -86.31
C VAL J 263 -16.47 27.10 -87.52
N THR J 264 -16.04 28.32 -87.80
CA THR J 264 -15.20 28.60 -88.96
C THR J 264 -13.86 29.17 -88.51
N ALA J 265 -12.98 29.42 -89.46
CA ALA J 265 -11.72 30.10 -89.18
C ALA J 265 -11.99 31.52 -88.70
N GLY J 266 -13.11 32.10 -89.14
CA GLY J 266 -13.41 33.50 -88.84
C GLY J 266 -13.95 33.74 -87.44
N ASN J 267 -14.64 32.75 -86.93
CA ASN J 267 -15.19 32.82 -85.60
C ASN J 267 -14.47 31.95 -84.58
N ALA J 268 -13.31 31.41 -84.94
CA ALA J 268 -12.42 30.74 -84.00
C ALA J 268 -11.19 31.59 -83.72
N SER J 269 -10.54 31.36 -82.58
CA SER J 269 -9.34 32.10 -82.22
C SER J 269 -8.21 31.80 -83.19
N GLY J 270 -7.23 32.69 -83.26
CA GLY J 270 -6.10 32.51 -84.16
C GLY J 270 -5.01 31.65 -83.55
N LEU J 271 -4.00 31.33 -84.36
CA LEU J 271 -2.75 30.78 -83.85
C LEU J 271 -1.70 31.87 -83.81
N ASN J 272 -0.98 31.95 -82.70
CA ASN J 272 -0.37 33.21 -82.28
C ASN J 272 0.88 33.04 -81.43
N ASP J 273 1.69 34.10 -81.39
CA ASP J 273 2.91 34.14 -80.59
C ASP J 273 2.84 35.33 -79.65
N ALA J 274 3.26 35.15 -78.41
CA ALA J 274 3.29 36.24 -77.44
C ALA J 274 3.95 35.83 -76.13
N ALA J 275 4.23 36.81 -75.30
CA ALA J 275 4.48 36.56 -73.88
C ALA J 275 3.93 37.69 -73.03
N ALA J 276 3.87 37.44 -71.72
CA ALA J 276 3.47 38.45 -70.76
C ALA J 276 3.99 38.06 -69.39
N ALA J 277 4.04 39.03 -68.49
CA ALA J 277 4.47 38.78 -67.11
C ALA J 277 3.93 39.83 -66.17
N VAL J 278 3.64 39.41 -64.94
CA VAL J 278 3.32 40.33 -63.88
C VAL J 278 4.28 40.15 -62.72
N VAL J 279 4.58 41.24 -62.03
CA VAL J 279 5.32 41.20 -60.78
C VAL J 279 4.34 41.33 -59.63
N MET J 280 4.34 40.34 -58.74
CA MET J 280 3.49 40.38 -57.55
C MET J 280 4.36 40.48 -56.31
N MET J 281 3.78 40.97 -55.22
CA MET J 281 4.41 40.87 -53.91
C MET J 281 3.39 40.95 -52.79
N GLU J 282 3.80 40.61 -51.58
CA GLU J 282 2.92 40.66 -50.42
C GLU J 282 2.53 42.11 -50.17
N ARG J 283 1.26 42.31 -49.84
CA ARG J 283 0.69 43.64 -49.65
C ARG J 283 1.64 44.56 -48.87
N ALA J 284 2.17 44.07 -47.77
CA ALA J 284 3.00 44.88 -46.89
C ALA J 284 4.37 45.17 -47.48
N GLU J 285 4.81 44.33 -48.42
CA GLU J 285 6.05 44.61 -49.15
C GLU J 285 5.87 45.82 -50.05
N ALA J 286 4.74 45.86 -50.75
CA ALA J 286 4.47 46.94 -51.69
C ALA J 286 4.37 48.26 -50.93
N GLU J 287 3.68 48.24 -49.79
CA GLU J 287 3.58 49.41 -48.92
C GLU J 287 4.97 49.87 -48.51
N ARG J 288 5.77 48.95 -47.99
CA ARG J 288 7.10 49.32 -47.53
C ARG J 288 7.99 49.86 -48.69
N ARG J 289 7.72 49.45 -49.93
CA ARG J 289 8.44 50.00 -51.07
C ARG J 289 7.79 51.27 -51.62
N GLY J 290 6.62 51.59 -51.09
CA GLY J 290 5.84 52.73 -51.57
C GLY J 290 5.34 52.55 -53.00
N LEU J 291 5.03 51.32 -53.37
CA LEU J 291 4.49 51.04 -54.69
C LEU J 291 2.98 51.01 -54.66
N LYS J 292 2.36 51.71 -55.60
CA LYS J 292 0.91 51.60 -55.80
C LYS J 292 0.60 50.39 -56.68
N PRO J 293 -0.11 49.40 -56.13
CA PRO J 293 -0.45 48.20 -56.89
C PRO J 293 -1.45 48.52 -57.99
N LEU J 294 -1.46 47.69 -59.03
CA LEU J 294 -2.55 47.73 -60.01
C LEU J 294 -3.83 47.14 -59.39
N ALA J 295 -3.66 46.10 -58.58
CA ALA J 295 -4.80 45.40 -57.99
C ALA J 295 -4.30 44.39 -56.95
N ARG J 296 -5.22 43.88 -56.15
CA ARG J 296 -4.94 42.71 -55.32
C ARG J 296 -5.68 41.49 -55.83
N LEU J 297 -5.08 40.33 -55.63
CA LEU J 297 -5.74 39.06 -55.88
C LEU J 297 -6.77 38.79 -54.80
N VAL J 298 -8.02 38.53 -55.21
CA VAL J 298 -9.10 38.29 -54.27
C VAL J 298 -9.31 36.79 -54.11
N SER J 299 -9.48 36.10 -55.23
CA SER J 299 -9.74 34.66 -55.21
C SER J 299 -9.41 34.03 -56.55
N TYR J 300 -9.30 32.71 -56.56
CA TYR J 300 -9.21 31.95 -57.80
C TYR J 300 -10.01 30.67 -57.69
N GLY J 301 -10.29 30.06 -58.84
CA GLY J 301 -11.04 28.82 -58.90
C GLY J 301 -10.64 27.94 -60.07
N HIS J 302 -10.63 26.64 -59.84
CA HIS J 302 -10.33 25.65 -60.88
C HIS J 302 -11.50 24.68 -60.98
N ALA J 303 -11.79 24.23 -62.19
CA ALA J 303 -12.82 23.21 -62.41
C ALA J 303 -12.37 22.22 -63.47
N GLY J 304 -12.78 20.97 -63.33
CA GLY J 304 -12.84 20.05 -64.46
C GLY J 304 -14.23 19.94 -65.07
N VAL J 305 -14.27 19.66 -66.36
CA VAL J 305 -15.52 19.36 -67.06
C VAL J 305 -15.32 18.26 -68.09
N ASP J 306 -16.40 17.87 -68.77
CA ASP J 306 -16.32 16.91 -69.88
C ASP J 306 -15.35 17.39 -70.95
N PRO J 307 -14.41 16.53 -71.35
CA PRO J 307 -13.43 16.93 -72.37
C PRO J 307 -14.11 17.37 -73.65
N LYS J 308 -15.23 16.74 -73.98
CA LYS J 308 -15.96 17.04 -75.20
C LYS J 308 -16.64 18.42 -75.15
N ALA J 309 -16.77 18.99 -73.95
CA ALA J 309 -17.39 20.30 -73.79
C ALA J 309 -16.47 21.27 -73.08
N MET J 310 -15.18 21.15 -73.41
CA MET J 310 -14.18 21.88 -72.68
C MET J 310 -14.45 23.37 -72.60
N GLY J 311 -15.14 23.89 -73.60
CA GLY J 311 -15.34 25.32 -73.76
C GLY J 311 -16.14 26.02 -72.67
N ILE J 312 -16.92 25.26 -71.90
CA ILE J 312 -17.68 25.86 -70.78
C ILE J 312 -16.99 25.69 -69.43
N GLY J 313 -15.74 25.26 -69.46
CA GLY J 313 -14.91 25.20 -68.24
C GLY J 313 -14.93 26.45 -67.37
N PRO J 314 -15.01 27.63 -67.98
CA PRO J 314 -15.05 28.87 -67.21
C PRO J 314 -16.25 28.98 -66.27
N VAL J 315 -17.32 28.26 -66.56
CA VAL J 315 -18.59 28.50 -65.86
C VAL J 315 -18.50 28.01 -64.43
N PRO J 316 -18.03 26.76 -64.23
CA PRO J 316 -17.83 26.30 -62.86
C PRO J 316 -16.64 26.94 -62.15
N ALA J 317 -15.56 27.20 -62.89
CA ALA J 317 -14.39 27.84 -62.32
C ALA J 317 -14.73 29.24 -61.80
N THR J 318 -15.51 29.98 -62.57
CA THR J 318 -15.88 31.35 -62.21
C THR J 318 -16.82 31.39 -61.01
N LYS J 319 -17.72 30.41 -60.95
CA LYS J 319 -18.62 30.26 -59.80
C LYS J 319 -17.85 29.97 -58.52
N ILE J 320 -16.84 29.10 -58.61
CA ILE J 320 -15.97 28.82 -57.47
C ILE J 320 -15.26 30.09 -57.00
N ALA J 321 -14.69 30.85 -57.94
CA ALA J 321 -13.96 32.07 -57.60
C ALA J 321 -14.89 33.12 -56.97
N LEU J 322 -16.11 33.22 -57.49
CA LEU J 322 -17.08 34.21 -56.99
C LEU J 322 -17.50 33.84 -55.58
N GLU J 323 -17.76 32.55 -55.38
CA GLU J 323 -18.10 32.03 -54.05
C GLU J 323 -17.01 32.34 -53.05
N ARG J 324 -15.77 32.05 -53.43
CA ARG J 324 -14.65 32.19 -52.51
C ARG J 324 -14.39 33.65 -52.20
N ALA J 325 -14.82 34.53 -53.11
CA ALA J 325 -14.63 35.97 -52.93
C ALA J 325 -15.81 36.61 -52.22
N GLY J 326 -16.88 35.85 -52.05
CA GLY J 326 -18.14 36.38 -51.55
C GLY J 326 -18.75 37.40 -52.49
N LEU J 327 -18.62 37.16 -53.80
CA LEU J 327 -19.07 38.12 -54.78
C LEU J 327 -20.11 37.49 -55.70
N GLN J 328 -20.73 38.32 -56.52
CA GLN J 328 -21.69 37.84 -57.52
C GLN J 328 -21.35 38.49 -58.86
N VAL J 329 -21.98 37.99 -59.94
CA VAL J 329 -21.69 38.48 -61.30
C VAL J 329 -21.82 39.99 -61.44
N SER J 330 -22.79 40.59 -60.75
CA SER J 330 -23.07 42.00 -60.90
C SER J 330 -21.95 42.86 -60.33
N ASP J 331 -21.11 42.26 -59.49
CA ASP J 331 -20.01 42.98 -58.86
C ASP J 331 -18.88 43.25 -59.84
N LEU J 332 -18.88 42.53 -60.96
CA LEU J 332 -17.74 42.55 -61.88
C LEU J 332 -17.84 43.73 -62.85
N ASP J 333 -16.79 44.52 -62.92
CA ASP J 333 -16.77 45.68 -63.80
C ASP J 333 -16.07 45.37 -65.12
N VAL J 334 -15.07 44.50 -65.06
CA VAL J 334 -14.34 44.11 -66.28
C VAL J 334 -14.13 42.59 -66.29
N ILE J 335 -14.39 41.98 -67.44
CA ILE J 335 -14.26 40.54 -67.58
C ILE J 335 -13.43 40.19 -68.81
N GLU J 336 -12.31 39.52 -68.57
CA GLU J 336 -11.54 38.87 -69.63
C GLU J 336 -11.88 37.40 -69.60
N ALA J 337 -12.66 36.97 -70.58
CA ALA J 337 -13.01 35.55 -70.72
C ALA J 337 -12.60 35.06 -72.10
N ASN J 338 -11.45 34.41 -72.17
CA ASN J 338 -10.81 34.19 -73.45
C ASN J 338 -11.81 33.66 -74.49
N GLU J 339 -11.85 34.31 -75.65
CA GLU J 339 -12.52 33.78 -76.83
C GLU J 339 -11.64 32.74 -77.53
N ALA J 340 -11.76 31.48 -77.12
CA ALA J 340 -11.15 30.40 -77.86
C ALA J 340 -11.95 30.17 -79.13
N PHE J 341 -13.28 30.09 -78.97
CA PHE J 341 -14.21 30.11 -80.09
C PHE J 341 -15.43 30.92 -79.68
N ALA J 342 -15.98 31.68 -80.61
CA ALA J 342 -17.23 32.41 -80.36
C ALA J 342 -18.32 31.47 -79.85
N ALA J 343 -18.28 30.22 -80.30
CA ALA J 343 -19.24 29.20 -79.86
C ALA J 343 -19.27 29.03 -78.35
N GLN J 344 -18.10 28.83 -77.75
CA GLN J 344 -18.03 28.60 -76.31
C GLN J 344 -18.06 29.92 -75.53
N ALA J 345 -17.53 30.98 -76.14
CA ALA J 345 -17.48 32.28 -75.49
C ALA J 345 -18.89 32.83 -75.28
N CYS J 346 -19.72 32.70 -76.31
CA CYS J 346 -21.13 33.04 -76.19
C CYS J 346 -21.82 32.19 -75.14
N ALA J 347 -21.49 30.89 -75.10
CA ALA J 347 -22.12 29.96 -74.18
C ALA J 347 -21.78 30.35 -72.74
N VAL J 348 -20.54 30.73 -72.52
CA VAL J 348 -20.07 31.08 -71.18
C VAL J 348 -20.81 32.29 -70.63
N THR J 349 -20.93 33.33 -71.44
CA THR J 349 -21.54 34.59 -71.00
C THR J 349 -23.03 34.38 -70.77
N LYS J 350 -23.65 33.58 -71.63
CA LYS J 350 -25.04 33.21 -71.44
C LYS J 350 -25.28 32.44 -70.14
N ALA J 351 -24.44 31.43 -69.89
CA ALA J 351 -24.67 30.50 -68.79
C ALA J 351 -24.40 31.19 -67.45
N LEU J 352 -23.45 32.11 -67.43
CA LEU J 352 -23.14 32.88 -66.23
C LEU J 352 -24.05 34.11 -66.09
N GLY J 353 -24.74 34.45 -67.18
CA GLY J 353 -25.56 35.66 -67.21
C GLY J 353 -24.71 36.90 -67.14
N LEU J 354 -23.63 36.92 -67.90
CA LEU J 354 -22.76 38.08 -67.99
C LEU J 354 -23.32 39.09 -68.97
N ASP J 355 -22.98 40.36 -68.76
CA ASP J 355 -23.39 41.42 -69.67
C ASP J 355 -22.33 41.59 -70.76
N PRO J 356 -22.71 41.34 -72.03
CA PRO J 356 -21.74 41.22 -73.12
C PRO J 356 -20.91 42.49 -73.30
N ALA J 357 -21.42 43.60 -72.79
CA ALA J 357 -20.74 44.88 -72.93
C ALA J 357 -19.49 44.91 -72.05
N LYS J 358 -19.50 44.10 -70.99
CA LYS J 358 -18.42 44.13 -70.00
C LYS J 358 -17.42 43.00 -70.27
N VAL J 359 -17.82 42.05 -71.11
CA VAL J 359 -16.99 40.89 -71.39
C VAL J 359 -16.14 41.17 -72.62
N ASN J 360 -14.82 41.05 -72.45
CA ASN J 360 -13.87 41.31 -73.53
C ASN J 360 -14.18 42.62 -74.26
N PRO J 361 -14.18 43.73 -73.50
CA PRO J 361 -14.57 45.03 -74.05
C PRO J 361 -13.62 45.53 -75.12
N ASN J 362 -12.40 44.96 -75.15
CA ASN J 362 -11.41 45.40 -76.11
C ASN J 362 -10.96 44.27 -77.03
N GLY J 363 -11.82 43.29 -77.23
CA GLY J 363 -11.50 42.12 -78.03
C GLY J 363 -10.89 40.99 -77.23
N SER J 364 -10.64 39.87 -77.89
CA SER J 364 -10.02 38.71 -77.26
C SER J 364 -9.48 37.76 -78.33
N GLY J 365 -9.51 36.46 -78.04
CA GLY J 365 -8.75 35.48 -78.80
C GLY J 365 -9.04 35.46 -80.28
N ILE J 366 -10.30 35.74 -80.64
CA ILE J 366 -10.71 35.74 -82.04
C ILE J 366 -10.03 36.86 -82.82
N SER J 367 -9.86 38.02 -82.18
CA SER J 367 -9.41 39.22 -82.85
C SER J 367 -7.93 39.48 -82.56
N LEU J 368 -7.58 39.43 -81.28
CA LEU J 368 -6.22 39.70 -80.84
C LEU J 368 -5.33 38.46 -80.96
N GLY J 369 -5.91 37.29 -80.76
CA GLY J 369 -5.18 36.03 -80.94
C GLY J 369 -5.11 35.21 -79.67
N HIS J 370 -4.69 33.96 -79.81
CA HIS J 370 -4.70 33.02 -78.70
C HIS J 370 -3.40 32.25 -78.62
N PRO J 371 -2.35 32.88 -78.07
CA PRO J 371 -1.04 32.25 -77.91
C PRO J 371 -0.96 31.36 -76.68
N ILE J 372 -1.21 30.08 -76.87
CA ILE J 372 -1.91 29.24 -75.88
C ILE J 372 -1.40 29.50 -74.45
N GLY J 373 -0.11 29.26 -74.23
CA GLY J 373 0.43 29.22 -72.87
C GLY J 373 0.67 30.60 -72.28
N ALA J 374 0.65 31.62 -73.15
CA ALA J 374 0.81 32.99 -72.71
C ALA J 374 -0.53 33.65 -72.45
N THR J 375 -1.59 33.14 -73.08
CA THR J 375 -2.87 33.83 -73.12
C THR J 375 -3.38 34.22 -71.73
N GLY J 376 -3.32 33.31 -70.78
CA GLY J 376 -3.87 33.55 -69.44
C GLY J 376 -3.13 34.64 -68.70
N ALA J 377 -1.85 34.81 -69.01
CA ALA J 377 -1.05 35.88 -68.40
C ALA J 377 -1.36 37.20 -69.09
N LEU J 378 -1.49 37.16 -70.41
CA LEU J 378 -1.65 38.39 -71.18
C LEU J 378 -3.05 39.00 -71.06
N ILE J 379 -4.07 38.17 -70.83
CA ILE J 379 -5.41 38.71 -70.60
C ILE J 379 -5.61 39.14 -69.15
N THR J 380 -4.75 38.66 -68.25
CA THR J 380 -4.66 39.22 -66.91
C THR J 380 -4.07 40.62 -66.95
N VAL J 381 -3.03 40.79 -67.77
CA VAL J 381 -2.45 42.10 -68.01
C VAL J 381 -3.47 43.07 -68.61
N LYS J 382 -4.19 42.63 -69.63
CA LYS J 382 -5.27 43.43 -70.21
C LYS J 382 -6.30 43.83 -69.15
N ALA J 383 -6.73 42.85 -68.37
CA ALA J 383 -7.82 43.05 -67.43
C ALA J 383 -7.47 44.12 -66.40
N LEU J 384 -6.23 44.09 -65.92
CA LEU J 384 -5.83 44.96 -64.83
C LEU J 384 -5.62 46.40 -65.31
N HIS J 385 -5.12 46.54 -66.54
CA HIS J 385 -4.93 47.86 -67.11
C HIS J 385 -6.27 48.48 -67.49
N GLU J 386 -7.20 47.64 -67.96
CA GLU J 386 -8.55 48.09 -68.28
C GLU J 386 -9.31 48.45 -67.00
N LEU J 387 -9.11 47.67 -65.95
CA LEU J 387 -9.72 47.96 -64.65
C LEU J 387 -9.29 49.34 -64.14
N ASN J 388 -8.01 49.65 -64.27
CA ASN J 388 -7.50 50.95 -63.88
C ASN J 388 -8.01 52.06 -64.78
N ARG J 389 -8.11 51.78 -66.08
CA ARG J 389 -8.54 52.79 -67.04
C ARG J 389 -9.96 53.28 -66.74
N VAL J 390 -10.85 52.35 -66.43
CA VAL J 390 -12.24 52.69 -66.16
C VAL J 390 -12.52 52.88 -64.67
N GLN J 391 -11.46 52.83 -63.86
CA GLN J 391 -11.60 53.04 -62.42
C GLN J 391 -12.64 52.10 -61.81
N GLY J 392 -12.69 50.87 -62.31
CA GLY J 392 -13.59 49.87 -61.76
C GLY J 392 -13.07 49.28 -60.46
N ARG J 393 -13.85 48.39 -59.86
CA ARG J 393 -13.43 47.72 -58.65
C ARG J 393 -12.93 46.29 -58.89
N TYR J 394 -13.75 45.47 -59.54
CA TYR J 394 -13.47 44.03 -59.63
C TYR J 394 -13.23 43.59 -61.07
N ALA J 395 -12.22 42.76 -61.26
CA ALA J 395 -11.97 42.14 -62.56
C ALA J 395 -12.02 40.62 -62.43
N LEU J 396 -12.63 39.99 -63.45
CA LEU J 396 -12.57 38.54 -63.59
C LEU J 396 -11.73 38.17 -64.81
N VAL J 397 -10.80 37.24 -64.60
CA VAL J 397 -10.08 36.63 -65.69
C VAL J 397 -10.38 35.14 -65.69
N THR J 398 -10.82 34.62 -66.83
CA THR J 398 -11.15 33.21 -66.92
C THR J 398 -11.04 32.69 -68.35
N MET J 399 -10.73 31.40 -68.49
CA MET J 399 -10.60 30.79 -69.80
C MET J 399 -10.84 29.30 -69.74
N CYS J 400 -11.26 28.74 -70.86
CA CYS J 400 -11.45 27.30 -70.99
C CYS J 400 -10.12 26.64 -71.32
N ILE J 401 -10.02 25.34 -71.00
CA ILE J 401 -8.76 24.63 -71.06
C ILE J 401 -8.96 23.30 -71.77
N GLY J 402 -8.13 23.02 -72.77
CA GLY J 402 -8.18 21.77 -73.50
C GLY J 402 -8.08 20.55 -72.59
N GLY J 403 -8.86 19.52 -72.91
CA GLY J 403 -8.95 18.32 -72.07
C GLY J 403 -10.05 18.41 -71.04
N GLY J 404 -10.72 19.56 -70.97
CA GLY J 404 -11.87 19.75 -70.11
C GLY J 404 -11.52 20.35 -68.76
N GLN J 405 -11.19 21.64 -68.76
CA GLN J 405 -10.98 22.37 -67.52
C GLN J 405 -11.34 23.84 -67.67
N GLY J 406 -11.47 24.50 -66.54
CA GLY J 406 -11.53 25.95 -66.49
C GLY J 406 -10.65 26.49 -65.39
N ILE J 407 -10.28 27.77 -65.54
CA ILE J 407 -9.59 28.47 -64.49
C ILE J 407 -10.07 29.90 -64.46
N ALA J 408 -10.16 30.47 -63.25
CA ALA J 408 -10.68 31.82 -63.06
C ALA J 408 -9.99 32.47 -61.87
N ALA J 409 -9.76 33.77 -61.97
CA ALA J 409 -9.25 34.53 -60.84
C ALA J 409 -9.95 35.87 -60.80
N ILE J 410 -10.06 36.43 -59.60
CA ILE J 410 -10.71 37.72 -59.41
C ILE J 410 -9.78 38.70 -58.72
N PHE J 411 -9.71 39.91 -59.25
CA PHE J 411 -8.80 40.93 -58.77
C PHE J 411 -9.60 42.15 -58.33
N GLU J 412 -9.05 42.91 -57.38
CA GLU J 412 -9.70 44.13 -56.91
C GLU J 412 -8.72 45.28 -56.96
N ARG J 413 -9.24 46.46 -57.33
CA ARG J 413 -8.66 47.72 -56.88
C ARG J 413 -9.63 48.58 -56.08
N THR K 22 33.19 -7.63 -137.58
CA THR K 22 32.08 -7.47 -136.60
C THR K 22 32.58 -7.79 -135.20
N ARG K 23 32.36 -6.86 -134.27
CA ARG K 23 32.98 -6.97 -132.96
C ARG K 23 32.12 -7.83 -132.04
N GLU K 24 32.79 -8.53 -131.12
CA GLU K 24 32.13 -9.49 -130.24
C GLU K 24 32.54 -9.22 -128.80
N VAL K 25 31.59 -9.33 -127.88
CA VAL K 25 31.88 -9.10 -126.47
C VAL K 25 32.03 -10.43 -125.73
N VAL K 26 33.12 -10.54 -124.97
CA VAL K 26 33.38 -11.75 -124.20
C VAL K 26 33.58 -11.41 -122.72
N VAL K 27 33.02 -12.24 -121.86
CA VAL K 27 33.16 -12.07 -120.41
C VAL K 27 34.33 -12.87 -119.89
N VAL K 28 35.26 -12.18 -119.24
CA VAL K 28 36.54 -12.77 -118.88
C VAL K 28 36.61 -13.08 -117.39
N SER K 29 35.80 -12.41 -116.58
CA SER K 29 35.62 -12.79 -115.19
C SER K 29 34.26 -12.36 -114.68
N GLY K 30 33.78 -13.07 -113.64
CA GLY K 30 32.59 -12.65 -112.91
C GLY K 30 32.68 -13.01 -111.44
N VAL K 31 32.34 -12.05 -110.60
CA VAL K 31 32.35 -12.29 -109.17
C VAL K 31 31.20 -11.57 -108.49
N ARG K 32 30.76 -12.11 -107.35
CA ARG K 32 29.76 -11.45 -106.52
C ARG K 32 30.13 -11.54 -105.05
N THR K 33 29.55 -10.68 -104.24
CA THR K 33 29.44 -10.94 -102.82
C THR K 33 28.46 -12.08 -102.57
N ALA K 34 28.60 -12.75 -101.42
CA ALA K 34 27.46 -13.40 -100.80
C ALA K 34 26.30 -12.41 -100.64
N ILE K 35 25.09 -12.93 -100.64
CA ILE K 35 23.90 -12.09 -100.50
C ILE K 35 23.49 -12.00 -99.02
N GLY K 36 23.60 -10.80 -98.47
CA GLY K 36 23.18 -10.54 -97.10
C GLY K 36 21.67 -10.37 -96.98
N THR K 37 21.15 -10.66 -95.79
CA THR K 37 19.73 -10.43 -95.51
C THR K 37 19.51 -9.01 -94.97
N PHE K 38 18.30 -8.50 -95.17
CA PHE K 38 17.90 -7.17 -94.71
C PHE K 38 18.09 -7.03 -93.20
N GLY K 39 18.91 -6.07 -92.80
CA GLY K 39 19.32 -5.93 -91.40
C GLY K 39 20.36 -6.95 -90.95
N GLY K 40 21.01 -7.60 -91.93
CA GLY K 40 21.89 -8.73 -91.64
C GLY K 40 23.36 -8.39 -91.75
N SER K 41 24.12 -9.29 -92.37
CA SER K 41 25.57 -9.30 -92.23
C SER K 41 26.22 -8.12 -92.94
N LEU K 42 25.51 -7.54 -93.89
CA LEU K 42 26.07 -6.47 -94.72
C LEU K 42 25.39 -5.15 -94.40
N LYS K 43 24.72 -5.10 -93.25
CA LYS K 43 23.93 -3.93 -92.85
C LYS K 43 24.81 -2.68 -92.69
N ASP K 44 26.11 -2.88 -92.45
CA ASP K 44 27.02 -1.76 -92.18
C ASP K 44 28.00 -1.50 -93.32
N VAL K 45 27.74 -2.09 -94.49
CA VAL K 45 28.61 -1.89 -95.65
C VAL K 45 27.85 -1.18 -96.79
N ALA K 46 28.32 0.01 -97.15
CA ALA K 46 27.61 0.83 -98.11
C ALA K 46 27.79 0.28 -99.52
N PRO K 47 26.83 0.57 -100.42
CA PRO K 47 26.89 0.12 -101.80
C PRO K 47 28.24 0.43 -102.48
N ALA K 48 28.74 1.64 -102.25
CA ALA K 48 30.02 2.08 -102.80
C ALA K 48 31.15 1.10 -102.46
N GLU K 49 31.14 0.58 -101.24
CA GLU K 49 32.21 -0.31 -100.78
C GLU K 49 31.96 -1.72 -101.29
N LEU K 50 30.70 -2.13 -101.36
CA LEU K 50 30.34 -3.41 -101.97
C LEU K 50 30.72 -3.44 -103.45
N GLY K 51 30.52 -2.31 -104.13
CA GLY K 51 30.87 -2.19 -105.54
C GLY K 51 32.35 -2.16 -105.80
N ALA K 52 33.10 -1.44 -104.98
CA ALA K 52 34.55 -1.36 -105.12
C ALA K 52 35.18 -2.74 -104.90
N LEU K 53 34.62 -3.51 -103.97
CA LEU K 53 35.14 -4.83 -103.65
C LEU K 53 35.04 -5.78 -104.84
N VAL K 54 33.87 -5.83 -105.47
CA VAL K 54 33.66 -6.75 -106.58
C VAL K 54 34.38 -6.29 -107.85
N VAL K 55 34.55 -4.97 -107.99
CA VAL K 55 35.35 -4.45 -109.10
C VAL K 55 36.80 -4.88 -108.96
N ARG K 56 37.39 -4.65 -107.79
CA ARG K 56 38.79 -5.02 -107.54
C ARG K 56 39.01 -6.51 -107.77
N GLU K 57 38.12 -7.33 -107.23
CA GLU K 57 38.31 -8.77 -107.26
C GLU K 57 38.04 -9.33 -108.66
N ALA K 58 37.10 -8.73 -109.38
CA ALA K 58 36.81 -9.15 -110.74
C ALA K 58 38.00 -8.88 -111.67
N LEU K 59 38.62 -7.71 -111.49
CA LEU K 59 39.81 -7.36 -112.25
C LEU K 59 40.96 -8.32 -111.96
N ALA K 60 41.17 -8.62 -110.68
CA ALA K 60 42.22 -9.56 -110.27
C ALA K 60 41.99 -10.94 -110.88
N ARG K 61 40.75 -11.42 -110.82
CA ARG K 61 40.40 -12.71 -111.37
C ARG K 61 40.62 -12.75 -112.88
N ALA K 62 40.41 -11.62 -113.53
CA ALA K 62 40.55 -11.53 -114.98
C ALA K 62 42.02 -11.36 -115.37
N GLN K 63 42.87 -11.10 -114.38
CA GLN K 63 44.23 -10.68 -114.62
C GLN K 63 44.25 -9.46 -115.55
N VAL K 64 43.45 -8.46 -115.20
CA VAL K 64 43.40 -7.22 -115.96
C VAL K 64 43.67 -6.04 -115.04
N SER K 65 44.54 -5.14 -115.47
CA SER K 65 44.85 -3.95 -114.71
C SER K 65 43.67 -2.98 -114.79
N GLY K 66 43.37 -2.32 -113.67
CA GLY K 66 42.43 -1.21 -113.66
C GLY K 66 42.80 -0.09 -114.61
N ASP K 67 44.08 0.01 -114.95
CA ASP K 67 44.55 1.04 -115.86
C ASP K 67 44.06 0.79 -117.28
N ASP K 68 43.61 -0.43 -117.56
CA ASP K 68 43.25 -0.82 -118.93
C ASP K 68 41.73 -0.82 -119.15
N VAL K 69 40.96 -0.46 -118.14
CA VAL K 69 39.51 -0.45 -118.24
C VAL K 69 39.02 0.84 -118.87
N GLY K 70 38.19 0.72 -119.89
CA GLY K 70 37.80 1.87 -120.71
C GLY K 70 36.41 2.39 -120.36
N HIS K 71 35.61 1.56 -119.69
CA HIS K 71 34.30 1.99 -119.24
C HIS K 71 33.79 1.15 -118.07
N VAL K 72 33.08 1.81 -117.17
CA VAL K 72 32.40 1.14 -116.08
C VAL K 72 30.94 1.59 -116.01
N VAL K 73 30.03 0.61 -115.96
CA VAL K 73 28.62 0.86 -115.70
C VAL K 73 28.15 0.05 -114.51
N PHE K 74 27.49 0.71 -113.58
CA PHE K 74 26.87 0.02 -112.45
C PHE K 74 25.36 0.23 -112.37
N GLY K 75 24.64 -0.83 -112.03
CA GLY K 75 23.23 -0.74 -111.67
C GLY K 75 23.01 -0.41 -110.21
N ASN K 76 21.96 0.37 -109.94
CA ASN K 76 21.54 0.69 -108.58
C ASN K 76 20.21 1.43 -108.60
N VAL K 77 19.33 1.10 -107.66
CA VAL K 77 17.98 1.64 -107.66
C VAL K 77 17.80 2.60 -106.49
N ILE K 78 18.28 2.21 -105.32
CA ILE K 78 18.07 3.01 -104.11
C ILE K 78 19.34 3.78 -103.73
N GLN K 79 19.25 5.10 -103.82
CA GLN K 79 20.31 5.98 -103.31
C GLN K 79 20.27 6.06 -101.78
N THR K 80 21.32 5.56 -101.14
CA THR K 80 21.36 5.46 -99.67
C THR K 80 22.10 6.65 -99.08
N GLU K 81 23.02 7.22 -99.86
CA GLU K 81 23.77 8.41 -99.47
C GLU K 81 24.18 9.17 -100.72
N PRO K 82 24.70 10.39 -100.55
CA PRO K 82 25.12 11.21 -101.68
C PRO K 82 26.09 10.52 -102.65
N ARG K 83 26.99 9.70 -102.12
CA ARG K 83 27.97 8.99 -102.95
C ARG K 83 27.30 8.04 -103.93
N ASP K 84 26.10 7.59 -103.61
CA ASP K 84 25.39 6.67 -104.49
C ASP K 84 24.95 7.33 -105.79
N MET K 85 24.88 8.66 -105.82
CA MET K 85 24.69 9.38 -107.06
C MET K 85 25.90 9.28 -107.98
N TYR K 86 27.01 8.78 -107.43
CA TYR K 86 28.26 8.66 -108.14
C TYR K 86 28.71 7.21 -108.22
N LEU K 87 27.78 6.29 -107.95
CA LEU K 87 28.14 4.93 -107.56
C LEU K 87 29.12 4.28 -108.52
N GLY K 88 28.78 4.32 -109.82
CA GLY K 88 29.63 3.72 -110.85
C GLY K 88 31.05 4.26 -110.80
N ARG K 89 31.17 5.56 -110.57
CA ARG K 89 32.47 6.22 -110.52
C ARG K 89 33.22 5.84 -109.23
N VAL K 90 32.49 5.75 -108.13
CA VAL K 90 33.12 5.45 -106.85
C VAL K 90 33.55 4.00 -106.77
N ALA K 91 32.69 3.10 -107.23
CA ALA K 91 33.02 1.68 -107.28
C ALA K 91 34.19 1.43 -108.21
N ALA K 92 34.24 2.17 -109.31
CA ALA K 92 35.32 2.03 -110.26
C ALA K 92 36.63 2.45 -109.62
N VAL K 93 36.70 3.71 -109.21
CA VAL K 93 37.97 4.31 -108.81
C VAL K 93 38.49 3.70 -107.52
N ASN K 94 37.59 3.42 -106.58
CA ASN K 94 38.00 2.79 -105.32
C ASN K 94 38.28 1.30 -105.50
N GLY K 95 37.82 0.73 -106.61
CA GLY K 95 38.16 -0.64 -106.96
C GLY K 95 39.44 -0.74 -107.78
N GLY K 96 40.03 0.41 -108.09
CA GLY K 96 41.36 0.44 -108.71
C GLY K 96 41.32 0.71 -110.20
N VAL K 97 40.14 1.03 -110.71
CA VAL K 97 40.01 1.50 -112.09
C VAL K 97 40.58 2.90 -112.21
N THR K 98 41.29 3.16 -113.31
CA THR K 98 41.91 4.47 -113.55
C THR K 98 40.87 5.58 -113.57
N ILE K 99 41.26 6.74 -113.05
CA ILE K 99 40.42 7.93 -113.09
C ILE K 99 40.12 8.36 -114.51
N ASN K 100 40.86 7.82 -115.47
CA ASN K 100 40.67 8.18 -116.87
C ASN K 100 39.46 7.48 -117.51
N ALA K 101 38.92 6.48 -116.81
CA ALA K 101 37.81 5.71 -117.34
C ALA K 101 36.48 6.41 -117.03
N PRO K 102 35.64 6.58 -118.05
CA PRO K 102 34.24 6.95 -117.81
C PRO K 102 33.50 5.94 -116.92
N ALA K 103 32.52 6.42 -116.17
CA ALA K 103 31.78 5.59 -115.22
C ALA K 103 30.31 6.02 -115.08
N LEU K 104 29.40 5.07 -115.26
CA LEU K 104 27.97 5.34 -115.39
C LEU K 104 27.19 4.59 -114.31
N THR K 105 26.07 5.17 -113.89
CA THR K 105 25.13 4.44 -113.05
C THR K 105 23.80 4.36 -113.77
N VAL K 106 23.22 3.17 -113.82
CA VAL K 106 21.95 2.98 -114.51
C VAL K 106 20.87 2.44 -113.56
N ASN K 107 19.62 2.74 -113.91
CA ASN K 107 18.47 2.28 -113.12
C ASN K 107 17.34 1.78 -114.02
N ARG K 108 17.26 0.46 -114.19
CA ARG K 108 16.06 -0.16 -114.75
C ARG K 108 15.42 -1.04 -113.71
N LEU K 109 15.39 -0.52 -112.49
CA LEU K 109 14.85 -1.24 -111.31
C LEU K 109 15.43 -2.64 -111.20
N CYS K 110 14.57 -3.63 -111.01
CA CYS K 110 15.01 -5.00 -110.78
C CYS K 110 15.96 -5.51 -111.88
N GLY K 111 15.94 -4.87 -113.05
CA GLY K 111 16.79 -5.26 -114.16
C GLY K 111 18.12 -4.52 -114.23
N SER K 112 18.34 -3.59 -113.30
CA SER K 112 19.46 -2.66 -113.40
C SER K 112 20.80 -3.38 -113.61
N GLY K 113 21.00 -4.49 -112.90
CA GLY K 113 22.29 -5.16 -112.86
C GLY K 113 22.65 -5.83 -114.18
N LEU K 114 21.65 -6.38 -114.86
CA LEU K 114 21.85 -6.87 -116.21
C LEU K 114 21.93 -5.73 -117.22
N GLN K 115 21.19 -4.65 -116.99
CA GLN K 115 21.25 -3.50 -117.88
C GLN K 115 22.67 -2.93 -117.87
N ALA K 116 23.28 -2.87 -116.69
CA ALA K 116 24.66 -2.36 -116.58
C ALA K 116 25.62 -3.17 -117.45
N ILE K 117 25.43 -4.48 -117.45
CA ILE K 117 26.23 -5.37 -118.27
C ILE K 117 25.96 -5.20 -119.75
N VAL K 118 24.70 -5.01 -120.10
CA VAL K 118 24.33 -4.69 -121.50
C VAL K 118 24.88 -3.34 -121.97
N SER K 119 24.71 -2.30 -121.15
CA SER K 119 25.25 -0.99 -121.51
C SER K 119 26.77 -1.02 -121.69
N ALA K 120 27.46 -1.73 -120.79
CA ALA K 120 28.91 -1.84 -120.86
C ALA K 120 29.33 -2.58 -122.12
N ALA K 121 28.61 -3.65 -122.44
CA ALA K 121 28.87 -4.42 -123.64
C ALA K 121 28.65 -3.59 -124.90
N GLN K 122 27.65 -2.70 -124.85
CA GLN K 122 27.36 -1.82 -125.98
C GLN K 122 28.52 -0.88 -126.30
N THR K 123 29.22 -0.41 -125.28
CA THR K 123 30.37 0.49 -125.50
C THR K 123 31.49 -0.27 -126.21
N ILE K 124 31.57 -1.58 -125.97
CA ILE K 124 32.55 -2.42 -126.64
C ILE K 124 32.11 -2.71 -128.08
N LEU K 125 30.84 -3.04 -128.24
CA LEU K 125 30.30 -3.41 -129.55
C LEU K 125 30.40 -2.26 -130.54
N LEU K 126 30.22 -1.03 -130.05
CA LEU K 126 30.24 0.15 -130.91
C LEU K 126 31.65 0.73 -131.05
N GLY K 127 32.62 0.08 -130.43
CA GLY K 127 34.03 0.44 -130.64
C GLY K 127 34.50 1.61 -129.80
N ASP K 128 33.75 1.93 -128.74
CA ASP K 128 34.10 3.02 -127.85
C ASP K 128 35.27 2.62 -126.95
N THR K 129 35.36 1.31 -126.69
CA THR K 129 36.47 0.76 -125.93
C THR K 129 36.57 -0.74 -126.15
N ASP K 130 37.65 -1.33 -125.67
CA ASP K 130 37.88 -2.77 -125.83
C ASP K 130 37.71 -3.51 -124.50
N VAL K 131 37.74 -2.77 -123.39
CA VAL K 131 37.60 -3.36 -122.07
C VAL K 131 36.58 -2.57 -121.24
N ALA K 132 35.63 -3.27 -120.63
CA ALA K 132 34.63 -2.60 -119.80
C ALA K 132 34.17 -3.48 -118.64
N ILE K 133 33.65 -2.82 -117.61
CA ILE K 133 33.07 -3.52 -116.47
C ILE K 133 31.59 -3.21 -116.32
N GLY K 134 30.79 -4.27 -116.19
CA GLY K 134 29.38 -4.13 -115.82
C GLY K 134 29.14 -4.75 -114.46
N GLY K 135 28.43 -4.04 -113.59
CA GLY K 135 28.06 -4.59 -112.30
C GLY K 135 26.79 -4.01 -111.73
N GLY K 136 26.49 -4.40 -110.50
CA GLY K 136 25.43 -3.79 -109.73
C GLY K 136 25.71 -3.87 -108.24
N ALA K 137 25.18 -2.91 -107.49
CA ALA K 137 25.30 -2.92 -106.04
C ALA K 137 24.01 -2.36 -105.44
N GLU K 138 23.50 -3.03 -104.41
CA GLU K 138 22.29 -2.59 -103.71
C GLU K 138 22.36 -2.91 -102.23
N SER K 139 22.03 -1.94 -101.40
CA SER K 139 21.91 -2.14 -99.96
C SER K 139 20.53 -1.74 -99.47
N MET K 140 19.62 -2.71 -99.43
CA MET K 140 18.27 -2.45 -98.99
C MET K 140 18.22 -2.26 -97.48
N SER K 141 19.24 -2.76 -96.78
CA SER K 141 19.41 -2.47 -95.36
C SER K 141 19.57 -0.98 -95.12
N ARG K 142 20.31 -0.31 -96.01
CA ARG K 142 20.70 1.06 -95.79
C ARG K 142 19.84 2.03 -96.59
N ALA K 143 18.74 1.52 -97.14
CA ALA K 143 17.77 2.38 -97.81
C ALA K 143 17.29 3.46 -96.86
N PRO K 144 17.21 4.70 -97.36
CA PRO K 144 16.90 5.86 -96.51
C PRO K 144 15.40 6.06 -96.31
N TYR K 145 15.07 6.92 -95.36
CA TYR K 145 13.79 7.62 -95.33
C TYR K 145 13.99 9.03 -95.89
N LEU K 146 13.04 9.46 -96.72
CA LEU K 146 13.04 10.82 -97.24
C LEU K 146 12.13 11.69 -96.38
N ALA K 147 12.46 12.98 -96.33
CA ALA K 147 11.56 13.97 -95.74
C ALA K 147 11.24 15.06 -96.76
N PRO K 148 10.16 14.88 -97.53
CA PRO K 148 9.96 15.70 -98.72
C PRO K 148 9.47 17.11 -98.37
N ALA K 149 9.13 17.33 -97.10
CA ALA K 149 8.62 18.62 -96.68
C ALA K 149 9.71 19.44 -96.02
N ALA K 150 10.88 18.83 -95.84
CA ALA K 150 11.92 19.42 -95.01
C ALA K 150 12.50 20.68 -95.63
N ARG K 151 12.62 20.69 -96.96
CA ARG K 151 13.30 21.81 -97.63
C ARG K 151 12.48 23.10 -97.54
N TRP K 152 11.23 23.02 -97.95
CA TRP K 152 10.39 24.21 -98.10
C TRP K 152 9.30 24.28 -97.01
N GLY K 153 9.20 23.24 -96.20
CA GLY K 153 8.38 23.29 -94.98
C GLY K 153 7.03 22.63 -95.16
N ALA K 154 6.50 22.06 -94.08
CA ALA K 154 5.16 21.50 -94.09
C ALA K 154 4.12 22.54 -93.68
N ARG K 155 4.56 23.55 -92.93
CA ARG K 155 3.70 24.65 -92.49
C ARG K 155 2.72 24.24 -91.38
N MET K 156 1.76 23.38 -91.73
CA MET K 156 0.76 22.93 -90.78
C MET K 156 0.26 21.55 -91.18
N GLY K 157 0.17 20.65 -90.21
CA GLY K 157 -0.32 19.29 -90.46
C GLY K 157 0.82 18.29 -90.44
N ASP K 158 0.52 17.06 -90.05
CA ASP K 158 1.55 16.01 -89.95
C ASP K 158 2.19 15.77 -91.30
N ALA K 159 3.49 15.48 -91.28
CA ALA K 159 4.25 15.25 -92.50
C ALA K 159 4.87 13.87 -92.49
N GLY K 160 5.47 13.49 -93.63
CA GLY K 160 5.83 12.11 -93.88
C GLY K 160 7.33 11.89 -93.85
N LEU K 161 7.76 10.75 -93.31
CA LEU K 161 9.06 10.19 -93.62
C LEU K 161 8.87 8.98 -94.53
N VAL K 162 9.33 9.13 -95.78
CA VAL K 162 8.99 8.18 -96.83
C VAL K 162 10.03 7.07 -96.89
N ASP K 163 9.58 5.83 -96.74
CA ASP K 163 10.45 4.67 -96.79
C ASP K 163 10.82 4.36 -98.25
N MET K 164 12.06 4.65 -98.63
CA MET K 164 12.44 4.61 -100.05
C MET K 164 12.67 3.21 -100.55
N MET K 165 12.92 2.26 -99.64
CA MET K 165 12.94 0.86 -100.01
C MET K 165 11.57 0.40 -100.50
N LEU K 166 10.54 0.65 -99.70
CA LEU K 166 9.18 0.32 -100.10
C LEU K 166 8.80 1.10 -101.35
N GLY K 167 9.31 2.31 -101.47
CA GLY K 167 9.13 3.11 -102.67
C GLY K 167 9.56 2.35 -103.91
N ALA K 168 10.70 1.68 -103.81
CA ALA K 168 11.23 0.90 -104.94
C ALA K 168 10.31 -0.27 -105.27
N LEU K 169 9.53 -0.72 -104.30
CA LEU K 169 8.76 -1.95 -104.42
C LEU K 169 7.29 -1.68 -104.75
N HIS K 170 6.97 -0.42 -105.00
CA HIS K 170 5.62 -0.05 -105.40
C HIS K 170 5.60 0.46 -106.84
N ASP K 171 4.58 0.05 -107.59
CA ASP K 171 4.38 0.54 -108.93
C ASP K 171 4.03 2.03 -108.93
N PRO K 172 4.67 2.81 -109.81
CA PRO K 172 4.62 4.26 -109.76
C PRO K 172 3.33 4.83 -110.34
N PHE K 173 2.57 3.99 -111.03
CA PHE K 173 1.30 4.41 -111.63
C PHE K 173 0.13 4.12 -110.70
N HIS K 174 0.18 2.98 -110.07
CA HIS K 174 -0.93 2.48 -109.35
C HIS K 174 -0.69 2.42 -107.86
N ARG K 175 0.55 2.62 -107.41
CA ARG K 175 0.96 2.58 -106.00
C ARG K 175 0.58 1.27 -105.32
N ILE K 176 0.69 0.17 -106.05
CA ILE K 176 0.51 -1.16 -105.47
C ILE K 176 1.86 -1.85 -105.33
N HIS K 177 1.99 -2.66 -104.28
CA HIS K 177 3.20 -3.45 -104.08
C HIS K 177 3.41 -4.40 -105.26
N MET K 178 4.68 -4.66 -105.60
CA MET K 178 5.01 -5.66 -106.61
C MET K 178 4.29 -6.97 -106.35
N GLY K 179 4.03 -7.27 -105.08
CA GLY K 179 3.41 -8.54 -104.67
C GLY K 179 1.97 -8.69 -105.12
N VAL K 180 1.23 -7.59 -105.20
CA VAL K 180 -0.14 -7.64 -105.70
C VAL K 180 -0.13 -7.81 -107.21
N THR K 181 0.91 -7.28 -107.86
CA THR K 181 1.17 -7.55 -109.27
C THR K 181 1.40 -9.05 -109.51
N ALA K 182 2.04 -9.71 -108.56
CA ALA K 182 2.30 -11.15 -108.65
C ALA K 182 1.00 -11.95 -108.49
N GLU K 183 0.09 -11.44 -107.65
CA GLU K 183 -1.25 -12.03 -107.53
C GLU K 183 -2.02 -11.99 -108.85
N ASN K 184 -1.88 -10.87 -109.57
CA ASN K 184 -2.50 -10.73 -110.88
C ASN K 184 -1.97 -11.77 -111.85
N VAL K 185 -0.68 -12.04 -111.78
CA VAL K 185 -0.04 -12.97 -112.69
C VAL K 185 -0.40 -14.40 -112.34
N ALA K 186 -0.41 -14.70 -111.04
CA ALA K 186 -0.83 -16.02 -110.56
C ALA K 186 -2.25 -16.31 -111.02
N LYS K 187 -3.09 -15.29 -110.97
CA LYS K 187 -4.48 -15.42 -111.40
C LYS K 187 -4.54 -15.69 -112.91
N GLU K 188 -3.83 -14.89 -113.69
CA GLU K 188 -3.97 -14.93 -115.14
C GLU K 188 -3.39 -16.22 -115.71
N TYR K 189 -2.33 -16.73 -115.08
CA TYR K 189 -1.62 -17.89 -115.61
C TYR K 189 -1.91 -19.13 -114.78
N ASP K 190 -2.84 -19.02 -113.83
CA ASP K 190 -3.36 -20.18 -113.11
C ASP K 190 -2.26 -20.87 -112.33
N ILE K 191 -1.55 -20.11 -111.48
CA ILE K 191 -0.54 -20.69 -110.61
C ILE K 191 -1.06 -20.72 -109.18
N SER K 192 -1.27 -21.92 -108.67
CA SER K 192 -2.00 -22.10 -107.42
C SER K 192 -1.08 -21.80 -106.25
N ARG K 193 -1.68 -21.58 -105.08
CA ARG K 193 -0.92 -21.47 -103.84
C ARG K 193 -0.01 -22.67 -103.66
N ALA K 194 -0.54 -23.86 -103.92
CA ALA K 194 0.23 -25.09 -103.73
C ALA K 194 1.44 -25.11 -104.64
N GLN K 195 1.25 -24.67 -105.88
CA GLN K 195 2.35 -24.59 -106.85
C GLN K 195 3.43 -23.62 -106.41
N GLN K 196 3.00 -22.45 -105.91
CA GLN K 196 3.95 -21.44 -105.48
C GLN K 196 4.78 -21.91 -104.30
N ASP K 197 4.14 -22.60 -103.35
CA ASP K 197 4.79 -22.99 -102.10
C ASP K 197 5.71 -24.22 -102.28
N GLU K 198 5.41 -25.03 -103.30
CA GLU K 198 6.33 -26.09 -103.73
C GLU K 198 7.56 -25.54 -104.46
N ALA K 199 7.33 -24.54 -105.31
CA ALA K 199 8.44 -23.87 -106.01
C ALA K 199 9.35 -23.15 -105.03
N ALA K 200 8.76 -22.56 -104.00
CA ALA K 200 9.53 -21.87 -102.97
C ALA K 200 10.38 -22.84 -102.18
N LEU K 201 9.79 -23.96 -101.78
CA LEU K 201 10.49 -24.98 -101.00
C LEU K 201 11.66 -25.54 -101.82
N GLU K 202 11.41 -25.77 -103.11
CA GLU K 202 12.43 -26.30 -104.00
C GLU K 202 13.59 -25.34 -104.19
N SER K 203 13.30 -24.04 -104.26
CA SER K 203 14.33 -23.03 -104.42
C SER K 203 15.29 -23.06 -103.23
N HIS K 204 14.75 -23.19 -102.03
CA HIS K 204 15.55 -23.30 -100.82
C HIS K 204 16.36 -24.59 -100.82
N ARG K 205 15.73 -25.70 -101.22
CA ARG K 205 16.43 -26.97 -101.29
C ARG K 205 17.59 -26.91 -102.27
N ARG K 206 17.35 -26.34 -103.45
CA ARG K 206 18.38 -26.22 -104.47
C ARG K 206 19.52 -25.32 -104.01
N ALA K 207 19.18 -24.21 -103.38
CA ALA K 207 20.19 -23.28 -102.88
C ALA K 207 21.04 -23.93 -101.80
N SER K 208 20.40 -24.62 -100.88
CA SER K 208 21.09 -25.32 -99.80
C SER K 208 22.05 -26.39 -100.33
N ALA K 209 21.56 -27.23 -101.24
CA ALA K 209 22.40 -28.22 -101.90
C ALA K 209 23.62 -27.56 -102.55
N ALA K 210 23.41 -26.41 -103.19
CA ALA K 210 24.45 -25.76 -103.97
C ALA K 210 25.52 -25.19 -103.05
N ILE K 211 25.08 -24.65 -101.92
CA ILE K 211 26.01 -24.09 -100.95
C ILE K 211 26.87 -25.18 -100.33
N LYS K 212 26.25 -26.30 -99.98
CA LYS K 212 26.94 -27.40 -99.34
C LYS K 212 27.92 -28.10 -100.31
N ALA K 213 27.53 -28.22 -101.57
CA ALA K 213 28.38 -28.85 -102.57
C ALA K 213 29.48 -27.90 -103.04
N GLY K 214 29.39 -26.64 -102.59
CA GLY K 214 30.48 -25.70 -102.80
C GLY K 214 30.45 -25.06 -104.17
N TYR K 215 29.27 -25.03 -104.78
CA TYR K 215 29.12 -24.52 -106.14
C TYR K 215 29.46 -23.04 -106.23
N PHE K 216 29.19 -22.31 -105.15
CA PHE K 216 29.31 -20.85 -105.16
C PHE K 216 30.69 -20.40 -104.71
N LYS K 217 31.49 -21.34 -104.22
CA LYS K 217 32.74 -21.03 -103.52
C LYS K 217 33.68 -20.14 -104.37
N ASP K 218 33.79 -20.46 -105.66
CA ASP K 218 34.71 -19.76 -106.55
C ASP K 218 34.25 -18.33 -106.84
N GLN K 219 32.95 -18.13 -107.00
CA GLN K 219 32.43 -16.87 -107.52
C GLN K 219 32.24 -15.83 -106.43
N ILE K 220 32.22 -16.27 -105.17
CA ILE K 220 31.97 -15.36 -104.05
C ILE K 220 33.26 -14.72 -103.53
N VAL K 221 33.29 -13.40 -103.49
CA VAL K 221 34.32 -12.65 -102.79
C VAL K 221 33.88 -12.41 -101.35
N PRO K 222 34.72 -12.80 -100.38
CA PRO K 222 34.42 -12.51 -98.98
C PRO K 222 34.35 -11.01 -98.71
N VAL K 223 33.37 -10.60 -97.91
CA VAL K 223 33.41 -9.30 -97.24
C VAL K 223 33.86 -9.46 -95.80
N VAL K 224 35.00 -8.85 -95.46
CA VAL K 224 35.52 -8.91 -94.12
C VAL K 224 35.44 -7.53 -93.43
N SER K 225 34.73 -7.48 -92.30
CA SER K 225 34.65 -6.28 -91.49
C SER K 225 35.43 -6.46 -90.18
N LYS K 226 35.38 -5.46 -89.31
CA LYS K 226 36.15 -5.51 -88.06
C LYS K 226 35.25 -5.60 -86.83
N GLY K 227 35.83 -6.18 -85.78
CA GLY K 227 35.30 -6.02 -84.42
C GLY K 227 36.43 -5.73 -83.47
N ARG K 228 37.39 -4.93 -83.94
CA ARG K 228 38.25 -4.15 -83.08
C ARG K 228 39.20 -5.05 -82.29
N GLY K 230 37.75 -8.87 -83.21
CA GLY K 230 38.53 -8.99 -84.42
C GLY K 230 37.69 -9.15 -85.67
N ASP K 231 38.24 -9.82 -86.68
CA ASP K 231 37.74 -9.72 -88.04
C ASP K 231 36.56 -10.64 -88.27
N VAL K 232 35.51 -10.12 -88.91
CA VAL K 232 34.38 -10.93 -89.32
C VAL K 232 34.36 -11.07 -90.84
N THR K 233 34.26 -12.30 -91.34
CA THR K 233 34.21 -12.53 -92.77
C THR K 233 32.87 -13.13 -93.18
N PHE K 234 32.19 -12.46 -94.11
CA PHE K 234 30.91 -12.93 -94.62
C PHE K 234 31.05 -13.46 -96.05
N ASP K 235 30.76 -14.74 -96.24
CA ASP K 235 31.02 -15.40 -97.52
C ASP K 235 29.99 -16.48 -97.85
N THR K 236 28.88 -16.51 -97.12
CA THR K 236 27.85 -17.51 -97.35
C THR K 236 26.47 -16.88 -97.43
N ASP K 237 25.69 -17.30 -98.42
CA ASP K 237 24.41 -16.67 -98.72
C ASP K 237 23.40 -16.95 -97.59
N GLU K 238 23.10 -15.94 -96.79
CA GLU K 238 22.55 -16.16 -95.46
C GLU K 238 21.03 -16.15 -95.46
N HIS K 239 20.42 -15.94 -96.62
CA HIS K 239 18.97 -15.90 -96.71
C HIS K 239 18.38 -17.30 -96.76
N VAL K 240 19.20 -18.26 -97.19
CA VAL K 240 18.69 -19.60 -97.49
C VAL K 240 18.32 -20.33 -96.20
N ARG K 241 17.21 -21.07 -96.25
CA ARG K 241 16.77 -21.87 -95.12
C ARG K 241 17.06 -23.34 -95.38
N HIS K 242 18.05 -23.87 -94.66
CA HIS K 242 18.61 -25.20 -94.97
C HIS K 242 17.71 -26.32 -94.42
N ASP K 243 16.73 -25.95 -93.60
CA ASP K 243 15.92 -26.93 -92.90
C ASP K 243 14.44 -26.73 -93.22
N ALA K 244 14.17 -26.09 -94.35
CA ALA K 244 12.81 -25.68 -94.70
C ALA K 244 11.94 -26.90 -94.98
N THR K 245 10.68 -26.84 -94.58
CA THR K 245 9.71 -27.87 -94.90
C THR K 245 8.49 -27.26 -95.57
N ILE K 246 7.66 -28.09 -96.19
CA ILE K 246 6.51 -27.61 -96.93
C ILE K 246 5.47 -26.99 -96.00
N ASP K 247 5.43 -27.44 -94.75
CA ASP K 247 4.46 -26.93 -93.79
C ASP K 247 4.89 -25.56 -93.24
N ASP K 248 6.18 -25.25 -93.39
CA ASP K 248 6.66 -23.89 -93.19
C ASP K 248 5.99 -22.93 -94.17
N MET K 249 5.86 -23.35 -95.42
CA MET K 249 5.22 -22.53 -96.45
C MET K 249 3.73 -22.44 -96.18
N THR K 250 3.08 -23.58 -95.98
CA THR K 250 1.63 -23.66 -96.10
C THR K 250 0.92 -23.05 -94.90
N LYS K 251 1.65 -22.85 -93.81
CA LYS K 251 1.09 -22.23 -92.62
C LYS K 251 1.06 -20.71 -92.73
N LEU K 252 1.80 -20.16 -93.70
CA LEU K 252 1.91 -18.72 -93.85
C LEU K 252 0.63 -18.15 -94.45
N ARG K 253 0.36 -16.88 -94.13
CA ARG K 253 -0.82 -16.19 -94.65
C ARG K 253 -0.41 -15.22 -95.76
N PRO K 254 -1.30 -15.03 -96.74
CA PRO K 254 -1.08 -14.03 -97.78
C PRO K 254 -0.87 -12.64 -97.20
N VAL K 255 0.08 -11.89 -97.78
CA VAL K 255 0.58 -10.67 -97.16
C VAL K 255 0.17 -9.44 -97.98
N PHE K 256 -0.14 -9.64 -99.27
CA PHE K 256 -0.24 -8.51 -100.20
C PHE K 256 -1.67 -8.14 -100.56
N VAL K 257 -2.61 -9.07 -100.34
CA VAL K 257 -4.02 -8.82 -100.64
C VAL K 257 -4.90 -9.41 -99.54
N LYS K 258 -6.08 -8.84 -99.36
CA LYS K 258 -7.16 -9.50 -98.63
C LYS K 258 -8.06 -10.25 -99.60
N GLU K 259 -8.31 -11.51 -99.29
CA GLU K 259 -9.22 -12.34 -100.07
C GLU K 259 -8.52 -13.00 -101.27
N ASN K 260 -8.53 -14.33 -101.28
CA ASN K 260 -8.08 -15.08 -102.44
C ASN K 260 -6.61 -14.87 -102.77
N GLY K 261 -5.82 -14.55 -101.74
CA GLY K 261 -4.40 -14.29 -101.91
C GLY K 261 -3.61 -15.58 -101.86
N THR K 262 -2.47 -15.58 -102.54
CA THR K 262 -1.64 -16.78 -102.66
C THR K 262 -0.18 -16.44 -102.34
N VAL K 263 0.16 -15.16 -102.40
CA VAL K 263 1.55 -14.73 -102.26
C VAL K 263 1.86 -14.42 -100.80
N THR K 264 2.83 -15.14 -100.24
CA THR K 264 3.22 -14.98 -98.85
C THR K 264 4.66 -14.50 -98.74
N ALA K 265 5.11 -14.24 -97.52
CA ALA K 265 6.51 -13.95 -97.27
C ALA K 265 7.41 -15.14 -97.62
N GLY K 266 6.84 -16.34 -97.60
CA GLY K 266 7.62 -17.55 -97.80
C GLY K 266 7.87 -17.86 -99.26
N ASN K 267 6.91 -17.50 -100.12
CA ASN K 267 7.06 -17.72 -101.56
C ASN K 267 7.24 -16.43 -102.34
N ALA K 268 7.67 -15.37 -101.65
CA ALA K 268 8.16 -14.16 -102.31
C ALA K 268 9.65 -13.99 -102.03
N SER K 269 10.33 -13.22 -102.89
CA SER K 269 11.75 -12.99 -102.74
C SER K 269 12.02 -12.19 -101.48
N GLY K 270 13.24 -12.25 -100.97
CA GLY K 270 13.62 -11.53 -99.76
C GLY K 270 14.01 -10.09 -100.06
N LEU K 271 14.28 -9.33 -99.00
CA LEU K 271 14.97 -8.05 -99.10
C LEU K 271 16.42 -8.22 -98.66
N ASN K 272 17.34 -7.68 -99.44
CA ASN K 272 18.70 -8.20 -99.48
C ASN K 272 19.74 -7.16 -99.87
N ASP K 273 21.00 -7.43 -99.49
CA ASP K 273 22.14 -6.60 -99.84
C ASP K 273 23.15 -7.44 -100.61
N ALA K 274 23.75 -6.85 -101.64
CA ALA K 274 24.80 -7.54 -102.41
C ALA K 274 25.41 -6.65 -103.47
N ALA K 275 26.56 -7.07 -104.01
CA ALA K 275 27.05 -6.55 -105.27
C ALA K 275 27.69 -7.64 -106.13
N ALA K 276 27.91 -7.31 -107.40
CA ALA K 276 28.55 -8.22 -108.34
C ALA K 276 29.12 -7.43 -109.49
N ALA K 277 30.06 -8.02 -110.20
CA ALA K 277 30.66 -7.35 -111.35
C ALA K 277 31.25 -8.38 -112.32
N VAL K 278 31.19 -8.07 -113.60
CA VAL K 278 31.91 -8.84 -114.60
C VAL K 278 32.85 -7.94 -115.41
N VAL K 279 33.99 -8.50 -115.79
CA VAL K 279 34.89 -7.82 -116.70
C VAL K 279 34.65 -8.38 -118.10
N MET K 280 34.35 -7.49 -119.04
CA MET K 280 34.18 -7.89 -120.43
C MET K 280 35.27 -7.25 -121.29
N MET K 281 35.54 -7.85 -122.44
CA MET K 281 36.35 -7.21 -123.45
C MET K 281 36.06 -7.75 -124.84
N GLU K 282 36.50 -7.03 -125.87
CA GLU K 282 36.33 -7.46 -127.25
C GLU K 282 37.06 -8.80 -127.44
N ARG K 283 36.41 -9.68 -128.18
CA ARG K 283 36.92 -11.04 -128.39
C ARG K 283 38.43 -11.04 -128.69
N ALA K 284 38.87 -10.15 -129.58
CA ALA K 284 40.24 -10.16 -130.06
C ALA K 284 41.20 -9.60 -129.01
N GLU K 285 40.66 -8.82 -128.07
CA GLU K 285 41.45 -8.37 -126.91
C GLU K 285 41.79 -9.53 -126.00
N ALA K 286 40.80 -10.36 -125.73
CA ALA K 286 40.98 -11.50 -124.84
C ALA K 286 41.99 -12.48 -125.44
N GLU K 287 41.86 -12.75 -126.74
CA GLU K 287 42.83 -13.57 -127.46
C GLU K 287 44.24 -12.99 -127.33
N ARG K 288 44.39 -11.72 -127.68
CA ARG K 288 45.64 -11.00 -127.50
C ARG K 288 46.25 -11.25 -126.12
N ARG K 289 45.42 -11.18 -125.08
CA ARG K 289 45.89 -11.29 -123.71
C ARG K 289 46.06 -12.75 -123.30
N GLY K 290 45.64 -13.66 -124.18
CA GLY K 290 45.64 -15.08 -123.86
C GLY K 290 44.71 -15.46 -122.71
N LEU K 291 43.57 -14.76 -122.61
CA LEU K 291 42.56 -15.06 -121.59
C LEU K 291 41.51 -15.99 -122.16
N LYS K 292 41.20 -17.06 -121.44
CA LYS K 292 40.05 -17.88 -121.75
C LYS K 292 38.78 -17.28 -121.15
N PRO K 293 37.85 -16.84 -122.01
CA PRO K 293 36.59 -16.26 -121.54
C PRO K 293 35.72 -17.28 -120.82
N LEU K 294 34.85 -16.81 -119.94
CA LEU K 294 33.78 -17.65 -119.41
C LEU K 294 32.73 -17.91 -120.49
N ALA K 295 32.45 -16.89 -121.29
CA ALA K 295 31.41 -16.98 -122.31
C ALA K 295 31.44 -15.76 -123.20
N ARG K 296 30.74 -15.83 -124.33
CA ARG K 296 30.49 -14.65 -125.14
C ARG K 296 29.04 -14.24 -125.05
N LEU K 297 28.79 -12.95 -125.19
CA LEU K 297 27.44 -12.43 -125.32
C LEU K 297 26.90 -12.71 -126.71
N VAL K 298 25.76 -13.39 -126.78
CA VAL K 298 25.14 -13.74 -128.05
C VAL K 298 24.09 -12.70 -128.44
N SER K 299 23.17 -12.44 -127.54
CA SER K 299 22.10 -11.48 -127.81
C SER K 299 21.51 -10.96 -126.51
N TYR K 300 20.72 -9.89 -126.62
CA TYR K 300 19.90 -9.45 -125.51
C TYR K 300 18.56 -8.96 -126.02
N GLY K 301 17.59 -8.81 -125.11
CA GLY K 301 16.26 -8.33 -125.45
C GLY K 301 15.59 -7.58 -124.32
N HIS K 302 14.85 -6.53 -124.68
CA HIS K 302 14.09 -5.74 -123.71
C HIS K 302 12.63 -5.73 -124.12
N ALA K 303 11.73 -5.76 -123.15
CA ALA K 303 10.30 -5.65 -123.42
C ALA K 303 9.62 -4.78 -122.38
N GLY K 304 8.54 -4.11 -122.79
CA GLY K 304 7.59 -3.52 -121.86
C GLY K 304 6.30 -4.31 -121.81
N VAL K 305 5.72 -4.39 -120.61
CA VAL K 305 4.43 -5.06 -120.43
C VAL K 305 3.53 -4.23 -119.51
N ASP K 306 2.29 -4.68 -119.33
CA ASP K 306 1.38 -4.05 -118.38
C ASP K 306 2.04 -3.97 -117.01
N PRO K 307 2.04 -2.76 -116.42
CA PRO K 307 2.59 -2.59 -115.07
C PRO K 307 1.96 -3.54 -114.05
N LYS K 308 0.69 -3.84 -114.24
CA LYS K 308 -0.05 -4.68 -113.29
C LYS K 308 0.37 -6.15 -113.39
N ALA K 309 1.00 -6.51 -114.50
CA ALA K 309 1.46 -7.88 -114.73
C ALA K 309 2.97 -7.92 -114.96
N MET K 310 3.71 -7.11 -114.25
CA MET K 310 5.09 -6.94 -114.57
C MET K 310 5.88 -8.24 -114.51
N GLY K 311 5.37 -9.19 -113.75
CA GLY K 311 6.11 -10.41 -113.46
C GLY K 311 6.36 -11.30 -114.66
N ILE K 312 5.60 -11.09 -115.75
CA ILE K 312 5.81 -11.88 -116.97
C ILE K 312 6.65 -11.15 -118.01
N GLY K 313 7.26 -10.04 -117.60
CA GLY K 313 8.17 -9.29 -118.48
C GLY K 313 9.22 -10.16 -119.18
N PRO K 314 9.72 -11.18 -118.47
CA PRO K 314 10.75 -12.06 -119.06
C PRO K 314 10.30 -12.79 -120.31
N VAL K 315 8.99 -12.98 -120.46
CA VAL K 315 8.49 -13.81 -121.56
C VAL K 315 8.74 -13.16 -122.92
N PRO K 316 8.30 -11.91 -123.11
CA PRO K 316 8.59 -11.23 -124.37
C PRO K 316 10.08 -10.88 -124.54
N ALA K 317 10.74 -10.50 -123.45
CA ALA K 317 12.17 -10.17 -123.52
C ALA K 317 12.97 -11.37 -123.98
N THR K 318 12.63 -12.54 -123.45
CA THR K 318 13.40 -13.76 -123.73
C THR K 318 13.15 -14.21 -125.16
N LYS K 319 11.92 -14.04 -125.62
CA LYS K 319 11.58 -14.33 -127.02
C LYS K 319 12.37 -13.45 -127.99
N ILE K 320 12.52 -12.17 -127.66
CA ILE K 320 13.30 -11.26 -128.47
C ILE K 320 14.76 -11.70 -128.52
N ALA K 321 15.33 -12.03 -127.37
CA ALA K 321 16.71 -12.47 -127.30
C ALA K 321 16.93 -13.76 -128.09
N LEU K 322 15.99 -14.70 -127.96
CA LEU K 322 16.09 -15.98 -128.68
C LEU K 322 16.04 -15.75 -130.19
N GLU K 323 15.09 -14.92 -130.62
CA GLU K 323 14.95 -14.56 -132.03
C GLU K 323 16.24 -13.97 -132.57
N ARG K 324 16.79 -13.00 -131.85
CA ARG K 324 17.98 -12.30 -132.29
C ARG K 324 19.18 -13.23 -132.33
N ALA K 325 19.15 -14.27 -131.52
CA ALA K 325 20.26 -15.23 -131.45
C ALA K 325 20.07 -16.36 -132.47
N GLY K 326 18.89 -16.43 -133.07
CA GLY K 326 18.51 -17.58 -133.87
C GLY K 326 18.44 -18.86 -133.08
N LEU K 327 17.94 -18.78 -131.85
CA LEU K 327 17.88 -19.94 -130.98
C LEU K 327 16.44 -20.25 -130.58
N GLN K 328 16.22 -21.43 -130.02
CA GLN K 328 14.96 -21.73 -129.34
C GLN K 328 15.17 -22.21 -127.90
N VAL K 329 14.06 -22.40 -127.17
CA VAL K 329 14.13 -22.74 -125.75
C VAL K 329 14.95 -24.00 -125.50
N SER K 330 14.86 -24.98 -126.40
CA SER K 330 15.50 -26.26 -126.18
C SER K 330 17.02 -26.13 -126.24
N ASP K 331 17.50 -25.04 -126.83
CA ASP K 331 18.95 -24.82 -126.97
C ASP K 331 19.58 -24.45 -125.62
N LEU K 332 18.75 -24.05 -124.65
CA LEU K 332 19.27 -23.46 -123.41
C LEU K 332 19.61 -24.54 -122.40
N ASP K 333 20.83 -24.50 -121.89
CA ASP K 333 21.29 -25.50 -120.94
C ASP K 333 21.13 -25.00 -119.51
N VAL K 334 21.32 -23.71 -119.31
CA VAL K 334 21.17 -23.12 -117.98
C VAL K 334 20.35 -21.84 -118.07
N ILE K 335 19.41 -21.68 -117.15
CA ILE K 335 18.54 -20.51 -117.14
C ILE K 335 18.49 -19.90 -115.74
N GLU K 336 18.95 -18.66 -115.64
CA GLU K 336 18.74 -17.85 -114.45
C GLU K 336 17.60 -16.86 -114.72
N ALA K 337 16.43 -17.17 -114.16
CA ALA K 337 15.24 -16.34 -114.32
C ALA K 337 14.77 -15.90 -112.94
N ASN K 338 15.09 -14.67 -112.57
CA ASN K 338 14.99 -14.28 -111.17
C ASN K 338 13.61 -14.63 -110.59
N GLU K 339 13.62 -15.29 -109.44
CA GLU K 339 12.40 -15.50 -108.65
C GLU K 339 12.08 -14.27 -107.81
N ALA K 340 11.36 -13.32 -108.39
CA ALA K 340 10.87 -12.20 -107.62
C ALA K 340 9.71 -12.69 -106.74
N PHE K 341 8.82 -13.45 -107.35
CA PHE K 341 7.81 -14.23 -106.63
C PHE K 341 7.61 -15.56 -107.33
N ALA K 342 7.37 -16.62 -106.57
CA ALA K 342 7.08 -17.92 -107.15
C ALA K 342 5.92 -17.82 -108.11
N ALA K 343 5.01 -16.89 -107.83
CA ALA K 343 3.82 -16.69 -108.65
C ALA K 343 4.19 -16.36 -110.09
N GLN K 344 5.08 -15.38 -110.27
CA GLN K 344 5.47 -14.97 -111.62
C GLN K 344 6.56 -15.87 -112.20
N ALA K 345 7.39 -16.44 -111.34
CA ALA K 345 8.47 -17.32 -111.79
C ALA K 345 7.89 -18.59 -112.40
N CYS K 346 6.86 -19.14 -111.75
CA CYS K 346 6.16 -20.29 -112.30
C CYS K 346 5.46 -19.94 -113.60
N ALA K 347 4.92 -18.72 -113.68
CA ALA K 347 4.19 -18.29 -114.86
C ALA K 347 5.14 -18.16 -116.04
N VAL K 348 6.33 -17.64 -115.77
CA VAL K 348 7.33 -17.42 -116.81
C VAL K 348 7.76 -18.74 -117.44
N THR K 349 8.06 -19.74 -116.61
CA THR K 349 8.55 -21.02 -117.09
C THR K 349 7.45 -21.77 -117.84
N LYS K 350 6.22 -21.65 -117.35
CA LYS K 350 5.08 -22.24 -118.03
C LYS K 350 4.86 -21.60 -119.41
N ALA K 351 4.90 -20.27 -119.47
CA ALA K 351 4.53 -19.54 -120.68
C ALA K 351 5.60 -19.73 -121.76
N LEU K 352 6.84 -19.85 -121.35
CA LEU K 352 7.95 -20.07 -122.28
C LEU K 352 8.15 -21.55 -122.57
N GLY K 353 7.51 -22.40 -121.76
CA GLY K 353 7.69 -23.85 -121.88
C GLY K 353 9.08 -24.29 -121.49
N LEU K 354 9.61 -23.70 -120.43
CA LEU K 354 10.92 -24.05 -119.91
C LEU K 354 10.83 -25.30 -119.07
N ASP K 355 11.93 -26.05 -119.00
CA ASP K 355 12.01 -27.23 -118.16
C ASP K 355 12.53 -26.87 -116.77
N PRO K 356 11.67 -27.08 -115.74
CA PRO K 356 11.92 -26.50 -114.42
C PRO K 356 13.23 -26.99 -113.83
N ALA K 357 13.76 -28.08 -114.35
CA ALA K 357 14.99 -28.65 -113.84
C ALA K 357 16.18 -27.78 -114.26
N LYS K 358 16.01 -27.02 -115.34
CA LYS K 358 17.10 -26.21 -115.89
C LYS K 358 16.99 -24.76 -115.43
N VAL K 359 15.84 -24.40 -114.89
CA VAL K 359 15.58 -23.03 -114.46
C VAL K 359 15.95 -22.85 -112.98
N ASN K 360 16.87 -21.92 -112.72
CA ASN K 360 17.33 -21.68 -111.34
C ASN K 360 17.69 -22.97 -110.63
N PRO K 361 18.64 -23.73 -111.22
CA PRO K 361 19.02 -25.04 -110.69
C PRO K 361 19.65 -24.97 -109.29
N ASN K 362 20.18 -23.79 -108.94
CA ASN K 362 20.80 -23.61 -107.63
C ASN K 362 20.10 -22.56 -106.77
N GLY K 363 18.80 -22.39 -106.99
CA GLY K 363 18.03 -21.41 -106.23
C GLY K 363 18.00 -20.05 -106.90
N SER K 364 17.23 -19.13 -106.31
CA SER K 364 17.14 -17.77 -106.84
C SER K 364 16.58 -16.82 -105.77
N GLY K 365 15.80 -15.83 -106.20
CA GLY K 365 15.46 -14.71 -105.35
C GLY K 365 14.71 -15.09 -104.07
N ILE K 366 13.94 -16.17 -104.12
CA ILE K 366 13.17 -16.61 -102.97
C ILE K 366 14.09 -17.15 -101.87
N SER K 367 15.12 -17.88 -102.29
CA SER K 367 16.01 -18.57 -101.36
C SER K 367 17.28 -17.77 -101.11
N LEU K 368 17.92 -17.32 -102.19
CA LEU K 368 19.20 -16.64 -102.08
C LEU K 368 19.01 -15.14 -101.81
N GLY K 369 17.91 -14.59 -102.31
CA GLY K 369 17.56 -13.20 -102.04
C GLY K 369 17.49 -12.36 -103.31
N HIS K 370 16.97 -11.16 -103.18
CA HIS K 370 16.74 -10.28 -104.32
C HIS K 370 17.19 -8.86 -104.01
N PRO K 371 18.50 -8.62 -104.08
CA PRO K 371 19.08 -7.28 -103.88
C PRO K 371 18.97 -6.41 -105.13
N ILE K 372 17.93 -5.60 -105.18
CA ILE K 372 17.26 -5.24 -106.43
C ILE K 372 18.27 -4.95 -107.54
N GLY K 373 19.06 -3.89 -107.37
CA GLY K 373 19.88 -3.34 -108.46
C GLY K 373 21.10 -4.20 -108.78
N ALA K 374 21.48 -5.05 -107.83
CA ALA K 374 22.59 -5.97 -108.03
C ALA K 374 22.15 -7.28 -108.69
N THR K 375 20.87 -7.62 -108.54
CA THR K 375 20.41 -8.98 -108.82
C THR K 375 20.76 -9.42 -110.24
N GLY K 376 20.55 -8.54 -111.21
CA GLY K 376 20.76 -8.90 -112.62
C GLY K 376 22.22 -9.17 -112.94
N ALA K 377 23.11 -8.52 -112.21
CA ALA K 377 24.53 -8.78 -112.37
C ALA K 377 24.91 -10.09 -111.69
N LEU K 378 24.33 -10.35 -110.53
CA LEU K 378 24.78 -11.45 -109.70
C LEU K 378 24.23 -12.78 -110.19
N ILE K 379 23.08 -12.75 -110.88
CA ILE K 379 22.56 -13.97 -111.48
C ILE K 379 23.16 -14.22 -112.86
N THR K 380 23.75 -13.19 -113.46
CA THR K 380 24.62 -13.40 -114.61
C THR K 380 25.90 -14.13 -114.18
N VAL K 381 26.47 -13.70 -113.06
CA VAL K 381 27.63 -14.36 -112.48
C VAL K 381 27.34 -15.82 -112.16
N LYS K 382 26.20 -16.08 -111.53
CA LYS K 382 25.76 -17.45 -111.27
C LYS K 382 25.62 -18.26 -112.56
N ALA K 383 24.97 -17.68 -113.56
CA ALA K 383 24.66 -18.39 -114.79
C ALA K 383 25.92 -18.84 -115.51
N LEU K 384 26.94 -17.99 -115.53
CA LEU K 384 28.14 -18.24 -116.32
C LEU K 384 29.03 -19.27 -115.63
N HIS K 385 29.04 -19.24 -114.31
CA HIS K 385 29.82 -20.21 -113.55
C HIS K 385 29.15 -21.57 -113.61
N GLU K 386 27.82 -21.57 -113.59
CA GLU K 386 27.06 -22.81 -113.69
C GLU K 386 27.17 -23.40 -115.08
N LEU K 387 27.17 -22.53 -116.09
CA LEU K 387 27.35 -22.95 -117.47
C LEU K 387 28.69 -23.68 -117.65
N ASN K 388 29.74 -23.13 -117.05
CA ASN K 388 31.06 -23.75 -117.10
C ASN K 388 31.10 -25.05 -116.30
N ARG K 389 30.41 -25.08 -115.17
CA ARG K 389 30.44 -26.24 -114.30
C ARG K 389 29.86 -27.47 -115.00
N VAL K 390 28.77 -27.27 -115.73
CA VAL K 390 28.09 -28.38 -116.39
C VAL K 390 28.52 -28.52 -117.84
N GLN K 391 29.47 -27.68 -118.25
CA GLN K 391 29.99 -27.72 -119.63
C GLN K 391 28.87 -27.58 -120.66
N GLY K 392 27.91 -26.71 -120.35
CA GLY K 392 26.81 -26.44 -121.28
C GLY K 392 27.24 -25.47 -122.36
N ARG K 393 26.33 -25.17 -123.28
CA ARG K 393 26.62 -24.25 -124.38
C ARG K 393 25.99 -22.88 -124.15
N TYR K 394 24.68 -22.85 -123.91
CA TYR K 394 23.94 -21.59 -123.90
C TYR K 394 23.33 -21.30 -122.52
N ALA K 395 23.46 -20.05 -122.08
CA ALA K 395 22.82 -19.60 -120.85
C ALA K 395 21.87 -18.45 -121.14
N LEU K 396 20.70 -18.50 -120.51
CA LEU K 396 19.78 -17.37 -120.49
C LEU K 396 19.74 -16.73 -119.11
N VAL K 397 19.85 -15.40 -119.11
CA VAL K 397 19.62 -14.63 -117.89
C VAL K 397 18.48 -13.66 -118.15
N THR K 398 17.47 -13.69 -117.28
CA THR K 398 16.31 -12.85 -117.49
C THR K 398 15.59 -12.57 -116.18
N MET K 399 14.94 -11.42 -116.11
CA MET K 399 14.21 -11.06 -114.91
C MET K 399 13.12 -10.04 -115.22
N CYS K 400 12.07 -10.05 -114.39
CA CYS K 400 11.00 -9.08 -114.50
C CYS K 400 11.44 -7.77 -113.84
N ILE K 401 10.76 -6.68 -114.21
CA ILE K 401 11.16 -5.36 -113.80
C ILE K 401 9.94 -4.55 -113.37
N GLY K 402 10.03 -3.93 -112.20
CA GLY K 402 8.94 -3.13 -111.66
C GLY K 402 8.54 -2.02 -112.61
N GLY K 403 7.24 -1.82 -112.75
CA GLY K 403 6.70 -0.82 -113.66
C GLY K 403 6.30 -1.43 -114.99
N GLY K 404 6.58 -2.72 -115.13
CA GLY K 404 6.19 -3.46 -116.32
C GLY K 404 7.27 -3.51 -117.40
N GLN K 405 8.35 -4.24 -117.11
CA GLN K 405 9.36 -4.52 -118.13
C GLN K 405 9.98 -5.90 -117.94
N GLY K 406 10.67 -6.35 -118.98
CA GLY K 406 11.58 -7.48 -118.86
C GLY K 406 12.90 -7.23 -119.56
N ILE K 407 13.92 -7.94 -119.11
CA ILE K 407 15.21 -7.91 -119.77
C ILE K 407 15.82 -9.30 -119.78
N ALA K 408 16.47 -9.64 -120.89
CA ALA K 408 17.02 -10.97 -121.08
C ALA K 408 18.32 -10.85 -121.88
N ALA K 409 19.27 -11.73 -121.57
CA ALA K 409 20.49 -11.84 -122.36
C ALA K 409 20.89 -13.30 -122.49
N ILE K 410 21.51 -13.63 -123.62
CA ILE K 410 21.95 -15.00 -123.85
C ILE K 410 23.46 -15.05 -124.05
N PHE K 411 24.09 -16.03 -123.42
CA PHE K 411 25.53 -16.18 -123.44
C PHE K 411 25.88 -17.56 -123.99
N GLU K 412 27.05 -17.66 -124.62
CA GLU K 412 27.53 -18.93 -125.13
C GLU K 412 28.92 -19.20 -124.60
N ARG K 413 29.16 -20.40 -124.11
CA ARG K 413 30.52 -20.71 -123.67
C ARG K 413 31.29 -21.56 -124.67
N ILE K 414 32.60 -21.43 -124.62
CA ILE K 414 33.46 -22.00 -125.65
C ILE K 414 33.51 -23.52 -125.50
N THR L 22 26.42 0.63 -140.67
CA THR L 22 26.38 2.07 -141.01
C THR L 22 24.92 2.51 -140.92
N ARG L 23 24.23 2.01 -139.91
CA ARG L 23 22.97 2.62 -139.52
C ARG L 23 23.34 3.98 -138.96
N GLU L 24 22.43 4.94 -139.14
CA GLU L 24 22.69 6.32 -138.77
C GLU L 24 21.54 6.82 -137.91
N VAL L 25 21.87 7.61 -136.88
CA VAL L 25 20.85 8.17 -136.01
C VAL L 25 20.56 9.62 -136.35
N VAL L 26 19.28 9.94 -136.51
CA VAL L 26 18.87 11.29 -136.83
C VAL L 26 17.88 11.80 -135.79
N VAL L 27 18.03 13.08 -135.43
CA VAL L 27 17.13 13.74 -134.48
C VAL L 27 16.01 14.45 -135.22
N VAL L 28 14.77 14.11 -134.90
CA VAL L 28 13.62 14.54 -135.68
C VAL L 28 12.84 15.63 -134.94
N SER L 29 13.00 15.70 -133.62
CA SER L 29 12.45 16.82 -132.85
C SER L 29 13.20 16.99 -131.54
N GLY L 30 13.12 18.20 -131.00
CA GLY L 30 13.76 18.51 -129.74
C GLY L 30 13.03 19.63 -129.03
N VAL L 31 12.67 19.39 -127.77
CA VAL L 31 11.94 20.37 -127.02
C VAL L 31 12.39 20.38 -125.56
N ARG L 32 12.24 21.53 -124.92
CA ARG L 32 12.56 21.67 -123.50
C ARG L 32 11.50 22.49 -122.81
N THR L 33 11.45 22.39 -121.49
CA THR L 33 10.80 23.40 -120.68
C THR L 33 11.68 24.64 -120.64
N ALA L 34 11.08 25.78 -120.32
CA ALA L 34 11.83 26.88 -119.72
C ALA L 34 12.49 26.42 -118.44
N ILE L 35 13.62 27.03 -118.12
CA ILE L 35 14.40 26.64 -116.95
C ILE L 35 13.97 27.46 -115.73
N GLY L 36 13.35 26.79 -114.78
CA GLY L 36 12.95 27.43 -113.53
C GLY L 36 14.11 27.62 -112.57
N THR L 37 13.99 28.65 -111.73
CA THR L 37 14.97 28.87 -110.67
C THR L 37 14.59 28.08 -109.40
N PHE L 38 15.61 27.72 -108.64
CA PHE L 38 15.45 27.03 -107.37
C PHE L 38 14.46 27.76 -106.47
N GLY L 39 13.38 27.07 -106.11
CA GLY L 39 12.31 27.67 -105.32
C GLY L 39 11.39 28.54 -106.15
N GLY L 40 11.47 28.40 -107.47
CA GLY L 40 10.81 29.31 -108.38
C GLY L 40 9.60 28.69 -109.04
N SER L 41 9.45 28.94 -110.34
CA SER L 41 8.16 28.75 -111.01
C SER L 41 7.78 27.29 -111.16
N LEU L 42 8.77 26.40 -111.07
CA LEU L 42 8.55 24.98 -111.25
C LEU L 42 8.66 24.22 -109.93
N LYS L 43 8.60 24.96 -108.82
CA LYS L 43 8.87 24.40 -107.49
C LYS L 43 7.83 23.31 -107.14
N ASP L 44 6.66 23.37 -107.80
CA ASP L 44 5.57 22.46 -107.47
C ASP L 44 5.30 21.42 -108.56
N VAL L 45 6.23 21.29 -109.51
CA VAL L 45 6.09 20.30 -110.57
C VAL L 45 7.18 19.25 -110.49
N ALA L 46 6.77 18.00 -110.32
CA ALA L 46 7.71 16.91 -110.10
C ALA L 46 8.42 16.53 -111.39
N PRO L 47 9.62 15.96 -111.29
CA PRO L 47 10.40 15.52 -112.45
C PRO L 47 9.59 14.63 -113.39
N ALA L 48 8.79 13.73 -112.83
CA ALA L 48 7.96 12.83 -113.61
C ALA L 48 7.02 13.59 -114.55
N GLU L 49 6.45 14.68 -114.04
CA GLU L 49 5.50 15.47 -114.83
C GLU L 49 6.24 16.36 -115.83
N LEU L 50 7.38 16.90 -115.43
CA LEU L 50 8.22 17.65 -116.36
C LEU L 50 8.65 16.75 -117.53
N GLY L 51 8.97 15.49 -117.22
CA GLY L 51 9.46 14.56 -118.22
C GLY L 51 8.37 14.10 -119.16
N ALA L 52 7.19 13.83 -118.61
CA ALA L 52 6.05 13.45 -119.43
C ALA L 52 5.68 14.57 -120.40
N LEU L 53 5.75 15.81 -119.93
CA LEU L 53 5.38 16.96 -120.75
C LEU L 53 6.27 17.08 -121.99
N VAL L 54 7.59 16.98 -121.81
CA VAL L 54 8.51 17.12 -122.92
C VAL L 54 8.49 15.91 -123.85
N VAL L 55 8.17 14.75 -123.30
CA VAL L 55 8.01 13.56 -124.11
C VAL L 55 6.81 13.69 -125.04
N ARG L 56 5.66 14.05 -124.47
CA ARG L 56 4.45 14.25 -125.25
C ARG L 56 4.67 15.27 -126.36
N GLU L 57 5.26 16.41 -126.01
CA GLU L 57 5.35 17.53 -126.93
C GLU L 57 6.41 17.26 -128.00
N ALA L 58 7.46 16.53 -127.62
CA ALA L 58 8.50 16.15 -128.59
C ALA L 58 7.93 15.20 -129.64
N LEU L 59 7.08 14.28 -129.20
CA LEU L 59 6.45 13.32 -130.10
C LEU L 59 5.50 14.02 -131.06
N ALA L 60 4.72 14.95 -130.52
CA ALA L 60 3.80 15.75 -131.33
C ALA L 60 4.57 16.54 -132.39
N ARG L 61 5.63 17.22 -131.96
CA ARG L 61 6.46 18.01 -132.87
C ARG L 61 7.07 17.15 -133.97
N ALA L 62 7.40 15.90 -133.64
CA ALA L 62 8.02 14.99 -134.59
C ALA L 62 6.97 14.36 -135.51
N GLN L 63 5.70 14.56 -135.17
CA GLN L 63 4.61 13.83 -135.80
C GLN L 63 4.86 12.32 -135.71
N VAL L 64 5.20 11.86 -134.51
CA VAL L 64 5.39 10.44 -134.27
C VAL L 64 4.47 9.95 -133.16
N SER L 65 3.82 8.82 -133.40
CA SER L 65 2.96 8.21 -132.39
C SER L 65 3.80 7.57 -131.28
N GLY L 66 3.33 7.73 -130.05
CA GLY L 66 3.94 7.05 -128.90
C GLY L 66 3.92 5.55 -129.04
N ASP L 67 3.02 5.04 -129.89
CA ASP L 67 2.96 3.61 -130.16
C ASP L 67 4.16 3.09 -130.94
N ASP L 68 4.89 4.00 -131.59
CA ASP L 68 5.97 3.62 -132.47
C ASP L 68 7.35 3.78 -131.83
N VAL L 69 7.39 4.27 -130.59
CA VAL L 69 8.65 4.42 -129.86
C VAL L 69 9.14 3.09 -129.32
N GLY L 70 10.40 2.77 -129.56
CA GLY L 70 10.95 1.46 -129.22
C GLY L 70 11.81 1.48 -127.96
N HIS L 71 12.27 2.68 -127.59
CA HIS L 71 13.08 2.83 -126.38
C HIS L 71 13.07 4.24 -125.84
N VAL L 72 13.04 4.35 -124.52
CA VAL L 72 13.15 5.64 -123.86
C VAL L 72 14.25 5.58 -122.80
N VAL L 73 15.12 6.59 -122.82
CA VAL L 73 16.12 6.78 -121.78
C VAL L 73 16.05 8.18 -121.23
N PHE L 74 16.04 8.30 -119.92
CA PHE L 74 16.02 9.61 -119.27
C PHE L 74 17.17 9.76 -118.29
N GLY L 75 17.77 10.95 -118.29
CA GLY L 75 18.76 11.32 -117.31
C GLY L 75 18.16 11.95 -116.08
N ASN L 76 18.69 11.60 -114.92
CA ASN L 76 18.31 12.22 -113.66
C ASN L 76 19.31 11.88 -112.57
N VAL L 77 19.62 12.84 -111.71
CA VAL L 77 20.61 12.64 -110.66
C VAL L 77 19.97 12.55 -109.26
N ILE L 78 19.03 13.45 -108.97
CA ILE L 78 18.42 13.51 -107.64
C ILE L 78 17.04 12.87 -107.62
N GLN L 79 16.91 11.76 -106.91
CA GLN L 79 15.60 11.16 -106.64
C GLN L 79 14.83 11.98 -105.60
N THR L 80 13.72 12.58 -106.04
CA THR L 80 12.92 13.46 -105.18
C THR L 80 11.79 12.68 -104.52
N GLU L 81 11.35 11.62 -105.18
CA GLU L 81 10.29 10.76 -104.65
C GLU L 81 10.47 9.37 -105.22
N PRO L 82 9.69 8.39 -104.73
CA PRO L 82 9.79 7.01 -105.19
C PRO L 82 9.60 6.83 -106.69
N ARG L 83 8.76 7.67 -107.30
CA ARG L 83 8.48 7.57 -108.73
C ARG L 83 9.73 7.91 -109.56
N ASP L 84 10.64 8.66 -108.97
CA ASP L 84 11.87 9.03 -109.66
C ASP L 84 12.80 7.85 -109.88
N MET L 85 12.55 6.75 -109.18
CA MET L 85 13.30 5.51 -109.41
C MET L 85 12.79 4.84 -110.69
N TYR L 86 11.67 5.35 -111.20
CA TYR L 86 11.03 4.83 -112.38
C TYR L 86 10.96 5.88 -113.49
N LEU L 87 11.77 6.93 -113.36
CA LEU L 87 11.50 8.19 -114.06
C LEU L 87 11.32 7.97 -115.56
N GLY L 88 12.27 7.27 -116.17
CA GLY L 88 12.21 7.01 -117.61
C GLY L 88 10.89 6.38 -117.99
N ARG L 89 10.46 5.40 -117.21
CA ARG L 89 9.23 4.67 -117.48
C ARG L 89 8.00 5.56 -117.26
N VAL L 90 8.02 6.37 -116.21
CA VAL L 90 6.91 7.25 -115.92
C VAL L 90 6.76 8.36 -116.95
N ALA L 91 7.89 8.99 -117.31
CA ALA L 91 7.90 10.07 -118.29
C ALA L 91 7.49 9.55 -119.66
N ALA L 92 7.91 8.32 -119.96
CA ALA L 92 7.49 7.67 -121.20
C ALA L 92 5.99 7.46 -121.24
N VAL L 93 5.50 6.63 -120.33
CA VAL L 93 4.12 6.16 -120.36
C VAL L 93 3.12 7.31 -120.17
N ASN L 94 3.41 8.22 -119.25
CA ASN L 94 2.54 9.37 -119.01
C ASN L 94 2.65 10.41 -120.12
N GLY L 95 3.72 10.33 -120.91
CA GLY L 95 3.87 11.16 -122.09
C GLY L 95 3.30 10.54 -123.34
N GLY L 96 2.72 9.35 -123.19
CA GLY L 96 1.94 8.73 -124.26
C GLY L 96 2.71 7.68 -125.03
N VAL L 97 3.90 7.35 -124.57
CA VAL L 97 4.64 6.21 -125.11
C VAL L 97 3.98 4.91 -124.69
N THR L 98 3.86 3.98 -125.62
CA THR L 98 3.30 2.67 -125.35
C THR L 98 3.98 1.98 -124.18
N ILE L 99 3.18 1.23 -123.41
CA ILE L 99 3.69 0.41 -122.31
C ILE L 99 4.61 -0.68 -122.81
N ASN L 100 4.59 -0.94 -124.13
CA ASN L 100 5.41 -2.00 -124.69
C ASN L 100 6.86 -1.56 -124.88
N ALA L 101 7.13 -0.27 -124.74
CA ALA L 101 8.49 0.26 -124.91
C ALA L 101 9.29 0.11 -123.62
N PRO L 102 10.52 -0.43 -123.73
CA PRO L 102 11.48 -0.35 -122.64
C PRO L 102 11.85 1.09 -122.26
N ALA L 103 12.16 1.31 -120.99
CA ALA L 103 12.42 2.65 -120.48
C ALA L 103 13.50 2.60 -119.39
N LEU L 104 14.51 3.46 -119.55
CA LEU L 104 15.71 3.44 -118.71
C LEU L 104 15.92 4.80 -118.05
N THR L 105 16.45 4.80 -116.83
CA THR L 105 16.97 6.02 -116.23
C THR L 105 18.49 5.92 -116.03
N VAL L 106 19.20 6.96 -116.45
CA VAL L 106 20.65 6.97 -116.33
C VAL L 106 21.15 8.13 -115.48
N ASN L 107 22.31 7.92 -114.87
CA ASN L 107 22.93 8.93 -114.02
C ASN L 107 24.44 9.02 -114.28
N ARG L 108 24.82 10.00 -115.08
CA ARG L 108 26.22 10.41 -115.19
C ARG L 108 26.34 11.84 -114.71
N LEU L 109 25.71 12.10 -113.56
CA LEU L 109 25.65 13.43 -112.96
C LEU L 109 25.34 14.51 -113.97
N CYS L 110 26.17 15.55 -114.01
CA CYS L 110 25.91 16.72 -114.85
C CYS L 110 25.79 16.34 -116.33
N GLY L 111 26.25 15.15 -116.68
CA GLY L 111 26.23 14.71 -118.07
C GLY L 111 25.04 13.84 -118.41
N SER L 112 24.18 13.61 -117.42
CA SER L 112 23.17 12.57 -117.54
C SER L 112 22.29 12.79 -118.76
N GLY L 113 21.93 14.05 -119.02
CA GLY L 113 20.96 14.36 -120.06
C GLY L 113 21.48 14.09 -121.47
N LEU L 114 22.76 14.32 -121.69
CA LEU L 114 23.41 13.94 -122.94
C LEU L 114 23.68 12.43 -122.99
N GLN L 115 23.92 11.83 -121.82
CA GLN L 115 24.15 10.38 -121.78
C GLN L 115 22.88 9.64 -122.16
N ALA L 116 21.73 10.23 -121.81
CA ALA L 116 20.45 9.59 -122.11
C ALA L 116 20.26 9.57 -123.63
N ILE L 117 20.69 10.65 -124.28
CA ILE L 117 20.57 10.78 -125.71
C ILE L 117 21.54 9.84 -126.42
N VAL L 118 22.72 9.66 -125.83
CA VAL L 118 23.71 8.75 -126.36
C VAL L 118 23.27 7.29 -126.20
N SER L 119 22.74 6.96 -125.03
CA SER L 119 22.31 5.59 -124.78
C SER L 119 21.13 5.24 -125.70
N ALA L 120 20.24 6.20 -125.90
CA ALA L 120 19.07 5.99 -126.76
C ALA L 120 19.50 5.80 -128.21
N ALA L 121 20.47 6.61 -128.64
CA ALA L 121 21.02 6.50 -129.98
C ALA L 121 21.71 5.16 -130.19
N GLN L 122 22.33 4.64 -129.13
CA GLN L 122 23.04 3.37 -129.21
C GLN L 122 22.08 2.22 -129.50
N THR L 123 20.88 2.27 -128.93
CA THR L 123 19.88 1.24 -129.18
C THR L 123 19.45 1.24 -130.65
N ILE L 124 19.52 2.41 -131.28
CA ILE L 124 19.19 2.54 -132.70
C ILE L 124 20.36 2.06 -133.56
N LEU L 125 21.57 2.45 -133.17
CA LEU L 125 22.77 2.12 -133.92
C LEU L 125 22.99 0.62 -133.97
N LEU L 126 22.62 -0.08 -132.90
CA LEU L 126 22.87 -1.52 -132.78
C LEU L 126 21.65 -2.32 -133.24
N GLY L 127 20.63 -1.62 -133.72
CA GLY L 127 19.53 -2.27 -134.42
C GLY L 127 18.50 -2.83 -133.47
N ASP L 128 18.54 -2.39 -132.23
CA ASP L 128 17.56 -2.83 -131.23
C ASP L 128 16.20 -2.21 -131.54
N THR L 129 16.21 -1.02 -132.13
CA THR L 129 14.99 -0.34 -132.51
C THR L 129 15.29 0.72 -133.57
N ASP L 130 14.24 1.28 -134.14
CA ASP L 130 14.39 2.32 -135.17
C ASP L 130 13.98 3.69 -134.65
N VAL L 131 13.26 3.71 -133.53
CA VAL L 131 12.78 4.96 -132.94
C VAL L 131 13.04 4.96 -131.44
N ALA L 132 13.64 6.03 -130.94
CA ALA L 132 13.90 6.15 -129.52
C ALA L 132 13.82 7.58 -129.03
N ILE L 133 13.61 7.74 -127.72
CA ILE L 133 13.60 9.06 -127.09
C ILE L 133 14.73 9.15 -126.05
N GLY L 134 15.52 10.21 -126.15
CA GLY L 134 16.44 10.58 -125.09
C GLY L 134 16.04 11.90 -124.45
N GLY L 135 16.07 11.95 -123.13
CA GLY L 135 15.77 13.18 -122.43
C GLY L 135 16.37 13.23 -121.04
N GLY L 136 16.10 14.33 -120.35
CA GLY L 136 16.47 14.45 -118.94
C GLY L 136 15.44 15.26 -118.20
N ALA L 137 15.35 15.06 -116.90
CA ALA L 137 14.50 15.87 -116.04
C ALA L 137 15.14 15.99 -114.66
N GLU L 138 15.09 17.18 -114.09
CA GLU L 138 15.69 17.44 -112.80
C GLU L 138 14.90 18.53 -112.09
N SER L 139 14.52 18.26 -110.84
CA SER L 139 13.95 19.28 -109.97
C SER L 139 14.82 19.44 -108.73
N MET L 140 15.72 20.43 -108.77
CA MET L 140 16.54 20.73 -107.61
C MET L 140 15.73 21.43 -106.51
N SER L 141 14.62 22.06 -106.88
CA SER L 141 13.68 22.62 -105.91
C SER L 141 13.14 21.53 -104.99
N ARG L 142 12.89 20.35 -105.57
CA ARG L 142 12.19 19.30 -104.86
C ARG L 142 13.17 18.22 -104.40
N ALA L 143 14.45 18.54 -104.44
CA ALA L 143 15.45 17.64 -103.88
C ALA L 143 15.12 17.40 -102.41
N PRO L 144 15.28 16.16 -101.96
CA PRO L 144 14.87 15.79 -100.63
C PRO L 144 15.95 16.05 -99.58
N TYR L 145 15.55 16.02 -98.32
CA TYR L 145 16.46 15.69 -97.23
C TYR L 145 16.32 14.22 -96.86
N LEU L 146 17.46 13.56 -96.65
CA LEU L 146 17.47 12.18 -96.18
C LEU L 146 17.57 12.15 -94.67
N ALA L 147 17.00 11.11 -94.07
CA ALA L 147 17.22 10.82 -92.65
C ALA L 147 17.82 9.43 -92.47
N PRO L 148 19.15 9.33 -92.50
CA PRO L 148 19.80 8.02 -92.60
C PRO L 148 19.74 7.21 -91.30
N ALA L 149 19.27 7.84 -90.22
CA ALA L 149 19.17 7.16 -88.93
C ALA L 149 17.74 6.69 -88.67
N ALA L 150 16.82 7.02 -89.57
CA ALA L 150 15.39 6.80 -89.33
C ALA L 150 15.02 5.34 -89.35
N ARG L 151 15.71 4.54 -90.16
CA ARG L 151 15.33 3.14 -90.32
C ARG L 151 15.70 2.32 -89.09
N TRP L 152 16.94 2.43 -88.66
CA TRP L 152 17.46 1.59 -87.61
C TRP L 152 17.67 2.34 -86.30
N GLY L 153 17.49 3.66 -86.33
CA GLY L 153 17.46 4.46 -85.10
C GLY L 153 18.78 5.15 -84.81
N ALA L 154 18.71 6.34 -84.24
CA ALA L 154 19.90 7.06 -83.82
C ALA L 154 20.31 6.69 -82.39
N ARG L 155 19.36 6.17 -81.63
CA ARG L 155 19.59 5.73 -80.24
C ARG L 155 19.80 6.90 -79.29
N MET L 156 20.93 7.58 -79.43
CA MET L 156 21.28 8.69 -78.56
C MET L 156 22.19 9.66 -79.30
N GLY L 157 21.92 10.95 -79.17
CA GLY L 157 22.74 11.98 -79.81
C GLY L 157 22.06 12.55 -81.04
N ASP L 158 22.32 13.82 -81.32
CA ASP L 158 21.72 14.48 -82.46
C ASP L 158 21.99 13.75 -83.77
N ALA L 159 21.02 13.76 -84.66
CA ALA L 159 21.13 13.06 -85.93
C ALA L 159 20.94 14.03 -87.08
N GLY L 160 21.12 13.54 -88.31
CA GLY L 160 21.30 14.41 -89.47
C GLY L 160 20.11 14.32 -90.39
N LEU L 161 19.71 15.47 -90.94
CA LEU L 161 18.94 15.52 -92.17
C LEU L 161 19.81 15.97 -93.33
N VAL L 162 20.05 15.07 -94.28
CA VAL L 162 21.10 15.25 -95.27
C VAL L 162 20.51 15.90 -96.52
N ASP L 163 21.04 17.05 -96.89
CA ASP L 163 20.58 17.78 -98.06
C ASP L 163 21.10 17.12 -99.34
N MET L 164 20.23 16.41 -100.05
CA MET L 164 20.67 15.58 -101.16
C MET L 164 21.02 16.37 -102.41
N MET L 165 20.50 17.59 -102.50
CA MET L 165 20.92 18.52 -103.56
C MET L 165 22.40 18.86 -103.42
N LEU L 166 22.79 19.30 -102.22
CA LEU L 166 24.18 19.58 -101.95
C LEU L 166 25.02 18.32 -102.08
N GLY L 167 24.43 17.18 -101.73
CA GLY L 167 25.05 15.89 -101.97
C GLY L 167 25.48 15.70 -103.42
N ALA L 168 24.62 16.10 -104.34
CA ALA L 168 24.91 15.99 -105.77
C ALA L 168 26.07 16.90 -106.17
N LEU L 169 26.29 17.95 -105.38
CA LEU L 169 27.22 19.01 -105.76
C LEU L 169 28.56 18.88 -105.04
N HIS L 170 28.75 17.77 -104.33
CA HIS L 170 30.00 17.49 -103.67
C HIS L 170 30.67 16.26 -104.27
N ASP L 171 31.98 16.36 -104.47
CA ASP L 171 32.76 15.24 -104.95
C ASP L 171 32.77 14.10 -103.92
N PRO L 172 32.58 12.86 -104.39
CA PRO L 172 32.33 11.74 -103.48
C PRO L 172 33.61 11.18 -102.87
N PHE L 173 34.76 11.60 -103.41
CA PHE L 173 36.04 11.13 -102.89
C PHE L 173 36.59 12.10 -101.85
N HIS L 174 36.39 13.40 -102.08
CA HIS L 174 37.07 14.42 -101.31
C HIS L 174 36.09 15.31 -100.57
N ARG L 175 34.80 15.08 -100.80
CA ARG L 175 33.73 15.84 -100.14
C ARG L 175 33.93 17.36 -100.24
N ILE L 176 34.39 17.81 -101.41
CA ILE L 176 34.50 19.24 -101.69
C ILE L 176 33.45 19.65 -102.71
N HIS L 177 32.93 20.86 -102.55
CA HIS L 177 31.96 21.40 -103.50
C HIS L 177 32.57 21.47 -104.90
N MET L 178 31.73 21.28 -105.91
CA MET L 178 32.16 21.43 -107.30
C MET L 178 32.89 22.77 -107.50
N GLY L 179 32.49 23.75 -106.71
CA GLY L 179 33.03 25.11 -106.86
C GLY L 179 34.49 25.24 -106.47
N VAL L 180 34.95 24.41 -105.54
CA VAL L 180 36.36 24.42 -105.17
C VAL L 180 37.18 23.70 -106.22
N THR L 181 36.55 22.74 -106.88
CA THR L 181 37.13 22.13 -108.06
C THR L 181 37.34 23.14 -109.19
N ALA L 182 36.41 24.09 -109.29
CA ALA L 182 36.52 25.15 -110.30
C ALA L 182 37.68 26.10 -109.97
N GLU L 183 37.92 26.31 -108.67
CA GLU L 183 39.04 27.13 -108.24
C GLU L 183 40.36 26.49 -108.66
N ASN L 184 40.42 25.18 -108.55
CA ASN L 184 41.61 24.43 -108.97
C ASN L 184 41.87 24.63 -110.46
N VAL L 185 40.80 24.65 -111.24
CA VAL L 185 40.91 24.75 -112.69
C VAL L 185 41.29 26.18 -113.07
N ALA L 186 40.65 27.16 -112.43
CA ALA L 186 41.00 28.56 -112.62
C ALA L 186 42.48 28.78 -112.35
N LYS L 187 42.99 28.13 -111.30
CA LYS L 187 44.38 28.24 -110.92
C LYS L 187 45.28 27.63 -111.99
N GLU L 188 44.98 26.41 -112.41
CA GLU L 188 45.88 25.72 -113.33
C GLU L 188 45.87 26.29 -114.72
N TYR L 189 44.75 26.85 -115.14
CA TYR L 189 44.64 27.37 -116.50
C TYR L 189 44.67 28.89 -116.52
N ASP L 190 44.92 29.49 -115.37
CA ASP L 190 45.20 30.93 -115.28
C ASP L 190 43.99 31.74 -115.74
N ILE L 191 42.83 31.46 -115.17
CA ILE L 191 41.65 32.25 -115.44
C ILE L 191 41.34 33.16 -114.27
N SER L 192 41.45 34.46 -114.51
CA SER L 192 41.43 35.44 -113.43
C SER L 192 39.99 35.68 -113.00
N ARG L 193 39.85 36.30 -111.83
CA ARG L 193 38.54 36.76 -111.36
C ARG L 193 37.89 37.67 -112.39
N ALA L 194 38.68 38.57 -112.96
CA ALA L 194 38.17 39.54 -113.94
C ALA L 194 37.64 38.81 -115.18
N GLN L 195 38.36 37.80 -115.62
CA GLN L 195 37.94 37.00 -116.77
C GLN L 195 36.63 36.29 -116.47
N GLN L 196 36.50 35.73 -115.27
CA GLN L 196 35.32 34.93 -114.93
C GLN L 196 34.08 35.81 -114.85
N ASP L 197 34.26 37.02 -114.33
CA ASP L 197 33.13 37.93 -114.14
C ASP L 197 32.67 38.50 -115.47
N GLU L 198 33.60 38.75 -116.38
CA GLU L 198 33.27 39.24 -117.71
C GLU L 198 32.53 38.17 -118.50
N ALA L 199 32.98 36.92 -118.36
CA ALA L 199 32.31 35.80 -119.00
C ALA L 199 30.90 35.62 -118.45
N ALA L 200 30.74 35.86 -117.15
CA ALA L 200 29.44 35.70 -116.50
C ALA L 200 28.47 36.78 -116.97
N LEU L 201 28.97 38.01 -117.06
CA LEU L 201 28.16 39.14 -117.51
C LEU L 201 27.73 38.91 -118.96
N GLU L 202 28.64 38.41 -119.78
CA GLU L 202 28.37 38.17 -121.19
C GLU L 202 27.32 37.06 -121.38
N SER L 203 27.37 36.04 -120.52
CA SER L 203 26.41 34.95 -120.60
C SER L 203 24.99 35.45 -120.37
N HIS L 204 24.85 36.36 -119.40
CA HIS L 204 23.57 36.98 -119.11
C HIS L 204 23.11 37.88 -120.26
N ARG L 205 24.04 38.65 -120.81
N ARG L 205 24.04 38.65 -120.81
CA ARG L 205 23.73 39.52 -121.94
CA ARG L 205 23.73 39.52 -121.92
C ARG L 205 23.27 38.70 -123.13
C ARG L 205 23.28 38.71 -123.14
N ARG L 206 23.97 37.61 -123.41
CA ARG L 206 23.64 36.76 -124.56
C ARG L 206 22.29 36.10 -124.37
N ALA L 207 22.04 35.63 -123.15
CA ALA L 207 20.78 34.98 -122.84
C ALA L 207 19.62 35.95 -122.98
N SER L 208 19.82 37.18 -122.48
CA SER L 208 18.79 38.20 -122.50
C SER L 208 18.46 38.59 -123.94
N ALA L 209 19.50 38.81 -124.74
CA ALA L 209 19.32 39.10 -126.15
C ALA L 209 18.53 37.99 -126.85
N ALA L 210 18.85 36.75 -126.50
CA ALA L 210 18.26 35.59 -127.17
C ALA L 210 16.79 35.46 -126.83
N ILE L 211 16.45 35.70 -125.56
CA ILE L 211 15.07 35.66 -125.11
C ILE L 211 14.26 36.74 -125.84
N LYS L 212 14.78 37.95 -125.88
CA LYS L 212 14.06 39.09 -126.45
C LYS L 212 13.89 38.96 -127.96
N ALA L 213 14.89 38.40 -128.63
CA ALA L 213 14.82 38.19 -130.07
C ALA L 213 13.99 36.96 -130.40
N GLY L 214 13.60 36.21 -129.38
CA GLY L 214 12.63 35.13 -129.54
C GLY L 214 13.25 33.85 -130.02
N TYR L 215 14.55 33.70 -129.77
CA TYR L 215 15.29 32.54 -130.29
C TYR L 215 14.78 31.23 -129.69
N PHE L 216 14.30 31.30 -128.45
CA PHE L 216 13.93 30.09 -127.70
C PHE L 216 12.46 29.74 -127.86
N LYS L 217 11.71 30.63 -128.50
CA LYS L 217 10.24 30.53 -128.52
C LYS L 217 9.80 29.15 -129.00
N ASP L 218 10.41 28.69 -130.10
CA ASP L 218 9.96 27.48 -130.77
C ASP L 218 10.23 26.21 -129.94
N GLN L 219 11.36 26.20 -129.25
CA GLN L 219 11.84 24.98 -128.61
C GLN L 219 11.21 24.78 -127.22
N ILE L 220 10.63 25.85 -126.66
CA ILE L 220 10.14 25.80 -125.29
C ILE L 220 8.67 25.36 -125.27
N VAL L 221 8.40 24.29 -124.52
CA VAL L 221 7.03 23.91 -124.18
C VAL L 221 6.59 24.61 -122.90
N PRO L 222 5.46 25.33 -122.94
CA PRO L 222 4.92 25.93 -121.73
C PRO L 222 4.57 24.88 -120.68
N VAL L 223 4.88 25.19 -119.42
CA VAL L 223 4.27 24.51 -118.29
C VAL L 223 3.15 25.37 -117.70
N VAL L 224 1.93 24.85 -117.70
CA VAL L 224 0.79 25.60 -117.15
C VAL L 224 0.24 24.89 -115.92
N SER L 225 0.20 25.61 -114.80
CA SER L 225 -0.37 25.10 -113.57
C SER L 225 -1.66 25.85 -113.21
N LYS L 226 -2.25 25.50 -112.08
CA LYS L 226 -3.51 26.11 -111.64
C LYS L 226 -3.39 26.83 -110.30
N GLY L 227 -4.27 27.81 -110.11
CA GLY L 227 -4.22 28.69 -108.95
C GLY L 227 -5.56 29.37 -108.70
N GLY L 230 -6.63 32.42 -113.00
CA GLY L 230 -5.34 32.01 -112.46
C GLY L 230 -4.95 30.58 -112.82
N ASP L 231 -5.06 30.22 -114.09
CA ASP L 231 -4.06 29.36 -114.73
C ASP L 231 -2.77 30.15 -114.86
N VAL L 232 -1.67 29.54 -114.45
CA VAL L 232 -0.35 30.14 -114.59
C VAL L 232 0.46 29.38 -115.64
N THR L 233 1.05 30.12 -116.58
CA THR L 233 1.85 29.51 -117.64
C THR L 233 3.29 29.99 -117.56
N PHE L 234 4.23 29.04 -117.45
CA PHE L 234 5.64 29.37 -117.36
C PHE L 234 6.36 28.96 -118.63
N ASP L 235 6.96 29.93 -119.32
CA ASP L 235 7.52 29.69 -120.64
C ASP L 235 8.75 30.55 -120.93
N THR L 236 9.30 31.18 -119.90
CA THR L 236 10.46 32.06 -120.08
C THR L 236 11.54 31.74 -119.05
N ASP L 237 12.78 31.68 -119.51
CA ASP L 237 13.89 31.23 -118.66
C ASP L 237 14.21 32.27 -117.58
N GLU L 238 13.84 31.97 -116.35
CA GLU L 238 13.62 33.01 -115.36
C GLU L 238 14.88 33.27 -114.53
N HIS L 239 15.94 32.49 -114.77
CA HIS L 239 17.20 32.72 -114.09
C HIS L 239 17.96 33.95 -114.61
N VAL L 240 17.70 34.31 -115.87
CA VAL L 240 18.52 35.31 -116.55
C VAL L 240 18.30 36.70 -115.95
N ARG L 241 19.38 37.47 -115.84
CA ARG L 241 19.30 38.82 -115.30
C ARG L 241 19.45 39.83 -116.43
N HIS L 242 18.34 40.46 -116.80
CA HIS L 242 18.29 41.25 -118.03
C HIS L 242 18.96 42.61 -117.84
N ASP L 243 19.27 42.96 -116.60
CA ASP L 243 19.75 44.29 -116.26
C ASP L 243 21.11 44.21 -115.59
N ALA L 244 21.81 43.10 -115.80
CA ALA L 244 23.05 42.82 -115.10
C ALA L 244 24.14 43.83 -115.50
N THR L 245 24.95 44.22 -114.54
CA THR L 245 26.13 45.05 -114.81
C THR L 245 27.38 44.37 -114.27
N ILE L 246 28.55 44.85 -114.71
CA ILE L 246 29.82 44.26 -114.30
C ILE L 246 30.08 44.45 -112.81
N ASP L 247 29.54 45.54 -112.25
CA ASP L 247 29.75 45.83 -110.84
C ASP L 247 28.87 44.95 -109.96
N ASP L 248 27.82 44.38 -110.54
CA ASP L 248 27.04 43.32 -109.90
C ASP L 248 27.94 42.10 -109.63
N MET L 249 28.80 41.79 -110.59
CA MET L 249 29.71 40.66 -110.46
C MET L 249 30.81 40.99 -109.47
N THR L 250 31.44 42.15 -109.64
CA THR L 250 32.73 42.40 -109.00
C THR L 250 32.58 42.71 -107.52
N LYS L 251 31.36 43.04 -107.09
CA LYS L 251 31.10 43.32 -105.68
C LYS L 251 30.90 42.03 -104.88
N LEU L 252 30.70 40.92 -105.58
CA LEU L 252 30.42 39.65 -104.93
C LEU L 252 31.70 39.06 -104.33
N ARG L 253 31.53 38.31 -103.25
CA ARG L 253 32.67 37.66 -102.59
C ARG L 253 32.74 36.21 -103.00
N PRO L 254 33.97 35.64 -103.00
CA PRO L 254 34.16 34.21 -103.21
C PRO L 254 33.43 33.38 -102.17
N VAL L 255 32.81 32.29 -102.61
CA VAL L 255 31.87 31.55 -101.77
C VAL L 255 32.44 30.19 -101.38
N PHE L 256 33.38 29.68 -102.16
CA PHE L 256 33.75 28.27 -102.08
C PHE L 256 35.08 28.01 -101.36
N VAL L 257 35.92 29.03 -101.27
CA VAL L 257 37.20 28.89 -100.59
C VAL L 257 37.48 30.14 -99.73
N LYS L 258 38.20 29.93 -98.63
CA LYS L 258 38.25 30.88 -97.50
C LYS L 258 39.30 31.95 -97.71
N GLU L 259 40.45 31.51 -98.20
CA GLU L 259 41.52 32.43 -98.59
C GLU L 259 41.57 32.50 -100.09
N ASN L 260 41.98 33.66 -100.58
CA ASN L 260 41.91 33.96 -101.99
C ASN L 260 40.50 33.64 -102.49
N GLY L 261 40.42 33.17 -103.72
CA GLY L 261 39.16 32.70 -104.28
C GLY L 261 38.69 33.62 -105.39
N THR L 262 38.10 33.02 -106.41
CA THR L 262 37.65 33.76 -107.57
C THR L 262 36.19 33.45 -107.89
N VAL L 263 35.75 32.27 -107.46
CA VAL L 263 34.43 31.76 -107.85
C VAL L 263 33.36 32.28 -106.90
N THR L 264 32.37 32.97 -107.47
CA THR L 264 31.31 33.57 -106.68
C THR L 264 29.96 32.98 -107.10
N ALA L 265 28.90 33.40 -106.42
CA ALA L 265 27.54 33.04 -106.82
C ALA L 265 27.19 33.64 -108.18
N GLY L 266 27.86 34.73 -108.54
CA GLY L 266 27.54 35.44 -109.76
C GLY L 266 28.16 34.83 -111.01
N ASN L 267 29.33 34.22 -110.85
CA ASN L 267 30.01 33.58 -111.96
C ASN L 267 30.04 32.05 -111.83
N ALA L 268 29.13 31.52 -111.01
CA ALA L 268 28.85 30.09 -111.01
C ALA L 268 27.43 29.84 -111.52
N SER L 269 27.17 28.63 -112.00
CA SER L 269 25.87 28.27 -112.51
C SER L 269 24.84 28.31 -111.40
N GLY L 270 23.56 28.43 -111.76
CA GLY L 270 22.49 28.45 -110.79
C GLY L 270 22.05 27.05 -110.37
N LEU L 271 21.12 27.00 -109.42
CA LEU L 271 20.37 25.79 -109.12
C LEU L 271 18.96 25.91 -109.71
N ASN L 272 18.50 24.85 -110.37
CA ASN L 272 17.49 25.01 -111.40
C ASN L 272 16.64 23.76 -111.61
N ASP L 273 15.44 23.98 -112.15
CA ASP L 273 14.52 22.91 -112.51
C ASP L 273 14.26 22.97 -114.01
N ALA L 274 14.18 21.80 -114.65
CA ALA L 274 13.83 21.74 -116.07
C ALA L 274 13.68 20.30 -116.55
N ALA L 275 13.14 20.14 -117.75
CA ALA L 275 13.31 18.92 -118.51
C ALA L 275 13.49 19.21 -120.00
N ALA L 276 13.86 18.18 -120.75
CA ALA L 276 13.96 18.26 -122.20
C ALA L 276 13.94 16.86 -122.78
N ALA L 277 13.58 16.75 -124.06
CA ALA L 277 13.58 15.47 -124.74
C ALA L 277 13.77 15.64 -126.24
N VAL L 278 14.42 14.66 -126.85
CA VAL L 278 14.51 14.60 -128.31
C VAL L 278 13.99 13.26 -128.79
N VAL L 279 13.39 13.28 -129.97
CA VAL L 279 12.98 12.06 -130.65
C VAL L 279 13.97 11.76 -131.76
N MET L 280 14.48 10.55 -131.74
CA MET L 280 15.48 10.14 -132.68
C MET L 280 15.01 8.94 -133.41
N MET L 281 15.48 8.74 -134.63
CA MET L 281 15.19 7.51 -135.34
C MET L 281 16.27 7.21 -136.38
N GLU L 282 16.34 5.97 -136.82
CA GLU L 282 17.25 5.61 -137.89
C GLU L 282 16.99 6.46 -139.14
N ARG L 283 18.07 6.87 -139.79
CA ARG L 283 17.99 7.72 -140.96
C ARG L 283 16.89 7.29 -141.92
N ALA L 284 16.87 6.01 -142.26
CA ALA L 284 15.98 5.49 -143.30
C ALA L 284 14.54 5.47 -142.81
N GLU L 285 14.36 5.54 -141.49
CA GLU L 285 13.04 5.54 -140.91
C GLU L 285 12.41 6.95 -140.89
N ALA L 286 13.28 7.95 -140.86
CA ALA L 286 12.86 9.34 -141.08
C ALA L 286 12.48 9.59 -142.54
N GLU L 287 13.29 9.04 -143.45
CA GLU L 287 13.04 9.19 -144.88
C GLU L 287 11.73 8.53 -145.26
N ARG L 288 11.54 7.30 -144.79
CA ARG L 288 10.28 6.59 -144.92
C ARG L 288 9.09 7.45 -144.50
N ARG L 289 9.23 8.12 -143.37
CA ARG L 289 8.14 8.91 -142.80
C ARG L 289 8.06 10.29 -143.45
N GLY L 290 9.05 10.62 -144.26
CA GLY L 290 9.12 11.94 -144.90
C GLY L 290 9.38 13.05 -143.90
N LEU L 291 10.10 12.74 -142.83
CA LEU L 291 10.45 13.75 -141.84
C LEU L 291 11.80 14.38 -142.16
N LYS L 292 11.86 15.71 -142.10
CA LYS L 292 13.12 16.44 -142.19
C LYS L 292 13.78 16.54 -140.82
N PRO L 293 14.90 15.83 -140.63
CA PRO L 293 15.61 15.85 -139.35
C PRO L 293 16.13 17.24 -139.01
N LEU L 294 16.33 17.50 -137.73
CA LEU L 294 17.08 18.67 -137.30
C LEU L 294 18.57 18.48 -137.58
N ALA L 295 19.04 17.25 -137.39
CA ALA L 295 20.45 16.95 -137.54
C ALA L 295 20.67 15.46 -137.44
N ARG L 296 21.85 15.00 -137.83
CA ARG L 296 22.27 13.64 -137.55
C ARG L 296 23.36 13.63 -136.50
N LEU L 297 23.41 12.54 -135.73
CA LEU L 297 24.51 12.30 -134.82
C LEU L 297 25.74 11.85 -135.62
N VAL L 298 26.85 12.54 -135.40
CA VAL L 298 28.09 12.22 -136.10
C VAL L 298 28.98 11.33 -135.22
N SER L 299 29.21 11.77 -133.98
CA SER L 299 30.08 11.06 -133.07
C SER L 299 29.80 11.49 -131.62
N TYR L 300 30.32 10.70 -130.68
CA TYR L 300 30.34 11.12 -129.27
C TYR L 300 31.63 10.66 -128.62
N GLY L 301 31.93 11.23 -127.46
CA GLY L 301 33.15 10.90 -126.72
C GLY L 301 32.98 11.05 -125.22
N HIS L 302 33.61 10.15 -124.47
CA HIS L 302 33.59 10.17 -123.01
C HIS L 302 35.03 10.21 -122.50
N ALA L 303 35.26 10.95 -121.44
CA ALA L 303 36.57 10.97 -120.79
C ALA L 303 36.43 10.97 -119.27
N GLY L 304 37.39 10.35 -118.59
CA GLY L 304 37.62 10.60 -117.17
C GLY L 304 38.80 11.51 -116.92
N VAL L 305 38.69 12.34 -115.89
CA VAL L 305 39.78 13.21 -115.48
C VAL L 305 39.92 13.20 -113.96
N ASP L 306 40.92 13.90 -113.45
CA ASP L 306 41.07 14.11 -112.02
C ASP L 306 39.79 14.71 -111.42
N PRO L 307 39.25 14.07 -110.38
CA PRO L 307 38.05 14.60 -109.71
C PRO L 307 38.21 16.04 -109.25
N LYS L 308 39.44 16.43 -108.91
CA LYS L 308 39.71 17.76 -108.38
C LYS L 308 39.68 18.81 -109.50
N ALA L 309 39.79 18.35 -110.74
CA ALA L 309 39.78 19.23 -111.89
C ALA L 309 38.67 18.84 -112.85
N MET L 310 37.53 18.47 -112.32
CA MET L 310 36.46 17.95 -113.13
C MET L 310 36.07 18.86 -114.25
N GLY L 311 36.26 20.15 -114.05
CA GLY L 311 35.72 21.17 -114.94
C GLY L 311 36.30 21.15 -116.35
N ILE L 312 37.44 20.48 -116.53
CA ILE L 312 38.06 20.42 -117.86
C ILE L 312 37.77 19.10 -118.55
N GLY L 313 36.87 18.32 -117.97
CA GLY L 313 36.42 17.07 -118.58
C GLY L 313 36.06 17.18 -120.05
N PRO L 314 35.48 18.32 -120.46
CA PRO L 314 35.09 18.50 -121.85
C PRO L 314 36.26 18.44 -122.83
N VAL L 315 37.46 18.76 -122.35
CA VAL L 315 38.59 18.91 -123.28
C VAL L 315 39.03 17.59 -123.91
N PRO L 316 39.22 16.54 -123.07
CA PRO L 316 39.49 15.22 -123.66
C PRO L 316 38.28 14.56 -124.33
N ALA L 317 37.09 14.75 -123.77
CA ALA L 317 35.88 14.21 -124.38
C ALA L 317 35.68 14.78 -125.78
N THR L 318 35.87 16.08 -125.92
CA THR L 318 35.62 16.77 -127.20
C THR L 318 36.66 16.36 -128.24
N LYS L 319 37.89 16.13 -127.79
CA LYS L 319 38.95 15.68 -128.66
C LYS L 319 38.66 14.28 -129.19
N ILE L 320 38.12 13.42 -128.33
CA ILE L 320 37.72 12.09 -128.76
C ILE L 320 36.61 12.16 -129.81
N ALA L 321 35.61 13.01 -129.56
CA ALA L 321 34.49 13.13 -130.48
C ALA L 321 34.95 13.69 -131.83
N LEU L 322 35.83 14.68 -131.79
CA LEU L 322 36.36 15.29 -133.02
C LEU L 322 37.14 14.25 -133.82
N GLU L 323 38.00 13.50 -133.13
CA GLU L 323 38.80 12.45 -133.75
C GLU L 323 37.88 11.46 -134.44
N ARG L 324 36.88 10.99 -133.72
CA ARG L 324 36.01 9.95 -134.24
C ARG L 324 35.19 10.46 -135.42
N ALA L 325 34.95 11.76 -135.46
CA ALA L 325 34.21 12.38 -136.54
C ALA L 325 35.10 12.78 -137.72
N GLY L 326 36.41 12.71 -137.51
CA GLY L 326 37.37 13.21 -138.49
C GLY L 326 37.27 14.70 -138.69
N LEU L 327 37.01 15.42 -137.60
CA LEU L 327 36.79 16.85 -137.67
C LEU L 327 37.82 17.59 -136.84
N GLN L 328 37.81 18.90 -136.94
CA GLN L 328 38.66 19.74 -136.13
C GLN L 328 37.83 20.89 -135.58
N VAL L 329 38.37 21.58 -134.59
CA VAL L 329 37.68 22.70 -133.96
C VAL L 329 37.09 23.70 -134.95
N SER L 330 37.83 24.01 -136.01
CA SER L 330 37.41 25.05 -136.93
C SER L 330 36.14 24.66 -137.69
N ASP L 331 35.85 23.36 -137.72
CA ASP L 331 34.68 22.86 -138.41
C ASP L 331 33.38 23.23 -137.69
N LEU L 332 33.49 23.58 -136.41
CA LEU L 332 32.31 23.72 -135.56
C LEU L 332 31.70 25.10 -135.70
N ASP L 333 30.40 25.14 -136.00
CA ASP L 333 29.70 26.41 -136.18
C ASP L 333 29.00 26.84 -134.91
N VAL L 334 28.51 25.90 -134.15
CA VAL L 334 27.79 26.16 -132.91
C VAL L 334 28.33 25.25 -131.79
N ILE L 335 28.61 25.79 -130.62
CA ILE L 335 29.11 25.01 -129.50
C ILE L 335 28.33 25.31 -128.23
N GLU L 336 27.67 24.27 -127.70
CA GLU L 336 27.06 24.33 -126.38
C GLU L 336 27.97 23.59 -125.39
N ALA L 337 28.71 24.37 -124.60
CA ALA L 337 29.63 23.83 -123.62
C ALA L 337 29.24 24.32 -122.24
N ASN L 338 28.54 23.49 -121.48
CA ASN L 338 27.83 23.98 -120.30
C ASN L 338 28.74 24.83 -119.42
N GLU L 339 28.27 26.04 -119.09
CA GLU L 339 28.90 26.85 -118.06
C GLU L 339 28.50 26.39 -116.66
N ALA L 340 29.22 25.42 -116.12
CA ALA L 340 29.02 25.05 -114.72
C ALA L 340 29.61 26.14 -113.84
N PHE L 341 30.82 26.57 -114.18
CA PHE L 341 31.41 27.78 -113.63
C PHE L 341 32.21 28.49 -114.73
N ALA L 342 32.19 29.82 -114.70
CA ALA L 342 32.97 30.60 -115.67
C ALA L 342 34.44 30.19 -115.61
N ALA L 343 34.88 29.76 -114.43
CA ALA L 343 36.25 29.35 -114.22
C ALA L 343 36.64 28.20 -115.15
N GLN L 344 35.82 27.15 -115.18
CA GLN L 344 36.12 25.99 -116.01
C GLN L 344 35.69 26.19 -117.46
N ALA L 345 34.64 26.98 -117.66
CA ALA L 345 34.14 27.26 -119.01
C ALA L 345 35.15 28.05 -119.84
N CYS L 346 35.77 29.05 -119.20
CA CYS L 346 36.87 29.79 -119.82
C CYS L 346 38.08 28.91 -120.06
N ALA L 347 38.35 27.98 -119.15
CA ALA L 347 39.49 27.07 -119.28
C ALA L 347 39.28 26.14 -120.46
N VAL L 348 38.04 25.66 -120.62
CA VAL L 348 37.72 24.70 -121.68
C VAL L 348 37.90 25.31 -123.06
N THR L 349 37.41 26.53 -123.24
CA THR L 349 37.50 27.21 -124.53
C THR L 349 38.95 27.57 -124.87
N LYS L 350 39.71 27.97 -123.85
CA LYS L 350 41.12 28.28 -124.00
C LYS L 350 41.92 27.05 -124.39
N ALA L 351 41.69 25.95 -123.69
CA ALA L 351 42.47 24.74 -123.88
C ALA L 351 42.18 24.09 -125.24
N LEU L 352 40.94 24.21 -125.70
CA LEU L 352 40.54 23.65 -126.99
C LEU L 352 40.80 24.65 -128.12
N GLY L 353 41.06 25.90 -127.75
CA GLY L 353 41.24 26.96 -128.73
C GLY L 353 39.95 27.29 -129.46
N LEU L 354 38.85 27.32 -128.72
CA LEU L 354 37.55 27.66 -129.28
C LEU L 354 37.40 29.17 -129.41
N ASP L 355 36.59 29.59 -130.36
CA ASP L 355 36.29 31.00 -130.54
C ASP L 355 35.09 31.38 -129.67
N PRO L 356 35.29 32.31 -128.72
CA PRO L 356 34.29 32.57 -127.69
C PRO L 356 32.97 33.06 -128.27
N ALA L 357 33.01 33.57 -129.49
CA ALA L 357 31.81 34.06 -130.15
C ALA L 357 30.88 32.91 -130.53
N LYS L 358 31.46 31.72 -130.71
CA LYS L 358 30.70 30.57 -131.17
C LYS L 358 30.27 29.68 -130.01
N VAL L 359 30.88 29.91 -128.84
CA VAL L 359 30.62 29.08 -127.66
C VAL L 359 29.52 29.70 -126.82
N ASN L 360 28.43 28.96 -126.64
CA ASN L 360 27.29 29.43 -125.85
C ASN L 360 26.81 30.81 -126.31
N PRO L 361 26.53 30.94 -127.61
CA PRO L 361 26.16 32.22 -128.22
C PRO L 361 24.88 32.82 -127.64
N ASN L 362 24.06 31.99 -127.00
CA ASN L 362 22.82 32.46 -126.38
C ASN L 362 22.76 32.21 -124.88
N GLY L 363 23.92 32.21 -124.22
CA GLY L 363 24.00 31.97 -122.79
C GLY L 363 24.13 30.50 -122.44
N SER L 364 24.28 30.22 -121.15
CA SER L 364 24.40 28.85 -120.67
C SER L 364 24.16 28.81 -119.15
N GLY L 365 24.81 27.87 -118.46
CA GLY L 365 24.46 27.52 -117.09
C GLY L 365 24.46 28.68 -116.12
N ILE L 366 25.37 29.63 -116.33
CA ILE L 366 25.46 30.80 -115.45
C ILE L 366 24.21 31.67 -115.55
N SER L 367 23.68 31.83 -116.76
CA SER L 367 22.60 32.78 -117.01
C SER L 367 21.26 32.05 -117.08
N LEU L 368 21.21 30.97 -117.85
CA LEU L 368 19.97 30.24 -118.06
C LEU L 368 19.72 29.24 -116.95
N GLY L 369 20.80 28.69 -116.40
CA GLY L 369 20.69 27.79 -115.25
C GLY L 369 21.29 26.43 -115.55
N HIS L 370 21.41 25.62 -114.50
CA HIS L 370 22.05 24.31 -114.62
C HIS L 370 21.24 23.26 -113.86
N PRO L 371 20.13 22.80 -114.45
CA PRO L 371 19.33 21.72 -113.88
C PRO L 371 19.93 20.34 -114.14
N ILE L 372 20.68 19.85 -113.15
CA ILE L 372 21.82 18.97 -113.39
C ILE L 372 21.53 17.89 -114.43
N GLY L 373 20.61 17.00 -114.12
CA GLY L 373 20.36 15.83 -114.96
C GLY L 373 19.68 16.12 -116.29
N ALA L 374 19.03 17.28 -116.38
CA ALA L 374 18.34 17.69 -117.60
C ALA L 374 19.30 18.44 -118.53
N THR L 375 20.33 19.05 -117.96
CA THR L 375 21.10 20.06 -118.66
C THR L 375 21.63 19.55 -120.00
N GLY L 376 22.15 18.33 -120.02
CA GLY L 376 22.78 17.79 -121.24
C GLY L 376 21.78 17.58 -122.37
N ALA L 377 20.52 17.30 -121.99
CA ALA L 377 19.47 17.14 -122.98
C ALA L 377 18.99 18.50 -123.48
N LEU L 378 18.91 19.45 -122.56
CA LEU L 378 18.37 20.76 -122.90
C LEU L 378 19.34 21.64 -123.71
N ILE L 379 20.64 21.48 -123.50
CA ILE L 379 21.62 22.20 -124.31
C ILE L 379 21.88 21.52 -125.66
N THR L 380 21.47 20.25 -125.77
CA THR L 380 21.42 19.61 -127.07
C THR L 380 20.27 20.18 -127.89
N VAL L 381 19.13 20.35 -127.23
CA VAL L 381 17.99 21.02 -127.84
C VAL L 381 18.35 22.43 -128.32
N LYS L 382 19.02 23.20 -127.46
CA LYS L 382 19.46 24.54 -127.82
C LYS L 382 20.39 24.50 -129.03
N ALA L 383 21.32 23.56 -129.02
CA ALA L 383 22.39 23.52 -130.02
C ALA L 383 21.81 23.23 -131.40
N LEU L 384 20.83 22.35 -131.46
CA LEU L 384 20.26 21.91 -132.72
C LEU L 384 19.35 22.97 -133.34
N HIS L 385 18.63 23.69 -132.49
CA HIS L 385 17.76 24.78 -132.97
C HIS L 385 18.57 25.98 -133.39
N GLU L 386 19.66 26.25 -132.67
CA GLU L 386 20.59 27.30 -133.06
C GLU L 386 21.31 26.95 -134.36
N LEU L 387 21.65 25.67 -134.53
CA LEU L 387 22.36 25.21 -135.72
C LEU L 387 21.49 25.44 -136.95
N ASN L 388 20.19 25.15 -136.81
CA ASN L 388 19.23 25.39 -137.87
C ASN L 388 18.98 26.88 -138.11
N ARG L 389 18.98 27.67 -137.03
CA ARG L 389 18.73 29.10 -137.16
C ARG L 389 19.82 29.81 -137.97
N VAL L 390 21.08 29.44 -137.75
CA VAL L 390 22.19 30.07 -138.46
C VAL L 390 22.63 29.27 -139.69
N GLN L 391 21.87 28.23 -140.01
CA GLN L 391 22.18 27.41 -141.17
C GLN L 391 23.63 26.92 -141.14
N GLY L 392 24.10 26.56 -139.96
CA GLY L 392 25.44 25.98 -139.82
C GLY L 392 25.47 24.51 -140.18
N ARG L 393 26.65 23.92 -140.12
CA ARG L 393 26.82 22.51 -140.47
C ARG L 393 26.99 21.65 -139.21
N TYR L 394 27.97 21.98 -138.38
CA TYR L 394 28.33 21.12 -137.27
C TYR L 394 28.04 21.77 -135.92
N ALA L 395 27.50 20.98 -134.99
CA ALA L 395 27.32 21.42 -133.62
C ALA L 395 28.06 20.50 -132.65
N LEU L 396 28.71 21.10 -131.66
CA LEU L 396 29.25 20.36 -130.53
C LEU L 396 28.42 20.63 -129.28
N VAL L 397 28.04 19.55 -128.59
CA VAL L 397 27.52 19.65 -127.24
C VAL L 397 28.45 18.92 -126.26
N THR L 398 28.85 19.62 -125.21
CA THR L 398 29.76 19.03 -124.24
C THR L 398 29.58 19.66 -122.86
N MET L 399 29.98 18.94 -121.83
CA MET L 399 29.88 19.42 -120.48
C MET L 399 30.74 18.63 -119.52
N CYS L 400 31.15 19.28 -118.45
CA CYS L 400 31.93 18.63 -117.40
C CYS L 400 31.01 17.90 -116.46
N ILE L 401 31.56 16.93 -115.74
CA ILE L 401 30.77 15.99 -114.95
C ILE L 401 31.39 15.80 -113.57
N GLY L 402 30.59 15.94 -112.52
CA GLY L 402 31.07 15.83 -111.16
C GLY L 402 31.70 14.48 -110.92
N GLY L 403 32.82 14.47 -110.20
CA GLY L 403 33.57 13.24 -109.95
C GLY L 403 34.70 13.04 -110.94
N GLY L 404 34.78 13.95 -111.91
CA GLY L 404 35.87 13.95 -112.89
C GLY L 404 35.54 13.19 -114.15
N GLN L 405 34.62 13.73 -114.94
CA GLN L 405 34.37 13.21 -116.28
C GLN L 405 34.01 14.30 -117.26
N GLY L 406 34.01 13.94 -118.53
CA GLY L 406 33.43 14.77 -119.58
C GLY L 406 32.60 13.92 -120.50
N ILE L 407 31.74 14.59 -121.25
CA ILE L 407 31.00 13.95 -122.32
C ILE L 407 30.77 14.96 -123.44
N ALA L 408 30.88 14.48 -124.67
CA ALA L 408 30.72 15.35 -125.83
C ALA L 408 30.05 14.59 -126.96
N ALA L 409 29.24 15.29 -127.74
CA ALA L 409 28.65 14.73 -128.95
C ALA L 409 28.67 15.76 -130.06
N ILE L 410 28.77 15.28 -131.30
CA ILE L 410 28.78 16.17 -132.45
C ILE L 410 27.62 15.83 -133.38
N PHE L 411 26.94 16.86 -133.86
CA PHE L 411 25.79 16.72 -134.72
C PHE L 411 26.03 17.46 -136.04
N GLU L 412 25.39 16.99 -137.11
CA GLU L 412 25.50 17.63 -138.42
C GLU L 412 24.12 17.89 -138.98
N ARG L 413 23.89 19.10 -139.49
CA ARG L 413 22.60 19.36 -140.14
C ARG L 413 22.51 18.56 -141.43
N THR M 22 -81.54 -30.22 96.17
CA THR M 22 -80.44 -30.22 97.17
C THR M 22 -79.35 -31.25 96.83
N ARG M 23 -78.37 -30.83 96.02
CA ARG M 23 -77.68 -31.78 95.16
C ARG M 23 -76.50 -32.41 95.88
N GLU M 24 -76.19 -33.65 95.51
CA GLU M 24 -75.17 -34.43 96.20
C GLU M 24 -74.26 -35.08 95.18
N VAL M 25 -72.96 -35.08 95.47
CA VAL M 25 -71.98 -35.66 94.55
C VAL M 25 -71.59 -37.06 95.02
N VAL M 26 -71.67 -38.01 94.11
CA VAL M 26 -71.26 -39.37 94.40
C VAL M 26 -70.16 -39.84 93.45
N VAL M 27 -69.20 -40.56 94.00
CA VAL M 27 -68.12 -41.16 93.21
C VAL M 27 -68.47 -42.58 92.77
N VAL M 28 -68.45 -42.81 91.46
CA VAL M 28 -68.96 -44.05 90.90
C VAL M 28 -67.83 -44.97 90.46
N SER M 29 -66.63 -44.41 90.25
CA SER M 29 -65.45 -45.23 90.00
C SER M 29 -64.19 -44.45 90.32
N GLY M 30 -63.13 -45.19 90.63
CA GLY M 30 -61.83 -44.58 90.88
C GLY M 30 -60.71 -45.53 90.51
N VAL M 31 -59.75 -45.01 89.75
CA VAL M 31 -58.66 -45.84 89.27
C VAL M 31 -57.37 -45.02 89.21
N ARG M 32 -56.25 -45.71 89.37
CA ARG M 32 -54.93 -45.08 89.27
C ARG M 32 -53.99 -45.97 88.50
N THR M 33 -52.90 -45.39 88.01
CA THR M 33 -51.72 -46.16 87.65
C THR M 33 -51.03 -46.64 88.92
N ALA M 34 -50.25 -47.70 88.80
CA ALA M 34 -49.10 -47.89 89.69
C ALA M 34 -48.21 -46.65 89.69
N ILE M 35 -47.57 -46.40 90.83
CA ILE M 35 -46.68 -45.27 90.96
C ILE M 35 -45.25 -45.64 90.57
N GLY M 36 -44.77 -45.00 89.50
CA GLY M 36 -43.40 -45.22 89.02
C GLY M 36 -42.40 -44.38 89.78
N THR M 37 -41.16 -44.86 89.83
CA THR M 37 -40.08 -44.13 90.48
C THR M 37 -39.40 -43.22 89.47
N PHE M 38 -38.82 -42.13 89.99
CA PHE M 38 -38.13 -41.15 89.18
C PHE M 38 -37.04 -41.82 88.35
N GLY M 39 -37.13 -41.69 87.03
CA GLY M 39 -36.22 -42.37 86.11
C GLY M 39 -36.55 -43.83 85.93
N GLY M 40 -37.77 -44.22 86.30
CA GLY M 40 -38.12 -45.64 86.41
C GLY M 40 -39.05 -46.09 85.30
N SER M 41 -40.07 -46.86 85.68
CA SER M 41 -40.83 -47.64 84.70
C SER M 41 -41.70 -46.77 83.80
N LEU M 42 -42.03 -45.57 84.27
CA LEU M 42 -42.92 -44.68 83.53
C LEU M 42 -42.16 -43.51 82.93
N LYS M 43 -40.84 -43.63 82.87
CA LYS M 43 -40.00 -42.54 82.41
C LYS M 43 -40.37 -42.07 81.00
N ASP M 44 -40.86 -43.00 80.19
CA ASP M 44 -41.08 -42.75 78.77
C ASP M 44 -42.56 -42.54 78.45
N VAL M 45 -43.38 -42.32 79.48
CA VAL M 45 -44.82 -42.09 79.28
C VAL M 45 -45.23 -40.70 79.76
N ALA M 46 -45.70 -39.89 78.83
CA ALA M 46 -46.00 -38.49 79.13
C ALA M 46 -47.28 -38.38 79.95
N PRO M 47 -47.42 -37.30 80.72
CA PRO M 47 -48.61 -37.05 81.56
C PRO M 47 -49.91 -37.16 80.79
N ALA M 48 -49.92 -36.65 79.56
CA ALA M 48 -51.09 -36.71 78.69
C ALA M 48 -51.57 -38.16 78.49
N GLU M 49 -50.62 -39.08 78.32
CA GLU M 49 -50.95 -40.47 78.05
C GLU M 49 -51.33 -41.18 79.35
N LEU M 50 -50.66 -40.84 80.43
CA LEU M 50 -51.03 -41.36 81.75
C LEU M 50 -52.45 -40.92 82.09
N GLY M 51 -52.79 -39.67 81.76
CA GLY M 51 -54.11 -39.13 82.08
C GLY M 51 -55.22 -39.73 81.23
N ALA M 52 -54.94 -39.91 79.94
CA ALA M 52 -55.91 -40.52 79.04
C ALA M 52 -56.22 -41.96 79.49
N LEU M 53 -55.18 -42.67 79.95
CA LEU M 53 -55.34 -44.06 80.35
C LEU M 53 -56.30 -44.19 81.53
N VAL M 54 -56.10 -43.38 82.57
CA VAL M 54 -56.95 -43.47 83.74
C VAL M 54 -58.36 -42.95 83.48
N VAL M 55 -58.48 -42.00 82.56
CA VAL M 55 -59.80 -41.50 82.18
C VAL M 55 -60.61 -42.58 81.47
N ARG M 56 -59.97 -43.26 80.52
CA ARG M 56 -60.63 -44.31 79.75
C ARG M 56 -61.07 -45.44 80.68
N GLU M 57 -60.18 -45.84 81.59
CA GLU M 57 -60.41 -47.01 82.42
C GLU M 57 -61.40 -46.68 83.54
N ALA M 58 -61.38 -45.45 84.01
CA ALA M 58 -62.34 -45.02 85.02
C ALA M 58 -63.76 -45.01 84.47
N LEU M 59 -63.89 -44.56 83.22
CA LEU M 59 -65.19 -44.53 82.57
C LEU M 59 -65.71 -45.94 82.33
N ALA M 60 -64.83 -46.83 81.88
CA ALA M 60 -65.19 -48.23 81.67
C ALA M 60 -65.65 -48.88 82.98
N ARG M 61 -64.87 -48.70 84.04
CA ARG M 61 -65.23 -49.21 85.36
C ARG M 61 -66.59 -48.70 85.83
N ALA M 62 -66.90 -47.44 85.51
CA ALA M 62 -68.13 -46.81 85.96
C ALA M 62 -69.31 -47.26 85.08
N GLN M 63 -69.00 -47.92 83.97
CA GLN M 63 -69.98 -48.16 82.92
C GLN M 63 -70.63 -46.87 82.47
N VAL M 64 -69.82 -45.85 82.22
CA VAL M 64 -70.30 -44.57 81.73
C VAL M 64 -69.65 -44.22 80.41
N SER M 65 -70.45 -43.77 79.44
CA SER M 65 -69.93 -43.37 78.13
C SER M 65 -69.23 -42.02 78.26
N GLY M 66 -68.12 -41.87 77.55
CA GLY M 66 -67.45 -40.58 77.44
C GLY M 66 -68.35 -39.52 76.88
N ASP M 67 -69.37 -39.93 76.15
CA ASP M 67 -70.31 -38.99 75.54
C ASP M 67 -71.18 -38.31 76.59
N ASP M 68 -71.23 -38.86 77.78
CA ASP M 68 -72.14 -38.38 78.83
C ASP M 68 -71.41 -37.55 79.89
N VAL M 69 -70.09 -37.40 79.75
CA VAL M 69 -69.32 -36.58 80.68
C VAL M 69 -69.50 -35.09 80.35
N GLY M 70 -69.79 -34.30 81.40
CA GLY M 70 -70.09 -32.88 81.22
C GLY M 70 -68.94 -31.97 81.58
N HIS M 71 -67.99 -32.48 82.37
CA HIS M 71 -66.82 -31.69 82.75
C HIS M 71 -65.66 -32.58 83.13
N VAL M 72 -64.46 -32.12 82.81
CA VAL M 72 -63.23 -32.78 83.23
C VAL M 72 -62.27 -31.75 83.83
N VAL M 73 -61.73 -32.07 85.00
CA VAL M 73 -60.69 -31.28 85.63
C VAL M 73 -59.50 -32.16 86.00
N PHE M 74 -58.30 -31.71 85.63
CA PHE M 74 -57.10 -32.45 85.96
C PHE M 74 -56.08 -31.59 86.71
N GLY M 75 -55.46 -32.19 87.72
CA GLY M 75 -54.38 -31.54 88.44
C GLY M 75 -53.05 -31.84 87.78
N ASN M 76 -52.17 -30.84 87.79
CA ASN M 76 -50.80 -30.99 87.31
C ASN M 76 -49.98 -29.76 87.70
N VAL M 77 -48.74 -29.99 88.11
CA VAL M 77 -47.87 -28.90 88.57
C VAL M 77 -46.74 -28.61 87.58
N ILE M 78 -46.12 -29.66 87.05
CA ILE M 78 -44.96 -29.47 86.17
C ILE M 78 -45.32 -29.71 84.70
N GLN M 79 -45.29 -28.64 83.92
CA GLN M 79 -45.44 -28.74 82.47
C GLN M 79 -44.18 -29.34 81.84
N THR M 80 -44.33 -30.51 81.24
CA THR M 80 -43.20 -31.24 80.67
C THR M 80 -43.08 -30.99 79.18
N GLU M 81 -44.21 -30.67 78.55
CA GLU M 81 -44.25 -30.34 77.13
C GLU M 81 -45.43 -29.41 76.88
N PRO M 82 -45.50 -28.84 75.68
CA PRO M 82 -46.61 -27.95 75.31
C PRO M 82 -48.00 -28.53 75.56
N ARG M 83 -48.16 -29.84 75.34
CA ARG M 83 -49.47 -30.47 75.49
C ARG M 83 -49.94 -30.43 76.92
N ASP M 84 -49.00 -30.30 77.86
CA ASP M 84 -49.35 -30.24 79.27
C ASP M 84 -50.07 -28.96 79.63
N MET M 85 -50.01 -27.96 78.76
CA MET M 85 -50.81 -26.75 78.96
C MET M 85 -52.28 -27.02 78.64
N TYR M 86 -52.53 -28.18 78.04
CA TYR M 86 -53.87 -28.58 77.61
C TYR M 86 -54.29 -29.86 78.33
N LEU M 87 -53.61 -30.19 79.43
CA LEU M 87 -53.60 -31.56 79.92
C LEU M 87 -55.01 -32.10 80.11
N GLY M 88 -55.85 -31.33 80.79
CA GLY M 88 -57.21 -31.76 81.09
C GLY M 88 -57.96 -32.11 79.83
N ARG M 89 -57.79 -31.28 78.81
CA ARG M 89 -58.45 -31.47 77.53
C ARG M 89 -57.89 -32.68 76.79
N VAL M 90 -56.58 -32.89 76.88
CA VAL M 90 -55.94 -33.98 76.15
C VAL M 90 -56.23 -35.33 76.81
N ALA M 91 -56.20 -35.35 78.14
CA ALA M 91 -56.51 -36.54 78.89
C ALA M 91 -57.98 -36.92 78.71
N ALA M 92 -58.84 -35.90 78.65
CA ALA M 92 -60.26 -36.12 78.41
C ALA M 92 -60.49 -36.75 77.05
N VAL M 93 -60.13 -36.02 76.01
CA VAL M 93 -60.50 -36.37 74.65
C VAL M 93 -59.82 -37.69 74.23
N ASN M 94 -58.54 -37.84 74.56
CA ASN M 94 -57.81 -39.05 74.22
C ASN M 94 -58.23 -40.23 75.09
N GLY M 95 -58.89 -39.95 76.21
CA GLY M 95 -59.49 -40.97 77.03
C GLY M 95 -60.91 -41.32 76.63
N GLY M 96 -61.41 -40.65 75.61
CA GLY M 96 -62.70 -41.01 75.01
C GLY M 96 -63.86 -40.12 75.46
N VAL M 97 -63.56 -39.12 76.26
CA VAL M 97 -64.53 -38.07 76.56
C VAL M 97 -64.86 -37.26 75.31
N THR M 98 -66.14 -36.93 75.14
CA THR M 98 -66.60 -36.15 74.00
C THR M 98 -65.89 -34.80 73.92
N ILE M 99 -65.62 -34.36 72.70
CA ILE M 99 -65.08 -33.01 72.47
C ILE M 99 -66.02 -31.92 72.94
N ASN M 100 -67.27 -32.26 73.21
CA ASN M 100 -68.26 -31.28 73.67
C ASN M 100 -68.11 -30.95 75.15
N ALA M 101 -67.29 -31.72 75.87
CA ALA M 101 -67.11 -31.50 77.31
C ALA M 101 -66.02 -30.46 77.55
N PRO M 102 -66.32 -29.46 78.41
CA PRO M 102 -65.27 -28.59 78.94
C PRO M 102 -64.21 -29.34 79.73
N ALA M 103 -62.98 -28.83 79.72
CA ALA M 103 -61.84 -29.50 80.32
C ALA M 103 -60.85 -28.50 80.92
N LEU M 104 -60.50 -28.70 82.19
CA LEU M 104 -59.73 -27.71 82.96
C LEU M 104 -58.46 -28.37 83.51
N THR M 105 -57.39 -27.61 83.60
CA THR M 105 -56.22 -28.03 84.37
C THR M 105 -56.01 -27.10 85.55
N VAL M 106 -55.79 -27.69 86.73
CA VAL M 106 -55.61 -26.89 87.94
C VAL M 106 -54.27 -27.17 88.61
N ASN M 107 -53.79 -26.19 89.36
CA ASN M 107 -52.51 -26.28 90.04
C ASN M 107 -52.59 -25.69 91.45
N ARG M 108 -52.77 -26.56 92.43
CA ARG M 108 -52.56 -26.19 93.83
C ARG M 108 -51.40 -27.01 94.39
N LEU M 109 -50.34 -27.10 93.59
CA LEU M 109 -49.15 -27.89 93.92
C LEU M 109 -49.48 -29.29 94.40
N CYS M 110 -48.99 -29.65 95.58
CA CYS M 110 -49.12 -31.01 96.09
C CYS M 110 -50.61 -31.39 96.29
N GLY M 111 -51.49 -30.39 96.28
CA GLY M 111 -52.91 -30.63 96.49
C GLY M 111 -53.70 -30.73 95.20
N SER M 112 -53.01 -30.60 94.08
CA SER M 112 -53.68 -30.36 92.80
C SER M 112 -54.68 -31.46 92.51
N GLY M 113 -54.29 -32.70 92.79
CA GLY M 113 -55.11 -33.86 92.43
C GLY M 113 -56.44 -33.93 93.18
N LEU M 114 -56.42 -33.55 94.45
CA LEU M 114 -57.65 -33.45 95.22
C LEU M 114 -58.43 -32.18 94.86
N GLN M 115 -57.71 -31.13 94.47
CA GLN M 115 -58.38 -29.90 94.03
C GLN M 115 -59.16 -30.16 92.75
N ALA M 116 -58.61 -30.99 91.87
CA ALA M 116 -59.28 -31.32 90.61
C ALA M 116 -60.61 -32.02 90.90
N ILE M 117 -60.60 -32.90 91.90
CA ILE M 117 -61.79 -33.63 92.29
C ILE M 117 -62.82 -32.71 92.97
N VAL M 118 -62.32 -31.74 93.74
CA VAL M 118 -63.18 -30.73 94.34
C VAL M 118 -63.80 -29.77 93.32
N SER M 119 -62.98 -29.29 92.38
CA SER M 119 -63.48 -28.41 91.33
C SER M 119 -64.51 -29.11 90.44
N ALA M 120 -64.25 -30.38 90.12
CA ALA M 120 -65.18 -31.16 89.32
C ALA M 120 -66.51 -31.37 90.06
N ALA M 121 -66.41 -31.71 91.34
CA ALA M 121 -67.59 -31.87 92.18
C ALA M 121 -68.41 -30.58 92.23
N GLN M 122 -67.72 -29.45 92.23
CA GLN M 122 -68.37 -28.15 92.38
C GLN M 122 -69.24 -27.87 91.16
N THR M 123 -68.81 -28.32 89.99
CA THR M 123 -69.61 -28.14 88.78
C THR M 123 -70.90 -28.96 88.86
N ILE M 124 -70.85 -30.09 89.55
CA ILE M 124 -72.05 -30.89 89.79
C ILE M 124 -72.95 -30.27 90.85
N LEU M 125 -72.35 -29.84 91.96
CA LEU M 125 -73.09 -29.26 93.06
C LEU M 125 -73.87 -28.01 92.63
N LEU M 126 -73.30 -27.24 91.70
CA LEU M 126 -73.91 -25.97 91.30
C LEU M 126 -74.80 -26.17 90.08
N GLY M 127 -74.93 -27.41 89.63
CA GLY M 127 -75.92 -27.77 88.63
C GLY M 127 -75.45 -27.47 87.22
N ASP M 128 -74.14 -27.28 87.05
CA ASP M 128 -73.57 -27.06 85.73
C ASP M 128 -73.61 -28.35 84.91
N THR M 129 -73.51 -29.49 85.59
CA THR M 129 -73.58 -30.78 84.94
C THR M 129 -73.93 -31.85 85.96
N ASP M 130 -74.20 -33.06 85.47
CA ASP M 130 -74.57 -34.18 86.33
C ASP M 130 -73.47 -35.22 86.41
N VAL M 131 -72.52 -35.13 85.47
CA VAL M 131 -71.45 -36.11 85.37
C VAL M 131 -70.12 -35.39 85.13
N ALA M 132 -69.13 -35.67 85.95
CA ALA M 132 -67.81 -35.05 85.79
C ALA M 132 -66.69 -35.99 86.18
N ILE M 133 -65.49 -35.69 85.67
CA ILE M 133 -64.28 -36.43 86.02
C ILE M 133 -63.24 -35.53 86.68
N GLY M 134 -62.79 -35.93 87.86
CA GLY M 134 -61.61 -35.32 88.48
C GLY M 134 -60.44 -36.28 88.46
N GLY M 135 -59.26 -35.76 88.13
CA GLY M 135 -58.05 -36.57 88.18
C GLY M 135 -56.79 -35.74 88.32
N GLY M 136 -55.66 -36.43 88.28
CA GLY M 136 -54.36 -35.77 88.27
C GLY M 136 -53.34 -36.62 87.56
N ALA M 137 -52.35 -35.97 86.97
CA ALA M 137 -51.25 -36.67 86.30
C ALA M 137 -49.98 -35.87 86.50
N GLU M 138 -48.90 -36.57 86.85
CA GLU M 138 -47.60 -35.94 87.02
C GLU M 138 -46.49 -36.88 86.58
N SER M 139 -45.54 -36.34 85.81
CA SER M 139 -44.34 -37.08 85.45
C SER M 139 -43.09 -36.30 85.86
N MET M 140 -42.58 -36.61 87.05
CA MET M 140 -41.42 -35.91 87.56
C MET M 140 -40.15 -36.41 86.84
N SER M 141 -40.22 -37.61 86.26
CA SER M 141 -39.18 -38.12 85.37
C SER M 141 -38.98 -37.19 84.19
N ARG M 142 -40.07 -36.66 83.65
CA ARG M 142 -40.03 -35.92 82.40
C ARG M 142 -40.10 -34.41 82.64
N ALA M 143 -39.93 -34.01 83.89
CA ALA M 143 -39.82 -32.59 84.22
C ALA M 143 -38.68 -31.97 83.42
N PRO M 144 -38.93 -30.79 82.85
CA PRO M 144 -37.99 -30.18 81.93
C PRO M 144 -36.91 -29.40 82.65
N TYR M 145 -35.87 -29.06 81.89
CA TYR M 145 -35.01 -27.94 82.21
C TYR M 145 -35.42 -26.73 81.37
N LEU M 146 -35.48 -25.57 82.01
CA LEU M 146 -35.77 -24.33 81.31
C LEU M 146 -34.46 -23.66 80.93
N ALA M 147 -34.50 -22.90 79.85
CA ALA M 147 -33.39 -22.03 79.47
C ALA M 147 -33.87 -20.59 79.34
N PRO M 148 -33.82 -19.84 80.45
CA PRO M 148 -34.52 -18.55 80.50
C PRO M 148 -33.80 -17.46 79.72
N ALA M 149 -32.60 -17.75 79.23
CA ALA M 149 -31.83 -16.79 78.44
C ALA M 149 -31.97 -17.06 76.94
N ALA M 150 -32.65 -18.15 76.58
CA ALA M 150 -32.67 -18.62 75.20
C ALA M 150 -33.44 -17.67 74.29
N ARG M 151 -34.48 -17.03 74.80
CA ARG M 151 -35.37 -16.26 73.94
C ARG M 151 -34.69 -14.95 73.52
N TRP M 152 -34.18 -14.22 74.49
CA TRP M 152 -33.64 -12.89 74.24
C TRP M 152 -32.11 -12.84 74.32
N GLY M 153 -31.51 -13.96 74.71
CA GLY M 153 -30.05 -14.11 74.63
C GLY M 153 -29.35 -13.87 75.96
N ALA M 154 -28.26 -14.60 76.20
CA ALA M 154 -27.43 -14.37 77.37
C ALA M 154 -26.35 -13.31 77.10
N ARG M 155 -26.02 -13.12 75.83
CA ARG M 155 -25.05 -12.10 75.42
C ARG M 155 -23.62 -12.47 75.80
N MET M 156 -23.33 -12.49 77.10
CA MET M 156 -21.98 -12.78 77.59
C MET M 156 -22.07 -13.38 78.99
N GLY M 157 -21.33 -14.45 79.23
CA GLY M 157 -21.30 -15.08 80.54
C GLY M 157 -22.11 -16.37 80.56
N ASP M 158 -21.70 -17.30 81.41
CA ASP M 158 -22.38 -18.59 81.53
C ASP M 158 -23.86 -18.39 81.88
N ALA M 159 -24.70 -19.25 81.35
CA ALA M 159 -26.15 -19.15 81.57
C ALA M 159 -26.67 -20.43 82.20
N GLY M 160 -27.96 -20.44 82.56
CA GLY M 160 -28.52 -21.47 83.42
C GLY M 160 -29.47 -22.37 82.67
N LEU M 161 -29.40 -23.67 82.95
CA LEU M 161 -30.52 -24.56 82.69
C LEU M 161 -31.24 -24.92 83.99
N VAL M 162 -32.49 -24.47 84.12
CA VAL M 162 -33.20 -24.48 85.39
C VAL M 162 -33.98 -25.77 85.52
N ASP M 163 -33.73 -26.50 86.61
CA ASP M 163 -34.41 -27.76 86.86
C ASP M 163 -35.81 -27.47 87.43
N MET M 164 -36.84 -27.69 86.62
CA MET M 164 -38.19 -27.27 86.99
C MET M 164 -38.85 -28.21 88.00
N MET M 165 -38.34 -29.44 88.10
CA MET M 165 -38.79 -30.34 89.16
C MET M 165 -38.40 -29.79 90.53
N LEU M 166 -37.13 -29.42 90.68
CA LEU M 166 -36.66 -28.84 91.92
C LEU M 166 -37.37 -27.52 92.15
N GLY M 167 -37.68 -26.81 91.06
CA GLY M 167 -38.47 -25.59 91.14
C GLY M 167 -39.80 -25.79 91.84
N ALA M 168 -40.42 -26.94 91.58
CA ALA M 168 -41.70 -27.27 92.20
C ALA M 168 -41.52 -27.53 93.70
N LEU M 169 -40.30 -27.90 94.09
CA LEU M 169 -40.04 -28.40 95.44
C LEU M 169 -39.39 -27.33 96.31
N HIS M 170 -39.28 -26.11 95.78
CA HIS M 170 -38.81 -24.99 96.57
C HIS M 170 -39.92 -23.97 96.81
N ASP M 171 -39.95 -23.44 98.03
CA ASP M 171 -40.88 -22.38 98.38
C ASP M 171 -40.55 -21.13 97.58
N PRO M 172 -41.59 -20.46 97.05
CA PRO M 172 -41.41 -19.36 96.12
C PRO M 172 -41.08 -18.04 96.81
N PHE M 173 -41.24 -17.98 98.12
CA PHE M 173 -40.95 -16.77 98.89
C PHE M 173 -39.53 -16.81 99.44
N HIS M 174 -39.11 -17.97 99.89
CA HIS M 174 -37.88 -18.10 100.67
C HIS M 174 -36.85 -18.98 99.98
N ARG M 175 -37.25 -19.60 98.87
CA ARG M 175 -36.35 -20.42 98.05
C ARG M 175 -35.69 -21.50 98.88
N ILE M 176 -36.43 -22.08 99.82
CA ILE M 176 -35.97 -23.22 100.57
C ILE M 176 -36.70 -24.48 100.14
N HIS M 177 -36.00 -25.61 100.14
CA HIS M 177 -36.60 -26.89 99.82
C HIS M 177 -37.75 -27.18 100.79
N MET M 178 -38.77 -27.88 100.31
CA MET M 178 -39.87 -28.34 101.16
C MET M 178 -39.32 -29.06 102.39
N GLY M 179 -38.18 -29.71 102.23
CA GLY M 179 -37.60 -30.53 103.30
C GLY M 179 -37.12 -29.73 104.49
N VAL M 180 -36.68 -28.50 104.26
CA VAL M 180 -36.27 -27.63 105.36
C VAL M 180 -37.52 -27.12 106.09
N THR M 181 -38.61 -27.02 105.34
CA THR M 181 -39.90 -26.67 105.93
C THR M 181 -40.38 -27.78 106.85
N ALA M 182 -40.03 -29.02 106.50
CA ALA M 182 -40.36 -30.17 107.34
C ALA M 182 -39.53 -30.18 108.62
N GLU M 183 -38.29 -29.71 108.53
CA GLU M 183 -37.44 -29.56 109.71
C GLU M 183 -38.05 -28.58 110.69
N ASN M 184 -38.62 -27.49 110.17
CA ASN M 184 -39.27 -26.48 111.00
C ASN M 184 -40.44 -27.10 111.75
N VAL M 185 -41.18 -27.97 111.07
CA VAL M 185 -42.36 -28.59 111.65
C VAL M 185 -41.96 -29.63 112.69
N ALA M 186 -40.96 -30.45 112.35
CA ALA M 186 -40.41 -31.41 113.31
C ALA M 186 -39.96 -30.72 114.58
N LYS M 187 -39.31 -29.60 114.44
CA LYS M 187 -38.93 -28.82 115.58
C LYS M 187 -40.15 -28.37 116.38
N GLU M 188 -41.07 -27.68 115.73
CA GLU M 188 -42.16 -27.00 116.43
C GLU M 188 -43.06 -28.01 117.13
N TYR M 189 -43.21 -29.20 116.55
CA TYR M 189 -44.14 -30.19 117.08
C TYR M 189 -43.40 -31.35 117.75
N ASP M 190 -42.07 -31.22 117.86
CA ASP M 190 -41.27 -32.12 118.68
C ASP M 190 -41.33 -33.55 118.15
N ILE M 191 -41.05 -33.69 116.86
CA ILE M 191 -40.99 -35.01 116.25
C ILE M 191 -39.53 -35.41 116.02
N SER M 192 -39.10 -36.43 116.74
CA SER M 192 -37.69 -36.76 116.81
C SER M 192 -37.27 -37.51 115.55
N ARG M 193 -35.97 -37.60 115.35
CA ARG M 193 -35.41 -38.41 114.26
C ARG M 193 -35.88 -39.86 114.39
N ALA M 194 -35.89 -40.35 115.62
CA ALA M 194 -36.28 -41.74 115.88
C ALA M 194 -37.74 -41.95 115.47
N GLN M 195 -38.58 -40.98 115.80
CA GLN M 195 -39.99 -41.05 115.45
C GLN M 195 -40.19 -41.06 113.93
N GLN M 196 -39.43 -40.22 113.23
CA GLN M 196 -39.59 -40.09 111.79
C GLN M 196 -39.16 -41.36 111.08
N ASP M 197 -38.11 -41.99 111.60
CA ASP M 197 -37.55 -43.17 110.95
C ASP M 197 -38.45 -44.39 111.19
N GLU M 198 -39.06 -44.46 112.37
CA GLU M 198 -40.00 -45.53 112.67
C GLU M 198 -41.26 -45.41 111.82
N ALA M 199 -41.73 -44.19 111.65
CA ALA M 199 -42.87 -43.93 110.79
C ALA M 199 -42.55 -44.29 109.35
N ALA M 200 -41.32 -44.01 108.91
CA ALA M 200 -40.91 -44.31 107.54
C ALA M 200 -40.84 -45.81 107.31
N LEU M 201 -40.23 -46.52 108.27
CA LEU M 201 -40.14 -47.97 108.19
C LEU M 201 -41.54 -48.59 108.12
N GLU M 202 -42.44 -48.09 108.95
CA GLU M 202 -43.79 -48.61 109.03
C GLU M 202 -44.56 -48.39 107.74
N SER M 203 -44.32 -47.26 107.08
CA SER M 203 -44.99 -46.94 105.83
C SER M 203 -44.60 -47.95 104.75
N HIS M 204 -43.33 -48.33 104.74
CA HIS M 204 -42.85 -49.33 103.80
C HIS M 204 -43.41 -50.71 104.14
N ARG M 205 -43.44 -51.05 105.42
CA ARG M 205 -44.02 -52.32 105.84
C ARG M 205 -45.49 -52.41 105.46
N ARG M 206 -46.25 -51.35 105.73
CA ARG M 206 -47.68 -51.34 105.40
C ARG M 206 -47.90 -51.44 103.89
N ALA M 207 -47.07 -50.75 103.12
CA ALA M 207 -47.23 -50.74 101.67
C ALA M 207 -46.94 -52.13 101.14
N SER M 208 -45.89 -52.75 101.66
CA SER M 208 -45.46 -54.06 101.21
C SER M 208 -46.53 -55.11 101.51
N ALA M 209 -47.07 -55.06 102.73
CA ALA M 209 -48.15 -55.96 103.13
C ALA M 209 -49.34 -55.79 102.21
N ALA M 210 -49.64 -54.55 101.85
CA ALA M 210 -50.82 -54.23 101.05
C ALA M 210 -50.67 -54.73 99.62
N ILE M 211 -49.47 -54.60 99.07
CA ILE M 211 -49.18 -55.08 97.73
C ILE M 211 -49.32 -56.60 97.68
N LYS M 212 -48.73 -57.27 98.67
CA LYS M 212 -48.69 -58.74 98.69
C LYS M 212 -50.08 -59.34 98.93
N ALA M 213 -50.88 -58.67 99.76
CA ALA M 213 -52.24 -59.12 100.04
C ALA M 213 -53.19 -58.75 98.90
N GLY M 214 -52.70 -57.94 97.96
CA GLY M 214 -53.41 -57.71 96.72
C GLY M 214 -54.43 -56.59 96.85
N TYR M 215 -54.24 -55.73 97.84
CA TYR M 215 -55.21 -54.68 98.15
C TYR M 215 -55.37 -53.71 97.00
N PHE M 216 -54.29 -53.50 96.25
CA PHE M 216 -54.26 -52.48 95.22
C PHE M 216 -54.67 -53.03 93.86
N LYS M 217 -54.77 -54.35 93.76
CA LYS M 217 -54.98 -55.02 92.47
C LYS M 217 -56.11 -54.38 91.67
N ASP M 218 -57.24 -54.15 92.32
CA ASP M 218 -58.47 -53.75 91.64
C ASP M 218 -58.36 -52.33 91.10
N GLN M 219 -57.70 -51.45 91.85
CA GLN M 219 -57.72 -50.02 91.57
C GLN M 219 -56.67 -49.63 90.54
N ILE M 220 -55.68 -50.50 90.34
CA ILE M 220 -54.54 -50.17 89.45
C ILE M 220 -54.85 -50.57 88.01
N VAL M 221 -54.73 -49.61 87.11
CA VAL M 221 -54.73 -49.89 85.67
C VAL M 221 -53.30 -50.10 85.17
N PRO M 222 -53.05 -51.24 84.51
CA PRO M 222 -51.72 -51.49 83.96
C PRO M 222 -51.35 -50.48 82.90
N VAL M 223 -50.09 -50.03 82.91
CA VAL M 223 -49.50 -49.35 81.78
C VAL M 223 -48.64 -50.33 81.00
N VAL M 224 -48.99 -50.56 79.74
CA VAL M 224 -48.23 -51.46 78.89
C VAL M 224 -47.56 -50.70 77.74
N SER M 225 -46.24 -50.81 77.67
CA SER M 225 -45.47 -50.20 76.60
C SER M 225 -44.91 -51.28 75.68
N LYS M 226 -44.22 -50.85 74.62
CA LYS M 226 -43.59 -51.79 73.71
C LYS M 226 -42.07 -51.73 73.86
N GLY M 230 -40.53 -57.55 73.72
CA GLY M 230 -41.96 -57.51 73.48
C GLY M 230 -42.66 -56.43 74.30
N ASP M 231 -43.90 -56.74 74.72
CA ASP M 231 -44.70 -55.80 75.50
C ASP M 231 -44.26 -55.80 76.96
N VAL M 232 -44.13 -54.61 77.54
CA VAL M 232 -43.84 -54.47 78.96
C VAL M 232 -45.06 -53.90 79.69
N THR M 233 -45.45 -54.54 80.79
CA THR M 233 -46.61 -54.09 81.56
C THR M 233 -46.22 -53.71 82.99
N PHE M 234 -46.52 -52.47 83.37
CA PHE M 234 -46.17 -51.95 84.69
C PHE M 234 -47.43 -51.79 85.53
N ASP M 235 -47.51 -52.52 86.64
CA ASP M 235 -48.74 -52.59 87.43
C ASP M 235 -48.48 -52.74 88.93
N THR M 236 -47.24 -52.52 89.35
CA THR M 236 -46.90 -52.66 90.76
C THR M 236 -46.11 -51.45 91.25
N ASP M 237 -46.47 -50.96 92.43
CA ASP M 237 -45.88 -49.72 92.94
C ASP M 237 -44.42 -49.91 93.32
N GLU M 238 -43.52 -49.36 92.51
CA GLU M 238 -42.15 -49.85 92.46
C GLU M 238 -41.23 -49.09 93.42
N HIS M 239 -41.78 -48.08 94.10
CA HIS M 239 -40.99 -47.31 95.06
C HIS M 239 -40.78 -48.08 96.37
N VAL M 240 -41.69 -48.99 96.67
CA VAL M 240 -41.73 -49.61 98.00
C VAL M 240 -40.55 -50.53 98.21
N ARG M 241 -40.01 -50.54 99.43
CA ARG M 241 -38.89 -51.38 99.78
C ARG M 241 -39.35 -52.52 100.67
N HIS M 242 -39.42 -53.72 100.09
CA HIS M 242 -40.09 -54.84 100.73
C HIS M 242 -39.22 -55.46 101.84
N ASP M 243 -37.96 -55.07 101.87
CA ASP M 243 -36.98 -55.70 102.76
C ASP M 243 -36.37 -54.68 103.71
N ALA M 244 -37.07 -53.56 103.91
CA ALA M 244 -36.52 -52.43 104.65
C ALA M 244 -36.33 -52.79 106.13
N THR M 245 -35.24 -52.29 106.71
CA THR M 245 -35.02 -52.42 108.15
C THR M 245 -34.84 -51.05 108.78
N ILE M 246 -34.90 -50.99 110.11
CA ILE M 246 -34.76 -49.73 110.82
C ILE M 246 -33.35 -49.16 110.69
N ASP M 247 -32.36 -50.03 110.52
CA ASP M 247 -30.98 -49.57 110.38
C ASP M 247 -30.77 -48.91 109.03
N ASP M 248 -31.55 -49.32 108.04
CA ASP M 248 -31.55 -48.66 106.74
C ASP M 248 -31.89 -47.18 106.90
N MET M 249 -32.82 -46.90 107.80
CA MET M 249 -33.21 -45.51 108.09
C MET M 249 -32.13 -44.80 108.89
N THR M 250 -31.69 -45.42 109.98
CA THR M 250 -30.91 -44.71 110.99
C THR M 250 -29.47 -44.42 110.53
N LYS M 251 -29.02 -45.11 109.49
CA LYS M 251 -27.66 -44.90 108.98
C LYS M 251 -27.62 -43.70 108.04
N LEU M 252 -28.78 -43.23 107.61
CA LEU M 252 -28.86 -42.15 106.63
C LEU M 252 -28.57 -40.81 107.30
N ARG M 253 -27.98 -39.90 106.53
CA ARG M 253 -27.69 -38.55 107.02
C ARG M 253 -28.77 -37.58 106.59
N PRO M 254 -28.99 -36.52 107.39
CA PRO M 254 -29.86 -35.42 107.01
C PRO M 254 -29.43 -34.74 105.72
N VAL M 255 -30.38 -34.43 104.85
CA VAL M 255 -30.07 -34.03 103.49
C VAL M 255 -30.42 -32.56 103.27
N PHE M 256 -31.41 -32.10 104.02
CA PHE M 256 -31.83 -30.74 103.99
C PHE M 256 -31.29 -30.21 105.32
N VAL M 257 -30.98 -28.92 105.37
CA VAL M 257 -30.17 -28.35 106.43
C VAL M 257 -28.80 -29.01 106.58
N LYS M 258 -27.74 -28.23 106.60
CA LYS M 258 -26.49 -28.67 107.20
C LYS M 258 -26.44 -28.21 108.63
N GLU M 259 -26.04 -29.11 109.51
CA GLU M 259 -25.98 -28.83 110.93
C GLU M 259 -27.31 -29.13 111.62
N ASN M 260 -27.26 -29.98 112.64
CA ASN M 260 -28.43 -30.71 113.11
C ASN M 260 -29.11 -31.40 111.93
N GLY M 261 -30.43 -31.59 112.05
CA GLY M 261 -31.25 -32.12 110.96
C GLY M 261 -31.79 -33.48 111.31
N THR M 262 -33.00 -33.78 110.85
CA THR M 262 -33.66 -35.05 111.12
C THR M 262 -34.18 -35.68 109.83
N VAL M 263 -34.41 -34.84 108.83
CA VAL M 263 -35.08 -35.29 107.61
C VAL M 263 -34.06 -35.85 106.61
N THR M 264 -34.26 -37.12 106.24
CA THR M 264 -33.34 -37.80 105.34
C THR M 264 -34.07 -38.20 104.07
N ALA M 265 -33.33 -38.83 103.14
CA ALA M 265 -33.93 -39.39 101.94
C ALA M 265 -34.85 -40.56 102.29
N GLY M 266 -34.59 -41.17 103.43
CA GLY M 266 -35.30 -42.38 103.82
C GLY M 266 -36.66 -42.09 104.44
N ASN M 267 -36.75 -40.97 105.14
CA ASN M 267 -38.00 -40.58 105.80
C ASN M 267 -38.64 -39.36 105.14
N ALA M 268 -38.26 -39.10 103.89
CA ALA M 268 -38.97 -38.15 103.04
C ALA M 268 -39.62 -38.89 101.87
N SER M 269 -40.64 -38.28 101.29
CA SER M 269 -41.34 -38.90 100.16
C SER M 269 -40.42 -38.99 98.96
N GLY M 270 -40.75 -39.87 98.02
CA GLY M 270 -39.96 -40.04 96.81
C GLY M 270 -40.33 -39.04 95.73
N LEU M 271 -39.58 -39.07 94.63
CA LEU M 271 -39.98 -38.41 93.40
C LEU M 271 -40.49 -39.45 92.42
N ASN M 272 -41.62 -39.16 91.78
CA ASN M 272 -42.49 -40.21 91.28
C ASN M 272 -43.36 -39.78 90.10
N ASP M 273 -43.78 -40.78 89.32
CA ASP M 273 -44.68 -40.58 88.19
C ASP M 273 -45.97 -41.35 88.47
N ALA M 274 -47.12 -40.77 88.10
CA ALA M 274 -48.39 -41.48 88.17
C ALA M 274 -49.54 -40.66 87.61
N ALA M 275 -50.70 -41.30 87.46
CA ALA M 275 -51.95 -40.59 87.30
C ALA M 275 -53.08 -41.33 88.02
N ALA M 276 -54.21 -40.65 88.15
CA ALA M 276 -55.42 -41.26 88.67
C ALA M 276 -56.64 -40.44 88.24
N ALA M 277 -57.82 -41.05 88.31
CA ALA M 277 -59.04 -40.35 87.97
C ALA M 277 -60.24 -40.99 88.68
N VAL M 278 -61.23 -40.17 88.97
CA VAL M 278 -62.50 -40.67 89.47
C VAL M 278 -63.64 -40.10 88.64
N VAL M 279 -64.68 -40.92 88.45
CA VAL M 279 -65.89 -40.47 87.80
C VAL M 279 -66.94 -40.17 88.86
N MET M 280 -67.43 -38.95 88.86
CA MET M 280 -68.44 -38.53 89.82
C MET M 280 -69.72 -38.19 89.07
N MET M 281 -70.85 -38.31 89.76
CA MET M 281 -72.11 -37.77 89.24
C MET M 281 -73.07 -37.42 90.36
N GLU M 282 -74.11 -36.68 90.02
CA GLU M 282 -75.14 -36.31 90.99
C GLU M 282 -75.82 -37.58 91.49
N ARG M 283 -76.09 -37.62 92.80
CA ARG M 283 -76.68 -38.78 93.45
C ARG M 283 -77.80 -39.41 92.61
N ALA M 284 -78.72 -38.57 92.14
CA ALA M 284 -79.92 -39.05 91.46
C ALA M 284 -79.60 -39.55 90.05
N GLU M 285 -78.46 -39.12 89.49
CA GLU M 285 -77.99 -39.67 88.22
C GLU M 285 -77.55 -41.11 88.39
N ALA M 286 -76.80 -41.36 89.47
CA ALA M 286 -76.27 -42.70 89.73
C ALA M 286 -77.43 -43.66 89.95
N GLU M 287 -78.44 -43.22 90.70
CA GLU M 287 -79.63 -44.02 90.97
C GLU M 287 -80.35 -44.34 89.66
N ARG M 288 -80.57 -43.30 88.85
CA ARG M 288 -81.13 -43.47 87.53
C ARG M 288 -80.40 -44.56 86.73
N ARG M 289 -79.07 -44.55 86.80
CA ARG M 289 -78.27 -45.47 86.01
C ARG M 289 -78.15 -46.82 86.69
N GLY M 290 -78.64 -46.91 87.92
CA GLY M 290 -78.51 -48.12 88.72
C GLY M 290 -77.07 -48.44 89.09
N LEU M 291 -76.25 -47.40 89.27
CA LEU M 291 -74.87 -47.58 89.71
C LEU M 291 -74.78 -47.50 91.24
N LYS M 292 -74.10 -48.48 91.85
CA LYS M 292 -73.72 -48.40 93.26
C LYS M 292 -72.42 -47.58 93.43
N PRO M 293 -72.54 -46.39 94.07
CA PRO M 293 -71.37 -45.53 94.27
C PRO M 293 -70.34 -46.17 95.20
N LEU M 294 -69.08 -45.76 95.07
CA LEU M 294 -68.08 -46.09 96.07
C LEU M 294 -68.33 -45.29 97.35
N ALA M 295 -68.74 -44.04 97.20
CA ALA M 295 -68.95 -43.15 98.32
C ALA M 295 -69.60 -41.87 97.86
N ARG M 296 -70.11 -41.09 98.80
CA ARG M 296 -70.51 -39.72 98.50
C ARG M 296 -69.53 -38.74 99.12
N LEU M 297 -69.38 -37.59 98.47
CA LEU M 297 -68.66 -36.46 99.05
C LEU M 297 -69.51 -35.82 100.15
N VAL M 298 -68.91 -35.67 101.33
CA VAL M 298 -69.59 -35.06 102.46
C VAL M 298 -69.21 -33.59 102.61
N SER M 299 -67.91 -33.32 102.61
CA SER M 299 -67.43 -31.96 102.78
C SER M 299 -66.00 -31.83 102.29
N TYR M 300 -65.53 -30.60 102.15
CA TYR M 300 -64.13 -30.33 101.91
C TYR M 300 -63.71 -29.08 102.65
N GLY M 301 -62.40 -28.85 102.73
CA GLY M 301 -61.86 -27.70 103.44
C GLY M 301 -60.49 -27.29 102.91
N HIS M 302 -60.26 -25.99 102.85
CA HIS M 302 -58.98 -25.44 102.41
C HIS M 302 -58.45 -24.52 103.49
N ALA M 303 -57.14 -24.54 103.70
CA ALA M 303 -56.51 -23.61 104.63
C ALA M 303 -55.19 -23.07 104.06
N GLY M 304 -54.84 -21.85 104.45
CA GLY M 304 -53.48 -21.33 104.28
C GLY M 304 -52.73 -21.28 105.60
N VAL M 305 -51.44 -21.59 105.53
CA VAL M 305 -50.60 -21.53 106.72
C VAL M 305 -49.27 -20.85 106.37
N ASP M 306 -48.41 -20.69 107.37
CA ASP M 306 -47.07 -20.16 107.16
C ASP M 306 -46.32 -21.02 106.14
N PRO M 307 -45.77 -20.39 105.09
CA PRO M 307 -45.00 -21.14 104.09
C PRO M 307 -43.89 -21.97 104.71
N LYS M 308 -43.31 -21.49 105.80
CA LYS M 308 -42.21 -22.16 106.44
C LYS M 308 -42.64 -23.38 107.21
N ALA M 309 -43.93 -23.50 107.46
CA ALA M 309 -44.49 -24.64 108.15
C ALA M 309 -45.59 -25.29 107.32
N MET M 310 -45.40 -25.36 106.03
CA MET M 310 -46.39 -25.87 105.13
C MET M 310 -46.90 -27.24 105.48
N GLY M 311 -46.09 -28.02 106.14
CA GLY M 311 -46.40 -29.41 106.37
C GLY M 311 -47.62 -29.65 107.25
N ILE M 312 -48.01 -28.66 108.03
CA ILE M 312 -49.16 -28.83 108.94
C ILE M 312 -50.44 -28.26 108.35
N GLY M 313 -50.38 -27.89 107.07
CA GLY M 313 -51.55 -27.43 106.36
C GLY M 313 -52.79 -28.28 106.56
N PRO M 314 -52.61 -29.60 106.63
CA PRO M 314 -53.75 -30.51 106.79
C PRO M 314 -54.56 -30.25 108.06
N VAL M 315 -53.91 -29.74 109.10
CA VAL M 315 -54.56 -29.61 110.39
C VAL M 315 -55.76 -28.66 110.34
N PRO M 316 -55.54 -27.41 109.88
CA PRO M 316 -56.68 -26.50 109.76
C PRO M 316 -57.67 -26.91 108.66
N ALA M 317 -57.17 -27.44 107.56
CA ALA M 317 -58.03 -27.87 106.47
C ALA M 317 -58.98 -28.97 106.94
N THR M 318 -58.43 -29.93 107.66
CA THR M 318 -59.20 -31.08 108.13
C THR M 318 -60.25 -30.64 109.15
N LYS M 319 -59.89 -29.68 110.00
CA LYS M 319 -60.82 -29.15 110.98
C LYS M 319 -61.99 -28.45 110.31
N ILE M 320 -61.70 -27.74 109.22
CA ILE M 320 -62.77 -27.08 108.46
C ILE M 320 -63.70 -28.12 107.85
N ALA M 321 -63.12 -29.17 107.27
CA ALA M 321 -63.92 -30.23 106.64
C ALA M 321 -64.78 -30.95 107.67
N LEU M 322 -64.20 -31.26 108.83
CA LEU M 322 -64.94 -31.92 109.90
C LEU M 322 -66.09 -31.05 110.39
N GLU M 323 -65.82 -29.77 110.60
CA GLU M 323 -66.83 -28.82 111.03
C GLU M 323 -67.99 -28.80 110.04
N ARG M 324 -67.65 -28.68 108.76
CA ARG M 324 -68.66 -28.55 107.73
C ARG M 324 -69.48 -29.83 107.59
N ALA M 325 -68.88 -30.95 107.96
CA ALA M 325 -69.54 -32.24 107.89
C ALA M 325 -70.33 -32.55 109.16
N GLY M 326 -70.14 -31.72 110.20
CA GLY M 326 -70.65 -32.03 111.53
C GLY M 326 -70.08 -33.31 112.12
N LEU M 327 -68.80 -33.55 111.86
CA LEU M 327 -68.15 -34.77 112.32
C LEU M 327 -67.00 -34.46 113.27
N GLN M 328 -66.43 -35.51 113.82
CA GLN M 328 -65.24 -35.42 114.62
C GLN M 328 -64.24 -36.48 114.25
N VAL M 329 -63.04 -36.34 114.76
CA VAL M 329 -61.97 -37.27 114.42
C VAL M 329 -62.36 -38.72 114.60
N SER M 330 -63.07 -39.01 115.70
CA SER M 330 -63.37 -40.39 116.06
C SER M 330 -64.31 -41.04 115.05
N ASP M 331 -64.97 -40.21 114.25
CA ASP M 331 -65.91 -40.71 113.24
C ASP M 331 -65.18 -41.35 112.06
N LEU M 332 -63.89 -41.05 111.91
CA LEU M 332 -63.15 -41.42 110.70
C LEU M 332 -62.63 -42.85 110.81
N ASP M 333 -62.94 -43.65 109.80
CA ASP M 333 -62.52 -45.05 109.78
C ASP M 333 -61.24 -45.22 108.97
N VAL M 334 -61.10 -44.44 107.91
CA VAL M 334 -59.90 -44.49 107.07
C VAL M 334 -59.40 -43.08 106.78
N ILE M 335 -58.08 -42.89 106.92
CA ILE M 335 -57.47 -41.59 106.69
C ILE M 335 -56.26 -41.70 105.75
N GLU M 336 -56.36 -41.04 104.60
CA GLU M 336 -55.22 -40.86 103.70
C GLU M 336 -54.67 -39.44 103.87
N ALA M 337 -53.58 -39.34 104.61
CA ALA M 337 -52.93 -38.05 104.87
C ALA M 337 -51.51 -38.08 104.33
N ASN M 338 -51.30 -37.47 103.17
CA ASN M 338 -50.10 -37.76 102.40
C ASN M 338 -48.86 -37.59 103.28
N GLU M 339 -48.03 -38.62 103.32
CA GLU M 339 -46.67 -38.49 103.83
C GLU M 339 -45.75 -37.79 102.84
N ALA M 340 -45.71 -36.47 102.90
CA ALA M 340 -44.68 -35.72 102.20
C ALA M 340 -43.34 -35.90 102.89
N PHE M 341 -43.33 -35.69 104.20
CA PHE M 341 -42.23 -36.11 105.07
C PHE M 341 -42.78 -36.70 106.37
N ALA M 342 -42.11 -37.72 106.90
CA ALA M 342 -42.51 -38.29 108.18
C ALA M 342 -42.59 -37.21 109.24
N ALA M 343 -41.73 -36.20 109.10
CA ALA M 343 -41.68 -35.09 110.03
C ALA M 343 -43.04 -34.41 110.17
N GLN M 344 -43.63 -34.03 109.03
CA GLN M 344 -44.90 -33.31 109.05
C GLN M 344 -46.09 -34.25 109.18
N ALA M 345 -45.92 -35.48 108.69
CA ALA M 345 -46.98 -36.49 108.78
C ALA M 345 -47.23 -36.87 110.23
N CYS M 346 -46.15 -37.04 111.00
CA CYS M 346 -46.25 -37.33 112.42
C CYS M 346 -46.84 -36.14 113.17
N ALA M 347 -46.49 -34.94 112.74
CA ALA M 347 -46.99 -33.72 113.36
C ALA M 347 -48.50 -33.58 113.15
N VAL M 348 -48.94 -33.91 111.95
CA VAL M 348 -50.35 -33.79 111.59
C VAL M 348 -51.23 -34.72 112.44
N THR M 349 -50.80 -35.98 112.58
CA THR M 349 -51.58 -36.97 113.31
C THR M 349 -51.58 -36.65 114.80
N LYS M 350 -50.46 -36.16 115.31
CA LYS M 350 -50.36 -35.73 116.70
C LYS M 350 -51.28 -34.54 116.99
N ALA M 351 -51.20 -33.52 116.14
CA ALA M 351 -51.96 -32.29 116.34
C ALA M 351 -53.46 -32.50 116.24
N LEU M 352 -53.88 -33.41 115.36
CA LEU M 352 -55.30 -33.70 115.18
C LEU M 352 -55.76 -34.78 116.15
N GLY M 353 -54.80 -35.45 116.79
CA GLY M 353 -55.10 -36.57 117.67
C GLY M 353 -55.66 -37.74 116.90
N LEU M 354 -55.06 -38.05 115.76
CA LEU M 354 -55.45 -39.20 114.96
C LEU M 354 -54.82 -40.47 115.50
N ASP M 355 -55.48 -41.60 115.29
CA ASP M 355 -54.94 -42.89 115.65
C ASP M 355 -54.08 -43.44 114.51
N PRO M 356 -52.78 -43.64 114.79
CA PRO M 356 -51.82 -43.95 113.73
C PRO M 356 -52.16 -45.23 112.96
N ALA M 357 -52.95 -46.11 113.59
CA ALA M 357 -53.36 -47.35 112.96
C ALA M 357 -54.30 -47.08 111.78
N LYS M 358 -55.02 -45.97 111.84
CA LYS M 358 -56.05 -45.68 110.85
C LYS M 358 -55.51 -44.74 109.77
N VAL M 359 -54.37 -44.13 110.04
CA VAL M 359 -53.77 -43.17 109.12
C VAL M 359 -52.79 -43.87 108.17
N ASN M 360 -53.05 -43.77 106.88
CA ASN M 360 -52.21 -44.41 105.86
C ASN M 360 -51.94 -45.87 106.17
N PRO M 361 -53.03 -46.64 106.34
CA PRO M 361 -52.93 -48.05 106.75
C PRO M 361 -52.17 -48.90 105.73
N ASN M 362 -52.10 -48.45 104.48
CA ASN M 362 -51.43 -49.20 103.43
C ASN M 362 -50.24 -48.45 102.84
N GLY M 363 -49.64 -47.56 103.62
CA GLY M 363 -48.50 -46.78 103.16
C GLY M 363 -48.92 -45.47 102.52
N SER M 364 -47.93 -44.63 102.20
CA SER M 364 -48.18 -43.35 101.59
C SER M 364 -46.91 -42.83 100.92
N GLY M 365 -46.72 -41.51 100.91
CA GLY M 365 -45.76 -40.88 100.01
C GLY M 365 -44.34 -41.38 100.21
N ILE M 366 -43.99 -41.74 101.45
CA ILE M 366 -42.65 -42.20 101.75
C ILE M 366 -42.35 -43.55 101.09
N SER M 367 -43.35 -44.42 101.05
CA SER M 367 -43.18 -45.79 100.59
C SER M 367 -43.65 -45.94 99.15
N LEU M 368 -44.87 -45.46 98.89
CA LEU M 368 -45.50 -45.63 97.59
C LEU M 368 -45.03 -44.55 96.61
N GLY M 369 -44.75 -43.37 97.15
CA GLY M 369 -44.24 -42.26 96.34
C GLY M 369 -45.14 -41.04 96.37
N HIS M 370 -44.64 -39.93 95.83
CA HIS M 370 -45.36 -38.66 95.84
C HIS M 370 -45.27 -37.97 94.49
N PRO M 371 -46.08 -38.42 93.53
CA PRO M 371 -46.18 -37.78 92.22
C PRO M 371 -47.06 -36.52 92.23
N ILE M 372 -46.41 -35.37 92.37
CA ILE M 372 -46.98 -34.23 93.07
C ILE M 372 -48.45 -34.00 92.68
N GLY M 373 -48.70 -33.69 91.41
CA GLY M 373 -50.01 -33.21 90.98
C GLY M 373 -51.04 -34.32 90.89
N ALA M 374 -50.58 -35.57 90.85
CA ALA M 374 -51.48 -36.72 90.82
C ALA M 374 -51.85 -37.18 92.23
N THR M 375 -51.00 -36.86 93.20
CA THR M 375 -51.04 -37.54 94.50
C THR M 375 -52.42 -37.44 95.16
N GLY M 376 -53.00 -36.25 95.12
CA GLY M 376 -54.29 -36.02 95.77
C GLY M 376 -55.43 -36.82 95.17
N ALA M 377 -55.33 -37.09 93.87
CA ALA M 377 -56.33 -37.91 93.19
C ALA M 377 -56.11 -39.37 93.52
N LEU M 378 -54.84 -39.78 93.60
CA LEU M 378 -54.53 -41.20 93.72
C LEU M 378 -54.71 -41.69 95.15
N ILE M 379 -54.53 -40.81 96.14
CA ILE M 379 -54.82 -41.19 97.52
C ILE M 379 -56.31 -41.06 97.88
N THR M 380 -57.05 -40.32 97.08
CA THR M 380 -58.51 -40.44 97.11
C THR M 380 -58.98 -41.79 96.61
N VAL M 381 -58.38 -42.26 95.52
CA VAL M 381 -58.67 -43.58 94.98
C VAL M 381 -58.35 -44.67 96.00
N LYS M 382 -57.19 -44.55 96.65
CA LYS M 382 -56.81 -45.49 97.70
C LYS M 382 -57.82 -45.47 98.85
N ALA M 383 -58.21 -44.27 99.27
CA ALA M 383 -59.04 -44.10 100.45
C ALA M 383 -60.41 -44.74 100.26
N LEU M 384 -60.96 -44.58 99.05
CA LEU M 384 -62.32 -45.05 98.78
C LEU M 384 -62.36 -46.57 98.62
N HIS M 385 -61.32 -47.15 98.02
CA HIS M 385 -61.24 -48.59 97.87
C HIS M 385 -60.96 -49.26 99.21
N GLU M 386 -60.17 -48.59 100.04
CA GLU M 386 -59.91 -49.09 101.38
C GLU M 386 -61.18 -48.99 102.25
N LEU M 387 -61.91 -47.89 102.10
CA LEU M 387 -63.15 -47.69 102.84
C LEU M 387 -64.14 -48.81 102.54
N ASN M 388 -64.26 -49.18 101.28
CA ASN M 388 -65.10 -50.28 100.87
C ASN M 388 -64.58 -51.64 101.35
N ARG M 389 -63.25 -51.81 101.35
CA ARG M 389 -62.66 -53.08 101.77
C ARG M 389 -62.95 -53.38 103.24
N VAL M 390 -62.86 -52.37 104.10
CA VAL M 390 -63.10 -52.56 105.52
C VAL M 390 -64.53 -52.21 105.92
N GLN M 391 -65.37 -51.89 104.95
CA GLN M 391 -66.78 -51.62 105.20
C GLN M 391 -66.95 -50.49 106.21
N GLY M 392 -66.05 -49.52 106.13
CA GLY M 392 -66.12 -48.36 107.02
C GLY M 392 -67.18 -47.38 106.56
N ARG M 393 -67.34 -46.29 107.28
CA ARG M 393 -68.32 -45.30 106.94
C ARG M 393 -67.67 -44.03 106.40
N TYR M 394 -66.72 -43.45 107.11
CA TYR M 394 -66.16 -42.15 106.73
C TYR M 394 -64.69 -42.24 106.36
N ALA M 395 -64.32 -41.57 105.27
CA ALA M 395 -62.91 -41.43 104.88
C ALA M 395 -62.50 -39.97 104.86
N LEU M 396 -61.31 -39.69 105.38
CA LEU M 396 -60.66 -38.40 105.19
C LEU M 396 -59.47 -38.50 104.22
N VAL M 397 -59.43 -37.60 103.25
CA VAL M 397 -58.25 -37.41 102.42
C VAL M 397 -57.72 -36.02 102.61
N THR M 398 -56.43 -35.90 102.90
CA THR M 398 -55.84 -34.60 103.16
C THR M 398 -54.35 -34.61 102.86
N MET M 399 -53.80 -33.45 102.54
CA MET M 399 -52.38 -33.34 102.26
C MET M 399 -51.91 -31.89 102.40
N CYS M 400 -50.63 -31.74 102.74
CA CYS M 400 -50.02 -30.43 102.82
C CYS M 400 -49.65 -29.95 101.42
N ILE M 401 -49.48 -28.65 101.28
CA ILE M 401 -49.28 -28.02 99.97
C ILE M 401 -48.16 -27.00 100.04
N GLY M 402 -47.23 -27.09 99.09
CA GLY M 402 -46.07 -26.20 99.04
C GLY M 402 -46.49 -24.76 98.95
N GLY M 403 -45.84 -23.90 99.73
CA GLY M 403 -46.17 -22.48 99.76
C GLY M 403 -47.05 -22.15 100.95
N GLY M 404 -47.48 -23.20 101.65
CA GLY M 404 -48.21 -23.04 102.90
C GLY M 404 -49.71 -23.15 102.69
N GLN M 405 -50.18 -24.34 102.36
CA GLN M 405 -51.61 -24.60 102.31
C GLN M 405 -51.94 -26.02 102.75
N GLY M 406 -53.22 -26.26 103.00
CA GLY M 406 -53.74 -27.60 103.17
C GLY M 406 -55.04 -27.77 102.42
N ILE M 407 -55.37 -29.02 102.10
CA ILE M 407 -56.66 -29.35 101.52
C ILE M 407 -57.13 -30.69 102.09
N ALA M 408 -58.43 -30.78 102.34
CA ALA M 408 -59.02 -31.97 102.95
C ALA M 408 -60.43 -32.19 102.42
N ALA M 409 -60.78 -33.45 102.24
CA ALA M 409 -62.14 -33.80 101.85
C ALA M 409 -62.59 -35.03 102.63
N ILE M 410 -63.89 -35.11 102.90
CA ILE M 410 -64.44 -36.24 103.62
C ILE M 410 -65.48 -36.95 102.77
N PHE M 411 -65.39 -38.27 102.72
CA PHE M 411 -66.30 -39.10 101.95
C PHE M 411 -67.07 -40.04 102.88
N GLU M 412 -68.27 -40.44 102.46
CA GLU M 412 -69.07 -41.42 103.20
C GLU M 412 -69.48 -42.56 102.28
N ARG M 413 -69.22 -43.79 102.72
CA ARG M 413 -69.67 -44.96 101.99
C ARG M 413 -71.15 -45.16 102.33
N ILE M 414 -72.02 -44.83 101.37
CA ILE M 414 -73.45 -44.99 101.57
C ILE M 414 -73.92 -46.31 100.95
N THR N 22 -79.18 -19.53 99.40
CA THR N 22 -79.44 -18.72 98.18
C THR N 22 -78.52 -17.50 98.14
N ARG N 23 -77.27 -17.75 97.74
CA ARG N 23 -76.17 -16.79 97.82
C ARG N 23 -75.85 -16.18 96.44
N GLU N 24 -75.35 -14.95 96.46
CA GLU N 24 -75.11 -14.20 95.23
C GLU N 24 -73.70 -13.61 95.24
N VAL N 25 -73.02 -13.65 94.11
CA VAL N 25 -71.69 -13.09 94.00
C VAL N 25 -71.70 -11.70 93.37
N VAL N 26 -71.06 -10.75 94.04
CA VAL N 26 -70.96 -9.39 93.53
C VAL N 26 -69.50 -8.99 93.37
N VAL N 27 -69.20 -8.29 92.28
CA VAL N 27 -67.87 -7.73 92.05
C VAL N 27 -67.76 -6.30 92.60
N VAL N 28 -66.78 -6.08 93.46
CA VAL N 28 -66.68 -4.84 94.21
C VAL N 28 -65.55 -3.96 93.69
N SER N 29 -64.57 -4.56 93.02
CA SER N 29 -63.57 -3.79 92.30
C SER N 29 -62.98 -4.60 91.15
N GLY N 30 -62.42 -3.90 90.17
CA GLY N 30 -61.73 -4.53 89.05
C GLY N 30 -60.64 -3.66 88.47
N VAL N 31 -59.45 -4.20 88.33
CA VAL N 31 -58.32 -3.43 87.85
C VAL N 31 -57.42 -4.28 86.97
N ARG N 32 -56.76 -3.64 86.01
CA ARG N 32 -55.79 -4.32 85.16
C ARG N 32 -54.55 -3.45 84.98
N THR N 33 -53.45 -4.09 84.57
CA THR N 33 -52.34 -3.37 83.97
C THR N 33 -52.76 -2.92 82.59
N ALA N 34 -52.12 -1.86 82.09
CA ALA N 34 -51.97 -1.70 80.66
C ALA N 34 -51.40 -2.98 80.03
N ILE N 35 -51.78 -3.22 78.79
CA ILE N 35 -51.28 -4.38 78.05
C ILE N 35 -49.99 -4.05 77.32
N GLY N 36 -48.91 -4.72 77.71
CA GLY N 36 -47.62 -4.57 77.03
C GLY N 36 -47.54 -5.41 75.76
N THR N 37 -46.70 -4.98 74.84
CA THR N 37 -46.42 -5.77 73.64
C THR N 37 -45.26 -6.73 73.87
N PHE N 38 -45.28 -7.83 73.13
CA PHE N 38 -44.23 -8.84 73.17
C PHE N 38 -42.85 -8.21 72.94
N GLY N 39 -41.96 -8.38 73.91
CA GLY N 39 -40.65 -7.72 73.88
C GLY N 39 -40.70 -6.25 74.24
N GLY N 40 -41.81 -5.81 74.84
CA GLY N 40 -42.07 -4.39 75.00
C GLY N 40 -41.91 -3.93 76.44
N SER N 41 -42.85 -3.11 76.90
CA SER N 41 -42.64 -2.32 78.12
C SER N 41 -42.62 -3.17 79.37
N LEU N 42 -43.23 -4.36 79.30
CA LEU N 42 -43.35 -5.22 80.47
C LEU N 42 -42.44 -6.43 80.35
N LYS N 43 -41.47 -6.36 79.45
CA LYS N 43 -40.59 -7.48 79.17
C LYS N 43 -39.83 -7.95 80.42
N ASP N 44 -39.61 -7.04 81.37
CA ASP N 44 -38.72 -7.30 82.49
C ASP N 44 -39.52 -7.47 83.77
N VAL N 45 -40.83 -7.62 83.66
CA VAL N 45 -41.68 -7.79 84.82
C VAL N 45 -42.37 -9.16 84.82
N ALA N 46 -42.10 -9.96 85.85
CA ALA N 46 -42.51 -11.35 85.85
C ALA N 46 -44.00 -11.41 86.22
N PRO N 47 -44.69 -12.45 85.75
CA PRO N 47 -46.10 -12.66 86.06
C PRO N 47 -46.45 -12.51 87.54
N ALA N 48 -45.62 -13.09 88.40
CA ALA N 48 -45.76 -12.94 89.84
C ALA N 48 -45.91 -11.49 90.30
N GLU N 49 -45.12 -10.60 89.69
CA GLU N 49 -45.09 -9.20 90.12
C GLU N 49 -46.24 -8.43 89.48
N LEU N 50 -46.59 -8.81 88.26
CA LEU N 50 -47.78 -8.27 87.61
C LEU N 50 -49.03 -8.64 88.39
N GLY N 51 -49.09 -9.88 88.87
CA GLY N 51 -50.22 -10.36 89.64
C GLY N 51 -50.34 -9.69 91.00
N ALA N 52 -49.21 -9.55 91.69
CA ALA N 52 -49.21 -8.94 93.02
C ALA N 52 -49.67 -7.49 92.93
N LEU N 53 -49.29 -6.83 91.85
CA LEU N 53 -49.64 -5.43 91.66
C LEU N 53 -51.16 -5.27 91.56
N VAL N 54 -51.79 -6.04 90.69
CA VAL N 54 -53.23 -5.91 90.47
C VAL N 54 -54.04 -6.39 91.67
N VAL N 55 -53.50 -7.37 92.40
CA VAL N 55 -54.13 -7.81 93.64
C VAL N 55 -54.15 -6.68 94.68
N ARG N 56 -52.99 -6.08 94.91
CA ARG N 56 -52.87 -5.00 95.89
C ARG N 56 -53.82 -3.85 95.53
N GLU N 57 -53.80 -3.45 94.26
CA GLU N 57 -54.54 -2.27 93.84
C GLU N 57 -56.05 -2.54 93.79
N ALA N 58 -56.42 -3.77 93.45
CA ALA N 58 -57.83 -4.16 93.45
C ALA N 58 -58.40 -4.12 94.86
N LEU N 59 -57.62 -4.61 95.83
CA LEU N 59 -58.04 -4.60 97.22
C LEU N 59 -58.20 -3.16 97.73
N ALA N 60 -57.23 -2.31 97.39
CA ALA N 60 -57.28 -0.91 97.78
C ALA N 60 -58.52 -0.23 97.21
N ARG N 61 -58.76 -0.45 95.93
CA ARG N 61 -59.93 0.12 95.25
C ARG N 61 -61.23 -0.35 95.90
N ALA N 62 -61.24 -1.58 96.38
CA ALA N 62 -62.45 -2.16 96.98
C ALA N 62 -62.60 -1.69 98.42
N GLN N 63 -61.56 -1.06 98.95
CA GLN N 63 -61.47 -0.79 100.38
C GLN N 63 -61.68 -2.09 101.17
N VAL N 64 -60.95 -3.13 100.77
CA VAL N 64 -60.95 -4.39 101.49
C VAL N 64 -59.55 -4.76 101.93
N SER N 65 -59.42 -5.16 103.19
CA SER N 65 -58.14 -5.63 103.71
C SER N 65 -57.79 -6.99 103.13
N GLY N 66 -56.51 -7.20 102.83
CA GLY N 66 -56.01 -8.51 102.44
C GLY N 66 -56.26 -9.57 103.50
N ASP N 67 -56.41 -9.13 104.75
CA ASP N 67 -56.64 -10.04 105.85
C ASP N 67 -58.02 -10.69 105.77
N ASP N 68 -58.91 -10.11 104.95
CA ASP N 68 -60.30 -10.55 104.90
C ASP N 68 -60.60 -11.39 103.68
N VAL N 69 -59.59 -11.61 102.84
CA VAL N 69 -59.76 -12.43 101.65
C VAL N 69 -59.70 -13.92 101.98
N GLY N 70 -60.68 -14.67 101.50
CA GLY N 70 -60.82 -16.08 101.89
C GLY N 70 -60.31 -17.03 100.82
N HIS N 71 -60.23 -16.54 99.58
CA HIS N 71 -59.72 -17.36 98.48
C HIS N 71 -59.16 -16.49 97.36
N VAL N 72 -58.10 -17.00 96.73
CA VAL N 72 -57.55 -16.39 95.54
C VAL N 72 -57.37 -17.44 94.45
N VAL N 73 -57.85 -17.13 93.26
CA VAL N 73 -57.60 -17.95 92.07
C VAL N 73 -57.01 -17.09 90.95
N PHE N 74 -55.92 -17.55 90.36
CA PHE N 74 -55.32 -16.88 89.22
C PHE N 74 -55.23 -17.77 87.99
N GLY N 75 -55.53 -17.20 86.84
CA GLY N 75 -55.27 -17.85 85.56
C GLY N 75 -53.85 -17.62 85.04
N ASN N 76 -53.30 -18.65 84.41
CA ASN N 76 -52.00 -18.55 83.77
C ASN N 76 -51.73 -19.82 82.94
N VAL N 77 -51.17 -19.63 81.75
CA VAL N 77 -50.97 -20.73 80.82
C VAL N 77 -49.48 -21.08 80.69
N ILE N 78 -48.63 -20.07 80.57
CA ILE N 78 -47.21 -20.29 80.39
C ILE N 78 -46.43 -20.07 81.69
N GLN N 79 -45.82 -21.15 82.17
CA GLN N 79 -44.89 -21.06 83.29
C GLN N 79 -43.53 -20.54 82.81
N THR N 80 -43.15 -19.36 83.31
CA THR N 80 -41.93 -18.68 82.86
C THR N 80 -40.78 -18.95 83.82
N GLU N 81 -41.11 -19.25 85.07
CA GLU N 81 -40.12 -19.59 86.08
C GLU N 81 -40.79 -20.49 87.12
N PRO N 82 -39.99 -21.06 88.03
CA PRO N 82 -40.54 -21.93 89.08
C PRO N 82 -41.64 -21.28 89.92
N ARG N 83 -41.57 -19.98 90.15
CA ARG N 83 -42.54 -19.30 91.00
C ARG N 83 -43.92 -19.31 90.34
N ASP N 84 -43.94 -19.49 89.03
CA ASP N 84 -45.20 -19.48 88.31
C ASP N 84 -46.03 -20.71 88.61
N MET N 85 -45.40 -21.74 89.15
CA MET N 85 -46.11 -22.92 89.62
C MET N 85 -46.86 -22.61 90.92
N TYR N 86 -46.57 -21.44 91.47
CA TYR N 86 -47.17 -20.99 92.73
C TYR N 86 -47.89 -19.66 92.51
N LEU N 87 -48.22 -19.35 91.26
CA LEU N 87 -48.55 -17.98 90.88
C LEU N 87 -49.65 -17.39 91.76
N GLY N 88 -50.76 -18.12 91.88
CA GLY N 88 -51.90 -17.63 92.65
C GLY N 88 -51.51 -17.30 94.09
N ARG N 89 -50.68 -18.16 94.68
CA ARG N 89 -50.18 -17.95 96.03
C ARG N 89 -49.23 -16.76 96.11
N VAL N 90 -48.36 -16.62 95.12
CA VAL N 90 -47.37 -15.55 95.13
C VAL N 90 -48.02 -14.19 94.89
N ALA N 91 -48.92 -14.14 93.92
CA ALA N 91 -49.65 -12.91 93.61
C ALA N 91 -50.53 -12.49 94.79
N ALA N 92 -51.11 -13.47 95.47
CA ALA N 92 -51.92 -13.22 96.66
C ALA N 92 -51.06 -12.60 97.77
N VAL N 93 -50.06 -13.36 98.23
CA VAL N 93 -49.34 -13.01 99.44
C VAL N 93 -48.51 -11.74 99.24
N ASN N 94 -47.88 -11.62 98.07
CA ASN N 94 -47.08 -10.43 97.75
C ASN N 94 -47.97 -9.22 97.44
N GLY N 95 -49.24 -9.47 97.14
CA GLY N 95 -50.21 -8.40 96.99
C GLY N 95 -50.89 -8.01 98.29
N GLY N 96 -50.51 -8.68 99.37
CA GLY N 96 -50.97 -8.30 100.71
C GLY N 96 -52.13 -9.12 101.23
N VAL N 97 -52.51 -10.15 100.49
CA VAL N 97 -53.45 -11.15 101.01
C VAL N 97 -52.79 -11.98 102.12
N THR N 98 -53.57 -12.27 103.15
CA THR N 98 -53.09 -13.04 104.30
C THR N 98 -52.61 -14.42 103.87
N ILE N 99 -51.57 -14.90 104.54
CA ILE N 99 -51.06 -16.25 104.32
C ILE N 99 -52.10 -17.31 104.67
N ASN N 100 -53.15 -16.92 105.37
CA ASN N 100 -54.19 -17.85 105.79
C ASN N 100 -55.16 -18.19 104.66
N ALA N 101 -55.09 -17.43 103.57
CA ALA N 101 -56.00 -17.63 102.45
C ALA N 101 -55.46 -18.69 101.50
N PRO N 102 -56.30 -19.67 101.16
CA PRO N 102 -55.99 -20.56 100.05
C PRO N 102 -55.78 -19.82 98.73
N ALA N 103 -54.94 -20.38 97.86
CA ALA N 103 -54.60 -19.74 96.58
C ALA N 103 -54.35 -20.76 95.46
N LEU N 104 -55.05 -20.57 94.34
CA LEU N 104 -55.10 -21.57 93.27
C LEU N 104 -54.62 -20.96 91.95
N THR N 105 -54.02 -21.77 91.11
CA THR N 105 -53.72 -21.35 89.74
C THR N 105 -54.45 -22.28 88.78
N VAL N 106 -55.14 -21.68 87.81
CA VAL N 106 -55.91 -22.46 86.86
C VAL N 106 -55.48 -22.22 85.43
N ASN N 107 -55.73 -23.21 84.59
CA ASN N 107 -55.35 -23.15 83.18
C ASN N 107 -56.46 -23.71 82.31
N ARG N 108 -57.25 -22.83 81.73
CA ARG N 108 -58.11 -23.19 80.60
C ARG N 108 -57.69 -22.40 79.38
N LEU N 109 -56.37 -22.32 79.18
CA LEU N 109 -55.77 -21.61 78.07
C LEU N 109 -56.29 -20.19 77.95
N CYS N 110 -56.74 -19.82 76.75
CA CYS N 110 -57.19 -18.45 76.49
C CYS N 110 -58.34 -18.03 77.41
N GLY N 111 -58.98 -19.00 78.06
CA GLY N 111 -60.11 -18.71 78.93
C GLY N 111 -59.72 -18.60 80.40
N SER N 112 -58.44 -18.78 80.69
CA SER N 112 -57.99 -19.04 82.03
C SER N 112 -58.32 -17.88 82.99
N GLY N 113 -58.30 -16.66 82.47
CA GLY N 113 -58.56 -15.48 83.29
C GLY N 113 -60.02 -15.38 83.75
N LEU N 114 -60.94 -15.68 82.85
CA LEU N 114 -62.35 -15.74 83.23
C LEU N 114 -62.63 -16.96 84.09
N GLN N 115 -61.93 -18.06 83.83
CA GLN N 115 -62.13 -19.26 84.62
C GLN N 115 -61.72 -19.01 86.06
N ALA N 116 -60.66 -18.24 86.25
CA ALA N 116 -60.23 -17.87 87.60
C ALA N 116 -61.34 -17.14 88.35
N ILE N 117 -62.01 -16.24 87.65
CA ILE N 117 -63.10 -15.47 88.23
C ILE N 117 -64.31 -16.34 88.53
N VAL N 118 -64.57 -17.31 87.66
CA VAL N 118 -65.64 -18.27 87.87
C VAL N 118 -65.35 -19.20 89.04
N SER N 119 -64.12 -19.70 89.11
CA SER N 119 -63.70 -20.64 90.15
C SER N 119 -63.66 -19.95 91.54
N ALA N 120 -63.32 -18.66 91.54
CA ALA N 120 -63.37 -17.85 92.77
C ALA N 120 -64.81 -17.60 93.21
N ALA N 121 -65.67 -17.29 92.24
CA ALA N 121 -67.08 -17.03 92.52
C ALA N 121 -67.76 -18.29 93.06
N GLN N 122 -67.35 -19.45 92.53
CA GLN N 122 -67.87 -20.72 93.00
C GLN N 122 -67.60 -20.99 94.48
N THR N 123 -66.44 -20.58 94.97
CA THR N 123 -66.12 -20.74 96.39
C THR N 123 -67.04 -19.89 97.25
N ILE N 124 -67.48 -18.76 96.71
CA ILE N 124 -68.43 -17.90 97.42
C ILE N 124 -69.84 -18.49 97.36
N LEU N 125 -70.23 -18.95 96.17
CA LEU N 125 -71.57 -19.47 95.96
C LEU N 125 -71.85 -20.68 96.84
N LEU N 126 -70.81 -21.48 97.07
CA LEU N 126 -70.96 -22.73 97.81
C LEU N 126 -70.68 -22.53 99.29
N GLY N 127 -70.42 -21.28 99.68
CA GLY N 127 -70.36 -20.91 101.08
C GLY N 127 -69.01 -21.21 101.71
N ASP N 128 -67.99 -21.41 100.88
CA ASP N 128 -66.65 -21.72 101.38
C ASP N 128 -66.03 -20.46 101.94
N THR N 129 -66.46 -19.31 101.43
CA THR N 129 -66.00 -18.03 101.90
C THR N 129 -66.95 -16.93 101.44
N ASP N 130 -66.75 -15.73 101.96
CA ASP N 130 -67.58 -14.58 101.59
C ASP N 130 -66.82 -13.57 100.75
N VAL N 131 -65.49 -13.69 100.71
CA VAL N 131 -64.63 -12.76 99.96
C VAL N 131 -63.57 -13.52 99.17
N ALA N 132 -63.46 -13.23 97.88
CA ALA N 132 -62.48 -13.93 97.04
C ALA N 132 -61.95 -13.03 95.93
N ILE N 133 -60.76 -13.37 95.44
CA ILE N 133 -60.16 -12.66 94.31
C ILE N 133 -59.96 -13.58 93.12
N GLY N 134 -60.49 -13.17 91.97
CA GLY N 134 -60.16 -13.81 90.71
C GLY N 134 -59.26 -12.89 89.89
N GLY N 135 -58.25 -13.47 89.26
CA GLY N 135 -57.44 -12.71 88.31
C GLY N 135 -56.75 -13.58 87.28
N GLY N 136 -55.91 -12.94 86.47
CA GLY N 136 -54.99 -13.64 85.60
C GLY N 136 -53.73 -12.83 85.36
N ALA N 137 -52.64 -13.53 85.09
CA ALA N 137 -51.37 -12.89 84.73
C ALA N 137 -50.65 -13.72 83.67
N GLU N 138 -50.14 -13.05 82.64
CA GLU N 138 -49.40 -13.73 81.58
C GLU N 138 -48.27 -12.85 81.04
N SER N 139 -47.09 -13.43 80.91
CA SER N 139 -45.96 -12.75 80.29
C SER N 139 -45.43 -13.56 79.12
N MET N 140 -45.96 -13.28 77.93
CA MET N 140 -45.52 -13.98 76.74
C MET N 140 -44.11 -13.54 76.32
N SER N 141 -43.71 -12.36 76.75
CA SER N 141 -42.31 -11.91 76.59
C SER N 141 -41.34 -12.87 77.28
N ARG N 142 -41.74 -13.36 78.45
CA ARG N 142 -40.82 -14.11 79.29
C ARG N 142 -41.09 -15.61 79.18
N ALA N 143 -41.87 -16.00 78.19
CA ALA N 143 -42.10 -17.42 77.93
C ALA N 143 -40.78 -18.12 77.68
N PRO N 144 -40.59 -19.31 78.25
CA PRO N 144 -39.30 -20.01 78.22
C PRO N 144 -39.12 -20.86 76.97
N TYR N 145 -37.88 -21.30 76.75
CA TYR N 145 -37.61 -22.47 75.94
C TYR N 145 -37.38 -23.67 76.86
N LEU N 146 -37.91 -24.82 76.45
CA LEU N 146 -37.71 -26.07 77.19
C LEU N 146 -36.61 -26.87 76.52
N ALA N 147 -35.89 -27.64 77.31
CA ALA N 147 -34.96 -28.62 76.77
C ALA N 147 -35.32 -30.02 77.27
N PRO N 148 -36.14 -30.74 76.49
CA PRO N 148 -36.75 -31.97 77.01
C PRO N 148 -35.78 -33.14 77.06
N ALA N 149 -34.59 -32.98 76.47
CA ALA N 149 -33.59 -34.04 76.43
C ALA N 149 -32.53 -33.82 77.49
N ALA N 150 -32.62 -32.70 78.20
CA ALA N 150 -31.57 -32.31 79.11
C ALA N 150 -31.44 -33.25 80.30
N ARG N 151 -32.56 -33.76 80.79
CA ARG N 151 -32.54 -34.49 82.04
C ARG N 151 -31.85 -35.83 81.87
N TRP N 152 -32.28 -36.59 80.86
CA TRP N 152 -31.83 -37.96 80.70
C TRP N 152 -30.93 -38.11 79.48
N GLY N 153 -30.80 -37.05 78.70
CA GLY N 153 -29.77 -37.00 77.64
C GLY N 153 -30.33 -37.28 76.26
N ALA N 154 -29.72 -36.67 75.25
CA ALA N 154 -30.12 -36.91 73.86
C ALA N 154 -29.31 -38.06 73.26
N ARG N 155 -28.13 -38.28 73.82
CA ARG N 155 -27.25 -39.38 73.41
C ARG N 155 -26.54 -39.09 72.09
N MET N 156 -27.31 -39.03 71.00
CA MET N 156 -26.76 -38.80 69.68
C MET N 156 -27.82 -38.17 68.78
N GLY N 157 -27.43 -37.13 68.04
CA GLY N 157 -28.35 -36.45 67.14
C GLY N 157 -28.81 -35.12 67.72
N ASP N 158 -29.15 -34.19 66.84
CA ASP N 158 -29.54 -32.84 67.25
C ASP N 158 -30.80 -32.89 68.10
N ALA N 159 -30.86 -32.02 69.09
CA ALA N 159 -32.00 -32.00 70.02
C ALA N 159 -32.68 -30.63 69.96
N GLY N 160 -33.80 -30.51 70.66
CA GLY N 160 -34.68 -29.35 70.50
C GLY N 160 -34.67 -28.44 71.70
N LEU N 161 -34.74 -27.13 71.42
CA LEU N 161 -35.18 -26.16 72.41
C LEU N 161 -36.58 -25.69 72.04
N VAL N 162 -37.54 -26.05 72.87
CA VAL N 162 -38.96 -25.94 72.53
C VAL N 162 -39.51 -24.59 72.97
N ASP N 163 -40.02 -23.82 72.02
CA ASP N 163 -40.57 -22.50 72.30
C ASP N 163 -41.95 -22.64 72.92
N MET N 164 -42.07 -22.37 74.22
CA MET N 164 -43.27 -22.74 74.97
C MET N 164 -44.40 -21.76 74.74
N MET N 165 -44.07 -20.56 74.27
CA MET N 165 -45.09 -19.62 73.83
C MET N 165 -45.83 -20.16 72.61
N LEU N 166 -45.08 -20.56 71.59
CA LEU N 166 -45.68 -21.17 70.41
C LEU N 166 -46.39 -22.46 70.78
N GLY N 167 -45.84 -23.17 71.76
CA GLY N 167 -46.50 -24.36 72.31
C GLY N 167 -47.92 -24.05 72.73
N ALA N 168 -48.10 -22.90 73.40
CA ALA N 168 -49.42 -22.51 73.89
C ALA N 168 -50.36 -22.21 72.73
N LEU N 169 -49.79 -21.86 71.59
CA LEU N 169 -50.56 -21.40 70.44
C LEU N 169 -50.77 -22.50 69.39
N HIS N 170 -50.41 -23.73 69.72
CA HIS N 170 -50.69 -24.86 68.84
C HIS N 170 -51.67 -25.83 69.47
N ASP N 171 -52.57 -26.36 68.66
CA ASP N 171 -53.52 -27.38 69.09
C ASP N 171 -52.80 -28.68 69.41
N PRO N 172 -53.13 -29.29 70.55
CA PRO N 172 -52.35 -30.41 71.08
C PRO N 172 -52.65 -31.73 70.39
N PHE N 173 -53.74 -31.76 69.62
CA PHE N 173 -54.13 -32.97 68.89
C PHE N 173 -53.53 -32.97 67.49
N HIS N 174 -53.56 -31.80 66.84
CA HIS N 174 -53.24 -31.71 65.42
C HIS N 174 -52.00 -30.87 65.15
N ARG N 175 -51.43 -30.28 66.21
CA ARG N 175 -50.21 -29.50 66.12
C ARG N 175 -50.29 -28.42 65.05
N ILE N 176 -51.47 -27.82 64.91
CA ILE N 176 -51.64 -26.66 64.04
C ILE N 176 -51.79 -25.38 64.85
N HIS N 177 -51.27 -24.29 64.31
CA HIS N 177 -51.40 -22.99 64.96
C HIS N 177 -52.88 -22.63 65.11
N MET N 178 -53.22 -21.93 66.19
CA MET N 178 -54.55 -21.39 66.37
C MET N 178 -55.04 -20.68 65.12
N GLY N 179 -54.11 -20.09 64.38
CA GLY N 179 -54.45 -19.26 63.23
C GLY N 179 -55.00 -20.06 62.06
N VAL N 180 -54.59 -21.31 61.93
CA VAL N 180 -55.13 -22.17 60.88
C VAL N 180 -56.52 -22.63 61.28
N THR N 181 -56.75 -22.73 62.58
CA THR N 181 -58.07 -23.00 63.11
C THR N 181 -59.03 -21.84 62.78
N ALA N 182 -58.49 -20.62 62.77
CA ALA N 182 -59.28 -19.45 62.41
C ALA N 182 -59.61 -19.44 60.93
N GLU N 183 -58.72 -19.97 60.09
CA GLU N 183 -58.99 -20.12 58.67
C GLU N 183 -60.15 -21.07 58.43
N ASN N 184 -60.19 -22.15 59.21
CA ASN N 184 -61.30 -23.10 59.13
C ASN N 184 -62.63 -22.42 59.44
N VAL N 185 -62.62 -21.52 60.42
CA VAL N 185 -63.83 -20.86 60.88
C VAL N 185 -64.26 -19.80 59.87
N ALA N 186 -63.30 -19.04 59.37
CA ALA N 186 -63.56 -18.09 58.29
C ALA N 186 -64.21 -18.80 57.10
N LYS N 187 -63.72 -20.00 56.78
CA LYS N 187 -64.25 -20.77 55.68
C LYS N 187 -65.68 -21.20 55.95
N GLU N 188 -65.92 -21.73 57.15
CA GLU N 188 -67.20 -22.36 57.44
C GLU N 188 -68.29 -21.31 57.58
N TYR N 189 -67.93 -20.13 58.07
CA TYR N 189 -68.90 -19.09 58.36
C TYR N 189 -68.82 -17.95 57.36
N ASP N 190 -68.00 -18.14 56.33
CA ASP N 190 -68.00 -17.26 55.17
C ASP N 190 -67.59 -15.84 55.57
N ILE N 191 -66.46 -15.72 56.27
CA ILE N 191 -65.93 -14.42 56.61
C ILE N 191 -64.74 -14.08 55.74
N SER N 192 -64.92 -13.06 54.91
CA SER N 192 -64.00 -12.77 53.80
C SER N 192 -62.78 -11.99 54.33
N ARG N 193 -61.68 -12.05 53.58
CA ARG N 193 -60.49 -11.29 53.91
C ARG N 193 -60.86 -9.83 54.12
N ALA N 194 -61.73 -9.30 53.27
CA ALA N 194 -62.13 -7.91 53.36
C ALA N 194 -62.85 -7.63 54.67
N GLN N 195 -63.72 -8.56 55.08
CA GLN N 195 -64.43 -8.44 56.35
C GLN N 195 -63.47 -8.46 57.53
N GLN N 196 -62.49 -9.36 57.47
CA GLN N 196 -61.59 -9.65 58.56
C GLN N 196 -60.30 -8.78 58.40
N ASP N 197 -60.44 -7.62 57.76
CA ASP N 197 -59.42 -6.54 57.72
C ASP N 197 -60.14 -5.26 58.15
N GLU N 198 -61.40 -5.12 57.74
CA GLU N 198 -62.23 -4.02 58.20
C GLU N 198 -62.46 -4.12 59.69
N ALA N 199 -62.71 -5.33 60.17
CA ALA N 199 -62.93 -5.56 61.60
C ALA N 199 -61.67 -5.23 62.39
N ALA N 200 -60.51 -5.56 61.80
CA ALA N 200 -59.24 -5.30 62.45
C ALA N 200 -58.95 -3.81 62.53
N LEU N 201 -59.19 -3.10 61.43
CA LEU N 201 -59.02 -1.65 61.39
C LEU N 201 -59.93 -0.98 62.43
N GLU N 202 -61.17 -1.47 62.53
CA GLU N 202 -62.17 -0.88 63.42
C GLU N 202 -61.81 -1.10 64.87
N SER N 203 -61.24 -2.27 65.17
CA SER N 203 -60.78 -2.55 66.53
C SER N 203 -59.72 -1.56 66.97
N HIS N 204 -58.78 -1.25 66.07
CA HIS N 204 -57.74 -0.27 66.36
C HIS N 204 -58.32 1.13 66.53
N ARG N 205 -59.25 1.49 65.65
CA ARG N 205 -59.91 2.78 65.74
C ARG N 205 -60.64 2.93 67.07
N ARG N 206 -61.39 1.89 67.44
CA ARG N 206 -62.15 1.93 68.69
C ARG N 206 -61.23 2.01 69.90
N ALA N 207 -60.12 1.28 69.86
CA ALA N 207 -59.17 1.27 70.97
C ALA N 207 -58.50 2.62 71.11
N SER N 208 -58.12 3.20 69.98
CA SER N 208 -57.50 4.51 69.96
C SER N 208 -58.43 5.59 70.51
N ALA N 209 -59.68 5.58 70.06
CA ALA N 209 -60.68 6.53 70.53
C ALA N 209 -60.87 6.39 72.03
N ALA N 210 -60.87 5.16 72.52
CA ALA N 210 -61.12 4.88 73.93
C ALA N 210 -59.97 5.36 74.79
N ILE N 211 -58.74 5.16 74.32
CA ILE N 211 -57.57 5.62 75.05
C ILE N 211 -57.56 7.14 75.15
N LYS N 212 -57.86 7.81 74.04
CA LYS N 212 -57.79 9.26 73.98
C LYS N 212 -58.89 9.92 74.80
N ALA N 213 -60.07 9.30 74.80
CA ALA N 213 -61.20 9.79 75.59
C ALA N 213 -61.05 9.44 77.07
N GLY N 214 -60.06 8.63 77.38
CA GLY N 214 -59.67 8.38 78.76
C GLY N 214 -60.52 7.31 79.42
N TYR N 215 -61.14 6.45 78.60
CA TYR N 215 -62.06 5.43 79.11
C TYR N 215 -61.36 4.45 80.03
N PHE N 216 -60.08 4.21 79.81
CA PHE N 216 -59.36 3.15 80.49
C PHE N 216 -58.63 3.69 81.71
N LYS N 217 -58.60 5.01 81.84
CA LYS N 217 -57.80 5.66 82.87
C LYS N 217 -58.02 5.04 84.24
N ASP N 218 -59.28 4.84 84.60
CA ASP N 218 -59.66 4.49 85.97
C ASP N 218 -59.25 3.06 86.29
N GLN N 219 -59.34 2.18 85.30
CA GLN N 219 -59.21 0.75 85.53
C GLN N 219 -57.75 0.30 85.46
N ILE N 220 -56.89 1.13 84.89
CA ILE N 220 -55.48 0.77 84.70
C ILE N 220 -54.64 1.16 85.92
N VAL N 221 -53.91 0.18 86.45
CA VAL N 221 -52.87 0.44 87.44
C VAL N 221 -51.54 0.61 86.73
N PRO N 222 -50.85 1.73 87.00
CA PRO N 222 -49.51 1.91 86.44
C PRO N 222 -48.54 0.84 86.91
N VAL N 223 -47.70 0.34 86.00
CA VAL N 223 -46.47 -0.35 86.37
C VAL N 223 -45.27 0.59 86.27
N VAL N 224 -44.62 0.84 87.41
CA VAL N 224 -43.46 1.70 87.43
C VAL N 224 -42.19 0.90 87.74
N SER N 225 -41.22 0.95 86.84
CA SER N 225 -39.94 0.33 87.07
C SER N 225 -38.88 1.39 87.39
N LYS N 226 -37.97 1.02 88.28
CA LYS N 226 -36.92 1.92 88.76
C LYS N 226 -35.55 1.44 88.33
N GLY N 227 -34.66 2.39 88.05
CA GLY N 227 -33.35 2.40 88.70
C GLY N 227 -32.14 2.37 87.80
N ARG N 228 -30.99 2.68 88.41
CA ARG N 228 -29.81 3.15 87.68
C ARG N 228 -30.01 4.52 87.03
N LYS N 229 -31.05 4.65 86.22
CA LYS N 229 -31.61 5.96 85.89
C LYS N 229 -33.13 5.92 85.87
N GLY N 230 -33.73 6.35 86.97
CA GLY N 230 -34.92 7.19 86.89
C GLY N 230 -36.14 6.37 86.54
N ASP N 231 -37.28 6.76 87.08
CA ASP N 231 -38.45 5.89 87.13
C ASP N 231 -39.18 5.89 85.79
N VAL N 232 -39.53 4.70 85.33
CA VAL N 232 -40.36 4.54 84.13
C VAL N 232 -41.74 4.02 84.52
N THR N 233 -42.77 4.71 84.04
CA THR N 233 -44.15 4.31 84.35
C THR N 233 -44.89 3.91 83.07
N PHE N 234 -45.40 2.68 83.05
CA PHE N 234 -46.16 2.19 81.91
C PHE N 234 -47.64 2.10 82.26
N ASP N 235 -48.48 2.85 81.53
CA ASP N 235 -49.90 2.95 81.88
C ASP N 235 -50.80 3.11 80.65
N THR N 236 -50.25 2.87 79.47
CA THR N 236 -51.03 3.02 78.24
C THR N 236 -50.87 1.78 77.37
N ASP N 237 -52.00 1.29 76.86
CA ASP N 237 -52.01 0.07 76.06
C ASP N 237 -51.24 0.25 74.75
N GLU N 238 -50.06 -0.36 74.66
CA GLU N 238 -49.06 0.06 73.68
C GLU N 238 -49.15 -0.74 72.37
N HIS N 239 -50.07 -1.70 72.31
CA HIS N 239 -50.24 -2.50 71.10
C HIS N 239 -51.04 -1.74 70.04
N VAL N 240 -51.83 -0.76 70.47
CA VAL N 240 -52.80 -0.13 69.58
C VAL N 240 -52.08 0.76 68.56
N ARG N 241 -52.56 0.74 67.32
CA ARG N 241 -52.01 1.57 66.27
C ARG N 241 -52.94 2.75 65.97
N HIS N 242 -52.53 3.93 66.40
CA HIS N 242 -53.41 5.09 66.40
C HIS N 242 -53.56 5.70 65.01
N ASP N 243 -52.72 5.25 64.08
CA ASP N 243 -52.65 5.86 62.75
C ASP N 243 -52.93 4.82 61.68
N ALA N 244 -53.60 3.73 62.05
CA ALA N 244 -53.79 2.59 61.17
C ALA N 244 -54.69 2.98 60.00
N THR N 245 -54.40 2.42 58.83
CA THR N 245 -55.26 2.58 57.65
C THR N 245 -55.62 1.22 57.07
N ILE N 246 -56.61 1.18 56.19
CA ILE N 246 -57.10 -0.08 55.63
C ILE N 246 -56.05 -0.70 54.74
N ASP N 247 -55.21 0.12 54.12
CA ASP N 247 -54.17 -0.38 53.22
C ASP N 247 -53.01 -0.99 54.00
N ASP N 248 -52.88 -0.62 55.27
CA ASP N 248 -51.99 -1.32 56.19
C ASP N 248 -52.40 -2.79 56.33
N MET N 249 -53.70 -3.03 56.41
CA MET N 249 -54.21 -4.38 56.51
C MET N 249 -54.04 -5.13 55.20
N THR N 250 -54.47 -4.50 54.11
CA THR N 250 -54.73 -5.23 52.86
C THR N 250 -53.42 -5.57 52.13
N LYS N 251 -52.34 -4.90 52.52
CA LYS N 251 -51.04 -5.19 51.93
C LYS N 251 -50.37 -6.41 52.57
N LEU N 252 -50.89 -6.83 53.72
CA LEU N 252 -50.29 -7.94 54.44
C LEU N 252 -50.61 -9.27 53.77
N ARG N 253 -49.73 -10.24 53.95
CA ARG N 253 -49.90 -11.57 53.38
C ARG N 253 -50.35 -12.55 54.46
N PRO N 254 -51.17 -13.54 54.09
CA PRO N 254 -51.56 -14.62 54.99
C PRO N 254 -50.35 -15.34 55.57
N VAL N 255 -50.41 -15.65 56.86
CA VAL N 255 -49.22 -16.09 57.60
C VAL N 255 -49.35 -17.56 57.99
N PHE N 256 -50.58 -18.02 58.12
CA PHE N 256 -50.84 -19.32 58.69
C PHE N 256 -51.24 -20.22 57.54
N VAL N 257 -50.68 -21.42 57.48
CA VAL N 257 -50.85 -22.29 56.32
C VAL N 257 -50.50 -21.61 55.00
N LYS N 258 -50.02 -22.40 54.04
CA LYS N 258 -49.80 -21.93 52.69
C LYS N 258 -50.96 -22.34 51.79
N GLU N 259 -51.24 -21.49 50.81
CA GLU N 259 -52.30 -21.73 49.83
C GLU N 259 -53.63 -21.16 50.30
N ASN N 260 -54.22 -20.31 49.47
CA ASN N 260 -55.29 -19.44 49.92
C ASN N 260 -54.84 -18.56 51.09
N GLY N 261 -55.80 -18.25 51.95
CA GLY N 261 -55.51 -17.76 53.29
C GLY N 261 -56.05 -16.35 53.44
N THR N 262 -56.54 -16.04 54.62
CA THR N 262 -57.17 -14.76 54.88
C THR N 262 -56.62 -14.14 56.18
N VAL N 263 -56.03 -14.98 57.02
CA VAL N 263 -55.60 -14.54 58.34
C VAL N 263 -54.15 -14.04 58.29
N THR N 264 -53.96 -12.78 58.68
CA THR N 264 -52.65 -12.15 58.64
C THR N 264 -52.23 -11.73 60.04
N ALA N 265 -51.03 -11.18 60.15
CA ALA N 265 -50.56 -10.60 61.40
C ALA N 265 -51.40 -9.39 61.80
N GLY N 266 -52.02 -8.77 60.81
CA GLY N 266 -52.74 -7.51 61.03
C GLY N 266 -54.15 -7.72 61.56
N ASN N 267 -54.75 -8.84 61.17
CA ASN N 267 -56.11 -9.16 61.64
C ASN N 267 -56.13 -10.37 62.56
N ALA N 268 -54.98 -10.70 63.14
CA ALA N 268 -54.89 -11.61 64.27
C ALA N 268 -54.47 -10.87 65.53
N SER N 269 -54.82 -11.43 66.68
CA SER N 269 -54.47 -10.81 67.95
C SER N 269 -52.95 -10.76 68.11
N GLY N 270 -52.47 -9.89 68.99
CA GLY N 270 -51.04 -9.76 69.25
C GLY N 270 -50.55 -10.77 70.27
N LEU N 271 -49.23 -10.80 70.47
CA LEU N 271 -48.63 -11.46 71.63
C LEU N 271 -48.23 -10.42 72.67
N ASN N 272 -48.57 -10.67 73.93
CA ASN N 272 -48.78 -9.59 74.88
C ASN N 272 -48.52 -10.00 76.33
N ASP N 273 -48.21 -9.00 77.15
CA ASP N 273 -48.06 -9.19 78.60
C ASP N 273 -49.09 -8.36 79.34
N ALA N 274 -49.63 -8.91 80.44
CA ALA N 274 -50.58 -8.16 81.29
C ALA N 274 -51.02 -8.95 82.51
N ALA N 275 -51.65 -8.27 83.45
CA ALA N 275 -52.44 -8.93 84.47
C ALA N 275 -53.70 -8.13 84.78
N ALA N 276 -54.62 -8.78 85.48
CA ALA N 276 -55.81 -8.12 86.00
C ALA N 276 -56.35 -8.88 87.20
N ALA N 277 -57.18 -8.23 88.00
CA ALA N 277 -57.82 -8.90 89.12
C ALA N 277 -59.13 -8.21 89.48
N VAL N 278 -60.10 -8.99 89.98
CA VAL N 278 -61.31 -8.44 90.58
C VAL N 278 -61.48 -8.98 91.99
N VAL N 279 -62.03 -8.13 92.86
CA VAL N 279 -62.43 -8.56 94.17
C VAL N 279 -63.93 -8.82 94.18
N MET N 280 -64.31 -10.02 94.56
CA MET N 280 -65.72 -10.39 94.66
C MET N 280 -66.07 -10.69 96.11
N MET N 281 -67.35 -10.57 96.43
CA MET N 281 -67.84 -11.04 97.73
C MET N 281 -69.33 -11.36 97.65
N GLU N 282 -69.82 -12.11 98.65
CA GLU N 282 -71.25 -12.39 98.75
C GLU N 282 -72.03 -11.08 98.87
N ARG N 283 -73.16 -11.02 98.17
CA ARG N 283 -74.00 -9.83 98.13
C ARG N 283 -74.17 -9.17 99.50
N ALA N 284 -74.50 -9.98 100.50
CA ALA N 284 -74.80 -9.48 101.82
C ALA N 284 -73.55 -8.99 102.55
N GLU N 285 -72.37 -9.49 102.15
CA GLU N 285 -71.11 -8.97 102.67
C GLU N 285 -70.88 -7.54 102.20
N ALA N 286 -71.12 -7.30 100.92
CA ALA N 286 -70.92 -5.98 100.34
C ALA N 286 -71.86 -4.96 100.99
N GLU N 287 -73.11 -5.36 101.18
CA GLU N 287 -74.08 -4.52 101.87
C GLU N 287 -73.60 -4.20 103.28
N ARG N 288 -73.25 -5.23 104.03
CA ARG N 288 -72.64 -5.07 105.36
C ARG N 288 -71.54 -4.02 105.36
N ARG N 289 -70.67 -4.08 104.35
CA ARG N 289 -69.51 -3.19 104.30
C ARG N 289 -69.88 -1.83 103.71
N GLY N 290 -71.11 -1.72 103.21
CA GLY N 290 -71.55 -0.50 102.55
C GLY N 290 -70.81 -0.22 101.26
N LEU N 291 -70.43 -1.29 100.56
CA LEU N 291 -69.77 -1.15 99.26
C LEU N 291 -70.80 -1.20 98.14
N LYS N 292 -70.69 -0.27 97.20
CA LYS N 292 -71.45 -0.34 95.96
C LYS N 292 -70.73 -1.21 94.95
N PRO N 293 -71.34 -2.35 94.59
CA PRO N 293 -70.73 -3.25 93.60
C PRO N 293 -70.68 -2.63 92.23
N LEU N 294 -69.73 -3.07 91.40
CA LEU N 294 -69.76 -2.76 89.98
C LEU N 294 -70.88 -3.53 89.29
N ALA N 295 -71.09 -4.77 89.72
CA ALA N 295 -72.07 -5.64 89.09
C ALA N 295 -72.24 -6.92 89.91
N ARG N 296 -73.30 -7.67 89.63
CA ARG N 296 -73.42 -9.02 90.14
C ARG N 296 -73.23 -10.04 89.02
N LEU N 297 -72.79 -11.24 89.40
CA LEU N 297 -72.66 -12.35 88.48
C LEU N 297 -74.02 -13.01 88.33
N VAL N 298 -74.49 -13.10 87.09
CA VAL N 298 -75.82 -13.63 86.81
C VAL N 298 -75.74 -15.10 86.44
N SER N 299 -74.85 -15.41 85.51
CA SER N 299 -74.66 -16.79 85.08
C SER N 299 -73.29 -16.98 84.42
N TYR N 300 -72.91 -18.22 84.21
CA TYR N 300 -71.78 -18.56 83.33
C TYR N 300 -72.06 -19.83 82.56
N GLY N 301 -71.28 -20.05 81.50
CA GLY N 301 -71.44 -21.22 80.65
C GLY N 301 -70.11 -21.68 80.06
N HIS N 302 -69.95 -22.99 79.95
CA HIS N 302 -68.78 -23.59 79.34
C HIS N 302 -69.23 -24.50 78.21
N ALA N 303 -68.44 -24.55 77.13
CA ALA N 303 -68.72 -25.47 76.03
C ALA N 303 -67.43 -26.06 75.50
N GLY N 304 -67.51 -27.31 75.02
CA GLY N 304 -66.50 -27.86 74.14
C GLY N 304 -66.94 -27.87 72.68
N VAL N 305 -65.98 -27.64 71.78
CA VAL N 305 -66.24 -27.72 70.35
C VAL N 305 -65.08 -28.44 69.64
N ASP N 306 -65.24 -28.65 68.34
CA ASP N 306 -64.18 -29.22 67.50
C ASP N 306 -62.89 -28.40 67.65
N PRO N 307 -61.78 -29.07 68.00
CA PRO N 307 -60.51 -28.38 68.15
C PRO N 307 -60.14 -27.57 66.90
N LYS N 308 -60.54 -28.05 65.74
CA LYS N 308 -60.20 -27.41 64.47
C LYS N 308 -60.98 -26.13 64.25
N ALA N 309 -62.08 -25.98 65.00
CA ALA N 309 -62.93 -24.80 64.88
C ALA N 309 -63.07 -24.09 66.23
N MET N 310 -61.99 -24.04 66.96
CA MET N 310 -62.03 -23.61 68.32
C MET N 310 -62.58 -22.19 68.46
N GLY N 311 -62.47 -21.41 67.39
CA GLY N 311 -62.79 -19.99 67.44
C GLY N 311 -64.27 -19.68 67.66
N ILE N 312 -65.14 -20.65 67.44
CA ILE N 312 -66.57 -20.43 67.64
C ILE N 312 -67.06 -20.97 68.99
N GLY N 313 -66.11 -21.33 69.85
CA GLY N 313 -66.42 -21.79 71.20
C GLY N 313 -67.37 -20.90 71.96
N PRO N 314 -67.26 -19.58 71.76
CA PRO N 314 -68.14 -18.62 72.43
C PRO N 314 -69.63 -18.83 72.13
N VAL N 315 -69.94 -19.38 70.97
CA VAL N 315 -71.34 -19.45 70.54
C VAL N 315 -72.16 -20.36 71.44
N PRO N 316 -71.69 -21.60 71.66
CA PRO N 316 -72.44 -22.48 72.56
C PRO N 316 -72.32 -22.07 74.02
N ALA N 317 -71.16 -21.56 74.41
CA ALA N 317 -70.95 -21.13 75.79
C ALA N 317 -71.90 -19.99 76.13
N THR N 318 -72.04 -19.05 75.20
CA THR N 318 -72.87 -17.87 75.43
C THR N 318 -74.35 -18.25 75.49
N LYS N 319 -74.73 -19.22 74.65
CA LYS N 319 -76.11 -19.70 74.64
C LYS N 319 -76.46 -20.38 75.96
N ILE N 320 -75.52 -21.13 76.51
CA ILE N 320 -75.71 -21.74 77.83
C ILE N 320 -75.88 -20.68 78.91
N ALA N 321 -75.01 -19.67 78.89
CA ALA N 321 -75.09 -18.59 79.88
C ALA N 321 -76.41 -17.83 79.78
N LEU N 322 -76.86 -17.59 78.55
CA LEU N 322 -78.09 -16.82 78.32
C LEU N 322 -79.30 -17.60 78.81
N GLU N 323 -79.32 -18.89 78.46
CA GLU N 323 -80.34 -19.80 78.94
C GLU N 323 -80.41 -19.79 80.47
N ARG N 324 -79.26 -19.95 81.12
CA ARG N 324 -79.22 -20.08 82.55
C ARG N 324 -79.66 -18.79 83.22
N ALA N 325 -79.48 -17.68 82.50
CA ALA N 325 -79.81 -16.36 83.04
C ALA N 325 -81.25 -15.99 82.72
N GLY N 326 -81.89 -16.79 81.88
CA GLY N 326 -83.20 -16.45 81.33
C GLY N 326 -83.17 -15.18 80.51
N LEU N 327 -82.10 -15.00 79.74
CA LEU N 327 -81.94 -13.80 78.94
C LEU N 327 -81.85 -14.15 77.46
N GLN N 328 -81.88 -13.11 76.63
CA GLN N 328 -81.62 -13.26 75.21
C GLN N 328 -80.61 -12.22 74.75
N VAL N 329 -80.12 -12.36 73.52
CA VAL N 329 -79.08 -11.49 72.98
C VAL N 329 -79.44 -10.01 73.11
N SER N 330 -80.70 -9.68 72.87
CA SER N 330 -81.11 -8.28 72.82
C SER N 330 -80.99 -7.62 74.19
N ASP N 331 -80.96 -8.44 75.24
CA ASP N 331 -80.85 -7.93 76.60
C ASP N 331 -79.46 -7.34 76.88
N LEU N 332 -78.47 -7.69 76.07
CA LEU N 332 -77.08 -7.36 76.35
C LEU N 332 -76.74 -5.94 75.90
N ASP N 333 -76.25 -5.12 76.83
CA ASP N 333 -75.87 -3.73 76.50
C ASP N 333 -74.36 -3.58 76.18
N VAL N 334 -73.53 -4.42 76.79
CA VAL N 334 -72.09 -4.45 76.48
C VAL N 334 -71.57 -5.87 76.34
N ILE N 335 -70.78 -6.11 75.30
CA ILE N 335 -70.24 -7.44 75.03
C ILE N 335 -68.72 -7.37 74.82
N GLU N 336 -68.01 -8.09 75.67
CA GLU N 336 -66.58 -8.31 75.50
C GLU N 336 -66.38 -9.74 75.00
N ALA N 337 -66.12 -9.87 73.71
CA ALA N 337 -65.92 -11.16 73.07
C ALA N 337 -64.55 -11.19 72.42
N ASN N 338 -63.59 -11.84 73.06
CA ASN N 338 -62.19 -11.60 72.75
C ASN N 338 -61.95 -11.80 71.25
N GLU N 339 -61.32 -10.81 70.63
CA GLU N 339 -60.79 -10.96 69.27
C GLU N 339 -59.47 -11.71 69.31
N ALA N 340 -59.54 -13.03 69.27
CA ALA N 340 -58.34 -13.83 69.01
C ALA N 340 -57.92 -13.67 67.55
N PHE N 341 -58.88 -13.81 66.64
CA PHE N 341 -58.70 -13.46 65.25
C PHE N 341 -59.99 -12.85 64.73
N ALA N 342 -59.87 -11.85 63.87
CA ALA N 342 -61.04 -11.23 63.26
C ALA N 342 -61.90 -12.30 62.58
N ALA N 343 -61.24 -13.33 62.07
CA ALA N 343 -61.93 -14.44 61.41
C ALA N 343 -62.99 -15.07 62.31
N GLN N 344 -62.61 -15.42 63.54
CA GLN N 344 -63.53 -16.10 64.45
C GLN N 344 -64.43 -15.10 65.17
N ALA N 345 -63.90 -13.90 65.41
CA ALA N 345 -64.66 -12.85 66.09
C ALA N 345 -65.86 -12.43 65.26
N CYS N 346 -65.65 -12.28 63.96
CA CYS N 346 -66.73 -11.96 63.05
C CYS N 346 -67.73 -13.11 62.99
N ALA N 347 -67.22 -14.35 63.03
CA ALA N 347 -68.08 -15.53 62.95
C ALA N 347 -68.97 -15.61 64.18
N VAL N 348 -68.41 -15.29 65.34
CA VAL N 348 -69.12 -15.38 66.60
C VAL N 348 -70.31 -14.40 66.63
N THR N 349 -70.06 -13.16 66.21
CA THR N 349 -71.09 -12.13 66.25
C THR N 349 -72.19 -12.42 65.23
N LYS N 350 -71.78 -12.96 64.08
CA LYS N 350 -72.72 -13.35 63.04
C LYS N 350 -73.62 -14.50 63.53
N ALA N 351 -73.00 -15.52 64.12
CA ALA N 351 -73.71 -16.73 64.50
C ALA N 351 -74.68 -16.47 65.64
N LEU N 352 -74.29 -15.58 66.55
CA LEU N 352 -75.12 -15.24 67.70
C LEU N 352 -76.08 -14.11 67.35
N GLY N 353 -75.84 -13.44 66.22
CA GLY N 353 -76.68 -12.33 65.79
C GLY N 353 -76.48 -11.13 66.68
N LEU N 354 -75.23 -10.88 67.05
CA LEU N 354 -74.89 -9.74 67.88
C LEU N 354 -74.80 -8.48 67.02
N ASP N 355 -75.06 -7.34 67.64
CA ASP N 355 -74.89 -6.05 66.97
C ASP N 355 -73.45 -5.56 67.14
N PRO N 356 -72.74 -5.39 66.01
CA PRO N 356 -71.30 -5.15 66.05
C PRO N 356 -70.94 -3.87 66.78
N ALA N 357 -71.89 -2.97 66.91
CA ALA N 357 -71.67 -1.72 67.64
C ALA N 357 -71.51 -1.96 69.13
N LYS N 358 -72.07 -3.06 69.63
CA LYS N 358 -72.08 -3.33 71.07
C LYS N 358 -70.98 -4.30 71.44
N VAL N 359 -70.40 -4.95 70.44
CA VAL N 359 -69.36 -5.96 70.65
C VAL N 359 -67.98 -5.31 70.60
N ASN N 360 -67.22 -5.43 71.68
CA ASN N 360 -65.90 -4.84 71.76
C ASN N 360 -65.91 -3.38 71.31
N PRO N 361 -66.74 -2.56 71.97
CA PRO N 361 -66.90 -1.16 71.62
C PRO N 361 -65.62 -0.33 71.77
N ASN N 362 -64.68 -0.80 72.60
CA ASN N 362 -63.42 -0.09 72.82
C ASN N 362 -62.19 -0.89 72.37
N GLY N 363 -62.38 -1.80 71.41
CA GLY N 363 -61.28 -2.61 70.90
C GLY N 363 -61.17 -3.93 71.66
N SER N 364 -60.27 -4.79 71.21
CA SER N 364 -60.05 -6.09 71.84
C SER N 364 -58.69 -6.66 71.44
N GLY N 365 -58.62 -7.98 71.33
CA GLY N 365 -57.33 -8.67 71.22
C GLY N 365 -56.47 -8.20 70.05
N ILE N 366 -57.12 -7.83 68.94
CA ILE N 366 -56.38 -7.43 67.74
C ILE N 366 -55.67 -6.10 67.97
N SER N 367 -56.30 -5.20 68.70
CA SER N 367 -55.79 -3.85 68.88
C SER N 367 -55.08 -3.71 70.22
N LEU N 368 -55.76 -4.14 71.28
CA LEU N 368 -55.25 -3.97 72.64
C LEU N 368 -54.27 -5.10 73.00
N GLY N 369 -54.51 -6.29 72.46
CA GLY N 369 -53.60 -7.41 72.65
C GLY N 369 -54.26 -8.58 73.33
N HIS N 370 -53.57 -9.72 73.33
CA HIS N 370 -54.14 -10.96 73.83
C HIS N 370 -53.12 -11.68 74.71
N PRO N 371 -52.96 -11.22 75.96
CA PRO N 371 -52.11 -11.87 76.93
C PRO N 371 -52.78 -13.08 77.57
N ILE N 372 -52.48 -14.25 77.00
CA ILE N 372 -53.42 -15.37 76.98
C ILE N 372 -54.15 -15.53 78.32
N GLY N 373 -53.42 -15.85 79.38
CA GLY N 373 -54.03 -16.30 80.64
C GLY N 373 -54.62 -15.17 81.45
N ALA N 374 -54.22 -13.94 81.13
CA ALA N 374 -54.80 -12.75 81.75
C ALA N 374 -56.07 -12.26 81.03
N THR N 375 -56.17 -12.57 79.75
CA THR N 375 -57.13 -11.89 78.89
C THR N 375 -58.55 -11.94 79.44
N GLY N 376 -58.97 -13.12 79.90
CA GLY N 376 -60.35 -13.30 80.35
C GLY N 376 -60.66 -12.48 81.60
N ALA N 377 -59.66 -12.25 82.42
CA ALA N 377 -59.83 -11.38 83.58
C ALA N 377 -59.88 -9.92 83.15
N LEU N 378 -59.01 -9.54 82.22
CA LEU N 378 -58.86 -8.14 81.88
C LEU N 378 -60.00 -7.62 81.01
N ILE N 379 -60.63 -8.49 80.23
CA ILE N 379 -61.80 -8.07 79.47
C ILE N 379 -63.08 -8.14 80.30
N THR N 380 -63.03 -8.85 81.41
CA THR N 380 -64.08 -8.72 82.41
C THR N 380 -63.99 -7.36 83.08
N VAL N 381 -62.78 -6.92 83.37
CA VAL N 381 -62.54 -5.61 83.95
C VAL N 381 -63.02 -4.50 83.00
N LYS N 382 -62.69 -4.65 81.72
CA LYS N 382 -63.16 -3.73 80.70
C LYS N 382 -64.68 -3.69 80.62
N ALA N 383 -65.29 -4.88 80.61
CA ALA N 383 -66.74 -4.99 80.44
C ALA N 383 -67.52 -4.32 81.56
N LEU N 384 -67.01 -4.45 82.79
CA LEU N 384 -67.76 -3.96 83.95
C LEU N 384 -67.62 -2.44 84.08
N HIS N 385 -66.48 -1.91 83.69
CA HIS N 385 -66.25 -0.47 83.73
C HIS N 385 -67.00 0.21 82.61
N GLU N 386 -67.06 -0.45 81.46
CA GLU N 386 -67.84 0.05 80.35
C GLU N 386 -69.34 0.00 80.66
N LEU N 387 -69.75 -1.07 81.34
CA LEU N 387 -71.16 -1.23 81.70
C LEU N 387 -71.61 -0.07 82.61
N ASN N 388 -70.72 0.31 83.53
CA ASN N 388 -71.01 1.42 84.44
C ASN N 388 -70.97 2.75 83.71
N ARG N 389 -70.04 2.87 82.75
CA ARG N 389 -69.88 4.13 82.03
C ARG N 389 -71.14 4.47 81.23
N VAL N 390 -71.74 3.47 80.59
CA VAL N 390 -72.90 3.70 79.75
C VAL N 390 -74.21 3.43 80.52
N GLN N 391 -74.09 3.10 81.81
CA GLN N 391 -75.26 2.86 82.65
C GLN N 391 -76.13 1.76 82.06
N GLY N 392 -75.49 0.74 81.50
CA GLY N 392 -76.22 -0.40 80.95
C GLY N 392 -76.60 -1.38 82.04
N ARG N 393 -77.32 -2.43 81.65
CA ARG N 393 -77.82 -3.40 82.61
C ARG N 393 -77.00 -4.69 82.57
N TYR N 394 -76.89 -5.29 81.40
CA TYR N 394 -76.25 -6.60 81.28
C TYR N 394 -74.95 -6.55 80.47
N ALA N 395 -73.95 -7.26 80.96
CA ALA N 395 -72.69 -7.44 80.21
C ALA N 395 -72.41 -8.91 79.96
N LEU N 396 -71.99 -9.23 78.75
CA LEU N 396 -71.47 -10.55 78.42
C LEU N 396 -69.96 -10.50 78.24
N VAL N 397 -69.27 -11.46 78.85
CA VAL N 397 -67.85 -11.66 78.61
C VAL N 397 -67.67 -13.09 78.12
N THR N 398 -67.04 -13.23 76.97
CA THR N 398 -66.84 -14.55 76.39
C THR N 398 -65.61 -14.59 75.48
N MET N 399 -65.01 -15.78 75.38
CA MET N 399 -63.83 -15.95 74.54
C MET N 399 -63.67 -17.40 74.12
N CYS N 400 -63.00 -17.59 72.98
CA CYS N 400 -62.69 -18.92 72.50
C CYS N 400 -61.43 -19.43 73.18
N ILE N 401 -61.27 -20.74 73.19
CA ILE N 401 -60.22 -21.39 73.96
C ILE N 401 -59.54 -22.44 73.12
N GLY N 402 -58.20 -22.39 73.08
CA GLY N 402 -57.41 -23.35 72.32
C GLY N 402 -57.72 -24.78 72.72
N GLY N 403 -57.84 -25.66 71.73
CA GLY N 403 -58.14 -27.06 71.97
C GLY N 403 -59.63 -27.33 71.84
N GLY N 404 -60.40 -26.26 71.66
CA GLY N 404 -61.80 -26.38 71.27
C GLY N 404 -62.71 -26.20 72.47
N GLN N 405 -62.72 -25.00 73.04
CA GLN N 405 -63.66 -24.68 74.09
C GLN N 405 -64.15 -23.24 73.99
N GLY N 406 -65.24 -22.96 74.69
CA GLY N 406 -65.63 -21.59 74.97
C GLY N 406 -65.97 -21.40 76.43
N ILE N 407 -65.91 -20.15 76.88
CA ILE N 407 -66.38 -19.78 78.19
C ILE N 407 -67.07 -18.42 78.13
N ALA N 408 -68.13 -18.27 78.91
CA ALA N 408 -68.94 -17.06 78.89
C ALA N 408 -69.50 -16.81 80.27
N ALA N 409 -69.62 -15.54 80.63
CA ALA N 409 -70.27 -15.15 81.88
C ALA N 409 -71.08 -13.89 81.66
N ILE N 410 -72.18 -13.77 82.39
CA ILE N 410 -73.05 -12.61 82.28
C ILE N 410 -73.14 -11.89 83.61
N PHE N 411 -73.04 -10.56 83.56
CA PHE N 411 -73.03 -9.73 84.74
C PHE N 411 -74.16 -8.70 84.64
N GLU N 412 -74.67 -8.29 85.79
CA GLU N 412 -75.73 -7.28 85.83
C GLU N 412 -75.32 -6.14 86.75
N ARG N 413 -75.55 -4.92 86.30
CA ARG N 413 -75.19 -3.74 87.09
C ARG N 413 -76.30 -3.37 88.08
N THR O 22 21.50 -31.93 57.05
CA THR O 22 20.48 -32.99 56.90
C THR O 22 20.13 -33.56 58.28
N ARG O 23 19.28 -32.83 58.99
CA ARG O 23 18.78 -33.30 60.28
C ARG O 23 17.74 -34.39 60.05
N GLU O 24 17.67 -35.31 61.02
CA GLU O 24 16.80 -36.47 60.90
C GLU O 24 15.97 -36.62 62.16
N VAL O 25 14.70 -36.98 61.99
CA VAL O 25 13.82 -37.17 63.12
C VAL O 25 13.67 -38.65 63.47
N VAL O 26 13.83 -38.96 64.75
CA VAL O 26 13.70 -40.33 65.22
C VAL O 26 12.66 -40.39 66.34
N VAL O 27 11.86 -41.45 66.31
CA VAL O 27 10.88 -41.71 67.37
C VAL O 27 11.47 -42.62 68.44
N VAL O 28 11.46 -42.13 69.68
CA VAL O 28 12.13 -42.80 70.77
C VAL O 28 11.16 -43.53 71.70
N SER O 29 9.89 -43.12 71.67
CA SER O 29 8.86 -43.87 72.38
C SER O 29 7.50 -43.61 71.76
N GLY O 30 6.58 -44.54 71.97
CA GLY O 30 5.21 -44.39 71.51
C GLY O 30 4.23 -45.17 72.38
N VAL O 31 3.19 -44.50 72.84
CA VAL O 31 2.25 -45.11 73.73
C VAL O 31 0.84 -44.60 73.44
N ARG O 32 -0.14 -45.44 73.74
CA ARG O 32 -1.55 -45.07 73.59
C ARG O 32 -2.34 -45.58 74.77
N THR O 33 -3.53 -45.00 74.96
CA THR O 33 -4.57 -45.64 75.74
C THR O 33 -5.15 -46.79 74.95
N ALA O 34 -5.75 -47.75 75.65
CA ALA O 34 -6.79 -48.58 75.05
C ALA O 34 -7.89 -47.71 74.49
N ILE O 35 -8.56 -48.20 73.45
CA ILE O 35 -9.59 -47.43 72.77
C ILE O 35 -10.98 -47.74 73.34
N GLY O 36 -11.55 -46.75 74.00
CA GLY O 36 -12.87 -46.91 74.64
C GLY O 36 -13.98 -46.76 73.61
N THR O 37 -15.10 -47.41 73.88
CA THR O 37 -16.28 -47.28 73.04
C THR O 37 -17.13 -46.09 73.48
N PHE O 38 -17.85 -45.52 72.52
CA PHE O 38 -18.74 -44.38 72.76
C PHE O 38 -19.72 -44.71 73.89
N GLY O 39 -19.69 -43.88 74.93
CA GLY O 39 -20.50 -44.12 76.12
C GLY O 39 -19.94 -45.22 77.00
N GLY O 40 -18.67 -45.57 76.77
CA GLY O 40 -18.06 -46.74 77.40
C GLY O 40 -17.07 -46.36 78.49
N SER O 41 -15.94 -47.06 78.52
CA SER O 41 -15.08 -47.12 79.72
C SER O 41 -14.39 -45.79 79.98
N LEU O 42 -14.26 -44.97 78.94
CA LEU O 42 -13.58 -43.69 79.06
C LEU O 42 -14.53 -42.51 79.03
N LYS O 43 -15.81 -42.79 79.22
CA LYS O 43 -16.84 -41.76 79.12
C LYS O 43 -16.58 -40.59 80.05
N ASP O 44 -15.97 -40.88 81.19
CA ASP O 44 -15.83 -39.90 82.26
C ASP O 44 -14.41 -39.31 82.34
N VAL O 45 -13.63 -39.52 81.28
CA VAL O 45 -12.26 -38.99 81.25
C VAL O 45 -12.08 -38.00 80.10
N ALA O 46 -11.80 -36.75 80.45
CA ALA O 46 -11.72 -35.68 79.47
C ALA O 46 -10.46 -35.81 78.62
N PRO O 47 -10.50 -35.29 77.39
CA PRO O 47 -9.33 -35.33 76.49
C PRO O 47 -8.06 -34.83 77.13
N ALA O 48 -8.16 -33.73 77.87
CA ALA O 48 -7.03 -33.14 78.58
C ALA O 48 -6.32 -34.15 79.47
N GLU O 49 -7.11 -35.00 80.15
CA GLU O 49 -6.56 -35.99 81.06
C GLU O 49 -6.04 -37.22 80.31
N LEU O 50 -6.74 -37.62 79.25
CA LEU O 50 -6.23 -38.65 78.36
C LEU O 50 -4.88 -38.24 77.75
N GLY O 51 -4.75 -36.98 77.39
CA GLY O 51 -3.55 -36.47 76.74
C GLY O 51 -2.39 -36.37 77.71
N ALA O 52 -2.67 -35.87 78.90
CA ALA O 52 -1.64 -35.76 79.91
C ALA O 52 -1.09 -37.14 80.28
N LEU O 53 -1.97 -38.14 80.31
CA LEU O 53 -1.57 -39.49 80.67
C LEU O 53 -0.56 -40.05 79.67
N VAL O 54 -0.86 -39.95 78.38
CA VAL O 54 0.01 -40.52 77.35
C VAL O 54 1.30 -39.71 77.21
N VAL O 55 1.24 -38.42 77.50
CA VAL O 55 2.43 -37.60 77.49
C VAL O 55 3.39 -38.02 78.60
N ARG O 56 2.86 -38.16 79.81
CA ARG O 56 3.66 -38.56 80.96
C ARG O 56 4.29 -39.93 80.73
N GLU O 57 3.50 -40.87 80.25
CA GLU O 57 3.97 -42.24 80.10
C GLU O 57 4.92 -42.39 78.91
N ALA O 58 4.70 -41.60 77.87
CA ALA O 58 5.60 -41.62 76.71
C ALA O 58 6.98 -41.09 77.10
N LEU O 59 7.01 -40.06 77.94
CA LEU O 59 8.26 -39.47 78.39
C LEU O 59 9.02 -40.44 79.29
N ALA O 60 8.29 -41.09 80.19
CA ALA O 60 8.86 -42.12 81.06
C ALA O 60 9.46 -43.27 80.24
N ARG O 61 8.70 -43.74 79.25
CA ARG O 61 9.15 -44.84 78.41
C ARG O 61 10.41 -44.46 77.63
N ALA O 62 10.50 -43.19 77.26
CA ALA O 62 11.64 -42.68 76.47
C ALA O 62 12.84 -42.41 77.38
N GLN O 63 12.60 -42.42 78.70
CA GLN O 63 13.58 -41.95 79.66
C GLN O 63 14.01 -40.52 79.33
N VAL O 64 13.01 -39.66 79.09
CA VAL O 64 13.27 -38.25 78.81
C VAL O 64 12.52 -37.38 79.81
N SER O 65 13.20 -36.39 80.35
CA SER O 65 12.58 -35.44 81.27
C SER O 65 11.68 -34.48 80.52
N GLY O 66 10.53 -34.16 81.11
CA GLY O 66 9.65 -33.14 80.58
C GLY O 66 10.31 -31.78 80.47
N ASP O 67 11.39 -31.59 81.24
CA ASP O 67 12.13 -30.35 81.20
C ASP O 67 12.90 -30.18 79.89
N ASP O 68 13.10 -31.27 79.16
CA ASP O 68 13.95 -31.27 77.97
C ASP O 68 13.13 -31.24 76.68
N VAL O 69 11.80 -31.23 76.80
CA VAL O 69 10.94 -31.15 75.63
C VAL O 69 10.88 -29.72 75.12
N GLY O 70 11.07 -29.56 73.81
CA GLY O 70 11.10 -28.22 73.21
C GLY O 70 9.82 -27.83 72.49
N HIS O 71 9.01 -28.81 72.13
CA HIS O 71 7.72 -28.54 71.48
C HIS O 71 6.73 -29.67 71.67
N VAL O 72 5.46 -29.29 71.80
CA VAL O 72 4.38 -30.27 71.86
C VAL O 72 3.26 -29.87 70.91
N VAL O 73 2.86 -30.82 70.07
CA VAL O 73 1.71 -30.65 69.19
C VAL O 73 0.70 -31.77 69.41
N PHE O 74 -0.57 -31.41 69.57
CA PHE O 74 -1.63 -32.39 69.76
C PHE O 74 -2.71 -32.22 68.71
N GLY O 75 -3.19 -33.34 68.19
CA GLY O 75 -4.38 -33.35 67.35
C GLY O 75 -5.66 -33.44 68.17
N ASN O 76 -6.70 -32.77 67.69
CA ASN O 76 -8.03 -32.88 68.27
C ASN O 76 -9.04 -32.18 67.36
N VAL O 77 -10.23 -32.77 67.22
CA VAL O 77 -11.24 -32.23 66.33
C VAL O 77 -12.40 -31.64 67.10
N ILE O 78 -12.87 -32.37 68.13
CA ILE O 78 -14.05 -31.93 68.87
C ILE O 78 -13.66 -31.29 70.20
N GLN O 79 -13.96 -30.00 70.34
CA GLN O 79 -13.82 -29.31 71.60
C GLN O 79 -14.95 -29.67 72.55
N THR O 80 -14.64 -30.35 73.65
CA THR O 80 -15.64 -30.83 74.60
C THR O 80 -15.86 -29.84 75.73
N GLU O 81 -14.84 -29.04 76.00
CA GLU O 81 -14.89 -28.03 77.05
C GLU O 81 -13.88 -26.93 76.70
N PRO O 82 -13.90 -25.84 77.46
CA PRO O 82 -13.00 -24.72 77.19
C PRO O 82 -11.53 -25.11 77.19
N ARG O 83 -11.15 -26.02 78.08
CA ARG O 83 -9.75 -26.45 78.17
C ARG O 83 -9.27 -27.07 76.85
N ASP O 84 -10.19 -27.62 76.08
CA ASP O 84 -9.81 -28.28 74.84
C ASP O 84 -9.29 -27.29 73.80
N MET O 85 -9.52 -26.00 74.03
CA MET O 85 -8.97 -24.97 73.17
C MET O 85 -7.49 -24.79 73.49
N TYR O 86 -7.07 -25.40 74.60
CA TYR O 86 -5.69 -25.30 75.07
C TYR O 86 -5.03 -26.68 75.09
N LEU O 87 -5.61 -27.64 74.38
CA LEU O 87 -5.40 -29.06 74.68
C LEU O 87 -3.91 -29.39 74.70
N GLY O 88 -3.21 -29.00 73.64
CA GLY O 88 -1.79 -29.28 73.54
C GLY O 88 -1.03 -28.78 74.75
N ARG O 89 -1.35 -27.56 75.18
CA ARG O 89 -0.70 -26.95 76.34
C ARG O 89 -1.08 -27.66 77.64
N VAL O 90 -2.34 -28.08 77.75
CA VAL O 90 -2.80 -28.73 78.98
C VAL O 90 -2.24 -30.15 79.09
N ALA O 91 -2.26 -30.88 77.99
CA ALA O 91 -1.73 -32.24 77.96
C ALA O 91 -0.22 -32.22 78.22
N ALA O 92 0.46 -31.21 77.67
CA ALA O 92 1.88 -31.04 77.89
C ALA O 92 2.17 -30.81 79.36
N VAL O 93 1.63 -29.73 79.91
CA VAL O 93 2.04 -29.24 81.22
C VAL O 93 1.58 -30.20 82.31
N ASN O 94 0.38 -30.74 82.16
CA ASN O 94 -0.15 -31.69 83.15
C ASN O 94 0.50 -33.07 82.99
N GLY O 95 1.12 -33.31 81.84
CA GLY O 95 1.89 -34.52 81.63
C GLY O 95 3.34 -34.36 82.03
N GLY O 96 3.70 -33.18 82.52
CA GLY O 96 5.00 -32.97 83.15
C GLY O 96 6.00 -32.29 82.23
N VAL O 97 5.54 -31.86 81.06
CA VAL O 97 6.35 -31.01 80.20
C VAL O 97 6.49 -29.61 80.80
N THR O 98 7.69 -29.05 80.70
CA THR O 98 7.99 -27.74 81.26
C THR O 98 7.09 -26.68 80.66
N ILE O 99 6.71 -25.70 81.49
CA ILE O 99 5.94 -24.56 81.03
C ILE O 99 6.68 -23.75 79.98
N ASN O 100 7.98 -23.99 79.85
CA ASN O 100 8.81 -23.24 78.91
C ASN O 100 8.66 -23.75 77.48
N ALA O 101 8.02 -24.90 77.32
CA ALA O 101 7.82 -25.49 76.00
C ALA O 101 6.58 -24.91 75.33
N PRO O 102 6.73 -24.47 74.06
CA PRO O 102 5.56 -24.19 73.21
C PRO O 102 4.66 -25.40 72.97
N ALA O 103 3.36 -25.17 72.81
CA ALA O 103 2.37 -26.24 72.73
C ALA O 103 1.23 -25.85 71.78
N LEU O 104 0.97 -26.73 70.81
CA LEU O 104 0.06 -26.42 69.70
C LEU O 104 -1.06 -27.46 69.66
N THR O 105 -2.24 -27.05 69.22
CA THR O 105 -3.30 -27.99 68.89
C THR O 105 -3.65 -27.86 67.41
N VAL O 106 -3.68 -28.99 66.72
CA VAL O 106 -3.97 -28.98 65.28
C VAL O 106 -5.22 -29.79 64.93
N ASN O 107 -5.85 -29.41 63.82
CA ASN O 107 -7.07 -30.06 63.37
C ASN O 107 -7.02 -30.28 61.86
N ARG O 108 -6.68 -31.50 61.47
CA ARG O 108 -6.94 -31.95 60.11
C ARG O 108 -7.92 -33.12 60.13
N LEU O 109 -8.97 -32.94 60.93
CA LEU O 109 -9.99 -33.96 61.14
C LEU O 109 -9.38 -35.34 61.39
N CYS O 110 -9.84 -36.35 60.66
CA CYS O 110 -9.45 -37.72 60.90
C CYS O 110 -7.93 -37.89 60.85
N GLY O 111 -7.23 -36.91 60.28
CA GLY O 111 -5.79 -37.01 60.11
C GLY O 111 -5.02 -36.28 61.19
N SER O 112 -5.75 -35.67 62.13
CA SER O 112 -5.16 -34.72 63.07
C SER O 112 -3.98 -35.34 63.82
N GLY O 113 -4.14 -36.59 64.22
CA GLY O 113 -3.17 -37.25 65.10
C GLY O 113 -1.83 -37.48 64.41
N LEU O 114 -1.87 -37.83 63.12
CA LEU O 114 -0.66 -37.95 62.33
C LEU O 114 -0.12 -36.58 61.95
N GLN O 115 -1.01 -35.62 61.74
CA GLN O 115 -0.57 -34.25 61.47
C GLN O 115 0.20 -33.67 62.65
N ALA O 116 -0.24 -33.99 63.87
CA ALA O 116 0.46 -33.50 65.05
C ALA O 116 1.90 -34.03 65.07
N ILE O 117 2.06 -35.28 64.69
CA ILE O 117 3.36 -35.91 64.67
C ILE O 117 4.24 -35.33 63.56
N VAL O 118 3.62 -35.01 62.43
CA VAL O 118 4.31 -34.34 61.34
C VAL O 118 4.73 -32.92 61.71
N SER O 119 3.83 -32.17 62.33
CA SER O 119 4.12 -30.78 62.70
C SER O 119 5.23 -30.74 63.75
N ALA O 120 5.21 -31.71 64.66
CA ALA O 120 6.23 -31.78 65.71
C ALA O 120 7.58 -32.15 65.14
N ALA O 121 7.58 -33.13 64.23
CA ALA O 121 8.78 -33.49 63.49
C ALA O 121 9.37 -32.30 62.71
N GLN O 122 8.50 -31.47 62.15
CA GLN O 122 8.93 -30.33 61.35
C GLN O 122 9.72 -29.33 62.19
N THR O 123 9.35 -29.18 63.45
CA THR O 123 10.04 -28.25 64.33
C THR O 123 11.45 -28.76 64.62
N ILE O 124 11.61 -30.08 64.60
CA ILE O 124 12.94 -30.69 64.75
C ILE O 124 13.75 -30.56 63.45
N LEU O 125 13.11 -30.85 62.32
CA LEU O 125 13.79 -30.85 61.04
C LEU O 125 14.33 -29.46 60.69
N LEU O 126 13.61 -28.42 61.12
CA LEU O 126 13.99 -27.05 60.79
C LEU O 126 14.87 -26.43 61.88
N GLY O 127 15.15 -27.21 62.92
CA GLY O 127 16.18 -26.84 63.89
C GLY O 127 15.63 -25.95 64.98
N ASP O 128 14.30 -25.90 65.10
CA ASP O 128 13.66 -25.12 66.14
C ASP O 128 13.89 -25.77 67.50
N THR O 129 14.01 -27.09 67.51
CA THR O 129 14.29 -27.82 68.74
C THR O 129 14.85 -29.20 68.40
N ASP O 130 15.30 -29.92 69.42
CA ASP O 130 15.86 -31.25 69.23
C ASP O 130 14.94 -32.32 69.78
N VAL O 131 13.98 -31.92 70.61
CA VAL O 131 13.08 -32.86 71.26
C VAL O 131 11.65 -32.35 71.19
N ALA O 132 10.74 -33.18 70.71
CA ALA O 132 9.34 -32.78 70.57
C ALA O 132 8.39 -33.95 70.79
N ILE O 133 7.14 -33.62 71.13
CA ILE O 133 6.11 -34.61 71.30
C ILE O 133 4.97 -34.36 70.32
N GLY O 134 4.59 -35.42 69.60
CA GLY O 134 3.36 -35.41 68.81
C GLY O 134 2.36 -36.39 69.38
N GLY O 135 1.11 -35.96 69.47
CA GLY O 135 0.06 -36.85 69.94
C GLY O 135 -1.32 -36.41 69.49
N GLY O 136 -2.32 -37.16 69.94
CA GLY O 136 -3.70 -36.80 69.69
C GLY O 136 -4.57 -37.31 70.83
N ALA O 137 -5.66 -36.60 71.07
CA ALA O 137 -6.64 -37.03 72.05
C ALA O 137 -8.03 -36.69 71.54
N GLU O 138 -8.95 -37.62 71.68
CA GLU O 138 -10.34 -37.39 71.29
C GLU O 138 -11.28 -38.12 72.25
N SER O 139 -12.28 -37.41 72.73
CA SER O 139 -13.39 -38.03 73.45
C SER O 139 -14.71 -37.77 72.75
N MET O 140 -15.16 -38.74 71.95
CA MET O 140 -16.42 -38.61 71.24
C MET O 140 -17.60 -38.85 72.21
N SER O 141 -17.35 -39.56 73.30
CA SER O 141 -18.33 -39.69 74.38
C SER O 141 -18.71 -38.32 74.93
N ARG O 142 -17.72 -37.44 75.05
CA ARG O 142 -17.93 -36.18 75.74
C ARG O 142 -18.08 -35.02 74.77
N ALA O 143 -18.31 -35.35 73.49
CA ALA O 143 -18.65 -34.34 72.51
C ALA O 143 -19.89 -33.57 72.97
N PRO O 144 -19.86 -32.23 72.82
CA PRO O 144 -20.91 -31.38 73.34
C PRO O 144 -22.09 -31.26 72.38
N TYR O 145 -23.17 -30.70 72.91
CA TYR O 145 -24.19 -30.04 72.10
C TYR O 145 -23.98 -28.53 72.17
N LEU O 146 -24.09 -27.87 71.03
CA LEU O 146 -24.01 -26.42 70.96
C LEU O 146 -25.41 -25.84 71.02
N ALA O 147 -25.52 -24.62 71.54
CA ALA O 147 -26.75 -23.84 71.43
C ALA O 147 -26.45 -22.50 70.75
N PRO O 148 -26.59 -22.46 69.42
CA PRO O 148 -26.13 -21.30 68.67
C PRO O 148 -27.03 -20.07 68.80
N ALA O 149 -28.21 -20.25 69.37
CA ALA O 149 -29.15 -19.15 69.56
C ALA O 149 -29.06 -18.57 70.96
N ALA O 150 -28.25 -19.18 71.82
CA ALA O 150 -28.24 -18.83 73.24
C ALA O 150 -27.69 -17.43 73.47
N ARG O 151 -26.71 -17.02 72.67
CA ARG O 151 -26.04 -15.74 72.93
C ARG O 151 -26.97 -14.57 72.67
N TRP O 152 -27.58 -14.55 71.50
CA TRP O 152 -28.31 -13.37 71.05
C TRP O 152 -29.81 -13.64 71.00
N GLY O 153 -30.19 -14.89 71.21
CA GLY O 153 -31.58 -15.23 71.44
C GLY O 153 -32.23 -15.79 70.20
N ALA O 154 -33.17 -16.71 70.40
CA ALA O 154 -33.95 -17.24 69.29
C ALA O 154 -35.18 -16.38 69.01
N ARG O 155 -35.64 -15.69 70.05
CA ARG O 155 -36.76 -14.75 69.94
C ARG O 155 -38.11 -15.48 69.82
N MET O 156 -38.29 -16.18 68.71
CA MET O 156 -39.54 -16.88 68.45
C MET O 156 -39.31 -18.04 67.50
N GLY O 157 -39.88 -19.20 67.83
CA GLY O 157 -39.68 -20.41 67.02
C GLY O 157 -38.68 -21.37 67.64
N ASP O 158 -38.87 -22.66 67.39
CA ASP O 158 -38.05 -23.69 68.01
C ASP O 158 -36.59 -23.49 67.62
N ALA O 159 -35.68 -23.78 68.53
CA ALA O 159 -34.25 -23.63 68.28
C ALA O 159 -33.52 -24.95 68.43
N GLY O 160 -32.23 -24.96 68.14
CA GLY O 160 -31.48 -26.20 67.95
C GLY O 160 -30.44 -26.40 69.04
N LEU O 161 -30.29 -27.66 69.45
CA LEU O 161 -29.10 -28.09 70.15
C LEU O 161 -28.28 -28.98 69.22
N VAL O 162 -27.15 -28.46 68.79
CA VAL O 162 -26.42 -29.05 67.68
C VAL O 162 -25.47 -30.12 68.24
N ASP O 163 -25.60 -31.33 67.74
CA ASP O 163 -24.70 -32.42 68.09
C ASP O 163 -23.36 -32.25 67.35
N MET O 164 -22.32 -31.89 68.09
CA MET O 164 -21.05 -31.52 67.49
C MET O 164 -20.21 -32.75 67.07
N MET O 165 -20.51 -33.91 67.65
CA MET O 165 -19.91 -35.16 67.18
C MET O 165 -20.35 -35.48 65.76
N LEU O 166 -21.67 -35.42 65.52
CA LEU O 166 -22.21 -35.66 64.19
C LEU O 166 -21.75 -34.55 63.25
N GLY O 167 -21.59 -33.36 63.79
CA GLY O 167 -20.98 -32.26 63.05
C GLY O 167 -19.64 -32.62 62.46
N ALA O 168 -18.81 -33.31 63.25
CA ALA O 168 -17.49 -33.72 62.80
C ALA O 168 -17.59 -34.74 61.67
N LEU O 169 -18.70 -35.47 61.63
CA LEU O 169 -18.85 -36.61 60.74
C LEU O 169 -19.62 -36.26 59.48
N HIS O 170 -19.97 -34.99 59.32
CA HIS O 170 -20.59 -34.54 58.10
C HIS O 170 -19.66 -33.64 57.28
N ASP O 171 -19.71 -33.82 55.97
CA ASP O 171 -18.96 -32.96 55.05
C ASP O 171 -19.52 -31.54 55.07
N PRO O 172 -18.64 -30.55 55.12
CA PRO O 172 -19.02 -29.16 55.38
C PRO O 172 -19.54 -28.46 54.13
N PHE O 173 -19.33 -29.07 52.96
CA PHE O 173 -19.83 -28.50 51.72
C PHE O 173 -21.21 -29.06 51.37
N HIS O 174 -21.41 -30.35 51.60
CA HIS O 174 -22.59 -31.04 51.10
C HIS O 174 -23.48 -31.57 52.23
N ARG O 175 -23.03 -31.40 53.47
CA ARG O 175 -23.77 -31.84 54.65
C ARG O 175 -24.23 -33.29 54.54
N ILE O 176 -23.37 -34.14 53.99
CA ILE O 176 -23.62 -35.58 53.98
C ILE O 176 -22.70 -36.28 54.96
N HIS O 177 -23.19 -37.35 55.57
CA HIS O 177 -22.39 -38.17 56.46
C HIS O 177 -21.19 -38.75 55.72
N MET O 178 -20.07 -38.90 56.42
CA MET O 178 -18.88 -39.57 55.86
C MET O 178 -19.26 -40.90 55.22
N GLY O 179 -20.30 -41.53 55.75
CA GLY O 179 -20.70 -42.87 55.32
C GLY O 179 -21.27 -42.90 53.92
N VAL O 180 -21.92 -41.82 53.51
CA VAL O 180 -22.44 -41.73 52.15
C VAL O 180 -21.29 -41.47 51.17
N THR O 181 -20.24 -40.82 51.68
CA THR O 181 -19.02 -40.64 50.93
C THR O 181 -18.32 -41.98 50.68
N ALA O 182 -18.43 -42.87 51.64
CA ALA O 182 -17.93 -44.24 51.49
C ALA O 182 -18.73 -45.04 50.45
N GLU O 183 -20.04 -44.82 50.40
CA GLU O 183 -20.87 -45.43 49.36
C GLU O 183 -20.38 -45.01 47.97
N ASN O 184 -20.10 -43.73 47.80
CA ASN O 184 -19.57 -43.22 46.54
C ASN O 184 -18.30 -43.96 46.13
N VAL O 185 -17.43 -44.21 47.11
CA VAL O 185 -16.14 -44.84 46.84
C VAL O 185 -16.32 -46.32 46.53
N ALA O 186 -17.18 -46.98 47.30
CA ALA O 186 -17.54 -48.37 47.02
C ALA O 186 -18.05 -48.50 45.59
N LYS O 187 -18.84 -47.54 45.17
CA LYS O 187 -19.43 -47.55 43.83
C LYS O 187 -18.33 -47.37 42.78
N GLU O 188 -17.46 -46.40 42.99
CA GLU O 188 -16.49 -46.02 41.97
C GLU O 188 -15.41 -47.07 41.82
N TYR O 189 -15.08 -47.75 42.92
CA TYR O 189 -13.99 -48.72 42.91
C TYR O 189 -14.51 -50.15 42.98
N ASP O 190 -15.82 -50.31 42.85
CA ASP O 190 -16.43 -51.61 42.71
C ASP O 190 -16.11 -52.50 43.91
N ILE O 191 -16.40 -52.01 45.11
CA ILE O 191 -16.29 -52.84 46.31
C ILE O 191 -17.67 -53.26 46.79
N SER O 192 -17.92 -54.57 46.74
CA SER O 192 -19.24 -55.13 46.95
C SER O 192 -19.55 -55.24 48.45
N ARG O 193 -20.84 -55.29 48.78
CA ARG O 193 -21.28 -55.50 50.16
C ARG O 193 -20.57 -56.71 50.75
N ALA O 194 -20.47 -57.78 49.96
CA ALA O 194 -19.84 -59.00 50.42
C ALA O 194 -18.37 -58.76 50.77
N GLN O 195 -17.69 -57.99 49.93
CA GLN O 195 -16.29 -57.65 50.16
C GLN O 195 -16.14 -56.85 51.45
N GLN O 196 -17.01 -55.85 51.64
CA GLN O 196 -16.91 -55.01 52.82
C GLN O 196 -17.13 -55.80 54.09
N ASP O 197 -18.07 -56.75 54.08
CA ASP O 197 -18.45 -57.49 55.28
C ASP O 197 -17.38 -58.50 55.64
N GLU O 198 -16.74 -59.07 54.63
CA GLU O 198 -15.62 -59.98 54.84
C GLU O 198 -14.41 -59.24 55.41
N ALA O 199 -14.17 -58.03 54.91
CA ALA O 199 -13.09 -57.20 55.42
C ALA O 199 -13.35 -56.79 56.87
N ALA O 200 -14.63 -56.55 57.20
CA ALA O 200 -15.01 -56.14 58.55
C ALA O 200 -14.83 -57.30 59.52
N LEU O 201 -15.24 -58.49 59.10
CA LEU O 201 -15.12 -59.69 59.92
C LEU O 201 -13.65 -59.98 60.20
N GLU O 202 -12.82 -59.81 59.16
CA GLU O 202 -11.39 -60.08 59.27
C GLU O 202 -10.70 -59.09 60.20
N SER O 203 -11.13 -57.83 60.17
CA SER O 203 -10.57 -56.82 61.05
C SER O 203 -10.80 -57.18 62.53
N HIS O 204 -12.01 -57.64 62.84
CA HIS O 204 -12.32 -58.11 64.18
C HIS O 204 -11.50 -59.34 64.56
N ARG O 205 -11.38 -60.28 63.63
CA ARG O 205 -10.61 -61.50 63.87
C ARG O 205 -9.14 -61.14 64.16
N ARG O 206 -8.59 -60.25 63.35
CA ARG O 206 -7.19 -59.86 63.50
C ARG O 206 -6.97 -59.13 64.82
N ALA O 207 -7.92 -58.26 65.18
CA ALA O 207 -7.81 -57.50 66.41
C ALA O 207 -7.87 -58.44 67.60
N SER O 208 -8.81 -59.39 67.55
CA SER O 208 -9.00 -60.34 68.65
C SER O 208 -7.75 -61.19 68.84
N ALA O 209 -7.21 -61.71 67.73
CA ALA O 209 -5.99 -62.50 67.78
C ALA O 209 -4.85 -61.69 68.39
N ALA O 210 -4.77 -60.41 68.04
CA ALA O 210 -3.69 -59.55 68.48
C ALA O 210 -3.79 -59.27 69.99
N ILE O 211 -5.01 -59.04 70.46
CA ILE O 211 -5.23 -58.79 71.87
C ILE O 211 -4.85 -60.02 72.69
N LYS O 212 -5.28 -61.19 72.23
CA LYS O 212 -5.07 -62.43 72.97
C LYS O 212 -3.60 -62.83 72.99
N ALA O 213 -2.92 -62.61 71.87
CA ALA O 213 -1.48 -62.89 71.78
C ALA O 213 -0.66 -61.83 72.49
N GLY O 214 -1.30 -60.76 72.93
CA GLY O 214 -0.66 -59.79 73.81
C GLY O 214 0.16 -58.76 73.06
N TYR O 215 -0.14 -58.59 71.77
CA TYR O 215 0.64 -57.72 70.90
C TYR O 215 0.59 -56.27 71.39
N PHE O 216 -0.54 -55.86 71.97
CA PHE O 216 -0.77 -54.47 72.35
C PHE O 216 -0.30 -54.17 73.77
N LYS O 217 0.04 -55.20 74.52
CA LYS O 217 0.29 -55.07 75.95
C LYS O 217 1.27 -53.93 76.25
N ASP O 218 2.36 -53.90 75.50
CA ASP O 218 3.48 -53.00 75.81
C ASP O 218 3.13 -51.54 75.53
N GLN O 219 2.37 -51.31 74.47
CA GLN O 219 2.12 -49.96 73.98
C GLN O 219 0.97 -49.27 74.71
N ILE O 220 0.14 -50.05 75.40
CA ILE O 220 -1.04 -49.51 76.07
C ILE O 220 -0.71 -49.03 77.49
N VAL O 221 -1.01 -47.77 77.78
CA VAL O 221 -1.03 -47.27 79.15
C VAL O 221 -2.40 -47.44 79.77
N PRO O 222 -2.47 -48.10 80.93
CA PRO O 222 -3.75 -48.24 81.63
C PRO O 222 -4.34 -46.90 82.04
N VAL O 223 -5.64 -46.75 81.89
CA VAL O 223 -6.38 -45.69 82.56
C VAL O 223 -7.11 -46.26 83.78
N VAL O 224 -6.78 -45.78 84.97
CA VAL O 224 -7.40 -46.29 86.18
C VAL O 224 -8.26 -45.21 86.83
N SER O 225 -9.53 -45.54 87.04
CA SER O 225 -10.47 -44.67 87.74
C SER O 225 -10.85 -45.27 89.10
N LYS O 226 -11.70 -44.57 89.84
CA LYS O 226 -11.92 -44.89 91.25
C LYS O 226 -13.41 -44.88 91.62
N ASP O 231 -10.74 -49.60 92.68
CA ASP O 231 -10.11 -49.06 91.47
C ASP O 231 -10.52 -49.86 90.24
N VAL O 232 -10.88 -49.14 89.17
CA VAL O 232 -11.12 -49.76 87.87
C VAL O 232 -10.00 -49.39 86.90
N THR O 233 -9.44 -50.39 86.24
CA THR O 233 -8.35 -50.15 85.30
C THR O 233 -8.75 -50.60 83.89
N PHE O 234 -8.70 -49.67 82.95
CA PHE O 234 -9.10 -49.93 81.58
C PHE O 234 -7.86 -50.02 80.71
N ASP O 235 -7.63 -51.19 80.14
CA ASP O 235 -6.38 -51.44 79.42
C ASP O 235 -6.56 -52.36 78.22
N THR O 236 -7.81 -52.61 77.83
CA THR O 236 -8.09 -53.52 76.72
C THR O 236 -9.07 -52.88 75.75
N ASP O 237 -8.76 -52.99 74.46
CA ASP O 237 -9.54 -52.32 73.42
C ASP O 237 -10.94 -52.92 73.30
N GLU O 238 -11.94 -52.18 73.75
CA GLU O 238 -13.22 -52.78 74.16
C GLU O 238 -14.23 -52.77 73.00
N HIS O 239 -13.82 -52.23 71.85
CA HIS O 239 -14.71 -52.19 70.69
C HIS O 239 -14.73 -53.53 69.96
N VAL O 240 -13.69 -54.33 70.14
CA VAL O 240 -13.50 -55.52 69.33
C VAL O 240 -14.51 -56.60 69.72
N ARG O 241 -15.02 -57.31 68.71
CA ARG O 241 -15.97 -58.39 68.94
C ARG O 241 -15.29 -59.74 68.73
N HIS O 242 -15.04 -60.44 69.83
CA HIS O 242 -14.16 -61.61 69.81
C HIS O 242 -14.89 -62.84 69.27
N ASP O 243 -16.21 -62.72 69.12
CA ASP O 243 -17.04 -63.86 68.76
C ASP O 243 -17.79 -63.59 67.46
N ALA O 244 -17.28 -62.65 66.67
CA ALA O 244 -18.01 -62.16 65.50
C ALA O 244 -18.11 -63.25 64.45
N THR O 245 -19.25 -63.30 63.75
CA THR O 245 -19.41 -64.21 62.62
C THR O 245 -19.85 -63.42 61.39
N ILE O 246 -19.77 -64.05 60.23
CA ILE O 246 -20.10 -63.38 58.98
C ILE O 246 -21.58 -63.04 58.91
N ASP O 247 -22.41 -63.84 59.56
CA ASP O 247 -23.85 -63.59 59.55
C ASP O 247 -24.20 -62.39 60.38
N ASP O 248 -23.37 -62.10 61.38
CA ASP O 248 -23.50 -60.86 62.15
C ASP O 248 -23.43 -59.66 61.22
N MET O 249 -22.52 -59.72 60.25
CA MET O 249 -22.38 -58.65 59.27
C MET O 249 -23.58 -58.63 58.32
N THR O 250 -23.89 -59.79 57.74
CA THR O 250 -24.73 -59.83 56.55
C THR O 250 -26.21 -59.57 56.89
N LYS O 251 -26.55 -59.70 58.17
CA LYS O 251 -27.93 -59.45 58.59
C LYS O 251 -28.19 -57.97 58.79
N LEU O 252 -27.14 -57.18 58.86
CA LEU O 252 -27.27 -55.74 59.09
C LEU O 252 -27.80 -55.03 57.86
N ARG O 253 -28.48 -53.91 58.08
CA ARG O 253 -29.02 -53.11 57.00
C ARG O 253 -28.16 -51.87 56.79
N PRO O 254 -28.08 -51.40 55.53
CA PRO O 254 -27.41 -50.13 55.23
C PRO O 254 -27.99 -48.96 56.03
N VAL O 255 -27.12 -48.09 56.51
CA VAL O 255 -27.51 -47.07 57.48
C VAL O 255 -27.46 -45.67 56.89
N PHE O 256 -26.69 -45.49 55.81
CA PHE O 256 -26.33 -44.15 55.36
C PHE O 256 -27.09 -43.69 54.13
N VAL O 257 -27.61 -44.64 53.37
CA VAL O 257 -28.39 -44.31 52.18
C VAL O 257 -29.61 -45.23 52.10
N LYS O 258 -30.68 -44.76 51.49
CA LYS O 258 -31.96 -45.48 51.56
C LYS O 258 -32.12 -46.53 50.48
N GLU O 259 -31.48 -46.31 49.33
CA GLU O 259 -31.50 -47.28 48.24
C GLU O 259 -30.07 -47.63 47.84
N ASN O 260 -29.85 -48.90 47.50
CA ASN O 260 -28.60 -49.39 46.90
C ASN O 260 -27.37 -49.29 47.80
N GLY O 261 -27.59 -49.44 49.09
CA GLY O 261 -26.56 -49.19 50.09
C GLY O 261 -25.77 -50.43 50.45
N THR O 262 -24.53 -50.24 50.89
CA THR O 262 -23.65 -51.35 51.22
C THR O 262 -22.99 -51.12 52.59
N VAL O 263 -22.99 -49.87 53.05
CA VAL O 263 -22.28 -49.50 54.27
C VAL O 263 -23.21 -49.62 55.48
N THR O 264 -22.79 -50.45 56.44
CA THR O 264 -23.60 -50.71 57.63
C THR O 264 -22.85 -50.27 58.88
N ALA O 265 -23.48 -50.42 60.04
CA ALA O 265 -22.81 -50.18 61.31
C ALA O 265 -21.72 -51.20 61.54
N GLY O 266 -21.86 -52.37 60.93
CA GLY O 266 -20.94 -53.48 61.14
C GLY O 266 -19.64 -53.34 60.36
N ASN O 267 -19.72 -52.73 59.17
CA ASN O 267 -18.54 -52.56 58.33
C ASN O 267 -18.12 -51.09 58.22
N ALA O 268 -18.60 -50.28 59.16
CA ALA O 268 -18.07 -48.93 59.36
C ALA O 268 -17.32 -48.84 60.68
N SER O 269 -16.44 -47.86 60.80
CA SER O 269 -15.66 -47.69 62.02
C SER O 269 -16.57 -47.27 63.16
N GLY O 270 -16.12 -47.47 64.39
CA GLY O 270 -16.91 -47.12 65.56
C GLY O 270 -16.76 -45.66 65.94
N LEU O 271 -17.54 -45.23 66.93
CA LEU O 271 -17.29 -43.97 67.63
C LEU O 271 -16.63 -44.25 68.97
N ASN O 272 -15.59 -43.50 69.29
CA ASN O 272 -14.56 -43.99 70.20
C ASN O 272 -13.81 -42.89 70.94
N ASP O 273 -13.22 -43.26 72.07
CA ASP O 273 -12.40 -42.37 72.87
C ASP O 273 -11.00 -42.95 72.96
N ALA O 274 -10.00 -42.09 72.90
CA ALA O 274 -8.61 -42.52 73.10
C ALA O 274 -7.63 -41.35 73.09
N ALA O 275 -6.41 -41.63 73.50
CA ALA O 275 -5.28 -40.74 73.18
C ALA O 275 -4.02 -41.55 72.90
N ALA O 276 -3.03 -40.88 72.34
CA ALA O 276 -1.72 -41.47 72.11
C ALA O 276 -0.69 -40.36 71.98
N ALA O 277 0.58 -40.72 72.16
CA ALA O 277 1.66 -39.76 72.00
C ALA O 277 2.96 -40.47 71.67
N VAL O 278 3.81 -39.79 70.89
CA VAL O 278 5.16 -40.25 70.65
C VAL O 278 6.16 -39.16 71.03
N VAL O 279 7.29 -39.58 71.56
CA VAL O 279 8.41 -38.68 71.77
C VAL O 279 9.40 -38.82 70.64
N MET O 280 9.68 -37.70 69.98
CA MET O 280 10.64 -37.69 68.88
C MET O 280 11.84 -36.82 69.27
N MET O 281 12.98 -37.07 68.63
CA MET O 281 14.12 -36.16 68.76
C MET O 281 15.05 -36.31 67.57
N GLU O 282 15.93 -35.32 67.40
CA GLU O 282 16.92 -35.36 66.34
C GLU O 282 17.81 -36.58 66.52
N ARG O 283 18.12 -37.25 65.40
CA ARG O 283 18.91 -38.47 65.40
C ARG O 283 20.10 -38.39 66.36
N ALA O 284 20.85 -37.30 66.29
CA ALA O 284 22.09 -37.16 67.04
C ALA O 284 21.81 -36.92 68.53
N GLU O 285 20.61 -36.43 68.86
CA GLU O 285 20.20 -36.31 70.26
C GLU O 285 20.00 -37.67 70.87
N ALA O 286 19.33 -38.56 70.14
CA ALA O 286 19.06 -39.90 70.62
C ALA O 286 20.36 -40.67 70.85
N GLU O 287 21.28 -40.54 69.91
CA GLU O 287 22.60 -41.14 70.04
C GLU O 287 23.30 -40.62 71.30
N ARG O 288 23.36 -39.30 71.42
CA ARG O 288 23.90 -38.66 72.61
C ARG O 288 23.35 -39.27 73.88
N ARG O 289 22.06 -39.50 73.91
CA ARG O 289 21.39 -40.00 75.12
C ARG O 289 21.51 -41.52 75.23
N GLY O 290 22.03 -42.15 74.17
CA GLY O 290 22.13 -43.61 74.14
C GLY O 290 20.77 -44.28 74.06
N LEU O 291 19.82 -43.63 73.43
CA LEU O 291 18.49 -44.22 73.24
C LEU O 291 18.41 -44.95 71.91
N LYS O 292 17.92 -46.20 71.95
CA LYS O 292 17.55 -46.90 70.73
C LYS O 292 16.18 -46.44 70.26
N PRO O 293 16.12 -45.84 69.07
CA PRO O 293 14.84 -45.41 68.50
C PRO O 293 13.98 -46.60 68.10
N LEU O 294 12.66 -46.41 68.08
CA LEU O 294 11.76 -47.36 67.44
C LEU O 294 11.92 -47.31 65.92
N ALA O 295 12.11 -46.10 65.39
CA ALA O 295 12.18 -45.92 63.95
C ALA O 295 12.61 -44.48 63.65
N ARG O 296 13.00 -44.23 62.41
CA ARG O 296 13.15 -42.86 61.91
C ARG O 296 12.05 -42.51 60.93
N LEU O 297 11.70 -41.22 60.89
CA LEU O 297 10.80 -40.69 59.88
C LEU O 297 11.53 -40.55 58.55
N VAL O 298 10.97 -41.17 57.51
CA VAL O 298 11.58 -41.15 56.19
C VAL O 298 10.96 -40.04 55.34
N SER O 299 9.63 -40.04 55.27
CA SER O 299 8.92 -39.06 54.46
C SER O 299 7.48 -38.93 54.91
N TYR O 300 6.81 -37.89 54.44
CA TYR O 300 5.37 -37.78 54.58
C TYR O 300 4.76 -37.16 53.32
N GLY O 301 3.44 -37.26 53.21
CA GLY O 301 2.73 -36.74 52.06
C GLY O 301 1.31 -36.32 52.40
N HIS O 302 0.86 -35.24 51.80
CA HIS O 302 -0.51 -34.74 51.96
C HIS O 302 -1.17 -34.63 50.60
N ALA O 303 -2.46 -34.94 50.53
CA ALA O 303 -3.22 -34.76 49.29
C ALA O 303 -4.61 -34.22 49.60
N GLY O 304 -5.15 -33.46 48.64
CA GLY O 304 -6.58 -33.17 48.62
C GLY O 304 -7.29 -33.95 47.53
N VAL O 305 -8.53 -34.35 47.81
CA VAL O 305 -9.36 -35.05 46.84
C VAL O 305 -10.79 -34.52 46.89
N ASP O 306 -11.64 -35.03 46.00
CA ASP O 306 -13.05 -34.68 46.00
C ASP O 306 -13.66 -35.00 47.36
N PRO O 307 -14.32 -34.01 47.99
CA PRO O 307 -14.97 -34.22 49.26
C PRO O 307 -15.91 -35.42 49.25
N LYS O 308 -16.55 -35.67 48.10
CA LYS O 308 -17.54 -36.74 47.99
C LYS O 308 -16.87 -38.12 47.96
N ALA O 309 -15.57 -38.15 47.69
CA ALA O 309 -14.81 -39.39 47.64
C ALA O 309 -13.64 -39.35 48.62
N MET O 310 -13.89 -38.81 49.81
CA MET O 310 -12.83 -38.50 50.77
C MET O 310 -12.04 -39.76 51.14
N GLY O 311 -12.68 -40.91 50.97
CA GLY O 311 -12.15 -42.17 51.48
C GLY O 311 -10.91 -42.67 50.75
N ILE O 312 -10.67 -42.18 49.53
CA ILE O 312 -9.47 -42.58 48.79
C ILE O 312 -8.33 -41.58 48.91
N GLY O 313 -8.47 -40.63 49.82
CA GLY O 313 -7.41 -39.66 50.12
C GLY O 313 -6.04 -40.30 50.30
N PRO O 314 -5.99 -41.47 50.94
CA PRO O 314 -4.71 -42.12 51.20
C PRO O 314 -3.93 -42.45 49.93
N VAL O 315 -4.62 -42.62 48.81
CA VAL O 315 -3.97 -43.11 47.59
C VAL O 315 -2.96 -42.10 47.05
N PRO O 316 -3.39 -40.85 46.85
CA PRO O 316 -2.43 -39.84 46.39
C PRO O 316 -1.42 -39.43 47.47
N ALA O 317 -1.85 -39.40 48.73
CA ALA O 317 -0.94 -39.05 49.83
C ALA O 317 0.18 -40.08 49.93
N THR O 318 -0.17 -41.36 49.81
CA THR O 318 0.80 -42.44 49.98
C THR O 318 1.78 -42.45 48.81
N LYS O 319 1.28 -42.16 47.61
CA LYS O 319 2.13 -42.06 46.44
C LYS O 319 3.16 -40.93 46.60
N ILE O 320 2.72 -39.82 47.18
CA ILE O 320 3.64 -38.70 47.40
C ILE O 320 4.73 -39.10 48.39
N ALA O 321 4.33 -39.80 49.45
CA ALA O 321 5.27 -40.20 50.49
C ALA O 321 6.27 -41.22 49.94
N LEU O 322 5.78 -42.14 49.12
CA LEU O 322 6.63 -43.16 48.51
C LEU O 322 7.64 -42.52 47.56
N GLU O 323 7.15 -41.61 46.72
CA GLU O 323 8.00 -40.85 45.82
C GLU O 323 9.11 -40.13 46.58
N ARG O 324 8.73 -39.41 47.64
CA ARG O 324 9.67 -38.60 48.38
C ARG O 324 10.70 -39.46 49.11
N ALA O 325 10.31 -40.70 49.40
CA ALA O 325 11.19 -41.64 50.09
C ALA O 325 12.05 -42.43 49.11
N GLY O 326 11.74 -42.31 47.82
CA GLY O 326 12.34 -43.18 46.80
C GLY O 326 12.00 -44.64 47.02
N LEU O 327 10.77 -44.92 47.43
CA LEU O 327 10.35 -46.29 47.70
C LEU O 327 9.18 -46.70 46.81
N GLN O 328 8.84 -47.98 46.85
CA GLN O 328 7.66 -48.49 46.17
C GLN O 328 6.85 -49.36 47.14
N VAL O 329 5.63 -49.73 46.73
CA VAL O 329 4.71 -50.48 47.60
C VAL O 329 5.33 -51.75 48.14
N SER O 330 6.14 -52.43 47.33
CA SER O 330 6.71 -53.71 47.72
C SER O 330 7.71 -53.57 48.87
N ASP O 331 8.21 -52.35 49.07
CA ASP O 331 9.19 -52.10 50.12
C ASP O 331 8.55 -52.13 51.51
N LEU O 332 7.22 -52.00 51.56
CA LEU O 332 6.52 -51.82 52.83
C LEU O 332 6.25 -53.14 53.52
N ASP O 333 6.66 -53.24 54.79
CA ASP O 333 6.49 -54.47 55.55
C ASP O 333 5.23 -54.41 56.42
N VAL O 334 4.92 -53.22 56.92
CA VAL O 334 3.73 -53.03 57.75
C VAL O 334 2.99 -51.77 57.33
N ILE O 335 1.68 -51.90 57.18
CA ILE O 335 0.84 -50.79 56.75
C ILE O 335 -0.33 -50.58 57.70
N GLU O 336 -0.40 -49.40 58.28
CA GLU O 336 -1.54 -48.96 59.06
C GLU O 336 -2.33 -47.95 58.24
N ALA O 337 -3.42 -48.43 57.63
CA ALA O 337 -4.26 -47.58 56.79
C ALA O 337 -5.66 -47.55 57.35
N ASN O 338 -5.98 -46.49 58.09
CA ASN O 338 -7.16 -46.50 58.93
C ASN O 338 -8.37 -47.04 58.16
N GLU O 339 -9.05 -48.02 58.75
CA GLU O 339 -10.39 -48.42 58.32
C GLU O 339 -11.45 -47.46 58.86
N ALA O 340 -11.72 -46.39 58.11
CA ALA O 340 -12.87 -45.54 58.43
C ALA O 340 -14.15 -46.26 58.02
N PHE O 341 -14.12 -46.81 56.80
CA PHE O 341 -15.14 -47.77 56.36
C PHE O 341 -14.46 -48.85 55.52
N ALA O 342 -14.95 -50.08 55.64
CA ALA O 342 -14.43 -51.17 54.79
C ALA O 342 -14.53 -50.80 53.32
N ALA O 343 -15.55 -50.01 52.98
CA ALA O 343 -15.75 -49.56 51.61
C ALA O 343 -14.53 -48.83 51.05
N GLN O 344 -14.02 -47.85 51.78
CA GLN O 344 -12.89 -47.06 51.30
C GLN O 344 -11.56 -47.75 51.60
N ALA O 345 -11.52 -48.53 52.67
CA ALA O 345 -10.31 -49.25 53.04
C ALA O 345 -9.97 -50.30 51.98
N CYS O 346 -10.98 -51.00 51.49
CA CYS O 346 -10.80 -51.97 50.42
C CYS O 346 -10.39 -51.26 49.13
N ALA O 347 -10.97 -50.08 48.90
CA ALA O 347 -10.66 -49.32 47.70
C ALA O 347 -9.21 -48.86 47.71
N VAL O 348 -8.73 -48.47 48.88
CA VAL O 348 -7.38 -47.92 49.01
C VAL O 348 -6.34 -49.00 48.73
N THR O 349 -6.54 -50.19 49.29
CA THR O 349 -5.59 -51.28 49.11
C THR O 349 -5.61 -51.78 47.67
N LYS O 350 -6.78 -51.81 47.06
CA LYS O 350 -6.92 -52.19 45.65
C LYS O 350 -6.21 -51.21 44.73
N ALA O 351 -6.45 -49.92 44.95
CA ALA O 351 -5.93 -48.87 44.07
C ALA O 351 -4.41 -48.76 44.18
N LEU O 352 -3.88 -48.98 45.37
CA LEU O 352 -2.43 -48.92 45.58
C LEU O 352 -1.77 -50.26 45.27
N GLY O 353 -2.58 -51.30 45.12
CA GLY O 353 -2.07 -52.65 44.93
C GLY O 353 -1.34 -53.18 46.15
N LEU O 354 -1.91 -52.91 47.33
CA LEU O 354 -1.34 -53.39 48.58
C LEU O 354 -1.73 -54.83 48.82
N ASP O 355 -0.89 -55.54 49.55
CA ASP O 355 -1.17 -56.93 49.93
C ASP O 355 -1.97 -56.95 51.25
N PRO O 356 -3.20 -57.47 51.20
CA PRO O 356 -4.14 -57.32 52.32
C PRO O 356 -3.62 -57.95 53.60
N ALA O 357 -2.67 -58.87 53.47
CA ALA O 357 -2.08 -59.52 54.64
C ALA O 357 -1.21 -58.55 55.44
N LYS O 358 -0.68 -57.53 54.76
CA LYS O 358 0.24 -56.60 55.40
C LYS O 358 -0.47 -55.33 55.86
N VAL O 359 -1.70 -55.15 55.39
CA VAL O 359 -2.48 -53.96 55.72
C VAL O 359 -3.34 -54.21 56.95
N ASN O 360 -3.13 -53.42 58.00
CA ASN O 360 -3.88 -53.55 59.24
C ASN O 360 -3.88 -54.98 59.74
N PRO O 361 -2.68 -55.56 59.93
CA PRO O 361 -2.53 -56.96 60.31
C PRO O 361 -3.15 -57.27 61.67
N ASN O 362 -3.33 -56.25 62.50
CA ASN O 362 -3.89 -56.45 63.83
C ASN O 362 -5.21 -55.69 64.05
N GLY O 363 -5.93 -55.46 62.95
CA GLY O 363 -7.20 -54.75 63.01
C GLY O 363 -7.03 -53.25 62.84
N SER O 364 -8.15 -52.54 62.78
CA SER O 364 -8.13 -51.09 62.63
C SER O 364 -9.48 -50.50 63.02
N GLY O 365 -9.88 -49.41 62.37
CA GLY O 365 -10.98 -48.57 62.86
C GLY O 365 -12.28 -49.33 63.05
N ILE O 366 -12.52 -50.34 62.23
CA ILE O 366 -13.78 -51.09 62.28
C ILE O 366 -13.85 -51.91 63.56
N SER O 367 -12.72 -52.46 63.97
CA SER O 367 -12.66 -53.41 65.07
C SER O 367 -12.18 -52.74 66.35
N LEU O 368 -11.09 -51.99 66.24
CA LEU O 368 -10.48 -51.34 67.39
C LEU O 368 -11.12 -49.99 67.69
N GLY O 369 -11.58 -49.31 66.64
CA GLY O 369 -12.32 -48.06 66.80
C GLY O 369 -11.64 -46.90 66.12
N HIS O 370 -12.34 -45.77 66.03
CA HIS O 370 -11.86 -44.61 65.31
C HIS O 370 -12.10 -43.35 66.11
N PRO O 371 -11.23 -43.08 67.09
CA PRO O 371 -11.31 -41.86 67.89
C PRO O 371 -10.66 -40.66 67.19
N ILE O 372 -11.49 -39.88 66.51
CA ILE O 372 -11.10 -39.18 65.29
C ILE O 372 -9.70 -38.56 65.41
N GLY O 373 -9.53 -37.60 66.31
CA GLY O 373 -8.33 -36.77 66.35
C GLY O 373 -7.13 -37.48 66.93
N ALA O 374 -7.37 -38.60 67.63
CA ALA O 374 -6.30 -39.40 68.20
C ALA O 374 -5.83 -40.48 67.21
N THR O 375 -6.69 -40.84 66.27
CA THR O 375 -6.50 -42.07 65.50
C THR O 375 -5.14 -42.09 64.80
N GLY O 376 -4.77 -40.98 64.17
CA GLY O 376 -3.53 -40.91 63.40
C GLY O 376 -2.28 -41.08 64.26
N ALA O 377 -2.38 -40.68 65.53
CA ALA O 377 -1.27 -40.85 66.46
C ALA O 377 -1.24 -42.29 66.95
N LEU O 378 -2.41 -42.87 67.19
CA LEU O 378 -2.47 -44.18 67.82
C LEU O 378 -2.18 -45.31 66.85
N ILE O 379 -2.46 -45.11 65.55
CA ILE O 379 -2.07 -46.10 64.55
C ILE O 379 -0.62 -45.95 64.10
N THR O 380 -0.02 -44.80 64.40
CA THR O 380 1.42 -44.66 64.27
C THR O 380 2.13 -45.45 65.37
N VAL O 381 1.57 -45.38 66.58
CA VAL O 381 2.05 -46.16 67.69
C VAL O 381 1.95 -47.66 67.39
N LYS O 382 0.82 -48.08 66.85
CA LYS O 382 0.62 -49.48 66.47
C LYS O 382 1.64 -49.90 65.41
N ALA O 383 1.81 -49.06 64.40
CA ALA O 383 2.66 -49.40 63.26
C ALA O 383 4.10 -49.61 63.69
N LEU O 384 4.59 -48.76 64.57
CA LEU O 384 6.00 -48.81 64.96
C LEU O 384 6.29 -49.99 65.86
N HIS O 385 5.36 -50.32 66.75
CA HIS O 385 5.53 -51.47 67.63
C HIS O 385 5.42 -52.77 66.84
N GLU O 386 4.55 -52.77 65.84
CA GLU O 386 4.40 -53.94 64.97
C GLU O 386 5.64 -54.09 64.10
N LEU O 387 6.20 -52.97 63.65
CA LEU O 387 7.38 -52.98 62.81
C LEU O 387 8.56 -53.59 63.57
N ASN O 388 8.69 -53.23 64.83
CA ASN O 388 9.70 -53.81 65.70
C ASN O 388 9.43 -55.30 65.96
N ARG O 389 8.16 -55.67 66.14
CA ARG O 389 7.81 -57.03 66.52
C ARG O 389 8.20 -58.01 65.42
N VAL O 390 7.98 -57.61 64.17
CA VAL O 390 8.27 -58.48 63.04
C VAL O 390 9.65 -58.18 62.44
N GLN O 391 10.38 -57.26 63.06
CA GLN O 391 11.72 -56.91 62.58
C GLN O 391 11.68 -56.50 61.12
N GLY O 392 10.64 -55.79 60.73
CA GLY O 392 10.54 -55.25 59.38
C GLY O 392 11.42 -54.03 59.18
N ARG O 393 11.42 -53.49 57.97
CA ARG O 393 12.18 -52.28 57.68
C ARG O 393 11.30 -51.04 57.58
N TYR O 394 10.28 -51.08 56.74
CA TYR O 394 9.51 -49.89 56.42
C TYR O 394 8.05 -50.00 56.87
N ALA O 395 7.54 -48.93 57.47
CA ALA O 395 6.13 -48.84 57.85
C ALA O 395 5.48 -47.67 57.13
N LEU O 396 4.26 -47.90 56.64
CA LEU O 396 3.41 -46.81 56.18
C LEU O 396 2.25 -46.59 57.15
N VAL O 397 2.01 -45.33 57.49
CA VAL O 397 0.80 -44.93 58.19
C VAL O 397 0.04 -43.94 57.33
N THR O 398 -1.23 -44.21 57.10
CA THR O 398 -2.03 -43.34 56.25
C THR O 398 -3.51 -43.45 56.58
N MET O 399 -4.25 -42.38 56.32
CA MET O 399 -5.68 -42.35 56.59
C MET O 399 -6.38 -41.30 55.75
N CYS O 400 -7.67 -41.54 55.50
CA CYS O 400 -8.49 -40.58 54.80
C CYS O 400 -8.99 -39.53 55.77
N ILE O 401 -9.39 -38.37 55.23
CA ILE O 401 -9.71 -37.22 56.03
C ILE O 401 -11.00 -36.61 55.52
N GLY O 402 -11.95 -36.37 56.43
CA GLY O 402 -13.20 -35.71 56.09
C GLY O 402 -12.99 -34.38 55.38
N GLY O 403 -13.81 -34.13 54.37
CA GLY O 403 -13.71 -32.90 53.57
C GLY O 403 -12.85 -33.11 52.34
N GLY O 404 -12.25 -34.30 52.23
CA GLY O 404 -11.52 -34.70 51.04
C GLY O 404 -10.03 -34.46 51.16
N GLN O 405 -9.38 -35.24 52.02
CA GLN O 405 -7.93 -35.20 52.11
C GLN O 405 -7.36 -36.56 52.42
N GLY O 406 -6.05 -36.68 52.26
CA GLY O 406 -5.30 -37.81 52.79
C GLY O 406 -4.00 -37.36 53.40
N ILE O 407 -3.49 -38.17 54.32
CA ILE O 407 -2.18 -37.94 54.89
C ILE O 407 -1.47 -39.28 55.05
N ALA O 408 -0.15 -39.28 54.85
CA ALA O 408 0.63 -40.49 54.89
C ALA O 408 2.04 -40.18 55.37
N ALA O 409 2.62 -41.10 56.13
CA ALA O 409 4.00 -40.98 56.55
C ALA O 409 4.67 -42.33 56.50
N ILE O 410 5.98 -42.34 56.24
CA ILE O 410 6.73 -43.58 56.15
C ILE O 410 7.88 -43.57 57.15
N PHE O 411 8.02 -44.68 57.86
CA PHE O 411 9.01 -44.81 58.92
C PHE O 411 9.94 -45.98 58.61
N GLU O 412 11.18 -45.90 59.08
CA GLU O 412 12.16 -46.96 58.88
C GLU O 412 12.75 -47.38 60.22
N ARG O 413 12.84 -48.69 60.45
CA ARG O 413 13.38 -49.21 61.71
C ARG O 413 14.91 -49.32 61.67
N THR P 22 19.52 -22.90 49.62
CA THR P 22 18.41 -22.84 50.62
C THR P 22 17.16 -22.19 50.06
N ARG P 23 16.00 -22.70 50.49
CA ARG P 23 14.74 -22.14 50.05
C ARG P 23 14.29 -20.98 50.94
N GLU P 24 13.59 -20.03 50.32
CA GLU P 24 13.19 -18.80 51.00
C GLU P 24 11.70 -18.56 50.78
N VAL P 25 11.02 -18.10 51.81
CA VAL P 25 9.59 -17.81 51.70
C VAL P 25 9.35 -16.32 51.52
N VAL P 26 8.54 -15.98 50.52
CA VAL P 26 8.19 -14.59 50.26
C VAL P 26 6.68 -14.40 50.27
N VAL P 27 6.23 -13.30 50.85
CA VAL P 27 4.83 -12.93 50.89
C VAL P 27 4.47 -12.04 49.71
N VAL P 28 3.52 -12.50 48.89
CA VAL P 28 3.20 -11.84 47.63
C VAL P 28 1.92 -11.01 47.73
N SER P 29 1.06 -11.32 48.68
CA SER P 29 -0.10 -10.47 48.96
C SER P 29 -0.59 -10.67 50.38
N GLY P 30 -1.21 -9.64 50.93
CA GLY P 30 -1.85 -9.72 52.24
C GLY P 30 -3.10 -8.86 52.32
N VAL P 31 -4.17 -9.43 52.86
CA VAL P 31 -5.42 -8.72 52.94
C VAL P 31 -6.19 -9.13 54.19
N ARG P 32 -7.00 -8.21 54.71
CA ARG P 32 -7.83 -8.49 55.87
C ARG P 32 -9.20 -7.89 55.66
N THR P 33 -10.17 -8.38 56.43
CA THR P 33 -11.40 -7.64 56.64
C THR P 33 -11.10 -6.45 57.54
N ALA P 34 -11.98 -5.46 57.51
CA ALA P 34 -12.17 -4.57 58.65
C ALA P 34 -12.54 -5.39 59.88
N ILE P 35 -12.16 -4.89 61.05
CA ILE P 35 -12.43 -5.58 62.31
C ILE P 35 -13.76 -5.12 62.88
N GLY P 36 -14.72 -6.05 62.92
CA GLY P 36 -16.02 -5.80 63.53
C GLY P 36 -15.99 -5.87 65.05
N THR P 37 -16.90 -5.13 65.69
CA THR P 37 -17.07 -5.22 67.13
C THR P 37 -18.04 -6.34 67.51
N PHE P 38 -17.84 -6.88 68.72
CA PHE P 38 -18.70 -7.92 69.27
C PHE P 38 -20.17 -7.49 69.23
N GLY P 39 -20.98 -8.28 68.54
CA GLY P 39 -22.39 -7.94 68.33
C GLY P 39 -22.58 -6.85 67.28
N GLY P 40 -21.55 -6.61 66.49
CA GLY P 40 -21.55 -5.49 65.56
C GLY P 40 -21.73 -5.91 64.11
N SER P 41 -20.94 -5.32 63.22
CA SER P 41 -21.27 -5.30 61.79
C SER P 41 -21.08 -6.65 61.14
N LEU P 42 -20.29 -7.50 61.76
CA LEU P 42 -20.01 -8.83 61.21
C LEU P 42 -20.74 -9.93 61.97
N LYS P 43 -21.71 -9.55 62.79
CA LYS P 43 -22.36 -10.49 63.69
C LYS P 43 -22.97 -11.65 62.93
N ASP P 44 -23.38 -11.39 61.68
CA ASP P 44 -24.15 -12.36 60.91
C ASP P 44 -23.31 -13.05 59.84
N VAL P 45 -21.99 -12.90 59.93
CA VAL P 45 -21.09 -13.53 58.95
C VAL P 45 -20.18 -14.55 59.61
N ALA P 46 -20.32 -15.80 59.20
CA ALA P 46 -19.63 -16.89 59.86
C ALA P 46 -18.15 -16.88 59.48
N PRO P 47 -17.30 -17.44 60.35
CA PRO P 47 -15.87 -17.53 60.10
C PRO P 47 -15.53 -18.09 58.73
N ALA P 48 -16.25 -19.15 58.34
CA ALA P 48 -16.05 -19.81 57.04
C ALA P 48 -16.17 -18.83 55.87
N GLU P 49 -17.13 -17.92 55.97
CA GLU P 49 -17.36 -16.94 54.93
C GLU P 49 -16.35 -15.80 55.00
N LEU P 50 -16.01 -15.38 56.21
CA LEU P 50 -14.95 -14.40 56.39
C LEU P 50 -13.63 -14.92 55.81
N GLY P 51 -13.36 -16.21 56.01
CA GLY P 51 -12.12 -16.82 55.57
C GLY P 51 -12.05 -17.00 54.06
N ALA P 52 -13.18 -17.38 53.47
CA ALA P 52 -13.26 -17.56 52.03
C ALA P 52 -13.07 -16.22 51.33
N LEU P 53 -13.60 -15.16 51.93
CA LEU P 53 -13.50 -13.82 51.34
C LEU P 53 -12.05 -13.35 51.24
N VAL P 54 -11.30 -13.49 52.34
CA VAL P 54 -9.93 -13.02 52.35
C VAL P 54 -9.00 -13.92 51.54
N VAL P 55 -9.33 -15.21 51.46
CA VAL P 55 -8.61 -16.11 50.57
C VAL P 55 -8.76 -15.70 49.10
N ARG P 56 -10.01 -15.50 48.67
CA ARG P 56 -10.30 -15.13 47.29
C ARG P 56 -9.61 -13.82 46.92
N GLU P 57 -9.74 -12.83 47.79
CA GLU P 57 -9.20 -11.50 47.50
C GLU P 57 -7.67 -11.47 47.57
N ALA P 58 -7.09 -12.26 48.47
CA ALA P 58 -5.64 -12.35 48.57
C ALA P 58 -5.05 -12.96 47.30
N LEU P 59 -5.73 -13.96 46.76
CA LEU P 59 -5.27 -14.64 45.56
C LEU P 59 -5.36 -13.70 44.36
N ALA P 60 -6.45 -12.95 44.28
CA ALA P 60 -6.65 -11.96 43.22
C ALA P 60 -5.56 -10.90 43.29
N ARG P 61 -5.32 -10.37 44.48
CA ARG P 61 -4.29 -9.35 44.67
C ARG P 61 -2.92 -9.86 44.26
N ALA P 62 -2.67 -11.15 44.50
CA ALA P 62 -1.37 -11.75 44.20
C ALA P 62 -1.26 -12.08 42.71
N GLN P 63 -2.38 -12.00 42.00
CA GLN P 63 -2.49 -12.54 40.65
C GLN P 63 -2.07 -14.01 40.62
N VAL P 64 -2.60 -14.78 41.55
CA VAL P 64 -2.33 -16.22 41.59
C VAL P 64 -3.64 -17.00 41.51
N SER P 65 -3.65 -18.04 40.67
CA SER P 65 -4.81 -18.90 40.56
C SER P 65 -4.93 -19.82 41.77
N GLY P 66 -6.16 -20.03 42.22
CA GLY P 66 -6.43 -20.99 43.28
C GLY P 66 -6.01 -22.40 42.90
N ASP P 67 -5.87 -22.64 41.60
CA ASP P 67 -5.44 -23.95 41.11
C ASP P 67 -3.98 -24.22 41.43
N ASP P 68 -3.23 -23.17 41.76
CA ASP P 68 -1.79 -23.27 41.92
C ASP P 68 -1.37 -23.30 43.38
N VAL P 69 -2.34 -23.22 44.29
CA VAL P 69 -2.06 -23.24 45.72
C VAL P 69 -1.85 -24.66 46.21
N GLY P 70 -0.75 -24.89 46.91
CA GLY P 70 -0.37 -26.23 47.31
C GLY P 70 -0.72 -26.55 48.75
N HIS P 71 -0.93 -25.52 49.56
CA HIS P 71 -1.31 -25.71 50.96
C HIS P 71 -2.04 -24.50 51.50
N VAL P 72 -2.97 -24.78 52.43
CA VAL P 72 -3.68 -23.72 53.15
C VAL P 72 -3.73 -24.06 54.63
N VAL P 73 -3.33 -23.10 55.45
CA VAL P 73 -3.45 -23.21 56.89
C VAL P 73 -4.21 -22.01 57.43
N PHE P 74 -5.20 -22.28 58.28
CA PHE P 74 -5.96 -21.21 58.92
C PHE P 74 -5.92 -21.34 60.43
N GLY P 75 -5.80 -20.20 61.10
CA GLY P 75 -5.94 -20.13 62.54
C GLY P 75 -7.39 -19.93 62.95
N ASN P 76 -7.76 -20.51 64.08
CA ASN P 76 -9.08 -20.30 64.69
C ASN P 76 -9.12 -20.95 66.07
N VAL P 77 -9.72 -20.27 67.02
CA VAL P 77 -9.79 -20.75 68.40
C VAL P 77 -11.20 -21.24 68.74
N ILE P 78 -12.22 -20.45 68.42
CA ILE P 78 -13.59 -20.79 68.82
C ILE P 78 -14.39 -21.40 67.68
N GLN P 79 -14.81 -22.64 67.87
CA GLN P 79 -15.67 -23.33 66.91
C GLN P 79 -17.12 -22.86 67.11
N THR P 80 -17.65 -22.17 66.12
CA THR P 80 -18.98 -21.58 66.22
C THR P 80 -20.05 -22.49 65.64
N GLU P 81 -19.63 -23.35 64.72
CA GLU P 81 -20.52 -24.34 64.10
C GLU P 81 -19.68 -25.52 63.65
N PRO P 82 -20.34 -26.60 63.20
CA PRO P 82 -19.63 -27.79 62.72
C PRO P 82 -18.64 -27.52 61.58
N ARG P 83 -18.96 -26.59 60.70
CA ARG P 83 -18.07 -26.25 59.58
C ARG P 83 -16.73 -25.71 60.08
N ASP P 84 -16.72 -25.11 61.26
CA ASP P 84 -15.49 -24.54 61.79
C ASP P 84 -14.46 -25.60 62.14
N MET P 85 -14.89 -26.86 62.23
CA MET P 85 -13.96 -27.97 62.38
C MET P 85 -13.24 -28.27 61.06
N TYR P 86 -13.73 -27.65 60.00
CA TYR P 86 -13.18 -27.80 58.66
C TYR P 86 -12.67 -26.47 58.10
N LEU P 87 -12.41 -25.51 58.98
CA LEU P 87 -12.37 -24.10 58.56
C LEU P 87 -11.37 -23.89 57.42
N GLY P 88 -10.16 -24.39 57.61
CA GLY P 88 -9.10 -24.20 56.62
C GLY P 88 -9.53 -24.72 55.28
N ARG P 89 -10.17 -25.87 55.27
CA ARG P 89 -10.65 -26.50 54.04
C ARG P 89 -11.81 -25.73 53.43
N VAL P 90 -12.69 -25.20 54.27
CA VAL P 90 -13.86 -24.49 53.77
C VAL P 90 -13.49 -23.10 53.24
N ALA P 91 -12.62 -22.41 53.98
CA ALA P 91 -12.12 -21.11 53.54
C ALA P 91 -11.31 -21.24 52.26
N ALA P 92 -10.54 -22.31 52.15
CA ALA P 92 -9.77 -22.58 50.94
C ALA P 92 -10.69 -22.78 49.74
N VAL P 93 -11.49 -23.84 49.80
CA VAL P 93 -12.26 -24.28 48.65
C VAL P 93 -13.30 -23.24 48.24
N ASN P 94 -13.96 -22.63 49.21
CA ASN P 94 -14.97 -21.61 48.91
C ASN P 94 -14.33 -20.29 48.48
N GLY P 95 -13.04 -20.15 48.78
CA GLY P 95 -12.27 -18.99 48.30
C GLY P 95 -11.63 -19.24 46.95
N GLY P 96 -11.81 -20.44 46.41
CA GLY P 96 -11.44 -20.73 45.01
C GLY P 96 -10.14 -21.50 44.91
N VAL P 97 -9.60 -21.91 46.04
CA VAL P 97 -8.50 -22.87 46.06
C VAL P 97 -8.97 -24.25 45.59
N THR P 98 -8.14 -24.90 44.77
CA THR P 98 -8.45 -26.22 44.25
C THR P 98 -8.69 -27.23 45.37
N ILE P 99 -9.61 -28.15 45.11
CA ILE P 99 -9.89 -29.24 46.06
C ILE P 99 -8.66 -30.14 46.22
N ASN P 100 -7.67 -29.99 45.35
CA ASN P 100 -6.49 -30.84 45.40
C ASN P 100 -5.48 -30.37 46.43
N ALA P 101 -5.71 -29.17 46.98
CA ALA P 101 -4.81 -28.61 47.99
C ALA P 101 -5.18 -29.10 49.39
N PRO P 102 -4.19 -29.60 50.15
CA PRO P 102 -4.36 -29.83 51.58
C PRO P 102 -4.70 -28.55 52.34
N ALA P 103 -5.46 -28.69 53.43
CA ALA P 103 -5.95 -27.56 54.19
C ALA P 103 -6.04 -27.87 55.68
N LEU P 104 -5.45 -27.01 56.49
CA LEU P 104 -5.22 -27.28 57.91
C LEU P 104 -5.81 -26.16 58.75
N THR P 105 -6.35 -26.52 59.91
CA THR P 105 -6.74 -25.51 60.89
C THR P 105 -5.85 -25.65 62.12
N VAL P 106 -5.31 -24.55 62.59
CA VAL P 106 -4.45 -24.57 63.77
C VAL P 106 -4.99 -23.71 64.90
N ASN P 107 -4.62 -24.06 66.12
CA ASN P 107 -5.03 -23.33 67.32
C ASN P 107 -3.85 -23.16 68.29
N ARG P 108 -3.25 -21.97 68.27
CA ARG P 108 -2.36 -21.55 69.34
C ARG P 108 -2.95 -20.30 69.97
N LEU P 109 -4.24 -20.40 70.30
CA LEU P 109 -4.99 -19.30 70.87
C LEU P 109 -4.67 -17.97 70.20
N CYS P 110 -4.34 -16.96 70.99
CA CYS P 110 -4.19 -15.60 70.48
C CYS P 110 -3.11 -15.52 69.41
N GLY P 111 -2.28 -16.57 69.32
CA GLY P 111 -1.21 -16.60 68.32
C GLY P 111 -1.57 -17.36 67.05
N SER P 112 -2.79 -17.88 66.99
CA SER P 112 -3.16 -18.84 65.95
C SER P 112 -2.89 -18.28 64.55
N GLY P 113 -3.19 -17.00 64.36
CA GLY P 113 -3.16 -16.40 63.02
C GLY P 113 -1.74 -16.28 62.48
N LEU P 114 -0.81 -15.97 63.36
CA LEU P 114 0.60 -15.97 62.97
C LEU P 114 1.14 -17.40 62.87
N GLN P 115 0.61 -18.31 63.69
CA GLN P 115 1.03 -19.70 63.61
C GLN P 115 0.64 -20.30 62.26
N ALA P 116 -0.54 -19.92 61.77
CA ALA P 116 -1.00 -20.41 60.47
C ALA P 116 -0.01 -19.99 59.39
N ILE P 117 0.45 -18.76 59.46
CA ILE P 117 1.41 -18.23 58.49
C ILE P 117 2.76 -18.93 58.61
N VAL P 118 3.15 -19.27 59.84
CA VAL P 118 4.40 -19.97 60.08
C VAL P 118 4.31 -21.43 59.59
N SER P 119 3.17 -22.07 59.82
CA SER P 119 3.00 -23.47 59.43
C SER P 119 2.95 -23.56 57.90
N ALA P 120 2.39 -22.53 57.28
CA ALA P 120 2.24 -22.55 55.82
C ALA P 120 3.61 -22.31 55.18
N ALA P 121 4.38 -21.43 55.80
CA ALA P 121 5.73 -21.12 55.34
C ALA P 121 6.63 -22.35 55.48
N GLN P 122 6.40 -23.13 56.53
CA GLN P 122 7.18 -24.32 56.77
C GLN P 122 7.00 -25.37 55.67
N THR P 123 5.79 -25.47 55.12
CA THR P 123 5.56 -26.41 54.03
C THR P 123 6.33 -25.99 52.79
N ILE P 124 6.54 -24.69 52.62
CA ILE P 124 7.34 -24.17 51.51
C ILE P 124 8.83 -24.40 51.76
N LEU P 125 9.26 -24.09 52.98
CA LEU P 125 10.68 -24.19 53.34
C LEU P 125 11.18 -25.62 53.21
N LEU P 126 10.31 -26.59 53.51
CA LEU P 126 10.71 -27.99 53.49
C LEU P 126 10.44 -28.63 52.15
N GLY P 127 9.96 -27.84 51.20
CA GLY P 127 9.86 -28.27 49.81
C GLY P 127 8.62 -29.11 49.54
N ASP P 128 7.65 -29.04 50.45
CA ASP P 128 6.39 -29.73 50.25
C ASP P 128 5.56 -29.06 49.15
N THR P 129 5.74 -27.75 48.99
CA THR P 129 5.07 -27.01 47.95
C THR P 129 5.81 -25.70 47.69
N ASP P 130 5.41 -25.00 46.64
CA ASP P 130 6.00 -23.71 46.30
C ASP P 130 5.05 -22.54 46.57
N VAL P 131 3.77 -22.84 46.76
CA VAL P 131 2.75 -21.82 46.97
C VAL P 131 1.83 -22.23 48.11
N ALA P 132 1.64 -21.34 49.09
CA ALA P 132 0.77 -21.64 50.22
C ALA P 132 0.07 -20.40 50.74
N ILE P 133 -1.04 -20.61 51.44
CA ILE P 133 -1.80 -19.54 52.06
C ILE P 133 -1.85 -19.74 53.59
N GLY P 134 -1.44 -18.70 54.32
CA GLY P 134 -1.69 -18.62 55.74
C GLY P 134 -2.73 -17.56 56.06
N GLY P 135 -3.66 -17.89 56.94
CA GLY P 135 -4.62 -16.91 57.41
C GLY P 135 -5.21 -17.22 58.76
N GLY P 136 -6.17 -16.40 59.18
CA GLY P 136 -6.95 -16.67 60.36
C GLY P 136 -8.34 -16.10 60.20
N ALA P 137 -9.29 -16.68 60.93
CA ALA P 137 -10.64 -16.15 60.99
C ALA P 137 -11.21 -16.41 62.39
N GLU P 138 -11.87 -15.40 62.95
CA GLU P 138 -12.54 -15.55 64.23
C GLU P 138 -13.82 -14.73 64.27
N SER P 139 -14.89 -15.34 64.78
CA SER P 139 -16.12 -14.61 65.07
C SER P 139 -16.52 -14.79 66.52
N MET P 140 -16.14 -13.83 67.35
CA MET P 140 -16.44 -13.88 68.77
C MET P 140 -17.91 -13.53 69.00
N SER P 141 -18.51 -12.81 68.06
CA SER P 141 -19.95 -12.57 68.05
C SER P 141 -20.72 -13.89 68.03
N ARG P 142 -20.22 -14.84 67.23
CA ARG P 142 -20.95 -16.06 66.98
C ARG P 142 -20.39 -17.23 67.78
N ALA P 143 -19.56 -16.93 68.76
CA ALA P 143 -19.16 -17.92 69.74
C ALA P 143 -20.37 -18.58 70.40
N PRO P 144 -20.32 -19.90 70.56
CA PRO P 144 -21.48 -20.66 71.04
C PRO P 144 -21.56 -20.71 72.56
N TYR P 145 -22.73 -21.13 73.06
CA TYR P 145 -22.82 -21.77 74.36
C TYR P 145 -22.83 -23.29 74.22
N LEU P 146 -22.08 -23.95 75.10
CA LEU P 146 -22.08 -25.42 75.16
C LEU P 146 -23.07 -25.89 76.22
N ALA P 147 -23.64 -27.07 75.99
CA ALA P 147 -24.42 -27.74 77.03
C ALA P 147 -23.84 -29.12 77.32
N PRO P 148 -22.93 -29.19 78.30
CA PRO P 148 -22.11 -30.40 78.47
C PRO P 148 -22.88 -31.55 79.10
N ALA P 149 -24.09 -31.26 79.59
CA ALA P 149 -24.92 -32.29 80.20
C ALA P 149 -25.95 -32.83 79.22
N ALA P 150 -26.00 -32.27 78.02
CA ALA P 150 -27.09 -32.56 77.09
C ALA P 150 -27.01 -33.99 76.57
N ARG P 151 -25.80 -34.52 76.40
CA ARG P 151 -25.67 -35.80 75.70
C ARG P 151 -26.12 -36.94 76.60
N TRP P 152 -25.64 -36.95 77.83
CA TRP P 152 -25.86 -38.07 78.73
C TRP P 152 -26.77 -37.70 79.89
N GLY P 153 -27.11 -36.42 79.99
CA GLY P 153 -28.19 -35.98 80.90
C GLY P 153 -27.67 -35.39 82.19
N ALA P 154 -28.41 -34.43 82.73
CA ALA P 154 -28.06 -33.83 84.02
C ALA P 154 -28.73 -34.59 85.16
N ARG P 155 -29.83 -35.26 84.83
CA ARG P 155 -30.57 -36.08 85.80
C ARG P 155 -31.34 -35.23 86.78
N MET P 156 -30.64 -34.49 87.63
CA MET P 156 -31.27 -33.71 88.68
C MET P 156 -30.36 -32.54 89.08
N GLY P 157 -30.94 -31.35 89.18
CA GLY P 157 -30.17 -30.16 89.56
C GLY P 157 -29.84 -29.29 88.36
N ASP P 158 -29.72 -27.99 88.61
CA ASP P 158 -29.53 -27.02 87.54
C ASP P 158 -28.22 -27.31 86.80
N ALA P 159 -28.22 -27.11 85.49
CA ALA P 159 -27.07 -27.44 84.65
C ALA P 159 -26.60 -26.17 83.95
N GLY P 160 -25.47 -26.27 83.26
CA GLY P 160 -24.77 -25.10 82.75
C GLY P 160 -24.90 -24.96 81.26
N LEU P 161 -25.03 -23.72 80.81
CA LEU P 161 -24.70 -23.35 79.44
C LEU P 161 -23.40 -22.57 79.42
N VAL P 162 -22.37 -23.19 78.85
CA VAL P 162 -21.01 -22.69 79.00
C VAL P 162 -20.70 -21.72 77.88
N ASP P 163 -20.32 -20.49 78.25
CA ASP P 163 -19.97 -19.46 77.28
C ASP P 163 -18.56 -19.71 76.75
N MET P 164 -18.46 -20.15 75.50
CA MET P 164 -17.21 -20.66 74.97
C MET P 164 -16.26 -19.54 74.57
N MET P 165 -16.81 -18.34 74.37
CA MET P 165 -15.97 -17.16 74.20
C MET P 165 -15.18 -16.87 75.46
N LEU P 166 -15.87 -16.79 76.59
CA LEU P 166 -15.21 -16.58 77.87
C LEU P 166 -14.27 -17.75 78.16
N GLY P 167 -14.66 -18.94 77.71
CA GLY P 167 -13.81 -20.13 77.81
C GLY P 167 -12.45 -19.91 77.18
N ALA P 168 -12.43 -19.25 76.02
CA ALA P 168 -11.19 -18.92 75.33
C ALA P 168 -10.35 -17.94 76.13
N LEU P 169 -10.99 -17.15 76.97
CA LEU P 169 -10.34 -16.02 77.62
C LEU P 169 -9.95 -16.35 79.06
N HIS P 170 -10.06 -17.63 79.44
CA HIS P 170 -9.68 -18.06 80.78
C HIS P 170 -8.54 -19.05 80.68
N ASP P 171 -7.57 -18.90 81.56
CA ASP P 171 -6.47 -19.83 81.66
C ASP P 171 -6.95 -21.22 82.11
N PRO P 172 -6.47 -22.27 81.43
CA PRO P 172 -7.03 -23.61 81.60
C PRO P 172 -6.50 -24.31 82.85
N PHE P 173 -5.45 -23.77 83.44
CA PHE P 173 -4.88 -24.32 84.67
C PHE P 173 -5.52 -23.70 85.91
N HIS P 174 -5.75 -22.39 85.86
CA HIS P 174 -6.09 -21.63 87.05
C HIS P 174 -7.48 -21.01 86.96
N ARG P 175 -8.12 -21.18 85.79
CA ARG P 175 -9.44 -20.61 85.52
C ARG P 175 -9.56 -19.13 85.86
N ILE P 176 -8.51 -18.37 85.59
CA ILE P 176 -8.56 -16.93 85.75
C ILE P 176 -8.61 -16.25 84.39
N HIS P 177 -9.32 -15.13 84.31
CA HIS P 177 -9.41 -14.37 83.09
C HIS P 177 -8.02 -13.90 82.67
N MET P 178 -7.80 -13.79 81.37
CA MET P 178 -6.55 -13.25 80.83
C MET P 178 -6.23 -11.91 81.50
N GLY P 179 -7.28 -11.19 81.90
CA GLY P 179 -7.13 -9.85 82.44
C GLY P 179 -6.47 -9.80 83.81
N VAL P 180 -6.68 -10.86 84.60
CA VAL P 180 -6.01 -10.95 85.89
C VAL P 180 -4.54 -11.32 85.70
N THR P 181 -4.27 -12.06 84.63
CA THR P 181 -2.90 -12.32 84.20
C THR P 181 -2.19 -11.02 83.83
N ALA P 182 -2.92 -10.08 83.25
CA ALA P 182 -2.37 -8.77 82.89
C ALA P 182 -2.09 -7.92 84.12
N GLU P 183 -2.93 -8.06 85.15
CA GLU P 183 -2.66 -7.44 86.46
C GLU P 183 -1.34 -7.93 87.06
N ASN P 184 -1.09 -9.23 86.95
CA ASN P 184 0.17 -9.80 87.42
C ASN P 184 1.37 -9.19 86.72
N VAL P 185 1.23 -8.96 85.42
CA VAL P 185 2.31 -8.44 84.62
C VAL P 185 2.53 -6.96 84.91
N ALA P 186 1.43 -6.22 85.04
CA ALA P 186 1.49 -4.82 85.43
C ALA P 186 2.21 -4.66 86.77
N LYS P 187 1.94 -5.61 87.68
CA LYS P 187 2.55 -5.61 89.01
C LYS P 187 4.05 -5.90 88.93
N GLU P 188 4.42 -6.90 88.13
CA GLU P 188 5.79 -7.37 88.09
C GLU P 188 6.70 -6.39 87.35
N TYR P 189 6.14 -5.71 86.35
CA TYR P 189 6.93 -4.83 85.50
C TYR P 189 6.62 -3.35 85.79
N ASP P 190 5.83 -3.11 86.83
CA ASP P 190 5.64 -1.76 87.36
C ASP P 190 4.99 -0.85 86.32
N ILE P 191 3.88 -1.30 85.75
CA ILE P 191 3.13 -0.46 84.81
C ILE P 191 1.88 0.06 85.50
N SER P 192 1.83 1.38 85.68
CA SER P 192 0.81 2.00 86.51
C SER P 192 -0.49 2.10 85.75
N ARG P 193 -1.58 2.32 86.49
CA ARG P 193 -2.87 2.64 85.88
C ARG P 193 -2.75 3.81 84.92
N ALA P 194 -2.03 4.85 85.32
CA ALA P 194 -1.87 6.05 84.50
C ALA P 194 -1.17 5.72 83.19
N GLN P 195 -0.15 4.88 83.27
CA GLN P 195 0.59 4.44 82.09
C GLN P 195 -0.33 3.65 81.14
N GLN P 196 -1.10 2.73 81.71
CA GLN P 196 -1.99 1.90 80.90
C GLN P 196 -3.05 2.71 80.17
N ASP P 197 -3.60 3.70 80.86
CA ASP P 197 -4.66 4.53 80.28
C ASP P 197 -4.14 5.48 79.19
N GLU P 198 -2.93 5.98 79.39
CA GLU P 198 -2.30 6.83 78.38
C GLU P 198 -1.96 6.03 77.13
N ALA P 199 -1.50 4.79 77.32
CA ALA P 199 -1.22 3.89 76.20
C ALA P 199 -2.50 3.55 75.45
N ALA P 200 -3.60 3.39 76.19
CA ALA P 200 -4.89 3.06 75.59
C ALA P 200 -5.42 4.23 74.76
N LEU P 201 -5.31 5.43 75.32
CA LEU P 201 -5.75 6.64 74.63
C LEU P 201 -4.95 6.83 73.34
N GLU P 202 -3.64 6.58 73.43
CA GLU P 202 -2.75 6.75 72.28
C GLU P 202 -3.07 5.76 71.17
N SER P 203 -3.44 4.54 71.56
CA SER P 203 -3.75 3.50 70.58
C SER P 203 -4.97 3.89 69.76
N HIS P 204 -5.98 4.43 70.44
CA HIS P 204 -7.14 4.99 69.75
C HIS P 204 -6.79 6.17 68.84
N ARG P 205 -5.94 7.08 69.34
CA ARG P 205 -5.54 8.25 68.56
C ARG P 205 -4.77 7.82 67.30
N ARG P 206 -3.86 6.88 67.45
CA ARG P 206 -3.09 6.37 66.32
C ARG P 206 -3.98 5.67 65.30
N ALA P 207 -4.92 4.88 65.79
CA ALA P 207 -5.82 4.14 64.91
C ALA P 207 -6.70 5.10 64.14
N SER P 208 -7.20 6.13 64.83
CA SER P 208 -8.09 7.11 64.21
C SER P 208 -7.35 7.88 63.12
N ALA P 209 -6.14 8.33 63.44
CA ALA P 209 -5.30 9.02 62.47
C ALA P 209 -5.06 8.16 61.24
N ALA P 210 -4.81 6.87 61.47
CA ALA P 210 -4.49 5.95 60.39
C ALA P 210 -5.69 5.72 59.47
N ILE P 211 -6.88 5.58 60.06
CA ILE P 211 -8.10 5.39 59.30
C ILE P 211 -8.37 6.62 58.42
N LYS P 212 -8.25 7.80 59.02
CA LYS P 212 -8.56 9.05 58.32
C LYS P 212 -7.57 9.35 57.20
N ALA P 213 -6.30 9.01 57.43
CA ALA P 213 -5.26 9.23 56.42
C ALA P 213 -5.32 8.14 55.35
N GLY P 214 -6.15 7.12 55.57
CA GLY P 214 -6.45 6.13 54.55
C GLY P 214 -5.39 5.05 54.47
N TYR P 215 -4.67 4.85 55.57
CA TYR P 215 -3.56 3.89 55.60
C TYR P 215 -4.04 2.46 55.37
N PHE P 216 -5.26 2.16 55.83
CA PHE P 216 -5.77 0.80 55.79
C PHE P 216 -6.55 0.50 54.52
N LYS P 217 -6.81 1.53 53.72
CA LYS P 217 -7.71 1.41 52.57
C LYS P 217 -7.34 0.22 51.70
N ASP P 218 -6.07 0.10 51.37
CA ASP P 218 -5.60 -0.88 50.37
C ASP P 218 -5.76 -2.31 50.88
N GLN P 219 -5.51 -2.51 52.17
CA GLN P 219 -5.37 -3.86 52.71
C GLN P 219 -6.73 -4.45 53.10
N ILE P 220 -7.73 -3.59 53.23
CA ILE P 220 -9.05 -4.02 53.68
C ILE P 220 -9.92 -4.48 52.50
N VAL P 221 -10.44 -5.70 52.59
CA VAL P 221 -11.49 -6.18 51.68
C VAL P 221 -12.87 -5.90 52.29
N PRO P 222 -13.73 -5.19 51.55
CA PRO P 222 -15.10 -4.95 52.03
C PRO P 222 -15.88 -6.25 52.22
N VAL P 223 -16.63 -6.32 53.31
CA VAL P 223 -17.69 -7.30 53.46
C VAL P 223 -19.04 -6.65 53.17
N VAL P 224 -19.73 -7.13 52.14
CA VAL P 224 -21.02 -6.59 51.77
C VAL P 224 -22.14 -7.61 52.00
N SER P 225 -23.11 -7.24 52.82
CA SER P 225 -24.26 -8.08 53.11
C SER P 225 -25.54 -7.49 52.49
N GLY P 230 -30.95 -1.48 51.27
CA GLY P 230 -30.54 -2.69 50.57
C GLY P 230 -29.21 -3.24 51.03
N ASP P 231 -28.18 -3.06 50.20
CA ASP P 231 -26.86 -3.68 50.44
C ASP P 231 -26.07 -2.88 51.47
N VAL P 232 -25.47 -3.58 52.43
CA VAL P 232 -24.61 -2.96 53.42
C VAL P 232 -23.15 -3.38 53.19
N THR P 233 -22.24 -2.41 53.17
CA THR P 233 -20.82 -2.70 52.98
C THR P 233 -20.02 -2.25 54.19
N PHE P 234 -19.30 -3.19 54.80
CA PHE P 234 -18.50 -2.91 55.98
C PHE P 234 -17.02 -2.93 55.63
N ASP P 235 -16.34 -1.80 55.82
CA ASP P 235 -14.97 -1.65 55.36
C ASP P 235 -14.14 -0.72 56.25
N THR P 236 -14.67 -0.41 57.43
CA THR P 236 -13.97 0.48 58.34
C THR P 236 -13.92 -0.11 59.75
N ASP P 237 -12.75 -0.07 60.36
CA ASP P 237 -12.54 -0.69 61.67
C ASP P 237 -13.36 0.01 62.77
N GLU P 238 -14.41 -0.65 63.23
CA GLU P 238 -15.50 0.05 63.92
C GLU P 238 -15.31 0.10 65.42
N HIS P 239 -14.23 -0.51 65.91
CA HIS P 239 -13.96 -0.53 67.35
C HIS P 239 -13.34 0.77 67.82
N VAL P 240 -12.71 1.49 66.89
CA VAL P 240 -11.91 2.65 67.26
C VAL P 240 -12.80 3.80 67.72
N ARG P 241 -12.35 4.52 68.75
CA ARG P 241 -13.08 5.67 69.26
C ARG P 241 -12.38 6.95 68.85
N HIS P 242 -12.99 7.67 67.90
CA HIS P 242 -12.31 8.78 67.24
C HIS P 242 -12.32 10.04 68.09
N ASP P 243 -13.09 10.01 69.18
CA ASP P 243 -13.28 11.19 70.01
C ASP P 243 -12.87 10.92 71.44
N ALA P 244 -12.00 9.92 71.63
CA ALA P 244 -11.66 9.46 72.96
C ALA P 244 -10.87 10.53 73.71
N THR P 245 -11.12 10.63 75.01
CA THR P 245 -10.33 11.50 75.88
C THR P 245 -9.75 10.71 77.04
N ILE P 246 -8.79 11.30 77.74
CA ILE P 246 -8.11 10.62 78.84
C ILE P 246 -9.07 10.38 80.01
N ASP P 247 -10.07 11.24 80.14
CA ASP P 247 -11.02 11.11 81.24
C ASP P 247 -11.98 9.95 81.00
N ASP P 248 -12.17 9.62 79.72
CA ASP P 248 -12.91 8.43 79.35
C ASP P 248 -12.25 7.19 79.96
N MET P 249 -10.91 7.17 79.92
CA MET P 249 -10.16 6.07 80.50
C MET P 249 -10.25 6.10 82.03
N THR P 250 -9.97 7.27 82.62
CA THR P 250 -9.64 7.34 84.04
C THR P 250 -10.89 7.20 84.92
N LYS P 251 -12.06 7.38 84.32
CA LYS P 251 -13.31 7.24 85.07
C LYS P 251 -13.74 5.78 85.18
N LEU P 252 -13.11 4.92 84.39
CA LEU P 252 -13.47 3.50 84.35
C LEU P 252 -12.94 2.77 85.58
N ARG P 253 -13.65 1.73 86.00
CA ARG P 253 -13.26 0.94 87.17
C ARG P 253 -12.62 -0.36 86.72
N PRO P 254 -11.66 -0.88 87.51
CA PRO P 254 -11.06 -2.18 87.25
C PRO P 254 -12.10 -3.29 87.21
N VAL P 255 -11.95 -4.19 86.25
CA VAL P 255 -13.02 -5.13 85.92
C VAL P 255 -12.61 -6.54 86.31
N PHE P 256 -11.30 -6.79 86.26
CA PHE P 256 -10.73 -8.04 86.65
C PHE P 256 -10.09 -7.70 88.00
N VAL P 257 -10.05 -8.67 88.91
CA VAL P 257 -9.77 -8.41 90.32
C VAL P 257 -10.69 -7.38 90.98
N LYS P 258 -10.93 -7.55 92.29
CA LYS P 258 -11.88 -6.69 93.02
C LYS P 258 -11.24 -5.53 93.78
N GLU P 259 -10.08 -5.77 94.39
CA GLU P 259 -9.43 -4.78 95.26
C GLU P 259 -8.06 -4.40 94.72
N ASN P 260 -7.75 -3.11 94.78
CA ASN P 260 -6.86 -2.50 93.81
C ASN P 260 -7.34 -2.86 92.40
N GLY P 261 -6.38 -2.98 91.48
CA GLY P 261 -6.67 -3.28 90.08
C GLY P 261 -6.36 -2.09 89.22
N THR P 262 -5.89 -2.36 88.00
CA THR P 262 -5.52 -1.32 87.05
C THR P 262 -6.18 -1.53 85.71
N VAL P 263 -6.53 -2.78 85.41
CA VAL P 263 -6.98 -3.18 84.09
C VAL P 263 -8.49 -2.97 83.94
N THR P 264 -8.88 -2.13 82.99
CA THR P 264 -10.27 -1.79 82.79
C THR P 264 -10.73 -2.24 81.40
N ALA P 265 -12.01 -2.03 81.10
CA ALA P 265 -12.53 -2.29 79.77
C ALA P 265 -11.90 -1.33 78.75
N GLY P 266 -11.46 -0.17 79.22
CA GLY P 266 -10.94 0.86 78.34
C GLY P 266 -9.50 0.62 77.91
N ASN P 267 -8.71 0.01 78.79
CA ASN P 267 -7.30 -0.28 78.48
C ASN P 267 -7.04 -1.77 78.32
N ALA P 268 -8.11 -2.53 78.05
CA ALA P 268 -7.99 -3.89 77.56
C ALA P 268 -8.49 -3.99 76.13
N SER P 269 -8.07 -5.05 75.43
CA SER P 269 -8.45 -5.22 74.03
C SER P 269 -9.94 -5.53 73.97
N GLY P 270 -10.53 -5.26 72.81
CA GLY P 270 -11.94 -5.54 72.61
C GLY P 270 -12.22 -7.00 72.28
N LEU P 271 -13.51 -7.34 72.24
CA LEU P 271 -13.95 -8.59 71.62
C LEU P 271 -14.50 -8.31 70.22
N ASN P 272 -14.10 -9.13 69.26
CA ASN P 272 -14.06 -8.70 67.87
C ASN P 272 -14.20 -9.83 66.86
N ASP P 273 -14.56 -9.46 65.63
CA ASP P 273 -14.72 -10.41 64.53
C ASP P 273 -13.82 -9.93 63.39
N ALA P 274 -13.18 -10.87 62.71
CA ALA P 274 -12.36 -10.52 61.54
C ALA P 274 -11.78 -11.75 60.87
N ALA P 275 -11.22 -11.56 59.68
CA ALA P 275 -10.31 -12.53 59.09
C ALA P 275 -9.20 -11.83 58.32
N ALA P 276 -8.18 -12.60 57.97
CA ALA P 276 -7.10 -12.11 57.12
C ALA P 276 -6.38 -13.29 56.48
N ALA P 277 -5.62 -13.01 55.42
CA ALA P 277 -4.88 -14.06 54.73
C ALA P 277 -3.73 -13.46 53.94
N VAL P 278 -2.64 -14.21 53.87
CA VAL P 278 -1.52 -13.87 52.99
C VAL P 278 -1.21 -15.01 52.05
N VAL P 279 -0.83 -14.67 50.83
CA VAL P 279 -0.32 -15.65 49.89
C VAL P 279 1.20 -15.62 49.91
N MET P 280 1.81 -16.77 50.18
CA MET P 280 3.25 -16.89 50.19
C MET P 280 3.68 -17.84 49.08
N MET P 281 4.93 -17.70 48.64
CA MET P 281 5.53 -18.68 47.75
C MET P 281 7.06 -18.65 47.85
N GLU P 282 7.70 -19.70 47.35
CA GLU P 282 9.15 -19.76 47.32
C GLU P 282 9.71 -18.62 46.49
N ARG P 283 10.79 -18.02 46.98
CA ARG P 283 11.39 -16.84 46.34
C ARG P 283 11.46 -16.98 44.81
N ALA P 284 11.94 -18.14 44.36
CA ALA P 284 12.20 -18.35 42.94
C ALA P 284 10.90 -18.53 42.16
N GLU P 285 9.82 -18.90 42.85
CA GLU P 285 8.50 -18.96 42.22
C GLU P 285 8.01 -17.56 41.89
N ALA P 286 8.17 -16.65 42.86
CA ALA P 286 7.71 -15.28 42.69
C ALA P 286 8.47 -14.61 41.55
N GLU P 287 9.78 -14.84 41.50
CA GLU P 287 10.61 -14.34 40.40
C GLU P 287 10.11 -14.88 39.07
N ARG P 288 9.95 -16.18 39.00
CA ARG P 288 9.39 -16.84 37.81
C ARG P 288 8.11 -16.15 37.35
N ARG P 289 7.24 -15.81 38.29
CA ARG P 289 5.95 -15.24 37.97
C ARG P 289 6.05 -13.73 37.74
N GLY P 290 7.23 -13.17 38.01
CA GLY P 290 7.43 -11.73 37.91
C GLY P 290 6.63 -10.95 38.94
N LEU P 291 6.42 -11.54 40.11
CA LEU P 291 5.72 -10.87 41.19
C LEU P 291 6.70 -10.17 42.12
N LYS P 292 6.41 -8.91 42.44
CA LYS P 292 7.15 -8.17 43.44
C LYS P 292 6.56 -8.46 44.84
N PRO P 293 7.33 -9.18 45.68
CA PRO P 293 6.87 -9.51 47.03
C PRO P 293 6.66 -8.28 47.91
N LEU P 294 5.81 -8.39 48.92
CA LEU P 294 5.74 -7.38 49.98
C LEU P 294 6.97 -7.48 50.87
N ALA P 295 7.43 -8.71 51.11
CA ALA P 295 8.52 -8.95 52.04
C ALA P 295 8.91 -10.42 51.99
N ARG P 296 10.06 -10.74 52.58
CA ARG P 296 10.43 -12.13 52.80
C ARG P 296 10.39 -12.42 54.29
N LEU P 297 10.12 -13.69 54.61
CA LEU P 297 10.23 -14.18 55.98
C LEU P 297 11.69 -14.39 56.33
N VAL P 298 12.14 -13.76 57.42
CA VAL P 298 13.52 -13.87 57.85
C VAL P 298 13.66 -14.96 58.91
N SER P 299 12.82 -14.87 59.94
CA SER P 299 12.89 -15.82 61.04
C SER P 299 11.57 -15.84 61.81
N TYR P 300 11.43 -16.82 62.69
CA TYR P 300 10.34 -16.83 63.67
C TYR P 300 10.83 -17.43 64.98
N GLY P 301 10.08 -17.20 66.04
CA GLY P 301 10.40 -17.75 67.36
C GLY P 301 9.16 -18.04 68.19
N HIS P 302 9.24 -19.12 68.97
CA HIS P 302 8.17 -19.50 69.89
C HIS P 302 8.74 -19.61 71.30
N ALA P 303 7.95 -19.22 72.30
CA ALA P 303 8.36 -19.37 73.69
C ALA P 303 7.18 -19.81 74.54
N GLY P 304 7.47 -20.56 75.59
CA GLY P 304 6.53 -20.73 76.70
C GLY P 304 6.92 -19.91 77.90
N VAL P 305 5.92 -19.43 78.63
CA VAL P 305 6.16 -18.71 79.88
C VAL P 305 5.16 -19.16 80.93
N ASP P 306 5.31 -18.64 82.14
CA ASP P 306 4.33 -18.84 83.18
C ASP P 306 2.93 -18.45 82.70
N PRO P 307 1.95 -19.35 82.86
CA PRO P 307 0.58 -19.05 82.49
C PRO P 307 0.05 -17.78 83.16
N LYS P 308 0.53 -17.51 84.37
CA LYS P 308 0.04 -16.37 85.14
C LYS P 308 0.54 -15.06 84.59
N ALA P 309 1.63 -15.13 83.84
CA ALA P 309 2.26 -13.95 83.27
C ALA P 309 2.29 -14.04 81.74
N MET P 310 1.24 -14.55 81.12
CA MET P 310 1.28 -14.85 79.70
C MET P 310 1.60 -13.64 78.87
N GLY P 311 1.26 -12.50 79.40
CA GLY P 311 1.34 -11.26 78.63
C GLY P 311 2.73 -10.87 78.18
N ILE P 312 3.76 -11.43 78.81
CA ILE P 312 5.14 -11.13 78.42
C ILE P 312 5.74 -12.20 77.52
N GLY P 313 4.91 -13.12 77.06
CA GLY P 313 5.33 -14.14 76.11
C GLY P 313 6.15 -13.61 74.92
N PRO P 314 5.78 -12.42 74.41
CA PRO P 314 6.49 -11.85 73.28
C PRO P 314 7.98 -11.62 73.54
N VAL P 315 8.39 -11.45 74.76
CA VAL P 315 9.75 -11.10 75.01
C VAL P 315 10.70 -12.21 74.66
N PRO P 316 10.54 -13.34 75.27
CA PRO P 316 11.41 -14.44 74.86
C PRO P 316 11.25 -14.87 73.39
N ALA P 317 10.03 -14.88 72.89
CA ALA P 317 9.79 -15.24 71.50
C ALA P 317 10.56 -14.30 70.58
N THR P 318 10.48 -13.00 70.85
CA THR P 318 11.07 -11.99 69.98
C THR P 318 12.59 -12.10 70.03
N LYS P 319 13.13 -12.43 71.20
CA LYS P 319 14.57 -12.60 71.37
C LYS P 319 15.08 -13.79 70.57
N ILE P 320 14.27 -14.86 70.53
CA ILE P 320 14.60 -16.02 69.72
C ILE P 320 14.63 -15.65 68.24
N ALA P 321 13.60 -14.93 67.80
CA ALA P 321 13.49 -14.55 66.39
C ALA P 321 14.65 -13.64 65.99
N LEU P 322 14.97 -12.68 66.85
CA LEU P 322 16.09 -11.76 66.58
C LEU P 322 17.42 -12.52 66.48
N GLU P 323 17.65 -13.40 67.44
CA GLU P 323 18.84 -14.26 67.42
C GLU P 323 18.95 -15.03 66.10
N ARG P 324 17.86 -15.69 65.73
CA ARG P 324 17.87 -16.55 64.55
C ARG P 324 18.08 -15.72 63.28
N ALA P 325 17.70 -14.46 63.34
CA ALA P 325 17.83 -13.56 62.19
C ALA P 325 19.19 -12.88 62.17
N GLY P 326 19.94 -13.00 63.25
CA GLY P 326 21.14 -12.21 63.47
C GLY P 326 20.87 -10.72 63.54
N LEU P 327 19.78 -10.34 64.18
CA LEU P 327 19.37 -8.94 64.25
C LEU P 327 19.29 -8.46 65.70
N GLN P 328 19.11 -7.16 65.87
CA GLN P 328 18.88 -6.59 67.18
C GLN P 328 17.68 -5.64 67.11
N VAL P 329 17.20 -5.22 68.27
CA VAL P 329 16.01 -4.38 68.37
C VAL P 329 16.10 -3.13 67.47
N SER P 330 17.28 -2.53 67.40
CA SER P 330 17.44 -1.27 66.70
C SER P 330 17.22 -1.44 65.20
N ASP P 331 17.33 -2.69 64.73
CA ASP P 331 17.20 -2.97 63.31
C ASP P 331 15.75 -2.87 62.85
N LEU P 332 14.82 -2.86 63.81
CA LEU P 332 13.39 -2.97 63.49
C LEU P 332 12.79 -1.62 63.19
N ASP P 333 12.13 -1.51 62.05
CA ASP P 333 11.54 -0.25 61.62
C ASP P 333 10.07 -0.19 61.98
N VAL P 334 9.40 -1.34 61.90
CA VAL P 334 7.98 -1.42 62.24
C VAL P 334 7.70 -2.63 63.13
N ILE P 335 6.95 -2.41 64.20
CA ILE P 335 6.64 -3.46 65.15
C ILE P 335 5.14 -3.54 65.38
N GLU P 336 4.55 -4.67 65.02
CA GLU P 336 3.19 -5.02 65.44
C GLU P 336 3.24 -6.00 66.62
N ALA P 337 2.98 -5.48 67.81
CA ALA P 337 3.00 -6.29 69.03
C ALA P 337 1.64 -6.19 69.70
N ASN P 338 0.82 -7.21 69.51
CA ASN P 338 -0.60 -7.09 69.80
C ASN P 338 -0.84 -6.52 71.21
N GLU P 339 -1.61 -5.43 71.28
CA GLU P 339 -2.16 -4.97 72.56
C GLU P 339 -3.33 -5.84 73.00
N ALA P 340 -3.03 -6.92 73.70
CA ALA P 340 -4.07 -7.65 74.42
C ALA P 340 -4.57 -6.85 75.61
N PHE P 341 -3.62 -6.34 76.39
CA PHE P 341 -3.90 -5.33 77.42
C PHE P 341 -2.75 -4.33 77.44
N ALA P 342 -3.08 -3.07 77.68
CA ALA P 342 -2.05 -2.04 77.82
C ALA P 342 -1.03 -2.44 78.89
N ALA P 343 -1.50 -3.17 79.90
CA ALA P 343 -0.65 -3.63 80.98
C ALA P 343 0.53 -4.45 80.47
N GLN P 344 0.25 -5.45 79.65
CA GLN P 344 1.29 -6.34 79.14
C GLN P 344 2.02 -5.72 77.94
N ALA P 345 1.29 -4.92 77.16
CA ALA P 345 1.87 -4.28 75.98
C ALA P 345 2.96 -3.29 76.39
N CYS P 346 2.69 -2.53 77.45
CA CYS P 346 3.69 -1.61 78.00
C CYS P 346 4.86 -2.37 78.59
N ALA P 347 4.57 -3.52 79.20
CA ALA P 347 5.62 -4.34 79.80
C ALA P 347 6.54 -4.91 78.72
N VAL P 348 5.96 -5.30 77.60
CA VAL P 348 6.73 -5.93 76.52
C VAL P 348 7.71 -4.96 75.87
N THR P 349 7.25 -3.73 75.64
CA THR P 349 8.08 -2.72 75.01
C THR P 349 9.19 -2.26 75.97
N LYS P 350 8.85 -2.16 77.24
CA LYS P 350 9.83 -1.81 78.27
C LYS P 350 10.91 -2.89 78.40
N ALA P 351 10.49 -4.14 78.48
CA ALA P 351 11.41 -5.25 78.71
C ALA P 351 12.35 -5.47 77.53
N LEU P 352 11.84 -5.27 76.32
CA LEU P 352 12.65 -5.43 75.11
C LEU P 352 13.41 -4.15 74.77
N GLY P 353 13.04 -3.05 75.44
CA GLY P 353 13.62 -1.76 75.14
C GLY P 353 13.24 -1.28 73.75
N LEU P 354 11.97 -1.44 73.40
CA LEU P 354 11.45 -0.95 72.13
C LEU P 354 11.14 0.54 72.24
N ASP P 355 11.20 1.21 71.10
CA ASP P 355 10.78 2.61 71.01
C ASP P 355 9.28 2.71 70.74
N PRO P 356 8.52 3.32 71.66
CA PRO P 356 7.07 3.28 71.61
C PRO P 356 6.51 3.91 70.33
N ALA P 357 7.29 4.75 69.69
CA ALA P 357 6.87 5.40 68.45
C ALA P 357 6.78 4.39 67.31
N LYS P 358 7.49 3.29 67.45
CA LYS P 358 7.70 2.36 66.34
C LYS P 358 6.86 1.09 66.60
N VAL P 359 6.28 1.03 67.80
CA VAL P 359 5.42 -0.09 68.19
C VAL P 359 3.95 0.27 67.98
N ASN P 360 3.25 -0.52 67.18
CA ASN P 360 1.83 -0.29 66.90
C ASN P 360 1.54 1.16 66.50
N PRO P 361 2.24 1.65 65.47
CA PRO P 361 2.18 3.04 65.06
C PRO P 361 0.78 3.43 64.59
N ASN P 362 -0.04 2.46 64.23
CA ASN P 362 -1.38 2.73 63.75
C ASN P 362 -2.45 2.05 64.61
N GLY P 363 -2.14 1.86 65.88
CA GLY P 363 -3.09 1.26 66.82
C GLY P 363 -2.94 -0.25 66.87
N SER P 364 -3.68 -0.89 67.76
CA SER P 364 -3.67 -2.33 67.90
C SER P 364 -4.91 -2.81 68.66
N GLY P 365 -4.77 -3.89 69.41
CA GLY P 365 -5.92 -4.62 69.94
C GLY P 365 -6.88 -3.78 70.76
N ILE P 366 -6.34 -2.80 71.49
CA ILE P 366 -7.16 -1.94 72.35
C ILE P 366 -8.10 -1.07 71.51
N SER P 367 -7.61 -0.60 70.39
CA SER P 367 -8.34 0.39 69.58
C SER P 367 -9.02 -0.30 68.40
N LEU P 368 -8.26 -1.12 67.67
CA LEU P 368 -8.76 -1.75 66.46
C LEU P 368 -9.52 -3.03 66.81
N GLY P 369 -9.08 -3.72 67.86
CA GLY P 369 -9.76 -4.91 68.33
C GLY P 369 -8.87 -6.14 68.34
N HIS P 370 -9.36 -7.21 68.94
CA HIS P 370 -8.58 -8.43 69.10
C HIS P 370 -9.43 -9.65 68.79
N PRO P 371 -9.62 -9.93 67.49
CA PRO P 371 -10.33 -11.13 67.06
C PRO P 371 -9.45 -12.38 67.09
N ILE P 372 -9.55 -13.13 68.18
CA ILE P 372 -8.43 -13.89 68.73
C ILE P 372 -7.64 -14.62 67.65
N GLY P 373 -8.27 -15.58 67.00
CA GLY P 373 -7.57 -16.46 66.06
C GLY P 373 -7.12 -15.80 64.76
N ALA P 374 -7.72 -14.65 64.43
CA ALA P 374 -7.38 -13.92 63.21
C ALA P 374 -6.27 -12.92 63.48
N THR P 375 -6.09 -12.52 64.73
CA THR P 375 -5.33 -11.34 65.06
C THR P 375 -3.91 -11.43 64.52
N GLY P 376 -3.28 -12.60 64.67
CA GLY P 376 -1.89 -12.77 64.28
C GLY P 376 -1.70 -12.64 62.78
N ALA P 377 -2.73 -13.01 62.02
CA ALA P 377 -2.66 -12.91 60.58
C ALA P 377 -2.89 -11.47 60.16
N LEU P 378 -3.79 -10.78 60.86
CA LEU P 378 -4.22 -9.47 60.44
C LEU P 378 -3.22 -8.40 60.84
N ILE P 379 -2.48 -8.61 61.92
CA ILE P 379 -1.41 -7.68 62.27
C ILE P 379 -0.11 -7.97 61.50
N THR P 380 -0.01 -9.15 60.90
CA THR P 380 1.03 -9.40 59.91
C THR P 380 0.73 -8.66 58.61
N VAL P 381 -0.53 -8.69 58.19
CA VAL P 381 -0.99 -7.84 57.10
C VAL P 381 -0.71 -6.35 57.33
N LYS P 382 -1.08 -5.86 58.50
CA LYS P 382 -0.82 -4.46 58.85
C LYS P 382 0.67 -4.15 58.78
N ALA P 383 1.49 -5.04 59.34
CA ALA P 383 2.92 -4.80 59.48
C ALA P 383 3.59 -4.66 58.12
N LEU P 384 3.18 -5.52 57.17
CA LEU P 384 3.83 -5.57 55.87
C LEU P 384 3.44 -4.38 55.00
N HIS P 385 2.19 -3.96 55.11
CA HIS P 385 1.72 -2.79 54.37
C HIS P 385 2.30 -1.50 54.93
N GLU P 386 2.44 -1.45 56.25
CA GLU P 386 3.11 -0.33 56.90
C GLU P 386 4.60 -0.30 56.55
N LEU P 387 5.23 -1.47 56.49
CA LEU P 387 6.64 -1.56 56.15
C LEU P 387 6.90 -1.00 54.76
N ASN P 388 6.02 -1.33 53.82
CA ASN P 388 6.08 -0.79 52.47
C ASN P 388 5.79 0.71 52.42
N ARG P 389 4.82 1.15 53.21
CA ARG P 389 4.43 2.56 53.22
C ARG P 389 5.59 3.47 53.65
N VAL P 390 6.34 3.05 54.65
CA VAL P 390 7.44 3.87 55.17
C VAL P 390 8.78 3.47 54.56
N GLN P 391 8.74 2.52 53.64
CA GLN P 391 9.96 2.06 52.97
C GLN P 391 11.00 1.61 53.99
N GLY P 392 10.54 0.94 55.04
CA GLY P 392 11.45 0.36 56.03
C GLY P 392 12.08 -0.93 55.55
N ARG P 393 12.95 -1.50 56.38
CA ARG P 393 13.59 -2.77 56.04
C ARG P 393 12.98 -3.95 56.80
N TYR P 394 12.94 -3.86 58.12
CA TYR P 394 12.58 -5.02 58.95
C TYR P 394 11.28 -4.78 59.72
N ALA P 395 10.41 -5.79 59.72
CA ALA P 395 9.21 -5.76 60.54
C ALA P 395 9.20 -6.91 61.53
N LEU P 396 8.79 -6.60 62.77
CA LEU P 396 8.50 -7.63 63.75
C LEU P 396 6.99 -7.74 63.98
N VAL P 397 6.50 -8.97 63.98
CA VAL P 397 5.14 -9.26 64.41
C VAL P 397 5.20 -10.22 65.58
N THR P 398 4.55 -9.85 66.69
CA THR P 398 4.59 -10.68 67.88
C THR P 398 3.36 -10.47 68.75
N MET P 399 3.00 -11.49 69.52
CA MET P 399 1.85 -11.39 70.40
C MET P 399 1.96 -12.40 71.53
N CYS P 400 1.35 -12.06 72.67
CA CYS P 400 1.20 -13.01 73.77
C CYS P 400 0.06 -13.98 73.52
N ILE P 401 0.11 -15.11 74.22
CA ILE P 401 -0.78 -16.23 73.96
C ILE P 401 -1.30 -16.77 75.27
N GLY P 402 -2.61 -16.92 75.37
CA GLY P 402 -3.24 -17.48 76.55
C GLY P 402 -2.66 -18.84 76.91
N GLY P 403 -2.47 -19.06 78.21
CA GLY P 403 -1.91 -20.31 78.71
C GLY P 403 -0.40 -20.21 78.87
N GLY P 404 0.15 -19.07 78.48
CA GLY P 404 1.55 -18.77 78.71
C GLY P 404 2.41 -19.14 77.52
N GLN P 405 2.27 -18.39 76.43
CA GLN P 405 3.17 -18.51 75.30
C GLN P 405 3.41 -17.18 74.62
N GLY P 406 4.43 -17.16 73.73
CA GLY P 406 4.61 -16.07 72.80
C GLY P 406 5.02 -16.57 71.44
N ILE P 407 4.69 -15.79 70.42
CA ILE P 407 5.12 -16.10 69.07
C ILE P 407 5.55 -14.81 68.37
N ALA P 408 6.59 -14.91 67.56
CA ALA P 408 7.18 -13.76 66.90
C ALA P 408 7.72 -14.17 65.54
N ALA P 409 7.59 -13.28 64.57
CA ALA P 409 8.21 -13.49 63.26
C ALA P 409 8.79 -12.17 62.77
N ILE P 410 9.85 -12.28 61.95
CA ILE P 410 10.49 -11.10 61.40
C ILE P 410 10.52 -11.17 59.88
N PHE P 411 10.14 -10.06 59.26
CA PHE P 411 10.03 -9.97 57.82
C PHE P 411 10.99 -8.89 57.30
N GLU P 412 11.45 -9.04 56.06
CA GLU P 412 12.30 -8.04 55.43
C GLU P 412 11.73 -7.63 54.08
N ARG P 413 11.64 -6.32 53.86
CA ARG P 413 11.19 -5.82 52.56
C ARG P 413 12.36 -5.82 51.58
#